data_8QQD
#
_entry.id   8QQD
#
_cell.length_a   1.00
_cell.length_b   1.00
_cell.length_c   1.00
_cell.angle_alpha   90.00
_cell.angle_beta   90.00
_cell.angle_gamma   90.00
#
_symmetry.space_group_name_H-M   'P 1'
#
loop_
_entity.id
_entity.type
_entity.pdbx_description
1 polymer 'Type IV wide pilus major component PilA4'
2 branched 2-acetamido-2-deoxy-alpha-D-galactopyranose-(1-3)-2-acetamido-2-deoxy-alpha-D-galactopyranose
3 branched '7-Acetamido-5-acetimidoyl-3,5,7,9-tetradeoxy-L-glycero-L-manno-nonulosonic aci-(1-4)-alpha-D-mannopyranose-(1-3)-2-acetamido-2-deoxy-alpha-D-galactopyranose-(1-3)-2-acetamido-2-deoxy-alpha-D-galactopyranose'
4 non-polymer alpha-D-mannopyranose
5 non-polymer 2-acetamido-2-deoxy-alpha-D-galactopyranose
#
_entity_poly.entity_id   1
_entity_poly.type   'polypeptide(L)'
_entity_poly.pdbx_seq_one_letter_code
;FTLIELLIVIAIIAILAAVLIPNLLAARKRANDTVVTAYLNDAVKFQEMYQIDNNSYTSNQAALISLGLKSTPANVTFSI
VSASANSYCMIAGHSGGTVWFAATPDKGVYKTNTAVTSSQPESCP
;
_entity_poly.pdbx_strand_id   d,A,B,C,D,E,F,G,H,I,J,K,L,M,N,O,P,Q,R,S,T,U,V,W,X,Y,Z,a,b,c,e,f,g,h,i,j,k,l,m,n,o,p,q,r,s
#
loop_
_chem_comp.id
_chem_comp.type
_chem_comp.name
_chem_comp.formula
A2G D-saccharide, alpha linking 2-acetamido-2-deoxy-alpha-D-galactopyranose 'C8 H15 N O6'
MAN D-saccharide, alpha linking alpha-D-mannopyranose 'C6 H12 O6'
WT8 L-saccharide '7-Acetamido-5-acetimidoyl-3,5,7,9-tetradeoxy-L-glycero-L-manno-nonulosonic aci' 'C13 H23 N3 O7'
#
# COMPACT_ATOMS: atom_id res chain seq x y z
N PHE A 1 -110.61 9.49 28.51
CA PHE A 1 -109.65 10.58 28.17
C PHE A 1 -110.38 11.94 28.17
N THR A 2 -109.83 12.94 28.86
CA THR A 2 -110.52 14.19 29.18
C THR A 2 -109.60 15.40 29.07
N LEU A 3 -110.14 16.61 29.17
CA LEU A 3 -109.38 17.81 28.87
C LEU A 3 -108.22 18.04 29.83
N ILE A 4 -108.37 17.64 31.09
CA ILE A 4 -107.30 17.73 32.07
C ILE A 4 -106.13 16.78 31.77
N GLU A 5 -106.39 15.55 31.31
CA GLU A 5 -105.30 14.67 30.89
C GLU A 5 -104.59 15.23 29.67
N LEU A 6 -105.36 15.79 28.74
CA LEU A 6 -104.81 16.37 27.53
C LEU A 6 -103.99 17.64 27.81
N LEU A 7 -104.38 18.47 28.79
CA LEU A 7 -103.57 19.59 29.23
C LEU A 7 -102.28 19.14 29.92
N ILE A 8 -102.31 18.06 30.70
CA ILE A 8 -101.10 17.48 31.28
C ILE A 8 -100.16 17.01 30.18
N VAL A 9 -100.70 16.31 29.18
CA VAL A 9 -99.93 15.84 28.04
C VAL A 9 -99.29 17.00 27.29
N ILE A 10 -100.04 18.07 26.99
CA ILE A 10 -99.53 19.27 26.35
C ILE A 10 -98.44 19.93 27.20
N ALA A 11 -98.63 20.02 28.51
CA ALA A 11 -97.64 20.60 29.42
C ALA A 11 -96.34 19.81 29.42
N ILE A 12 -96.41 18.48 29.47
CA ILE A 12 -95.23 17.63 29.45
C ILE A 12 -94.56 17.63 28.09
N ILE A 13 -95.31 17.67 26.98
CA ILE A 13 -94.72 17.87 25.64
C ILE A 13 -93.90 19.16 25.60
N ALA A 14 -94.42 20.26 26.14
CA ALA A 14 -93.72 21.53 26.17
C ALA A 14 -92.40 21.44 26.94
N ILE A 15 -92.37 20.68 28.03
CA ILE A 15 -91.16 20.41 28.80
C ILE A 15 -90.16 19.59 27.99
N LEU A 16 -90.58 18.43 27.47
CA LEU A 16 -89.66 17.56 26.74
C LEU A 16 -89.12 18.22 25.48
N ALA A 17 -89.94 18.99 24.76
CA ALA A 17 -89.53 19.74 23.59
C ALA A 17 -88.45 20.80 23.92
N ALA A 18 -88.46 21.33 25.14
CA ALA A 18 -87.50 22.33 25.58
C ALA A 18 -86.15 21.73 25.98
N VAL A 19 -86.13 20.52 26.58
CA VAL A 19 -84.94 19.98 27.23
C VAL A 19 -84.23 18.89 26.44
N LEU A 20 -84.96 18.15 25.59
CA LEU A 20 -84.38 16.99 24.91
C LEU A 20 -83.68 17.34 23.59
N ILE A 21 -83.55 18.63 23.26
CA ILE A 21 -82.89 19.11 22.05
C ILE A 21 -81.51 19.65 22.42
N PRO A 22 -80.40 19.15 21.80
CA PRO A 22 -79.05 19.58 22.18
C PRO A 22 -78.73 20.97 21.61
N ASN A 23 -77.69 21.59 22.18
CA ASN A 23 -77.10 22.79 21.60
C ASN A 23 -76.40 22.41 20.29
N LEU A 24 -77.05 22.70 19.15
CA LEU A 24 -76.52 22.29 17.85
C LEU A 24 -75.31 23.13 17.47
N LEU A 25 -75.31 24.42 17.83
CA LEU A 25 -74.19 25.30 17.52
C LEU A 25 -72.88 24.83 18.15
N ALA A 26 -72.92 24.46 19.44
CA ALA A 26 -71.75 23.99 20.18
C ALA A 26 -71.19 22.69 19.59
N ALA A 27 -72.07 21.76 19.23
CA ALA A 27 -71.70 20.51 18.57
C ALA A 27 -71.00 20.78 17.24
N ARG A 28 -71.59 21.63 16.39
CA ARG A 28 -71.02 21.95 15.10
C ARG A 28 -69.68 22.68 15.23
N LYS A 29 -69.48 23.57 16.21
CA LYS A 29 -68.21 24.23 16.44
C LYS A 29 -67.06 23.21 16.57
N ARG A 30 -67.22 22.17 17.38
CA ARG A 30 -66.18 21.17 17.61
C ARG A 30 -65.94 20.29 16.39
N ALA A 31 -66.98 19.95 15.63
CA ALA A 31 -66.83 19.28 14.36
C ALA A 31 -66.09 20.15 13.35
N ASN A 32 -66.42 21.44 13.26
CA ASN A 32 -65.77 22.38 12.35
C ASN A 32 -64.27 22.54 12.66
N ASP A 33 -63.88 22.63 13.93
CA ASP A 33 -62.47 22.65 14.29
C ASP A 33 -61.74 21.36 13.89
N THR A 34 -62.45 20.24 13.85
CA THR A 34 -61.90 18.97 13.40
C THR A 34 -61.63 19.00 11.89
N VAL A 35 -62.52 19.62 11.11
CA VAL A 35 -62.30 19.82 9.68
C VAL A 35 -61.05 20.66 9.44
N VAL A 36 -60.89 21.77 10.15
CA VAL A 36 -59.73 22.64 10.01
C VAL A 36 -58.44 21.89 10.38
N THR A 37 -58.44 21.19 11.50
CA THR A 37 -57.31 20.41 11.94
C THR A 37 -56.94 19.35 10.90
N ALA A 38 -57.92 18.60 10.39
CA ALA A 38 -57.71 17.59 9.38
C ALA A 38 -57.16 18.19 8.08
N TYR A 39 -57.69 19.33 7.63
CA TYR A 39 -57.21 19.97 6.41
C TYR A 39 -55.78 20.48 6.55
N LEU A 40 -55.42 21.06 7.69
CA LEU A 40 -54.04 21.45 7.95
C LEU A 40 -53.10 20.24 8.04
N ASN A 41 -53.51 19.14 8.67
CA ASN A 41 -52.72 17.92 8.65
C ASN A 41 -52.48 17.39 7.23
N ASP A 42 -53.47 17.50 6.33
CA ASP A 42 -53.27 17.18 4.93
C ASP A 42 -52.33 18.16 4.24
N ALA A 43 -52.52 19.48 4.43
CA ALA A 43 -51.63 20.47 3.86
C ALA A 43 -50.18 20.23 4.28
N VAL A 44 -49.95 19.79 5.52
CA VAL A 44 -48.62 19.42 6.02
C VAL A 44 -48.04 18.20 5.27
N LYS A 45 -48.83 17.15 5.01
CA LYS A 45 -48.37 16.02 4.20
C LYS A 45 -47.95 16.49 2.81
N PHE A 46 -48.74 17.36 2.19
CA PHE A 46 -48.47 17.84 0.85
C PHE A 46 -47.30 18.83 0.80
N GLN A 47 -47.07 19.63 1.85
CA GLN A 47 -45.85 20.42 1.95
C GLN A 47 -44.62 19.51 1.96
N GLU A 48 -44.63 18.39 2.69
CA GLU A 48 -43.53 17.44 2.64
C GLU A 48 -43.39 16.78 1.26
N MET A 49 -44.48 16.45 0.59
CA MET A 49 -44.37 15.91 -0.77
C MET A 49 -43.82 16.95 -1.76
N TYR A 50 -44.20 18.21 -1.64
CA TYR A 50 -43.64 19.26 -2.48
C TYR A 50 -42.15 19.45 -2.19
N GLN A 51 -41.75 19.33 -0.93
CA GLN A 51 -40.36 19.34 -0.50
C GLN A 51 -39.57 18.19 -1.11
N ILE A 52 -40.15 16.98 -1.24
CA ILE A 52 -39.51 15.84 -1.93
C ILE A 52 -39.18 16.18 -3.37
N ASP A 53 -40.10 16.83 -4.09
CA ASP A 53 -39.95 17.12 -5.51
C ASP A 53 -39.10 18.37 -5.79
N ASN A 54 -39.13 19.40 -4.93
CA ASN A 54 -38.64 20.72 -5.25
C ASN A 54 -37.56 21.25 -4.30
N ASN A 55 -37.24 20.53 -3.22
CA ASN A 55 -36.29 20.97 -2.20
C ASN A 55 -36.65 22.34 -1.59
N SER A 56 -37.93 22.68 -1.54
CA SER A 56 -38.43 23.93 -0.98
C SER A 56 -39.91 23.74 -0.63
N TYR A 57 -40.50 24.59 0.23
CA TYR A 57 -41.93 24.55 0.49
C TYR A 57 -42.71 25.49 -0.43
N THR A 58 -44.01 25.23 -0.61
CA THR A 58 -44.86 26.05 -1.47
C THR A 58 -45.31 27.32 -0.74
N SER A 59 -45.62 28.36 -1.51
CA SER A 59 -46.24 29.49 -0.86
C SER A 59 -47.67 29.54 -1.36
N ASN A 60 -47.94 28.78 -2.44
CA ASN A 60 -49.24 28.81 -3.09
C ASN A 60 -49.97 27.46 -3.03
N GLN A 61 -51.27 27.51 -2.69
CA GLN A 61 -52.09 26.34 -2.47
C GLN A 61 -52.26 25.48 -3.72
N ALA A 62 -52.23 26.08 -4.93
CA ALA A 62 -52.45 25.34 -6.16
C ALA A 62 -51.38 24.27 -6.43
N ALA A 63 -50.15 24.50 -5.95
CA ALA A 63 -49.09 23.50 -6.03
C ALA A 63 -49.42 22.29 -5.15
N LEU A 64 -49.92 22.52 -3.93
CA LEU A 64 -50.35 21.44 -3.05
C LEU A 64 -51.56 20.68 -3.64
N ILE A 65 -52.51 21.40 -4.23
CA ILE A 65 -53.66 20.79 -4.89
C ILE A 65 -53.22 19.94 -6.07
N SER A 66 -52.23 20.39 -6.85
CA SER A 66 -51.73 19.57 -7.93
C SER A 66 -51.23 18.22 -7.42
N LEU A 67 -50.48 18.24 -6.31
CA LEU A 67 -49.91 17.03 -5.71
C LEU A 67 -50.97 16.11 -5.11
N GLY A 68 -52.17 16.62 -4.78
CA GLY A 68 -53.24 15.77 -4.29
C GLY A 68 -54.04 16.33 -3.10
N LEU A 69 -53.71 17.53 -2.64
CA LEU A 69 -54.50 18.16 -1.56
C LEU A 69 -55.84 18.63 -2.14
N LYS A 70 -56.94 18.33 -1.44
CA LYS A 70 -58.28 18.64 -1.99
C LYS A 70 -58.64 20.12 -1.88
N SER A 71 -59.74 20.52 -2.51
CA SER A 71 -60.24 21.91 -2.44
C SER A 71 -60.35 22.33 -0.96
N THR A 72 -60.11 23.60 -0.66
CA THR A 72 -60.32 24.07 0.74
C THR A 72 -61.76 23.75 1.13
N PRO A 73 -62.01 23.16 2.33
CA PRO A 73 -63.37 22.75 2.71
C PRO A 73 -64.38 23.89 2.75
N ALA A 74 -65.67 23.59 2.57
CA ALA A 74 -66.70 24.62 2.64
C ALA A 74 -66.59 25.41 3.95
N ASN A 75 -66.66 26.75 3.85
CA ASN A 75 -66.54 27.68 4.96
C ASN A 75 -65.17 27.73 5.65
N VAL A 76 -64.18 26.94 5.19
CA VAL A 76 -62.81 27.06 5.68
C VAL A 76 -62.05 28.03 4.78
N THR A 77 -61.48 29.07 5.39
CA THR A 77 -60.48 29.91 4.74
C THR A 77 -59.10 29.47 5.17
N PHE A 78 -58.27 29.11 4.18
CA PHE A 78 -56.92 28.63 4.37
C PHE A 78 -55.95 29.56 3.64
N SER A 79 -54.82 29.88 4.28
CA SER A 79 -53.77 30.65 3.64
C SER A 79 -52.39 30.08 4.00
N ILE A 80 -51.47 30.12 3.03
CA ILE A 80 -50.06 29.92 3.32
C ILE A 80 -49.48 31.32 3.50
N VAL A 81 -49.17 31.65 4.75
CA VAL A 81 -48.74 32.99 5.14
C VAL A 81 -47.34 33.28 4.59
N SER A 82 -46.44 32.30 4.71
CA SER A 82 -45.08 32.41 4.20
C SER A 82 -44.52 31.01 3.96
N ALA A 83 -43.50 30.93 3.10
CA ALA A 83 -42.75 29.71 2.88
C ALA A 83 -41.35 30.04 2.36
N SER A 84 -40.43 29.09 2.56
CA SER A 84 -39.05 29.21 2.15
C SER A 84 -38.50 27.82 1.83
N ALA A 85 -37.21 27.73 1.54
CA ALA A 85 -36.56 26.44 1.34
C ALA A 85 -36.65 25.53 2.57
N ASN A 86 -36.88 26.10 3.78
CA ASN A 86 -36.65 25.42 5.03
C ASN A 86 -37.83 25.46 6.00
N SER A 87 -38.83 26.34 5.77
CA SER A 87 -39.95 26.48 6.68
C SER A 87 -41.21 26.95 5.94
N TYR A 88 -42.37 26.80 6.59
CA TYR A 88 -43.63 27.39 6.14
C TYR A 88 -44.42 27.83 7.37
N CYS A 89 -45.36 28.75 7.14
CA CYS A 89 -46.43 29.02 8.07
C CYS A 89 -47.75 28.97 7.31
N MET A 90 -48.70 28.15 7.78
CA MET A 90 -50.04 28.10 7.21
C MET A 90 -51.06 28.41 8.29
N ILE A 91 -52.16 29.07 7.92
CA ILE A 91 -53.23 29.44 8.83
C ILE A 91 -54.54 28.96 8.23
N ALA A 92 -55.44 28.40 9.06
CA ALA A 92 -56.77 28.04 8.57
C ALA A 92 -57.80 28.19 9.68
N GLY A 93 -59.05 28.41 9.29
CA GLY A 93 -60.13 28.58 10.25
C GLY A 93 -61.46 28.42 9.53
N HIS A 94 -62.47 27.94 10.27
CA HIS A 94 -63.83 27.78 9.77
C HIS A 94 -64.67 28.92 10.31
N SER A 95 -65.49 29.58 9.49
CA SER A 95 -66.25 30.75 9.94
C SER A 95 -67.14 30.46 11.15
N GLY A 96 -67.51 29.18 11.35
CA GLY A 96 -68.24 28.69 12.51
C GLY A 96 -67.46 27.69 13.37
N GLY A 97 -66.12 27.80 13.40
CA GLY A 97 -65.28 27.09 14.35
C GLY A 97 -65.13 27.88 15.65
N THR A 98 -64.08 27.58 16.44
CA THR A 98 -63.80 28.36 17.64
C THR A 98 -62.69 29.39 17.38
N VAL A 99 -61.51 28.92 16.93
CA VAL A 99 -60.32 29.75 16.78
C VAL A 99 -59.59 29.43 15.47
N TRP A 100 -58.72 30.35 15.02
CA TRP A 100 -57.79 30.07 13.94
C TRP A 100 -56.76 29.03 14.38
N PHE A 101 -56.39 28.14 13.46
CA PHE A 101 -55.33 27.17 13.65
C PHE A 101 -54.14 27.56 12.80
N ALA A 102 -52.94 27.25 13.30
CA ALA A 102 -51.69 27.50 12.59
C ALA A 102 -50.96 26.17 12.38
N ALA A 103 -50.14 26.10 11.33
CA ALA A 103 -49.26 24.97 11.10
C ALA A 103 -47.88 25.46 10.70
N THR A 104 -46.83 24.89 11.33
CA THR A 104 -45.44 25.13 11.00
C THR A 104 -44.70 23.80 11.11
N PRO A 105 -43.54 23.60 10.48
CA PRO A 105 -42.89 22.29 10.52
C PRO A 105 -42.28 21.94 11.87
N ASP A 106 -42.07 22.92 12.77
CA ASP A 106 -41.59 22.68 14.12
C ASP A 106 -42.72 22.43 15.12
N LYS A 107 -43.73 23.32 15.17
CA LYS A 107 -44.80 23.22 16.15
C LYS A 107 -45.92 22.26 15.74
N GLY A 108 -45.91 21.77 14.50
CA GLY A 108 -47.00 20.95 13.98
C GLY A 108 -48.26 21.78 13.74
N VAL A 109 -49.44 21.16 13.79
CA VAL A 109 -50.71 21.88 13.70
C VAL A 109 -51.20 22.17 15.11
N TYR A 110 -51.53 23.45 15.40
CA TYR A 110 -51.91 23.86 16.74
C TYR A 110 -52.90 25.02 16.69
N LYS A 111 -53.73 25.14 17.74
CA LYS A 111 -54.73 26.19 17.78
C LYS A 111 -54.14 27.47 18.36
N THR A 112 -54.52 28.61 17.76
CA THR A 112 -54.09 29.93 18.22
C THR A 112 -55.09 30.51 19.24
N ASN A 113 -54.78 31.69 19.79
CA ASN A 113 -55.70 32.37 20.71
C ASN A 113 -56.78 33.18 19.98
N THR A 114 -56.65 33.37 18.66
CA THR A 114 -57.49 34.30 17.90
C THR A 114 -58.81 33.64 17.49
N ALA A 115 -59.95 34.20 17.90
CA ALA A 115 -61.27 33.70 17.51
C ALA A 115 -61.52 33.86 16.01
N VAL A 116 -62.29 32.95 15.39
CA VAL A 116 -62.53 32.97 13.95
C VAL A 116 -63.32 34.19 13.47
N THR A 117 -63.97 34.90 14.41
CA THR A 117 -64.70 36.14 14.14
C THR A 117 -63.76 37.34 13.96
N SER A 118 -62.55 37.27 14.53
CA SER A 118 -61.48 38.23 14.30
C SER A 118 -60.75 37.92 12.99
N SER A 119 -60.07 38.92 12.42
CA SER A 119 -59.25 38.73 11.24
C SER A 119 -58.11 37.74 11.50
N GLN A 120 -57.72 36.96 10.47
CA GLN A 120 -56.78 35.86 10.65
C GLN A 120 -55.40 36.35 11.07
N PRO A 121 -54.66 35.57 11.89
CA PRO A 121 -53.27 35.89 12.22
C PRO A 121 -52.42 36.14 10.98
N GLU A 122 -51.54 37.14 11.08
CA GLU A 122 -50.58 37.48 10.03
C GLU A 122 -49.31 36.60 10.07
N SER A 123 -49.15 35.79 11.14
CA SER A 123 -47.99 34.96 11.39
C SER A 123 -48.33 33.87 12.42
N CYS A 124 -47.47 32.85 12.52
CA CYS A 124 -47.56 31.76 13.49
C CYS A 124 -47.27 32.27 14.91
N PRO A 125 -48.22 32.14 15.87
CA PRO A 125 -47.94 32.37 17.30
C PRO A 125 -46.92 31.39 17.90
N PHE B 1 147.29 -14.69 -40.00
CA PHE B 1 148.14 -15.87 -39.68
C PHE B 1 147.34 -16.87 -38.83
N THR B 2 147.36 -18.16 -39.22
CA THR B 2 146.45 -19.17 -38.70
C THR B 2 147.16 -20.52 -38.51
N LEU B 3 146.48 -21.48 -37.88
CA LEU B 3 147.14 -22.70 -37.44
C LEU B 3 147.64 -23.54 -38.63
N ILE B 4 146.94 -23.51 -39.75
CA ILE B 4 147.36 -24.21 -40.96
C ILE B 4 148.63 -23.60 -41.57
N GLU B 5 148.79 -22.27 -41.58
CA GLU B 5 150.04 -21.68 -42.05
C GLU B 5 151.19 -22.04 -41.11
N LEU B 6 150.92 -22.05 -39.81
CA LEU B 6 151.92 -22.37 -38.81
C LEU B 6 152.33 -23.86 -38.87
N LEU B 7 151.41 -24.78 -39.17
CA LEU B 7 151.75 -26.17 -39.42
C LEU B 7 152.57 -26.35 -40.68
N ILE B 8 152.29 -25.60 -41.76
CA ILE B 8 153.12 -25.61 -42.96
C ILE B 8 154.53 -25.13 -42.64
N VAL B 9 154.65 -24.05 -41.88
CA VAL B 9 155.93 -23.51 -41.44
C VAL B 9 156.71 -24.53 -40.62
N ILE B 10 156.08 -25.18 -39.65
CA ILE B 10 156.69 -26.24 -38.85
C ILE B 10 157.13 -27.42 -39.72
N ALA B 11 156.31 -27.83 -40.69
CA ALA B 11 156.62 -28.92 -41.59
C ALA B 11 157.86 -28.60 -42.46
N ILE B 12 157.93 -27.38 -42.99
CA ILE B 12 159.05 -26.96 -43.82
C ILE B 12 160.32 -26.76 -42.97
N ILE B 13 160.21 -26.24 -41.73
CA ILE B 13 161.35 -26.20 -40.82
C ILE B 13 161.92 -27.61 -40.59
N ALA B 14 161.07 -28.60 -40.37
CA ALA B 14 161.50 -29.98 -40.17
C ALA B 14 162.28 -30.52 -41.39
N ILE B 15 161.85 -30.17 -42.60
CA ILE B 15 162.54 -30.51 -43.83
C ILE B 15 163.90 -29.82 -43.91
N LEU B 16 163.95 -28.49 -43.77
CA LEU B 16 165.20 -27.76 -43.91
C LEU B 16 166.20 -28.16 -42.83
N ALA B 17 165.76 -28.38 -41.60
CA ALA B 17 166.61 -28.85 -40.51
C ALA B 17 167.23 -30.23 -40.80
N ALA B 18 166.55 -31.07 -41.57
CA ALA B 18 167.05 -32.40 -41.92
C ALA B 18 168.08 -32.38 -43.05
N VAL B 19 167.96 -31.46 -44.03
CA VAL B 19 168.73 -31.52 -45.27
C VAL B 19 169.86 -30.50 -45.35
N LEU B 20 169.75 -29.37 -44.66
CA LEU B 20 170.73 -28.29 -44.81
C LEU B 20 171.94 -28.43 -43.87
N ILE B 21 172.04 -29.54 -43.13
CA ILE B 21 173.15 -29.81 -42.23
C ILE B 21 174.10 -30.82 -42.88
N PRO B 22 175.41 -30.52 -43.03
CA PRO B 22 176.33 -31.42 -43.71
C PRO B 22 176.72 -32.62 -42.83
N ASN B 23 177.27 -33.66 -43.47
CA ASN B 23 177.91 -34.75 -42.76
C ASN B 23 179.20 -34.22 -42.12
N LEU B 24 179.17 -33.96 -40.80
CA LEU B 24 180.31 -33.36 -40.12
C LEU B 24 181.44 -34.37 -39.97
N LEU B 25 181.11 -35.65 -39.75
CA LEU B 25 182.12 -36.70 -39.60
C LEU B 25 182.99 -36.84 -40.85
N ALA B 26 182.37 -36.88 -42.03
CA ALA B 26 183.06 -37.03 -43.30
C ALA B 26 184.00 -35.84 -43.58
N ALA B 27 183.54 -34.62 -43.30
CA ALA B 27 184.34 -33.41 -43.41
C ALA B 27 185.56 -33.47 -42.49
N ARG B 28 185.36 -33.81 -41.22
CA ARG B 28 186.46 -33.88 -40.27
C ARG B 28 187.45 -34.99 -40.63
N LYS B 29 187.02 -36.15 -41.16
CA LYS B 29 187.94 -37.19 -41.61
C LYS B 29 188.98 -36.66 -42.59
N ARG B 30 188.57 -35.89 -43.61
CA ARG B 30 189.47 -35.37 -44.63
C ARG B 30 190.40 -34.28 -44.08
N ALA B 31 189.92 -33.45 -43.17
CA ALA B 31 190.76 -32.50 -42.46
C ALA B 31 191.79 -33.22 -41.58
N ASN B 32 191.39 -34.26 -40.85
CA ASN B 32 192.27 -35.05 -40.01
C ASN B 32 193.39 -35.72 -40.80
N ASP B 33 193.09 -36.30 -41.96
CA ASP B 33 194.13 -36.85 -42.83
C ASP B 33 195.12 -35.78 -43.32
N THR B 34 194.65 -34.54 -43.46
CA THR B 34 195.52 -33.41 -43.83
C THR B 34 196.48 -33.09 -42.69
N VAL B 35 196.03 -33.14 -41.43
CA VAL B 35 196.90 -32.97 -40.27
C VAL B 35 197.99 -34.03 -40.25
N VAL B 36 197.64 -35.30 -40.46
CA VAL B 36 198.60 -36.39 -40.46
C VAL B 36 199.61 -36.21 -41.59
N THR B 37 199.15 -35.90 -42.80
CA THR B 37 200.01 -35.67 -43.94
C THR B 37 200.97 -34.51 -43.66
N ALA B 38 200.47 -33.40 -43.15
CA ALA B 38 201.28 -32.24 -42.81
C ALA B 38 202.32 -32.55 -41.74
N TYR B 39 201.94 -33.30 -40.69
CA TYR B 39 202.87 -33.65 -39.62
C TYR B 39 203.97 -34.59 -40.11
N LEU B 40 203.65 -35.57 -40.97
CA LEU B 40 204.66 -36.41 -41.59
C LEU B 40 205.57 -35.62 -42.54
N ASN B 41 205.05 -34.68 -43.33
CA ASN B 41 205.89 -33.81 -44.13
C ASN B 41 206.86 -32.99 -43.27
N ASP B 42 206.44 -32.52 -42.10
CA ASP B 42 207.34 -31.86 -41.16
C ASP B 42 208.36 -32.84 -40.58
N ALA B 43 207.95 -34.03 -40.13
CA ALA B 43 208.87 -35.03 -39.63
C ALA B 43 209.94 -35.37 -40.67
N VAL B 44 209.59 -35.41 -41.95
CA VAL B 44 210.53 -35.62 -43.05
C VAL B 44 211.55 -34.47 -43.16
N LYS B 45 211.14 -33.21 -43.06
CA LYS B 45 212.06 -32.08 -43.04
C LYS B 45 213.05 -32.21 -41.88
N PHE B 46 212.57 -32.58 -40.70
CA PHE B 46 213.41 -32.70 -39.53
C PHE B 46 214.31 -33.94 -39.57
N GLN B 47 213.89 -35.05 -40.20
CA GLN B 47 214.80 -36.15 -40.46
C GLN B 47 215.98 -35.70 -41.34
N GLU B 48 215.74 -34.90 -42.38
CA GLU B 48 216.83 -34.35 -43.19
C GLU B 48 217.71 -33.40 -42.38
N MET B 49 217.15 -32.56 -41.50
CA MET B 49 217.97 -31.70 -40.66
C MET B 49 218.81 -32.51 -39.66
N TYR B 50 218.26 -33.58 -39.09
CA TYR B 50 219.03 -34.45 -38.21
C TYR B 50 220.14 -35.15 -38.98
N GLN B 51 219.88 -35.54 -40.23
CA GLN B 51 220.87 -36.10 -41.14
C GLN B 51 221.99 -35.11 -41.44
N ILE B 52 221.71 -33.79 -41.58
CA ILE B 52 222.73 -32.76 -41.74
C ILE B 52 223.69 -32.74 -40.56
N ASP B 53 223.17 -32.83 -39.33
CA ASP B 53 223.97 -32.72 -38.12
C ASP B 53 224.68 -34.03 -37.72
N ASN B 54 224.10 -35.20 -38.01
CA ASN B 54 224.52 -36.46 -37.41
C ASN B 54 224.92 -37.54 -38.42
N ASN B 55 224.75 -37.30 -39.72
CA ASN B 55 225.02 -38.29 -40.77
C ASN B 55 224.24 -39.61 -40.57
N SER B 56 223.06 -39.54 -39.94
CA SER B 56 222.20 -40.69 -39.69
C SER B 56 220.77 -40.18 -39.44
N TYR B 57 219.75 -41.03 -39.58
CA TYR B 57 218.39 -40.64 -39.22
C TYR B 57 218.05 -41.00 -37.76
N THR B 58 217.06 -40.31 -37.19
CA THR B 58 216.64 -40.54 -35.81
C THR B 58 215.74 -41.77 -35.70
N SER B 59 215.72 -42.39 -34.53
CA SER B 59 214.72 -43.43 -34.35
C SER B 59 213.73 -42.90 -33.33
N ASN B 60 214.12 -41.81 -32.65
CA ASN B 60 213.32 -41.25 -31.57
C ASN B 60 212.84 -39.83 -31.86
N GLN B 61 211.54 -39.59 -31.59
CA GLN B 61 210.87 -38.34 -31.90
C GLN B 61 211.46 -37.13 -31.16
N ALA B 62 212.00 -37.34 -29.95
CA ALA B 62 212.51 -36.22 -29.14
C ALA B 62 213.69 -35.51 -29.78
N ALA B 63 214.49 -36.22 -30.59
CA ALA B 63 215.56 -35.61 -31.37
C ALA B 63 214.99 -34.68 -32.43
N LEU B 64 213.93 -35.10 -33.15
CA LEU B 64 213.25 -34.24 -34.11
C LEU B 64 212.61 -33.03 -33.44
N ILE B 65 211.99 -33.22 -32.27
CA ILE B 65 211.40 -32.13 -31.52
C ILE B 65 212.47 -31.13 -31.07
N SER B 66 213.65 -31.61 -30.66
CA SER B 66 214.72 -30.69 -30.31
C SER B 66 215.05 -29.77 -31.48
N LEU B 67 215.16 -30.34 -32.69
CA LEU B 67 215.50 -29.60 -33.89
C LEU B 67 214.40 -28.62 -34.33
N GLY B 68 213.15 -28.82 -33.89
CA GLY B 68 212.08 -27.87 -34.19
C GLY B 68 210.75 -28.48 -34.62
N LEU B 69 210.65 -29.83 -34.64
CA LEU B 69 209.35 -30.48 -34.95
C LEU B 69 208.43 -30.32 -33.74
N LYS B 70 207.18 -29.94 -33.98
CA LYS B 70 206.25 -29.64 -32.86
C LYS B 70 205.71 -30.91 -32.21
N SER B 71 205.02 -30.75 -31.07
CA SER B 71 204.39 -31.89 -30.37
C SER B 71 203.52 -32.67 -31.35
N THR B 72 203.41 -33.98 -31.19
CA THR B 72 202.49 -34.77 -32.06
C THR B 72 201.09 -34.17 -31.92
N PRO B 73 200.36 -33.90 -33.04
CA PRO B 73 199.05 -33.24 -32.95
C PRO B 73 198.02 -33.99 -32.11
N ALA B 74 197.03 -33.27 -31.55
CA ALA B 74 195.99 -33.91 -30.77
C ALA B 74 195.34 -35.05 -31.57
N ASN B 75 195.15 -36.21 -30.93
CA ASN B 75 194.60 -37.44 -31.50
C ASN B 75 195.43 -38.08 -32.61
N VAL B 76 196.61 -37.53 -32.96
CA VAL B 76 197.53 -38.20 -33.87
C VAL B 76 198.52 -39.03 -33.06
N THR B 77 198.57 -40.33 -33.37
CA THR B 77 199.64 -41.20 -32.91
C THR B 77 200.69 -41.33 -34.01
N PHE B 78 201.93 -40.97 -33.69
CA PHE B 78 203.06 -41.00 -34.60
C PHE B 78 204.14 -41.91 -34.02
N SER B 79 204.76 -42.73 -34.87
CA SER B 79 205.89 -43.55 -34.48
C SER B 79 206.97 -43.57 -35.56
N ILE B 80 208.22 -43.59 -35.13
CA ILE B 80 209.32 -43.91 -36.03
C ILE B 80 209.56 -45.41 -35.86
N VAL B 81 209.18 -46.18 -36.87
CA VAL B 81 209.18 -47.63 -36.82
C VAL B 81 210.62 -48.15 -36.83
N SER B 82 211.46 -47.56 -37.70
CA SER B 82 212.87 -47.91 -37.79
C SER B 82 213.65 -46.75 -38.38
N ALA B 83 214.96 -46.73 -38.14
CA ALA B 83 215.86 -45.79 -38.76
C ALA B 83 217.29 -46.34 -38.77
N SER B 84 218.09 -45.82 -39.70
CA SER B 84 219.47 -46.23 -39.88
C SER B 84 220.27 -45.03 -40.40
N ALA B 85 221.54 -45.25 -40.74
CA ALA B 85 222.35 -44.22 -41.36
C ALA B 85 221.78 -43.73 -42.69
N ASN B 86 220.92 -44.54 -43.35
CA ASN B 86 220.58 -44.36 -44.75
C ASN B 86 219.08 -44.33 -45.03
N SER B 87 218.24 -44.76 -44.09
CA SER B 87 216.80 -44.82 -44.31
C SER B 87 216.02 -44.65 -43.00
N TYR B 88 214.72 -44.36 -43.12
CA TYR B 88 213.79 -44.39 -41.99
C TYR B 88 212.44 -44.91 -42.48
N CYS B 89 211.63 -45.40 -41.54
CA CYS B 89 210.22 -45.59 -41.76
C CYS B 89 209.47 -44.92 -40.62
N MET B 90 208.51 -44.04 -40.94
CA MET B 90 207.65 -43.41 -39.95
C MET B 90 206.19 -43.71 -40.29
N ILE B 91 205.36 -43.88 -39.27
CA ILE B 91 203.93 -44.17 -39.42
C ILE B 91 203.15 -43.15 -38.59
N ALA B 92 202.05 -42.63 -39.11
CA ALA B 92 201.20 -41.75 -38.33
C ALA B 92 199.73 -41.91 -38.75
N GLY B 93 198.83 -41.62 -37.82
CA GLY B 93 197.40 -41.73 -38.09
C GLY B 93 196.63 -40.96 -37.03
N HIS B 94 195.46 -40.45 -37.42
CA HIS B 94 194.55 -39.75 -36.52
C HIS B 94 193.42 -40.70 -36.15
N SER B 95 193.04 -40.81 -34.88
CA SER B 95 192.01 -41.77 -34.46
C SER B 95 190.69 -41.60 -35.21
N GLY B 96 190.44 -40.39 -35.74
CA GLY B 96 189.29 -40.07 -36.58
C GLY B 96 189.66 -39.65 -38.00
N GLY B 97 190.78 -40.16 -38.53
CA GLY B 97 191.13 -40.05 -39.94
C GLY B 97 190.52 -41.20 -40.75
N THR B 98 191.07 -41.47 -41.94
CA THR B 98 190.63 -42.62 -42.73
C THR B 98 191.58 -43.80 -42.56
N VAL B 99 192.88 -43.61 -42.85
CA VAL B 99 193.88 -44.67 -42.89
C VAL B 99 195.19 -44.21 -42.25
N TRP B 100 196.04 -45.17 -41.88
CA TRP B 100 197.41 -44.87 -41.48
C TRP B 100 198.21 -44.38 -42.68
N PHE B 101 199.09 -43.40 -42.44
CA PHE B 101 200.03 -42.89 -43.43
C PHE B 101 201.43 -43.37 -43.06
N ALA B 102 202.26 -43.58 -44.07
CA ALA B 102 203.64 -43.97 -43.92
C ALA B 102 204.54 -42.93 -44.58
N ALA B 103 205.77 -42.80 -44.08
CA ALA B 103 206.78 -41.97 -44.72
C ALA B 103 208.13 -42.71 -44.76
N THR B 104 208.78 -42.70 -45.93
CA THR B 104 210.12 -43.23 -46.13
C THR B 104 210.86 -42.28 -47.07
N PRO B 105 212.20 -42.25 -47.11
CA PRO B 105 212.90 -41.27 -47.94
C PRO B 105 212.79 -41.54 -49.44
N ASP B 106 212.41 -42.76 -49.85
CA ASP B 106 212.19 -43.09 -51.25
C ASP B 106 210.75 -42.82 -51.71
N LYS B 107 209.75 -43.33 -50.97
CA LYS B 107 208.36 -43.22 -51.38
C LYS B 107 207.71 -41.88 -50.98
N GLY B 108 208.39 -41.07 -50.16
CA GLY B 108 207.81 -39.85 -49.63
C GLY B 108 206.74 -40.15 -48.56
N VAL B 109 205.78 -39.26 -48.37
CA VAL B 109 204.64 -39.50 -47.49
C VAL B 109 203.49 -40.04 -48.32
N TYR B 110 202.91 -41.17 -47.92
CA TYR B 110 201.86 -41.83 -48.68
C TYR B 110 200.88 -42.57 -47.77
N LYS B 111 199.65 -42.75 -48.24
CA LYS B 111 198.62 -43.40 -47.44
C LYS B 111 198.69 -44.92 -47.64
N THR B 112 198.52 -45.66 -46.54
CA THR B 112 198.50 -47.12 -46.55
C THR B 112 197.07 -47.65 -46.74
N ASN B 113 196.91 -48.98 -46.86
CA ASN B 113 195.59 -49.59 -46.95
C ASN B 113 194.93 -49.79 -45.58
N THR B 114 195.66 -49.61 -44.48
CA THR B 114 195.19 -49.97 -43.14
C THR B 114 194.34 -48.85 -42.53
N ALA B 115 193.09 -49.15 -42.18
CA ALA B 115 192.20 -48.18 -41.52
C ALA B 115 192.71 -47.80 -40.12
N VAL B 116 192.47 -46.57 -39.67
CA VAL B 116 192.97 -46.08 -38.37
C VAL B 116 192.37 -46.82 -37.16
N THR B 117 191.26 -47.53 -37.38
CA THR B 117 190.62 -48.37 -36.36
C THR B 117 191.37 -49.68 -36.12
N SER B 118 192.13 -50.15 -37.12
CA SER B 118 193.04 -51.27 -36.99
C SER B 118 194.35 -50.82 -36.33
N SER B 119 195.10 -51.77 -35.74
CA SER B 119 196.42 -51.49 -35.17
C SER B 119 197.40 -51.00 -36.26
N GLN B 120 198.32 -50.11 -35.90
CA GLN B 120 199.19 -49.45 -36.87
C GLN B 120 200.10 -50.44 -37.58
N PRO B 121 200.44 -50.20 -38.87
CA PRO B 121 201.42 -51.00 -39.58
C PRO B 121 202.74 -51.11 -38.82
N GLU B 122 203.34 -52.31 -38.86
CA GLU B 122 204.64 -52.59 -38.26
C GLU B 122 205.80 -52.20 -39.17
N SER B 123 205.52 -51.83 -40.43
CA SER B 123 206.50 -51.49 -41.46
C SER B 123 205.84 -50.71 -42.59
N CYS B 124 206.66 -50.07 -43.43
CA CYS B 124 206.23 -49.35 -44.63
C CYS B 124 205.72 -50.30 -45.71
N PRO B 125 204.44 -50.19 -46.15
CA PRO B 125 203.96 -50.91 -47.34
C PRO B 125 204.66 -50.51 -48.65
N PHE C 1 137.74 -19.14 -38.10
CA PHE C 1 138.91 -18.70 -37.30
C PHE C 1 138.41 -17.93 -36.07
N THR C 2 138.94 -18.28 -34.87
CA THR C 2 138.38 -17.85 -33.59
C THR C 2 139.49 -17.54 -32.58
N LEU C 3 139.13 -16.98 -31.42
CA LEU C 3 140.13 -16.44 -30.51
C LEU C 3 141.04 -17.52 -29.93
N ILE C 4 140.51 -18.73 -29.73
CA ILE C 4 141.31 -19.85 -29.25
C ILE C 4 142.36 -20.32 -30.29
N GLU C 5 142.03 -20.35 -31.58
CA GLU C 5 143.03 -20.66 -32.59
C GLU C 5 144.11 -19.58 -32.65
N LEU C 6 143.69 -18.32 -32.51
CA LEU C 6 144.61 -17.20 -32.54
C LEU C 6 145.52 -17.16 -31.31
N LEU C 7 145.03 -17.56 -30.13
CA LEU C 7 145.88 -17.72 -28.95
C LEU C 7 146.86 -18.88 -29.11
N ILE C 8 146.47 -20.00 -29.73
CA ILE C 8 147.39 -21.08 -30.04
C ILE C 8 148.49 -20.59 -30.99
N VAL C 9 148.11 -19.85 -32.02
CA VAL C 9 149.05 -19.28 -32.98
C VAL C 9 150.04 -18.34 -32.27
N ILE C 10 149.56 -17.43 -31.42
CA ILE C 10 150.39 -16.55 -30.63
C ILE C 10 151.34 -17.32 -29.71
N ALA C 11 150.84 -18.37 -29.05
CA ALA C 11 151.65 -19.21 -28.17
C ALA C 11 152.77 -19.91 -28.93
N ILE C 12 152.49 -20.46 -30.10
CA ILE C 12 153.48 -21.15 -30.92
C ILE C 12 154.47 -20.15 -31.53
N ILE C 13 154.03 -18.96 -31.95
CA ILE C 13 154.95 -17.90 -32.38
C ILE C 13 155.96 -17.57 -31.26
N ALA C 14 155.50 -17.44 -30.01
CA ALA C 14 156.36 -17.15 -28.88
C ALA C 14 157.42 -18.24 -28.69
N ILE C 15 157.05 -19.51 -28.88
CA ILE C 15 157.97 -20.64 -28.84
C ILE C 15 159.00 -20.56 -29.97
N LEU C 16 158.55 -20.46 -31.22
CA LEU C 16 159.47 -20.45 -32.35
C LEU C 16 160.40 -19.24 -32.33
N ALA C 17 159.91 -18.07 -31.91
CA ALA C 17 160.72 -16.87 -31.76
C ALA C 17 161.83 -17.04 -30.71
N ALA C 18 161.61 -17.88 -29.69
CA ALA C 18 162.58 -18.14 -28.64
C ALA C 18 163.67 -19.12 -29.06
N VAL C 19 163.34 -20.13 -29.88
CA VAL C 19 164.24 -21.26 -30.13
C VAL C 19 164.94 -21.22 -31.49
N LEU C 20 164.35 -20.57 -32.49
CA LEU C 20 164.87 -20.62 -33.85
C LEU C 20 165.93 -19.54 -34.12
N ILE C 21 166.33 -18.77 -33.11
CA ILE C 21 167.34 -17.72 -33.23
C ILE C 21 168.66 -18.23 -32.64
N PRO C 22 169.79 -18.21 -33.40
CA PRO C 22 171.06 -18.75 -32.90
C PRO C 22 171.72 -17.80 -31.90
N ASN C 23 172.68 -18.34 -31.13
CA ASN C 23 173.56 -17.52 -30.32
C ASN C 23 174.50 -16.75 -31.26
N LEU C 24 174.22 -15.45 -31.47
CA LEU C 24 174.97 -14.64 -32.42
C LEU C 24 176.36 -14.34 -31.87
N LEU C 25 176.48 -14.12 -30.56
CA LEU C 25 177.76 -13.81 -29.94
C LEU C 25 178.78 -14.94 -30.13
N ALA C 26 178.37 -16.19 -29.91
CA ALA C 26 179.22 -17.36 -30.05
C ALA C 26 179.70 -17.54 -31.49
N ALA C 27 178.80 -17.36 -32.46
CA ALA C 27 179.13 -17.40 -33.88
C ALA C 27 180.17 -16.33 -34.24
N ARG C 28 179.94 -15.08 -33.82
CA ARG C 28 180.87 -14.00 -34.12
C ARG C 28 182.23 -14.20 -33.45
N LYS C 29 182.30 -14.76 -32.23
CA LYS C 29 183.58 -15.06 -31.58
C LYS C 29 184.49 -15.91 -32.48
N ARG C 30 183.96 -16.99 -33.06
CA ARG C 30 184.74 -17.90 -33.90
C ARG C 30 185.14 -17.26 -35.23
N ALA C 31 184.28 -16.44 -35.83
CA ALA C 31 184.63 -15.67 -36.99
C ALA C 31 185.74 -14.65 -36.67
N ASN C 32 185.64 -13.94 -35.53
CA ASN C 32 186.63 -12.98 -35.09
C ASN C 32 188.01 -13.61 -34.88
N ASP C 33 188.09 -14.78 -34.26
CA ASP C 33 189.35 -15.50 -34.14
C ASP C 33 189.94 -15.88 -35.49
N THR C 34 189.09 -16.11 -36.50
CA THR C 34 189.54 -16.39 -37.86
C THR C 34 190.17 -15.15 -38.49
N VAL C 35 189.62 -13.97 -38.25
CA VAL C 35 190.20 -12.71 -38.70
C VAL C 35 191.59 -12.52 -38.09
N VAL C 36 191.74 -12.74 -36.78
CA VAL C 36 193.02 -12.60 -36.11
C VAL C 36 194.04 -13.59 -36.66
N THR C 37 193.65 -14.85 -36.81
CA THR C 37 194.52 -15.88 -37.36
C THR C 37 194.96 -15.51 -38.77
N ALA C 38 194.03 -15.10 -39.63
CA ALA C 38 194.33 -14.69 -40.99
C ALA C 38 195.26 -13.48 -41.04
N TYR C 39 195.05 -12.48 -40.19
CA TYR C 39 195.90 -11.29 -40.16
C TYR C 39 197.32 -11.62 -39.68
N LEU C 40 197.47 -12.48 -38.68
CA LEU C 40 198.79 -12.94 -38.27
C LEU C 40 199.47 -13.79 -39.35
N ASN C 41 198.75 -14.67 -40.06
CA ASN C 41 199.32 -15.38 -41.20
C ASN C 41 199.82 -14.42 -42.29
N ASP C 42 199.11 -13.32 -42.54
CA ASP C 42 199.59 -12.30 -43.45
C ASP C 42 200.82 -11.57 -42.90
N ALA C 43 200.79 -11.14 -41.64
CA ALA C 43 201.95 -10.51 -41.01
C ALA C 43 203.19 -11.39 -41.09
N VAL C 44 203.04 -12.71 -40.97
CA VAL C 44 204.12 -13.68 -41.13
C VAL C 44 204.68 -13.69 -42.56
N LYS C 45 203.83 -13.65 -43.60
CA LYS C 45 204.28 -13.55 -44.99
C LYS C 45 205.10 -12.28 -45.19
N PHE C 46 204.63 -11.17 -44.64
CA PHE C 46 205.31 -9.88 -44.80
C PHE C 46 206.59 -9.78 -43.96
N GLN C 47 206.68 -10.43 -42.80
CA GLN C 47 207.94 -10.56 -42.09
C GLN C 47 208.98 -11.29 -42.95
N GLU C 48 208.61 -12.37 -43.63
CA GLU C 48 209.52 -13.04 -44.56
C GLU C 48 209.89 -12.15 -45.75
N MET C 49 208.97 -11.38 -46.30
CA MET C 49 209.32 -10.45 -47.38
C MET C 49 210.25 -9.35 -46.90
N TYR C 50 210.06 -8.81 -45.69
CA TYR C 50 210.97 -7.84 -45.13
C TYR C 50 212.35 -8.43 -44.90
N GLN C 51 212.40 -9.70 -44.47
CA GLN C 51 213.63 -10.46 -44.32
C GLN C 51 214.35 -10.64 -45.66
N ILE C 52 213.64 -10.85 -46.78
CA ILE C 52 214.24 -10.90 -48.11
C ILE C 52 214.97 -9.60 -48.44
N ASP C 53 214.37 -8.45 -48.14
CA ASP C 53 214.91 -7.16 -48.50
C ASP C 53 215.99 -6.64 -47.53
N ASN C 54 215.89 -6.97 -46.24
CA ASN C 54 216.66 -6.29 -45.20
C ASN C 54 217.54 -7.22 -44.34
N ASN C 55 217.47 -8.54 -44.54
CA ASN C 55 218.20 -9.52 -43.74
C ASN C 55 217.92 -9.39 -42.23
N SER C 56 216.73 -8.91 -41.85
CA SER C 56 216.31 -8.75 -40.47
C SER C 56 214.78 -8.69 -40.43
N TYR C 57 214.14 -8.94 -39.28
CA TYR C 57 212.71 -8.76 -39.14
C TYR C 57 212.33 -7.35 -38.66
N THR C 58 211.09 -6.92 -38.93
CA THR C 58 210.62 -5.60 -38.54
C THR C 58 210.20 -5.58 -37.07
N SER C 59 210.27 -4.41 -36.45
CA SER C 59 209.69 -4.32 -35.13
C SER C 59 208.45 -3.45 -35.26
N ASN C 60 208.33 -2.75 -36.39
CA ASN C 60 207.26 -1.79 -36.61
C ASN C 60 206.34 -2.18 -37.76
N GLN C 61 205.03 -2.08 -37.52
CA GLN C 61 204.00 -2.51 -38.45
C GLN C 61 204.02 -1.73 -39.77
N ALA C 62 204.43 -0.45 -39.75
CA ALA C 62 204.40 0.39 -40.95
C ALA C 62 205.33 -0.12 -42.05
N ALA C 63 206.43 -0.80 -41.69
CA ALA C 63 207.30 -1.45 -42.66
C ALA C 63 206.57 -2.60 -43.36
N LEU C 64 205.83 -3.42 -42.61
CA LEU C 64 205.03 -4.50 -43.18
C LEU C 64 203.92 -3.95 -44.07
N ILE C 65 203.25 -2.86 -43.65
CA ILE C 65 202.22 -2.21 -44.44
C ILE C 65 202.81 -1.66 -45.75
N SER C 66 204.01 -1.08 -45.70
CA SER C 66 204.64 -0.63 -46.93
C SER C 66 204.77 -1.77 -47.94
N LEU C 67 205.21 -2.93 -47.47
CA LEU C 67 205.42 -4.10 -48.32
C LEU C 67 204.12 -4.70 -48.85
N GLY C 68 202.97 -4.43 -48.21
CA GLY C 68 201.69 -4.88 -48.71
C GLY C 68 200.72 -5.46 -47.68
N LEU C 69 201.11 -5.46 -46.40
CA LEU C 69 200.18 -5.91 -45.34
C LEU C 69 199.12 -4.83 -45.12
N LYS C 70 197.86 -5.24 -45.04
CA LYS C 70 196.75 -4.25 -44.96
C LYS C 70 196.61 -3.64 -43.57
N SER C 71 195.78 -2.61 -43.45
CA SER C 71 195.51 -1.96 -42.14
C SER C 71 195.10 -3.03 -41.12
N THR C 72 195.46 -2.86 -39.85
CA THR C 72 194.98 -3.81 -38.81
C THR C 72 193.45 -3.87 -38.88
N PRO C 73 192.83 -5.07 -38.88
CA PRO C 73 191.37 -5.17 -39.04
C PRO C 73 190.57 -4.44 -37.95
N ALA C 74 189.33 -4.04 -38.26
CA ALA C 74 188.50 -3.39 -37.26
C ALA C 74 188.40 -4.23 -35.99
N ASN C 75 188.56 -3.57 -34.83
CA ASN C 75 188.55 -4.19 -33.50
C ASN C 75 189.70 -5.17 -33.23
N VAL C 76 190.63 -5.38 -34.16
CA VAL C 76 191.84 -6.15 -33.88
C VAL C 76 192.95 -5.21 -33.44
N THR C 77 193.51 -5.48 -32.26
CA THR C 77 194.75 -4.85 -31.82
C THR C 77 195.90 -5.81 -32.08
N PHE C 78 196.88 -5.34 -32.86
CA PHE C 78 198.05 -6.10 -33.25
C PHE C 78 199.30 -5.37 -32.76
N SER C 79 200.28 -6.12 -32.25
CA SER C 79 201.56 -5.56 -31.87
C SER C 79 202.70 -6.50 -32.26
N ILE C 80 203.82 -5.92 -32.69
CA ILE C 80 205.06 -6.65 -32.79
C ILE C 80 205.79 -6.42 -31.48
N VAL C 81 205.85 -7.46 -30.65
CA VAL C 81 206.36 -7.37 -29.29
C VAL C 81 207.88 -7.20 -29.32
N SER C 82 208.56 -7.96 -30.18
CA SER C 82 209.99 -7.86 -30.36
C SER C 82 210.38 -8.38 -31.73
N ALA C 83 211.56 -7.96 -32.21
CA ALA C 83 212.13 -8.50 -33.43
C ALA C 83 213.65 -8.32 -33.42
N SER C 84 214.33 -9.15 -34.21
CA SER C 84 215.77 -9.14 -34.33
C SER C 84 216.16 -9.58 -35.74
N ALA C 85 217.45 -9.75 -36.00
CA ALA C 85 217.92 -10.29 -37.26
C ALA C 85 217.38 -11.70 -37.54
N ASN C 86 216.96 -12.44 -36.50
CA ASN C 86 216.76 -13.88 -36.57
C ASN C 86 215.40 -14.35 -36.08
N SER C 87 214.64 -13.51 -35.35
CA SER C 87 213.35 -13.91 -34.79
C SER C 87 212.41 -12.71 -34.65
N TYR C 88 211.12 -13.00 -34.46
CA TYR C 88 210.13 -12.01 -34.07
C TYR C 88 209.13 -12.65 -33.11
N CYS C 89 208.44 -11.81 -32.35
CA CYS C 89 207.22 -12.20 -31.68
C CYS C 89 206.14 -11.17 -32.00
N MET C 90 204.99 -11.63 -32.50
CA MET C 90 203.83 -10.77 -32.76
C MET C 90 202.64 -11.29 -31.97
N ILE C 91 201.79 -10.37 -31.48
CA ILE C 91 200.60 -10.71 -30.72
C ILE C 91 199.41 -10.00 -31.37
N ALA C 92 198.27 -10.68 -31.47
CA ALA C 92 197.06 -10.02 -31.97
C ALA C 92 195.82 -10.62 -31.31
N GLY C 93 194.76 -9.82 -31.24
CA GLY C 93 193.51 -10.27 -30.64
C GLY C 93 192.39 -9.33 -31.04
N HIS C 94 191.17 -9.87 -31.12
CA HIS C 94 189.98 -9.11 -31.43
C HIS C 94 189.22 -8.87 -30.14
N SER C 95 188.75 -7.65 -29.87
CA SER C 95 188.09 -7.35 -28.60
C SER C 95 186.88 -8.26 -28.30
N GLY C 96 186.28 -8.84 -29.35
CA GLY C 96 185.22 -9.83 -29.27
C GLY C 96 185.60 -11.21 -29.82
N GLY C 97 186.88 -11.58 -29.76
CA GLY C 97 187.34 -12.94 -30.01
C GLY C 97 187.29 -13.78 -28.75
N THR C 98 188.04 -14.90 -28.71
CA THR C 98 188.15 -15.70 -27.50
C THR C 98 189.43 -15.38 -26.73
N VAL C 99 190.60 -15.52 -27.38
CA VAL C 99 191.90 -15.40 -26.74
C VAL C 99 192.88 -14.61 -27.62
N TRP C 100 193.96 -14.11 -27.02
CA TRP C 100 195.07 -13.55 -27.78
C TRP C 100 195.79 -14.65 -28.55
N PHE C 101 196.22 -14.32 -29.77
CA PHE C 101 197.04 -15.20 -30.60
C PHE C 101 198.45 -14.64 -30.65
N ALA C 102 199.43 -15.55 -30.77
CA ALA C 102 200.83 -15.20 -30.90
C ALA C 102 201.38 -15.77 -32.20
N ALA C 103 202.41 -15.12 -32.75
CA ALA C 103 203.14 -15.65 -33.90
C ALA C 103 204.63 -15.50 -33.68
N THR C 104 205.39 -16.57 -33.96
CA THR C 104 206.84 -16.60 -33.95
C THR C 104 207.31 -17.46 -35.11
N PRO C 105 208.54 -17.33 -35.62
CA PRO C 105 208.95 -18.08 -36.79
C PRO C 105 209.14 -19.58 -36.55
N ASP C 106 209.27 -20.01 -35.28
CA ASP C 106 209.36 -21.42 -34.93
C ASP C 106 207.98 -22.05 -34.68
N LYS C 107 207.15 -21.44 -33.82
CA LYS C 107 205.87 -22.03 -33.45
C LYS C 107 204.75 -21.74 -34.45
N GLY C 108 204.98 -20.86 -35.43
CA GLY C 108 203.94 -20.43 -36.35
C GLY C 108 202.94 -19.51 -35.66
N VAL C 109 201.69 -19.46 -36.16
CA VAL C 109 200.61 -18.72 -35.51
C VAL C 109 199.84 -19.68 -34.61
N TYR C 110 199.66 -19.32 -33.33
CA TYR C 110 199.02 -20.20 -32.36
C TYR C 110 198.26 -19.41 -31.31
N LYS C 111 197.24 -20.02 -30.71
CA LYS C 111 196.44 -19.35 -29.71
C LYS C 111 197.06 -19.49 -28.32
N THR C 112 197.03 -18.41 -27.55
CA THR C 112 197.53 -18.39 -26.18
C THR C 112 196.41 -18.74 -25.19
N ASN C 113 196.75 -18.84 -23.89
CA ASN C 113 195.76 -19.09 -22.84
C ASN C 113 195.04 -17.81 -22.39
N THR C 114 195.51 -16.63 -22.80
CA THR C 114 195.04 -15.36 -22.27
C THR C 114 193.78 -14.89 -22.99
N ALA C 115 192.68 -14.69 -22.26
CA ALA C 115 191.43 -14.17 -22.84
C ALA C 115 191.59 -12.72 -23.33
N VAL C 116 190.87 -12.34 -24.39
CA VAL C 116 191.00 -11.00 -24.99
C VAL C 116 190.55 -9.86 -24.07
N THR C 117 189.81 -10.20 -23.01
CA THR C 117 189.38 -9.25 -21.99
C THR C 117 190.50 -8.88 -21.02
N SER C 118 191.50 -9.76 -20.87
CA SER C 118 192.74 -9.49 -20.14
C SER C 118 193.71 -8.69 -21.02
N SER C 119 194.66 -7.98 -20.38
CA SER C 119 195.71 -7.26 -21.10
C SER C 119 196.58 -8.23 -21.92
N GLN C 120 197.08 -7.77 -23.09
CA GLN C 120 197.76 -8.64 -24.03
C GLN C 120 199.05 -9.21 -23.45
N PRO C 121 199.43 -10.45 -23.83
CA PRO C 121 200.73 -11.02 -23.44
C PRO C 121 201.90 -10.08 -23.78
N GLU C 122 202.87 -10.02 -22.87
CA GLU C 122 204.10 -9.26 -23.06
C GLU C 122 205.16 -10.01 -23.88
N SER C 123 204.92 -11.31 -24.15
CA SER C 123 205.84 -12.21 -24.83
C SER C 123 205.10 -13.44 -25.35
N CYS C 124 205.73 -14.20 -26.26
CA CYS C 124 205.23 -15.45 -26.81
C CYS C 124 205.23 -16.56 -25.75
N PRO C 125 204.06 -17.17 -25.41
CA PRO C 125 204.03 -18.39 -24.60
C PRO C 125 204.69 -19.61 -25.26
N PHE D 1 130.22 -18.39 -30.35
CA PHE D 1 131.04 -17.46 -31.18
C PHE D 1 130.16 -16.31 -31.69
N THR D 2 130.61 -15.07 -31.53
CA THR D 2 129.78 -13.87 -31.71
C THR D 2 130.57 -12.74 -32.39
N LEU D 3 129.88 -11.66 -32.76
CA LEU D 3 130.48 -10.64 -33.60
C LEU D 3 131.64 -9.92 -32.91
N ILE D 4 131.57 -9.76 -31.58
CA ILE D 4 132.65 -9.14 -30.82
C ILE D 4 133.91 -10.02 -30.79
N GLU D 5 133.78 -11.35 -30.67
CA GLU D 5 134.95 -12.22 -30.75
C GLU D 5 135.56 -12.17 -32.15
N LEU D 6 134.71 -12.11 -33.16
CA LEU D 6 135.16 -12.07 -34.55
C LEU D 6 135.84 -10.73 -34.89
N LEU D 7 135.38 -9.61 -34.32
CA LEU D 7 136.06 -8.33 -34.45
C LEU D 7 137.41 -8.32 -33.73
N ILE D 8 137.53 -8.96 -32.56
CA ILE D 8 138.81 -9.13 -31.88
C ILE D 8 139.77 -9.93 -32.75
N VAL D 9 139.30 -11.03 -33.33
CA VAL D 9 140.07 -11.88 -34.21
C VAL D 9 140.56 -11.08 -35.43
N ILE D 10 139.67 -10.33 -36.09
CA ILE D 10 140.04 -9.47 -37.21
C ILE D 10 141.06 -8.41 -36.80
N ALA D 11 140.90 -7.79 -35.63
CA ALA D 11 141.82 -6.79 -35.13
C ALA D 11 143.22 -7.37 -34.90
N ILE D 12 143.30 -8.56 -34.29
CA ILE D 12 144.57 -9.21 -34.03
C ILE D 12 145.21 -9.74 -35.32
N ILE D 13 144.43 -10.24 -36.29
CA ILE D 13 144.95 -10.58 -37.61
C ILE D 13 145.62 -9.36 -38.25
N ALA D 14 144.99 -8.18 -38.19
CA ALA D 14 145.53 -6.95 -38.75
C ALA D 14 146.88 -6.59 -38.12
N ILE D 15 147.02 -6.81 -36.80
CA ILE D 15 148.28 -6.61 -36.09
C ILE D 15 149.34 -7.61 -36.54
N LEU D 16 149.05 -8.91 -36.51
CA LEU D 16 150.03 -9.91 -36.86
C LEU D 16 150.47 -9.80 -38.32
N ALA D 17 149.54 -9.49 -39.23
CA ALA D 17 149.84 -9.26 -40.63
C ALA D 17 150.79 -8.08 -40.86
N ALA D 18 150.76 -7.07 -39.97
CA ALA D 18 151.60 -5.90 -40.07
C ALA D 18 153.03 -6.15 -39.55
N VAL D 19 153.19 -6.98 -38.50
CA VAL D 19 154.46 -7.07 -37.78
C VAL D 19 155.26 -8.34 -38.09
N LEU D 20 154.61 -9.43 -38.50
CA LEU D 20 155.30 -10.70 -38.67
C LEU D 20 155.93 -10.88 -40.05
N ILE D 21 155.89 -9.84 -40.91
CA ILE D 21 156.46 -9.88 -42.25
C ILE D 21 157.78 -9.10 -42.24
N PRO D 22 158.92 -9.71 -42.67
CA PRO D 22 160.22 -9.03 -42.62
C PRO D 22 160.36 -7.99 -43.73
N ASN D 23 161.34 -7.09 -43.55
CA ASN D 23 161.77 -6.20 -44.62
C ASN D 23 162.47 -7.04 -45.69
N LEU D 24 161.77 -7.32 -46.80
CA LEU D 24 162.30 -8.19 -47.85
C LEU D 24 163.40 -7.48 -48.63
N LEU D 25 163.26 -6.18 -48.84
CA LEU D 25 164.26 -5.40 -49.58
C LEU D 25 165.63 -5.44 -48.90
N ALA D 26 165.68 -5.23 -47.58
CA ALA D 26 166.90 -5.22 -46.80
C ALA D 26 167.59 -6.59 -46.83
N ALA D 27 166.82 -7.67 -46.70
CA ALA D 27 167.32 -9.03 -46.80
C ALA D 27 167.95 -9.29 -48.17
N ARG D 28 167.24 -8.95 -49.25
CA ARG D 28 167.74 -9.15 -50.60
C ARG D 28 168.98 -8.31 -50.88
N LYS D 29 169.09 -7.07 -50.38
CA LYS D 29 170.30 -6.27 -50.54
C LYS D 29 171.56 -7.01 -50.08
N ARG D 30 171.54 -7.63 -48.89
CA ARG D 30 172.69 -8.32 -48.34
C ARG D 30 173.01 -9.62 -49.10
N ALA D 31 171.99 -10.34 -49.57
CA ALA D 31 172.19 -11.48 -50.45
C ALA D 31 172.80 -11.05 -51.79
N ASN D 32 172.31 -9.97 -52.39
CA ASN D 32 172.83 -9.43 -53.65
C ASN D 32 174.30 -9.02 -53.54
N ASP D 33 174.72 -8.35 -52.47
CA ASP D 33 176.12 -8.05 -52.25
C ASP D 33 176.98 -9.31 -52.12
N THR D 34 176.41 -10.42 -51.63
CA THR D 34 177.10 -11.70 -51.55
C THR D 34 177.31 -12.28 -52.95
N VAL D 35 176.34 -12.15 -53.86
CA VAL D 35 176.49 -12.55 -55.25
C VAL D 35 177.63 -11.78 -55.91
N VAL D 36 177.68 -10.46 -55.74
CA VAL D 36 178.73 -9.63 -56.31
C VAL D 36 180.10 -10.02 -55.76
N THR D 37 180.21 -10.18 -54.44
CA THR D 37 181.45 -10.59 -53.80
C THR D 37 181.91 -11.95 -54.33
N ALA D 38 181.01 -12.93 -54.41
CA ALA D 38 181.31 -14.25 -54.92
C ALA D 38 181.75 -14.22 -56.38
N TYR D 39 181.08 -13.43 -57.22
CA TYR D 39 181.45 -13.33 -58.64
C TYR D 39 182.81 -12.68 -58.83
N LEU D 40 183.13 -11.63 -58.07
CA LEU D 40 184.46 -11.04 -58.10
C LEU D 40 185.54 -12.01 -57.57
N ASN D 41 185.27 -12.77 -56.51
CA ASN D 41 186.20 -13.79 -56.08
C ASN D 41 186.46 -14.85 -57.17
N ASP D 42 185.44 -15.22 -57.94
CA ASP D 42 185.64 -16.10 -59.09
C ASP D 42 186.44 -15.41 -60.20
N ALA D 43 186.10 -14.18 -60.56
CA ALA D 43 186.86 -13.43 -61.56
C ALA D 43 188.34 -13.33 -61.19
N VAL D 44 188.65 -13.19 -59.90
CA VAL D 44 190.03 -13.19 -59.38
C VAL D 44 190.72 -14.53 -59.60
N LYS D 45 190.06 -15.67 -59.34
CA LYS D 45 190.63 -16.99 -59.63
C LYS D 45 190.95 -17.12 -61.11
N PHE D 46 190.05 -16.68 -61.97
CA PHE D 46 190.23 -16.78 -63.41
C PHE D 46 191.26 -15.80 -63.96
N GLN D 47 191.43 -14.62 -63.36
CA GLN D 47 192.55 -13.74 -63.68
C GLN D 47 193.89 -14.45 -63.40
N GLU D 48 194.03 -15.14 -62.25
CA GLU D 48 195.23 -15.93 -61.98
C GLU D 48 195.41 -17.08 -62.96
N MET D 49 194.34 -17.78 -63.36
CA MET D 49 194.47 -18.82 -64.37
C MET D 49 194.88 -18.26 -65.73
N TYR D 50 194.36 -17.11 -66.13
CA TYR D 50 194.77 -16.47 -67.37
C TYR D 50 196.23 -16.04 -67.30
N GLN D 51 196.68 -15.57 -66.13
CA GLN D 51 198.07 -15.24 -65.86
C GLN D 51 198.97 -16.47 -65.97
N ILE D 52 198.53 -17.66 -65.55
CA ILE D 52 199.28 -18.91 -65.73
C ILE D 52 199.53 -19.19 -67.21
N ASP D 53 198.52 -19.00 -68.07
CA ASP D 53 198.61 -19.33 -69.48
C ASP D 53 199.29 -18.25 -70.33
N ASN D 54 199.15 -16.96 -69.97
CA ASN D 54 199.49 -15.86 -70.86
C ASN D 54 200.53 -14.88 -70.30
N ASN D 55 200.96 -15.04 -69.04
CA ASN D 55 201.88 -14.12 -68.38
C ASN D 55 201.38 -12.66 -68.37
N SER D 56 200.06 -12.46 -68.38
CA SER D 56 199.44 -11.14 -68.36
C SER D 56 198.00 -11.30 -67.85
N TYR D 57 197.34 -10.23 -67.38
CA TYR D 57 195.93 -10.28 -67.03
C TYR D 57 195.02 -9.89 -68.19
N THR D 58 193.76 -10.33 -68.16
CA THR D 58 192.80 -10.04 -69.21
C THR D 58 192.22 -8.64 -69.06
N SER D 59 191.78 -8.05 -70.16
CA SER D 59 191.03 -6.82 -70.00
C SER D 59 189.59 -7.12 -70.38
N ASN D 60 189.39 -8.28 -71.01
CA ASN D 60 188.09 -8.66 -71.52
C ASN D 60 187.51 -9.91 -70.85
N GLN D 61 186.23 -9.85 -70.47
CA GLN D 61 185.55 -10.89 -69.71
C GLN D 61 185.46 -12.21 -70.48
N ALA D 62 185.38 -12.18 -71.81
CA ALA D 62 185.21 -13.40 -72.60
C ALA D 62 186.40 -14.36 -72.49
N ALA D 63 187.61 -13.84 -72.24
CA ALA D 63 188.77 -14.67 -71.96
C ALA D 63 188.61 -15.42 -70.64
N LEU D 64 188.12 -14.74 -69.58
CA LEU D 64 187.83 -15.39 -68.31
C LEU D 64 186.72 -16.42 -68.44
N ILE D 65 185.67 -16.12 -69.20
CA ILE D 65 184.57 -17.06 -69.46
C ILE D 65 185.09 -18.30 -70.21
N SER D 66 185.99 -18.11 -71.17
CA SER D 66 186.57 -19.27 -71.84
C SER D 66 187.22 -20.22 -70.84
N LEU D 67 188.00 -19.66 -69.91
CA LEU D 67 188.72 -20.43 -68.91
C LEU D 67 187.79 -21.11 -67.89
N GLY D 68 186.55 -20.63 -67.72
CA GLY D 68 185.59 -21.27 -66.84
C GLY D 68 184.77 -20.36 -65.94
N LEU D 69 184.97 -19.05 -66.06
CA LEU D 69 184.14 -18.08 -65.28
C LEU D 69 182.74 -18.04 -65.91
N LYS D 70 181.70 -18.10 -65.07
CA LYS D 70 180.31 -18.20 -65.59
C LYS D 70 179.80 -16.86 -66.09
N SER D 71 178.63 -16.87 -66.75
CA SER D 71 177.99 -15.63 -67.23
C SER D 71 177.86 -14.64 -66.07
N THR D 72 177.96 -13.34 -66.34
CA THR D 72 177.73 -12.35 -65.26
C THR D 72 176.35 -12.59 -64.66
N PRO D 73 176.20 -12.64 -63.32
CA PRO D 73 174.92 -12.98 -62.70
C PRO D 73 173.78 -12.02 -63.07
N ALA D 74 172.53 -12.50 -63.02
CA ALA D 74 171.39 -11.63 -63.30
C ALA D 74 171.44 -10.36 -62.46
N ASN D 75 171.21 -9.20 -63.10
CA ASN D 75 171.25 -7.87 -62.50
C ASN D 75 172.62 -7.42 -62.00
N VAL D 76 173.68 -8.22 -62.15
CA VAL D 76 175.05 -7.78 -61.86
C VAL D 76 175.67 -7.23 -63.14
N THR D 77 176.12 -5.97 -63.07
CA THR D 77 176.99 -5.40 -64.08
C THR D 77 178.43 -5.49 -63.61
N PHE D 78 179.27 -6.15 -64.41
CA PHE D 78 180.68 -6.37 -64.14
C PHE D 78 181.51 -5.75 -65.26
N SER D 79 182.62 -5.09 -64.90
CA SER D 79 183.56 -4.57 -65.87
C SER D 79 185.00 -4.79 -65.41
N ILE D 80 185.87 -5.08 -66.37
CA ILE D 80 187.30 -5.01 -66.13
C ILE D 80 187.73 -3.62 -66.58
N VAL D 81 188.04 -2.76 -65.63
CA VAL D 81 188.31 -1.35 -65.87
C VAL D 81 189.65 -1.19 -66.59
N SER D 82 190.66 -1.93 -66.13
CA SER D 82 191.98 -1.93 -66.74
C SER D 82 192.70 -3.23 -66.42
N ALA D 83 193.70 -3.57 -67.23
CA ALA D 83 194.58 -4.69 -66.97
C ALA D 83 195.92 -4.49 -67.68
N SER D 84 196.94 -5.17 -67.17
CA SER D 84 198.29 -5.11 -67.69
C SER D 84 198.99 -6.44 -67.44
N ALA D 85 200.28 -6.52 -67.75
CA ALA D 85 201.07 -7.71 -67.44
C ALA D 85 201.11 -8.02 -65.94
N ASN D 86 200.85 -7.01 -65.08
CA ASN D 86 201.20 -7.07 -63.66
C ASN D 86 200.04 -6.73 -62.73
N SER D 87 198.95 -6.14 -63.23
CA SER D 87 197.83 -5.72 -62.38
C SER D 87 196.50 -5.74 -63.15
N TYR D 88 195.39 -5.71 -62.42
CA TYR D 88 194.07 -5.48 -62.98
C TYR D 88 193.25 -4.64 -62.00
N CYS D 89 192.21 -3.99 -62.53
CA CYS D 89 191.15 -3.46 -61.72
C CYS D 89 189.82 -3.96 -62.29
N MET D 90 188.98 -4.57 -61.46
CA MET D 90 187.64 -5.00 -61.85
C MET D 90 186.62 -4.35 -60.92
N ILE D 91 185.45 -4.01 -61.46
CA ILE D 91 184.36 -3.39 -60.71
C ILE D 91 183.09 -4.21 -60.95
N ALA D 92 182.30 -4.44 -59.90
CA ALA D 92 181.01 -5.10 -60.10
C ALA D 92 179.99 -4.59 -59.08
N GLY D 93 178.71 -4.67 -59.44
CA GLY D 93 177.64 -4.23 -58.57
C GLY D 93 176.33 -4.79 -59.05
N HIS D 94 175.40 -5.00 -58.10
CA HIS D 94 174.06 -5.49 -58.39
C HIS D 94 173.10 -4.31 -58.31
N SER D 95 172.19 -4.14 -59.28
CA SER D 95 171.31 -2.97 -59.31
C SER D 95 170.49 -2.80 -58.02
N GLY D 96 170.29 -3.91 -57.28
CA GLY D 96 169.65 -3.92 -55.97
C GLY D 96 170.56 -4.39 -54.83
N GLY D 97 171.87 -4.15 -54.95
CA GLY D 97 172.81 -4.30 -53.85
C GLY D 97 172.90 -3.02 -53.02
N THR D 98 174.01 -2.87 -52.25
CA THR D 98 174.23 -1.62 -51.51
C THR D 98 175.20 -0.70 -52.27
N VAL D 99 176.41 -1.20 -52.57
CA VAL D 99 177.49 -0.40 -53.14
C VAL D 99 178.22 -1.18 -54.24
N TRP D 100 178.96 -0.47 -55.08
CA TRP D 100 179.90 -1.08 -56.02
C TRP D 100 181.06 -1.74 -55.26
N PHE D 101 181.49 -2.90 -55.74
CA PHE D 101 182.67 -3.59 -55.24
C PHE D 101 183.78 -3.48 -56.26
N ALA D 102 185.02 -3.45 -55.78
CA ALA D 102 186.21 -3.41 -56.60
C ALA D 102 187.09 -4.61 -56.29
N ALA D 103 187.88 -5.05 -57.27
CA ALA D 103 188.88 -6.08 -57.06
C ALA D 103 190.20 -5.68 -57.74
N THR D 104 191.31 -5.83 -57.01
CA THR D 104 192.66 -5.63 -57.51
C THR D 104 193.54 -6.70 -56.89
N PRO D 105 194.71 -7.05 -57.47
CA PRO D 105 195.51 -8.14 -56.94
C PRO D 105 196.18 -7.82 -55.60
N ASP D 106 196.30 -6.54 -55.22
CA ASP D 106 196.84 -6.14 -53.94
C ASP D 106 195.77 -6.04 -52.85
N LYS D 107 194.67 -5.32 -53.10
CA LYS D 107 193.64 -5.09 -52.09
C LYS D 107 192.64 -6.24 -51.98
N GLY D 108 192.66 -7.21 -52.90
CA GLY D 108 191.66 -8.27 -52.94
C GLY D 108 190.32 -7.74 -53.42
N VAL D 109 189.21 -8.39 -53.02
CA VAL D 109 187.86 -7.90 -53.32
C VAL D 109 187.38 -7.08 -52.13
N TYR D 110 186.92 -5.84 -52.37
CA TYR D 110 186.52 -4.94 -51.31
C TYR D 110 185.40 -4.01 -51.76
N LYS D 111 184.61 -3.53 -50.81
CA LYS D 111 183.48 -2.66 -51.14
C LYS D 111 183.93 -1.21 -51.20
N THR D 112 183.41 -0.47 -52.19
CA THR D 112 183.70 0.95 -52.36
C THR D 112 182.66 1.81 -51.61
N ASN D 113 182.85 3.13 -51.62
CA ASN D 113 181.88 4.06 -51.01
C ASN D 113 180.69 4.38 -51.94
N THR D 114 180.77 3.99 -53.22
CA THR D 114 179.80 4.43 -54.23
C THR D 114 178.57 3.54 -54.22
N ALA D 115 177.37 4.11 -54.00
CA ALA D 115 176.11 3.37 -54.05
C ALA D 115 175.81 2.85 -55.46
N VAL D 116 175.13 1.70 -55.58
CA VAL D 116 174.86 1.08 -56.88
C VAL D 116 173.91 1.90 -57.77
N THR D 117 173.21 2.87 -57.17
CA THR D 117 172.35 3.80 -57.88
C THR D 117 173.12 4.90 -58.62
N SER D 118 174.34 5.20 -58.16
CA SER D 118 175.29 6.06 -58.84
C SER D 118 176.01 5.29 -59.95
N SER D 119 176.56 6.02 -60.93
CA SER D 119 177.36 5.43 -61.99
C SER D 119 178.62 4.75 -61.43
N GLN D 120 179.07 3.65 -62.05
CA GLN D 120 180.14 2.81 -61.50
C GLN D 120 181.46 3.58 -61.42
N PRO D 121 182.31 3.29 -60.41
CA PRO D 121 183.66 3.85 -60.35
C PRO D 121 184.44 3.63 -61.63
N GLU D 122 185.21 4.66 -62.03
CA GLU D 122 186.10 4.60 -63.19
C GLU D 122 187.45 3.95 -62.88
N SER D 123 187.73 3.68 -61.59
CA SER D 123 188.99 3.15 -61.09
C SER D 123 188.81 2.58 -59.68
N CYS D 124 189.79 1.79 -59.22
CA CYS D 124 189.85 1.21 -57.88
C CYS D 124 190.10 2.29 -56.83
N PRO D 125 189.21 2.50 -55.83
CA PRO D 125 189.50 3.34 -54.67
C PRO D 125 190.64 2.80 -53.78
N PHE E 1 121.99 -11.62 -28.29
CA PHE E 1 122.52 -12.36 -29.48
C PHE E 1 121.36 -13.01 -30.24
N THR E 2 121.32 -12.83 -31.57
CA THR E 2 120.14 -13.14 -32.38
C THR E 2 120.55 -13.75 -33.73
N LEU E 3 119.57 -14.24 -34.51
CA LEU E 3 119.88 -15.03 -35.68
C LEU E 3 120.60 -14.22 -36.77
N ILE E 4 120.30 -12.91 -36.86
CA ILE E 4 120.99 -12.04 -37.80
C ILE E 4 122.47 -11.82 -37.44
N GLU E 5 122.81 -11.69 -36.15
CA GLU E 5 124.21 -11.60 -35.76
C GLU E 5 124.93 -12.90 -36.06
N LEU E 6 124.26 -14.03 -35.82
CA LEU E 6 124.83 -15.33 -36.05
C LEU E 6 125.02 -15.63 -37.54
N LEU E 7 124.12 -15.16 -38.41
CA LEU E 7 124.31 -15.24 -39.86
C LEU E 7 125.46 -14.36 -40.33
N ILE E 8 125.66 -13.16 -39.76
CA ILE E 8 126.82 -12.33 -40.05
C ILE E 8 128.11 -13.04 -39.65
N VAL E 9 128.12 -13.64 -38.47
CA VAL E 9 129.26 -14.40 -37.98
C VAL E 9 129.59 -15.57 -38.92
N ILE E 10 128.58 -16.35 -39.32
CA ILE E 10 128.74 -17.45 -40.28
C ILE E 10 129.27 -16.95 -41.62
N ALA E 11 128.74 -15.82 -42.12
CA ALA E 11 129.18 -15.24 -43.38
C ALA E 11 130.65 -14.81 -43.33
N ILE E 12 131.07 -14.18 -42.24
CA ILE E 12 132.45 -13.73 -42.07
C ILE E 12 133.38 -14.92 -41.85
N ILE E 13 132.97 -15.97 -41.12
CA ILE E 13 133.74 -17.20 -41.01
C ILE E 13 134.01 -17.80 -42.40
N ALA E 14 133.00 -17.85 -43.27
CA ALA E 14 133.14 -18.37 -44.61
C ALA E 14 134.17 -17.57 -45.43
N ILE E 15 134.20 -16.25 -45.26
CA ILE E 15 135.20 -15.38 -45.89
C ILE E 15 136.60 -15.68 -45.34
N LEU E 16 136.79 -15.64 -44.02
CA LEU E 16 138.11 -15.84 -43.44
C LEU E 16 138.65 -17.24 -43.73
N ALA E 17 137.80 -18.26 -43.69
CA ALA E 17 138.18 -19.63 -44.04
C ALA E 17 138.66 -19.77 -45.49
N ALA E 18 138.15 -18.92 -46.39
CA ALA E 18 138.53 -18.95 -47.81
C ALA E 18 139.87 -18.24 -48.08
N VAL E 19 140.19 -17.17 -47.34
CA VAL E 19 141.30 -16.28 -47.69
C VAL E 19 142.54 -16.46 -46.81
N LEU E 20 142.38 -16.91 -45.57
CA LEU E 20 143.50 -16.95 -44.62
C LEU E 20 144.31 -18.25 -44.71
N ILE E 21 144.01 -19.12 -45.68
CA ILE E 21 144.72 -20.38 -45.88
C ILE E 21 145.67 -20.24 -47.07
N PRO E 22 146.99 -20.51 -46.91
CA PRO E 22 147.94 -20.31 -48.01
C PRO E 22 147.85 -21.42 -49.06
N ASN E 23 148.41 -21.15 -50.25
CA ASN E 23 148.62 -22.18 -51.25
C ASN E 23 149.70 -23.13 -50.74
N LEU E 24 149.30 -24.31 -50.25
CA LEU E 24 150.23 -25.26 -49.64
C LEU E 24 151.10 -25.92 -50.71
N LEU E 25 150.53 -26.19 -51.89
CA LEU E 25 151.27 -26.81 -52.99
C LEU E 25 152.46 -25.97 -53.43
N ALA E 26 152.25 -24.66 -53.61
CA ALA E 26 153.29 -23.73 -54.05
C ALA E 26 154.42 -23.63 -53.02
N ALA E 27 154.08 -23.57 -51.73
CA ALA E 27 155.05 -23.57 -50.65
C ALA E 27 155.89 -24.85 -50.64
N ARG E 28 155.25 -26.02 -50.74
CA ARG E 28 155.96 -27.28 -50.74
C ARG E 28 156.84 -27.43 -51.98
N LYS E 29 156.44 -26.95 -53.17
CA LYS E 29 157.29 -26.99 -54.36
C LYS E 29 158.66 -26.36 -54.11
N ARG E 30 158.71 -25.16 -53.50
CA ARG E 30 159.96 -24.46 -53.25
C ARG E 30 160.81 -25.13 -52.18
N ALA E 31 160.18 -25.70 -51.15
CA ALA E 31 160.89 -26.51 -50.17
C ALA E 31 161.46 -27.78 -50.82
N ASN E 32 160.70 -28.46 -51.66
CA ASN E 32 161.15 -29.66 -52.37
C ASN E 32 162.36 -29.39 -53.28
N ASP E 33 162.36 -28.28 -54.03
CA ASP E 33 163.53 -27.90 -54.81
C ASP E 33 164.77 -27.64 -53.94
N THR E 34 164.56 -27.19 -52.70
CA THR E 34 165.64 -26.99 -51.75
C THR E 34 166.24 -28.32 -51.32
N VAL E 35 165.40 -29.35 -51.10
CA VAL E 35 165.86 -30.70 -50.80
C VAL E 35 166.73 -31.23 -51.94
N VAL E 36 166.27 -31.09 -53.19
CA VAL E 36 167.02 -31.57 -54.35
C VAL E 36 168.35 -30.84 -54.46
N THR E 37 168.35 -29.51 -54.33
CA THR E 37 169.56 -28.71 -54.39
C THR E 37 170.54 -29.14 -53.29
N ALA E 38 170.06 -29.30 -52.06
CA ALA E 38 170.88 -29.73 -50.94
C ALA E 38 171.46 -31.12 -51.15
N TYR E 39 170.67 -32.07 -51.67
CA TYR E 39 171.15 -33.42 -51.91
C TYR E 39 172.21 -33.47 -53.01
N LEU E 40 172.03 -32.70 -54.09
CA LEU E 40 173.05 -32.58 -55.11
C LEU E 40 174.33 -31.89 -54.60
N ASN E 41 174.22 -30.86 -53.77
CA ASN E 41 175.39 -30.28 -53.14
C ASN E 41 176.15 -31.30 -52.27
N ASP E 42 175.44 -32.18 -51.57
CA ASP E 42 176.08 -33.26 -50.84
C ASP E 42 176.72 -34.28 -51.78
N ALA E 43 176.01 -34.73 -52.83
CA ALA E 43 176.56 -35.65 -53.81
C ALA E 43 177.85 -35.09 -54.43
N VAL E 44 177.93 -33.78 -54.65
CA VAL E 44 179.13 -33.11 -55.14
C VAL E 44 180.29 -33.18 -54.13
N LYS E 45 180.05 -32.98 -52.83
CA LYS E 45 181.08 -33.16 -51.81
C LYS E 45 181.62 -34.59 -51.83
N PHE E 46 180.73 -35.56 -51.94
CA PHE E 46 181.12 -36.96 -51.93
C PHE E 46 181.79 -37.41 -53.23
N GLN E 47 181.45 -36.82 -54.38
CA GLN E 47 182.22 -37.03 -55.60
C GLN E 47 183.67 -36.56 -55.42
N GLU E 48 183.90 -35.40 -54.80
CA GLU E 48 185.25 -34.95 -54.51
C GLU E 48 185.95 -35.87 -53.50
N MET E 49 185.28 -36.37 -52.48
CA MET E 49 185.89 -37.33 -51.56
C MET E 49 186.24 -38.65 -52.26
N TYR E 50 185.39 -39.14 -53.16
CA TYR E 50 185.71 -40.33 -53.93
C TYR E 50 186.89 -40.09 -54.85
N GLN E 51 186.99 -38.89 -55.42
CA GLN E 51 188.13 -38.46 -56.22
C GLN E 51 189.42 -38.42 -55.40
N ILE E 52 189.38 -38.03 -54.13
CA ILE E 52 190.54 -38.08 -53.22
C ILE E 52 191.06 -39.50 -53.09
N ASP E 53 190.17 -40.48 -52.92
CA ASP E 53 190.55 -41.86 -52.66
C ASP E 53 190.91 -42.65 -53.94
N ASN E 54 190.27 -42.35 -55.08
CA ASN E 54 190.30 -43.22 -56.25
C ASN E 54 190.83 -42.56 -57.53
N ASN E 55 191.13 -41.25 -57.51
CA ASN E 55 191.56 -40.52 -58.69
C ASN E 55 190.59 -40.61 -59.88
N SER E 56 189.29 -40.79 -59.58
CA SER E 56 188.24 -40.88 -60.59
C SER E 56 186.90 -40.56 -59.92
N TYR E 57 185.86 -40.20 -60.67
CA TYR E 57 184.53 -40.03 -60.11
C TYR E 57 183.69 -41.31 -60.16
N THR E 58 182.67 -41.41 -59.30
CA THR E 58 181.82 -42.60 -59.25
C THR E 58 180.76 -42.55 -60.34
N SER E 59 180.28 -43.72 -60.76
CA SER E 59 179.13 -43.69 -61.64
C SER E 59 177.96 -44.23 -60.85
N ASN E 60 178.26 -44.85 -59.70
CA ASN E 60 177.25 -45.51 -58.89
C ASN E 60 177.08 -44.88 -57.50
N GLN E 61 175.83 -44.66 -57.09
CA GLN E 61 175.48 -43.97 -55.87
C GLN E 61 175.96 -44.70 -54.61
N ALA E 62 176.06 -46.04 -54.63
CA ALA E 62 176.43 -46.80 -53.47
C ALA E 62 177.86 -46.51 -52.98
N ALA E 63 178.75 -46.12 -53.89
CA ALA E 63 180.10 -45.69 -53.53
C ALA E 63 180.05 -44.37 -52.75
N LEU E 64 179.22 -43.41 -53.19
CA LEU E 64 179.01 -42.16 -52.46
C LEU E 64 178.38 -42.40 -51.09
N ILE E 65 177.40 -43.30 -51.01
CA ILE E 65 176.75 -43.66 -49.76
C ILE E 65 177.76 -44.30 -48.79
N SER E 66 178.66 -45.14 -49.31
CA SER E 66 179.68 -45.71 -48.45
C SER E 66 180.51 -44.61 -47.78
N LEU E 67 180.91 -43.61 -48.56
CA LEU E 67 181.72 -42.50 -48.08
C LEU E 67 180.98 -41.58 -47.10
N GLY E 68 179.64 -41.58 -47.10
CA GLY E 68 178.87 -40.81 -46.13
C GLY E 68 177.67 -40.05 -46.69
N LEU E 69 177.40 -40.18 -47.98
CA LEU E 69 176.19 -39.55 -48.56
C LEU E 69 174.96 -40.34 -48.12
N LYS E 70 173.92 -39.64 -47.66
CA LYS E 70 172.73 -40.33 -47.09
C LYS E 70 171.83 -40.92 -48.16
N SER E 71 170.85 -41.71 -47.75
CA SER E 71 169.86 -42.31 -48.68
C SER E 71 169.24 -41.21 -49.54
N THR E 72 168.91 -41.50 -50.79
CA THR E 72 168.21 -40.49 -51.62
C THR E 72 166.94 -40.05 -50.89
N PRO E 73 166.65 -38.74 -50.76
CA PRO E 73 165.50 -38.27 -49.98
C PRO E 73 164.15 -38.82 -50.47
N ALA E 74 163.15 -38.90 -49.56
CA ALA E 74 161.83 -39.36 -49.96
C ALA E 74 161.31 -38.55 -51.17
N ASN E 75 160.76 -39.25 -52.17
CA ASN E 75 160.25 -38.69 -53.41
C ASN E 75 161.30 -38.02 -54.32
N VAL E 76 162.58 -38.03 -53.96
CA VAL E 76 163.64 -37.58 -54.86
C VAL E 76 164.19 -38.79 -55.62
N THR E 77 164.16 -38.69 -56.95
CA THR E 77 164.88 -39.61 -57.82
C THR E 77 166.19 -38.96 -58.25
N PHE E 78 167.30 -39.62 -57.94
CA PHE E 78 168.65 -39.17 -58.23
C PHE E 78 169.33 -40.20 -59.13
N SER E 79 170.08 -39.73 -60.13
CA SER E 79 170.88 -40.59 -60.98
C SER E 79 172.23 -39.95 -61.28
N ILE E 80 173.27 -40.78 -61.34
CA ILE E 80 174.53 -40.36 -61.92
C ILE E 80 174.49 -40.80 -63.37
N VAL E 81 174.35 -39.84 -64.27
CA VAL E 81 174.13 -40.08 -65.69
C VAL E 81 175.40 -40.64 -66.33
N SER E 82 176.54 -40.04 -65.99
CA SER E 82 177.84 -40.47 -66.47
C SER E 82 178.94 -40.03 -65.51
N ALA E 83 180.09 -40.70 -65.57
CA ALA E 83 181.26 -40.30 -64.84
C ALA E 83 182.52 -40.84 -65.51
N SER E 84 183.65 -40.18 -65.24
CA SER E 84 184.94 -40.54 -65.80
C SER E 84 186.03 -40.17 -64.79
N ALA E 85 187.29 -40.31 -65.19
CA ALA E 85 188.40 -39.87 -64.36
C ALA E 85 188.36 -38.37 -64.06
N ASN E 86 187.66 -37.58 -64.89
CA ASN E 86 187.81 -36.14 -64.94
C ASN E 86 186.50 -35.35 -64.82
N SER E 87 185.34 -36.01 -64.99
CA SER E 87 184.05 -35.31 -64.96
C SER E 87 182.94 -36.25 -64.49
N TYR E 88 181.80 -35.66 -64.11
CA TYR E 88 180.57 -36.39 -63.85
C TYR E 88 179.39 -35.55 -64.32
N CYS E 89 178.26 -36.21 -64.56
CA CYS E 89 176.98 -35.55 -64.67
C CYS E 89 176.00 -36.27 -63.73
N MET E 90 175.34 -35.53 -62.84
CA MET E 90 174.30 -36.07 -61.96
C MET E 90 173.01 -35.30 -62.19
N ILE E 91 171.87 -36.00 -62.09
CA ILE E 91 170.55 -35.40 -62.27
C ILE E 91 169.71 -35.78 -61.06
N ALA E 92 168.91 -34.84 -60.54
CA ALA E 92 167.98 -35.16 -59.46
C ALA E 92 166.73 -34.30 -59.55
N GLY E 93 165.62 -34.82 -59.03
CA GLY E 93 164.36 -34.09 -59.05
C GLY E 93 163.41 -34.71 -58.04
N HIS E 94 162.51 -33.88 -57.50
CA HIS E 94 161.48 -34.32 -56.58
C HIS E 94 160.17 -34.41 -57.34
N SER E 95 159.38 -35.48 -57.18
CA SER E 95 158.15 -35.65 -57.96
C SER E 95 157.17 -34.48 -57.80
N GLY E 96 157.27 -33.74 -56.68
CA GLY E 96 156.52 -32.52 -56.41
C GLY E 96 157.39 -31.26 -56.28
N GLY E 97 158.54 -31.23 -56.98
CA GLY E 97 159.33 -30.01 -57.16
C GLY E 97 158.85 -29.20 -58.36
N THR E 98 159.71 -28.32 -58.90
CA THR E 98 159.38 -27.60 -60.13
C THR E 98 160.04 -28.25 -61.34
N VAL E 99 161.38 -28.37 -61.32
CA VAL E 99 162.17 -28.84 -62.45
C VAL E 99 163.26 -29.82 -62.02
N TRP E 100 163.80 -30.58 -62.97
CA TRP E 100 165.00 -31.37 -62.74
C TRP E 100 166.21 -30.46 -62.54
N PHE E 101 167.10 -30.86 -61.62
CA PHE E 101 168.37 -30.19 -61.38
C PHE E 101 169.49 -31.06 -61.90
N ALA E 102 170.55 -30.43 -62.37
CA ALA E 102 171.75 -31.10 -62.85
C ALA E 102 172.95 -30.64 -62.03
N ALA E 103 173.96 -31.51 -61.92
CA ALA E 103 175.23 -31.15 -61.31
C ALA E 103 176.39 -31.66 -62.17
N THR E 104 177.38 -30.80 -62.42
CA THR E 104 178.63 -31.13 -63.11
C THR E 104 179.75 -30.38 -62.41
N PRO E 105 181.03 -30.80 -62.51
CA PRO E 105 182.09 -30.13 -61.77
C PRO E 105 182.43 -28.73 -62.29
N ASP E 106 182.03 -28.39 -63.52
CA ASP E 106 182.23 -27.05 -64.06
C ASP E 106 181.06 -26.10 -63.75
N LYS E 107 179.82 -26.52 -64.04
CA LYS E 107 178.66 -25.65 -63.87
C LYS E 107 178.13 -25.63 -62.43
N GLY E 108 178.60 -26.51 -61.55
CA GLY E 108 178.06 -26.64 -60.20
C GLY E 108 176.69 -27.31 -60.23
N VAL E 109 175.85 -27.03 -59.22
CA VAL E 109 174.47 -27.50 -59.19
C VAL E 109 173.57 -26.41 -59.76
N TYR E 110 172.75 -26.75 -60.75
CA TYR E 110 171.91 -25.77 -61.44
C TYR E 110 170.60 -26.39 -61.90
N LYS E 111 169.56 -25.55 -62.05
CA LYS E 111 168.26 -26.05 -62.47
C LYS E 111 168.16 -26.09 -63.99
N THR E 112 167.54 -27.16 -64.51
CA THR E 112 167.32 -27.33 -65.94
C THR E 112 165.97 -26.73 -66.35
N ASN E 113 165.66 -26.77 -67.66
CA ASN E 113 164.36 -26.31 -68.15
C ASN E 113 163.26 -27.38 -68.05
N THR E 114 163.64 -28.64 -67.74
CA THR E 114 162.71 -29.77 -67.81
C THR E 114 161.89 -29.90 -66.53
N ALA E 115 160.55 -29.84 -66.65
CA ALA E 115 159.65 -30.02 -65.50
C ALA E 115 159.74 -31.45 -64.93
N VAL E 116 159.54 -31.61 -63.62
CA VAL E 116 159.67 -32.92 -62.96
C VAL E 116 158.62 -33.95 -63.41
N THR E 117 157.55 -33.46 -64.05
CA THR E 117 156.49 -34.30 -64.62
C THR E 117 156.91 -34.97 -65.94
N SER E 118 157.89 -34.36 -66.65
CA SER E 118 158.54 -34.95 -67.81
C SER E 118 159.63 -35.94 -67.37
N SER E 119 160.00 -36.87 -68.26
CA SER E 119 161.09 -37.80 -68.01
C SER E 119 162.42 -37.07 -67.82
N GLN E 120 163.31 -37.60 -66.96
CA GLN E 120 164.52 -36.89 -66.56
C GLN E 120 165.46 -36.67 -67.74
N PRO E 121 166.23 -35.55 -67.76
CA PRO E 121 167.25 -35.34 -68.78
C PRO E 121 168.23 -36.52 -68.87
N GLU E 122 168.62 -36.84 -70.10
CA GLU E 122 169.61 -37.88 -70.39
C GLU E 122 171.06 -37.38 -70.27
N SER E 123 171.25 -36.06 -70.10
CA SER E 123 172.54 -35.39 -70.05
C SER E 123 172.40 -34.00 -69.42
N CYS E 124 173.53 -33.40 -69.02
CA CYS E 124 173.62 -32.05 -68.48
C CYS E 124 173.34 -31.00 -69.57
N PRO E 125 172.31 -30.13 -69.41
CA PRO E 125 172.12 -28.97 -70.28
C PRO E 125 173.26 -27.93 -70.18
N PHE F 1 111.62 -10.84 -31.66
CA PHE F 1 112.53 -11.92 -31.17
C PHE F 1 111.78 -12.80 -30.17
N THR F 2 111.84 -14.13 -30.34
CA THR F 2 110.97 -15.08 -29.65
C THR F 2 111.73 -16.35 -29.25
N LEU F 3 111.09 -17.23 -28.46
CA LEU F 3 111.82 -18.34 -27.86
C LEU F 3 112.33 -19.34 -28.89
N ILE F 4 111.61 -19.51 -30.00
CA ILE F 4 112.05 -20.37 -31.08
C ILE F 4 113.29 -19.84 -31.81
N GLU F 5 113.40 -18.51 -32.03
CA GLU F 5 114.61 -17.96 -32.62
C GLU F 5 115.79 -18.13 -31.65
N LEU F 6 115.54 -17.94 -30.36
CA LEU F 6 116.56 -18.06 -29.34
C LEU F 6 117.03 -19.52 -29.17
N LEU F 7 116.14 -20.50 -29.30
CA LEU F 7 116.52 -21.90 -29.32
C LEU F 7 117.34 -22.26 -30.57
N ILE F 8 117.02 -21.70 -31.74
CA ILE F 8 117.83 -21.87 -32.94
C ILE F 8 119.23 -21.29 -32.73
N VAL F 9 119.31 -20.10 -32.15
CA VAL F 9 120.58 -19.45 -31.83
C VAL F 9 121.41 -20.31 -30.88
N ILE F 10 120.80 -20.80 -29.79
CA ILE F 10 121.47 -21.71 -28.85
C ILE F 10 121.95 -22.99 -29.53
N ALA F 11 121.13 -23.58 -30.41
CA ALA F 11 121.47 -24.79 -31.13
C ALA F 11 122.68 -24.57 -32.06
N ILE F 12 122.71 -23.45 -32.78
CA ILE F 12 123.81 -23.12 -33.68
C ILE F 12 125.06 -22.74 -32.90
N ILE F 13 124.96 -22.05 -31.76
CA ILE F 13 126.10 -21.81 -30.88
C ILE F 13 126.73 -23.14 -30.45
N ALA F 14 125.92 -24.12 -30.05
CA ALA F 14 126.41 -25.43 -29.64
C ALA F 14 127.19 -26.13 -30.77
N ILE F 15 126.73 -25.99 -32.02
CA ILE F 15 127.43 -26.50 -33.19
C ILE F 15 128.76 -25.78 -33.41
N LEU F 16 128.75 -24.45 -33.48
CA LEU F 16 129.97 -23.71 -33.76
C LEU F 16 131.01 -23.89 -32.64
N ALA F 17 130.58 -23.93 -31.39
CA ALA F 17 131.46 -24.19 -30.25
C ALA F 17 132.14 -25.57 -30.33
N ALA F 18 131.48 -26.55 -30.95
CA ALA F 18 132.02 -27.90 -31.08
C ALA F 18 133.05 -28.02 -32.23
N VAL F 19 132.87 -27.28 -33.34
CA VAL F 19 133.62 -27.51 -34.56
C VAL F 19 134.72 -26.47 -34.84
N LEU F 20 134.57 -25.24 -34.32
CA LEU F 20 135.51 -24.17 -34.66
C LEU F 20 136.73 -24.12 -33.74
N ILE F 21 136.89 -25.10 -32.84
CA ILE F 21 138.02 -25.17 -31.91
C ILE F 21 139.00 -26.24 -32.41
N PRO F 22 140.30 -25.91 -32.63
CA PRO F 22 141.25 -26.88 -33.18
C PRO F 22 141.68 -27.90 -32.13
N ASN F 23 142.26 -29.02 -32.60
CA ASN F 23 142.95 -29.96 -31.73
C ASN F 23 144.23 -29.29 -31.22
N LEU F 24 144.21 -28.82 -29.96
CA LEU F 24 145.34 -28.07 -29.40
C LEU F 24 146.51 -29.01 -29.12
N LEU F 25 146.23 -30.24 -28.69
CA LEU F 25 147.27 -31.22 -28.38
C LEU F 25 148.14 -31.53 -29.61
N ALA F 26 147.51 -31.78 -30.76
CA ALA F 26 148.18 -32.11 -32.00
C ALA F 26 149.07 -30.95 -32.48
N ALA F 27 148.56 -29.71 -32.39
CA ALA F 27 149.32 -28.51 -32.72
C ALA F 27 150.56 -28.37 -31.82
N ARG F 28 150.38 -28.51 -30.51
CA ARG F 28 151.50 -28.39 -29.57
C ARG F 28 152.52 -29.51 -29.77
N LYS F 29 152.14 -30.75 -30.10
CA LYS F 29 153.09 -31.82 -30.39
C LYS F 29 154.10 -31.41 -31.47
N ARG F 30 153.64 -30.84 -32.59
CA ARG F 30 154.51 -30.46 -33.69
C ARG F 30 155.40 -29.26 -33.34
N ALA F 31 154.89 -28.30 -32.56
CA ALA F 31 155.71 -27.23 -32.04
C ALA F 31 156.79 -27.76 -31.07
N ASN F 32 156.43 -28.68 -30.18
CA ASN F 32 157.35 -29.29 -29.23
C ASN F 32 158.49 -30.05 -29.93
N ASP F 33 158.21 -30.82 -30.98
CA ASP F 33 159.25 -31.45 -31.77
C ASP F 33 160.18 -30.44 -32.44
N THR F 34 159.68 -29.25 -32.77
CA THR F 34 160.49 -28.17 -33.33
C THR F 34 161.45 -27.63 -32.27
N VAL F 35 161.01 -27.50 -31.01
CA VAL F 35 161.89 -27.11 -29.91
C VAL F 35 163.02 -28.12 -29.74
N VAL F 36 162.71 -29.41 -29.74
CA VAL F 36 163.72 -30.46 -29.58
C VAL F 36 164.72 -30.43 -30.74
N THR F 37 164.22 -30.33 -31.98
CA THR F 37 165.07 -30.26 -33.15
C THR F 37 165.98 -29.04 -33.09
N ALA F 38 165.44 -27.87 -32.75
CA ALA F 38 166.21 -26.64 -32.63
C ALA F 38 167.28 -26.75 -31.52
N TYR F 39 166.95 -27.32 -30.36
CA TYR F 39 167.90 -27.48 -29.27
C TYR F 39 169.02 -28.44 -29.63
N LEU F 40 168.73 -29.55 -30.31
CA LEU F 40 169.77 -30.44 -30.81
C LEU F 40 170.63 -29.78 -31.88
N ASN F 41 170.06 -29.00 -32.81
CA ASN F 41 170.87 -28.24 -33.76
C ASN F 41 171.81 -27.26 -33.05
N ASP F 42 171.39 -26.62 -31.96
CA ASP F 42 172.27 -25.80 -31.16
C ASP F 42 173.34 -26.63 -30.45
N ALA F 43 172.98 -27.74 -29.80
CA ALA F 43 173.94 -28.61 -29.16
C ALA F 43 175.02 -29.09 -30.15
N VAL F 44 174.64 -29.34 -31.41
CA VAL F 44 175.58 -29.67 -32.48
C VAL F 44 176.55 -28.54 -32.80
N LYS F 45 176.10 -27.28 -32.88
CA LYS F 45 176.98 -26.14 -33.06
C LYS F 45 177.98 -26.04 -31.92
N PHE F 46 177.53 -26.24 -30.68
CA PHE F 46 178.39 -26.14 -29.52
C PHE F 46 179.34 -27.33 -29.39
N GLN F 47 178.96 -28.54 -29.82
CA GLN F 47 179.90 -29.64 -29.92
C GLN F 47 181.05 -29.30 -30.88
N GLU F 48 180.76 -28.68 -32.03
CA GLU F 48 181.83 -28.22 -32.93
C GLU F 48 182.68 -27.13 -32.30
N MET F 49 182.09 -26.18 -31.57
CA MET F 49 182.89 -25.17 -30.88
C MET F 49 183.77 -25.78 -29.78
N TYR F 50 183.28 -26.76 -29.04
CA TYR F 50 184.09 -27.45 -28.05
C TYR F 50 185.22 -28.23 -28.71
N GLN F 51 184.96 -28.82 -29.88
CA GLN F 51 185.95 -29.48 -30.71
C GLN F 51 187.04 -28.51 -31.19
N ILE F 52 186.70 -27.25 -31.52
CA ILE F 52 187.67 -26.21 -31.86
C ILE F 52 188.65 -25.97 -30.71
N ASP F 53 188.14 -25.89 -29.48
CA ASP F 53 188.96 -25.56 -28.32
C ASP F 53 189.73 -26.75 -27.74
N ASN F 54 189.18 -27.97 -27.81
CA ASN F 54 189.67 -29.10 -27.03
C ASN F 54 190.08 -30.31 -27.87
N ASN F 55 189.89 -30.30 -29.19
CA ASN F 55 190.18 -31.43 -30.07
C ASN F 55 189.46 -32.72 -29.65
N SER F 56 188.29 -32.60 -29.01
CA SER F 56 187.47 -33.72 -28.56
C SER F 56 186.04 -33.23 -28.38
N TYR F 57 185.04 -34.13 -28.36
CA TYR F 57 183.67 -33.74 -28.04
C TYR F 57 183.37 -33.86 -26.54
N THR F 58 182.35 -33.13 -26.06
CA THR F 58 181.97 -33.16 -24.66
C THR F 58 181.11 -34.38 -24.34
N SER F 59 181.14 -34.82 -23.08
CA SER F 59 180.18 -35.84 -22.71
C SER F 59 179.18 -35.19 -21.78
N ASN F 60 179.54 -33.99 -21.28
CA ASN F 60 178.73 -33.30 -20.30
C ASN F 60 178.18 -31.96 -20.80
N GLN F 61 176.88 -31.72 -20.55
CA GLN F 61 176.16 -30.57 -21.05
C GLN F 61 176.71 -29.24 -20.51
N ALA F 62 177.27 -29.22 -19.30
CA ALA F 62 177.75 -27.98 -18.69
C ALA F 62 178.90 -27.33 -19.46
N ALA F 63 179.72 -28.13 -20.16
CA ALA F 63 180.75 -27.62 -21.04
C ALA F 63 180.13 -26.89 -22.24
N LEU F 64 179.08 -27.45 -22.84
CA LEU F 64 178.36 -26.80 -23.93
C LEU F 64 177.68 -25.51 -23.44
N ILE F 65 177.07 -25.53 -22.25
CA ILE F 65 176.45 -24.35 -21.67
C ILE F 65 177.50 -23.26 -21.40
N SER F 66 178.69 -23.63 -20.94
CA SER F 66 179.72 -22.63 -20.77
C SER F 66 180.01 -21.90 -22.08
N LEU F 67 180.13 -22.65 -23.17
CA LEU F 67 180.42 -22.10 -24.49
C LEU F 67 179.29 -21.25 -25.06
N GLY F 68 178.05 -21.41 -24.58
CA GLY F 68 176.94 -20.57 -25.00
C GLY F 68 175.62 -21.29 -25.31
N LEU F 69 175.59 -22.62 -25.11
CA LEU F 69 174.31 -23.36 -25.29
C LEU F 69 173.39 -23.04 -24.10
N LYS F 70 172.12 -22.74 -24.37
CA LYS F 70 171.20 -22.31 -23.29
C LYS F 70 170.71 -23.47 -22.44
N SER F 71 170.04 -23.16 -21.34
CA SER F 71 169.46 -24.19 -20.45
C SER F 71 168.60 -25.15 -21.28
N THR F 72 168.55 -26.43 -20.91
CA THR F 72 167.65 -27.37 -21.62
C THR F 72 166.23 -26.80 -21.56
N PRO F 73 165.48 -26.75 -22.68
CA PRO F 73 164.15 -26.13 -22.70
C PRO F 73 163.15 -26.77 -21.71
N ALA F 74 162.14 -26.01 -21.26
CA ALA F 74 161.13 -26.56 -20.37
C ALA F 74 160.51 -27.84 -20.96
N ASN F 75 160.39 -28.88 -20.14
CA ASN F 75 159.87 -30.19 -20.50
C ASN F 75 160.72 -30.98 -21.51
N VAL F 76 161.87 -30.45 -21.96
CA VAL F 76 162.81 -31.23 -22.77
C VAL F 76 163.83 -31.88 -21.85
N THR F 77 163.94 -33.21 -21.96
CA THR F 77 165.04 -33.95 -21.38
C THR F 77 166.08 -34.23 -22.46
N PHE F 78 167.31 -33.77 -22.22
CA PHE F 78 168.43 -33.90 -23.14
C PHE F 78 169.54 -34.68 -22.45
N SER F 79 170.19 -35.60 -23.17
CA SER F 79 171.35 -36.31 -22.67
C SER F 79 172.42 -36.45 -23.75
N ILE F 80 173.68 -36.35 -23.35
CA ILE F 80 174.77 -36.78 -24.20
C ILE F 80 175.08 -38.22 -23.80
N VAL F 81 174.71 -39.16 -24.67
CA VAL F 81 174.77 -40.58 -24.39
C VAL F 81 176.24 -41.05 -24.34
N SER F 82 177.04 -40.58 -25.31
CA SER F 82 178.46 -40.89 -25.36
C SER F 82 179.18 -39.80 -26.15
N ALA F 83 180.49 -39.70 -25.93
CA ALA F 83 181.35 -38.83 -26.72
C ALA F 83 182.79 -39.33 -26.67
N SER F 84 183.57 -38.94 -27.69
CA SER F 84 184.96 -39.32 -27.82
C SER F 84 185.71 -38.19 -28.53
N ALA F 85 186.98 -38.42 -28.86
CA ALA F 85 187.75 -37.47 -29.65
C ALA F 85 187.14 -37.23 -31.04
N ASN F 86 186.31 -38.16 -31.54
CA ASN F 86 185.95 -38.22 -32.95
C ASN F 86 184.43 -38.29 -33.21
N SER F 87 183.63 -38.59 -32.18
CA SER F 87 182.18 -38.73 -32.37
C SER F 87 181.41 -38.39 -31.09
N TYR F 88 180.11 -38.17 -31.23
CA TYR F 88 179.19 -38.05 -30.10
C TYR F 88 177.86 -38.69 -30.48
N CYS F 89 177.08 -39.05 -29.46
CA CYS F 89 175.67 -39.32 -29.62
C CYS F 89 174.91 -38.51 -28.57
N MET F 90 173.91 -37.73 -29.02
CA MET F 90 173.04 -36.98 -28.12
C MET F 90 171.59 -37.38 -28.39
N ILE F 91 170.77 -37.41 -27.33
CA ILE F 91 169.36 -37.77 -27.42
C ILE F 91 168.56 -36.67 -26.74
N ALA F 92 167.42 -36.27 -27.33
CA ALA F 92 166.54 -35.31 -26.67
C ALA F 92 165.09 -35.59 -27.03
N GLY F 93 164.18 -35.19 -26.15
CA GLY F 93 162.76 -35.39 -26.38
C GLY F 93 161.97 -34.49 -25.43
N HIS F 94 160.77 -34.10 -25.87
CA HIS F 94 159.86 -33.29 -25.08
C HIS F 94 158.77 -34.20 -24.55
N SER F 95 158.41 -34.13 -23.26
CA SER F 95 157.42 -35.05 -22.69
C SER F 95 156.07 -35.04 -23.42
N GLY F 96 155.77 -33.95 -24.13
CA GLY F 96 154.61 -33.80 -24.99
C GLY F 96 154.94 -33.61 -26.47
N GLY F 97 156.08 -34.15 -26.94
CA GLY F 97 156.40 -34.25 -28.35
C GLY F 97 155.83 -35.54 -28.96
N THR F 98 156.37 -35.97 -30.10
CA THR F 98 155.97 -37.25 -30.68
C THR F 98 156.96 -38.36 -30.34
N VAL F 99 158.25 -38.17 -30.69
CA VAL F 99 159.30 -39.19 -30.57
C VAL F 99 160.59 -38.59 -30.04
N TRP F 100 161.48 -39.44 -29.52
CA TRP F 100 162.85 -39.04 -29.22
C TRP F 100 163.62 -38.71 -30.49
N PHE F 101 164.46 -37.67 -30.42
CA PHE F 101 165.36 -37.30 -31.49
C PHE F 101 166.79 -37.64 -31.08
N ALA F 102 167.61 -38.00 -32.07
CA ALA F 102 169.01 -38.31 -31.87
C ALA F 102 169.87 -37.36 -32.72
N ALA F 103 171.09 -37.10 -32.27
CA ALA F 103 172.07 -36.34 -33.04
C ALA F 103 173.43 -37.04 -32.99
N THR F 104 174.06 -37.18 -34.16
CA THR F 104 175.43 -37.70 -34.31
C THR F 104 176.11 -36.89 -35.39
N PRO F 105 177.45 -36.82 -35.45
CA PRO F 105 178.10 -35.97 -36.44
C PRO F 105 177.99 -36.47 -37.88
N ASP F 106 177.65 -37.75 -38.09
CA ASP F 106 177.42 -38.30 -39.42
C ASP F 106 175.97 -38.17 -39.87
N LYS F 107 175.00 -38.58 -39.05
CA LYS F 107 173.59 -38.59 -39.45
C LYS F 107 172.91 -37.23 -39.25
N GLY F 108 173.57 -36.28 -38.58
CA GLY F 108 172.94 -35.01 -38.25
C GLY F 108 171.91 -35.19 -37.13
N VAL F 109 170.90 -34.29 -37.06
CA VAL F 109 169.79 -34.43 -36.13
C VAL F 109 168.65 -35.15 -36.84
N TYR F 110 168.12 -36.22 -36.25
CA TYR F 110 167.08 -37.04 -36.89
C TYR F 110 166.15 -37.64 -35.85
N LYS F 111 164.92 -37.94 -36.27
CA LYS F 111 163.93 -38.50 -35.35
C LYS F 111 164.06 -40.03 -35.31
N THR F 112 163.93 -40.59 -34.10
CA THR F 112 163.97 -42.03 -33.88
C THR F 112 162.55 -42.62 -33.96
N ASN F 113 162.45 -43.96 -33.86
CA ASN F 113 161.15 -44.63 -33.82
C ASN F 113 160.50 -44.63 -32.44
N THR F 114 161.25 -44.25 -31.39
CA THR F 114 160.81 -44.41 -30.00
C THR F 114 159.92 -43.24 -29.56
N ALA F 115 158.68 -43.52 -29.14
CA ALA F 115 157.77 -42.49 -28.63
C ALA F 115 158.29 -41.88 -27.31
N VAL F 116 158.00 -40.59 -27.06
CA VAL F 116 158.49 -39.89 -25.87
C VAL F 116 157.95 -40.44 -24.55
N THR F 117 156.87 -41.23 -24.63
CA THR F 117 156.26 -41.90 -23.48
C THR F 117 157.06 -43.13 -23.04
N SER F 118 157.83 -43.73 -23.96
CA SER F 118 158.79 -44.78 -23.67
C SER F 118 160.09 -44.18 -23.12
N SER F 119 160.88 -45.00 -22.40
CA SER F 119 162.19 -44.59 -21.91
C SER F 119 163.13 -44.24 -23.08
N GLN F 120 164.04 -43.27 -22.88
CA GLN F 120 164.86 -42.75 -23.96
C GLN F 120 165.80 -43.80 -24.53
N PRO F 121 166.11 -43.75 -25.85
CA PRO F 121 167.12 -44.63 -26.44
C PRO F 121 168.45 -44.57 -25.68
N GLU F 122 169.08 -45.74 -25.54
CA GLU F 122 170.40 -45.87 -24.93
C GLU F 122 171.55 -45.58 -25.92
N SER F 123 171.23 -45.43 -27.21
CA SER F 123 172.19 -45.23 -28.30
C SER F 123 171.49 -44.66 -29.53
N CYS F 124 172.27 -44.14 -30.49
CA CYS F 124 171.80 -43.63 -31.77
C CYS F 124 171.30 -44.77 -32.67
N PRO F 125 170.02 -44.77 -33.11
CA PRO F 125 169.55 -45.70 -34.16
C PRO F 125 170.21 -45.47 -35.53
N PHE G 1 102.20 -15.50 -28.73
CA PHE G 1 103.36 -14.87 -28.04
C PHE G 1 102.85 -13.95 -26.93
N THR G 2 103.41 -14.07 -25.71
CA THR G 2 102.86 -13.46 -24.50
C THR G 2 103.96 -12.95 -23.58
N LEU G 3 103.59 -12.22 -22.52
CA LEU G 3 104.57 -11.50 -21.73
C LEU G 3 105.54 -12.44 -21.00
N ILE G 4 105.07 -13.62 -20.60
CA ILE G 4 105.93 -14.62 -19.96
C ILE G 4 106.98 -15.20 -20.93
N GLU G 5 106.63 -15.45 -22.20
CA GLU G 5 107.63 -15.88 -23.17
C GLU G 5 108.66 -14.77 -23.42
N LEU G 6 108.19 -13.53 -23.47
CA LEU G 6 109.05 -12.39 -23.71
C LEU G 6 109.98 -12.12 -22.52
N LEU G 7 109.53 -12.34 -21.28
CA LEU G 7 110.39 -12.27 -20.10
C LEU G 7 111.43 -13.39 -20.10
N ILE G 8 111.08 -14.61 -20.52
CA ILE G 8 112.05 -15.69 -20.68
C ILE G 8 113.11 -15.32 -21.71
N VAL G 9 112.68 -14.77 -22.85
CA VAL G 9 113.58 -14.32 -23.90
C VAL G 9 114.54 -13.24 -23.38
N ILE G 10 114.03 -12.23 -22.67
CA ILE G 10 114.84 -11.18 -22.05
C ILE G 10 115.82 -11.76 -21.03
N ALA G 11 115.39 -12.71 -20.21
CA ALA G 11 116.23 -13.36 -19.22
C ALA G 11 117.39 -14.13 -19.87
N ILE G 12 117.10 -14.87 -20.94
CA ILE G 12 118.12 -15.65 -21.65
C ILE G 12 119.05 -14.72 -22.44
N ILE G 13 118.55 -13.62 -23.04
CA ILE G 13 119.42 -12.61 -23.65
C ILE G 13 120.42 -12.07 -22.63
N ALA G 14 119.98 -11.75 -21.41
CA ALA G 14 120.84 -11.24 -20.35
C ALA G 14 121.95 -12.25 -20.00
N ILE G 15 121.64 -13.55 -19.99
CA ILE G 15 122.61 -14.61 -19.78
C ILE G 15 123.62 -14.68 -20.93
N LEU G 16 123.15 -14.79 -22.17
CA LEU G 16 124.05 -14.93 -23.31
C LEU G 16 124.93 -13.69 -23.50
N ALA G 17 124.39 -12.49 -23.28
CA ALA G 17 125.15 -11.25 -23.33
C ALA G 17 126.28 -11.20 -22.29
N ALA G 18 126.10 -11.87 -21.14
CA ALA G 18 127.10 -11.91 -20.08
C ALA G 18 128.23 -12.91 -20.36
N VAL G 19 127.94 -14.05 -21.00
CA VAL G 19 128.88 -15.16 -21.09
C VAL G 19 129.56 -15.33 -22.45
N LEU G 20 128.92 -14.86 -23.53
CA LEU G 20 129.44 -15.11 -24.88
C LEU G 20 130.44 -14.05 -25.35
N ILE G 21 130.83 -13.11 -24.47
CA ILE G 21 131.78 -12.05 -24.79
C ILE G 21 133.13 -12.39 -24.15
N PRO G 22 134.25 -12.46 -24.92
CA PRO G 22 135.54 -12.85 -24.37
C PRO G 22 136.17 -11.73 -23.55
N ASN G 23 137.17 -12.10 -22.72
CA ASN G 23 138.03 -11.12 -22.07
C ASN G 23 138.91 -10.48 -23.15
N LEU G 24 138.57 -9.24 -23.56
CA LEU G 24 139.27 -8.57 -24.64
C LEU G 24 140.65 -8.11 -24.18
N LEU G 25 140.78 -7.68 -22.92
CA LEU G 25 142.05 -7.22 -22.38
C LEU G 25 143.12 -8.32 -22.42
N ALA G 26 142.76 -9.54 -21.98
CA ALA G 26 143.67 -10.68 -21.95
C ALA G 26 144.14 -11.07 -23.36
N ALA G 27 143.22 -11.09 -24.32
CA ALA G 27 143.53 -11.34 -25.72
C ALA G 27 144.51 -10.30 -26.27
N ARG G 28 144.24 -9.01 -26.06
CA ARG G 28 145.11 -7.95 -26.55
C ARG G 28 146.48 -7.99 -25.87
N LYS G 29 146.61 -8.33 -24.58
CA LYS G 29 147.91 -8.47 -23.93
C LYS G 29 148.84 -9.43 -24.69
N ARG G 30 148.35 -10.60 -25.09
CA ARG G 30 149.15 -11.60 -25.78
C ARG G 30 149.51 -11.18 -27.21
N ALA G 31 148.60 -10.50 -27.90
CA ALA G 31 148.91 -9.91 -29.19
C ALA G 31 149.96 -8.79 -29.06
N ASN G 32 149.85 -7.93 -28.06
CA ASN G 32 150.80 -6.86 -27.80
C ASN G 32 152.21 -7.39 -27.51
N ASP G 33 152.36 -8.44 -26.71
CA ASP G 33 153.64 -9.08 -26.50
C ASP G 33 154.24 -9.66 -27.79
N THR G 34 153.39 -10.08 -28.73
CA THR G 34 153.83 -10.56 -30.04
C THR G 34 154.39 -9.40 -30.86
N VAL G 35 153.79 -8.22 -30.81
CA VAL G 35 154.31 -7.02 -31.46
C VAL G 35 155.70 -6.68 -30.93
N VAL G 36 155.87 -6.68 -29.60
CA VAL G 36 157.16 -6.38 -28.98
C VAL G 36 158.21 -7.40 -29.40
N THR G 37 157.88 -8.70 -29.33
CA THR G 37 158.78 -9.76 -29.73
C THR G 37 159.19 -9.61 -31.20
N ALA G 38 158.23 -9.38 -32.09
CA ALA G 38 158.49 -9.18 -33.50
C ALA G 38 159.37 -7.96 -33.76
N TYR G 39 159.13 -6.83 -33.08
CA TYR G 39 159.92 -5.64 -33.26
C TYR G 39 161.36 -5.81 -32.77
N LEU G 40 161.56 -6.50 -31.64
CA LEU G 40 162.91 -6.83 -31.19
C LEU G 40 163.60 -7.82 -32.13
N ASN G 41 162.91 -8.82 -32.67
CA ASN G 41 163.51 -9.67 -33.69
C ASN G 41 163.95 -8.89 -34.93
N ASP G 42 163.18 -7.87 -35.35
CA ASP G 42 163.61 -7.00 -36.43
C ASP G 42 164.80 -6.13 -36.02
N ALA G 43 164.78 -5.52 -34.83
CA ALA G 43 165.91 -4.73 -34.35
C ALA G 43 167.20 -5.56 -34.32
N VAL G 44 167.10 -6.85 -33.97
CA VAL G 44 168.22 -7.78 -34.02
C VAL G 44 168.76 -8.01 -35.43
N LYS G 45 167.90 -8.18 -36.44
CA LYS G 45 168.33 -8.28 -37.83
C LYS G 45 169.09 -7.03 -38.25
N PHE G 46 168.57 -5.86 -37.89
CA PHE G 46 169.19 -4.59 -38.26
C PHE G 46 170.47 -4.31 -37.48
N GLN G 47 170.60 -4.75 -36.23
CA GLN G 47 171.88 -4.71 -35.53
C GLN G 47 172.94 -5.52 -36.30
N GLU G 48 172.62 -6.72 -36.78
CA GLU G 48 173.54 -7.49 -37.61
C GLU G 48 173.85 -6.79 -38.93
N MET G 49 172.88 -6.15 -39.59
CA MET G 49 173.18 -5.40 -40.80
C MET G 49 174.08 -4.19 -40.53
N TYR G 50 173.87 -3.49 -39.41
CA TYR G 50 174.75 -2.39 -39.05
C TYR G 50 176.15 -2.88 -38.75
N GLN G 51 176.27 -4.05 -38.12
CA GLN G 51 177.53 -4.74 -37.87
C GLN G 51 178.24 -5.10 -39.18
N ILE G 52 177.52 -5.50 -40.24
CA ILE G 52 178.11 -5.76 -41.55
C ILE G 52 178.77 -4.50 -42.11
N ASP G 53 178.12 -3.34 -41.99
CA ASP G 53 178.60 -2.10 -42.56
C ASP G 53 179.67 -1.39 -41.71
N ASN G 54 179.62 -1.50 -40.38
CA ASN G 54 180.36 -0.63 -39.47
C ASN G 54 181.30 -1.38 -38.50
N ASN G 55 181.27 -2.71 -38.48
CA ASN G 55 182.06 -3.52 -37.54
C ASN G 55 181.80 -3.16 -36.07
N SER G 56 180.59 -2.67 -35.76
CA SER G 56 180.18 -2.30 -34.40
C SER G 56 178.66 -2.31 -34.35
N TYR G 57 178.04 -2.39 -33.15
CA TYR G 57 176.60 -2.25 -33.02
C TYR G 57 176.17 -0.80 -32.77
N THR G 58 174.92 -0.48 -33.08
CA THR G 58 174.39 0.87 -32.89
C THR G 58 173.99 1.11 -31.44
N SER G 59 174.01 2.37 -31.02
CA SER G 59 173.44 2.64 -29.71
C SER G 59 172.16 3.42 -29.95
N ASN G 60 172.01 3.93 -31.18
CA ASN G 60 170.89 4.80 -31.52
C ASN G 60 169.96 4.18 -32.59
N GLN G 61 168.66 4.27 -32.34
CA GLN G 61 167.63 3.65 -33.17
C GLN G 61 167.60 4.21 -34.59
N ALA G 62 167.95 5.49 -34.79
CA ALA G 62 167.87 6.12 -36.10
C ALA G 62 168.80 5.48 -37.13
N ALA G 63 169.94 4.91 -36.69
CA ALA G 63 170.82 4.16 -37.56
C ALA G 63 170.14 2.87 -38.04
N LEU G 64 169.46 2.15 -37.15
CA LEU G 64 168.68 0.96 -37.52
C LEU G 64 167.53 1.33 -38.48
N ILE G 65 166.83 2.43 -38.22
CA ILE G 65 165.76 2.90 -39.08
C ILE G 65 166.30 3.26 -40.47
N SER G 66 167.49 3.88 -40.54
CA SER G 66 168.06 4.16 -41.85
C SER G 66 168.23 2.87 -42.66
N LEU G 67 168.75 1.81 -42.02
CA LEU G 67 168.99 0.54 -42.66
C LEU G 67 167.71 -0.19 -43.07
N GLY G 68 166.56 0.14 -42.46
CA GLY G 68 165.29 -0.44 -42.86
C GLY G 68 164.36 -0.89 -41.72
N LEU G 69 164.77 -0.66 -40.47
CA LEU G 69 163.88 -0.98 -39.32
C LEU G 69 162.77 0.07 -39.26
N LYS G 70 161.53 -0.37 -39.09
CA LYS G 70 160.38 0.57 -39.15
C LYS G 70 160.24 1.40 -37.87
N SER G 71 159.36 2.40 -37.90
CA SER G 71 159.07 3.23 -36.71
C SER G 71 158.73 2.33 -35.53
N THR G 72 159.09 2.72 -34.31
CA THR G 72 158.68 1.92 -33.12
C THR G 72 157.16 1.80 -33.14
N PRO G 73 156.58 0.59 -32.95
CA PRO G 73 155.13 0.39 -33.04
C PRO G 73 154.32 1.26 -32.07
N ALA G 74 153.06 1.56 -32.42
CA ALA G 74 152.21 2.32 -31.53
C ALA G 74 152.17 1.69 -30.13
N ASN G 75 152.32 2.53 -29.09
CA ASN G 75 152.36 2.14 -27.68
C ASN G 75 153.54 1.27 -27.27
N VAL G 76 154.48 0.95 -28.18
CA VAL G 76 155.73 0.28 -27.81
C VAL G 76 156.79 1.34 -27.55
N THR G 77 157.38 1.28 -26.35
CA THR G 77 158.59 2.01 -26.04
C THR G 77 159.78 1.08 -26.17
N PHE G 78 160.73 1.47 -27.04
CA PHE G 78 161.93 0.70 -27.33
C PHE G 78 163.15 1.55 -26.98
N SER G 79 164.16 0.93 -26.38
CA SER G 79 165.43 1.61 -26.12
C SER G 79 166.60 0.66 -26.39
N ILE G 80 167.70 1.21 -26.92
CA ILE G 80 168.96 0.53 -26.93
C ILE G 80 169.70 0.99 -25.68
N VAL G 81 169.81 0.12 -24.69
CA VAL G 81 170.35 0.43 -23.39
C VAL G 81 171.85 0.68 -23.47
N SER G 82 172.55 -0.18 -24.21
CA SER G 82 173.98 -0.06 -24.43
C SER G 82 174.37 -0.78 -25.73
N ALA G 83 175.52 -0.40 -26.28
CA ALA G 83 176.11 -1.10 -27.41
C ALA G 83 177.61 -0.85 -27.46
N SER G 84 178.31 -1.77 -28.13
CA SER G 84 179.76 -1.72 -28.28
C SER G 84 180.14 -2.37 -29.60
N ALA G 85 181.44 -2.53 -29.85
CA ALA G 85 181.91 -3.24 -31.03
C ALA G 85 181.43 -4.70 -31.07
N ASN G 86 181.05 -5.27 -29.91
CA ASN G 86 180.92 -6.71 -29.75
C ASN G 86 179.59 -7.15 -29.15
N SER G 87 178.80 -6.24 -28.56
CA SER G 87 177.55 -6.59 -27.91
C SER G 87 176.55 -5.44 -27.94
N TYR G 88 175.28 -5.74 -27.68
CA TYR G 88 174.24 -4.75 -27.44
C TYR G 88 173.29 -5.26 -26.37
N CYS G 89 172.57 -4.34 -25.74
CA CYS G 89 171.39 -4.67 -24.98
C CYS G 89 170.26 -3.75 -25.45
N MET G 90 169.12 -4.34 -25.84
CA MET G 90 167.92 -3.58 -26.20
C MET G 90 166.77 -4.01 -25.31
N ILE G 91 165.88 -3.07 -24.97
CA ILE G 91 164.71 -3.33 -24.14
C ILE G 91 163.49 -2.78 -24.86
N ALA G 92 162.38 -3.52 -24.84
CA ALA G 92 161.14 -3.01 -25.40
C ALA G 92 159.94 -3.54 -24.64
N GLY G 93 158.83 -2.79 -24.67
CA GLY G 93 157.62 -3.18 -23.98
C GLY G 93 156.45 -2.37 -24.51
N HIS G 94 155.26 -2.97 -24.47
CA HIS G 94 154.02 -2.32 -24.88
C HIS G 94 153.28 -1.90 -23.62
N SER G 95 152.75 -0.67 -23.54
CA SER G 95 152.09 -0.20 -22.32
C SER G 95 150.94 -1.10 -21.86
N GLY G 96 150.35 -1.87 -22.79
CA GLY G 96 149.34 -2.88 -22.51
C GLY G 96 149.76 -4.31 -22.86
N GLY G 97 151.07 -4.61 -22.77
CA GLY G 97 151.58 -5.97 -22.80
C GLY G 97 151.58 -6.60 -21.41
N THR G 98 152.40 -7.66 -21.22
CA THR G 98 152.55 -8.26 -19.89
C THR G 98 153.83 -7.76 -19.20
N VAL G 99 154.99 -7.95 -19.85
CA VAL G 99 156.30 -7.67 -19.27
C VAL G 99 157.22 -6.99 -20.29
N TRP G 100 158.29 -6.35 -19.80
CA TRP G 100 159.37 -5.88 -20.65
C TRP G 100 160.12 -7.07 -21.27
N PHE G 101 160.53 -6.92 -22.52
CA PHE G 101 161.37 -7.88 -23.23
C PHE G 101 162.75 -7.28 -23.40
N ALA G 102 163.76 -8.15 -23.38
CA ALA G 102 165.15 -7.77 -23.59
C ALA G 102 165.70 -8.53 -24.80
N ALA G 103 166.69 -7.93 -25.47
CA ALA G 103 167.42 -8.60 -26.53
C ALA G 103 168.92 -8.37 -26.38
N THR G 104 169.71 -9.43 -26.50
CA THR G 104 171.17 -9.39 -26.50
C THR G 104 171.65 -10.41 -27.53
N PRO G 105 172.88 -10.30 -28.07
CA PRO G 105 173.30 -11.22 -29.12
C PRO G 105 173.56 -12.66 -28.64
N ASP G 106 173.73 -12.87 -27.32
CA ASP G 106 173.89 -14.20 -26.75
C ASP G 106 172.55 -14.85 -26.36
N LYS G 107 171.70 -14.13 -25.61
CA LYS G 107 170.45 -14.70 -25.12
C LYS G 107 169.31 -14.63 -26.13
N GLY G 108 169.49 -13.91 -27.24
CA GLY G 108 168.41 -13.68 -28.20
C GLY G 108 167.38 -12.71 -27.65
N VAL G 109 166.12 -12.80 -28.11
CA VAL G 109 165.02 -12.00 -27.57
C VAL G 109 164.31 -12.84 -26.52
N TYR G 110 164.13 -12.29 -25.31
CA TYR G 110 163.55 -13.03 -24.20
C TYR G 110 162.77 -12.09 -23.27
N LYS G 111 161.78 -12.65 -22.55
CA LYS G 111 160.96 -11.85 -21.67
C LYS G 111 161.61 -11.75 -20.29
N THR G 112 161.54 -10.55 -19.69
CA THR G 112 162.06 -10.29 -18.36
C THR G 112 160.97 -10.53 -17.30
N ASN G 113 161.34 -10.40 -16.01
CA ASN G 113 160.37 -10.52 -14.92
C ASN G 113 159.60 -9.22 -14.66
N THR G 114 160.01 -8.10 -15.26
CA THR G 114 159.49 -6.77 -14.93
C THR G 114 158.20 -6.48 -15.69
N ALA G 115 157.09 -6.22 -14.98
CA ALA G 115 155.83 -5.84 -15.61
C ALA G 115 155.91 -4.50 -16.34
N VAL G 116 155.15 -4.32 -17.42
CA VAL G 116 155.22 -3.09 -18.24
C VAL G 116 154.73 -1.84 -17.51
N THR G 117 154.03 -2.03 -16.38
CA THR G 117 153.56 -0.95 -15.52
C THR G 117 154.68 -0.38 -14.65
N SER G 118 155.72 -1.18 -14.37
CA SER G 118 156.96 -0.74 -13.74
C SER G 118 157.87 -0.05 -14.74
N SER G 119 158.80 0.79 -14.25
CA SER G 119 159.81 1.42 -15.10
C SER G 119 160.71 0.38 -15.77
N GLN G 120 161.17 0.66 -17.00
CA GLN G 120 161.89 -0.32 -17.81
C GLN G 120 163.20 -0.73 -17.18
N PRO G 121 163.65 -2.00 -17.35
CA PRO G 121 164.96 -2.44 -16.91
C PRO G 121 166.08 -1.53 -17.42
N GLU G 122 167.07 -1.28 -16.56
CA GLU G 122 168.26 -0.50 -16.90
C GLU G 122 169.33 -1.34 -17.59
N SER G 123 169.15 -2.68 -17.65
CA SER G 123 170.10 -3.63 -18.20
C SER G 123 169.41 -4.97 -18.50
N CYS G 124 170.06 -5.83 -19.29
CA CYS G 124 169.61 -7.17 -19.61
C CYS G 124 169.68 -8.09 -18.39
N PRO G 125 168.54 -8.69 -17.94
CA PRO G 125 168.57 -9.76 -16.93
C PRO G 125 169.28 -11.05 -17.40
N PHE H 1 94.79 -13.67 -20.93
CA PHE H 1 95.54 -12.85 -21.91
C PHE H 1 94.61 -11.84 -22.57
N THR H 2 95.01 -10.56 -22.63
CA THR H 2 94.13 -9.45 -22.98
C THR H 2 94.85 -8.41 -23.84
N LEU H 3 94.11 -7.43 -24.37
CA LEU H 3 94.65 -6.54 -25.38
C LEU H 3 95.80 -5.66 -24.84
N ILE H 4 95.73 -5.30 -23.56
CA ILE H 4 96.80 -4.53 -22.93
C ILE H 4 98.10 -5.34 -22.78
N GLU H 5 98.03 -6.63 -22.45
CA GLU H 5 99.23 -7.46 -22.41
C GLU H 5 99.82 -7.60 -23.82
N LEU H 6 98.95 -7.76 -24.81
CA LEU H 6 99.37 -7.91 -26.19
C LEU H 6 99.98 -6.62 -26.76
N LEU H 7 99.48 -5.44 -26.37
CA LEU H 7 100.10 -4.17 -26.72
C LEU H 7 101.47 -4.00 -26.04
N ILE H 8 101.64 -4.43 -24.79
CA ILE H 8 102.93 -4.42 -24.12
C ILE H 8 103.91 -5.33 -24.87
N VAL H 9 103.48 -6.53 -25.25
CA VAL H 9 104.27 -7.47 -26.02
C VAL H 9 104.71 -6.86 -27.35
N ILE H 10 103.78 -6.26 -28.10
CA ILE H 10 104.08 -5.57 -29.35
C ILE H 10 105.07 -4.42 -29.15
N ALA H 11 104.90 -3.63 -28.09
CA ALA H 11 105.79 -2.53 -27.77
C ALA H 11 107.21 -3.01 -27.48
N ILE H 12 107.35 -4.08 -26.70
CA ILE H 12 108.66 -4.64 -26.36
C ILE H 12 109.29 -5.32 -27.57
N ILE H 13 108.52 -6.01 -28.42
CA ILE H 13 109.04 -6.53 -29.69
C ILE H 13 109.63 -5.41 -30.54
N ALA H 14 108.96 -4.27 -30.65
CA ALA H 14 109.44 -3.13 -31.41
C ALA H 14 110.78 -2.61 -30.88
N ILE H 15 110.95 -2.60 -29.54
CA ILE H 15 112.20 -2.24 -28.89
C ILE H 15 113.31 -3.25 -29.22
N LEU H 16 113.07 -4.54 -28.97
CA LEU H 16 114.10 -5.55 -29.18
C LEU H 16 114.50 -5.66 -30.65
N ALA H 17 113.54 -5.54 -31.58
CA ALA H 17 113.81 -5.53 -33.01
C ALA H 17 114.70 -4.36 -33.44
N ALA H 18 114.63 -3.23 -32.73
CA ALA H 18 115.43 -2.05 -33.03
C ALA H 18 116.87 -2.16 -32.51
N VAL H 19 117.09 -2.80 -31.35
CA VAL H 19 118.38 -2.73 -30.65
C VAL H 19 119.22 -3.99 -30.77
N LEU H 20 118.62 -5.16 -30.98
CA LEU H 20 119.36 -6.41 -30.97
C LEU H 20 119.96 -6.79 -32.32
N ILE H 21 119.87 -5.90 -33.33
CA ILE H 21 120.41 -6.13 -34.65
C ILE H 21 121.71 -5.31 -34.81
N PRO H 22 122.86 -5.93 -35.17
CA PRO H 22 124.12 -5.21 -35.25
C PRO H 22 124.21 -4.35 -36.51
N ASN H 23 125.14 -3.40 -36.51
CA ASN H 23 125.52 -2.67 -37.72
C ASN H 23 126.24 -3.64 -38.65
N LEU H 24 125.53 -4.13 -39.69
CA LEU H 24 126.08 -5.13 -40.59
C LEU H 24 127.14 -4.52 -41.51
N LEU H 25 126.94 -3.26 -41.93
CA LEU H 25 127.89 -2.58 -42.80
C LEU H 25 129.27 -2.45 -42.16
N ALA H 26 129.32 -2.03 -40.89
CA ALA H 26 130.57 -1.85 -40.15
C ALA H 26 131.32 -3.17 -39.97
N ALA H 27 130.59 -4.24 -39.66
CA ALA H 27 131.15 -5.59 -39.55
C ALA H 27 131.76 -6.04 -40.88
N ARG H 28 131.01 -5.91 -41.98
CA ARG H 28 131.51 -6.30 -43.29
C ARG H 28 132.70 -5.47 -43.74
N LYS H 29 132.78 -4.16 -43.43
CA LYS H 29 133.95 -3.34 -43.76
C LYS H 29 135.24 -3.95 -43.21
N ARG H 30 135.27 -4.37 -41.95
CA ARG H 30 136.46 -4.93 -41.31
C ARG H 30 136.82 -6.31 -41.87
N ALA H 31 135.82 -7.14 -42.19
CA ALA H 31 136.05 -8.39 -42.88
C ALA H 31 136.62 -8.16 -44.29
N ASN H 32 136.08 -7.20 -45.03
CA ASN H 32 136.55 -6.85 -46.38
C ASN H 32 138.00 -6.38 -46.37
N ASP H 33 138.40 -5.54 -45.43
CA ASP H 33 139.80 -5.15 -45.30
C ASP H 33 140.72 -6.33 -44.99
N THR H 34 140.21 -7.37 -44.31
CA THR H 34 140.95 -8.59 -44.05
C THR H 34 141.17 -9.37 -45.34
N VAL H 35 140.18 -9.43 -46.23
CA VAL H 35 140.32 -10.05 -47.54
C VAL H 35 141.42 -9.35 -48.35
N VAL H 36 141.40 -8.02 -48.39
CA VAL H 36 142.40 -7.25 -49.11
C VAL H 36 143.80 -7.49 -48.55
N THR H 37 143.94 -7.43 -47.22
CA THR H 37 145.21 -7.68 -46.56
C THR H 37 145.72 -9.09 -46.88
N ALA H 38 144.86 -10.10 -46.76
CA ALA H 38 145.21 -11.48 -47.06
C ALA H 38 145.62 -11.66 -48.52
N TYR H 39 144.91 -11.04 -49.47
CA TYR H 39 145.24 -11.16 -50.88
C TYR H 39 146.57 -10.49 -51.22
N LEU H 40 146.86 -9.32 -50.64
CA LEU H 40 148.17 -8.70 -50.80
C LEU H 40 149.28 -9.52 -50.14
N ASN H 41 149.08 -10.11 -48.97
CA ASN H 41 150.06 -11.02 -48.39
C ASN H 41 150.34 -12.22 -49.31
N ASP H 42 149.33 -12.76 -49.99
CA ASP H 42 149.54 -13.80 -50.99
C ASP H 42 150.30 -13.27 -52.21
N ALA H 43 149.90 -12.12 -52.76
CA ALA H 43 150.61 -11.51 -53.89
C ALA H 43 152.08 -11.30 -53.56
N VAL H 44 152.42 -10.93 -52.33
CA VAL H 44 153.79 -10.80 -51.86
C VAL H 44 154.55 -12.12 -51.87
N LYS H 45 153.94 -13.24 -51.41
CA LYS H 45 154.56 -14.56 -51.50
C LYS H 45 154.85 -14.91 -52.95
N PHE H 46 153.92 -14.65 -53.86
CA PHE H 46 154.08 -14.98 -55.25
C PHE H 46 155.07 -14.06 -55.97
N GLN H 47 155.19 -12.79 -55.58
CA GLN H 47 156.27 -11.94 -56.06
C GLN H 47 157.64 -12.53 -55.71
N GLU H 48 157.82 -13.02 -54.48
CA GLU H 48 159.06 -13.69 -54.10
C GLU H 48 159.28 -14.99 -54.89
N MET H 49 158.24 -15.79 -55.14
CA MET H 49 158.39 -16.98 -55.98
C MET H 49 158.75 -16.63 -57.43
N TYR H 50 158.17 -15.57 -58.00
CA TYR H 50 158.54 -15.12 -59.32
C TYR H 50 159.98 -14.63 -59.36
N GLN H 51 160.43 -13.97 -58.30
CA GLN H 51 161.80 -13.54 -58.11
C GLN H 51 162.76 -14.73 -58.05
N ILE H 52 162.38 -15.86 -57.43
CA ILE H 52 163.18 -17.09 -57.43
C ILE H 52 163.41 -17.59 -58.85
N ASP H 53 162.38 -17.58 -59.70
CA ASP H 53 162.46 -18.13 -61.03
C ASP H 53 163.08 -17.17 -62.06
N ASN H 54 162.89 -15.85 -61.92
CA ASN H 54 163.17 -14.89 -62.98
C ASN H 54 164.16 -13.80 -62.60
N ASN H 55 164.63 -13.73 -61.35
CA ASN H 55 165.51 -12.68 -60.87
C ASN H 55 164.95 -11.26 -61.07
N SER H 56 163.63 -11.11 -61.09
CA SER H 56 162.95 -9.84 -61.27
C SER H 56 161.53 -9.97 -60.71
N TYR H 57 160.83 -8.86 -60.40
CA TYR H 57 159.43 -8.92 -60.00
C TYR H 57 158.49 -8.76 -61.20
N THR H 58 157.25 -9.24 -61.05
CA THR H 58 156.25 -9.16 -62.13
C THR H 58 155.62 -7.77 -62.18
N SER H 59 155.13 -7.39 -63.35
CA SER H 59 154.34 -6.18 -63.38
C SER H 59 152.91 -6.60 -63.67
N ASN H 60 152.74 -7.85 -64.10
CA ASN H 60 151.45 -8.36 -64.51
C ASN H 60 150.94 -9.51 -63.63
N GLN H 61 149.67 -9.44 -63.23
CA GLN H 61 149.05 -10.37 -62.30
C GLN H 61 149.00 -11.80 -62.84
N ALA H 62 148.89 -11.99 -64.17
CA ALA H 62 148.77 -13.32 -64.75
C ALA H 62 149.99 -14.20 -64.50
N ALA H 63 151.18 -13.61 -64.38
CA ALA H 63 152.38 -14.33 -63.99
C ALA H 63 152.27 -14.86 -62.57
N LEU H 64 151.78 -14.05 -61.63
CA LEU H 64 151.54 -14.48 -60.26
C LEU H 64 150.47 -15.57 -60.20
N ILE H 65 149.39 -15.44 -60.98
CA ILE H 65 148.34 -16.45 -61.04
C ILE H 65 148.90 -17.77 -61.60
N SER H 66 149.78 -17.71 -62.59
CA SER H 66 150.38 -18.94 -63.09
C SER H 66 151.10 -19.68 -61.97
N LEU H 67 151.87 -18.95 -61.16
CA LEU H 67 152.63 -19.53 -60.06
C LEU H 67 151.76 -20.07 -58.92
N GLY H 68 150.50 -19.61 -58.81
CA GLY H 68 149.58 -20.16 -57.81
C GLY H 68 148.73 -19.13 -57.05
N LEU H 69 148.88 -17.84 -57.38
CA LEU H 69 148.02 -16.80 -56.75
C LEU H 69 146.61 -16.92 -57.34
N LYS H 70 145.59 -16.90 -56.48
CA LYS H 70 144.20 -17.13 -56.95
C LYS H 70 143.62 -15.90 -57.64
N SER H 71 142.45 -16.07 -58.26
CA SER H 71 141.73 -14.94 -58.91
C SER H 71 141.59 -13.79 -57.93
N THR H 72 141.63 -12.55 -58.41
CA THR H 72 141.37 -11.40 -57.48
C THR H 72 140.02 -11.61 -56.83
N PRO H 73 139.89 -11.45 -55.49
CA PRO H 73 138.64 -11.73 -54.79
C PRO H 73 137.45 -10.90 -55.29
N ALA H 74 136.22 -11.40 -55.12
CA ALA H 74 135.03 -10.64 -55.52
C ALA H 74 135.05 -9.25 -54.89
N ASN H 75 134.76 -8.22 -55.71
CA ASN H 75 134.75 -6.81 -55.33
C ASN H 75 136.11 -6.23 -54.94
N VAL H 76 137.20 -7.01 -54.98
CA VAL H 76 138.55 -6.47 -54.81
C VAL H 76 139.12 -6.09 -56.17
N THR H 77 139.53 -4.83 -56.31
CA THR H 77 140.35 -4.40 -57.42
C THR H 77 141.81 -4.35 -56.98
N PHE H 78 142.65 -5.10 -57.68
CA PHE H 78 144.08 -5.21 -57.40
C PHE H 78 144.86 -4.74 -58.63
N SER H 79 145.94 -4.00 -58.40
CA SER H 79 146.84 -3.60 -59.48
C SER H 79 148.30 -3.68 -59.02
N ILE H 80 149.17 -4.09 -59.95
CA ILE H 80 150.60 -3.92 -59.75
C ILE H 80 150.96 -2.61 -60.43
N VAL H 81 151.24 -1.59 -59.63
CA VAL H 81 151.45 -0.23 -60.11
C VAL H 81 152.77 -0.14 -60.87
N SER H 82 153.82 -0.76 -60.32
CA SER H 82 155.13 -0.80 -60.96
C SER H 82 155.91 -2.00 -60.44
N ALA H 83 156.90 -2.43 -61.23
CA ALA H 83 157.84 -3.45 -60.80
C ALA H 83 159.16 -3.32 -61.58
N SER H 84 160.22 -3.86 -60.98
CA SER H 84 161.55 -3.84 -61.55
C SER H 84 162.30 -5.08 -61.10
N ALA H 85 163.60 -5.16 -61.42
CA ALA H 85 164.45 -6.25 -60.95
C ALA H 85 164.52 -6.30 -59.41
N ASN H 86 164.24 -5.18 -58.72
CA ASN H 86 164.61 -5.01 -57.33
C ASN H 86 163.46 -4.56 -56.43
N SER H 87 162.33 -4.10 -56.99
CA SER H 87 161.21 -3.60 -56.20
C SER H 87 159.87 -3.79 -56.92
N TYR H 88 158.78 -3.69 -56.18
CA TYR H 88 157.43 -3.61 -56.73
C TYR H 88 156.60 -2.65 -55.89
N CYS H 89 155.52 -2.14 -56.48
CA CYS H 89 154.44 -1.53 -55.73
C CYS H 89 153.13 -2.17 -56.20
N MET H 90 152.33 -2.68 -55.25
CA MET H 90 151.01 -3.21 -55.53
C MET H 90 149.97 -2.47 -54.70
N ILE H 91 148.78 -2.26 -55.26
CA ILE H 91 147.69 -1.58 -54.59
C ILE H 91 146.45 -2.47 -54.67
N ALA H 92 145.67 -2.56 -53.58
CA ALA H 92 144.42 -3.29 -53.63
C ALA H 92 143.41 -2.67 -52.69
N GLY H 93 142.12 -2.86 -52.99
CA GLY H 93 141.04 -2.32 -52.18
C GLY H 93 139.74 -3.02 -52.53
N HIS H 94 138.85 -3.11 -51.54
CA HIS H 94 137.53 -3.69 -51.72
C HIS H 94 136.52 -2.55 -51.81
N SER H 95 135.59 -2.58 -52.77
CA SER H 95 134.66 -1.46 -52.96
C SER H 95 133.85 -1.12 -51.69
N GLY H 96 133.71 -2.09 -50.78
CA GLY H 96 133.09 -1.92 -49.48
C GLY H 96 134.04 -2.16 -48.30
N GLY H 97 135.34 -1.90 -48.48
CA GLY H 97 136.31 -1.84 -47.40
C GLY H 97 136.36 -0.44 -46.78
N THR H 98 137.46 -0.12 -46.08
CA THR H 98 137.65 1.24 -45.56
C THR H 98 138.56 2.06 -46.47
N VAL H 99 139.79 1.57 -46.70
CA VAL H 99 140.83 2.31 -47.43
C VAL H 99 141.56 1.40 -48.41
N TRP H 100 142.26 2.00 -49.38
CA TRP H 100 143.20 1.27 -50.22
C TRP H 100 144.40 0.80 -49.40
N PHE H 101 144.88 -0.41 -49.70
CA PHE H 101 146.09 -0.96 -49.12
C PHE H 101 147.19 -0.98 -50.18
N ALA H 102 148.43 -0.81 -49.73
CA ALA H 102 149.60 -0.85 -50.59
C ALA H 102 150.54 -1.96 -50.10
N ALA H 103 151.33 -2.52 -51.01
CA ALA H 103 152.38 -3.46 -50.67
C ALA H 103 153.66 -3.12 -51.43
N THR H 104 154.79 -3.10 -50.72
CA THR H 104 156.13 -2.93 -51.28
C THR H 104 157.07 -3.86 -50.52
N PRO H 105 158.24 -4.25 -51.07
CA PRO H 105 159.09 -5.20 -50.38
C PRO H 105 159.78 -4.65 -49.13
N ASP H 106 159.84 -3.32 -48.96
CA ASP H 106 160.39 -2.69 -47.77
C ASP H 106 159.33 -2.46 -46.68
N LYS H 107 158.20 -1.84 -47.03
CA LYS H 107 157.18 -1.49 -46.04
C LYS H 107 156.23 -2.65 -45.72
N GLY H 108 156.28 -3.74 -46.48
CA GLY H 108 155.33 -4.84 -46.32
C GLY H 108 153.95 -4.45 -46.84
N VAL H 109 152.88 -5.06 -46.32
CA VAL H 109 151.50 -4.69 -46.66
C VAL H 109 151.01 -3.71 -45.61
N TYR H 110 150.50 -2.55 -46.03
CA TYR H 110 150.07 -1.50 -45.12
C TYR H 110 148.90 -0.71 -45.69
N LYS H 111 148.10 -0.11 -44.80
CA LYS H 111 146.94 0.64 -45.24
C LYS H 111 147.32 2.10 -45.55
N THR H 112 146.76 2.64 -46.62
CA THR H 112 146.98 4.02 -47.03
C THR H 112 145.92 4.94 -46.40
N ASN H 113 146.04 6.27 -46.62
CA ASN H 113 145.06 7.23 -46.16
C ASN H 113 143.83 7.35 -47.08
N THR H 114 143.91 6.77 -48.29
CA THR H 114 142.90 6.99 -49.33
C THR H 114 141.70 6.06 -49.16
N ALA H 115 140.49 6.61 -49.00
CA ALA H 115 139.26 5.82 -48.90
C ALA H 115 138.96 5.07 -50.20
N VAL H 116 138.33 3.90 -50.12
CA VAL H 116 138.06 3.06 -51.30
C VAL H 116 137.07 3.70 -52.28
N THR H 117 136.34 4.72 -51.83
CA THR H 117 135.41 5.49 -52.66
C THR H 117 136.13 6.48 -53.57
N SER H 118 137.35 6.90 -53.20
CA SER H 118 138.25 7.68 -54.04
C SER H 118 138.98 6.78 -55.03
N SER H 119 139.48 7.35 -56.13
CA SER H 119 140.29 6.63 -57.10
C SER H 119 141.58 6.10 -56.46
N GLN H 120 142.06 4.93 -56.91
CA GLN H 120 143.18 4.25 -56.26
C GLN H 120 144.46 5.06 -56.34
N PRO H 121 145.35 4.98 -55.32
CA PRO H 121 146.67 5.60 -55.37
C PRO H 121 147.44 5.20 -56.63
N GLU H 122 148.15 6.18 -57.20
CA GLU H 122 149.02 5.97 -58.35
C GLU H 122 150.41 5.44 -57.98
N SER H 123 150.72 5.40 -56.67
CA SER H 123 152.02 5.00 -56.13
C SER H 123 151.89 4.65 -54.64
N CYS H 124 152.90 3.98 -54.08
CA CYS H 124 153.01 3.64 -52.67
C CYS H 124 153.24 4.88 -51.80
N PRO H 125 152.35 5.21 -50.84
CA PRO H 125 152.62 6.24 -49.83
C PRO H 125 153.80 5.90 -48.89
N PHE I 1 86.28 -6.88 -19.86
CA PHE I 1 86.82 -7.79 -20.92
C PHE I 1 85.68 -8.60 -21.54
N THR I 2 85.60 -8.62 -22.88
CA THR I 2 84.43 -9.11 -23.61
C THR I 2 84.83 -9.92 -24.85
N LEU I 3 83.86 -10.56 -25.52
CA LEU I 3 84.18 -11.51 -26.56
C LEU I 3 84.86 -10.85 -27.78
N ILE I 4 84.51 -9.60 -28.07
CA ILE I 4 85.15 -8.86 -29.15
C ILE I 4 86.61 -8.53 -28.86
N GLU I 5 86.97 -8.17 -27.63
CA GLU I 5 88.38 -7.97 -27.28
C GLU I 5 89.15 -9.29 -27.38
N LEU I 6 88.53 -10.38 -26.95
CA LEU I 6 89.14 -11.68 -26.98
C LEU I 6 89.32 -12.20 -28.42
N LEU I 7 88.39 -11.91 -29.33
CA LEU I 7 88.56 -12.21 -30.75
C LEU I 7 89.67 -11.38 -31.38
N ILE I 8 89.82 -10.10 -31.01
CA ILE I 8 90.94 -9.28 -31.46
C ILE I 8 92.27 -9.87 -30.99
N VAL I 9 92.33 -10.28 -29.72
CA VAL I 9 93.51 -10.91 -29.15
C VAL I 9 93.85 -12.19 -29.89
N ILE I 10 92.87 -13.08 -30.14
CA ILE I 10 93.07 -14.30 -30.90
C ILE I 10 93.55 -13.99 -32.33
N ALA I 11 92.97 -12.98 -32.99
CA ALA I 11 93.36 -12.60 -34.34
C ALA I 11 94.82 -12.11 -34.39
N ILE I 12 95.23 -11.29 -33.42
CA ILE I 12 96.59 -10.78 -33.36
C ILE I 12 97.58 -11.88 -32.97
N ILE I 13 97.22 -12.81 -32.07
CA ILE I 13 98.04 -13.99 -31.79
C ILE I 13 98.31 -14.78 -33.07
N ALA I 14 97.28 -15.01 -33.90
CA ALA I 14 97.41 -15.73 -35.14
C ALA I 14 98.40 -15.04 -36.10
N ILE I 15 98.39 -13.70 -36.14
CA ILE I 15 99.34 -12.91 -36.92
C ILE I 15 100.76 -13.06 -36.36
N LEU I 16 100.98 -12.81 -35.08
CA LEU I 16 102.31 -12.86 -34.50
C LEU I 16 102.91 -14.28 -34.57
N ALA I 17 102.09 -15.31 -34.36
CA ALA I 17 102.52 -16.70 -34.49
C ALA I 17 102.98 -17.04 -35.91
N ALA I 18 102.43 -16.38 -36.94
CA ALA I 18 102.79 -16.61 -38.33
C ALA I 18 104.09 -15.92 -38.73
N VAL I 19 104.38 -14.72 -38.18
CA VAL I 19 105.44 -13.86 -38.70
C VAL I 19 106.70 -13.84 -37.83
N LEU I 20 106.58 -14.11 -36.52
CA LEU I 20 107.71 -13.96 -35.61
C LEU I 20 108.58 -15.22 -35.50
N ILE I 21 108.30 -16.25 -36.32
CA ILE I 21 109.06 -17.49 -36.33
C ILE I 21 109.97 -17.51 -37.56
N PRO I 22 111.31 -17.69 -37.39
CA PRO I 22 112.24 -17.64 -38.52
C PRO I 22 112.17 -18.90 -39.38
N ASN I 23 112.70 -18.82 -40.61
CA ASN I 23 112.93 -19.98 -41.43
C ASN I 23 114.07 -20.80 -40.81
N LEU I 24 113.71 -21.90 -40.13
CA LEU I 24 114.69 -22.70 -39.40
C LEU I 24 115.57 -23.48 -40.37
N LEU I 25 114.99 -23.97 -41.48
CA LEU I 25 115.73 -24.73 -42.47
C LEU I 25 116.89 -23.93 -43.08
N ALA I 26 116.64 -22.66 -43.46
CA ALA I 26 117.62 -21.78 -44.06
C ALA I 26 118.77 -21.48 -43.09
N ALA I 27 118.45 -21.22 -41.82
CA ALA I 27 119.42 -21.01 -40.77
C ALA I 27 120.31 -22.25 -40.58
N ARG I 28 119.72 -23.44 -40.46
CA ARG I 28 120.48 -24.66 -40.29
C ARG I 28 121.35 -24.97 -41.51
N LYS I 29 120.91 -24.70 -42.75
CA LYS I 29 121.74 -24.90 -43.94
C LYS I 29 123.09 -24.18 -43.82
N ARG I 30 123.09 -22.91 -43.41
CA ARG I 30 124.33 -22.12 -43.30
C ARG I 30 125.21 -22.59 -42.15
N ALA I 31 124.63 -23.01 -41.04
CA ALA I 31 125.38 -23.62 -39.96
C ALA I 31 126.00 -24.95 -40.41
N ASN I 32 125.25 -25.80 -41.13
CA ASN I 32 125.74 -27.07 -41.64
C ASN I 32 126.91 -26.90 -42.60
N ASP I 33 126.87 -25.93 -43.52
CA ASP I 33 128.00 -25.64 -44.38
C ASP I 33 129.24 -25.19 -43.58
N THR I 34 129.04 -24.55 -42.43
CA THR I 34 130.13 -24.17 -41.54
C THR I 34 130.78 -25.40 -40.92
N VAL I 35 129.99 -26.40 -40.53
CA VAL I 35 130.51 -27.67 -40.03
C VAL I 35 131.38 -28.35 -41.09
N VAL I 36 130.90 -28.43 -42.33
CA VAL I 36 131.65 -29.05 -43.42
C VAL I 36 132.95 -28.30 -43.68
N THR I 37 132.89 -26.97 -43.76
CA THR I 37 134.07 -26.15 -43.97
C THR I 37 135.08 -26.36 -42.85
N ALA I 38 134.63 -26.33 -41.59
CA ALA I 38 135.49 -26.54 -40.44
C ALA I 38 136.12 -27.94 -40.44
N TYR I 39 135.36 -28.99 -40.77
CA TYR I 39 135.88 -30.34 -40.81
C TYR I 39 136.92 -30.52 -41.92
N LEU I 40 136.70 -29.94 -43.10
CA LEU I 40 137.70 -29.95 -44.16
C LEU I 40 138.95 -29.15 -43.77
N ASN I 41 138.82 -28.00 -43.12
CA ASN I 41 139.98 -27.27 -42.61
C ASN I 41 140.78 -28.11 -41.61
N ASP I 42 140.13 -28.90 -40.77
CA ASP I 42 140.82 -29.84 -39.89
C ASP I 42 141.48 -30.97 -40.68
N ALA I 43 140.78 -31.59 -41.62
CA ALA I 43 141.36 -32.64 -42.47
C ALA I 43 142.61 -32.14 -43.18
N VAL I 44 142.63 -30.88 -43.62
CA VAL I 44 143.80 -30.25 -44.23
C VAL I 44 144.97 -30.12 -43.25
N LYS I 45 144.74 -29.72 -41.99
CA LYS I 45 145.80 -29.70 -40.98
C LYS I 45 146.38 -31.09 -40.78
N PHE I 46 145.53 -32.11 -40.72
CA PHE I 46 145.98 -33.47 -40.49
C PHE I 46 146.65 -34.08 -41.72
N GLN I 47 146.27 -33.71 -42.95
CA GLN I 47 147.03 -34.08 -44.12
C GLN I 47 148.46 -33.53 -44.06
N GLU I 48 148.65 -32.28 -43.64
CA GLU I 48 149.99 -31.73 -43.44
C GLU I 48 150.75 -32.46 -42.33
N MET I 49 150.11 -32.82 -41.22
CA MET I 49 150.78 -33.60 -40.18
C MET I 49 151.17 -35.00 -40.66
N TYR I 50 150.33 -35.65 -41.46
CA TYR I 50 150.67 -36.94 -42.03
C TYR I 50 151.84 -36.80 -43.01
N GLN I 51 151.87 -35.72 -43.76
CA GLN I 51 152.98 -35.37 -44.65
C GLN I 51 154.29 -35.16 -43.87
N ILE I 52 154.25 -34.57 -42.68
CA ILE I 52 155.42 -34.43 -41.81
C ILE I 52 156.01 -35.79 -41.46
N ASP I 53 155.15 -36.76 -41.11
CA ASP I 53 155.59 -38.07 -40.66
C ASP I 53 155.95 -39.04 -41.78
N ASN I 54 155.30 -38.95 -42.96
CA ASN I 54 155.33 -40.00 -43.97
C ASN I 54 155.82 -39.52 -45.35
N ASN I 55 156.07 -38.22 -45.54
CA ASN I 55 156.45 -37.66 -46.83
C ASN I 55 155.47 -37.98 -47.96
N SER I 56 154.18 -38.16 -47.62
CA SER I 56 153.12 -38.46 -48.58
C SER I 56 151.78 -38.07 -47.93
N TYR I 57 150.70 -37.88 -48.72
CA TYR I 57 149.37 -37.67 -48.16
C TYR I 57 148.59 -38.97 -47.99
N THR I 58 147.60 -38.98 -47.10
CA THR I 58 146.79 -40.17 -46.84
C THR I 58 145.71 -40.34 -47.90
N SER I 59 145.27 -41.57 -48.11
CA SER I 59 144.10 -41.73 -48.97
C SER I 59 142.97 -42.18 -48.07
N ASN I 60 143.32 -42.60 -46.85
CA ASN I 60 142.35 -43.15 -45.92
C ASN I 60 142.18 -42.32 -44.64
N GLN I 61 140.93 -42.08 -44.25
CA GLN I 61 140.57 -41.21 -43.14
C GLN I 61 141.10 -41.72 -41.80
N ALA I 62 141.24 -43.04 -41.62
CA ALA I 62 141.67 -43.60 -40.34
C ALA I 62 143.09 -43.18 -39.94
N ALA I 63 143.96 -42.91 -40.92
CA ALA I 63 145.29 -42.37 -40.67
C ALA I 63 145.20 -40.95 -40.10
N LEU I 64 144.32 -40.10 -40.67
CA LEU I 64 144.09 -38.76 -40.15
C LEU I 64 143.48 -38.80 -38.74
N ILE I 65 142.53 -39.71 -38.50
CA ILE I 65 141.92 -39.89 -37.18
C ILE I 65 142.98 -40.34 -36.17
N SER I 66 143.89 -41.22 -36.55
CA SER I 66 144.96 -41.60 -35.64
C SER I 66 145.74 -40.38 -35.17
N LEU I 67 146.09 -39.50 -36.11
CA LEU I 67 146.88 -38.30 -35.83
C LEU I 67 146.11 -37.27 -34.99
N GLY I 68 144.77 -37.32 -34.96
CA GLY I 68 143.98 -36.43 -34.11
C GLY I 68 142.74 -35.81 -34.74
N LEU I 69 142.46 -36.16 -36.01
CA LEU I 69 141.21 -35.67 -36.65
C LEU I 69 140.03 -36.42 -36.06
N LYS I 70 138.96 -35.69 -35.69
CA LYS I 70 137.81 -36.32 -35.00
C LYS I 70 136.92 -37.12 -35.94
N SER I 71 135.98 -37.87 -35.38
CA SER I 71 135.01 -38.64 -36.19
C SER I 71 134.34 -37.72 -37.19
N THR I 72 133.99 -38.22 -38.38
CA THR I 72 133.22 -37.37 -39.35
C THR I 72 131.95 -36.88 -38.65
N PRO I 73 131.62 -35.57 -38.73
CA PRO I 73 130.46 -35.03 -38.00
C PRO I 73 129.12 -35.69 -38.37
N ALA I 74 128.15 -35.67 -37.45
CA ALA I 74 126.84 -36.23 -37.74
C ALA I 74 126.27 -35.65 -39.05
N ASN I 75 125.74 -36.51 -39.92
CA ASN I 75 125.19 -36.18 -41.22
C ASN I 75 126.19 -35.63 -42.24
N VAL I 76 127.48 -35.52 -41.91
CA VAL I 76 128.51 -35.19 -42.89
C VAL I 76 129.09 -36.49 -43.47
N THR I 77 129.03 -36.59 -44.79
CA THR I 77 129.77 -37.62 -45.52
C THR I 77 131.04 -36.99 -46.08
N PHE I 78 132.19 -37.57 -45.70
CA PHE I 78 133.51 -37.11 -46.09
C PHE I 78 134.22 -38.24 -46.83
N SER I 79 134.93 -37.91 -47.91
CA SER I 79 135.75 -38.87 -48.62
C SER I 79 137.08 -38.23 -49.06
N ILE I 80 138.15 -39.03 -49.00
CA ILE I 80 139.39 -38.66 -49.66
C ILE I 80 139.33 -39.32 -51.03
N VAL I 81 139.13 -38.52 -52.07
CA VAL I 81 138.90 -39.00 -53.43
C VAL I 81 140.18 -39.59 -54.00
N SER I 82 141.32 -38.90 -53.78
CA SER I 82 142.61 -39.37 -54.22
C SER I 82 143.70 -38.73 -53.37
N ALA I 83 144.88 -39.37 -53.34
CA ALA I 83 146.06 -38.81 -52.71
C ALA I 83 147.32 -39.41 -53.32
N SER I 84 148.43 -38.67 -53.18
CA SER I 84 149.72 -39.07 -53.70
C SER I 84 150.81 -38.50 -52.79
N ALA I 85 152.07 -38.66 -53.19
CA ALA I 85 153.18 -38.05 -52.46
C ALA I 85 153.08 -36.52 -52.41
N ASN I 86 152.33 -35.90 -53.34
CA ASN I 86 152.43 -34.47 -53.61
C ASN I 86 151.09 -33.73 -53.59
N SER I 87 149.95 -34.45 -53.63
CA SER I 87 148.65 -33.81 -53.68
C SER I 87 147.57 -34.70 -53.04
N TYR I 88 146.42 -34.10 -52.73
CA TYR I 88 145.22 -34.82 -52.34
C TYR I 88 144.00 -34.10 -52.92
N CYS I 89 142.90 -34.84 -53.02
CA CYS I 89 141.59 -34.25 -53.19
C CYS I 89 140.66 -34.86 -52.14
N MET I 90 139.98 -34.01 -51.35
CA MET I 90 138.98 -34.45 -50.39
C MET I 90 137.65 -33.76 -50.70
N ILE I 91 136.54 -34.48 -50.48
CA ILE I 91 135.19 -33.96 -50.72
C ILE I 91 134.39 -34.18 -49.43
N ALA I 92 133.57 -33.19 -49.05
CA ALA I 92 132.67 -33.38 -47.92
C ALA I 92 131.38 -32.58 -48.12
N GLY I 93 130.30 -33.05 -47.50
CA GLY I 93 129.01 -32.39 -47.60
C GLY I 93 128.10 -32.88 -46.49
N HIS I 94 127.18 -32.00 -46.07
CA HIS I 94 126.19 -32.33 -45.06
C HIS I 94 124.86 -32.58 -45.76
N SER I 95 124.13 -33.65 -45.42
CA SER I 95 122.89 -33.98 -46.14
C SER I 95 121.86 -32.84 -46.14
N GLY I 96 121.96 -31.92 -45.17
CA GLY I 96 121.16 -30.71 -45.08
C GLY I 96 121.99 -29.42 -45.16
N GLY I 97 123.12 -29.44 -45.87
CA GLY I 97 123.86 -28.25 -46.27
C GLY I 97 123.33 -27.67 -47.58
N THR I 98 124.14 -26.84 -48.26
CA THR I 98 123.76 -26.34 -49.58
C THR I 98 124.42 -27.14 -50.70
N VAL I 99 125.77 -27.22 -50.68
CA VAL I 99 126.56 -27.82 -51.75
C VAL I 99 127.70 -28.68 -51.18
N TRP I 100 128.24 -29.57 -52.01
CA TRP I 100 129.48 -30.27 -51.69
C TRP I 100 130.65 -29.29 -51.65
N PHE I 101 131.57 -29.50 -50.71
CA PHE I 101 132.82 -28.75 -50.61
C PHE I 101 133.97 -29.67 -51.01
N ALA I 102 135.00 -29.07 -51.59
CA ALA I 102 136.21 -29.77 -51.98
C ALA I 102 137.42 -29.14 -51.28
N ALA I 103 138.46 -29.94 -51.06
CA ALA I 103 139.72 -29.44 -50.55
C ALA I 103 140.88 -30.05 -51.34
N THR I 104 141.83 -29.19 -51.74
CA THR I 104 143.07 -29.59 -52.39
C THR I 104 144.19 -28.70 -51.85
N PRO I 105 145.48 -29.08 -51.91
CA PRO I 105 146.52 -28.27 -51.31
C PRO I 105 146.80 -26.95 -52.04
N ASP I 106 146.36 -26.82 -53.31
CA ASP I 106 146.50 -25.57 -54.06
C ASP I 106 145.30 -24.64 -53.88
N LYS I 107 144.07 -25.14 -54.07
CA LYS I 107 142.88 -24.30 -54.01
C LYS I 107 142.37 -24.07 -52.59
N GLY I 108 142.91 -24.79 -51.59
CA GLY I 108 142.40 -24.71 -50.22
C GLY I 108 141.04 -25.43 -50.11
N VAL I 109 140.21 -25.03 -49.14
CA VAL I 109 138.84 -25.53 -49.01
C VAL I 109 137.91 -24.58 -49.73
N TYR I 110 137.07 -25.10 -50.63
CA TYR I 110 136.18 -24.28 -51.45
C TYR I 110 134.89 -25.01 -51.78
N LYS I 111 133.83 -24.24 -52.04
CA LYS I 111 132.53 -24.85 -52.34
C LYS I 111 132.41 -25.13 -53.83
N THR I 112 131.83 -26.29 -54.16
CA THR I 112 131.59 -26.70 -55.54
C THR I 112 130.21 -26.23 -56.01
N ASN I 113 129.88 -26.48 -57.29
CA ASN I 113 128.56 -26.16 -57.82
C ASN I 113 127.51 -27.24 -57.52
N THR I 114 127.92 -28.41 -57.03
CA THR I 114 127.06 -29.58 -56.91
C THR I 114 126.25 -29.53 -55.60
N ALA I 115 124.91 -29.54 -55.68
CA ALA I 115 124.05 -29.58 -54.51
C ALA I 115 124.19 -30.88 -53.73
N VAL I 116 124.02 -30.85 -52.39
CA VAL I 116 124.22 -32.02 -51.55
C VAL I 116 123.20 -33.14 -51.81
N THR I 117 122.10 -32.82 -52.49
CA THR I 117 121.07 -33.78 -52.89
C THR I 117 121.50 -34.62 -54.10
N SER I 118 122.43 -34.10 -54.91
CA SER I 118 123.10 -34.85 -55.98
C SER I 118 124.22 -35.71 -55.41
N SER I 119 124.61 -36.76 -56.16
CA SER I 119 125.74 -37.60 -55.79
C SER I 119 127.05 -36.79 -55.74
N GLN I 120 127.97 -37.15 -54.83
CA GLN I 120 129.17 -36.34 -54.58
C GLN I 120 130.08 -36.28 -55.80
N PRO I 121 130.80 -35.15 -56.02
CA PRO I 121 131.80 -35.06 -57.07
C PRO I 121 132.82 -36.20 -57.00
N GLU I 122 133.20 -36.70 -58.18
CA GLU I 122 134.23 -37.74 -58.31
C GLU I 122 135.65 -37.17 -58.30
N SER I 123 135.79 -35.83 -58.35
CA SER I 123 137.05 -35.12 -58.43
C SER I 123 136.87 -33.66 -58.03
N CYS I 124 137.98 -32.95 -57.75
CA CYS I 124 138.02 -31.53 -57.45
C CYS I 124 137.69 -30.68 -58.67
N PRO I 125 136.62 -29.83 -58.64
CA PRO I 125 136.38 -28.83 -59.68
C PRO I 125 137.48 -27.75 -59.77
N PHE J 1 75.86 -7.07 -23.08
CA PHE J 1 76.82 -8.03 -22.45
C PHE J 1 76.13 -8.76 -21.30
N THR J 2 76.23 -10.10 -21.26
CA THR J 2 75.41 -10.96 -20.40
C THR J 2 76.24 -12.12 -19.84
N LEU J 3 75.65 -12.88 -18.90
CA LEU J 3 76.42 -13.86 -18.14
C LEU J 3 76.97 -14.99 -19.02
N ILE J 4 76.23 -15.36 -20.07
CA ILE J 4 76.70 -16.38 -21.01
C ILE J 4 77.89 -15.91 -21.85
N GLU J 5 77.95 -14.65 -22.28
CA GLU J 5 79.12 -14.14 -22.96
C GLU J 5 80.33 -14.11 -22.02
N LEU J 6 80.08 -13.73 -20.77
CA LEU J 6 81.13 -13.64 -19.76
C LEU J 6 81.66 -15.03 -19.37
N LEU J 7 80.81 -16.06 -19.33
CA LEU J 7 81.25 -17.43 -19.14
C LEU J 7 82.07 -17.94 -20.32
N ILE J 8 81.69 -17.61 -21.56
CA ILE J 8 82.50 -17.93 -22.73
C ILE J 8 83.88 -17.27 -22.65
N VAL J 9 83.92 -15.99 -22.27
CA VAL J 9 85.16 -15.26 -22.09
C VAL J 9 86.03 -15.92 -21.03
N ILE J 10 85.47 -16.27 -19.87
CA ILE J 10 86.19 -16.97 -18.81
C ILE J 10 86.71 -18.33 -19.29
N ALA J 11 85.90 -19.08 -20.04
CA ALA J 11 86.29 -20.38 -20.57
C ALA J 11 87.47 -20.26 -21.54
N ILE J 12 87.44 -19.27 -22.44
CA ILE J 12 88.50 -19.06 -23.40
C ILE J 12 89.76 -18.51 -22.72
N ILE J 13 89.65 -17.64 -21.70
CA ILE J 13 90.79 -17.23 -20.90
C ILE J 13 91.48 -18.44 -20.28
N ALA J 14 90.72 -19.39 -19.72
CA ALA J 14 91.27 -20.59 -19.11
C ALA J 14 92.06 -21.43 -20.13
N ILE J 15 91.57 -21.51 -21.37
CA ILE J 15 92.26 -22.18 -22.47
C ILE J 15 93.57 -21.45 -22.82
N LEU J 16 93.51 -20.15 -23.11
CA LEU J 16 94.68 -19.41 -23.53
C LEU J 16 95.75 -19.38 -22.43
N ALA J 17 95.34 -19.24 -21.17
CA ALA J 17 96.25 -19.27 -20.02
C ALA J 17 96.98 -20.62 -19.89
N ALA J 18 96.36 -21.71 -20.34
CA ALA J 18 96.95 -23.05 -20.28
C ALA J 18 97.96 -23.31 -21.40
N VAL J 19 97.73 -22.76 -22.61
CA VAL J 19 98.47 -23.16 -23.80
C VAL J 19 99.52 -22.13 -24.25
N LEU J 20 99.34 -20.85 -23.94
CA LEU J 20 100.21 -19.80 -24.47
C LEU J 20 101.46 -19.56 -23.60
N ILE J 21 101.66 -20.38 -22.55
CA ILE J 21 102.81 -20.26 -21.67
C ILE J 21 103.83 -21.36 -22.00
N PRO J 22 105.10 -21.03 -22.30
CA PRO J 22 106.09 -22.04 -22.71
C PRO J 22 106.59 -22.85 -21.52
N ASN J 23 107.19 -24.00 -21.82
CA ASN J 23 107.94 -24.77 -20.83
C ASN J 23 109.20 -23.98 -20.46
N LEU J 24 109.19 -23.31 -19.29
CA LEU J 24 110.29 -22.45 -18.88
C LEU J 24 111.50 -23.28 -18.48
N LEU J 25 111.28 -24.45 -17.85
CA LEU J 25 112.36 -25.32 -17.42
C LEU J 25 113.22 -25.79 -18.60
N ALA J 26 112.58 -26.24 -19.68
CA ALA J 26 113.26 -26.74 -20.88
C ALA J 26 114.08 -25.63 -21.55
N ALA J 27 113.53 -24.42 -21.65
CA ALA J 27 114.23 -23.26 -22.18
C ALA J 27 115.48 -22.93 -21.34
N ARG J 28 115.33 -22.86 -20.01
CA ARG J 28 116.46 -22.56 -19.14
C ARG J 28 117.52 -23.66 -19.18
N LYS J 29 117.18 -24.95 -19.30
CA LYS J 29 118.17 -26.01 -19.44
C LYS J 29 119.14 -25.75 -20.59
N ARG J 30 118.64 -25.38 -21.78
CA ARG J 30 119.48 -25.14 -22.95
C ARG J 30 120.33 -23.87 -22.80
N ALA J 31 119.79 -22.82 -22.19
CA ALA J 31 120.58 -21.64 -21.86
C ALA J 31 121.68 -21.98 -20.84
N ASN J 32 121.38 -22.75 -19.81
CA ASN J 32 122.34 -23.17 -18.80
C ASN J 32 123.50 -23.98 -19.39
N ASP J 33 123.22 -24.92 -20.30
CA ASP J 33 124.28 -25.64 -21.00
C ASP J 33 125.16 -24.72 -21.84
N THR J 34 124.60 -23.61 -22.34
CA THR J 34 125.35 -22.61 -23.08
C THR J 34 126.32 -21.88 -22.14
N VAL J 35 125.90 -21.55 -20.92
CA VAL J 35 126.77 -20.96 -19.92
C VAL J 35 127.95 -21.89 -19.61
N VAL J 36 127.69 -23.17 -19.39
CA VAL J 36 128.74 -24.14 -19.11
C VAL J 36 129.72 -24.26 -20.27
N THR J 37 129.20 -24.38 -21.49
CA THR J 37 130.02 -24.46 -22.69
C THR J 37 130.88 -23.21 -22.83
N ALA J 38 130.31 -22.02 -22.67
CA ALA J 38 131.03 -20.76 -22.75
C ALA J 38 132.11 -20.65 -21.68
N TYR J 39 131.83 -21.06 -20.45
CA TYR J 39 132.80 -20.99 -19.37
C TYR J 39 133.97 -21.96 -19.59
N LEU J 40 133.70 -23.18 -20.08
CA LEU J 40 134.77 -24.09 -20.44
C LEU J 40 135.58 -23.58 -21.64
N ASN J 41 134.96 -22.97 -22.66
CA ASN J 41 135.72 -22.35 -23.73
C ASN J 41 136.64 -21.23 -23.22
N ASP J 42 136.21 -20.45 -22.22
CA ASP J 42 137.08 -19.47 -21.59
C ASP J 42 138.18 -20.14 -20.78
N ALA J 43 137.87 -21.14 -19.96
CA ALA J 43 138.89 -21.88 -19.21
C ALA J 43 139.97 -22.45 -20.13
N VAL J 44 139.58 -22.91 -21.33
CA VAL J 44 140.51 -23.39 -22.35
C VAL J 44 141.43 -22.27 -22.87
N LYS J 45 140.92 -21.07 -23.14
CA LYS J 45 141.75 -19.93 -23.52
C LYS J 45 142.78 -19.62 -22.43
N PHE J 46 142.35 -19.64 -21.16
CA PHE J 46 143.23 -19.33 -20.05
C PHE J 46 144.22 -20.44 -19.74
N GLN J 47 143.88 -21.71 -19.99
CA GLN J 47 144.87 -22.78 -19.93
C GLN J 47 145.99 -22.54 -20.95
N GLU J 48 145.67 -22.14 -22.18
CA GLU J 48 146.69 -21.80 -23.17
C GLU J 48 147.50 -20.57 -22.75
N MET J 49 146.90 -19.55 -22.15
CA MET J 49 147.66 -18.41 -21.65
C MET J 49 148.59 -18.80 -20.50
N TYR J 50 148.14 -19.68 -19.59
CA TYR J 50 149.00 -20.17 -18.53
C TYR J 50 150.15 -20.99 -19.08
N GLN J 51 149.89 -21.77 -20.13
CA GLN J 51 150.90 -22.52 -20.87
C GLN J 51 151.93 -21.59 -21.52
N ILE J 52 151.53 -20.42 -22.04
CA ILE J 52 152.47 -19.42 -22.57
C ILE J 52 153.45 -18.95 -21.49
N ASP J 53 152.96 -18.70 -20.28
CA ASP J 53 153.77 -18.16 -19.20
C ASP J 53 154.60 -19.20 -18.45
N ASN J 54 154.11 -20.45 -18.33
CA ASN J 54 154.65 -21.42 -17.38
C ASN J 54 155.11 -22.74 -18.02
N ASN J 55 154.89 -22.93 -19.33
CA ASN J 55 155.21 -24.19 -20.02
C ASN J 55 154.55 -25.42 -19.39
N SER J 56 153.39 -25.24 -18.76
CA SER J 56 152.63 -26.31 -18.12
C SER J 56 151.17 -25.85 -17.98
N TYR J 57 150.21 -26.76 -17.79
CA TYR J 57 148.83 -26.38 -17.50
C TYR J 57 148.56 -26.28 -16.00
N THR J 58 147.53 -25.52 -15.62
CA THR J 58 147.16 -25.34 -14.22
C THR J 58 146.37 -26.52 -13.69
N SER J 59 146.43 -26.75 -12.39
CA SER J 59 145.52 -27.74 -11.84
C SER J 59 144.51 -26.98 -11.01
N ASN J 60 144.82 -25.71 -10.71
CA ASN J 60 144.01 -24.89 -9.82
C ASN J 60 143.39 -23.68 -10.51
N GLN J 61 142.10 -23.46 -10.28
CA GLN J 61 141.32 -22.42 -10.94
C GLN J 61 141.83 -21.01 -10.63
N ALA J 62 142.40 -20.77 -9.45
CA ALA J 62 142.84 -19.44 -9.05
C ALA J 62 143.95 -18.87 -9.94
N ALA J 63 144.78 -19.75 -10.52
CA ALA J 63 145.78 -19.34 -11.50
C ALA J 63 145.12 -18.84 -12.78
N LEU J 64 144.08 -19.52 -13.27
CA LEU J 64 143.32 -19.08 -14.43
C LEU J 64 142.59 -17.76 -14.15
N ILE J 65 142.01 -17.61 -12.95
CA ILE J 65 141.34 -16.38 -12.55
C ILE J 65 142.35 -15.22 -12.48
N SER J 66 143.56 -15.47 -11.99
CA SER J 66 144.56 -14.42 -12.00
C SER J 66 144.80 -13.88 -13.42
N LEU J 67 144.92 -14.80 -14.39
CA LEU J 67 145.17 -14.45 -15.78
C LEU J 67 144.00 -13.74 -16.45
N GLY J 68 142.78 -13.88 -15.92
CA GLY J 68 141.62 -13.16 -16.44
C GLY J 68 140.34 -13.97 -16.59
N LEU J 69 140.36 -15.25 -16.20
CA LEU J 69 139.11 -16.05 -16.22
C LEU J 69 138.20 -15.59 -15.07
N LYS J 70 136.91 -15.38 -15.37
CA LYS J 70 135.99 -14.81 -14.35
C LYS J 70 135.57 -15.84 -13.32
N SER J 71 134.90 -15.39 -12.26
CA SER J 71 134.37 -16.29 -11.21
C SER J 71 133.54 -17.40 -11.86
N THR J 72 133.55 -18.61 -11.28
CA THR J 72 132.67 -19.68 -11.82
C THR J 72 131.23 -19.16 -11.81
N PRO J 73 130.47 -19.32 -12.92
CA PRO J 73 129.10 -18.76 -12.99
C PRO J 73 128.15 -19.27 -11.90
N ALA J 74 127.13 -18.49 -11.55
CA ALA J 74 126.15 -18.92 -10.57
C ALA J 74 125.58 -20.30 -10.94
N ASN J 75 125.51 -21.21 -9.95
CA ASN J 75 125.04 -22.58 -10.09
C ASN J 75 125.91 -23.48 -10.98
N VAL J 76 127.02 -22.99 -11.54
CA VAL J 76 127.98 -23.84 -12.23
C VAL J 76 129.04 -24.31 -11.25
N THR J 77 129.20 -25.63 -11.14
CA THR J 77 130.34 -26.23 -10.48
C THR J 77 131.37 -26.64 -11.52
N PHE J 78 132.59 -26.10 -11.39
CA PHE J 78 133.69 -26.33 -12.30
C PHE J 78 134.85 -26.95 -11.51
N SER J 79 135.52 -27.95 -12.10
CA SER J 79 136.72 -28.52 -11.51
C SER J 79 137.77 -28.79 -12.59
N ILE J 80 139.04 -28.59 -12.24
CA ILE J 80 140.13 -29.11 -13.03
C ILE J 80 140.50 -30.45 -12.42
N VAL J 81 140.16 -31.53 -13.11
CA VAL J 81 140.29 -32.88 -12.62
C VAL J 81 141.76 -33.28 -12.52
N SER J 82 142.53 -32.94 -13.57
CA SER J 82 143.96 -33.20 -13.61
C SER J 82 144.63 -32.23 -14.58
N ALA J 83 145.94 -32.04 -14.41
CA ALA J 83 146.75 -31.29 -15.34
C ALA J 83 148.21 -31.72 -15.24
N SER J 84 148.95 -31.46 -16.33
CA SER J 84 150.36 -31.80 -16.43
C SER J 84 151.04 -30.78 -17.34
N ALA J 85 152.32 -31.01 -17.65
CA ALA J 85 153.03 -30.16 -18.60
C ALA J 85 152.39 -30.16 -19.99
N ASN J 86 151.59 -31.19 -20.32
CA ASN J 86 151.21 -31.50 -21.69
C ASN J 86 149.70 -31.66 -21.90
N SER J 87 148.91 -31.83 -20.82
CA SER J 87 147.47 -32.06 -20.94
C SER J 87 146.72 -31.53 -19.73
N TYR J 88 145.40 -31.39 -19.87
CA TYR J 88 144.49 -31.13 -18.75
C TYR J 88 143.18 -31.87 -19.00
N CYS J 89 142.44 -32.10 -17.91
CA CYS J 89 141.04 -32.44 -18.00
C CYS J 89 140.27 -31.50 -17.09
N MET J 90 139.24 -30.84 -17.62
CA MET J 90 138.34 -29.99 -16.83
C MET J 90 136.91 -30.48 -17.00
N ILE J 91 136.11 -30.38 -15.93
CA ILE J 91 134.71 -30.80 -15.93
C ILE J 91 133.87 -29.63 -15.42
N ALA J 92 132.72 -29.37 -16.04
CA ALA J 92 131.81 -28.37 -15.52
C ALA J 92 130.37 -28.74 -15.80
N GLY J 93 129.45 -28.25 -14.97
CA GLY J 93 128.04 -28.53 -15.12
C GLY J 93 127.23 -27.53 -14.32
N HIS J 94 126.01 -27.26 -14.80
CA HIS J 94 125.08 -26.36 -14.11
C HIS J 94 124.03 -27.22 -13.43
N SER J 95 123.69 -26.96 -12.16
CA SER J 95 122.75 -27.80 -11.42
C SER J 95 121.40 -27.96 -12.11
N GLY J 96 121.04 -27.01 -12.98
CA GLY J 96 119.85 -27.05 -13.83
C GLY J 96 120.16 -27.08 -15.34
N GLY J 97 121.31 -27.64 -15.73
CA GLY J 97 121.61 -27.97 -17.12
C GLY J 97 121.08 -29.35 -17.49
N THR J 98 121.62 -29.94 -18.58
CA THR J 98 121.26 -31.31 -18.94
C THR J 98 122.30 -32.31 -18.43
N VAL J 99 123.57 -32.12 -18.85
CA VAL J 99 124.66 -33.07 -18.59
C VAL J 99 125.94 -32.35 -18.19
N TRP J 100 126.88 -33.08 -17.57
CA TRP J 100 128.23 -32.58 -17.35
C TRP J 100 128.96 -32.43 -18.69
N PHE J 101 129.77 -31.37 -18.80
CA PHE J 101 130.64 -31.14 -19.94
C PHE J 101 132.08 -31.36 -19.50
N ALA J 102 132.89 -31.84 -20.44
CA ALA J 102 134.32 -32.04 -20.24
C ALA J 102 135.11 -31.21 -21.24
N ALA J 103 136.34 -30.84 -20.86
CA ALA J 103 137.27 -30.19 -21.77
C ALA J 103 138.65 -30.80 -21.64
N THR J 104 139.28 -31.12 -22.78
CA THR J 104 140.65 -31.59 -22.87
C THR J 104 141.29 -30.94 -24.09
N PRO J 105 142.62 -30.83 -24.19
CA PRO J 105 143.23 -30.13 -25.32
C PRO J 105 143.11 -30.86 -26.66
N ASP J 106 142.82 -32.16 -26.65
CA ASP J 106 142.59 -32.93 -27.87
C ASP J 106 141.13 -32.92 -28.33
N LYS J 107 140.19 -33.25 -27.42
CA LYS J 107 138.78 -33.37 -27.77
C LYS J 107 138.04 -32.03 -27.78
N GLY J 108 138.67 -30.95 -27.28
CA GLY J 108 138.00 -29.66 -27.14
C GLY J 108 136.99 -29.70 -25.98
N VAL J 109 135.95 -28.85 -26.04
CA VAL J 109 134.87 -28.88 -25.07
C VAL J 109 133.74 -29.73 -25.64
N TYR J 110 133.26 -30.73 -24.87
CA TYR J 110 132.26 -31.66 -25.35
C TYR J 110 131.36 -32.14 -24.20
N LYS J 111 130.14 -32.55 -24.53
CA LYS J 111 129.19 -32.99 -23.52
C LYS J 111 129.38 -34.47 -23.24
N THR J 112 129.29 -34.85 -21.96
CA THR J 112 129.39 -36.23 -21.51
C THR J 112 128.00 -36.89 -21.46
N ASN J 113 127.94 -38.19 -21.15
CA ASN J 113 126.69 -38.89 -20.98
C ASN J 113 126.06 -38.70 -19.59
N THR J 114 126.81 -38.12 -18.64
CA THR J 114 126.40 -38.08 -17.23
C THR J 114 125.47 -36.89 -16.97
N ALA J 115 124.25 -37.14 -16.48
CA ALA J 115 123.30 -36.08 -16.11
C ALA J 115 123.82 -35.24 -14.93
N VAL J 116 123.48 -33.95 -14.87
CA VAL J 116 123.97 -33.05 -13.82
C VAL J 116 123.46 -33.40 -12.43
N THR J 117 122.41 -34.24 -12.35
CA THR J 117 121.86 -34.73 -11.10
C THR J 117 122.71 -35.85 -10.48
N SER J 118 123.48 -36.56 -11.32
CA SER J 118 124.49 -37.51 -10.88
C SER J 118 125.78 -36.79 -10.46
N SER J 119 126.61 -37.45 -9.64
CA SER J 119 127.91 -36.92 -9.26
C SER J 119 128.82 -36.74 -10.48
N GLN J 120 129.69 -35.71 -10.45
CA GLN J 120 130.48 -35.33 -11.63
C GLN J 120 131.46 -36.42 -12.04
N PRO J 121 131.73 -36.57 -13.35
CA PRO J 121 132.77 -37.50 -13.82
C PRO J 121 134.10 -37.27 -13.12
N GLU J 122 134.80 -38.38 -12.81
CA GLU J 122 136.13 -38.36 -12.22
C GLU J 122 137.24 -38.18 -13.25
N SER J 123 136.90 -38.24 -14.55
CA SER J 123 137.83 -38.19 -15.67
C SER J 123 137.09 -37.85 -16.97
N CYS J 124 137.83 -37.46 -18.01
CA CYS J 124 137.32 -37.18 -19.35
C CYS J 124 136.86 -38.47 -20.05
N PRO J 125 135.56 -38.59 -20.45
CA PRO J 125 135.11 -39.68 -21.32
C PRO J 125 135.75 -39.66 -22.73
N PHE K 1 66.68 -11.57 -19.26
CA PHE K 1 67.83 -10.80 -18.69
C PHE K 1 67.30 -9.72 -17.74
N THR K 2 67.88 -9.64 -16.53
CA THR K 2 67.32 -8.86 -15.41
C THR K 2 68.42 -8.16 -14.61
N LEU K 3 68.04 -7.29 -13.68
CA LEU K 3 69.00 -6.42 -13.03
C LEU K 3 70.02 -7.19 -12.18
N ILE K 4 69.61 -8.32 -11.59
CA ILE K 4 70.51 -9.16 -10.83
C ILE K 4 71.57 -9.85 -11.71
N GLU K 5 71.21 -10.30 -12.92
CA GLU K 5 72.22 -10.85 -13.83
C GLU K 5 73.19 -9.76 -14.26
N LEU K 6 72.67 -8.57 -14.51
CA LEU K 6 73.48 -7.44 -14.94
C LEU K 6 74.42 -6.94 -13.83
N LEU K 7 73.99 -6.98 -12.56
CA LEU K 7 74.87 -6.70 -11.44
C LEU K 7 75.96 -7.76 -11.27
N ILE K 8 75.66 -9.05 -11.49
CA ILE K 8 76.66 -10.11 -11.49
C ILE K 8 77.69 -9.86 -12.60
N VAL K 9 77.22 -9.52 -13.79
CA VAL K 9 78.09 -9.20 -14.92
C VAL K 9 79.01 -8.02 -14.60
N ILE K 10 78.46 -6.93 -14.05
CA ILE K 10 79.24 -5.77 -13.62
C ILE K 10 80.26 -6.14 -12.56
N ALA K 11 79.88 -6.97 -11.58
CA ALA K 11 80.77 -7.41 -10.52
C ALA K 11 81.94 -8.23 -11.06
N ILE K 12 81.67 -9.14 -12.00
CA ILE K 12 82.71 -9.98 -12.59
C ILE K 12 83.59 -9.15 -13.54
N ILE K 13 83.04 -8.19 -14.30
CA ILE K 13 83.85 -7.26 -15.08
C ILE K 13 84.85 -6.52 -14.17
N ALA K 14 84.41 -6.03 -13.01
CA ALA K 14 85.27 -5.33 -12.07
C ALA K 14 86.42 -6.22 -11.60
N ILE K 15 86.16 -7.51 -11.37
CA ILE K 15 87.19 -8.49 -11.01
C ILE K 15 88.17 -8.70 -12.17
N LEU K 16 87.68 -9.03 -13.37
CA LEU K 16 88.57 -9.32 -14.48
C LEU K 16 89.40 -8.09 -14.88
N ALA K 17 88.82 -6.89 -14.84
CA ALA K 17 89.52 -5.64 -15.11
C ALA K 17 90.66 -5.39 -14.11
N ALA K 18 90.54 -5.88 -12.87
CA ALA K 18 91.55 -5.70 -11.84
C ALA K 18 92.71 -6.69 -11.98
N VAL K 19 92.46 -7.93 -12.44
CA VAL K 19 93.45 -9.01 -12.35
C VAL K 19 94.11 -9.35 -13.69
N LEU K 20 93.44 -9.10 -14.81
CA LEU K 20 93.95 -9.54 -16.12
C LEU K 20 94.89 -8.53 -16.78
N ILE K 21 95.25 -7.45 -16.07
CA ILE K 21 96.16 -6.43 -16.57
C ILE K 21 97.53 -6.60 -15.91
N PRO K 22 98.63 -6.75 -16.69
CA PRO K 22 99.96 -7.00 -16.10
C PRO K 22 100.55 -5.74 -15.49
N ASN K 23 101.57 -5.93 -14.65
CA ASN K 23 102.40 -4.83 -14.18
C ASN K 23 103.24 -4.33 -15.36
N LEU K 24 102.84 -3.18 -15.95
CA LEU K 24 103.49 -2.67 -17.14
C LEU K 24 104.86 -2.09 -16.79
N LEU K 25 105.00 -1.47 -15.62
CA LEU K 25 106.27 -0.88 -15.18
C LEU K 25 107.37 -1.93 -15.08
N ALA K 26 107.08 -3.07 -14.45
CA ALA K 26 108.03 -4.16 -14.25
C ALA K 26 108.49 -4.76 -15.58
N ALA K 27 107.55 -4.95 -16.52
CA ALA K 27 107.85 -5.42 -17.87
C ALA K 27 108.78 -4.45 -18.60
N ARG K 28 108.46 -3.15 -18.59
CA ARG K 28 109.28 -2.15 -19.25
C ARG K 28 110.66 -2.02 -18.62
N LYS K 29 110.81 -2.15 -17.29
CA LYS K 29 112.13 -2.14 -16.65
C LYS K 29 113.09 -3.17 -17.27
N ARG K 30 112.64 -4.42 -17.46
CA ARG K 30 113.48 -5.48 -18.01
C ARG K 30 113.79 -5.27 -19.49
N ALA K 31 112.84 -4.74 -20.27
CA ALA K 31 113.10 -4.35 -21.64
C ALA K 31 114.12 -3.20 -21.71
N ASN K 32 113.99 -2.19 -20.85
CA ASN K 32 114.90 -1.05 -20.78
C ASN K 32 116.34 -1.48 -20.45
N ASP K 33 116.53 -2.39 -19.50
CA ASP K 33 117.86 -2.93 -19.22
C ASP K 33 118.44 -3.69 -20.41
N THR K 34 117.60 -4.28 -21.26
CA THR K 34 118.03 -4.94 -22.48
C THR K 34 118.55 -3.92 -23.49
N VAL K 35 117.89 -2.76 -23.62
CA VAL K 35 118.36 -1.66 -24.46
C VAL K 35 119.74 -1.20 -24.02
N VAL K 36 119.93 -0.98 -22.71
CA VAL K 36 121.21 -0.53 -22.19
C VAL K 36 122.30 -1.56 -22.45
N THR K 37 122.02 -2.84 -22.17
CA THR K 37 122.96 -3.92 -22.41
C THR K 37 123.34 -3.99 -23.89
N ALA K 38 122.35 -3.93 -24.79
CA ALA K 38 122.58 -3.96 -26.23
C ALA K 38 123.40 -2.76 -26.70
N TYR K 39 123.12 -1.55 -26.19
CA TYR K 39 123.86 -0.37 -26.58
C TYR K 39 125.32 -0.42 -26.10
N LEU K 40 125.58 -0.89 -24.88
CA LEU K 40 126.93 -1.10 -24.42
C LEU K 40 127.65 -2.20 -25.21
N ASN K 41 127.00 -3.30 -25.57
CA ASN K 41 127.61 -4.29 -26.45
C ASN K 41 127.99 -3.70 -27.81
N ASP K 42 127.18 -2.79 -28.36
CA ASP K 42 127.56 -2.08 -29.57
C ASP K 42 128.73 -1.12 -29.34
N ALA K 43 128.70 -0.32 -28.27
CA ALA K 43 129.80 0.58 -27.93
C ALA K 43 131.12 -0.19 -27.79
N VAL K 44 131.08 -1.41 -27.26
CA VAL K 44 132.24 -2.30 -27.16
C VAL K 44 132.76 -2.72 -28.54
N LYS K 45 131.89 -3.09 -29.49
CA LYS K 45 132.31 -3.40 -30.86
C LYS K 45 133.00 -2.19 -31.50
N PHE K 46 132.45 -0.99 -31.30
CA PHE K 46 133.00 0.21 -31.88
C PHE K 46 134.29 0.67 -31.19
N GLN K 47 134.46 0.42 -29.89
CA GLN K 47 135.75 0.63 -29.25
C GLN K 47 136.83 -0.25 -29.88
N GLU K 48 136.54 -1.52 -30.17
CA GLU K 48 137.48 -2.37 -30.88
C GLU K 48 137.75 -1.89 -32.30
N MET K 49 136.75 -1.40 -33.03
CA MET K 49 136.99 -0.84 -34.36
C MET K 49 137.83 0.43 -34.30
N TYR K 50 137.62 1.29 -33.31
CA TYR K 50 138.45 2.46 -33.14
C TYR K 50 139.88 2.09 -32.79
N GLN K 51 140.06 1.03 -31.99
CA GLN K 51 141.35 0.45 -31.66
C GLN K 51 142.06 -0.09 -32.92
N ILE K 52 141.34 -0.69 -33.88
CA ILE K 52 141.90 -1.13 -35.16
C ILE K 52 142.52 0.05 -35.92
N ASP K 53 141.81 1.19 -35.96
CA ASP K 53 142.24 2.35 -36.74
C ASP K 53 143.29 3.22 -36.04
N ASN K 54 143.26 3.32 -34.70
CA ASN K 54 143.99 4.35 -33.96
C ASN K 54 144.96 3.81 -32.91
N ASN K 55 145.00 2.49 -32.68
CA ASN K 55 145.83 1.88 -31.64
C ASN K 55 145.58 2.46 -30.24
N SER K 56 144.35 2.94 -29.97
CA SER K 56 143.96 3.50 -28.69
C SER K 56 142.44 3.45 -28.60
N TYR K 57 141.85 3.53 -27.39
CA TYR K 57 140.40 3.64 -27.25
C TYR K 57 139.92 5.09 -27.22
N THR K 58 138.64 5.31 -27.55
CA THR K 58 138.06 6.65 -27.57
C THR K 58 137.68 7.11 -26.16
N SER K 59 137.65 8.42 -25.95
CA SER K 59 137.09 8.87 -24.69
C SER K 59 135.78 9.56 -25.02
N ASN K 60 135.59 9.85 -26.32
CA ASN K 60 134.42 10.61 -26.76
C ASN K 60 133.51 9.80 -27.70
N GLN K 61 132.20 9.87 -27.43
CA GLN K 61 131.19 9.10 -28.14
C GLN K 61 131.12 9.42 -29.63
N ALA K 62 131.41 10.66 -30.03
CA ALA K 62 131.29 11.07 -31.43
C ALA K 62 132.23 10.31 -32.36
N ALA K 63 133.39 9.87 -31.86
CA ALA K 63 134.29 9.02 -32.62
C ALA K 63 133.66 7.65 -32.88
N LEU K 64 133.01 7.05 -31.87
CA LEU K 64 132.28 5.79 -32.04
C LEU K 64 131.11 5.94 -33.00
N ILE K 65 130.37 7.05 -32.91
CA ILE K 65 129.27 7.34 -33.81
C ILE K 65 129.76 7.50 -35.25
N SER K 66 130.92 8.14 -35.45
CA SER K 66 131.47 8.23 -36.79
C SER K 66 131.67 6.84 -37.39
N LEU K 67 132.24 5.93 -36.60
CA LEU K 67 132.53 4.56 -37.06
C LEU K 67 131.27 3.73 -37.30
N GLY K 68 130.12 4.11 -36.72
CA GLY K 68 128.87 3.41 -37.00
C GLY K 68 127.98 3.13 -35.78
N LEU K 69 128.40 3.56 -34.59
CA LEU K 69 127.54 3.40 -33.39
C LEU K 69 126.39 4.41 -33.47
N LYS K 70 125.17 3.95 -33.21
CA LYS K 70 123.98 4.83 -33.39
C LYS K 70 123.82 5.84 -32.26
N SER K 71 122.90 6.79 -32.43
CA SER K 71 122.60 7.79 -31.38
C SER K 71 122.32 7.08 -30.06
N THR K 72 122.68 7.67 -28.93
CA THR K 72 122.33 7.06 -27.62
C THR K 72 120.81 6.88 -27.58
N PRO K 73 120.29 5.69 -27.18
CA PRO K 73 118.85 5.42 -27.22
C PRO K 73 118.01 6.41 -26.38
N ALA K 74 116.73 6.59 -26.74
CA ALA K 74 115.86 7.46 -25.96
C ALA K 74 115.87 7.07 -24.47
N ASN K 75 116.00 8.06 -23.59
CA ASN K 75 116.08 7.90 -22.14
C ASN K 75 117.31 7.15 -21.62
N VAL K 76 118.24 6.72 -22.49
CA VAL K 76 119.52 6.18 -22.05
C VAL K 76 120.55 7.30 -21.98
N THR K 77 121.16 7.46 -20.80
CA THR K 77 122.34 8.28 -20.64
C THR K 77 123.57 7.38 -20.64
N PHE K 78 124.48 7.65 -21.58
CA PHE K 78 125.71 6.90 -21.77
C PHE K 78 126.90 7.84 -21.60
N SER K 79 127.95 7.36 -20.93
CA SER K 79 129.19 8.12 -20.81
C SER K 79 130.40 7.19 -20.94
N ILE K 80 131.45 7.70 -21.58
CA ILE K 80 132.75 7.06 -21.51
C ILE K 80 133.49 7.75 -20.37
N VAL K 81 133.66 7.04 -19.26
CA VAL K 81 134.20 7.59 -18.03
C VAL K 81 135.69 7.87 -18.19
N SER K 82 136.40 6.92 -18.80
CA SER K 82 137.83 7.07 -19.06
C SER K 82 138.23 6.17 -20.23
N ALA K 83 139.35 6.50 -20.87
CA ALA K 83 139.94 5.66 -21.89
C ALA K 83 141.44 5.95 -22.01
N SER K 84 142.17 4.96 -22.53
CA SER K 84 143.60 5.04 -22.73
C SER K 84 143.99 4.20 -23.95
N ALA K 85 145.29 4.05 -24.18
CA ALA K 85 145.78 3.18 -25.25
C ALA K 85 145.35 1.72 -25.05
N ASN K 86 145.02 1.32 -23.80
CA ASN K 86 144.95 -0.08 -23.42
C ASN K 86 143.65 -0.47 -22.72
N SER K 87 142.84 0.50 -22.26
CA SER K 87 141.61 0.21 -21.54
C SER K 87 140.56 1.30 -21.73
N TYR K 88 139.31 0.99 -21.40
CA TYR K 88 138.24 1.98 -21.30
C TYR K 88 137.32 1.60 -20.14
N CYS K 89 136.58 2.59 -19.64
CA CYS K 89 135.42 2.34 -18.81
C CYS K 89 134.24 3.12 -19.40
N MET K 90 133.12 2.44 -19.66
CA MET K 90 131.90 3.08 -20.12
C MET K 90 130.76 2.76 -19.15
N ILE K 91 129.85 3.70 -18.93
CA ILE K 91 128.72 3.55 -18.04
C ILE K 91 127.45 3.92 -18.83
N ALA K 92 126.38 3.15 -18.66
CA ALA K 92 125.11 3.52 -19.27
C ALA K 92 123.94 3.07 -18.40
N GLY K 93 122.81 3.77 -18.53
CA GLY K 93 121.62 3.45 -17.76
C GLY K 93 120.41 4.12 -18.39
N HIS K 94 119.24 3.49 -18.21
CA HIS K 94 117.98 4.01 -18.70
C HIS K 94 117.23 4.59 -17.51
N SER K 95 116.66 5.80 -17.62
CA SER K 95 116.01 6.44 -16.47
C SER K 95 114.90 5.58 -15.85
N GLY K 96 114.33 4.65 -16.63
CA GLY K 96 113.36 3.66 -16.18
C GLY K 96 113.84 2.21 -16.30
N GLY K 97 115.15 1.98 -16.19
CA GLY K 97 115.72 0.65 -16.02
C GLY K 97 115.78 0.25 -14.55
N THR K 98 116.63 -0.74 -14.20
CA THR K 98 116.83 -1.10 -12.80
C THR K 98 118.09 -0.45 -12.24
N VAL K 99 119.25 -0.71 -12.87
CA VAL K 99 120.56 -0.28 -12.37
C VAL K 99 121.44 0.26 -13.51
N TRP K 100 122.49 1.00 -13.14
CA TRP K 100 123.53 1.37 -14.09
C TRP K 100 124.32 0.13 -14.52
N PHE K 101 124.69 0.10 -15.80
CA PHE K 101 125.56 -0.93 -16.35
C PHE K 101 126.92 -0.32 -16.64
N ALA K 102 127.97 -1.13 -16.51
CA ALA K 102 129.34 -0.74 -16.82
C ALA K 102 129.90 -1.66 -17.90
N ALA K 103 130.85 -1.14 -18.68
CA ALA K 103 131.59 -1.94 -19.64
C ALA K 103 133.08 -1.62 -19.55
N THR K 104 133.91 -2.67 -19.52
CA THR K 104 135.37 -2.58 -19.57
C THR K 104 135.88 -3.72 -20.42
N PRO K 105 137.09 -3.66 -21.00
CA PRO K 105 137.54 -4.71 -21.91
C PRO K 105 137.86 -6.04 -21.21
N ASP K 106 138.06 -6.03 -19.88
CA ASP K 106 138.28 -7.25 -19.11
C ASP K 106 136.97 -7.87 -18.59
N LYS K 107 136.11 -7.09 -17.95
CA LYS K 107 134.89 -7.62 -17.34
C LYS K 107 133.74 -7.75 -18.32
N GLY K 108 133.87 -7.21 -19.54
CA GLY K 108 132.77 -7.18 -20.50
C GLY K 108 131.70 -6.17 -20.09
N VAL K 109 130.44 -6.38 -20.50
CA VAL K 109 129.32 -5.55 -20.06
C VAL K 109 128.65 -6.23 -18.87
N TYR K 110 128.48 -5.50 -17.77
CA TYR K 110 127.94 -6.07 -16.54
C TYR K 110 127.14 -5.04 -15.75
N LYS K 111 126.19 -5.51 -14.95
CA LYS K 111 125.34 -4.62 -14.17
C LYS K 111 126.01 -4.26 -12.84
N THR K 112 125.91 -2.99 -12.44
CA THR K 112 126.43 -2.51 -11.18
C THR K 112 125.38 -2.61 -10.07
N ASN K 113 125.75 -2.27 -8.82
CA ASN K 113 124.81 -2.25 -7.71
C ASN K 113 123.99 -0.95 -7.64
N THR K 114 124.36 0.08 -8.43
CA THR K 114 123.78 1.42 -8.30
C THR K 114 122.47 1.53 -9.07
N ALA K 115 121.37 1.87 -8.39
CA ALA K 115 120.07 2.08 -9.03
C ALA K 115 120.09 3.30 -9.97
N VAL K 116 119.31 3.27 -11.06
CA VAL K 116 119.30 4.35 -12.06
C VAL K 116 118.79 5.69 -11.51
N THR K 117 118.11 5.65 -10.37
CA THR K 117 117.61 6.84 -9.67
C THR K 117 118.72 7.59 -8.92
N SER K 118 119.80 6.87 -8.56
CA SER K 118 121.02 7.46 -8.02
C SER K 118 121.89 8.02 -9.15
N SER K 119 122.79 8.95 -8.82
CA SER K 119 123.76 9.48 -9.77
C SER K 119 124.69 8.38 -10.29
N GLN K 120 125.12 8.48 -11.56
CA GLN K 120 125.86 7.41 -12.21
C GLN K 120 127.20 7.15 -11.56
N PRO K 121 127.69 5.89 -11.54
CA PRO K 121 129.04 5.58 -11.05
C PRO K 121 130.11 6.44 -11.73
N GLU K 122 131.10 6.86 -10.94
CA GLU K 122 132.25 7.62 -11.42
C GLU K 122 133.35 6.72 -12.00
N SER K 123 133.22 5.39 -11.85
CA SER K 123 134.20 4.40 -12.25
C SER K 123 133.56 3.01 -12.33
N CYS K 124 134.24 2.05 -12.98
CA CYS K 124 133.84 0.66 -13.08
C CYS K 124 133.96 -0.06 -11.73
N PRO K 125 132.86 -0.61 -11.16
CA PRO K 125 132.94 -1.51 -10.00
C PRO K 125 133.70 -2.83 -10.28
N PHE L 1 59.32 -8.80 -11.69
CA PHE L 1 60.03 -8.11 -12.81
C PHE L 1 59.04 -7.26 -13.61
N THR L 2 59.39 -5.98 -13.86
CA THR L 2 58.46 -4.98 -14.37
C THR L 2 59.12 -4.06 -15.40
N LEU L 3 58.35 -3.20 -16.06
CA LEU L 3 58.84 -2.46 -17.21
C LEU L 3 59.94 -1.48 -16.84
N ILE L 4 59.89 -0.91 -15.63
CA ILE L 4 60.94 -0.01 -15.15
C ILE L 4 62.27 -0.74 -14.91
N GLU L 5 62.26 -1.96 -14.37
CA GLU L 5 63.50 -2.73 -14.24
C GLU L 5 64.07 -3.07 -15.61
N LEU L 6 63.19 -3.41 -16.55
CA LEU L 6 63.59 -3.77 -17.89
C LEU L 6 64.14 -2.57 -18.67
N LEU L 7 63.60 -1.37 -18.46
CA LEU L 7 64.17 -0.14 -19.02
C LEU L 7 65.53 0.19 -18.41
N ILE L 8 65.74 -0.03 -17.11
CA ILE L 8 67.04 0.12 -16.48
C ILE L 8 68.05 -0.85 -17.10
N VAL L 9 67.65 -2.11 -17.28
CA VAL L 9 68.48 -3.13 -17.90
C VAL L 9 68.87 -2.73 -19.32
N ILE L 10 67.91 -2.28 -20.14
CA ILE L 10 68.15 -1.79 -21.50
C ILE L 10 69.10 -0.59 -21.49
N ALA L 11 68.91 0.35 -20.56
CA ALA L 11 69.76 1.53 -20.44
C ALA L 11 71.21 1.15 -20.12
N ILE L 12 71.40 0.22 -19.18
CA ILE L 12 72.74 -0.23 -18.79
C ILE L 12 73.38 -1.08 -19.88
N ILE L 13 72.62 -1.92 -20.61
CA ILE L 13 73.14 -2.62 -21.79
C ILE L 13 73.68 -1.61 -22.81
N ALA L 14 72.95 -0.53 -23.09
CA ALA L 14 73.38 0.49 -24.03
C ALA L 14 74.70 1.14 -23.61
N ILE L 15 74.90 1.36 -22.30
CA ILE L 15 76.15 1.87 -21.75
C ILE L 15 77.28 0.85 -21.93
N LEU L 16 77.10 -0.39 -21.47
CA LEU L 16 78.17 -1.38 -21.54
C LEU L 16 78.54 -1.71 -22.99
N ALA L 17 77.57 -1.76 -23.90
CA ALA L 17 77.81 -1.98 -25.32
C ALA L 17 78.65 -0.85 -25.95
N ALA L 18 78.55 0.37 -25.42
CA ALA L 18 79.29 1.51 -25.93
C ALA L 18 80.75 1.55 -25.43
N VAL L 19 81.02 1.11 -24.19
CA VAL L 19 82.30 1.34 -23.54
C VAL L 19 83.20 0.10 -23.48
N LEU L 20 82.63 -1.11 -23.49
CA LEU L 20 83.43 -2.32 -23.28
C LEU L 20 84.02 -2.88 -24.58
N ILE L 21 83.88 -2.17 -25.71
CA ILE L 21 84.41 -2.57 -26.99
C ILE L 21 85.66 -1.75 -27.31
N PRO L 22 86.84 -2.38 -27.58
CA PRO L 22 88.07 -1.63 -27.81
C PRO L 22 88.10 -0.97 -29.19
N ASN L 23 89.00 -0.01 -29.37
CA ASN L 23 89.32 0.53 -30.68
C ASN L 23 90.07 -0.55 -31.47
N LEU L 24 89.36 -1.21 -32.40
CA LEU L 24 89.93 -2.33 -33.14
C LEU L 24 90.95 -1.83 -34.17
N LEU L 25 90.70 -0.67 -34.77
CA LEU L 25 91.60 -0.09 -35.76
C LEU L 25 92.99 0.19 -35.18
N ALA L 26 93.05 0.81 -34.00
CA ALA L 26 94.29 1.14 -33.32
C ALA L 26 95.10 -0.10 -32.96
N ALA L 27 94.42 -1.14 -32.45
CA ALA L 27 95.04 -2.43 -32.14
C ALA L 27 95.64 -3.06 -33.41
N ARG L 28 94.88 -3.13 -34.50
CA ARG L 28 95.36 -3.71 -35.74
C ARG L 28 96.52 -2.92 -36.34
N LYS L 29 96.54 -1.58 -36.25
CA LYS L 29 97.67 -0.77 -36.72
C LYS L 29 99.00 -1.24 -36.12
N ARG L 30 99.06 -1.45 -34.80
CA ARG L 30 100.28 -1.86 -34.11
C ARG L 30 100.69 -3.30 -34.45
N ALA L 31 99.72 -4.21 -34.62
CA ALA L 31 100.00 -5.54 -35.10
C ALA L 31 100.53 -5.52 -36.54
N ASN L 32 99.94 -4.71 -37.42
CA ASN L 32 100.37 -4.56 -38.80
C ASN L 32 101.80 -4.04 -38.92
N ASP L 33 102.20 -3.04 -38.12
CA ASP L 33 103.58 -2.58 -38.09
C ASP L 33 104.54 -3.68 -37.61
N THR L 34 104.08 -4.60 -36.77
CA THR L 34 104.87 -5.74 -36.33
C THR L 34 105.10 -6.71 -37.48
N VAL L 35 104.10 -6.94 -38.33
CA VAL L 35 104.24 -7.75 -39.54
C VAL L 35 105.30 -7.16 -40.46
N VAL L 36 105.25 -5.84 -40.72
CA VAL L 36 106.19 -5.17 -41.59
C VAL L 36 107.61 -5.26 -41.01
N THR L 37 107.77 -4.99 -39.72
CA THR L 37 109.05 -5.09 -39.05
C THR L 37 109.62 -6.51 -39.15
N ALA L 38 108.80 -7.52 -38.86
CA ALA L 38 109.20 -8.91 -38.95
C ALA L 38 109.60 -9.31 -40.37
N TYR L 39 108.84 -8.88 -41.39
CA TYR L 39 109.16 -9.20 -42.77
C TYR L 39 110.46 -8.55 -43.23
N LEU L 40 110.70 -7.29 -42.85
CA LEU L 40 111.98 -6.66 -43.14
C LEU L 40 113.14 -7.32 -42.39
N ASN L 41 112.97 -7.73 -41.13
CA ASN L 41 114.01 -8.49 -40.45
C ASN L 41 114.32 -9.81 -41.16
N ASP L 42 113.32 -10.49 -41.73
CA ASP L 42 113.56 -11.66 -42.56
C ASP L 42 114.26 -11.31 -43.86
N ALA L 43 113.81 -10.28 -44.58
CA ALA L 43 114.48 -9.83 -45.80
C ALA L 43 115.96 -9.51 -45.55
N VAL L 44 116.28 -8.95 -44.39
CA VAL L 44 117.66 -8.68 -43.98
C VAL L 44 118.47 -9.97 -43.80
N LYS L 45 117.92 -11.01 -43.16
CA LYS L 45 118.58 -12.31 -43.05
C LYS L 45 118.88 -12.88 -44.43
N PHE L 46 117.92 -12.79 -45.35
CA PHE L 46 118.08 -13.33 -46.68
C PHE L 46 119.01 -12.51 -47.56
N GLN L 47 119.09 -11.18 -47.37
CA GLN L 47 120.12 -10.38 -48.02
C GLN L 47 121.52 -10.86 -47.59
N GLU L 48 121.75 -11.15 -46.30
CA GLU L 48 123.02 -11.71 -45.85
C GLU L 48 123.26 -13.11 -46.44
N MET L 49 122.25 -13.97 -46.54
CA MET L 49 122.44 -15.26 -47.18
C MET L 49 122.76 -15.13 -48.67
N TYR L 50 122.14 -14.20 -49.37
CA TYR L 50 122.46 -13.95 -50.77
C TYR L 50 123.89 -13.42 -50.92
N GLN L 51 124.32 -12.59 -49.98
CA GLN L 51 125.69 -12.08 -49.89
C GLN L 51 126.69 -13.22 -49.67
N ILE L 52 126.36 -14.25 -48.87
CA ILE L 52 127.20 -15.43 -48.70
C ILE L 52 127.44 -16.15 -50.02
N ASP L 53 126.40 -16.30 -50.83
CA ASP L 53 126.47 -17.06 -52.08
C ASP L 53 127.04 -16.25 -53.26
N ASN L 54 126.81 -14.93 -53.32
CA ASN L 54 127.02 -14.14 -54.52
C ASN L 54 127.98 -12.95 -54.34
N ASN L 55 128.46 -12.68 -53.12
CA ASN L 55 129.31 -11.54 -52.83
C ASN L 55 128.69 -10.20 -53.25
N SER L 56 127.36 -10.10 -53.26
CA SER L 56 126.63 -8.90 -53.62
C SER L 56 125.22 -8.99 -53.01
N TYR L 57 124.49 -7.87 -52.86
CA TYR L 57 123.10 -7.92 -52.44
C TYR L 57 122.13 -7.98 -53.62
N THR L 58 120.92 -8.48 -53.38
CA THR L 58 119.90 -8.60 -54.42
C THR L 58 119.21 -7.27 -54.69
N SER L 59 118.69 -7.10 -55.90
CA SER L 59 117.84 -5.93 -56.10
C SER L 59 116.44 -6.44 -56.28
N ASN L 60 116.31 -7.76 -56.50
CA ASN L 60 115.02 -8.37 -56.80
C ASN L 60 114.58 -9.38 -55.74
N GLN L 61 113.31 -9.29 -55.33
CA GLN L 61 112.75 -10.09 -54.26
C GLN L 61 112.74 -11.59 -54.56
N ALA L 62 112.62 -11.99 -55.83
CA ALA L 62 112.54 -13.40 -56.20
C ALA L 62 113.80 -14.19 -55.85
N ALA L 63 114.97 -13.53 -55.84
CA ALA L 63 116.21 -14.15 -55.37
C ALA L 63 116.15 -14.45 -53.88
N LEU L 64 115.64 -13.51 -53.07
CA LEU L 64 115.44 -13.73 -51.64
C LEU L 64 114.41 -14.83 -51.38
N ILE L 65 113.31 -14.88 -52.15
CA ILE L 65 112.31 -15.92 -52.03
C ILE L 65 112.89 -17.28 -52.39
N SER L 66 113.76 -17.35 -53.41
CA SER L 66 114.41 -18.61 -53.71
C SER L 66 115.17 -19.15 -52.50
N LEU L 67 115.91 -18.27 -51.83
CA LEU L 67 116.73 -18.64 -50.68
C LEU L 67 115.89 -19.02 -49.45
N GLY L 68 114.62 -18.60 -49.38
CA GLY L 68 113.74 -19.01 -48.30
C GLY L 68 112.87 -17.91 -47.68
N LEU L 69 112.95 -16.70 -48.22
CA LEU L 69 112.06 -15.60 -47.73
C LEU L 69 110.65 -15.85 -48.27
N LYS L 70 109.65 -15.73 -47.40
CA LYS L 70 108.26 -16.09 -47.80
C LYS L 70 107.61 -15.01 -48.65
N SER L 71 106.44 -15.32 -49.21
CA SER L 71 105.67 -14.34 -50.03
C SER L 71 105.50 -13.04 -49.23
N THR L 72 105.48 -11.89 -49.90
CA THR L 72 105.20 -10.63 -49.17
C THR L 72 103.86 -10.78 -48.45
N PRO L 73 103.75 -10.41 -47.16
CA PRO L 73 102.51 -10.62 -46.39
C PRO L 73 101.29 -9.92 -46.99
N ALA L 74 100.09 -10.44 -46.72
CA ALA L 74 98.87 -9.80 -47.21
C ALA L 74 98.84 -8.33 -46.80
N ASN L 75 98.49 -7.45 -47.76
CA ASN L 75 98.43 -6.00 -47.62
C ASN L 75 99.78 -5.31 -47.34
N VAL L 76 100.89 -6.05 -47.30
CA VAL L 76 102.22 -5.43 -47.24
C VAL L 76 102.76 -5.27 -48.65
N THR L 77 103.11 -4.03 -48.99
CA THR L 77 103.90 -3.74 -50.18
C THR L 77 105.35 -3.57 -49.78
N PHE L 78 106.22 -4.39 -50.38
CA PHE L 78 107.65 -4.41 -50.12
C PHE L 78 108.40 -4.11 -51.42
N SER L 79 109.45 -3.30 -51.34
CA SER L 79 110.31 -3.05 -52.48
C SER L 79 111.78 -3.01 -52.05
N ILE L 80 112.66 -3.52 -52.92
CA ILE L 80 114.08 -3.27 -52.78
C ILE L 80 114.38 -2.07 -53.67
N VAL L 81 114.63 -0.93 -53.05
CA VAL L 81 114.78 0.35 -53.73
C VAL L 81 116.08 0.37 -54.53
N SER L 82 117.16 -0.12 -53.92
CA SER L 82 118.46 -0.21 -54.57
C SER L 82 119.29 -1.29 -53.89
N ALA L 83 120.30 -1.80 -54.62
CA ALA L 83 121.28 -2.70 -54.06
C ALA L 83 122.57 -2.65 -54.87
N SER L 84 123.67 -3.05 -54.22
CA SER L 84 124.99 -3.06 -54.81
C SER L 84 125.80 -4.19 -54.19
N ALA L 85 127.09 -4.28 -54.53
CA ALA L 85 127.98 -5.24 -53.90
C ALA L 85 128.09 -5.05 -52.39
N ASN L 86 127.77 -3.85 -51.87
CA ASN L 86 128.16 -3.43 -50.53
C ASN L 86 127.00 -2.90 -49.68
N SER L 87 125.86 -2.57 -50.29
CA SER L 87 124.72 -2.01 -49.56
C SER L 87 123.39 -2.35 -50.21
N TYR L 88 122.30 -2.17 -49.48
CA TYR L 88 120.94 -2.23 -50.00
C TYR L 88 120.08 -1.18 -49.31
N CYS L 89 118.98 -0.81 -49.95
CA CYS L 89 117.89 -0.13 -49.28
C CYS L 89 116.60 -0.87 -49.60
N MET L 90 115.84 -1.26 -48.57
CA MET L 90 114.53 -1.89 -48.74
C MET L 90 113.48 -1.05 -48.01
N ILE L 91 112.27 -0.99 -48.57
CA ILE L 91 111.15 -0.24 -47.99
C ILE L 91 109.96 -1.18 -47.91
N ALA L 92 109.21 -1.13 -46.80
CA ALA L 92 107.98 -1.91 -46.70
C ALA L 92 106.95 -1.18 -45.85
N GLY L 93 105.67 -1.46 -46.09
CA GLY L 93 104.59 -0.84 -45.35
C GLY L 93 103.31 -1.63 -45.56
N HIS L 94 102.44 -1.59 -44.55
CA HIS L 94 101.13 -2.25 -44.60
C HIS L 94 100.09 -1.17 -44.85
N SER L 95 99.14 -1.39 -45.77
CA SER L 95 98.16 -0.35 -46.11
C SER L 95 97.36 0.16 -44.90
N GLY L 96 97.27 -0.67 -43.84
CA GLY L 96 96.67 -0.31 -42.56
C GLY L 96 97.64 -0.33 -41.39
N GLY L 97 98.93 -0.05 -41.64
CA GLY L 97 99.91 0.22 -40.60
C GLY L 97 99.92 1.70 -40.22
N THR L 98 101.02 2.18 -39.59
CA THR L 98 101.16 3.60 -39.30
C THR L 98 102.02 4.30 -40.35
N VAL L 99 103.27 3.82 -40.54
CA VAL L 99 104.26 4.48 -41.38
C VAL L 99 105.03 3.44 -42.22
N TRP L 100 105.68 3.91 -43.29
CA TRP L 100 106.64 3.09 -44.03
C TRP L 100 107.87 2.80 -43.18
N PHE L 101 108.39 1.58 -43.29
CA PHE L 101 109.63 1.17 -42.65
C PHE L 101 110.70 1.03 -43.72
N ALA L 102 111.95 1.32 -43.33
CA ALA L 102 113.10 1.18 -44.20
C ALA L 102 114.10 0.19 -43.57
N ALA L 103 114.89 -0.48 -44.40
CA ALA L 103 115.99 -1.31 -43.93
C ALA L 103 117.24 -1.05 -44.77
N THR L 104 118.38 -0.88 -44.08
CA THR L 104 119.70 -0.74 -44.70
C THR L 104 120.69 -1.50 -43.83
N PRO L 105 121.86 -1.93 -44.33
CA PRO L 105 122.76 -2.74 -43.51
C PRO L 105 123.45 -1.96 -42.39
N ASP L 106 123.46 -0.63 -42.43
CA ASP L 106 124.00 0.20 -41.36
C ASP L 106 122.95 0.56 -40.30
N LYS L 107 121.79 1.07 -40.71
CA LYS L 107 120.77 1.54 -39.78
C LYS L 107 119.88 0.42 -39.26
N GLY L 108 119.96 -0.78 -39.83
CA GLY L 108 119.06 -1.87 -39.48
C GLY L 108 117.65 -1.62 -40.03
N VAL L 109 116.61 -2.19 -39.40
CA VAL L 109 115.23 -1.92 -39.76
C VAL L 109 114.70 -0.80 -38.86
N TYR L 110 114.14 0.25 -39.45
CA TYR L 110 113.69 1.42 -38.71
C TYR L 110 112.48 2.07 -39.37
N LYS L 111 111.67 2.77 -38.58
CA LYS L 111 110.47 3.40 -39.09
C LYS L 111 110.79 4.80 -39.63
N THR L 112 110.18 5.14 -40.78
CA THR L 112 110.34 6.46 -41.40
C THR L 112 109.26 7.42 -40.89
N ASN L 113 109.33 8.70 -41.33
CA ASN L 113 108.32 9.68 -40.99
C ASN L 113 107.07 9.61 -41.90
N THR L 114 107.15 8.85 -43.01
CA THR L 114 106.13 8.87 -44.05
C THR L 114 104.97 7.93 -43.70
N ALA L 115 103.74 8.47 -43.61
CA ALA L 115 102.54 7.65 -43.36
C ALA L 115 102.25 6.69 -44.52
N VAL L 116 101.67 5.53 -44.24
CA VAL L 116 101.41 4.51 -45.26
C VAL L 116 100.38 4.93 -46.32
N THR L 117 99.62 5.99 -46.02
CA THR L 117 98.64 6.58 -46.93
C THR L 117 99.30 7.45 -48.01
N SER L 118 100.52 7.97 -47.72
CA SER L 118 101.37 8.63 -48.70
C SER L 118 102.12 7.61 -49.55
N SER L 119 102.58 8.03 -50.74
CA SER L 119 103.41 7.18 -51.60
C SER L 119 104.73 6.81 -50.92
N GLN L 120 105.25 5.60 -51.18
CA GLN L 120 106.40 5.07 -50.46
C GLN L 120 107.65 5.91 -50.69
N PRO L 121 108.55 6.03 -49.69
CA PRO L 121 109.85 6.68 -49.87
C PRO L 121 110.61 6.11 -51.07
N GLU L 122 111.28 7.01 -51.80
CA GLU L 122 112.13 6.65 -52.93
C GLU L 122 113.55 6.25 -52.50
N SER L 123 113.88 6.42 -51.21
CA SER L 123 115.20 6.17 -50.64
C SER L 123 115.10 6.05 -49.11
N CYS L 124 116.16 5.51 -48.49
CA CYS L 124 116.30 5.40 -47.04
C CYS L 124 116.50 6.77 -46.38
N PRO L 125 115.61 7.22 -45.46
CA PRO L 125 115.86 8.41 -44.63
C PRO L 125 117.06 8.26 -43.68
N PHE M 1 50.55 -2.32 -11.52
CA PHE M 1 51.11 -3.37 -12.42
C PHE M 1 49.99 -4.30 -12.88
N THR M 2 49.89 -4.56 -14.20
CA THR M 2 48.72 -5.19 -14.81
C THR M 2 49.15 -6.16 -15.93
N LEU M 3 48.20 -6.94 -16.46
CA LEU M 3 48.54 -8.03 -17.35
C LEU M 3 49.17 -7.55 -18.66
N ILE M 4 48.76 -6.38 -19.14
CA ILE M 4 49.35 -5.79 -20.35
C ILE M 4 50.80 -5.36 -20.14
N GLU M 5 51.17 -4.80 -18.98
CA GLU M 5 52.56 -4.49 -18.71
C GLU M 5 53.39 -5.78 -18.62
N LEU M 6 52.83 -6.80 -18.01
CA LEU M 6 53.49 -8.09 -17.85
C LEU M 6 53.67 -8.82 -19.18
N LEU M 7 52.71 -8.70 -20.11
CA LEU M 7 52.88 -9.22 -21.46
C LEU M 7 53.94 -8.45 -22.25
N ILE M 8 54.04 -7.13 -22.08
CA ILE M 8 55.12 -6.35 -22.68
C ILE M 8 56.48 -6.81 -22.15
N VAL M 9 56.58 -7.00 -20.84
CA VAL M 9 57.79 -7.49 -20.20
C VAL M 9 58.18 -8.86 -20.73
N ILE M 10 57.23 -9.81 -20.82
CA ILE M 10 57.47 -11.13 -21.39
C ILE M 10 57.91 -11.04 -22.86
N ALA M 11 57.29 -10.17 -23.66
CA ALA M 11 57.64 -9.98 -25.04
C ALA M 11 59.07 -9.46 -25.21
N ILE M 12 59.46 -8.47 -24.39
CA ILE M 12 60.79 -7.91 -24.45
C ILE M 12 61.84 -8.90 -23.90
N ILE M 13 61.53 -9.68 -22.86
CA ILE M 13 62.40 -10.77 -22.41
C ILE M 13 62.68 -11.74 -23.56
N ALA M 14 61.66 -12.14 -24.32
CA ALA M 14 61.81 -13.04 -25.45
C ALA M 14 62.75 -12.48 -26.52
N ILE M 15 62.68 -11.17 -26.76
CA ILE M 15 63.59 -10.47 -27.68
C ILE M 15 65.02 -10.48 -27.14
N LEU M 16 65.24 -10.02 -25.91
CA LEU M 16 66.58 -9.92 -25.37
C LEU M 16 67.24 -11.30 -25.22
N ALA M 17 66.47 -12.33 -24.84
CA ALA M 17 66.96 -13.70 -24.75
C ALA M 17 67.41 -14.25 -26.12
N ALA M 18 66.81 -13.77 -27.22
CA ALA M 18 67.16 -14.21 -28.56
C ALA M 18 68.42 -13.53 -29.10
N VAL M 19 68.67 -12.26 -28.75
CA VAL M 19 69.70 -11.46 -29.42
C VAL M 19 70.96 -11.25 -28.59
N LEU M 20 70.87 -11.31 -27.26
CA LEU M 20 72.01 -10.97 -26.40
C LEU M 20 72.93 -12.16 -26.12
N ILE M 21 72.68 -13.32 -26.76
CA ILE M 21 73.49 -14.52 -26.59
C ILE M 21 74.39 -14.70 -27.81
N PRO M 22 75.74 -14.80 -27.65
CA PRO M 22 76.63 -14.89 -28.80
C PRO M 22 76.61 -16.28 -29.44
N ASN M 23 77.12 -16.36 -30.68
CA ASN M 23 77.39 -17.64 -31.32
C ASN M 23 78.57 -18.30 -30.60
N LEU M 24 78.27 -19.29 -29.74
CA LEU M 24 79.29 -19.93 -28.92
C LEU M 24 80.18 -20.82 -29.77
N LEU M 25 79.61 -21.49 -30.77
CA LEU M 25 80.37 -22.37 -31.65
C LEU M 25 81.48 -21.63 -32.40
N ALA M 26 81.17 -20.46 -32.97
CA ALA M 26 82.10 -19.65 -33.73
C ALA M 26 83.26 -19.15 -32.84
N ALA M 27 82.93 -18.70 -31.63
CA ALA M 27 83.93 -18.30 -30.63
C ALA M 27 84.87 -19.45 -30.28
N ARG M 28 84.33 -20.63 -29.97
CA ARG M 28 85.14 -21.78 -29.62
C ARG M 28 86.00 -22.25 -30.79
N LYS M 29 85.53 -22.19 -32.05
CA LYS M 29 86.35 -22.54 -33.20
C LYS M 29 87.67 -21.76 -33.24
N ARG M 30 87.63 -20.44 -33.03
CA ARG M 30 88.82 -19.60 -33.08
C ARG M 30 89.76 -19.84 -31.89
N ALA M 31 89.20 -20.11 -30.70
CA ALA M 31 90.00 -20.51 -29.56
C ALA M 31 90.67 -21.87 -29.80
N ASN M 32 89.94 -22.85 -30.36
CA ASN M 32 90.46 -24.17 -30.68
C ASN M 32 91.62 -24.11 -31.68
N ASP M 33 91.53 -23.30 -32.73
CA ASP M 33 92.64 -23.10 -33.66
C ASP M 33 93.86 -22.48 -32.97
N THR M 34 93.65 -21.68 -31.93
CA THR M 34 94.74 -21.12 -31.14
C THR M 34 95.44 -22.21 -30.34
N VAL M 35 94.71 -23.16 -29.78
CA VAL M 35 95.28 -24.31 -29.10
C VAL M 35 96.17 -25.12 -30.06
N VAL M 36 95.68 -25.42 -31.26
CA VAL M 36 96.43 -26.17 -32.25
C VAL M 36 97.69 -25.42 -32.66
N THR M 37 97.58 -24.13 -32.94
CA THR M 37 98.72 -23.30 -33.30
C THR M 37 99.76 -23.29 -32.18
N ALA M 38 99.33 -23.07 -30.94
CA ALA M 38 100.21 -23.08 -29.78
C ALA M 38 100.90 -24.43 -29.58
N TYR M 39 100.18 -25.54 -29.73
CA TYR M 39 100.76 -26.86 -29.56
C TYR M 39 101.78 -27.18 -30.66
N LEU M 40 101.52 -26.80 -31.91
CA LEU M 40 102.51 -26.94 -32.97
C LEU M 40 103.72 -26.04 -32.75
N ASN M 41 103.56 -24.79 -32.28
CA ASN M 41 104.70 -23.97 -31.92
C ASN M 41 105.55 -24.60 -30.82
N ASP M 42 104.94 -25.27 -29.84
CA ASP M 42 105.69 -26.03 -28.85
C ASP M 42 106.38 -27.24 -29.46
N ALA M 43 105.68 -28.04 -30.27
CA ALA M 43 106.30 -29.18 -30.95
C ALA M 43 107.51 -28.76 -31.77
N VAL M 44 107.47 -27.59 -32.40
CA VAL M 44 108.60 -27.00 -33.12
C VAL M 44 109.79 -26.69 -32.21
N LYS M 45 109.57 -26.10 -31.02
CA LYS M 45 110.63 -25.87 -30.05
C LYS M 45 111.28 -27.19 -29.65
N PHE M 46 110.47 -28.22 -29.41
CA PHE M 46 110.99 -29.51 -28.98
C PHE M 46 111.66 -30.29 -30.11
N GLN M 47 111.24 -30.12 -31.36
CA GLN M 47 111.99 -30.65 -32.49
C GLN M 47 113.40 -30.04 -32.54
N GLU M 48 113.55 -28.73 -32.33
CA GLU M 48 114.87 -28.11 -32.25
C GLU M 48 115.68 -28.62 -31.06
N MET M 49 115.06 -28.83 -29.89
CA MET M 49 115.78 -29.39 -28.75
C MET M 49 116.22 -30.84 -29.02
N TYR M 50 115.40 -31.65 -29.68
CA TYR M 50 115.79 -33.00 -30.05
C TYR M 50 116.93 -32.98 -31.06
N GLN M 51 116.92 -32.01 -31.98
CA GLN M 51 117.99 -31.77 -32.93
C GLN M 51 119.30 -31.39 -32.23
N ILE M 52 119.26 -30.61 -31.14
CA ILE M 52 120.44 -30.30 -30.32
C ILE M 52 121.07 -31.56 -29.78
N ASP M 53 120.27 -32.50 -29.26
CA ASP M 53 120.77 -33.70 -28.61
C ASP M 53 121.16 -34.83 -29.59
N ASN M 54 120.48 -34.94 -30.74
CA ASN M 54 120.55 -36.14 -31.58
C ASN M 54 120.99 -35.87 -33.03
N ASN M 55 121.18 -34.61 -33.44
CA ASN M 55 121.53 -34.24 -34.81
C ASN M 55 120.53 -34.77 -35.84
N SER M 56 119.26 -34.95 -35.45
CA SER M 56 118.19 -35.43 -36.33
C SER M 56 116.86 -35.01 -35.72
N TYR M 57 115.76 -34.98 -36.50
CA TYR M 57 114.43 -34.74 -35.95
C TYR M 57 113.71 -36.03 -35.57
N THR M 58 112.72 -35.93 -34.66
CA THR M 58 111.97 -37.09 -34.21
C THR M 58 110.89 -37.48 -35.21
N SER M 59 110.50 -38.74 -35.21
CA SER M 59 109.32 -39.07 -36.00
C SER M 59 108.22 -39.41 -35.02
N ASN M 60 108.61 -39.62 -33.75
CA ASN M 60 107.67 -40.06 -32.73
C ASN M 60 107.49 -39.05 -31.60
N GLN M 61 106.23 -38.80 -31.22
CA GLN M 61 105.85 -37.78 -30.25
C GLN M 61 106.43 -38.04 -28.85
N ALA M 62 106.63 -39.30 -28.47
CA ALA M 62 107.10 -39.65 -27.13
C ALA M 62 108.50 -39.11 -26.83
N ALA M 63 109.35 -38.97 -27.86
CA ALA M 63 110.66 -38.35 -27.73
C ALA M 63 110.51 -36.85 -27.40
N LEU M 64 109.60 -36.14 -28.06
CA LEU M 64 109.31 -34.75 -27.76
C LEU M 64 108.73 -34.59 -26.35
N ILE M 65 107.83 -35.49 -25.95
CA ILE M 65 107.24 -35.48 -24.61
C ILE M 65 108.33 -35.72 -23.55
N SER M 66 109.28 -36.61 -23.82
CA SER M 66 110.38 -36.80 -22.87
C SER M 66 111.11 -35.49 -22.63
N LEU M 67 111.41 -34.76 -23.70
CA LEU M 67 112.14 -33.50 -23.63
C LEU M 67 111.36 -32.38 -22.94
N GLY M 68 110.02 -32.48 -22.88
CA GLY M 68 109.21 -31.50 -22.16
C GLY M 68 107.93 -31.03 -22.87
N LEU M 69 107.64 -31.58 -24.05
CA LEU M 69 106.37 -31.25 -24.73
C LEU M 69 105.22 -31.95 -24.00
N LYS M 70 104.13 -31.22 -23.74
CA LYS M 70 103.03 -31.77 -22.92
C LYS M 70 102.15 -32.74 -23.71
N SER M 71 101.26 -33.43 -23.01
CA SER M 71 100.30 -34.35 -23.67
C SER M 71 99.57 -33.62 -24.80
N THR M 72 99.23 -34.33 -25.88
CA THR M 72 98.42 -33.67 -26.96
C THR M 72 97.15 -33.12 -26.32
N PRO M 73 96.75 -31.86 -26.60
CA PRO M 73 95.59 -31.25 -25.94
C PRO M 73 94.28 -32.02 -26.16
N ALA M 74 93.31 -31.88 -25.24
CA ALA M 74 92.02 -32.54 -25.41
C ALA M 74 91.40 -32.19 -26.77
N ASN M 75 90.90 -33.21 -27.48
CA ASN M 75 90.31 -33.11 -28.81
C ASN M 75 91.27 -32.69 -29.93
N VAL M 76 92.56 -32.48 -29.65
CA VAL M 76 93.56 -32.27 -30.69
C VAL M 76 94.18 -33.61 -31.07
N THR M 77 94.11 -33.94 -32.36
CA THR M 77 94.89 -35.03 -32.93
C THR M 77 96.12 -34.46 -33.61
N PHE M 78 97.29 -34.92 -33.17
CA PHE M 78 98.59 -34.47 -33.65
C PHE M 78 99.34 -35.68 -34.22
N SER M 79 100.01 -35.49 -35.36
CA SER M 79 100.87 -36.52 -35.92
C SER M 79 102.15 -35.91 -36.48
N ILE M 80 103.25 -36.64 -36.32
CA ILE M 80 104.46 -36.34 -37.07
C ILE M 80 104.42 -37.21 -38.31
N VAL M 81 104.18 -36.59 -39.46
CA VAL M 81 103.94 -37.29 -40.71
C VAL M 81 105.24 -37.92 -41.21
N SER M 82 106.34 -37.16 -41.13
CA SER M 82 107.66 -37.63 -41.52
C SER M 82 108.73 -36.84 -40.81
N ALA M 83 109.93 -37.41 -40.70
CA ALA M 83 111.09 -36.71 -40.20
C ALA M 83 112.37 -37.35 -40.73
N SER M 84 113.44 -36.56 -40.73
CA SER M 84 114.74 -36.98 -41.21
C SER M 84 115.83 -36.23 -40.43
N ALA M 85 117.09 -36.40 -40.82
CA ALA M 85 118.18 -35.65 -40.22
C ALA M 85 118.02 -34.13 -40.41
N ASN M 86 117.23 -33.69 -41.41
CA ASN M 86 117.27 -32.33 -41.90
C ASN M 86 115.90 -31.65 -41.98
N SER M 87 114.79 -32.40 -41.88
CA SER M 87 113.45 -31.83 -42.00
C SER M 87 112.42 -32.65 -41.20
N TYR M 88 111.25 -32.06 -40.97
CA TYR M 88 110.09 -32.75 -40.44
C TYR M 88 108.83 -32.18 -41.09
N CYS M 89 107.76 -32.97 -41.05
CA CYS M 89 106.42 -32.47 -41.29
C CYS M 89 105.54 -32.93 -40.13
N MET M 90 104.84 -31.99 -39.49
CA MET M 90 103.88 -32.31 -38.44
C MET M 90 102.52 -31.74 -38.83
N ILE M 91 101.44 -32.45 -38.47
CA ILE M 91 100.07 -32.04 -38.76
C ILE M 91 99.29 -32.08 -37.44
N ALA M 92 98.44 -31.08 -37.20
CA ALA M 92 97.57 -31.11 -36.03
C ALA M 92 96.25 -30.41 -36.33
N GLY M 93 95.19 -30.82 -35.62
CA GLY M 93 93.88 -30.23 -35.79
C GLY M 93 93.00 -30.58 -34.60
N HIS M 94 92.05 -29.68 -34.30
CA HIS M 94 91.09 -29.88 -33.23
C HIS M 94 89.76 -30.29 -33.86
N SER M 95 89.08 -31.31 -33.35
CA SER M 95 87.85 -31.80 -33.96
C SER M 95 86.78 -30.72 -34.12
N GLY M 96 86.85 -29.66 -33.30
CA GLY M 96 86.01 -28.48 -33.39
C GLY M 96 86.77 -27.18 -33.71
N GLY M 97 87.88 -27.28 -34.44
CA GLY M 97 88.57 -26.13 -35.02
C GLY M 97 87.99 -25.79 -36.40
N THR M 98 88.76 -25.05 -37.21
CA THR M 98 88.34 -24.77 -38.59
C THR M 98 89.02 -25.72 -39.58
N VAL M 99 90.37 -25.75 -39.58
CA VAL M 99 91.17 -26.48 -40.56
C VAL M 99 92.35 -27.19 -39.88
N TRP M 100 92.93 -28.18 -40.58
CA TRP M 100 94.19 -28.77 -40.17
C TRP M 100 95.33 -27.75 -40.33
N PHE M 101 96.27 -27.77 -39.37
CA PHE M 101 97.47 -26.98 -39.42
C PHE M 101 98.66 -27.89 -39.70
N ALA M 102 99.65 -27.36 -40.40
CA ALA M 102 100.89 -28.06 -40.70
C ALA M 102 102.07 -27.29 -40.13
N ALA M 103 103.15 -28.00 -39.81
CA ALA M 103 104.41 -27.37 -39.40
C ALA M 103 105.58 -28.05 -40.11
N THR M 104 106.49 -27.24 -40.67
CA THR M 104 107.74 -27.68 -41.28
C THR M 104 108.81 -26.67 -40.91
N PRO M 105 110.12 -27.01 -40.93
CA PRO M 105 111.13 -26.06 -40.49
C PRO M 105 111.35 -24.88 -41.43
N ASP M 106 110.89 -24.97 -42.68
CA ASP M 106 110.96 -23.86 -43.64
C ASP M 106 109.72 -22.95 -43.57
N LYS M 107 108.52 -23.52 -43.65
CA LYS M 107 107.29 -22.72 -43.70
C LYS M 107 106.79 -22.29 -42.33
N GLY M 108 107.37 -22.82 -41.24
CA GLY M 108 106.88 -22.56 -39.89
C GLY M 108 105.56 -23.29 -39.63
N VAL M 109 104.73 -22.77 -38.72
CA VAL M 109 103.39 -23.31 -38.48
C VAL M 109 102.40 -22.52 -39.32
N TYR M 110 101.57 -23.21 -40.11
CA TYR M 110 100.64 -22.55 -41.03
C TYR M 110 99.37 -23.38 -41.22
N LYS M 111 98.28 -22.72 -41.57
CA LYS M 111 97.00 -23.40 -41.74
C LYS M 111 96.88 -23.93 -43.17
N THR M 112 96.34 -25.15 -43.29
CA THR M 112 96.08 -25.78 -44.58
C THR M 112 94.68 -25.45 -45.10
N ASN M 113 94.35 -25.91 -46.31
CA ASN M 113 93.01 -25.73 -46.86
C ASN M 113 92.01 -26.78 -46.38
N THR M 114 92.48 -27.85 -45.70
CA THR M 114 91.65 -29.01 -45.39
C THR M 114 90.88 -28.79 -44.09
N ALA M 115 89.54 -28.86 -44.14
CA ALA M 115 88.70 -28.74 -42.95
C ALA M 115 88.90 -29.90 -41.97
N VAL M 116 88.75 -29.66 -40.66
CA VAL M 116 89.01 -30.69 -39.64
C VAL M 116 88.04 -31.86 -39.70
N THR M 117 86.91 -31.70 -40.40
CA THR M 117 85.92 -32.74 -40.63
C THR M 117 86.37 -33.76 -41.69
N SER M 118 87.26 -33.34 -42.59
CA SER M 118 87.94 -34.21 -43.55
C SER M 118 89.10 -34.94 -42.88
N SER M 119 89.53 -36.07 -43.46
CA SER M 119 90.70 -36.80 -42.98
C SER M 119 91.97 -35.94 -43.10
N GLN M 120 92.92 -36.11 -42.16
CA GLN M 120 94.09 -35.23 -42.07
C GLN M 120 94.98 -35.32 -43.29
N PRO M 121 95.64 -34.22 -43.71
CA PRO M 121 96.63 -34.26 -44.78
C PRO M 121 97.70 -35.33 -44.55
N GLU M 122 98.08 -36.00 -45.64
CA GLU M 122 99.14 -37.00 -45.64
C GLU M 122 100.54 -36.38 -45.75
N SER M 123 100.62 -35.07 -46.01
CA SER M 123 101.87 -34.34 -46.24
C SER M 123 101.62 -32.82 -46.07
N CYS M 124 102.71 -32.06 -45.92
CA CYS M 124 102.69 -30.60 -45.84
C CYS M 124 102.31 -29.96 -47.18
N PRO M 125 101.20 -29.17 -47.26
CA PRO M 125 100.91 -28.35 -48.44
C PRO M 125 101.95 -27.26 -48.71
N PHE N 1 40.11 -3.41 -14.43
CA PHE N 1 41.10 -4.22 -13.68
C PHE N 1 40.46 -4.79 -12.41
N THR N 2 40.63 -6.10 -12.16
CA THR N 2 39.86 -6.84 -11.17
C THR N 2 40.74 -7.87 -10.43
N LEU N 3 40.20 -8.50 -9.38
CA LEU N 3 41.02 -9.31 -8.49
C LEU N 3 41.60 -10.54 -9.20
N ILE N 4 40.87 -11.11 -10.16
CA ILE N 4 41.36 -12.24 -10.94
C ILE N 4 42.52 -11.86 -11.86
N GLU N 5 42.51 -10.68 -12.49
CA GLU N 5 43.66 -10.24 -13.27
C GLU N 5 44.87 -10.01 -12.37
N LEU N 6 44.63 -9.45 -11.18
CA LEU N 6 45.69 -9.17 -10.23
C LEU N 6 46.29 -10.46 -9.64
N LEU N 7 45.47 -11.49 -9.41
CA LEU N 7 45.98 -12.80 -9.02
C LEU N 7 46.80 -13.47 -10.13
N ILE N 8 46.39 -13.34 -11.40
CA ILE N 8 47.20 -13.82 -12.52
C ILE N 8 48.54 -13.10 -12.58
N VAL N 9 48.54 -11.79 -12.40
CA VAL N 9 49.74 -10.98 -12.36
C VAL N 9 50.67 -11.43 -11.23
N ILE N 10 50.14 -11.61 -10.02
CA ILE N 10 50.90 -12.10 -8.88
C ILE N 10 51.47 -13.51 -9.15
N ALA N 11 50.68 -14.40 -9.75
CA ALA N 11 51.11 -15.75 -10.09
C ALA N 11 52.28 -15.74 -11.08
N ILE N 12 52.19 -14.91 -12.13
CA ILE N 12 53.22 -14.81 -13.13
C ILE N 12 54.47 -14.11 -12.58
N ILE N 13 54.33 -13.09 -11.72
CA ILE N 13 55.47 -12.52 -11.00
C ILE N 13 56.23 -13.59 -10.22
N ALA N 14 55.52 -14.46 -9.49
CA ALA N 14 56.12 -15.53 -8.72
C ALA N 14 56.93 -16.48 -9.61
N ILE N 15 56.42 -16.78 -10.82
CA ILE N 15 57.13 -17.59 -11.80
C ILE N 15 58.40 -16.87 -12.30
N LEU N 16 58.27 -15.64 -12.79
CA LEU N 16 59.41 -14.94 -13.34
C LEU N 16 60.50 -14.68 -12.29
N ALA N 17 60.10 -14.36 -11.04
CA ALA N 17 61.03 -14.18 -9.93
C ALA N 17 61.81 -15.45 -9.61
N ALA N 18 61.23 -16.63 -9.86
CA ALA N 18 61.88 -17.91 -9.60
C ALA N 18 62.88 -18.31 -10.70
N VAL N 19 62.61 -17.97 -11.97
CA VAL N 19 63.36 -18.53 -13.10
C VAL N 19 64.35 -17.55 -13.74
N LEU N 20 64.12 -16.23 -13.62
CA LEU N 20 64.94 -15.25 -14.33
C LEU N 20 66.19 -14.83 -13.53
N ILE N 21 66.44 -15.46 -12.38
CA ILE N 21 67.60 -15.16 -11.54
C ILE N 21 68.66 -16.26 -11.73
N PRO N 22 69.91 -15.92 -12.10
CA PRO N 22 70.93 -16.95 -12.37
C PRO N 22 71.48 -17.55 -11.08
N ASN N 23 72.14 -18.71 -11.21
CA ASN N 23 72.92 -19.27 -10.12
C ASN N 23 74.15 -18.39 -9.91
N LEU N 24 74.13 -17.56 -8.86
CA LEU N 24 75.20 -16.59 -8.62
C LEU N 24 76.45 -17.30 -8.12
N LEU N 25 76.29 -18.36 -7.31
CA LEU N 25 77.42 -19.11 -6.77
C LEU N 25 78.28 -19.73 -7.88
N ALA N 26 77.63 -20.36 -8.87
CA ALA N 26 78.32 -21.02 -9.97
C ALA N 26 79.08 -20.01 -10.84
N ALA N 27 78.48 -18.84 -11.11
CA ALA N 27 79.12 -17.76 -11.84
C ALA N 27 80.37 -17.25 -11.09
N ARG N 28 80.24 -16.99 -9.78
CA ARG N 28 81.37 -16.51 -8.99
C ARG N 28 82.47 -17.54 -8.89
N LYS N 29 82.18 -18.86 -8.79
CA LYS N 29 83.21 -19.89 -8.79
C LYS N 29 84.15 -19.76 -9.98
N ARG N 30 83.62 -19.61 -11.20
CA ARG N 30 84.43 -19.53 -12.41
C ARG N 30 85.23 -18.22 -12.49
N ALA N 31 84.66 -17.12 -12.03
CA ALA N 31 85.40 -15.87 -11.91
C ALA N 31 86.54 -15.99 -10.89
N ASN N 32 86.28 -16.61 -9.73
CA ASN N 32 87.28 -16.83 -8.69
C ASN N 32 88.45 -17.67 -9.18
N ASP N 33 88.20 -18.75 -9.91
CA ASP N 33 89.27 -19.54 -10.52
C ASP N 33 90.11 -18.72 -11.52
N THR N 34 89.49 -17.73 -12.17
CA THR N 34 90.20 -16.82 -13.07
C THR N 34 91.14 -15.91 -12.30
N VAL N 35 90.73 -15.43 -11.12
CA VAL N 35 91.59 -14.65 -10.24
C VAL N 35 92.81 -15.46 -9.83
N VAL N 36 92.62 -16.71 -9.39
CA VAL N 36 93.70 -17.58 -8.98
C VAL N 36 94.67 -17.84 -10.14
N THR N 37 94.14 -18.17 -11.32
CA THR N 37 94.94 -18.41 -12.50
C THR N 37 95.75 -17.17 -12.85
N ALA N 38 95.12 -16.00 -12.88
CA ALA N 38 95.80 -14.74 -13.18
C ALA N 38 96.89 -14.42 -12.16
N TYR N 39 96.63 -14.62 -10.86
CA TYR N 39 97.63 -14.35 -9.83
C TYR N 39 98.82 -15.30 -9.92
N LEU N 40 98.60 -16.58 -10.21
CA LEU N 40 99.70 -17.51 -10.45
C LEU N 40 100.48 -17.16 -11.72
N ASN N 41 99.82 -16.75 -12.81
CA ASN N 41 100.54 -16.27 -13.99
C ASN N 41 101.41 -15.06 -13.67
N ASP N 42 100.96 -14.15 -12.81
CA ASP N 42 101.79 -13.04 -12.36
C ASP N 42 102.95 -13.52 -11.48
N ALA N 43 102.69 -14.41 -10.51
CA ALA N 43 103.75 -14.97 -9.67
C ALA N 43 104.83 -15.64 -10.51
N VAL N 44 104.45 -16.30 -11.61
CA VAL N 44 105.38 -16.90 -12.57
C VAL N 44 106.25 -15.84 -13.27
N LYS N 45 105.68 -14.72 -13.72
CA LYS N 45 106.46 -13.62 -14.30
C LYS N 45 107.49 -13.10 -13.29
N PHE N 46 107.08 -12.93 -12.03
CA PHE N 46 107.96 -12.41 -11.00
C PHE N 46 109.01 -13.43 -10.54
N GLN N 47 108.72 -14.74 -10.57
CA GLN N 47 109.75 -15.75 -10.37
C GLN N 47 110.83 -15.63 -11.44
N GLU N 48 110.47 -15.43 -12.71
CA GLU N 48 111.46 -15.20 -13.76
C GLU N 48 112.24 -13.90 -13.55
N MET N 49 111.60 -12.83 -13.11
CA MET N 49 112.33 -11.60 -12.82
C MET N 49 113.28 -11.76 -11.63
N TYR N 50 112.89 -12.50 -10.59
CA TYR N 50 113.78 -12.78 -9.49
C TYR N 50 114.96 -13.64 -9.94
N GLN N 51 114.72 -14.58 -10.84
CA GLN N 51 115.75 -15.40 -11.47
C GLN N 51 116.73 -14.54 -12.28
N ILE N 52 116.28 -13.49 -12.97
CA ILE N 52 117.15 -12.55 -13.67
C ILE N 52 118.13 -11.89 -12.71
N ASP N 53 117.66 -11.46 -11.54
CA ASP N 53 118.47 -10.71 -10.58
C ASP N 53 119.35 -11.61 -9.69
N ASN N 54 118.90 -12.83 -9.36
CA ASN N 54 119.50 -13.62 -8.29
C ASN N 54 120.01 -15.00 -8.72
N ASN N 55 119.78 -15.42 -9.98
CA ASN N 55 120.14 -16.73 -10.47
C ASN N 55 119.54 -17.88 -9.63
N SER N 56 118.38 -17.65 -9.01
CA SER N 56 117.68 -18.63 -8.20
C SER N 56 116.20 -18.22 -8.10
N TYR N 57 115.28 -19.12 -7.75
CA TYR N 57 113.90 -18.75 -7.49
C TYR N 57 113.64 -18.43 -6.02
N THR N 58 112.59 -17.66 -5.74
CA THR N 58 112.24 -17.27 -4.38
C THR N 58 111.50 -18.39 -3.66
N SER N 59 111.59 -18.40 -2.34
CA SER N 59 110.72 -19.32 -1.62
C SER N 59 109.71 -18.48 -0.89
N ASN N 60 109.97 -17.18 -0.81
CA ASN N 60 109.13 -16.26 -0.03
C ASN N 60 108.46 -15.19 -0.90
N GLN N 61 107.16 -14.99 -0.67
CA GLN N 61 106.33 -14.10 -1.48
C GLN N 61 106.77 -12.63 -1.40
N ALA N 62 107.36 -12.19 -0.29
CA ALA N 62 107.74 -10.80 -0.12
C ALA N 62 108.81 -10.34 -1.11
N ALA N 63 109.68 -11.26 -1.56
CA ALA N 63 110.65 -10.98 -2.62
C ALA N 63 109.94 -10.70 -3.94
N LEU N 64 108.93 -11.51 -4.29
CA LEU N 64 108.12 -11.28 -5.49
C LEU N 64 107.35 -9.96 -5.40
N ILE N 65 106.79 -9.65 -4.23
CA ILE N 65 106.08 -8.39 -4.01
C ILE N 65 107.03 -7.20 -4.15
N SER N 66 108.26 -7.32 -3.66
CA SER N 66 109.22 -6.24 -3.86
C SER N 66 109.41 -5.93 -5.35
N LEU N 67 109.55 -6.99 -6.15
CA LEU N 67 109.78 -6.86 -7.59
C LEU N 67 108.56 -6.31 -8.33
N GLY N 68 107.35 -6.41 -7.76
CA GLY N 68 106.15 -5.82 -8.38
C GLY N 68 104.90 -6.69 -8.37
N LEU N 69 104.98 -7.88 -7.78
CA LEU N 69 103.77 -8.74 -7.65
C LEU N 69 102.86 -8.14 -6.57
N LYS N 70 101.56 -8.03 -6.86
CA LYS N 70 100.63 -7.34 -5.93
C LYS N 70 100.27 -8.21 -4.72
N SER N 71 99.60 -7.62 -3.74
CA SER N 71 99.12 -8.36 -2.55
C SER N 71 98.33 -9.59 -3.00
N THR N 72 98.40 -10.69 -2.24
CA THR N 72 97.56 -11.87 -2.58
C THR N 72 96.10 -11.42 -2.63
N PRO N 73 95.32 -11.77 -3.67
CA PRO N 73 93.94 -11.29 -3.81
C PRO N 73 93.03 -11.65 -2.63
N ALA N 74 91.98 -10.86 -2.39
CA ALA N 74 91.04 -11.18 -1.32
C ALA N 74 90.52 -12.61 -1.46
N ASN N 75 90.50 -13.35 -0.34
CA ASN N 75 90.09 -14.75 -0.25
C ASN N 75 90.97 -15.75 -1.01
N VAL N 76 92.06 -15.31 -1.66
CA VAL N 76 93.04 -16.23 -2.22
C VAL N 76 94.13 -16.49 -1.21
N THR N 77 94.35 -17.77 -0.90
CA THR N 77 95.53 -18.21 -0.17
C THR N 77 96.55 -18.74 -1.17
N PHE N 78 97.75 -18.14 -1.15
CA PHE N 78 98.85 -18.48 -2.03
C PHE N 78 100.05 -18.91 -1.18
N SER N 79 100.75 -19.96 -1.61
CA SER N 79 101.98 -20.38 -0.97
C SER N 79 103.02 -20.80 -2.02
N ILE N 80 104.29 -20.49 -1.72
CA ILE N 80 105.39 -21.07 -2.46
C ILE N 80 105.82 -22.29 -1.65
N VAL N 81 105.51 -23.48 -2.16
CA VAL N 81 105.71 -24.73 -1.45
C VAL N 81 107.20 -25.04 -1.34
N SER N 82 107.94 -24.84 -2.44
CA SER N 82 109.37 -25.05 -2.47
C SER N 82 109.99 -24.23 -3.59
N ALA N 83 111.29 -23.97 -3.48
CA ALA N 83 112.05 -23.33 -4.54
C ALA N 83 113.53 -23.68 -4.41
N SER N 84 114.24 -23.57 -5.53
CA SER N 84 115.66 -23.87 -5.62
C SER N 84 116.29 -22.98 -6.69
N ALA N 85 117.57 -23.21 -6.98
CA ALA N 85 118.23 -22.50 -8.07
C ALA N 85 117.57 -22.74 -9.43
N ASN N 86 116.81 -23.85 -9.58
CA ASN N 86 116.41 -24.37 -10.88
C ASN N 86 114.91 -24.63 -11.02
N SER N 87 114.15 -24.65 -9.92
CA SER N 87 112.73 -24.95 -9.98
C SER N 87 111.96 -24.27 -8.84
N TYR N 88 110.64 -24.20 -8.96
CA TYR N 88 109.74 -23.81 -7.89
C TYR N 88 108.46 -24.63 -7.98
N CYS N 89 107.75 -24.70 -6.86
CA CYS N 89 106.36 -25.11 -6.85
C CYS N 89 105.56 -24.07 -6.08
N MET N 90 104.49 -23.54 -6.69
CA MET N 90 103.58 -22.61 -6.03
C MET N 90 102.16 -23.19 -6.09
N ILE N 91 101.38 -22.94 -5.04
CA ILE N 91 100.00 -23.41 -4.94
C ILE N 91 99.13 -22.21 -4.59
N ALA N 92 97.95 -22.11 -5.21
CA ALA N 92 97.00 -21.06 -4.85
C ALA N 92 95.57 -21.53 -5.03
N GLY N 93 94.65 -20.94 -4.27
CA GLY N 93 93.25 -21.30 -4.35
C GLY N 93 92.41 -20.22 -3.70
N HIS N 94 91.17 -20.07 -4.18
CA HIS N 94 90.21 -19.12 -3.62
C HIS N 94 89.22 -19.90 -2.78
N SER N 95 88.88 -19.44 -1.57
CA SER N 95 88.00 -20.20 -0.69
C SER N 95 86.64 -20.53 -1.32
N GLY N 96 86.22 -19.73 -2.32
CA GLY N 96 85.03 -19.96 -3.12
C GLY N 96 85.31 -20.21 -4.61
N GLY N 97 86.48 -20.79 -4.94
CA GLY N 97 86.77 -21.32 -6.26
C GLY N 97 86.30 -22.76 -6.41
N THR N 98 86.84 -23.50 -7.39
CA THR N 98 86.54 -24.92 -7.52
C THR N 98 87.63 -25.78 -6.90
N VAL N 99 88.88 -25.62 -7.36
CA VAL N 99 90.01 -26.47 -6.97
C VAL N 99 91.27 -25.64 -6.72
N TRP N 100 92.24 -26.23 -6.02
CA TRP N 100 93.57 -25.64 -5.92
C TRP N 100 94.28 -25.68 -7.27
N PHE N 101 95.03 -24.62 -7.57
CA PHE N 101 95.88 -24.53 -8.74
C PHE N 101 97.33 -24.63 -8.32
N ALA N 102 98.15 -25.21 -9.19
CA ALA N 102 99.58 -25.34 -8.98
C ALA N 102 100.34 -24.65 -10.11
N ALA N 103 101.54 -24.17 -9.82
CA ALA N 103 102.43 -23.64 -10.85
C ALA N 103 103.85 -24.17 -10.65
N THR N 104 104.46 -24.63 -11.75
CA THR N 104 105.85 -25.07 -11.79
C THR N 104 106.45 -24.60 -13.11
N PRO N 105 107.78 -24.45 -13.27
CA PRO N 105 108.32 -23.91 -14.50
C PRO N 105 108.22 -24.84 -15.70
N ASP N 106 107.99 -26.15 -15.48
CA ASP N 106 107.78 -27.10 -16.56
C ASP N 106 106.30 -27.22 -16.97
N LYS N 107 105.40 -27.44 -16.00
CA LYS N 107 103.98 -27.66 -16.31
C LYS N 107 103.20 -26.37 -16.51
N GLY N 108 103.78 -25.21 -16.20
CA GLY N 108 103.06 -23.94 -16.25
C GLY N 108 102.07 -23.83 -15.09
N VAL N 109 101.00 -23.04 -15.25
CA VAL N 109 99.92 -22.96 -14.26
C VAL N 109 98.82 -23.94 -14.67
N TYR N 110 98.41 -24.81 -13.74
CA TYR N 110 97.43 -25.86 -14.04
C TYR N 110 96.58 -26.17 -12.81
N LYS N 111 95.36 -26.67 -13.05
CA LYS N 111 94.45 -26.99 -11.96
C LYS N 111 94.70 -28.41 -11.45
N THR N 112 94.65 -28.57 -10.12
CA THR N 112 94.82 -29.86 -9.47
C THR N 112 93.46 -30.56 -9.28
N ASN N 113 93.47 -31.79 -8.76
CA ASN N 113 92.23 -32.51 -8.46
C ASN N 113 91.63 -32.12 -7.11
N THR N 114 92.36 -31.38 -6.27
CA THR N 114 91.98 -31.12 -4.88
C THR N 114 91.01 -29.94 -4.79
N ALA N 115 89.80 -30.16 -4.24
CA ALA N 115 88.82 -29.09 -4.03
C ALA N 115 89.32 -28.06 -3.00
N VAL N 116 88.93 -26.79 -3.14
CA VAL N 116 89.39 -25.72 -2.26
C VAL N 116 88.93 -25.86 -0.81
N THR N 117 87.92 -26.71 -0.59
CA THR N 117 87.40 -27.02 0.74
C THR N 117 88.31 -27.99 1.51
N SER N 118 89.10 -28.80 0.79
CA SER N 118 90.16 -29.64 1.34
C SER N 118 91.41 -28.80 1.61
N SER N 119 92.28 -29.29 2.51
CA SER N 119 93.57 -28.66 2.77
C SER N 119 94.45 -28.63 1.52
N GLN N 120 95.27 -27.58 1.36
CA GLN N 120 96.02 -27.36 0.12
C GLN N 120 97.03 -28.47 -0.14
N PRO N 121 97.31 -28.82 -1.41
CA PRO N 121 98.37 -29.76 -1.75
C PRO N 121 99.71 -29.37 -1.13
N GLU N 122 100.45 -30.38 -0.66
CA GLU N 122 101.78 -30.22 -0.11
C GLU N 122 102.88 -30.17 -1.19
N SER N 123 102.52 -30.46 -2.44
CA SER N 123 103.42 -30.54 -3.59
C SER N 123 102.65 -30.45 -4.90
N CYS N 124 103.36 -30.19 -6.00
CA CYS N 124 102.82 -30.15 -7.36
C CYS N 124 102.39 -31.55 -7.84
N PRO N 125 101.10 -31.78 -8.19
CA PRO N 125 100.68 -33.01 -8.87
C PRO N 125 101.30 -33.19 -10.27
N PHE O 1 31.19 -7.56 -9.73
CA PHE O 1 32.31 -6.65 -9.33
C PHE O 1 31.76 -5.46 -8.54
N THR O 2 32.35 -5.16 -7.37
CA THR O 2 31.78 -4.25 -6.39
C THR O 2 32.86 -3.38 -5.73
N LEU O 3 32.46 -2.39 -4.93
CA LEU O 3 33.40 -1.39 -4.45
C LEU O 3 34.46 -1.98 -3.52
N ILE O 4 34.10 -3.01 -2.75
CA ILE O 4 35.05 -3.69 -1.88
C ILE O 4 36.12 -4.47 -2.66
N GLU O 5 35.77 -5.12 -3.78
CA GLU O 5 36.78 -5.77 -4.61
C GLU O 5 37.70 -4.73 -5.24
N LEU O 6 37.12 -3.60 -5.66
CA LEU O 6 37.88 -2.53 -6.28
C LEU O 6 38.81 -1.84 -5.28
N LEU O 7 38.41 -1.69 -4.02
CA LEU O 7 39.31 -1.20 -2.96
C LEU O 7 40.43 -2.18 -2.66
N ILE O 8 40.18 -3.49 -2.66
CA ILE O 8 41.22 -4.50 -2.52
C ILE O 8 42.22 -4.39 -3.67
N VAL O 9 41.72 -4.26 -4.90
CA VAL O 9 42.56 -4.10 -6.08
C VAL O 9 43.43 -2.84 -5.97
N ILE O 10 42.85 -1.69 -5.59
CA ILE O 10 43.59 -0.46 -5.37
C ILE O 10 44.64 -0.62 -4.27
N ALA O 11 44.31 -1.29 -3.17
CA ALA O 11 45.24 -1.53 -2.07
C ALA O 11 46.43 -2.38 -2.51
N ILE O 12 46.18 -3.44 -3.29
CA ILE O 12 47.24 -4.32 -3.77
C ILE O 12 48.07 -3.63 -4.84
N ILE O 13 47.48 -2.81 -5.74
CA ILE O 13 48.24 -1.98 -6.67
C ILE O 13 49.22 -1.08 -5.92
N ALA O 14 48.78 -0.43 -4.84
CA ALA O 14 49.62 0.44 -4.04
C ALA O 14 50.81 -0.31 -3.45
N ILE O 15 50.61 -1.57 -3.02
CA ILE O 15 51.68 -2.43 -2.54
C ILE O 15 52.65 -2.79 -3.66
N LEU O 16 52.16 -3.31 -4.78
CA LEU O 16 53.04 -3.75 -5.86
C LEU O 16 53.81 -2.57 -6.46
N ALA O 17 53.18 -1.40 -6.60
CA ALA O 17 53.84 -0.18 -7.08
C ALA O 17 54.97 0.26 -6.16
N ALA O 18 54.89 -0.02 -4.86
CA ALA O 18 55.92 0.35 -3.89
C ALA O 18 57.12 -0.60 -3.90
N VAL O 19 56.91 -1.91 -4.14
CA VAL O 19 57.94 -2.92 -3.92
C VAL O 19 58.59 -3.44 -5.19
N LEU O 20 57.89 -3.41 -6.34
CA LEU O 20 58.40 -4.03 -7.55
C LEU O 20 59.29 -3.10 -8.38
N ILE O 21 59.61 -1.90 -7.86
CA ILE O 21 60.47 -0.93 -8.55
C ILE O 21 61.86 -0.95 -7.90
N PRO O 22 62.95 -1.18 -8.67
CA PRO O 22 64.29 -1.29 -8.08
C PRO O 22 64.85 0.08 -7.70
N ASN O 23 65.88 0.07 -6.84
CA ASN O 23 66.69 1.26 -6.58
C ASN O 23 67.48 1.59 -7.84
N LEU O 24 67.03 2.61 -8.59
CA LEU O 24 67.64 2.96 -9.87
C LEU O 24 68.99 3.63 -9.64
N LEU O 25 69.12 4.44 -8.58
CA LEU O 25 70.36 5.14 -8.28
C LEU O 25 71.52 4.16 -8.03
N ALA O 26 71.27 3.11 -7.22
CA ALA O 26 72.28 2.12 -6.88
C ALA O 26 72.74 1.33 -8.11
N ALA O 27 71.80 0.96 -8.98
CA ALA O 27 72.10 0.29 -10.24
C ALA O 27 72.97 1.17 -11.14
N ARG O 28 72.59 2.44 -11.32
CA ARG O 28 73.36 3.35 -12.16
C ARG O 28 74.76 3.62 -11.58
N LYS O 29 74.93 3.72 -10.26
CA LYS O 29 76.25 3.88 -9.66
C LYS O 29 77.23 2.81 -10.13
N ARG O 30 76.84 1.53 -10.11
CA ARG O 30 77.72 0.43 -10.50
C ARG O 30 78.00 0.41 -12.00
N ALA O 31 77.01 0.76 -12.83
CA ALA O 31 77.24 0.95 -14.26
C ALA O 31 78.20 2.11 -14.53
N ASN O 32 78.05 3.24 -13.84
CA ASN O 32 78.91 4.40 -13.97
C ASN O 32 80.36 4.08 -13.61
N ASP O 33 80.62 3.35 -12.53
CA ASP O 33 81.97 2.91 -12.20
C ASP O 33 82.57 2.00 -13.26
N THR O 34 81.73 1.25 -13.98
CA THR O 34 82.18 0.41 -15.09
C THR O 34 82.62 1.29 -16.27
N VAL O 35 81.92 2.38 -16.56
CA VAL O 35 82.32 3.34 -17.58
C VAL O 35 83.70 3.93 -17.25
N VAL O 36 83.91 4.36 -15.99
CA VAL O 36 85.17 4.94 -15.57
C VAL O 36 86.30 3.91 -15.69
N THR O 37 86.07 2.69 -15.21
CA THR O 37 87.05 1.62 -15.30
C THR O 37 87.40 1.33 -16.76
N ALA O 38 86.41 1.20 -17.63
CA ALA O 38 86.62 0.96 -19.05
C ALA O 38 87.38 2.10 -19.72
N TYR O 39 87.06 3.35 -19.41
CA TYR O 39 87.75 4.50 -20.00
C TYR O 39 89.21 4.57 -19.55
N LEU O 40 89.51 4.31 -18.27
CA LEU O 40 90.88 4.22 -17.81
C LEU O 40 91.63 3.05 -18.43
N ASN O 41 91.02 1.88 -18.61
CA ASN O 41 91.65 0.79 -19.32
C ASN O 41 91.99 1.17 -20.77
N ASP O 42 91.14 1.94 -21.44
CA ASP O 42 91.46 2.47 -22.76
C ASP O 42 92.60 3.50 -22.70
N ALA O 43 92.55 4.46 -21.78
CA ALA O 43 93.62 5.43 -21.61
C ALA O 43 94.96 4.75 -21.39
N VAL O 44 94.99 3.63 -20.66
CA VAL O 44 96.18 2.81 -20.45
C VAL O 44 96.70 2.20 -21.76
N LYS O 45 95.83 1.65 -22.62
CA LYS O 45 96.23 1.15 -23.92
C LYS O 45 96.87 2.26 -24.75
N PHE O 46 96.27 3.45 -24.75
CA PHE O 46 96.77 4.57 -25.53
C PHE O 46 98.05 5.17 -24.94
N GLN O 47 98.25 5.15 -23.63
CA GLN O 47 99.54 5.51 -23.05
C GLN O 47 100.64 4.58 -23.56
N GLU O 48 100.40 3.27 -23.64
CA GLU O 48 101.37 2.35 -24.22
C GLU O 48 101.60 2.62 -25.71
N MET O 49 100.56 2.93 -26.49
CA MET O 49 100.76 3.29 -27.89
C MET O 49 101.55 4.59 -28.05
N TYR O 50 101.32 5.58 -27.20
CA TYR O 50 102.10 6.81 -27.24
C TYR O 50 103.55 6.54 -26.87
N GLN O 51 103.78 5.63 -25.92
CA GLN O 51 105.10 5.16 -25.53
C GLN O 51 105.81 4.45 -26.70
N ILE O 52 105.11 3.68 -27.54
CA ILE O 52 105.67 3.07 -28.74
C ILE O 52 106.22 4.13 -29.69
N ASP O 53 105.47 5.23 -29.89
CA ASP O 53 105.84 6.25 -30.86
C ASP O 53 106.86 7.27 -30.32
N ASN O 54 106.85 7.58 -29.02
CA ASN O 54 107.54 8.74 -28.48
C ASN O 54 108.56 8.40 -27.37
N ASN O 55 108.65 7.15 -26.93
CA ASN O 55 109.52 6.74 -25.83
C ASN O 55 109.27 7.52 -24.52
N SER O 56 108.04 7.99 -24.32
CA SER O 56 107.63 8.74 -23.13
C SER O 56 106.11 8.64 -23.00
N TYR O 57 105.54 8.89 -21.81
CA TYR O 57 104.09 8.96 -21.66
C TYR O 57 103.55 10.39 -21.84
N THR O 58 102.26 10.51 -22.18
CA THR O 58 101.63 11.80 -22.39
C THR O 58 101.25 12.46 -21.07
N SER O 59 101.17 13.78 -21.07
CA SER O 59 100.62 14.41 -19.89
C SER O 59 99.28 14.98 -20.29
N ASN O 60 99.04 15.07 -21.61
CA ASN O 60 97.85 15.69 -22.15
C ASN O 60 96.95 14.72 -22.91
N GLN O 61 95.65 14.78 -22.64
CA GLN O 61 94.66 13.86 -23.18
C GLN O 61 94.54 13.94 -24.71
N ALA O 62 94.79 15.12 -25.31
CA ALA O 62 94.63 15.29 -26.75
C ALA O 62 95.58 14.42 -27.58
N ALA O 63 96.76 14.11 -27.04
CA ALA O 63 97.69 13.18 -27.67
C ALA O 63 97.11 11.77 -27.69
N LEU O 64 96.50 11.32 -26.59
CA LEU O 64 95.83 10.02 -26.54
C LEU O 64 94.62 9.99 -27.49
N ILE O 65 93.84 11.06 -27.57
CA ILE O 65 92.71 11.16 -28.48
C ILE O 65 93.18 11.10 -29.93
N SER O 66 94.31 11.75 -30.25
CA SER O 66 94.83 11.64 -31.60
C SER O 66 95.09 10.18 -31.98
N LEU O 67 95.69 9.43 -31.06
CA LEU O 67 96.04 8.03 -31.30
C LEU O 67 94.81 7.12 -31.39
N GLY O 68 93.65 7.53 -30.85
CA GLY O 68 92.43 6.77 -30.98
C GLY O 68 91.57 6.64 -29.72
N LEU O 69 91.99 7.27 -28.63
CA LEU O 69 91.16 7.27 -27.40
C LEU O 69 89.97 8.21 -27.61
N LYS O 70 88.77 7.76 -27.26
CA LYS O 70 87.54 8.55 -27.55
C LYS O 70 87.37 9.72 -26.58
N SER O 71 86.40 10.59 -26.87
CA SER O 71 86.08 11.74 -25.99
C SER O 71 85.84 11.23 -24.57
N THR O 72 86.20 12.02 -23.55
CA THR O 72 85.89 11.60 -22.16
C THR O 72 84.38 11.37 -22.06
N PRO O 73 83.92 10.24 -21.46
CA PRO O 73 82.49 9.92 -21.43
C PRO O 73 81.63 10.99 -20.73
N ALA O 74 80.33 11.07 -21.10
CA ALA O 74 79.45 12.02 -20.44
C ALA O 74 79.50 11.86 -18.92
N ASN O 75 79.61 12.99 -18.20
CA ASN O 75 79.71 13.06 -16.75
C ASN O 75 80.97 12.45 -16.14
N VAL O 76 81.90 11.94 -16.95
CA VAL O 76 83.22 11.51 -16.46
C VAL O 76 84.19 12.67 -16.60
N THR O 77 84.81 13.03 -15.47
CA THR O 77 85.97 13.92 -15.46
C THR O 77 87.23 13.07 -15.35
N PHE O 78 88.12 13.23 -16.34
CA PHE O 78 89.37 12.50 -16.44
C PHE O 78 90.53 13.50 -16.45
N SER O 79 91.61 13.18 -15.72
CA SER O 79 92.81 13.98 -15.75
C SER O 79 94.05 13.09 -15.76
N ILE O 80 95.09 13.53 -16.50
CA ILE O 80 96.40 12.96 -16.36
C ILE O 80 97.13 13.85 -15.36
N VAL O 81 97.34 13.33 -14.16
CA VAL O 81 97.88 14.09 -13.04
C VAL O 81 99.35 14.40 -13.27
N SER O 82 100.11 13.40 -13.74
CA SER O 82 101.51 13.56 -14.06
C SER O 82 101.93 12.50 -15.08
N ALA O 83 103.03 12.76 -15.78
CA ALA O 83 103.64 11.78 -16.67
C ALA O 83 105.12 12.11 -16.87
N SER O 84 105.88 11.08 -17.24
CA SER O 84 107.31 11.18 -17.47
C SER O 84 107.71 10.18 -18.55
N ALA O 85 109.01 10.05 -18.81
CA ALA O 85 109.51 9.03 -19.73
C ALA O 85 109.15 7.61 -19.28
N ASN O 86 108.86 7.40 -17.98
CA ASN O 86 108.85 6.08 -17.38
C ASN O 86 107.58 5.75 -16.60
N SER O 87 106.74 6.75 -16.29
CA SER O 87 105.53 6.54 -15.50
C SER O 87 104.43 7.54 -15.84
N TYR O 88 103.20 7.25 -15.43
CA TYR O 88 102.09 8.19 -15.46
C TYR O 88 101.21 7.96 -14.24
N CYS O 89 100.44 8.99 -13.89
CA CYS O 89 99.30 8.84 -13.01
C CYS O 89 98.09 9.47 -13.68
N MET O 90 96.99 8.71 -13.81
CA MET O 90 95.73 9.23 -14.34
C MET O 90 94.63 9.02 -13.30
N ILE O 91 93.68 9.96 -13.22
CA ILE O 91 92.57 9.90 -12.30
C ILE O 91 91.28 10.09 -13.10
N ALA O 92 90.24 9.32 -12.79
CA ALA O 92 88.94 9.54 -13.42
C ALA O 92 87.81 9.19 -12.46
N GLY O 93 86.65 9.82 -12.67
CA GLY O 93 85.48 9.58 -11.84
C GLY O 93 84.24 10.09 -12.53
N HIS O 94 83.10 9.45 -12.25
CA HIS O 94 81.81 9.85 -12.78
C HIS O 94 81.06 10.59 -11.68
N SER O 95 80.44 11.73 -11.96
CA SER O 95 79.78 12.52 -10.92
C SER O 95 78.72 11.73 -10.14
N GLY O 96 78.18 10.67 -10.75
CA GLY O 96 77.24 9.73 -10.13
C GLY O 96 77.79 8.29 -10.02
N GLY O 97 79.11 8.14 -9.91
CA GLY O 97 79.74 6.87 -9.55
C GLY O 97 79.83 6.70 -8.03
N THR O 98 80.73 5.82 -7.56
CA THR O 98 80.97 5.69 -6.12
C THR O 98 82.21 6.48 -5.69
N VAL O 99 83.37 6.16 -6.31
CA VAL O 99 84.66 6.70 -5.91
C VAL O 99 85.50 7.09 -7.13
N TRP O 100 86.52 7.93 -6.91
CA TRP O 100 87.54 8.18 -7.93
C TRP O 100 88.38 6.93 -8.18
N PHE O 101 88.73 6.70 -9.44
CA PHE O 101 89.63 5.63 -9.84
C PHE O 101 90.96 6.24 -10.27
N ALA O 102 92.04 5.49 -10.03
CA ALA O 102 93.38 5.89 -10.42
C ALA O 102 93.97 4.83 -11.36
N ALA O 103 94.88 5.26 -12.22
CA ALA O 103 95.64 4.33 -13.07
C ALA O 103 97.12 4.72 -13.07
N THR O 104 97.99 3.74 -12.88
CA THR O 104 99.44 3.87 -12.98
C THR O 104 99.99 2.62 -13.66
N PRO O 105 101.19 2.63 -14.27
CA PRO O 105 101.65 1.46 -15.00
C PRO O 105 102.05 0.29 -14.10
N ASP O 106 102.26 0.50 -12.80
CA ASP O 106 102.55 -0.56 -11.85
C ASP O 106 101.28 -1.15 -11.22
N LYS O 107 100.40 -0.30 -10.68
CA LYS O 107 99.21 -0.77 -9.96
C LYS O 107 98.03 -1.10 -10.90
N GLY O 108 98.13 -0.76 -12.18
CA GLY O 108 97.01 -0.92 -13.11
C GLY O 108 95.92 0.10 -12.84
N VAL O 109 94.66 -0.22 -13.19
CA VAL O 109 93.51 0.62 -12.87
C VAL O 109 92.90 0.12 -11.56
N TYR O 110 92.71 1.00 -10.58
CA TYR O 110 92.21 0.61 -9.27
C TYR O 110 91.38 1.73 -8.64
N LYS O 111 90.46 1.36 -7.74
CA LYS O 111 89.60 2.33 -7.11
C LYS O 111 90.27 2.91 -5.87
N THR O 112 90.11 4.22 -5.67
CA THR O 112 90.65 4.93 -4.51
C THR O 112 89.61 4.95 -3.38
N ASN O 113 89.99 5.51 -2.21
CA ASN O 113 89.07 5.67 -1.09
C ASN O 113 88.19 6.93 -1.21
N THR O 114 88.51 7.83 -2.16
CA THR O 114 87.88 9.15 -2.22
C THR O 114 86.56 9.10 -2.98
N ALA O 115 85.45 9.50 -2.33
CA ALA O 115 84.13 9.55 -2.97
C ALA O 115 84.09 10.61 -4.09
N VAL O 116 83.29 10.38 -5.15
CA VAL O 116 83.23 11.29 -6.30
C VAL O 116 82.67 12.67 -5.97
N THR O 117 82.01 12.80 -4.81
CA THR O 117 81.47 14.06 -4.31
C THR O 117 82.56 14.95 -3.71
N SER O 118 83.67 14.35 -3.25
CA SER O 118 84.89 15.05 -2.85
C SER O 118 85.71 15.46 -4.06
N SER O 119 86.58 16.47 -3.90
CA SER O 119 87.51 16.88 -4.95
C SER O 119 88.47 15.74 -5.32
N GLN O 120 88.88 15.66 -6.59
CA GLN O 120 89.65 14.52 -7.09
C GLN O 120 91.02 14.43 -6.43
N PRO O 121 91.55 13.20 -6.22
CA PRO O 121 92.92 13.03 -5.73
C PRO O 121 93.94 13.80 -6.55
N GLU O 122 94.93 14.38 -5.86
CA GLU O 122 96.04 15.09 -6.49
C GLU O 122 97.16 14.16 -6.94
N SER O 123 97.09 12.87 -6.57
CA SER O 123 98.11 11.86 -6.84
C SER O 123 97.52 10.46 -6.67
N CYS O 124 98.23 9.44 -7.18
CA CYS O 124 97.88 8.03 -7.06
C CYS O 124 98.05 7.54 -5.61
N PRO O 125 96.99 7.04 -4.94
CA PRO O 125 97.12 6.34 -3.65
C PRO O 125 97.93 5.04 -3.73
N PHE P 1 23.84 -3.92 -2.55
CA PHE P 1 24.50 -3.39 -3.79
C PHE P 1 23.47 -2.71 -4.68
N THR P 2 23.75 -1.49 -5.15
CA THR P 2 22.78 -0.61 -5.78
C THR P 2 23.38 0.15 -6.96
N LEU P 3 22.56 0.87 -7.73
CA LEU P 3 23.01 1.43 -8.99
C LEU P 3 24.08 2.51 -8.81
N ILE P 4 24.02 3.25 -7.70
CA ILE P 4 25.04 4.26 -7.39
C ILE P 4 26.40 3.63 -7.06
N GLU P 5 26.45 2.50 -6.34
CA GLU P 5 27.72 1.81 -6.12
C GLU P 5 28.28 1.28 -7.43
N LEU P 6 27.40 0.76 -8.29
CA LEU P 6 27.79 0.21 -9.56
C LEU P 6 28.28 1.30 -10.54
N LEU P 7 27.70 2.51 -10.51
CA LEU P 7 28.20 3.64 -11.26
C LEU P 7 29.56 4.12 -10.74
N ILE P 8 29.80 4.11 -9.42
CA ILE P 8 31.11 4.42 -8.86
C ILE P 8 32.15 3.39 -9.33
N VAL P 9 31.79 2.11 -9.31
CA VAL P 9 32.65 1.03 -9.78
C VAL P 9 33.00 1.22 -11.26
N ILE P 10 32.01 1.49 -12.11
CA ILE P 10 32.22 1.77 -13.53
C ILE P 10 33.11 3.00 -13.74
N ALA P 11 32.90 4.07 -12.96
CA ALA P 11 33.71 5.27 -13.06
C ALA P 11 35.17 5.01 -12.69
N ILE P 12 35.42 4.26 -11.63
CA ILE P 12 36.77 3.92 -11.20
C ILE P 12 37.43 2.94 -12.17
N ILE P 13 36.70 1.96 -12.72
CA ILE P 13 37.23 1.10 -13.79
C ILE P 13 37.71 1.95 -14.97
N ALA P 14 36.93 2.95 -15.40
CA ALA P 14 37.30 3.83 -16.50
C ALA P 14 38.61 4.58 -16.22
N ILE P 15 38.81 5.01 -14.97
CA ILE P 15 40.05 5.65 -14.53
C ILE P 15 41.22 4.67 -14.56
N LEU P 16 41.10 3.51 -13.92
CA LEU P 16 42.20 2.56 -13.86
C LEU P 16 42.57 2.03 -15.24
N ALA P 17 41.59 1.77 -16.11
CA ALA P 17 41.82 1.35 -17.48
C ALA P 17 42.60 2.40 -18.30
N ALA P 18 42.46 3.69 -17.98
CA ALA P 18 43.14 4.77 -18.66
C ALA P 18 44.60 4.93 -18.21
N VAL P 19 44.90 4.70 -16.92
CA VAL P 19 46.19 5.08 -16.34
C VAL P 19 47.15 3.90 -16.11
N LEU P 20 46.62 2.69 -15.92
CA LEU P 20 47.47 1.55 -15.54
C LEU P 20 48.07 0.82 -16.75
N ILE P 21 47.88 1.35 -17.97
CA ILE P 21 48.41 0.75 -19.18
C ILE P 21 49.62 1.56 -19.65
N PRO P 22 50.81 0.95 -19.85
CA PRO P 22 52.02 1.70 -20.22
C PRO P 22 52.00 2.12 -21.69
N ASN P 23 52.85 3.09 -22.03
CA ASN P 23 53.13 3.43 -23.42
C ASN P 23 53.90 2.27 -24.05
N LEU P 24 53.21 1.43 -24.84
CA LEU P 24 53.83 0.24 -25.42
C LEU P 24 54.80 0.60 -26.52
N LEU P 25 54.50 1.65 -27.30
CA LEU P 25 55.36 2.09 -28.39
C LEU P 25 56.74 2.52 -27.88
N ALA P 26 56.79 3.31 -26.82
CA ALA P 26 58.04 3.80 -26.23
C ALA P 26 58.90 2.66 -25.69
N ALA P 27 58.27 1.69 -25.02
CA ALA P 27 58.94 0.49 -24.53
C ALA P 27 59.55 -0.31 -25.68
N ARG P 28 58.77 -0.58 -26.74
CA ARG P 28 59.26 -1.34 -27.88
C ARG P 28 60.38 -0.60 -28.62
N LYS P 29 60.35 0.74 -28.75
CA LYS P 29 61.43 1.50 -29.35
C LYS P 29 62.79 1.19 -28.71
N ARG P 30 62.88 1.18 -27.39
CA ARG P 30 64.13 0.94 -26.67
C ARG P 30 64.59 -0.52 -26.79
N ALA P 31 63.66 -1.47 -26.79
CA ALA P 31 63.97 -2.85 -27.06
C ALA P 31 64.49 -3.04 -28.49
N ASN P 32 63.85 -2.40 -29.48
CA ASN P 32 64.26 -2.46 -30.88
C ASN P 32 65.67 -1.91 -31.10
N ASP P 33 66.02 -0.78 -30.48
CA ASP P 33 67.39 -0.27 -30.54
C ASP P 33 68.41 -1.24 -29.93
N THR P 34 67.99 -2.04 -28.94
CA THR P 34 68.83 -3.07 -28.35
C THR P 34 69.09 -4.20 -29.34
N VAL P 35 68.08 -4.59 -30.12
CA VAL P 35 68.25 -5.58 -31.18
C VAL P 35 69.26 -5.10 -32.22
N VAL P 36 69.14 -3.85 -32.67
CA VAL P 36 70.06 -3.28 -33.64
C VAL P 36 71.48 -3.24 -33.10
N THR P 37 71.65 -2.75 -31.87
CA THR P 37 72.95 -2.69 -31.22
C THR P 37 73.56 -4.08 -31.10
N ALA P 38 72.79 -5.07 -30.65
CA ALA P 38 73.25 -6.44 -30.52
C ALA P 38 73.64 -7.04 -31.88
N TYR P 39 72.85 -6.81 -32.93
CA TYR P 39 73.16 -7.33 -34.25
C TYR P 39 74.42 -6.71 -34.84
N LEU P 40 74.63 -5.40 -34.67
CA LEU P 40 75.87 -4.77 -35.08
C LEU P 40 77.08 -5.26 -34.26
N ASN P 41 76.94 -5.47 -32.95
CA ASN P 41 78.02 -6.09 -32.17
C ASN P 41 78.38 -7.48 -32.68
N ASP P 42 77.39 -8.28 -33.12
CA ASP P 42 77.66 -9.56 -33.74
C ASP P 42 78.34 -9.39 -35.10
N ALA P 43 77.84 -8.50 -35.97
CA ALA P 43 78.46 -8.22 -37.26
C ALA P 43 79.92 -7.81 -37.10
N VAL P 44 80.25 -7.06 -36.05
CA VAL P 44 81.62 -6.68 -35.72
C VAL P 44 82.48 -7.90 -35.34
N LYS P 45 81.98 -8.84 -34.54
CA LYS P 45 82.71 -10.08 -34.24
C LYS P 45 83.00 -10.86 -35.52
N PHE P 46 82.03 -10.95 -36.42
CA PHE P 46 82.18 -11.69 -37.66
C PHE P 46 83.07 -10.97 -38.67
N GLN P 47 83.10 -9.64 -38.69
CA GLN P 47 84.09 -8.91 -39.47
C GLN P 47 85.50 -9.25 -39.01
N GLU P 48 85.76 -9.33 -37.70
CA GLU P 48 87.06 -9.76 -37.20
C GLU P 48 87.36 -11.22 -37.56
N MET P 49 86.39 -12.12 -37.50
CA MET P 49 86.62 -13.50 -37.94
C MET P 49 86.91 -13.59 -39.43
N TYR P 50 86.24 -12.81 -40.27
CA TYR P 50 86.53 -12.79 -41.69
C TYR P 50 87.93 -12.23 -41.95
N GLN P 51 88.34 -11.23 -41.17
CA GLN P 51 89.69 -10.67 -41.19
C GLN P 51 90.74 -11.71 -40.80
N ILE P 52 90.46 -12.62 -39.85
CA ILE P 52 91.36 -13.73 -39.50
C ILE P 52 91.60 -14.63 -40.72
N ASP P 53 90.56 -14.96 -41.47
CA ASP P 53 90.64 -15.89 -42.58
C ASP P 53 91.16 -15.26 -43.88
N ASN P 54 90.87 -13.98 -44.14
CA ASN P 54 91.03 -13.38 -45.46
C ASN P 54 91.95 -12.15 -45.49
N ASN P 55 92.43 -11.67 -44.34
CA ASN P 55 93.24 -10.46 -44.25
C ASN P 55 92.56 -9.22 -44.87
N SER P 56 91.23 -9.18 -44.86
CA SER P 56 90.44 -8.08 -45.39
C SER P 56 89.05 -8.13 -44.74
N TYR P 57 88.27 -7.03 -44.76
CA TYR P 57 86.89 -7.06 -44.31
C TYR P 57 85.91 -7.35 -45.43
N THR P 58 84.72 -7.84 -45.10
CA THR P 58 83.69 -8.18 -46.08
C THR P 58 82.94 -6.92 -46.54
N SER P 59 82.39 -6.97 -47.75
CA SER P 59 81.51 -5.88 -48.11
C SER P 59 80.11 -6.47 -48.18
N ASN P 60 80.04 -7.81 -48.19
CA ASN P 60 78.78 -8.50 -48.36
C ASN P 60 78.39 -9.35 -47.14
N GLN P 61 77.12 -9.24 -46.73
CA GLN P 61 76.61 -9.89 -45.53
C GLN P 61 76.66 -11.42 -45.60
N ALA P 62 76.55 -12.01 -46.80
CA ALA P 62 76.52 -13.46 -46.93
C ALA P 62 77.81 -14.14 -46.48
N ALA P 63 78.95 -13.45 -46.59
CA ALA P 63 80.22 -13.94 -46.07
C ALA P 63 80.20 -13.99 -44.54
N LEU P 64 79.66 -12.96 -43.88
CA LEU P 64 79.49 -12.96 -42.44
C LEU P 64 78.51 -14.06 -41.99
N ILE P 65 77.41 -14.26 -42.71
CA ILE P 65 76.44 -15.31 -42.41
C ILE P 65 77.08 -16.69 -42.55
N SER P 66 77.93 -16.88 -43.57
CA SER P 66 78.63 -18.15 -43.68
C SER P 66 79.43 -18.45 -42.42
N LEU P 67 80.16 -17.46 -41.91
CA LEU P 67 81.00 -17.61 -40.73
C LEU P 67 80.19 -17.82 -39.45
N GLY P 68 78.91 -17.44 -39.42
CA GLY P 68 78.07 -17.71 -38.26
C GLY P 68 77.15 -16.56 -37.82
N LEU P 69 77.18 -15.44 -38.53
CA LEU P 69 76.25 -14.32 -38.21
C LEU P 69 74.85 -14.71 -38.66
N LYS P 70 73.85 -14.49 -37.81
CA LYS P 70 72.48 -14.95 -38.11
C LYS P 70 71.77 -14.05 -39.11
N SER P 71 70.60 -14.49 -39.59
CA SER P 71 69.78 -13.69 -40.53
C SER P 71 69.56 -12.29 -39.95
N THR P 72 69.49 -11.26 -40.78
CA THR P 72 69.17 -9.90 -40.26
C THR P 72 67.84 -9.99 -39.50
N PRO P 73 67.74 -9.42 -38.28
CA PRO P 73 66.53 -9.56 -37.47
C PRO P 73 65.26 -9.01 -38.13
N ALA P 74 64.09 -9.53 -37.76
CA ALA P 74 62.84 -9.02 -38.31
C ALA P 74 62.75 -7.50 -38.15
N ASN P 75 62.36 -6.80 -39.23
CA ASN P 75 62.24 -5.35 -39.31
C ASN P 75 63.56 -4.58 -39.18
N VAL P 76 64.71 -5.26 -39.04
CA VAL P 76 66.01 -4.58 -39.10
C VAL P 76 66.52 -4.63 -40.53
N THR P 77 66.81 -3.44 -41.08
CA THR P 77 67.57 -3.32 -42.32
C THR P 77 69.02 -3.03 -41.98
N PHE P 78 69.92 -3.90 -42.46
CA PHE P 78 71.36 -3.82 -42.23
C PHE P 78 72.06 -3.71 -43.58
N SER P 79 73.08 -2.85 -43.65
CA SER P 79 73.92 -2.74 -44.84
C SER P 79 75.39 -2.59 -44.44
N ILE P 80 76.27 -3.20 -45.24
CA ILE P 80 77.69 -2.88 -45.18
C ILE P 80 77.92 -1.82 -46.25
N VAL P 81 78.13 -0.58 -45.82
CA VAL P 81 78.23 0.57 -46.70
C VAL P 81 79.51 0.51 -47.52
N SER P 82 80.62 0.17 -46.86
CA SER P 82 81.91 0.03 -47.52
C SER P 82 82.80 -0.90 -46.70
N ALA P 83 83.80 -1.48 -47.35
CA ALA P 83 84.84 -2.25 -46.68
C ALA P 83 86.11 -2.26 -47.52
N SER P 84 87.23 -2.52 -46.84
CA SER P 84 88.55 -2.57 -47.44
C SER P 84 89.41 -3.57 -46.68
N ALA P 85 90.70 -3.64 -47.02
CA ALA P 85 91.64 -4.46 -46.28
C ALA P 85 91.76 -4.04 -44.81
N ASN P 86 91.40 -2.78 -44.48
CA ASN P 86 91.78 -2.15 -43.23
C ASN P 86 90.62 -1.52 -42.45
N SER P 87 89.45 -1.35 -43.08
CA SER P 87 88.32 -0.71 -42.42
C SER P 87 86.99 -1.21 -42.99
N TYR P 88 85.90 -0.96 -42.26
CA TYR P 88 84.54 -1.15 -42.74
C TYR P 88 83.65 -0.04 -42.20
N CYS P 89 82.52 0.18 -42.87
CA CYS P 89 81.42 0.92 -42.30
C CYS P 89 80.15 0.08 -42.47
N MET P 90 79.42 -0.16 -41.37
CA MET P 90 78.14 -0.85 -41.41
C MET P 90 77.07 0.04 -40.80
N ILE P 91 75.84 -0.02 -41.34
CA ILE P 91 74.71 0.76 -40.87
C ILE P 91 73.56 -0.20 -40.60
N ALA P 92 72.82 -0.01 -39.51
CA ALA P 92 71.62 -0.80 -39.26
C ALA P 92 70.58 0.01 -38.51
N GLY P 93 69.31 -0.36 -38.68
CA GLY P 93 68.22 0.33 -38.02
C GLY P 93 66.97 -0.53 -38.07
N HIS P 94 66.11 -0.36 -37.06
CA HIS P 94 64.84 -1.06 -36.98
C HIS P 94 63.74 -0.09 -37.37
N SER P 95 62.79 -0.47 -38.23
CA SER P 95 61.76 0.45 -38.70
C SER P 95 60.96 1.11 -37.58
N GLY P 96 60.92 0.46 -36.40
CA GLY P 96 60.32 0.99 -35.18
C GLY P 96 61.32 1.20 -34.03
N GLY P 97 62.59 1.48 -34.35
CA GLY P 97 63.58 1.96 -33.39
C GLY P 97 63.52 3.48 -33.25
N THR P 98 64.61 4.09 -32.73
CA THR P 98 64.70 5.54 -32.67
C THR P 98 65.52 6.10 -33.83
N VAL P 99 66.78 5.65 -33.97
CA VAL P 99 67.73 6.19 -34.93
C VAL P 99 68.52 5.08 -35.62
N TRP P 100 69.14 5.39 -36.76
CA TRP P 100 70.12 4.50 -37.38
C TRP P 100 71.37 4.40 -36.51
N PHE P 101 71.95 3.20 -36.45
CA PHE P 101 73.21 2.94 -35.79
C PHE P 101 74.28 2.67 -36.83
N ALA P 102 75.51 3.06 -36.52
CA ALA P 102 76.66 2.83 -37.38
C ALA P 102 77.70 2.00 -36.62
N ALA P 103 78.51 1.24 -37.36
CA ALA P 103 79.65 0.53 -36.79
C ALA P 103 80.87 0.71 -37.68
N THR P 104 82.02 1.03 -37.06
CA THR P 104 83.32 1.11 -37.71
C THR P 104 84.35 0.53 -36.75
N PRO P 105 85.53 0.08 -37.21
CA PRO P 105 86.48 -0.56 -36.30
C PRO P 105 87.15 0.42 -35.32
N ASP P 106 87.11 1.73 -35.58
CA ASP P 106 87.63 2.73 -34.66
C ASP P 106 86.59 3.21 -33.65
N LYS P 107 85.39 3.61 -34.11
CA LYS P 107 84.38 4.19 -33.24
C LYS P 107 83.53 3.13 -32.53
N GLY P 108 83.65 1.85 -32.91
CA GLY P 108 82.80 0.80 -32.37
C GLY P 108 81.38 0.91 -32.92
N VAL P 109 80.38 0.40 -32.19
CA VAL P 109 78.98 0.56 -32.55
C VAL P 109 78.42 1.79 -31.84
N TYR P 110 77.80 2.71 -32.57
CA TYR P 110 77.32 3.96 -32.02
C TYR P 110 76.07 4.45 -32.74
N LYS P 111 75.25 5.24 -32.05
CA LYS P 111 74.02 5.74 -32.64
C LYS P 111 74.27 7.03 -33.40
N THR P 112 73.64 7.18 -34.56
CA THR P 112 73.73 8.38 -35.39
C THR P 112 72.61 9.38 -35.02
N ASN P 113 72.63 10.56 -35.65
CA ASN P 113 71.57 11.55 -35.46
C ASN P 113 70.33 11.29 -36.31
N THR P 114 70.41 10.37 -37.28
CA THR P 114 69.37 10.17 -38.30
C THR P 114 68.25 9.27 -37.78
N ALA P 115 67.00 9.76 -37.74
CA ALA P 115 65.85 8.96 -37.34
C ALA P 115 65.57 7.82 -38.33
N VAL P 116 65.05 6.67 -37.86
CA VAL P 116 64.82 5.50 -38.70
C VAL P 116 63.75 5.72 -39.78
N THR P 117 62.95 6.79 -39.64
CA THR P 117 61.94 7.18 -40.62
C THR P 117 62.56 7.88 -41.83
N SER P 118 63.75 8.49 -41.66
CA SER P 118 64.56 9.03 -42.74
C SER P 118 65.34 7.91 -43.44
N SER P 119 65.76 8.15 -44.70
CA SER P 119 66.61 7.22 -45.43
C SER P 119 67.95 7.01 -44.72
N GLN P 120 68.52 5.80 -44.81
CA GLN P 120 69.70 5.43 -44.03
C GLN P 120 70.92 6.26 -44.42
N PRO P 121 71.83 6.57 -43.47
CA PRO P 121 73.09 7.23 -43.78
C PRO P 121 73.86 6.52 -44.89
N GLU P 122 74.47 7.32 -45.76
CA GLU P 122 75.33 6.81 -46.85
C GLU P 122 76.77 6.54 -46.38
N SER P 123 77.11 6.92 -45.15
CA SER P 123 78.45 6.81 -44.58
C SER P 123 78.38 6.94 -43.04
N CYS P 124 79.46 6.55 -42.36
CA CYS P 124 79.63 6.67 -40.91
C CYS P 124 79.79 8.14 -40.49
N PRO P 125 78.90 8.69 -39.63
CA PRO P 125 79.11 10.00 -39.01
C PRO P 125 80.32 10.06 -38.08
N PHE Q 1 14.83 2.17 -3.17
CA PHE Q 1 15.42 1.02 -3.93
C PHE Q 1 14.33 -0.02 -4.21
N THR Q 2 14.22 -0.48 -5.46
CA THR Q 2 13.07 -1.25 -5.95
C THR Q 2 13.52 -2.37 -6.90
N LEU Q 3 12.59 -3.25 -7.29
CA LEU Q 3 12.96 -4.46 -8.00
C LEU Q 3 13.55 -4.17 -9.39
N ILE Q 4 13.09 -3.10 -10.04
CA ILE Q 4 13.63 -2.70 -11.33
C ILE Q 4 15.07 -2.18 -11.22
N GLU Q 5 15.43 -1.43 -10.17
CA GLU Q 5 16.82 -1.03 -9.99
C GLU Q 5 17.69 -2.25 -9.71
N LEU Q 6 17.17 -3.19 -8.94
CA LEU Q 6 17.90 -4.40 -8.59
C LEU Q 6 18.09 -5.32 -9.80
N LEU Q 7 17.12 -5.40 -10.71
CA LEU Q 7 17.28 -6.12 -11.97
C LEU Q 7 18.30 -5.44 -12.89
N ILE Q 8 18.34 -4.11 -12.94
CA ILE Q 8 19.38 -3.39 -13.68
C ILE Q 8 20.77 -3.71 -13.11
N VAL Q 9 20.89 -3.68 -11.78
CA VAL Q 9 22.13 -4.02 -11.10
C VAL Q 9 22.57 -5.45 -11.42
N ILE Q 10 21.66 -6.43 -11.34
CA ILE Q 10 21.94 -7.81 -11.70
C ILE Q 10 22.36 -7.93 -13.17
N ALA Q 11 21.68 -7.23 -14.08
CA ALA Q 11 22.01 -7.25 -15.50
C ALA Q 11 23.42 -6.71 -15.76
N ILE Q 12 23.78 -5.60 -15.12
CA ILE Q 12 25.09 -4.99 -15.29
C ILE Q 12 26.18 -5.84 -14.62
N ILE Q 13 25.92 -6.46 -13.46
CA ILE Q 13 26.84 -7.43 -12.88
C ILE Q 13 27.15 -8.56 -13.86
N ALA Q 14 26.12 -9.12 -14.53
CA ALA Q 14 26.29 -10.18 -15.50
C ALA Q 14 27.20 -9.75 -16.66
N ILE Q 15 27.07 -8.50 -17.11
CA ILE Q 15 27.92 -7.92 -18.15
C ILE Q 15 29.37 -7.79 -17.65
N LEU Q 16 29.59 -7.13 -16.51
CA LEU Q 16 30.94 -6.91 -16.02
C LEU Q 16 31.64 -8.22 -15.68
N ALA Q 17 30.93 -9.20 -15.11
CA ALA Q 17 31.47 -10.52 -14.83
C ALA Q 17 31.92 -11.26 -16.09
N ALA Q 18 31.29 -10.99 -17.24
CA ALA Q 18 31.63 -11.62 -18.51
C ALA Q 18 32.86 -10.99 -19.17
N VAL Q 19 33.06 -9.67 -19.04
CA VAL Q 19 34.04 -8.95 -19.85
C VAL Q 19 35.31 -8.56 -19.09
N LEU Q 20 35.25 -8.40 -17.76
CA LEU Q 20 36.38 -7.89 -17.00
C LEU Q 20 37.36 -9.00 -16.55
N ILE Q 21 37.14 -10.24 -16.99
CA ILE Q 21 38.00 -11.38 -16.65
C ILE Q 21 38.90 -11.71 -17.86
N PRO Q 22 40.24 -11.73 -17.71
CA PRO Q 22 41.13 -11.97 -18.85
C PRO Q 22 41.15 -13.44 -19.27
N ASN Q 23 41.64 -13.69 -20.49
CA ASN Q 23 41.95 -15.05 -20.92
C ASN Q 23 43.16 -15.54 -20.12
N LEU Q 24 42.93 -16.40 -19.12
CA LEU Q 24 43.99 -16.85 -18.23
C LEU Q 24 44.90 -17.85 -18.95
N LEU Q 25 44.34 -18.68 -19.83
CA LEU Q 25 45.12 -19.66 -20.57
C LEU Q 25 46.18 -19.01 -21.45
N ALA Q 26 45.81 -17.95 -22.19
CA ALA Q 26 46.71 -17.23 -23.09
C ALA Q 26 47.85 -16.56 -22.31
N ALA Q 27 47.53 -15.94 -21.17
CA ALA Q 27 48.52 -15.34 -20.29
C ALA Q 27 49.52 -16.39 -19.78
N ARG Q 28 49.03 -17.52 -19.26
CA ARG Q 28 49.90 -18.57 -18.76
C ARG Q 28 50.75 -19.19 -19.87
N LYS Q 29 50.27 -19.35 -21.10
CA LYS Q 29 51.08 -19.85 -22.21
C LYS Q 29 52.36 -19.03 -22.39
N ARG Q 30 52.28 -17.70 -22.40
CA ARG Q 30 53.43 -16.83 -22.60
C ARG Q 30 54.39 -16.84 -21.41
N ALA Q 31 53.87 -16.94 -20.18
CA ALA Q 31 54.70 -17.14 -19.01
C ALA Q 31 55.42 -18.48 -19.06
N ASN Q 32 54.73 -19.56 -19.43
CA ASN Q 32 55.29 -20.90 -19.55
C ASN Q 32 56.43 -20.95 -20.58
N ASP Q 33 56.29 -20.33 -21.74
CA ASP Q 33 57.38 -20.23 -22.71
C ASP Q 33 58.58 -19.46 -22.16
N THR Q 34 58.35 -18.51 -21.25
CA THR Q 34 59.43 -17.79 -20.58
C THR Q 34 60.19 -18.72 -19.64
N VAL Q 35 59.50 -19.61 -18.91
CA VAL Q 35 60.14 -20.61 -18.07
C VAL Q 35 61.04 -21.52 -18.91
N VAL Q 36 60.54 -22.03 -20.05
CA VAL Q 36 61.30 -22.90 -20.92
C VAL Q 36 62.54 -22.17 -21.46
N THR Q 37 62.37 -20.94 -21.95
CA THR Q 37 63.47 -20.14 -22.46
C THR Q 37 64.51 -19.92 -21.37
N ALA Q 38 64.10 -19.53 -20.17
CA ALA Q 38 65.00 -19.31 -19.05
C ALA Q 38 65.75 -20.58 -18.66
N TYR Q 39 65.07 -21.73 -18.61
CA TYR Q 39 65.71 -22.99 -18.26
C TYR Q 39 66.73 -23.44 -19.31
N LEU Q 40 66.42 -23.27 -20.60
CA LEU Q 40 67.41 -23.54 -21.65
C LEU Q 40 68.58 -22.57 -21.59
N ASN Q 41 68.37 -21.28 -21.33
CA ASN Q 41 69.49 -20.35 -21.13
C ASN Q 41 70.38 -20.78 -19.95
N ASP Q 42 69.81 -21.31 -18.87
CA ASP Q 42 70.61 -21.87 -17.79
C ASP Q 42 71.33 -23.14 -18.21
N ALA Q 43 70.66 -24.08 -18.88
CA ALA Q 43 71.30 -25.29 -19.38
C ALA Q 43 72.50 -24.96 -20.29
N VAL Q 44 72.40 -23.90 -21.09
CA VAL Q 44 73.49 -23.39 -21.92
C VAL Q 44 74.67 -22.89 -21.09
N LYS Q 45 74.45 -22.13 -20.01
CA LYS Q 45 75.52 -21.72 -19.11
C LYS Q 45 76.23 -22.93 -18.52
N PHE Q 46 75.47 -23.94 -18.10
CA PHE Q 46 76.04 -25.13 -17.49
C PHE Q 46 76.73 -26.03 -18.50
N GLN Q 47 76.28 -26.09 -19.75
CA GLN Q 47 77.04 -26.77 -20.81
C GLN Q 47 78.42 -26.12 -20.98
N GLU Q 48 78.52 -24.78 -20.98
CA GLU Q 48 79.81 -24.11 -21.03
C GLU Q 48 80.65 -24.39 -19.78
N MET Q 49 80.07 -24.44 -18.59
CA MET Q 49 80.83 -24.79 -17.39
C MET Q 49 81.33 -26.25 -17.43
N TYR Q 50 80.52 -27.18 -17.94
CA TYR Q 50 80.97 -28.55 -18.10
C TYR Q 50 82.09 -28.64 -19.13
N GLN Q 51 82.01 -27.84 -20.18
CA GLN Q 51 83.06 -27.71 -21.20
C GLN Q 51 84.36 -27.18 -20.59
N ILE Q 52 84.31 -26.24 -19.63
CA ILE Q 52 85.49 -25.75 -18.91
C ILE Q 52 86.19 -26.90 -18.17
N ASP Q 53 85.43 -27.77 -17.51
CA ASP Q 53 85.99 -28.84 -16.69
C ASP Q 53 86.41 -30.07 -17.49
N ASN Q 54 85.72 -30.40 -18.60
CA ASN Q 54 85.82 -31.70 -19.23
C ASN Q 54 86.23 -31.66 -20.71
N ASN Q 55 86.36 -30.47 -21.31
CA ASN Q 55 86.67 -30.31 -22.73
C ASN Q 55 85.67 -31.04 -23.65
N SER Q 56 84.42 -31.20 -23.21
CA SER Q 56 83.37 -31.85 -23.97
C SER Q 56 82.02 -31.39 -23.41
N TYR Q 57 80.91 -31.53 -24.16
CA TYR Q 57 79.58 -31.25 -23.64
C TYR Q 57 78.92 -32.49 -23.03
N THR Q 58 77.95 -32.29 -22.13
CA THR Q 58 77.25 -33.39 -21.49
C THR Q 58 76.17 -33.96 -22.39
N SER Q 59 75.82 -35.23 -22.18
CA SER Q 59 74.66 -35.73 -22.88
C SER Q 59 73.59 -35.96 -21.83
N ASN Q 60 74.00 -35.95 -20.57
CA ASN Q 60 73.10 -36.25 -19.46
C ASN Q 60 72.90 -35.08 -18.51
N GLN Q 61 71.63 -34.82 -18.14
CA GLN Q 61 71.23 -33.68 -17.34
C GLN Q 61 71.84 -33.70 -15.93
N ALA Q 62 72.10 -34.88 -15.35
CA ALA Q 62 72.60 -34.98 -13.99
C ALA Q 62 73.99 -34.36 -13.81
N ALA Q 63 74.81 -34.34 -14.87
CA ALA Q 63 76.09 -33.66 -14.86
C ALA Q 63 75.89 -32.14 -14.77
N LEU Q 64 74.94 -31.58 -15.52
CA LEU Q 64 74.60 -30.17 -15.43
C LEU Q 64 74.04 -29.81 -14.05
N ILE Q 65 73.17 -30.67 -13.49
CA ILE Q 65 72.62 -30.47 -12.15
C ILE Q 65 73.73 -30.49 -11.10
N SER Q 66 74.71 -31.38 -11.24
CA SER Q 66 75.82 -31.37 -10.31
C SER Q 66 76.52 -30.01 -10.28
N LEU Q 67 76.76 -29.45 -11.47
CA LEU Q 67 77.44 -28.17 -11.60
C LEU Q 67 76.62 -26.99 -11.09
N GLY Q 68 75.29 -27.12 -10.98
CA GLY Q 68 74.45 -26.07 -10.41
C GLY Q 68 73.14 -25.78 -11.14
N LEU Q 69 72.86 -26.52 -12.21
CA LEU Q 69 71.56 -26.34 -12.93
C LEU Q 69 70.46 -26.96 -12.06
N LYS Q 70 69.35 -26.24 -11.89
CA LYS Q 70 68.28 -26.70 -10.98
C LYS Q 70 67.43 -27.81 -11.59
N SER Q 71 66.57 -28.42 -10.77
CA SER Q 71 65.65 -29.47 -11.25
C SER Q 71 64.87 -28.95 -12.46
N THR Q 72 64.53 -29.83 -13.41
CA THR Q 72 63.69 -29.39 -14.56
C THR Q 72 62.41 -28.79 -13.99
N PRO Q 73 61.96 -27.60 -14.45
CA PRO Q 73 60.77 -26.95 -13.88
C PRO Q 73 59.49 -27.79 -13.94
N ALA Q 74 58.54 -27.55 -13.03
CA ALA Q 74 57.27 -28.26 -13.07
C ALA Q 74 56.62 -28.16 -14.46
N ASN Q 75 56.15 -29.29 -14.99
CA ASN Q 75 55.53 -29.43 -16.31
C ASN Q 75 56.46 -29.16 -17.50
N VAL Q 76 57.74 -28.86 -17.28
CA VAL Q 76 58.72 -28.78 -18.36
C VAL Q 76 59.39 -30.13 -18.54
N THR Q 77 59.30 -30.67 -19.76
CA THR Q 77 60.12 -31.80 -20.18
C THR Q 77 61.32 -31.29 -20.96
N PHE Q 78 62.51 -31.64 -20.47
CA PHE Q 78 63.79 -31.23 -21.06
C PHE Q 78 64.57 -32.47 -21.44
N SER Q 79 65.22 -32.45 -22.60
CA SER Q 79 66.10 -33.52 -23.02
C SER Q 79 67.36 -32.96 -23.70
N ILE Q 80 68.49 -33.61 -23.46
CA ILE Q 80 69.68 -33.38 -24.26
C ILE Q 80 69.65 -34.45 -25.35
N VAL Q 81 69.35 -34.02 -26.57
CA VAL Q 81 69.14 -34.92 -27.70
C VAL Q 81 70.45 -35.57 -28.13
N SER Q 82 71.52 -34.77 -28.19
CA SER Q 82 72.85 -35.25 -28.53
C SER Q 82 73.90 -34.31 -27.97
N ALA Q 83 75.12 -34.81 -27.81
CA ALA Q 83 76.26 -33.99 -27.44
C ALA Q 83 77.56 -34.67 -27.90
N SER Q 84 78.60 -33.84 -28.04
CA SER Q 84 79.91 -34.28 -28.48
C SER Q 84 80.97 -33.38 -27.84
N ALA Q 85 82.23 -33.56 -28.23
CA ALA Q 85 83.29 -32.68 -27.79
C ALA Q 85 83.07 -31.22 -28.21
N ASN Q 86 82.25 -30.98 -29.25
CA ASN Q 86 82.23 -29.70 -29.96
C ASN Q 86 80.82 -29.10 -30.10
N SER Q 87 79.76 -29.87 -29.86
CA SER Q 87 78.40 -29.38 -30.03
C SER Q 87 77.41 -30.09 -29.10
N TYR Q 88 76.23 -29.51 -28.94
CA TYR Q 88 75.10 -30.16 -28.27
C TYR Q 88 73.81 -29.76 -28.98
N CYS Q 89 72.77 -30.56 -28.80
CA CYS Q 89 71.41 -30.17 -29.08
C CYS Q 89 70.56 -30.47 -27.85
N MET Q 90 69.83 -29.46 -27.34
CA MET Q 90 68.90 -29.65 -26.24
C MET Q 90 67.51 -29.20 -26.68
N ILE Q 91 66.47 -29.88 -26.19
CA ILE Q 91 65.09 -29.58 -26.51
C ILE Q 91 64.33 -29.43 -25.19
N ALA Q 92 63.43 -28.44 -25.08
CA ALA Q 92 62.58 -28.33 -23.90
C ALA Q 92 61.23 -27.73 -24.28
N GLY Q 93 60.21 -28.06 -23.49
CA GLY Q 93 58.87 -27.55 -23.73
C GLY Q 93 58.03 -27.74 -22.48
N HIS Q 94 57.05 -26.85 -22.31
CA HIS Q 94 56.10 -26.91 -21.19
C HIS Q 94 54.79 -27.46 -21.72
N SER Q 95 54.15 -28.42 -21.03
CA SER Q 95 52.94 -29.05 -21.55
C SER Q 95 51.82 -28.04 -21.85
N GLY Q 96 51.87 -26.87 -21.20
CA GLY Q 96 50.96 -25.75 -21.46
C GLY Q 96 51.67 -24.50 -21.99
N GLY Q 97 52.78 -24.65 -22.71
CA GLY Q 97 53.40 -23.59 -23.49
C GLY Q 97 52.81 -23.49 -24.89
N THR Q 98 53.53 -22.87 -25.83
CA THR Q 98 53.08 -22.83 -27.22
C THR Q 98 53.78 -23.90 -28.06
N VAL Q 99 55.12 -23.87 -28.09
CA VAL Q 99 55.93 -24.71 -28.96
C VAL Q 99 57.15 -25.26 -28.21
N TRP Q 100 57.75 -26.32 -28.76
CA TRP Q 100 59.05 -26.79 -28.29
C TRP Q 100 60.15 -25.77 -28.62
N PHE Q 101 61.10 -25.60 -27.70
CA PHE Q 101 62.27 -24.79 -27.90
C PHE Q 101 63.49 -25.68 -28.05
N ALA Q 102 64.45 -25.23 -28.85
CA ALA Q 102 65.71 -25.93 -29.06
C ALA Q 102 66.87 -25.03 -28.65
N ALA Q 103 67.98 -25.64 -28.24
CA ALA Q 103 69.21 -24.91 -27.98
C ALA Q 103 70.40 -25.64 -28.59
N THR Q 104 71.26 -24.90 -29.29
CA THR Q 104 72.52 -25.38 -29.84
C THR Q 104 73.56 -24.28 -29.66
N PRO Q 105 74.88 -24.57 -29.67
CA PRO Q 105 75.86 -23.53 -29.40
C PRO Q 105 76.02 -22.50 -30.52
N ASP Q 106 75.54 -22.81 -31.74
CA ASP Q 106 75.55 -21.85 -32.84
C ASP Q 106 74.28 -21.00 -32.90
N LYS Q 107 73.10 -21.62 -32.86
CA LYS Q 107 71.84 -20.89 -33.01
C LYS Q 107 71.34 -20.26 -31.70
N GLY Q 108 71.96 -20.59 -30.56
CA GLY Q 108 71.48 -20.14 -29.26
C GLY Q 108 70.20 -20.87 -28.86
N VAL Q 109 69.35 -20.25 -28.03
CA VAL Q 109 68.05 -20.80 -27.68
C VAL Q 109 67.01 -20.18 -28.61
N TYR Q 110 66.20 -21.02 -29.26
CA TYR Q 110 65.23 -20.56 -30.25
C TYR Q 110 64.00 -21.45 -30.27
N LYS Q 111 62.86 -20.88 -30.71
CA LYS Q 111 61.62 -21.64 -30.74
C LYS Q 111 61.49 -22.39 -32.06
N THR Q 112 60.99 -23.63 -31.99
CA THR Q 112 60.76 -24.47 -33.15
C THR Q 112 59.33 -24.27 -33.68
N ASN Q 113 58.99 -24.93 -34.80
CA ASN Q 113 57.63 -24.89 -35.34
C ASN Q 113 56.69 -25.89 -34.67
N THR Q 114 57.22 -26.82 -33.86
CA THR Q 114 56.45 -27.95 -33.34
C THR Q 114 55.68 -27.55 -32.08
N ALA Q 115 54.35 -27.69 -32.09
CA ALA Q 115 53.51 -27.41 -30.91
C ALA Q 115 53.78 -28.39 -29.77
N VAL Q 116 53.64 -27.96 -28.51
CA VAL Q 116 53.96 -28.80 -27.34
C VAL Q 116 53.04 -30.01 -27.19
N THR Q 117 51.90 -29.99 -27.90
CA THR Q 117 50.94 -31.10 -27.92
C THR Q 117 51.41 -32.25 -28.83
N SER Q 118 52.28 -31.95 -29.82
CA SER Q 118 52.97 -32.94 -30.63
C SER Q 118 54.18 -33.49 -29.88
N SER Q 119 54.64 -34.70 -30.28
CA SER Q 119 55.85 -35.29 -29.72
C SER Q 119 57.08 -34.42 -30.00
N GLN Q 120 58.05 -34.40 -29.07
CA GLN Q 120 59.18 -33.47 -29.13
C GLN Q 120 60.05 -33.72 -30.36
N PRO Q 121 60.66 -32.67 -30.95
CA PRO Q 121 61.64 -32.84 -32.03
C PRO Q 121 62.75 -33.82 -31.65
N GLU Q 122 63.14 -34.64 -32.64
CA GLU Q 122 64.25 -35.59 -32.50
C GLU Q 122 65.62 -34.95 -32.74
N SER Q 123 65.65 -33.68 -33.21
CA SER Q 123 66.85 -32.95 -33.56
C SER Q 123 66.54 -31.45 -33.64
N CYS Q 124 67.60 -30.62 -33.64
CA CYS Q 124 67.53 -29.17 -33.79
C CYS Q 124 67.10 -28.77 -35.20
N PRO Q 125 65.97 -28.04 -35.38
CA PRO Q 125 65.61 -27.43 -36.67
C PRO Q 125 66.61 -26.35 -37.14
N PHE R 1 4.38 0.27 -5.67
CA PHE R 1 5.43 -0.38 -4.82
C PHE R 1 4.83 -0.76 -3.47
N THR R 2 5.06 -2.01 -3.02
CA THR R 2 4.33 -2.61 -1.90
C THR R 2 5.26 -3.47 -1.04
N LEU R 3 4.77 -3.94 0.12
CA LEU R 3 5.64 -4.57 1.09
C LEU R 3 6.25 -5.88 0.59
N ILE R 4 5.53 -6.61 -0.26
CA ILE R 4 6.04 -7.84 -0.85
C ILE R 4 7.18 -7.57 -1.85
N GLU R 5 7.11 -6.50 -2.65
CA GLU R 5 8.23 -6.15 -3.52
C GLU R 5 9.44 -5.74 -2.69
N LEU R 6 9.20 -5.01 -1.62
CA LEU R 6 10.26 -4.54 -0.74
C LEU R 6 10.91 -5.69 0.03
N LEU R 7 10.15 -6.71 0.44
CA LEU R 7 10.73 -7.92 1.02
C LEU R 7 11.54 -8.73 0.02
N ILE R 8 11.12 -8.80 -1.25
CA ILE R 8 11.91 -9.43 -2.30
C ILE R 8 13.23 -8.68 -2.49
N VAL R 9 13.18 -7.36 -2.54
CA VAL R 9 14.36 -6.51 -2.65
C VAL R 9 15.32 -6.74 -1.48
N ILE R 10 14.82 -6.74 -0.25
CA ILE R 10 15.61 -7.02 0.95
C ILE R 10 16.24 -8.43 0.88
N ALA R 11 15.47 -9.43 0.45
CA ALA R 11 15.96 -10.80 0.32
C ALA R 11 17.10 -10.91 -0.69
N ILE R 12 16.96 -10.25 -1.85
CA ILE R 12 17.97 -10.27 -2.89
C ILE R 12 19.20 -9.45 -2.47
N ILE R 13 19.04 -8.32 -1.78
CA ILE R 13 20.17 -7.59 -1.19
C ILE R 13 20.97 -8.50 -0.26
N ALA R 14 20.30 -9.27 0.61
CA ALA R 14 20.97 -10.18 1.52
C ALA R 14 21.79 -11.23 0.78
N ILE R 15 21.29 -11.74 -0.35
CA ILE R 15 22.01 -12.66 -1.22
C ILE R 15 23.23 -12.00 -1.85
N LEU R 16 23.06 -10.86 -2.52
CA LEU R 16 24.16 -10.20 -3.20
C LEU R 16 25.24 -9.74 -2.22
N ALA R 17 24.86 -9.25 -1.05
CA ALA R 17 25.80 -8.86 -0.01
C ALA R 17 26.64 -10.04 0.51
N ALA R 18 26.10 -11.26 0.45
CA ALA R 18 26.81 -12.46 0.89
C ALA R 18 27.80 -12.98 -0.14
N VAL R 19 27.50 -12.86 -1.45
CA VAL R 19 28.25 -13.56 -2.49
C VAL R 19 29.19 -12.66 -3.29
N LEU R 20 28.91 -11.35 -3.38
CA LEU R 20 29.68 -10.47 -4.25
C LEU R 20 30.91 -9.88 -3.57
N ILE R 21 31.22 -10.31 -2.33
CA ILE R 21 32.38 -9.83 -1.58
C ILE R 21 33.48 -10.91 -1.61
N PRO R 22 34.71 -10.59 -2.06
CA PRO R 22 35.76 -11.60 -2.18
C PRO R 22 36.36 -11.96 -0.83
N ASN R 23 37.05 -13.10 -0.78
CA ASN R 23 37.89 -13.47 0.36
C ASN R 23 39.08 -12.51 0.40
N LEU R 24 39.04 -11.52 1.30
CA LEU R 24 40.07 -10.49 1.36
C LEU R 24 41.36 -11.06 1.94
N LEU R 25 41.26 -11.98 2.91
CA LEU R 25 42.42 -12.59 3.54
C LEU R 25 43.28 -13.35 2.53
N ALA R 26 42.66 -14.16 1.67
CA ALA R 26 43.35 -14.95 0.66
C ALA R 26 44.06 -14.07 -0.37
N ALA R 27 43.40 -13.00 -0.81
CA ALA R 27 43.98 -12.00 -1.71
C ALA R 27 45.22 -11.34 -1.08
N ARG R 28 45.10 -10.87 0.16
CA ARG R 28 46.22 -10.24 0.84
C ARG R 28 47.37 -11.20 1.09
N LYS R 29 47.14 -12.48 1.40
CA LYS R 29 48.21 -13.47 1.54
C LYS R 29 49.12 -13.50 0.32
N ARG R 30 48.57 -13.57 -0.90
CA ARG R 30 49.36 -13.65 -2.12
C ARG R 30 50.10 -12.34 -2.43
N ALA R 31 49.49 -11.19 -2.13
CA ALA R 31 50.18 -9.92 -2.22
C ALA R 31 51.34 -9.83 -1.23
N ASN R 32 51.13 -10.27 0.02
CA ASN R 32 52.15 -10.27 1.06
C ASN R 32 53.35 -11.15 0.69
N ASP R 33 53.14 -12.35 0.14
CA ASP R 33 54.22 -13.17 -0.36
C ASP R 33 55.01 -12.49 -1.49
N THR R 34 54.35 -11.64 -2.28
CA THR R 34 54.99 -10.86 -3.33
C THR R 34 55.91 -9.81 -2.73
N VAL R 35 55.51 -9.16 -1.64
CA VAL R 35 56.34 -8.21 -0.91
C VAL R 35 57.60 -8.90 -0.39
N VAL R 36 57.46 -10.08 0.23
CA VAL R 36 58.60 -10.82 0.75
C VAL R 36 59.55 -11.23 -0.38
N THR R 37 59.01 -11.77 -1.47
CA THR R 37 59.81 -12.16 -2.62
C THR R 37 60.56 -10.96 -3.19
N ALA R 38 59.89 -9.83 -3.38
CA ALA R 38 60.50 -8.62 -3.89
C ALA R 38 61.60 -8.09 -2.95
N TYR R 39 61.37 -8.10 -1.64
CA TYR R 39 62.36 -7.63 -0.68
C TYR R 39 63.60 -8.53 -0.65
N LEU R 40 63.43 -9.85 -0.72
CA LEU R 40 64.56 -10.76 -0.84
C LEU R 40 65.30 -10.59 -2.17
N ASN R 41 64.60 -10.39 -3.30
CA ASN R 41 65.28 -10.07 -4.55
C ASN R 41 66.12 -8.79 -4.46
N ASP R 42 65.64 -7.77 -3.74
CA ASP R 42 66.44 -6.58 -3.48
C ASP R 42 67.63 -6.87 -2.57
N ALA R 43 67.41 -7.60 -1.46
CA ALA R 43 68.51 -7.98 -0.57
C ALA R 43 69.61 -8.75 -1.32
N VAL R 44 69.24 -9.58 -2.30
CA VAL R 44 70.17 -10.28 -3.17
C VAL R 44 70.99 -9.32 -4.05
N LYS R 45 70.37 -8.30 -4.65
CA LYS R 45 71.09 -7.29 -5.41
C LYS R 45 72.12 -6.58 -4.52
N PHE R 46 71.72 -6.23 -3.30
CA PHE R 46 72.59 -5.52 -2.38
C PHE R 46 73.68 -6.40 -1.80
N GLN R 47 73.45 -7.70 -1.61
CA GLN R 47 74.52 -8.63 -1.27
C GLN R 47 75.59 -8.65 -2.38
N GLU R 48 75.20 -8.68 -3.65
CA GLU R 48 76.17 -8.58 -4.74
C GLU R 48 76.89 -7.24 -4.76
N MET R 49 76.22 -6.12 -4.49
CA MET R 49 76.90 -4.84 -4.40
C MET R 49 77.87 -4.78 -3.23
N TYR R 50 77.53 -5.35 -2.08
CA TYR R 50 78.45 -5.42 -0.97
C TYR R 50 79.65 -6.29 -1.29
N GLN R 51 79.43 -7.37 -2.03
CA GLN R 51 80.48 -8.24 -2.55
C GLN R 51 81.42 -7.50 -3.51
N ILE R 52 80.92 -6.58 -4.35
CA ILE R 52 81.74 -5.72 -5.20
C ILE R 52 82.71 -4.88 -4.38
N ASP R 53 82.23 -4.29 -3.28
CA ASP R 53 83.03 -3.37 -2.47
C ASP R 53 83.96 -4.08 -1.48
N ASN R 54 83.57 -5.26 -0.94
CA ASN R 54 84.22 -5.84 0.22
C ASN R 54 84.76 -7.25 0.01
N ASN R 55 84.54 -7.87 -1.16
CA ASN R 55 84.95 -9.24 -1.45
C ASN R 55 84.41 -10.26 -0.43
N SER R 56 83.24 -9.97 0.18
CA SER R 56 82.60 -10.84 1.16
C SER R 56 81.12 -10.47 1.21
N TYR R 57 80.24 -11.35 1.73
CA TYR R 57 78.84 -10.99 1.95
C TYR R 57 78.60 -10.44 3.35
N THR R 58 77.51 -9.68 3.53
CA THR R 58 77.18 -9.09 4.82
C THR R 58 76.49 -10.11 5.73
N SER R 59 76.60 -9.90 7.04
CA SER R 59 75.79 -10.73 7.91
C SER R 59 74.75 -9.83 8.53
N ASN R 60 74.96 -8.51 8.39
CA ASN R 60 74.10 -7.52 9.02
C ASN R 60 73.37 -6.63 8.01
N GLN R 61 72.07 -6.44 8.23
CA GLN R 61 71.18 -5.72 7.32
C GLN R 61 71.57 -4.25 7.16
N ALA R 62 72.16 -3.61 8.17
CA ALA R 62 72.49 -2.19 8.11
C ALA R 62 73.53 -1.87 7.03
N ALA R 63 74.42 -2.81 6.71
CA ALA R 63 75.35 -2.66 5.61
C ALA R 63 74.62 -2.63 4.27
N LEU R 64 73.63 -3.51 4.07
CA LEU R 64 72.80 -3.52 2.88
C LEU R 64 71.97 -2.23 2.77
N ILE R 65 71.42 -1.75 3.88
CA ILE R 65 70.67 -0.50 3.93
C ILE R 65 71.56 0.69 3.57
N SER R 66 72.81 0.69 4.04
CA SER R 66 73.71 1.76 3.66
C SER R 66 73.87 1.83 2.14
N LEU R 67 74.04 0.67 1.51
CA LEU R 67 74.24 0.58 0.07
C LEU R 67 72.98 0.96 -0.74
N GLY R 68 71.79 0.90 -0.13
CA GLY R 68 70.57 1.33 -0.80
C GLY R 68 69.34 0.42 -0.62
N LEU R 69 69.48 -0.65 0.16
CA LEU R 69 68.31 -1.51 0.44
C LEU R 69 67.40 -0.79 1.43
N LYS R 70 66.09 -0.77 1.15
CA LYS R 70 65.14 0.02 1.99
C LYS R 70 64.84 -0.66 3.32
N SER R 71 64.16 0.05 4.21
CA SER R 71 63.74 -0.51 5.52
C SER R 71 62.99 -1.82 5.29
N THR R 72 63.12 -2.78 6.20
CA THR R 72 62.32 -4.03 6.07
C THR R 72 60.84 -3.64 5.99
N PRO R 73 60.06 -4.19 5.04
CA PRO R 73 58.66 -3.78 4.85
C PRO R 73 57.79 -3.99 6.10
N ALA R 74 56.70 -3.22 6.23
CA ALA R 74 55.78 -3.40 7.35
C ALA R 74 55.33 -4.85 7.47
N ASN R 75 55.36 -5.41 8.69
CA ASN R 75 55.00 -6.79 9.01
C ASN R 75 55.92 -7.85 8.40
N VAL R 76 56.97 -7.48 7.66
CA VAL R 76 57.98 -8.44 7.22
C VAL R 76 59.11 -8.49 8.24
N THR R 77 59.38 -9.71 8.74
CA THR R 77 60.59 -9.98 9.50
C THR R 77 61.62 -10.62 8.58
N PHE R 78 62.78 -9.98 8.48
CA PHE R 78 63.89 -10.41 7.64
C PHE R 78 65.11 -10.66 8.51
N SER R 79 65.85 -11.73 8.23
CA SER R 79 67.11 -12.02 8.90
C SER R 79 68.15 -12.53 7.92
N ILE R 80 69.40 -12.13 8.13
CA ILE R 80 70.52 -12.80 7.48
C ILE R 80 71.01 -13.85 8.47
N VAL R 81 70.75 -15.11 8.15
CA VAL R 81 71.01 -16.23 9.04
C VAL R 81 72.50 -16.47 9.18
N SER R 82 73.21 -16.42 8.04
CA SER R 82 74.66 -16.58 8.01
C SER R 82 75.22 -15.91 6.76
N ALA R 83 76.51 -15.59 6.79
CA ALA R 83 77.23 -15.10 5.63
C ALA R 83 78.73 -15.37 5.78
N SER R 84 79.41 -15.41 4.64
CA SER R 84 80.84 -15.67 4.57
C SER R 84 81.41 -14.94 3.37
N ALA R 85 82.69 -15.16 3.08
CA ALA R 85 83.31 -14.62 1.88
C ALA R 85 82.64 -15.09 0.59
N ASN R 86 81.92 -16.23 0.63
CA ASN R 86 81.53 -16.98 -0.55
C ASN R 86 80.03 -17.31 -0.63
N SER R 87 79.30 -17.19 0.48
CA SER R 87 77.88 -17.54 0.52
C SER R 87 77.11 -16.72 1.55
N TYR R 88 75.79 -16.72 1.44
CA TYR R 88 74.89 -16.19 2.45
C TYR R 88 73.64 -17.06 2.53
N CYS R 89 72.95 -16.99 3.65
CA CYS R 89 71.58 -17.45 3.76
C CYS R 89 70.75 -16.32 4.37
N MET R 90 69.65 -15.93 3.71
CA MET R 90 68.71 -14.95 4.23
C MET R 90 67.32 -15.58 4.31
N ILE R 91 66.54 -15.20 5.33
CA ILE R 91 65.19 -15.70 5.53
C ILE R 91 64.27 -14.50 5.69
N ALA R 92 63.08 -14.53 5.08
CA ALA R 92 62.10 -13.48 5.30
C ALA R 92 60.68 -14.03 5.22
N GLY R 93 59.75 -13.36 5.91
CA GLY R 93 58.36 -13.78 5.93
C GLY R 93 57.49 -12.64 6.41
N HIS R 94 56.24 -12.61 5.94
CA HIS R 94 55.26 -11.63 6.36
C HIS R 94 54.31 -12.29 7.34
N SER R 95 53.97 -11.67 8.47
CA SER R 95 53.14 -12.32 9.48
C SER R 95 51.78 -12.78 8.94
N GLY R 96 51.32 -12.17 7.84
CA GLY R 96 50.12 -12.57 7.11
C GLY R 96 50.39 -13.05 5.67
N GLY R 97 51.57 -13.62 5.41
CA GLY R 97 51.86 -14.34 4.18
C GLY R 97 51.44 -15.80 4.27
N THR R 98 52.01 -16.67 3.41
CA THR R 98 51.75 -18.11 3.52
C THR R 98 52.90 -18.82 4.24
N VAL R 99 54.13 -18.69 3.73
CA VAL R 99 55.30 -19.41 4.22
C VAL R 99 56.52 -18.50 4.31
N TRP R 100 57.53 -18.93 5.07
CA TRP R 100 58.84 -18.30 5.06
C TRP R 100 59.52 -18.52 3.71
N PHE R 101 60.23 -17.50 3.23
CA PHE R 101 61.05 -17.58 2.03
C PHE R 101 62.52 -17.55 2.44
N ALA R 102 63.35 -18.23 1.65
CA ALA R 102 64.79 -18.26 1.85
C ALA R 102 65.48 -17.73 0.60
N ALA R 103 66.68 -17.17 0.78
CA ALA R 103 67.53 -16.77 -0.34
C ALA R 103 68.97 -17.22 -0.09
N THR R 104 69.59 -17.82 -1.10
CA THR R 104 70.99 -18.20 -1.11
C THR R 104 71.54 -17.92 -2.50
N PRO R 105 72.87 -17.76 -2.71
CA PRO R 105 73.37 -17.40 -4.02
C PRO R 105 73.29 -18.52 -5.07
N ASP R 106 73.11 -19.78 -4.63
CA ASP R 106 72.92 -20.90 -5.54
C ASP R 106 71.45 -21.14 -5.89
N LYS R 107 70.56 -21.22 -4.88
CA LYS R 107 69.15 -21.56 -5.11
C LYS R 107 68.31 -20.34 -5.50
N GLY R 108 68.85 -19.12 -5.40
CA GLY R 108 68.08 -17.90 -5.62
C GLY R 108 67.11 -17.65 -4.47
N VAL R 109 66.00 -16.94 -4.74
CA VAL R 109 64.94 -16.74 -3.75
C VAL R 109 63.88 -17.81 -3.97
N TYR R 110 63.51 -18.54 -2.91
CA TYR R 110 62.58 -19.65 -3.02
C TYR R 110 61.76 -19.81 -1.74
N LYS R 111 60.56 -20.39 -1.86
CA LYS R 111 59.67 -20.55 -0.72
C LYS R 111 60.00 -21.86 0.01
N THR R 112 59.98 -21.82 1.35
CA THR R 112 60.21 -22.98 2.19
C THR R 112 58.87 -23.68 2.50
N ASN R 113 58.95 -24.82 3.22
CA ASN R 113 57.75 -25.53 3.66
C ASN R 113 57.14 -24.96 4.95
N THR R 114 57.86 -24.06 5.64
CA THR R 114 57.49 -23.60 6.98
C THR R 114 56.47 -22.45 6.91
N ALA R 115 55.28 -22.63 7.51
CA ALA R 115 54.27 -21.58 7.57
C ALA R 115 54.73 -20.38 8.41
N VAL R 116 54.28 -19.16 8.08
CA VAL R 116 54.73 -17.95 8.77
C VAL R 116 54.29 -17.87 10.24
N THR R 117 53.32 -18.71 10.61
CA THR R 117 52.83 -18.83 11.99
C THR R 117 53.79 -19.64 12.88
N SER R 118 54.61 -20.51 12.27
CA SER R 118 55.71 -21.21 12.93
C SER R 118 56.93 -20.30 13.03
N SER R 119 57.83 -20.60 13.97
CA SER R 119 59.10 -19.88 14.10
C SER R 119 59.96 -20.03 12.84
N GLN R 120 60.74 -18.98 12.50
CA GLN R 120 61.45 -18.94 11.23
C GLN R 120 62.51 -20.04 11.13
N PRO R 121 62.77 -20.57 9.92
CA PRO R 121 63.87 -21.52 9.72
C PRO R 121 65.20 -20.98 10.24
N GLU R 122 65.98 -21.89 10.85
CA GLU R 122 67.33 -21.58 11.33
C GLU R 122 68.40 -21.66 10.23
N SER R 123 68.03 -22.16 9.04
CA SER R 123 68.92 -22.39 7.91
C SER R 123 68.11 -22.54 6.61
N CYS R 124 68.79 -22.43 5.47
CA CYS R 124 68.23 -22.63 4.14
C CYS R 124 67.87 -24.10 3.90
N PRO R 125 66.57 -24.44 3.62
CA PRO R 125 66.20 -25.77 3.15
C PRO R 125 66.79 -26.14 1.78
N PHE S 1 -4.29 -3.47 -0.18
CA PHE S 1 -3.20 -2.47 0.05
C PHE S 1 -3.79 -1.19 0.65
N THR S 2 -3.19 -0.69 1.75
CA THR S 2 -3.78 0.36 2.59
C THR S 2 -2.73 1.35 3.08
N LEU S 3 -3.15 2.44 3.71
CA LEU S 3 -2.25 3.54 4.01
C LEU S 3 -1.16 3.15 5.01
N ILE S 4 -1.46 2.24 5.94
CA ILE S 4 -0.46 1.74 6.88
C ILE S 4 0.63 0.90 6.20
N GLU S 5 0.28 0.05 5.22
CA GLU S 5 1.30 -0.67 4.47
C GLU S 5 2.17 0.28 3.67
N LEU S 6 1.55 1.31 3.09
CA LEU S 6 2.24 2.30 2.29
C LEU S 6 3.17 3.18 3.14
N LEU S 7 2.78 3.51 4.38
CA LEU S 7 3.66 4.20 5.31
C LEU S 7 4.83 3.32 5.75
N ILE S 8 4.64 2.01 5.96
CA ILE S 8 5.72 1.09 6.23
C ILE S 8 6.70 1.05 5.06
N VAL S 9 6.18 0.96 3.84
CA VAL S 9 6.99 0.96 2.63
C VAL S 9 7.81 2.25 2.52
N ILE S 10 7.19 3.42 2.72
CA ILE S 10 7.87 4.71 2.72
C ILE S 10 8.95 4.76 3.82
N ALA S 11 8.66 4.26 5.02
CA ALA S 11 9.61 4.24 6.12
C ALA S 11 10.84 3.37 5.79
N ILE S 12 10.62 2.20 5.21
CA ILE S 12 11.71 1.29 4.84
C ILE S 12 12.49 1.84 3.64
N ILE S 13 11.84 2.47 2.66
CA ILE S 13 12.56 3.18 1.59
C ILE S 13 13.51 4.22 2.17
N ALA S 14 13.06 5.02 3.13
CA ALA S 14 13.88 6.04 3.77
C ALA S 14 15.12 5.44 4.44
N ILE S 15 14.98 4.26 5.06
CA ILE S 15 16.08 3.52 5.66
C ILE S 15 17.05 3.03 4.58
N LEU S 16 16.57 2.31 3.57
CA LEU S 16 17.45 1.75 2.56
C LEU S 16 18.16 2.84 1.75
N ALA S 17 17.48 3.95 1.45
CA ALA S 17 18.07 5.10 0.78
C ALA S 17 19.21 5.73 1.58
N ALA S 18 19.16 5.65 2.92
CA ALA S 18 20.17 6.21 3.78
C ALA S 18 21.42 5.32 3.90
N VAL S 19 21.26 3.99 3.87
CA VAL S 19 22.34 3.06 4.24
C VAL S 19 22.99 2.36 3.05
N LEU S 20 22.27 2.20 1.93
CA LEU S 20 22.78 1.41 0.80
C LEU S 20 23.62 2.23 -0.18
N ILE S 21 23.91 3.51 0.14
CA ILE S 21 24.71 4.38 -0.70
C ILE S 21 26.11 4.52 -0.09
N PRO S 22 27.20 4.21 -0.85
CA PRO S 22 28.55 4.25 -0.27
C PRO S 22 29.06 5.68 -0.12
N ASN S 23 30.11 5.85 0.69
CA ASN S 23 30.85 7.09 0.75
C ASN S 23 31.62 7.25 -0.56
N LEU S 24 31.12 8.11 -1.46
CA LEU S 24 31.69 8.28 -2.79
C LEU S 24 33.01 9.03 -2.70
N LEU S 25 33.12 10.01 -1.79
CA LEU S 25 34.34 10.79 -1.62
C LEU S 25 35.54 9.90 -1.24
N ALA S 26 35.36 9.00 -0.28
CA ALA S 26 36.41 8.11 0.19
C ALA S 26 36.88 7.15 -0.91
N ALA S 27 35.94 6.61 -1.69
CA ALA S 27 36.24 5.77 -2.83
C ALA S 27 37.07 6.52 -3.87
N ARG S 28 36.64 7.73 -4.25
CA ARG S 28 37.35 8.52 -5.23
C ARG S 28 38.74 8.94 -4.75
N LYS S 29 38.94 9.25 -3.45
CA LYS S 29 40.26 9.56 -2.92
C LYS S 29 41.28 8.46 -3.23
N ARG S 30 40.94 7.19 -3.00
CA ARG S 30 41.86 6.07 -3.23
C ARG S 30 42.11 5.83 -4.72
N ALA S 31 41.10 6.01 -5.57
CA ALA S 31 41.29 5.97 -7.01
C ALA S 31 42.21 7.11 -7.48
N ASN S 32 42.02 8.33 -6.98
CA ASN S 32 42.83 9.49 -7.32
C ASN S 32 44.30 9.29 -6.94
N ASP S 33 44.59 8.76 -5.76
CA ASP S 33 45.96 8.42 -5.39
C ASP S 33 46.59 7.37 -6.32
N THR S 34 45.77 6.49 -6.89
CA THR S 34 46.23 5.50 -7.87
C THR S 34 46.63 6.19 -9.17
N VAL S 35 45.87 7.20 -9.62
CA VAL S 35 46.22 8.00 -10.78
C VAL S 35 47.57 8.69 -10.58
N VAL S 36 47.78 9.32 -9.42
CA VAL S 36 49.03 10.00 -9.12
C VAL S 36 50.20 9.01 -9.10
N THR S 37 50.03 7.88 -8.43
CA THR S 37 51.05 6.84 -8.37
C THR S 37 51.39 6.34 -9.77
N ALA S 38 50.39 6.04 -10.58
CA ALA S 38 50.58 5.58 -11.95
C ALA S 38 51.30 6.63 -12.82
N TYR S 39 50.93 7.90 -12.70
CA TYR S 39 51.56 8.96 -13.47
C TYR S 39 53.02 9.17 -13.08
N LEU S 40 53.34 9.11 -11.78
CA LEU S 40 54.73 9.17 -11.35
C LEU S 40 55.52 7.94 -11.79
N ASN S 41 54.95 6.72 -11.75
CA ASN S 41 55.62 5.57 -12.31
C ASN S 41 55.92 5.72 -13.81
N ASP S 42 55.03 6.34 -14.57
CA ASP S 42 55.30 6.67 -15.96
C ASP S 42 56.39 7.73 -16.10
N ALA S 43 56.32 8.82 -15.33
CA ALA S 43 57.35 9.86 -15.35
C ALA S 43 58.74 9.27 -15.05
N VAL S 44 58.81 8.28 -14.15
CA VAL S 44 60.05 7.56 -13.85
C VAL S 44 60.56 6.76 -15.05
N LYS S 45 59.71 6.05 -15.79
CA LYS S 45 60.11 5.36 -17.01
C LYS S 45 60.69 6.35 -18.03
N PHE S 46 60.04 7.50 -18.19
CA PHE S 46 60.48 8.50 -19.14
C PHE S 46 61.73 9.25 -18.69
N GLN S 47 61.96 9.44 -17.39
CA GLN S 47 63.24 9.93 -16.90
C GLN S 47 64.38 8.98 -17.29
N GLU S 48 64.19 7.65 -17.15
CA GLU S 48 65.18 6.69 -17.61
C GLU S 48 65.37 6.73 -19.13
N MET S 49 64.31 6.89 -19.92
CA MET S 49 64.47 7.01 -21.36
C MET S 49 65.21 8.30 -21.75
N TYR S 50 64.95 9.42 -21.06
CA TYR S 50 65.68 10.63 -21.31
C TYR S 50 67.15 10.48 -20.93
N GLN S 51 67.43 9.76 -19.85
CA GLN S 51 68.78 9.40 -19.43
C GLN S 51 69.49 8.54 -20.48
N ILE S 52 68.80 7.63 -21.18
CA ILE S 52 69.38 6.85 -22.28
C ILE S 52 69.86 7.77 -23.39
N ASP S 53 69.07 8.78 -23.76
CA ASP S 53 69.37 9.65 -24.88
C ASP S 53 70.36 10.78 -24.53
N ASN S 54 70.36 11.30 -23.29
CA ASN S 54 71.01 12.56 -22.95
C ASN S 54 72.06 12.44 -21.83
N ASN S 55 72.21 11.27 -21.21
CA ASN S 55 73.12 11.09 -20.07
C ASN S 55 72.85 12.05 -18.91
N SER S 56 71.60 12.50 -18.75
CA SER S 56 71.19 13.41 -17.69
C SER S 56 69.68 13.28 -17.50
N TYR S 57 69.11 13.70 -16.36
CA TYR S 57 67.66 13.73 -16.18
C TYR S 57 67.06 15.08 -16.59
N THR S 58 65.77 15.10 -16.90
CA THR S 58 65.08 16.32 -17.30
C THR S 58 64.69 17.17 -16.09
N SER S 59 64.56 18.47 -16.30
CA SER S 59 64.00 19.25 -15.22
C SER S 59 62.63 19.71 -15.69
N ASN S 60 62.38 19.57 -16.99
CA ASN S 60 61.14 20.06 -17.60
C ASN S 60 60.28 18.94 -18.18
N GLN S 61 58.97 18.99 -17.88
CA GLN S 61 58.02 17.96 -18.26
C GLN S 61 57.88 17.80 -19.78
N ALA S 62 58.06 18.87 -20.56
CA ALA S 62 57.86 18.81 -22.01
C ALA S 62 58.84 17.85 -22.70
N ALA S 63 60.05 17.67 -22.15
CA ALA S 63 61.00 16.70 -22.65
C ALA S 63 60.48 15.27 -22.44
N LEU S 64 59.91 14.98 -21.26
CA LEU S 64 59.29 13.69 -20.99
C LEU S 64 58.08 13.45 -21.89
N ILE S 65 57.24 14.46 -22.12
CA ILE S 65 56.10 14.37 -23.01
C ILE S 65 56.56 14.11 -24.44
N SER S 66 57.64 14.74 -24.89
CA SER S 66 58.15 14.43 -26.22
C SER S 66 58.46 12.95 -26.37
N LEU S 67 59.12 12.36 -25.36
CA LEU S 67 59.50 10.96 -25.38
C LEU S 67 58.32 10.01 -25.30
N GLY S 68 57.15 10.46 -24.80
CA GLY S 68 55.95 9.63 -24.78
C GLY S 68 55.12 9.68 -23.49
N LEU S 69 55.53 10.49 -22.53
CA LEU S 69 54.73 10.66 -21.30
C LEU S 69 53.49 11.50 -21.63
N LYS S 70 52.32 11.07 -21.18
CA LYS S 70 51.06 11.75 -21.56
C LYS S 70 50.85 13.05 -20.79
N SER S 71 49.84 13.83 -21.19
CA SER S 71 49.49 15.09 -20.50
C SER S 71 49.29 14.81 -19.01
N THR S 72 49.64 15.75 -18.14
CA THR S 72 49.36 15.56 -16.69
C THR S 72 47.87 15.29 -16.52
N PRO S 73 47.47 14.25 -15.75
CA PRO S 73 46.04 13.88 -15.63
C PRO S 73 45.15 15.02 -15.10
N ALA S 74 43.86 14.99 -15.44
CA ALA S 74 42.94 16.00 -14.92
C ALA S 74 43.02 16.09 -13.39
N ASN S 75 43.09 17.31 -12.87
CA ASN S 75 43.21 17.63 -11.45
C ASN S 75 44.52 17.17 -10.79
N VAL S 76 45.46 16.56 -11.52
CA VAL S 76 46.79 16.27 -10.99
C VAL S 76 47.72 17.43 -11.33
N THR S 77 48.33 17.99 -10.29
CA THR S 77 49.46 18.91 -10.45
C THR S 77 50.75 18.14 -10.24
N PHE S 78 51.62 18.17 -11.26
CA PHE S 78 52.90 17.49 -11.27
C PHE S 78 54.01 18.52 -11.45
N SER S 79 55.12 18.35 -10.72
CA SER S 79 56.29 19.19 -10.90
C SER S 79 57.57 18.36 -10.80
N ILE S 80 58.56 18.72 -11.62
CA ILE S 80 59.91 18.23 -11.42
C ILE S 80 60.62 19.29 -10.59
N VAL S 81 60.86 18.98 -9.32
CA VAL S 81 61.38 19.93 -8.35
C VAL S 81 62.85 20.25 -8.66
N SER S 82 63.63 19.21 -8.99
CA SER S 82 65.03 19.37 -9.36
C SER S 82 65.46 18.18 -10.20
N ALA S 83 66.54 18.38 -10.97
CA ALA S 83 67.18 17.30 -11.71
C ALA S 83 68.64 17.64 -11.98
N SER S 84 69.44 16.59 -12.21
CA SER S 84 70.86 16.72 -12.48
C SER S 84 71.28 15.57 -13.40
N ALA S 85 72.58 15.45 -13.65
CA ALA S 85 73.11 14.32 -14.41
C ALA S 85 72.82 12.97 -13.73
N ASN S 86 72.56 12.96 -12.42
CA ASN S 86 72.61 11.75 -11.61
C ASN S 86 71.36 11.50 -10.77
N SER S 87 70.49 12.51 -10.60
CA SER S 87 69.31 12.37 -9.76
C SER S 87 68.17 13.28 -10.23
N TYR S 88 66.95 13.00 -9.75
CA TYR S 88 65.80 13.88 -9.91
C TYR S 88 64.96 13.82 -8.64
N CYS S 89 64.14 14.86 -8.44
CA CYS S 89 63.03 14.80 -7.53
C CYS S 89 61.78 15.27 -8.27
N MET S 90 60.71 14.47 -8.24
CA MET S 90 59.42 14.84 -8.81
C MET S 90 58.35 14.75 -7.74
N ILE S 91 57.37 15.65 -7.79
CA ILE S 91 56.26 15.70 -6.84
C ILE S 91 54.96 15.71 -7.63
N ALA S 92 53.95 14.96 -7.18
CA ALA S 92 52.64 15.03 -7.81
C ALA S 92 51.54 14.80 -6.79
N GLY S 93 50.35 15.33 -7.06
CA GLY S 93 49.21 15.18 -6.17
C GLY S 93 47.94 15.53 -6.92
N HIS S 94 46.84 14.90 -6.50
CA HIS S 94 45.51 15.16 -7.06
C HIS S 94 44.75 16.03 -6.08
N SER S 95 44.07 17.10 -6.53
CA SER S 95 43.40 18.02 -5.61
C SER S 95 42.38 17.32 -4.69
N GLY S 96 41.87 16.15 -5.12
CA GLY S 96 41.00 15.29 -4.33
C GLY S 96 41.60 13.92 -4.02
N GLY S 97 42.94 13.83 -3.91
CA GLY S 97 43.62 12.67 -3.36
C GLY S 97 43.74 12.75 -1.84
N THR S 98 44.68 11.98 -1.25
CA THR S 98 44.95 12.09 0.18
C THR S 98 46.16 12.97 0.45
N VAL S 99 47.32 12.62 -0.12
CA VAL S 99 48.61 13.27 0.15
C VAL S 99 49.40 13.49 -1.13
N TRP S 100 50.39 14.38 -1.08
CA TRP S 100 51.38 14.52 -2.14
C TRP S 100 52.26 13.27 -2.20
N PHE S 101 52.61 12.85 -3.43
CA PHE S 101 53.55 11.77 -3.68
C PHE S 101 54.85 12.36 -4.21
N ALA S 102 55.95 11.70 -3.89
CA ALA S 102 57.28 12.07 -4.37
C ALA S 102 57.89 10.91 -5.14
N ALA S 103 58.78 11.22 -6.09
CA ALA S 103 59.56 10.21 -6.79
C ALA S 103 61.01 10.65 -6.88
N THR S 104 61.94 9.73 -6.56
CA THR S 104 63.38 9.91 -6.70
C THR S 104 63.96 8.60 -7.19
N PRO S 105 65.14 8.55 -7.82
CA PRO S 105 65.65 7.30 -8.37
C PRO S 105 66.11 6.29 -7.31
N ASP S 106 66.34 6.73 -6.06
CA ASP S 106 66.67 5.84 -4.97
C ASP S 106 65.44 5.31 -4.21
N LYS S 107 64.53 6.20 -3.79
CA LYS S 107 63.38 5.80 -2.99
C LYS S 107 62.21 5.29 -3.84
N GLY S 108 62.27 5.42 -5.16
CA GLY S 108 61.15 5.06 -6.03
C GLY S 108 60.01 6.08 -5.89
N VAL S 109 58.77 5.66 -6.16
CA VAL S 109 57.58 6.50 -5.95
C VAL S 109 57.02 6.18 -4.57
N TYR S 110 56.80 7.20 -3.74
CA TYR S 110 56.34 7.01 -2.37
C TYR S 110 55.47 8.17 -1.91
N LYS S 111 54.60 7.92 -0.94
CA LYS S 111 53.69 8.95 -0.45
C LYS S 111 54.37 9.75 0.67
N THR S 112 54.16 11.07 0.66
CA THR S 112 54.68 11.97 1.68
C THR S 112 53.66 12.14 2.82
N ASN S 113 54.04 12.88 3.87
CA ASN S 113 53.13 13.19 4.97
C ASN S 113 52.20 14.37 4.67
N THR S 114 52.45 15.12 3.59
CA THR S 114 51.77 16.40 3.33
C THR S 114 50.44 16.17 2.62
N ALA S 115 49.32 16.62 3.22
CA ALA S 115 48.00 16.52 2.60
C ALA S 115 47.89 17.38 1.33
N VAL S 116 47.09 16.96 0.36
CA VAL S 116 46.98 17.66 -0.93
C VAL S 116 46.36 19.07 -0.81
N THR S 117 45.71 19.34 0.33
CA THR S 117 45.13 20.65 0.64
C THR S 117 46.19 21.67 1.07
N SER S 118 47.34 21.19 1.58
CA SER S 118 48.53 22.00 1.85
C SER S 118 49.32 22.24 0.56
N SER S 119 50.14 23.29 0.54
CA SER S 119 51.04 23.56 -0.58
C SER S 119 52.05 22.43 -0.78
N GLN S 120 52.44 22.15 -2.04
CA GLN S 120 53.24 20.98 -2.37
C GLN S 120 54.62 21.04 -1.72
N PRO S 121 55.22 19.89 -1.34
CA PRO S 121 56.59 19.84 -0.85
C PRO S 121 57.57 20.53 -1.82
N GLU S 122 58.54 21.25 -1.24
CA GLU S 122 59.61 21.89 -2.00
C GLU S 122 60.77 20.93 -2.33
N SER S 123 60.75 19.72 -1.75
CA SER S 123 61.81 18.72 -1.88
C SER S 123 61.28 17.34 -1.48
N CYS S 124 62.02 16.28 -1.84
CA CYS S 124 61.73 14.90 -1.49
C CYS S 124 61.95 14.65 0.01
N PRO S 125 60.91 14.23 0.79
CA PRO S 125 61.11 13.75 2.16
C PRO S 125 61.96 12.47 2.27
N PHE T 1 -11.66 0.97 6.50
CA PHE T 1 -11.04 1.31 5.19
C PHE T 1 -12.11 1.79 4.22
N THR T 2 -11.88 2.95 3.55
CA THR T 2 -12.90 3.67 2.81
C THR T 2 -12.35 4.27 1.51
N LEU T 3 -13.21 4.81 0.66
CA LEU T 3 -12.81 5.19 -0.69
C LEU T 3 -11.78 6.32 -0.69
N ILE T 4 -11.85 7.23 0.29
CA ILE T 4 -10.88 8.31 0.40
C ILE T 4 -9.48 7.79 0.79
N GLU T 5 -9.38 6.80 1.68
CA GLU T 5 -8.07 6.20 1.99
C GLU T 5 -7.51 5.49 0.76
N LEU T 6 -8.38 4.81 0.03
CA LEU T 6 -7.99 4.08 -1.17
C LEU T 6 -7.56 5.02 -2.30
N LEU T 7 -8.19 6.18 -2.45
CA LEU T 7 -7.74 7.21 -3.39
C LEU T 7 -6.40 7.81 -2.98
N ILE T 8 -6.15 8.03 -1.69
CA ILE T 8 -4.84 8.46 -1.20
C ILE T 8 -3.77 7.42 -1.54
N VAL T 9 -4.07 6.15 -1.30
CA VAL T 9 -3.17 5.05 -1.61
C VAL T 9 -2.85 5.01 -3.11
N ILE T 10 -3.87 5.10 -3.97
CA ILE T 10 -3.70 5.16 -5.42
C ILE T 10 -2.85 6.37 -5.83
N ALA T 11 -3.09 7.54 -5.24
CA ALA T 11 -2.35 8.75 -5.54
C ALA T 11 -0.86 8.60 -5.18
N ILE T 12 -0.57 8.03 -4.01
CA ILE T 12 0.80 7.83 -3.56
C ILE T 12 1.49 6.73 -4.37
N ILE T 13 0.78 5.65 -4.76
CA ILE T 13 1.33 4.66 -5.69
C ILE T 13 1.76 5.31 -7.00
N ALA T 14 0.94 6.20 -7.56
CA ALA T 14 1.25 6.91 -8.80
C ALA T 14 2.53 7.75 -8.66
N ILE T 15 2.73 8.38 -7.50
CA ILE T 15 3.96 9.13 -7.19
C ILE T 15 5.16 8.20 -7.11
N LEU T 16 5.10 7.15 -6.28
CA LEU T 16 6.24 6.27 -6.09
C LEU T 16 6.61 5.53 -7.38
N ALA T 17 5.62 5.12 -8.17
CA ALA T 17 5.85 4.49 -9.48
C ALA T 17 6.57 5.41 -10.46
N ALA T 18 6.38 6.74 -10.33
CA ALA T 18 7.01 7.72 -11.21
C ALA T 18 8.47 8.01 -10.82
N VAL T 19 8.80 8.00 -9.51
CA VAL T 19 10.08 8.51 -9.03
C VAL T 19 11.08 7.43 -8.64
N LEU T 20 10.62 6.24 -8.25
CA LEU T 20 11.51 5.22 -7.71
C LEU T 20 12.13 4.32 -8.81
N ILE T 21 11.90 4.64 -10.09
CA ILE T 21 12.43 3.88 -11.21
C ILE T 21 13.60 4.65 -11.82
N PRO T 22 14.82 4.06 -11.95
CA PRO T 22 15.97 4.79 -12.46
C PRO T 22 15.91 4.97 -13.97
N ASN T 23 16.73 5.91 -14.49
CA ASN T 23 16.97 6.02 -15.91
C ASN T 23 17.79 4.81 -16.36
N LEU T 24 17.11 3.83 -17.00
CA LEU T 24 17.76 2.59 -17.39
C LEU T 24 18.71 2.82 -18.57
N LEU T 25 18.34 3.71 -19.50
CA LEU T 25 19.17 4.01 -20.66
C LEU T 25 20.55 4.55 -20.26
N ALA T 26 20.57 5.51 -19.33
CA ALA T 26 21.80 6.15 -18.86
C ALA T 26 22.72 5.13 -18.16
N ALA T 27 22.15 4.26 -17.33
CA ALA T 27 22.88 3.19 -16.67
C ALA T 27 23.51 2.23 -17.70
N ARG T 28 22.72 1.76 -18.68
CA ARG T 28 23.22 0.86 -19.69
C ARG T 28 24.30 1.51 -20.57
N LYS T 29 24.20 2.81 -20.90
CA LYS T 29 25.25 3.50 -21.66
C LYS T 29 26.63 3.35 -21.00
N ARG T 30 26.74 3.56 -19.69
CA ARG T 30 28.00 3.48 -18.98
C ARG T 30 28.52 2.04 -18.87
N ALA T 31 27.64 1.07 -18.69
CA ALA T 31 28.01 -0.34 -18.76
C ALA T 31 28.50 -0.72 -20.15
N ASN T 32 27.82 -0.27 -21.21
CA ASN T 32 28.21 -0.54 -22.60
C ASN T 32 29.60 0.02 -22.93
N ASP T 33 29.91 1.25 -22.51
CA ASP T 33 31.25 1.79 -22.68
C ASP T 33 32.33 0.98 -21.95
N THR T 34 31.96 0.33 -20.83
CA THR T 34 32.85 -0.56 -20.10
C THR T 34 33.14 -1.81 -20.91
N VAL T 35 32.14 -2.37 -21.59
CA VAL T 35 32.33 -3.51 -22.49
C VAL T 35 33.30 -3.15 -23.61
N VAL T 36 33.12 -2.00 -24.25
CA VAL T 36 34.00 -1.55 -25.33
C VAL T 36 35.42 -1.37 -24.83
N THR T 37 35.59 -0.69 -23.69
CA THR T 37 36.90 -0.47 -23.09
C THR T 37 37.57 -1.81 -22.78
N ALA T 38 36.85 -2.74 -22.14
CA ALA T 38 37.37 -4.06 -21.82
C ALA T 38 37.76 -4.85 -23.06
N TYR T 39 36.95 -4.82 -24.12
CA TYR T 39 37.26 -5.54 -25.35
C TYR T 39 38.48 -4.96 -26.06
N LEU T 40 38.64 -3.64 -26.10
CA LEU T 40 39.85 -3.03 -26.63
C LEU T 40 41.07 -3.34 -25.77
N ASN T 41 40.98 -3.34 -24.44
CA ASN T 41 42.08 -3.78 -23.60
C ASN T 41 42.50 -5.23 -23.90
N ASP T 42 41.54 -6.12 -24.18
CA ASP T 42 41.86 -7.48 -24.60
C ASP T 42 42.50 -7.49 -25.99
N ALA T 43 41.95 -6.78 -26.97
CA ALA T 43 42.54 -6.69 -28.29
C ALA T 43 43.98 -6.20 -28.24
N VAL T 44 44.30 -5.27 -27.32
CA VAL T 44 45.66 -4.80 -27.08
C VAL T 44 46.58 -5.91 -26.55
N LYS T 45 46.13 -6.73 -25.60
CA LYS T 45 46.91 -7.88 -25.12
C LYS T 45 47.21 -8.82 -26.27
N PHE T 46 46.23 -9.11 -27.11
CA PHE T 46 46.40 -10.03 -28.22
C PHE T 46 47.23 -9.45 -29.37
N GLN T 47 47.21 -8.13 -29.60
CA GLN T 47 48.16 -7.50 -30.51
C GLN T 47 49.59 -7.71 -30.02
N GLU T 48 49.87 -7.56 -28.72
CA GLU T 48 51.20 -7.86 -28.19
C GLU T 48 51.55 -9.35 -28.33
N MET T 49 50.62 -10.27 -28.11
CA MET T 49 50.90 -11.68 -28.31
C MET T 49 51.18 -12.01 -29.79
N TYR T 50 50.45 -11.39 -30.71
CA TYR T 50 50.73 -11.58 -32.13
C TYR T 50 52.09 -11.01 -32.51
N GLN T 51 52.47 -9.90 -31.90
CA GLN T 51 53.79 -9.29 -32.05
C GLN T 51 54.89 -10.22 -31.53
N ILE T 52 54.67 -10.96 -30.43
CA ILE T 52 55.62 -11.97 -29.94
C ILE T 52 55.88 -13.05 -30.98
N ASP T 53 54.84 -13.53 -31.66
CA ASP T 53 54.94 -14.62 -32.61
C ASP T 53 55.41 -14.19 -34.01
N ASN T 54 55.07 -12.97 -34.46
CA ASN T 54 55.18 -12.59 -35.86
C ASN T 54 56.05 -11.35 -36.11
N ASN T 55 56.53 -10.67 -35.06
CA ASN T 55 57.29 -9.43 -35.18
C ASN T 55 56.55 -8.33 -35.97
N SER T 56 55.22 -8.34 -35.94
CA SER T 56 54.37 -7.36 -36.62
C SER T 56 53.00 -7.37 -35.94
N TYR T 57 52.18 -6.32 -36.11
CA TYR T 57 50.80 -6.33 -35.63
C TYR T 57 49.81 -6.84 -36.68
N THR T 58 48.65 -7.32 -36.23
CA THR T 58 47.63 -7.84 -37.14
C THR T 58 46.82 -6.70 -37.76
N SER T 59 46.25 -6.96 -38.94
CA SER T 59 45.31 -5.99 -39.45
C SER T 59 43.95 -6.62 -39.40
N ASN T 60 43.92 -7.95 -39.20
CA ASN T 60 42.69 -8.71 -39.22
C ASN T 60 42.36 -9.37 -37.88
N GLN T 61 41.10 -9.26 -37.45
CA GLN T 61 40.63 -9.71 -36.16
C GLN T 61 40.74 -11.23 -35.98
N ALA T 62 40.64 -12.02 -37.06
CA ALA T 62 40.66 -13.47 -36.97
C ALA T 62 41.99 -14.01 -36.44
N ALA T 63 43.09 -13.30 -36.70
CA ALA T 63 44.40 -13.65 -36.13
C ALA T 63 44.40 -13.47 -34.61
N LEU T 64 43.82 -12.37 -34.12
CA LEU T 64 43.68 -12.15 -32.68
C LEU T 64 42.76 -13.19 -32.04
N ILE T 65 41.65 -13.55 -32.70
CA ILE T 65 40.73 -14.57 -32.22
C ILE T 65 41.44 -15.93 -32.16
N SER T 66 42.27 -16.25 -33.14
CA SER T 66 43.02 -17.49 -33.08
C SER T 66 43.85 -17.57 -31.80
N LEU T 67 44.54 -16.47 -31.48
CA LEU T 67 45.41 -16.40 -30.30
C LEU T 67 44.64 -16.43 -28.98
N GLY T 68 43.34 -16.10 -28.97
CA GLY T 68 42.52 -16.21 -27.78
C GLY T 68 41.57 -15.05 -27.50
N LEU T 69 41.54 -14.05 -28.39
CA LEU T 69 40.57 -12.93 -28.23
C LEU T 69 39.18 -13.45 -28.58
N LYS T 70 38.19 -13.13 -27.74
CA LYS T 70 36.83 -13.69 -27.94
C LYS T 70 36.07 -12.98 -29.06
N SER T 71 34.92 -13.55 -29.44
CA SER T 71 34.05 -12.93 -30.48
C SER T 71 33.78 -11.46 -30.11
N THR T 72 33.65 -10.59 -31.10
CA THR T 72 33.28 -9.18 -30.79
C THR T 72 31.97 -9.19 -29.99
N PRO T 73 31.88 -8.45 -28.87
CA PRO T 73 30.67 -8.50 -28.02
C PRO T 73 29.37 -8.11 -28.74
N ALA T 74 28.23 -8.61 -28.26
CA ALA T 74 26.95 -8.24 -28.87
C ALA T 74 26.80 -6.72 -28.94
N ASN T 75 26.36 -6.22 -30.11
CA ASN T 75 26.19 -4.81 -30.41
C ASN T 75 27.47 -3.98 -30.44
N VAL T 76 28.65 -4.57 -30.22
CA VAL T 76 29.92 -3.88 -30.41
C VAL T 76 30.41 -4.12 -31.84
N THR T 77 30.65 -3.03 -32.56
CA THR T 77 31.38 -3.07 -33.82
C THR T 77 32.82 -2.67 -33.58
N PHE T 78 33.74 -3.58 -33.92
CA PHE T 78 35.17 -3.41 -33.74
C PHE T 78 35.86 -3.48 -35.11
N SER T 79 36.84 -2.61 -35.34
CA SER T 79 37.65 -2.66 -36.54
C SER T 79 39.12 -2.38 -36.22
N ILE T 80 40.02 -3.08 -36.92
CA ILE T 80 41.41 -2.70 -36.94
C ILE T 80 41.58 -1.82 -38.18
N VAL T 81 41.76 -0.52 -37.95
CA VAL T 81 41.78 0.48 -39.01
C VAL T 81 43.05 0.34 -39.83
N SER T 82 44.19 0.16 -39.15
CA SER T 82 45.47 -0.04 -39.80
C SER T 82 46.42 -0.79 -38.87
N ALA T 83 47.44 -1.42 -39.45
CA ALA T 83 48.51 -2.04 -38.69
C ALA T 83 49.77 -2.14 -39.54
N SER T 84 50.91 -2.24 -38.85
CA SER T 84 52.21 -2.34 -39.47
C SER T 84 53.14 -3.16 -38.58
N ALA T 85 54.42 -3.25 -38.94
CA ALA T 85 55.41 -3.90 -38.09
C ALA T 85 55.53 -3.23 -36.71
N ASN T 86 55.12 -1.97 -36.58
CA ASN T 86 55.51 -1.12 -35.46
C ASN T 86 54.33 -0.43 -34.77
N SER T 87 53.14 -0.40 -35.38
CA SER T 87 51.99 0.29 -34.80
C SER T 87 50.67 -0.34 -35.25
N TYR T 88 49.58 -0.02 -34.56
CA TYR T 88 48.23 -0.34 -34.97
C TYR T 88 47.30 0.81 -34.59
N CYS T 89 46.15 0.87 -35.26
CA CYS T 89 45.03 1.65 -34.79
C CYS T 89 43.80 0.74 -34.79
N MET T 90 43.09 0.65 -33.66
CA MET T 90 41.84 -0.09 -33.56
C MET T 90 40.74 0.86 -33.07
N ILE T 91 39.51 0.65 -33.57
CA ILE T 91 38.37 1.46 -33.19
C ILE T 91 37.25 0.50 -32.76
N ALA T 92 36.52 0.84 -31.69
CA ALA T 92 35.37 0.06 -31.30
C ALA T 92 34.31 0.94 -30.66
N GLY T 93 33.05 0.49 -30.74
CA GLY T 93 31.94 1.24 -30.17
C GLY T 93 30.73 0.33 -30.06
N HIS T 94 29.88 0.62 -29.06
CA HIS T 94 28.64 -0.11 -28.85
C HIS T 94 27.49 0.75 -29.37
N SER T 95 26.54 0.19 -30.14
CA SER T 95 25.48 1.00 -30.72
C SER T 95 24.67 1.80 -29.70
N GLY T 96 24.67 1.35 -28.43
CA GLY T 96 24.07 2.03 -27.30
C GLY T 96 25.08 2.46 -26.23
N GLY T 97 26.32 2.75 -26.61
CA GLY T 97 27.31 3.39 -25.76
C GLY T 97 27.20 4.92 -25.86
N THR T 98 28.27 5.64 -25.47
CA THR T 98 28.29 7.09 -25.64
C THR T 98 29.06 7.49 -26.89
N VAL T 99 30.34 7.07 -26.98
CA VAL T 99 31.26 7.48 -28.04
C VAL T 99 32.09 6.31 -28.56
N TRP T 100 32.67 6.46 -29.74
CA TRP T 100 33.67 5.53 -30.24
C TRP T 100 34.95 5.62 -29.40
N PHE T 101 35.56 4.45 -29.16
CA PHE T 101 36.85 4.36 -28.49
C PHE T 101 37.91 3.97 -29.51
N ALA T 102 39.13 4.45 -29.29
CA ALA T 102 40.28 4.13 -30.12
C ALA T 102 41.37 3.48 -29.27
N ALA T 103 42.19 2.63 -29.90
CA ALA T 103 43.36 2.07 -29.25
C ALA T 103 44.57 2.15 -30.18
N THR T 104 45.70 2.61 -29.65
CA THR T 104 47.00 2.63 -30.33
C THR T 104 48.07 2.26 -29.32
N PRO T 105 49.26 1.79 -29.72
CA PRO T 105 50.25 1.34 -28.74
C PRO T 105 50.89 2.48 -27.94
N ASP T 106 50.79 3.74 -28.41
CA ASP T 106 51.29 4.89 -27.67
C ASP T 106 50.24 5.49 -26.73
N LYS T 107 49.03 5.77 -27.22
CA LYS T 107 48.00 6.43 -26.42
C LYS T 107 47.21 5.47 -25.54
N GLY T 108 47.37 4.14 -25.71
CA GLY T 108 46.57 3.15 -25.00
C GLY T 108 45.15 3.13 -25.53
N VAL T 109 44.17 2.71 -24.70
CA VAL T 109 42.76 2.75 -25.06
C VAL T 109 42.17 4.05 -24.53
N TYR T 110 41.50 4.82 -25.39
CA TYR T 110 40.98 6.13 -25.02
C TYR T 110 39.70 6.44 -25.79
N LYS T 111 38.85 7.30 -25.22
CA LYS T 111 37.59 7.65 -25.85
C LYS T 111 37.78 8.83 -26.80
N THR T 112 37.11 8.75 -27.97
CA THR T 112 37.14 9.80 -28.97
C THR T 112 36.01 10.81 -28.74
N ASN T 113 35.95 11.87 -29.56
CA ASN T 113 34.86 12.84 -29.49
C ASN T 113 33.61 12.40 -30.27
N THR T 114 33.72 11.34 -31.09
CA THR T 114 32.67 10.95 -32.04
C THR T 114 31.61 10.09 -31.35
N ALA T 115 30.34 10.53 -31.37
CA ALA T 115 29.22 9.76 -30.82
C ALA T 115 28.99 8.46 -31.61
N VAL T 116 28.51 7.40 -30.95
CA VAL T 116 28.31 6.10 -31.59
C VAL T 116 27.23 6.10 -32.67
N THR T 117 26.39 7.14 -32.68
CA THR T 117 25.35 7.33 -33.69
C THR T 117 25.91 7.86 -35.01
N SER T 118 27.07 8.54 -34.96
CA SER T 118 27.84 8.92 -36.14
C SER T 118 28.66 7.75 -36.66
N SER T 119 29.05 7.80 -37.94
CA SER T 119 29.92 6.79 -38.54
C SER T 119 31.28 6.75 -37.84
N GLN T 120 31.90 5.56 -37.75
CA GLN T 120 33.11 5.37 -36.96
C GLN T 120 34.28 6.18 -37.49
N PRO T 121 35.19 6.67 -36.62
CA PRO T 121 36.43 7.33 -37.06
C PRO T 121 37.20 6.47 -38.07
N GLU T 122 37.78 7.14 -39.07
CA GLU T 122 38.63 6.51 -40.07
C GLU T 122 40.08 6.35 -39.61
N SER T 123 40.44 6.95 -38.45
CA SER T 123 41.78 6.99 -37.90
C SER T 123 41.73 7.35 -36.41
N CYS T 124 42.85 7.11 -35.70
CA CYS T 124 43.02 7.48 -34.30
C CYS T 124 43.13 8.99 -34.11
N PRO T 125 42.23 9.64 -33.33
CA PRO T 125 42.39 11.04 -32.93
C PRO T 125 43.63 11.29 -32.04
N PHE U 1 -20.91 6.58 5.12
CA PHE U 1 -20.29 5.35 4.55
C PHE U 1 -21.34 4.24 4.46
N THR U 2 -21.45 3.59 3.30
CA THR U 2 -22.57 2.70 2.97
C THR U 2 -22.09 1.47 2.20
N LEU U 3 -22.99 0.50 1.97
CA LEU U 3 -22.58 -0.80 1.45
C LEU U 3 -22.04 -0.70 0.03
N ILE U 4 -22.55 0.23 -0.78
CA ILE U 4 -22.04 0.44 -2.12
C ILE U 4 -20.62 1.02 -2.14
N GLU U 5 -20.28 1.94 -1.23
CA GLU U 5 -18.90 2.42 -1.15
C GLU U 5 -17.97 1.29 -0.69
N LEU U 6 -18.44 0.47 0.24
CA LEU U 6 -17.65 -0.64 0.75
C LEU U 6 -17.46 -1.74 -0.29
N LEU U 7 -18.44 -2.00 -1.16
CA LEU U 7 -18.28 -2.90 -2.30
C LEU U 7 -17.30 -2.35 -3.34
N ILE U 8 -17.30 -1.04 -3.60
CA ILE U 8 -16.31 -0.41 -4.46
C ILE U 8 -14.90 -0.58 -3.88
N VAL U 9 -14.76 -0.34 -2.58
CA VAL U 9 -13.49 -0.51 -1.88
C VAL U 9 -13.00 -1.95 -1.99
N ILE U 10 -13.86 -2.94 -1.73
CA ILE U 10 -13.53 -4.36 -1.86
C ILE U 10 -13.14 -4.70 -3.31
N ALA U 11 -13.85 -4.17 -4.30
CA ALA U 11 -13.56 -4.41 -5.71
C ALA U 11 -12.18 -3.85 -6.10
N ILE U 12 -11.85 -2.65 -5.64
CA ILE U 12 -10.56 -2.03 -5.94
C ILE U 12 -9.43 -2.71 -5.17
N ILE U 13 -9.65 -3.15 -3.92
CA ILE U 13 -8.67 -3.98 -3.21
C ILE U 13 -8.35 -5.24 -4.01
N ALA U 14 -9.35 -5.93 -4.54
CA ALA U 14 -9.15 -7.14 -5.34
C ALA U 14 -8.29 -6.86 -6.58
N ILE U 15 -8.48 -5.70 -7.22
CA ILE U 15 -7.65 -5.27 -8.35
C ILE U 15 -6.21 -5.01 -7.92
N LEU U 16 -6.00 -4.17 -6.90
CA LEU U 16 -4.65 -3.80 -6.48
C LEU U 16 -3.89 -5.02 -5.95
N ALA U 17 -4.55 -5.92 -5.22
CA ALA U 17 -3.95 -7.17 -4.74
C ALA U 17 -3.49 -8.08 -5.89
N ALA U 18 -4.16 -8.01 -7.04
CA ALA U 18 -3.81 -8.83 -8.20
C ALA U 18 -2.62 -8.27 -8.99
N VAL U 19 -2.47 -6.94 -9.07
CA VAL U 19 -1.53 -6.31 -10.01
C VAL U 19 -0.27 -5.76 -9.35
N LEU U 20 -0.32 -5.40 -8.06
CA LEU U 20 0.81 -4.73 -7.42
C LEU U 20 1.83 -5.71 -6.82
N ILE U 21 1.67 -7.02 -7.05
CA ILE U 21 2.58 -8.04 -6.56
C ILE U 21 3.46 -8.53 -7.72
N PRO U 22 4.81 -8.49 -7.59
CA PRO U 22 5.68 -8.87 -8.71
C PRO U 22 5.77 -10.38 -8.89
N ASN U 23 6.24 -10.81 -10.05
CA ASN U 23 6.60 -12.20 -10.28
C ASN U 23 7.85 -12.51 -9.44
N LEU U 24 7.66 -13.21 -8.31
CA LEU U 24 8.75 -13.48 -7.38
C LEU U 24 9.69 -14.53 -7.96
N LEU U 25 9.16 -15.52 -8.69
CA LEU U 25 9.96 -16.58 -9.28
C LEU U 25 10.99 -16.02 -10.27
N ALA U 26 10.55 -15.12 -11.16
CA ALA U 26 11.41 -14.53 -12.18
C ALA U 26 12.54 -13.69 -11.55
N ALA U 27 12.21 -12.91 -10.51
CA ALA U 27 13.19 -12.14 -9.75
C ALA U 27 14.24 -13.05 -9.11
N ARG U 28 13.80 -14.11 -8.41
CA ARG U 28 14.72 -15.03 -7.77
C ARG U 28 15.59 -15.78 -8.78
N LYS U 29 15.08 -16.16 -9.96
CA LYS U 29 15.90 -16.79 -11.00
C LYS U 29 17.15 -15.98 -11.33
N ARG U 30 17.00 -14.66 -11.55
CA ARG U 30 18.11 -13.79 -11.91
C ARG U 30 19.09 -13.58 -10.76
N ALA U 31 18.60 -13.50 -9.53
CA ALA U 31 19.45 -13.47 -8.35
C ALA U 31 20.22 -14.78 -8.20
N ASN U 32 19.57 -15.93 -8.39
CA ASN U 32 20.20 -17.24 -8.31
C ASN U 32 21.31 -17.42 -9.33
N ASP U 33 21.13 -16.99 -10.58
CA ASP U 33 22.19 -17.01 -11.57
C ASP U 33 23.38 -16.13 -11.18
N THR U 34 23.13 -15.05 -10.42
CA THR U 34 24.18 -14.19 -9.91
C THR U 34 25.01 -14.92 -8.84
N VAL U 35 24.36 -15.71 -7.98
CA VAL U 35 25.05 -16.54 -7.01
C VAL U 35 25.97 -17.54 -7.70
N VAL U 36 25.48 -18.23 -8.73
CA VAL U 36 26.26 -19.20 -9.48
C VAL U 36 27.45 -18.53 -10.15
N THR U 37 27.22 -17.40 -10.83
CA THR U 37 28.28 -16.65 -11.48
C THR U 37 29.34 -16.22 -10.48
N ALA U 38 28.92 -15.66 -9.34
CA ALA U 38 29.84 -15.22 -8.29
C ALA U 38 30.65 -16.39 -7.71
N TYR U 39 30.01 -17.54 -7.47
CA TYR U 39 30.71 -18.71 -6.93
C TYR U 39 31.72 -19.28 -7.91
N LEU U 40 31.40 -19.33 -9.21
CA LEU U 40 32.37 -19.72 -10.22
C LEU U 40 33.51 -18.72 -10.36
N ASN U 41 33.25 -17.40 -10.29
CA ASN U 41 34.33 -16.43 -10.27
C ASN U 41 35.26 -16.61 -9.07
N ASP U 42 34.73 -16.99 -7.90
CA ASP U 42 35.56 -17.33 -6.75
C ASP U 42 36.34 -18.63 -6.99
N ALA U 43 35.69 -19.68 -7.49
CA ALA U 43 36.38 -20.93 -7.80
C ALA U 43 37.53 -20.71 -8.78
N VAL U 44 37.38 -19.79 -9.74
CA VAL U 44 38.44 -19.39 -10.67
C VAL U 44 39.61 -18.72 -9.94
N LYS U 45 39.37 -17.81 -9.00
CA LYS U 45 40.44 -17.21 -8.20
C LYS U 45 41.21 -18.29 -7.44
N PHE U 46 40.50 -19.24 -6.85
CA PHE U 46 41.13 -20.29 -6.07
C PHE U 46 41.84 -21.33 -6.94
N GLN U 47 41.38 -21.60 -8.16
CA GLN U 47 42.14 -22.40 -9.10
C GLN U 47 43.49 -21.74 -9.41
N GLU U 48 43.53 -20.42 -9.62
CA GLU U 48 44.79 -19.71 -9.80
C GLU U 48 45.67 -19.76 -8.56
N MET U 49 45.10 -19.64 -7.36
CA MET U 49 45.90 -19.77 -6.14
C MET U 49 46.46 -21.19 -5.96
N TYR U 50 45.68 -22.22 -6.30
CA TYR U 50 46.19 -23.58 -6.25
C TYR U 50 47.29 -23.80 -7.27
N GLN U 51 47.17 -23.18 -8.44
CA GLN U 51 48.20 -23.17 -9.48
C GLN U 51 49.48 -22.49 -8.99
N ILE U 52 49.40 -21.42 -8.20
CA ILE U 52 50.58 -20.79 -7.59
C ILE U 52 51.33 -21.76 -6.70
N ASP U 53 50.62 -22.54 -5.89
CA ASP U 53 51.24 -23.44 -4.92
C ASP U 53 51.69 -24.78 -5.52
N ASN U 54 51.00 -25.30 -6.54
CA ASN U 54 51.14 -26.69 -6.97
C ASN U 54 51.53 -26.86 -8.44
N ASN U 55 51.60 -25.78 -9.23
CA ASN U 55 51.88 -25.85 -10.66
C ASN U 55 50.90 -26.75 -11.43
N SER U 56 49.67 -26.88 -10.94
CA SER U 56 48.62 -27.69 -11.56
C SER U 56 47.27 -27.19 -11.06
N TYR U 57 46.15 -27.49 -11.75
CA TYR U 57 44.82 -27.18 -11.23
C TYR U 57 44.22 -28.34 -10.43
N THR U 58 43.25 -28.03 -9.56
CA THR U 58 42.62 -29.04 -8.72
C THR U 58 41.54 -29.80 -9.50
N SER U 59 41.26 -31.02 -9.08
CA SER U 59 40.10 -31.67 -9.67
C SER U 59 39.06 -31.76 -8.58
N ASN U 60 39.49 -31.53 -7.33
CA ASN U 60 38.62 -31.70 -6.17
C ASN U 60 38.38 -30.39 -5.42
N GLN U 61 37.12 -30.13 -5.07
CA GLN U 61 36.69 -28.89 -4.44
C GLN U 61 37.31 -28.65 -3.07
N ALA U 62 37.63 -29.72 -2.32
CA ALA U 62 38.16 -29.58 -0.97
C ALA U 62 39.52 -28.89 -0.93
N ALA U 63 40.32 -29.02 -1.99
CA ALA U 63 41.58 -28.29 -2.12
C ALA U 63 41.32 -26.79 -2.26
N LEU U 64 40.33 -26.38 -3.07
CA LEU U 64 39.94 -24.99 -3.20
C LEU U 64 39.38 -24.44 -1.88
N ILE U 65 38.56 -25.22 -1.18
CA ILE U 65 38.02 -24.84 0.12
C ILE U 65 39.15 -24.65 1.15
N SER U 66 40.16 -25.51 1.12
CA SER U 66 41.29 -25.31 2.02
C SER U 66 41.93 -23.95 1.82
N LEU U 67 42.13 -23.57 0.54
CA LEU U 67 42.75 -22.30 0.19
C LEU U 67 41.89 -21.08 0.52
N GLY U 68 40.57 -21.26 0.69
CA GLY U 68 39.70 -20.16 1.11
C GLY U 68 38.38 -20.03 0.36
N LEU U 69 38.10 -20.95 -0.58
CA LEU U 69 36.78 -20.93 -1.27
C LEU U 69 35.72 -21.45 -0.30
N LYS U 70 34.58 -20.75 -0.22
CA LYS U 70 33.55 -21.10 0.78
C LYS U 70 32.74 -22.33 0.37
N SER U 71 31.92 -22.83 1.30
CA SER U 71 31.03 -23.98 1.01
C SER U 71 30.21 -23.70 -0.24
N THR U 72 29.90 -24.72 -1.03
CA THR U 72 29.02 -24.50 -2.21
C THR U 72 27.71 -23.87 -1.72
N PRO U 73 27.20 -22.79 -2.35
CA PRO U 73 26.01 -22.09 -1.86
C PRO U 73 24.76 -22.98 -1.77
N ALA U 74 23.82 -22.64 -0.88
CA ALA U 74 22.59 -23.40 -0.78
C ALA U 74 21.91 -23.54 -2.15
N ASN U 75 21.47 -24.77 -2.48
CA ASN U 75 20.85 -25.13 -3.75
C ASN U 75 21.73 -25.02 -4.98
N VAL U 76 23.01 -24.63 -4.84
CA VAL U 76 23.95 -24.70 -5.96
C VAL U 76 24.68 -26.04 -5.93
N THR U 77 24.61 -26.76 -7.05
CA THR U 77 25.46 -27.91 -7.29
C THR U 77 26.62 -27.49 -8.18
N PHE U 78 27.84 -27.70 -7.66
CA PHE U 78 29.08 -27.35 -8.33
C PHE U 78 29.91 -28.61 -8.53
N SER U 79 30.54 -28.75 -9.70
CA SER U 79 31.46 -29.84 -9.97
C SER U 79 32.68 -29.34 -10.75
N ILE U 80 33.84 -29.90 -10.44
CA ILE U 80 35.00 -29.76 -11.29
C ILE U 80 35.00 -30.99 -12.20
N VAL U 81 34.67 -30.78 -13.47
CA VAL U 81 34.47 -31.85 -14.43
C VAL U 81 35.80 -32.51 -14.78
N SER U 82 36.83 -31.69 -14.99
CA SER U 82 38.18 -32.17 -15.29
C SER U 82 39.20 -31.11 -14.90
N ALA U 83 40.44 -31.53 -14.68
CA ALA U 83 41.55 -30.62 -14.48
C ALA U 83 42.87 -31.31 -14.86
N SER U 84 43.87 -30.48 -15.16
CA SER U 84 45.19 -30.93 -15.55
C SER U 84 46.22 -29.90 -15.09
N ALA U 85 47.48 -30.09 -15.48
CA ALA U 85 48.52 -29.12 -15.20
C ALA U 85 48.23 -27.76 -15.85
N ASN U 86 47.38 -27.71 -16.89
CA ASN U 86 47.29 -26.57 -17.79
C ASN U 86 45.86 -26.04 -17.99
N SER U 87 44.83 -26.81 -17.61
CA SER U 87 43.45 -26.41 -17.83
C SER U 87 42.51 -27.00 -16.77
N TYR U 88 41.31 -26.44 -16.67
CA TYR U 88 40.22 -27.02 -15.89
C TYR U 88 38.90 -26.79 -16.63
N CYS U 89 37.90 -27.59 -16.29
CA CYS U 89 36.52 -27.29 -16.60
C CYS U 89 35.71 -27.43 -15.32
N MET U 90 34.95 -26.38 -14.96
CA MET U 90 34.04 -26.42 -13.81
C MET U 90 32.62 -26.11 -14.29
N ILE U 91 31.62 -26.74 -13.68
CA ILE U 91 30.22 -26.54 -14.01
C ILE U 91 29.48 -26.22 -12.71
N ALA U 92 28.54 -25.26 -12.75
CA ALA U 92 27.72 -25.00 -11.59
C ALA U 92 26.33 -24.52 -12.01
N GLY U 93 25.34 -24.74 -11.17
CA GLY U 93 23.97 -24.35 -11.45
C GLY U 93 23.16 -24.35 -10.16
N HIS U 94 22.15 -23.49 -10.11
CA HIS U 94 21.23 -23.41 -8.98
C HIS U 94 19.93 -24.09 -9.38
N SER U 95 19.35 -24.95 -8.53
CA SER U 95 18.14 -25.70 -8.92
C SER U 95 16.98 -24.80 -9.35
N GLY U 96 16.99 -23.53 -8.90
CA GLY U 96 16.04 -22.49 -9.32
C GLY U 96 16.69 -21.32 -10.06
N GLY U 97 17.79 -21.56 -10.77
CA GLY U 97 18.36 -20.60 -11.72
C GLY U 97 17.73 -20.76 -13.10
N THR U 98 18.41 -20.26 -14.15
CA THR U 98 17.94 -20.46 -15.51
C THR U 98 18.66 -21.62 -16.20
N VAL U 99 20.01 -21.55 -16.25
CA VAL U 99 20.84 -22.49 -17.00
C VAL U 99 22.08 -22.87 -16.20
N TRP U 100 22.73 -23.97 -16.58
CA TRP U 100 24.05 -24.31 -16.08
C TRP U 100 25.09 -23.32 -16.59
N PHE U 101 26.05 -22.98 -15.72
CA PHE U 101 27.19 -22.15 -16.08
C PHE U 101 28.44 -23.01 -16.12
N ALA U 102 29.37 -22.66 -17.00
CA ALA U 102 30.65 -23.33 -17.13
C ALA U 102 31.78 -22.33 -16.89
N ALA U 103 32.92 -22.82 -16.42
CA ALA U 103 34.13 -22.02 -16.29
C ALA U 103 35.34 -22.79 -16.82
N THR U 104 36.15 -22.14 -17.64
CA THR U 104 37.42 -22.66 -18.15
C THR U 104 38.42 -21.51 -18.16
N PRO U 105 39.75 -21.74 -18.16
CA PRO U 105 40.69 -20.64 -18.07
C PRO U 105 40.78 -19.79 -19.35
N ASP U 106 40.30 -20.31 -20.49
CA ASP U 106 40.25 -19.55 -21.73
C ASP U 106 38.95 -18.76 -21.90
N LYS U 107 37.79 -19.40 -21.73
CA LYS U 107 36.50 -18.76 -21.96
C LYS U 107 36.01 -17.95 -20.76
N GLY U 108 36.65 -18.07 -19.60
CA GLY U 108 36.17 -17.44 -18.38
C GLY U 108 34.93 -18.14 -17.84
N VAL U 109 34.07 -17.42 -17.09
CA VAL U 109 32.80 -17.96 -16.63
C VAL U 109 31.72 -17.54 -17.63
N TYR U 110 30.94 -18.51 -18.12
CA TYR U 110 29.93 -18.25 -19.15
C TYR U 110 28.74 -19.17 -19.00
N LYS U 111 27.57 -18.72 -19.48
CA LYS U 111 26.36 -19.53 -19.37
C LYS U 111 26.24 -20.48 -20.55
N THR U 112 25.80 -21.71 -20.27
CA THR U 112 25.58 -22.74 -21.28
C THR U 112 24.13 -22.68 -21.80
N ASN U 113 23.81 -23.52 -22.80
CA ASN U 113 22.44 -23.62 -23.31
C ASN U 113 21.55 -24.54 -22.47
N THR U 114 22.13 -25.30 -21.53
CA THR U 114 21.41 -26.36 -20.81
C THR U 114 20.65 -25.79 -19.61
N ALA U 115 19.32 -25.98 -19.57
CA ALA U 115 18.49 -25.56 -18.44
C ALA U 115 18.83 -26.34 -17.15
N VAL U 116 18.69 -25.71 -15.98
CA VAL U 116 19.06 -26.33 -14.70
C VAL U 116 18.19 -27.54 -14.34
N THR U 117 17.04 -27.68 -15.01
CA THR U 117 16.14 -28.81 -14.84
C THR U 117 16.64 -30.08 -15.56
N SER U 118 17.46 -29.90 -16.60
CA SER U 118 18.20 -30.98 -17.27
C SER U 118 19.43 -31.37 -16.47
N SER U 119 19.94 -32.59 -16.68
CA SER U 119 21.18 -33.04 -16.06
C SER U 119 22.37 -32.19 -16.50
N GLN U 120 23.35 -31.98 -15.61
CA GLN U 120 24.44 -31.03 -15.85
C GLN U 120 25.31 -31.45 -17.04
N PRO U 121 25.87 -30.48 -17.80
CA PRO U 121 26.82 -30.78 -18.86
C PRO U 121 27.98 -31.65 -18.37
N GLU U 122 28.39 -32.60 -19.21
CA GLU U 122 29.53 -33.47 -18.95
C GLU U 122 30.87 -32.82 -19.32
N SER U 123 30.84 -31.65 -19.97
CA SER U 123 32.00 -30.93 -20.49
C SER U 123 31.64 -29.47 -20.78
N CYS U 124 32.66 -28.62 -20.94
CA CYS U 124 32.53 -27.22 -21.32
C CYS U 124 32.06 -27.07 -22.77
N PRO U 125 30.89 -26.41 -23.03
CA PRO U 125 30.50 -26.04 -24.39
C PRO U 125 31.43 -25.01 -25.05
N PHE V 1 -31.33 3.89 3.20
CA PHE V 1 -30.24 3.44 4.11
C PHE V 1 -30.80 3.25 5.53
N THR V 2 -30.52 2.10 6.15
CA THR V 2 -31.19 1.65 7.38
C THR V 2 -30.22 0.97 8.34
N LEU V 3 -30.67 0.67 9.57
CA LEU V 3 -29.76 0.23 10.62
C LEU V 3 -29.10 -1.11 10.30
N ILE V 4 -29.81 -2.00 9.60
CA ILE V 4 -29.25 -3.28 9.19
C ILE V 4 -28.14 -3.12 8.14
N GLU V 5 -28.27 -2.20 7.18
CA GLU V 5 -27.18 -1.95 6.24
C GLU V 5 -25.97 -1.37 6.97
N LEU V 6 -26.23 -0.48 7.92
CA LEU V 6 -25.17 0.15 8.69
C LEU V 6 -24.46 -0.83 9.63
N LEU V 7 -25.17 -1.81 10.20
CA LEU V 7 -24.54 -2.88 10.96
C LEU V 7 -23.71 -3.81 10.06
N ILE V 8 -24.15 -4.10 8.83
CA ILE V 8 -23.35 -4.85 7.88
C ILE V 8 -22.06 -4.09 7.54
N VAL V 9 -22.17 -2.79 7.29
CA VAL V 9 -21.03 -1.93 7.02
C VAL V 9 -20.05 -1.94 8.19
N ILE V 10 -20.52 -1.77 9.43
CA ILE V 10 -19.70 -1.82 10.62
C ILE V 10 -19.03 -3.19 10.77
N ALA V 11 -19.75 -4.28 10.52
CA ALA V 11 -19.21 -5.63 10.59
C ALA V 11 -18.08 -5.86 9.58
N ILE V 12 -18.26 -5.40 8.34
CA ILE V 12 -17.27 -5.55 7.30
C ILE V 12 -16.07 -4.62 7.56
N ILE V 13 -16.26 -3.39 8.07
CA ILE V 13 -15.16 -2.54 8.50
C ILE V 13 -14.31 -3.26 9.55
N ALA V 14 -14.92 -3.91 10.54
CA ALA V 14 -14.21 -4.64 11.58
C ALA V 14 -13.35 -5.77 10.99
N ILE V 15 -13.85 -6.46 9.96
CA ILE V 15 -13.11 -7.49 9.23
C ILE V 15 -11.93 -6.87 8.49
N LEU V 16 -12.15 -5.86 7.64
CA LEU V 16 -11.09 -5.29 6.83
C LEU V 16 -10.02 -4.64 7.71
N ALA V 17 -10.40 -3.98 8.80
CA ALA V 17 -9.47 -3.39 9.75
C ALA V 17 -8.57 -4.45 10.42
N ALA V 18 -9.05 -5.68 10.57
CA ALA V 18 -8.29 -6.76 11.18
C ALA V 18 -7.29 -7.41 10.21
N VAL V 19 -7.62 -7.50 8.91
CA VAL V 19 -6.86 -8.33 7.98
C VAL V 19 -5.97 -7.53 7.02
N LEU V 20 -6.30 -6.27 6.74
CA LEU V 20 -5.59 -5.51 5.72
C LEU V 20 -4.37 -4.76 6.28
N ILE V 21 -4.02 -4.98 7.56
CA ILE V 21 -2.87 -4.35 8.20
C ILE V 21 -1.74 -5.37 8.31
N PRO V 22 -0.52 -5.08 7.79
CA PRO V 22 0.57 -6.06 7.80
C PRO V 22 1.20 -6.18 9.19
N ASN V 23 1.95 -7.28 9.39
CA ASN V 23 2.81 -7.42 10.56
C ASN V 23 3.96 -6.43 10.42
N LEU V 24 3.90 -5.31 11.16
CA LEU V 24 4.89 -4.25 11.04
C LEU V 24 6.21 -4.66 11.67
N LEU V 25 6.16 -5.43 12.77
CA LEU V 25 7.35 -5.88 13.46
C LEU V 25 8.23 -6.76 12.56
N ALA V 26 7.62 -7.72 11.85
CA ALA V 26 8.33 -8.63 10.97
C ALA V 26 8.99 -7.89 9.80
N ALA V 27 8.28 -6.92 9.20
CA ALA V 27 8.81 -6.08 8.16
C ALA V 27 10.03 -5.27 8.65
N ARG V 28 9.91 -4.61 9.80
CA ARG V 28 11.01 -3.83 10.35
C ARG V 28 12.21 -4.71 10.72
N LYS V 29 12.03 -5.93 11.22
CA LYS V 29 13.14 -6.84 11.50
C LYS V 29 14.04 -7.03 10.28
N ARG V 30 13.47 -7.30 9.11
CA ARG V 30 14.24 -7.55 7.89
C ARG V 30 14.92 -6.28 7.37
N ALA V 31 14.27 -5.12 7.49
CA ALA V 31 14.91 -3.85 7.18
C ALA V 31 16.07 -3.57 8.13
N ASN V 32 15.90 -3.80 9.44
CA ASN V 32 16.94 -3.62 10.44
C ASN V 32 18.17 -4.48 10.18
N ASP V 33 17.99 -5.76 9.83
CA ASP V 33 19.11 -6.61 9.44
C ASP V 33 19.85 -6.09 8.20
N THR V 34 19.13 -5.40 7.30
CA THR V 34 19.73 -4.78 6.13
C THR V 34 20.62 -3.61 6.54
N VAL V 35 20.19 -2.81 7.52
CA VAL V 35 21.01 -1.73 8.08
C VAL V 35 22.31 -2.28 8.67
N VAL V 36 22.23 -3.34 9.46
CA VAL V 36 23.40 -3.96 10.08
C VAL V 36 24.35 -4.50 9.01
N THR V 37 23.82 -5.22 8.02
CA THR V 37 24.61 -5.76 6.93
C THR V 37 25.30 -4.64 6.16
N ALA V 38 24.58 -3.58 5.81
CA ALA V 38 25.13 -2.43 5.11
C ALA V 38 26.22 -1.73 5.92
N TYR V 39 26.02 -1.54 7.23
CA TYR V 39 27.01 -0.89 8.07
C TYR V 39 28.28 -1.72 8.22
N LEU V 40 28.16 -3.05 8.36
CA LEU V 40 29.33 -3.92 8.36
C LEU V 40 30.04 -3.93 7.00
N ASN V 41 29.32 -3.93 5.88
CA ASN V 41 29.96 -3.80 4.57
C ASN V 41 30.74 -2.48 4.44
N ASP V 42 30.24 -1.39 5.01
CA ASP V 42 30.99 -0.14 5.06
C ASP V 42 32.20 -0.24 5.98
N ALA V 43 32.04 -0.78 7.19
CA ALA V 43 33.16 -0.98 8.11
C ALA V 43 34.28 -1.80 7.46
N VAL V 44 33.93 -2.80 6.64
CA VAL V 44 34.88 -3.59 5.87
C VAL V 44 35.63 -2.76 4.83
N LYS V 45 34.97 -1.87 4.09
CA LYS V 45 35.64 -0.95 3.16
C LYS V 45 36.65 -0.08 3.90
N PHE V 46 36.25 0.45 5.06
CA PHE V 46 37.11 1.32 5.84
C PHE V 46 38.25 0.58 6.54
N GLN V 47 38.07 -0.68 6.93
CA GLN V 47 39.18 -1.51 7.39
C GLN V 47 40.24 -1.65 6.28
N GLU V 48 39.83 -1.89 5.02
CA GLU V 48 40.77 -1.93 3.91
C GLU V 48 41.44 -0.57 3.67
N MET V 49 40.71 0.53 3.78
CA MET V 49 41.35 1.85 3.64
C MET V 49 42.35 2.13 4.76
N TYR V 50 42.04 1.73 6.00
CA TYR V 50 42.98 1.87 7.09
C TYR V 50 44.22 1.01 6.87
N GLN V 51 44.03 -0.19 6.32
CA GLN V 51 45.11 -1.09 5.93
C GLN V 51 45.99 -0.46 4.84
N ILE V 52 45.43 0.29 3.88
CA ILE V 52 46.22 1.02 2.89
C ILE V 52 47.16 2.02 3.55
N ASP V 53 46.68 2.77 4.54
CA ASP V 53 47.44 3.82 5.18
C ASP V 53 48.42 3.32 6.26
N ASN V 54 48.09 2.23 6.98
CA ASN V 54 48.77 1.87 8.21
C ASN V 54 49.38 0.45 8.21
N ASN V 55 49.16 -0.34 7.15
CA ASN V 55 49.62 -1.73 7.08
C ASN V 55 49.14 -2.59 8.25
N SER V 56 47.98 -2.26 8.83
CA SER V 56 47.38 -2.99 9.94
C SER V 56 45.88 -2.67 9.98
N TYR V 57 45.05 -3.48 10.65
CA TYR V 57 43.64 -3.16 10.84
C TYR V 57 43.41 -2.40 12.14
N THR V 58 42.29 -1.67 12.23
CA THR V 58 41.94 -0.89 13.41
C THR V 58 41.33 -1.78 14.48
N SER V 59 41.44 -1.37 15.74
CA SER V 59 40.69 -2.08 16.75
C SER V 59 39.61 -1.13 17.24
N ASN V 60 39.78 0.16 16.90
CA ASN V 60 38.88 1.20 17.38
C ASN V 60 38.10 1.89 16.26
N GLN V 61 36.79 2.06 16.48
CA GLN V 61 35.87 2.60 15.50
C GLN V 61 36.20 4.04 15.08
N ALA V 62 36.76 4.85 15.97
CA ALA V 62 37.04 6.25 15.68
C ALA V 62 38.04 6.44 14.55
N ALA V 63 38.97 5.50 14.35
CA ALA V 63 39.88 5.51 13.23
C ALA V 63 39.12 5.30 11.90
N LEU V 64 38.17 4.35 11.87
CA LEU V 64 37.32 4.14 10.71
C LEU V 64 36.44 5.36 10.43
N ILE V 65 35.88 5.98 11.47
CA ILE V 65 35.07 7.19 11.33
C ILE V 65 35.92 8.34 10.77
N SER V 66 37.17 8.47 11.22
CA SER V 66 38.02 9.50 10.64
C SER V 66 38.15 9.34 9.13
N LEU V 67 38.37 8.10 8.68
CA LEU V 67 38.54 7.79 7.26
C LEU V 67 37.26 7.98 6.44
N GLY V 68 36.07 7.99 7.08
CA GLY V 68 34.83 8.26 6.38
C GLY V 68 33.64 7.34 6.72
N LEU V 69 33.84 6.41 7.66
CA LEU V 69 32.71 5.56 8.10
C LEU V 69 31.78 6.39 8.97
N LYS V 70 30.48 6.32 8.73
CA LYS V 70 29.51 7.19 9.45
C LYS V 70 29.26 6.71 10.88
N SER V 71 28.56 7.54 11.67
CA SER V 71 28.18 7.17 13.05
C SER V 71 27.48 5.82 13.05
N THR V 72 27.66 5.01 14.11
CA THR V 72 26.91 3.73 14.18
C THR V 72 25.42 4.05 14.08
N PRO V 73 24.65 3.32 13.23
CA PRO V 73 23.23 3.63 13.03
C PRO V 73 22.38 3.60 14.30
N ALA V 74 21.28 4.34 14.33
CA ALA V 74 20.39 4.30 15.50
C ALA V 74 19.99 2.87 15.84
N ASN V 75 20.07 2.52 17.13
CA ASN V 75 19.77 1.20 17.67
C ASN V 75 20.72 0.08 17.22
N VAL V 76 21.74 0.36 16.40
CA VAL V 76 22.79 -0.61 16.10
C VAL V 76 23.93 -0.46 17.09
N THR V 77 24.26 -1.57 17.77
CA THR V 77 25.49 -1.67 18.54
C THR V 77 26.53 -2.41 17.72
N PHE V 78 27.67 -1.75 17.49
CA PHE V 78 28.78 -2.26 16.69
C PHE V 78 30.02 -2.32 17.58
N SER V 79 30.80 -3.40 17.44
CA SER V 79 32.08 -3.52 18.13
C SER V 79 33.12 -4.15 17.21
N ILE V 80 34.36 -3.67 17.33
CA ILE V 80 35.49 -4.39 16.77
C ILE V 80 36.04 -5.25 17.89
N VAL V 81 35.83 -6.55 17.79
CA VAL V 81 36.15 -7.50 18.84
C VAL V 81 37.66 -7.67 18.97
N SER V 82 38.34 -7.76 17.83
CA SER V 82 39.79 -7.87 17.79
C SER V 82 40.31 -7.39 16.44
N ALA V 83 41.59 -7.02 16.39
CA ALA V 83 42.26 -6.70 15.15
C ALA V 83 43.78 -6.88 15.31
N SER V 84 44.44 -7.08 14.18
CA SER V 84 45.88 -7.29 14.12
C SER V 84 46.40 -6.72 12.80
N ALA V 85 47.69 -6.94 12.52
CA ALA V 85 48.26 -6.57 11.24
C ALA V 85 47.59 -7.28 10.05
N ASN V 86 46.92 -8.42 10.30
CA ASN V 86 46.55 -9.35 9.25
C ASN V 86 45.06 -9.75 9.27
N SER V 87 44.34 -9.48 10.36
CA SER V 87 42.94 -9.89 10.47
C SER V 87 42.15 -8.94 11.38
N TYR V 88 40.82 -9.01 11.29
CA TYR V 88 39.92 -8.36 12.24
C TYR V 88 38.71 -9.26 12.48
N CYS V 89 38.03 -9.03 13.59
CA CYS V 89 36.69 -9.52 13.80
C CYS V 89 35.82 -8.34 14.25
N MET V 90 34.70 -8.11 13.55
CA MET V 90 33.73 -7.09 13.94
C MET V 90 32.37 -7.75 14.14
N ILE V 91 31.59 -7.25 15.11
CA ILE V 91 30.26 -7.76 15.41
C ILE V 91 29.30 -6.58 15.41
N ALA V 92 28.10 -6.75 14.85
CA ALA V 92 27.08 -5.72 14.91
C ALA V 92 25.68 -6.33 14.96
N GLY V 93 24.74 -5.60 15.55
CA GLY V 93 23.37 -6.07 15.65
C GLY V 93 22.46 -4.90 15.98
N HIS V 94 21.20 -4.99 15.53
CA HIS V 94 20.19 -3.99 15.81
C HIS V 94 19.28 -4.54 16.90
N SER V 95 18.93 -3.75 17.94
CA SER V 95 18.15 -4.26 19.05
C SER V 95 16.79 -4.86 18.62
N GLY V 96 16.30 -4.46 17.44
CA GLY V 96 15.10 -5.00 16.81
C GLY V 96 15.36 -5.69 15.46
N GLY V 97 16.57 -6.24 15.28
CA GLY V 97 16.88 -7.15 14.16
C GLY V 97 16.52 -8.59 14.50
N THR V 98 17.10 -9.56 13.77
CA THR V 98 16.91 -10.97 14.10
C THR V 98 18.08 -11.51 14.91
N VAL V 99 19.31 -11.41 14.36
CA VAL V 99 20.51 -12.01 14.92
C VAL V 99 21.70 -11.05 14.84
N TRP V 100 22.73 -11.33 15.65
CA TRP V 100 24.02 -10.65 15.50
C TRP V 100 24.69 -11.05 14.18
N PHE V 101 25.34 -10.08 13.54
CA PHE V 101 26.15 -10.31 12.35
C PHE V 101 27.62 -10.17 12.71
N ALA V 102 28.46 -10.93 12.03
CA ALA V 102 29.90 -10.89 12.20
C ALA V 102 30.57 -10.53 10.86
N ALA V 103 31.74 -9.91 10.92
CA ALA V 103 32.55 -9.65 9.74
C ALA V 103 34.01 -10.00 10.02
N THR V 104 34.64 -10.73 9.10
CA THR V 104 36.06 -11.05 9.12
C THR V 104 36.58 -10.98 7.68
N PRO V 105 37.89 -10.79 7.43
CA PRO V 105 38.35 -10.62 6.07
C PRO V 105 38.30 -11.90 5.22
N ASP V 106 38.18 -13.07 5.85
CA ASP V 106 38.02 -14.35 5.13
C ASP V 106 36.55 -14.69 4.85
N LYS V 107 35.69 -14.66 5.87
CA LYS V 107 34.30 -15.06 5.73
C LYS V 107 33.39 -13.95 5.18
N GLY V 108 33.89 -12.72 5.09
CA GLY V 108 33.06 -11.58 4.69
C GLY V 108 32.10 -11.18 5.80
N VAL V 109 30.96 -10.57 5.46
CA VAL V 109 29.91 -10.27 6.42
C VAL V 109 28.89 -11.39 6.40
N TYR V 110 28.57 -11.96 7.56
CA TYR V 110 27.68 -13.11 7.65
C TYR V 110 26.88 -13.10 8.96
N LYS V 111 25.71 -13.73 8.95
CA LYS V 111 24.86 -13.75 10.12
C LYS V 111 25.24 -14.92 11.04
N THR V 112 25.24 -14.66 12.36
CA THR V 112 25.52 -15.66 13.37
C THR V 112 24.24 -16.36 13.83
N ASN V 113 24.36 -17.36 14.70
CA ASN V 113 23.20 -18.04 15.28
C ASN V 113 22.59 -17.29 16.47
N THR V 114 23.29 -16.27 17.00
CA THR V 114 22.91 -15.62 18.25
C THR V 114 21.85 -14.54 18.03
N ALA V 115 20.69 -14.67 18.68
CA ALA V 115 19.62 -13.66 18.60
C ALA V 115 20.06 -12.33 19.23
N VAL V 116 19.56 -11.19 18.72
CA VAL V 116 19.95 -9.87 19.20
C VAL V 116 19.54 -9.59 20.64
N THR V 117 18.61 -10.39 21.17
CA THR V 117 18.15 -10.31 22.56
C THR V 117 19.16 -10.92 23.54
N SER V 118 19.99 -11.86 23.06
CA SER V 118 21.14 -12.40 23.79
C SER V 118 22.32 -11.44 23.73
N SER V 119 23.25 -11.55 24.69
CA SER V 119 24.48 -10.78 24.68
C SER V 119 25.33 -11.08 23.43
N GLN V 120 26.05 -10.07 22.91
CA GLN V 120 26.76 -10.20 21.64
C GLN V 120 27.86 -11.26 21.68
N PRO V 121 28.12 -11.97 20.57
CA PRO V 121 29.25 -12.90 20.48
C PRO V 121 30.57 -12.23 20.89
N GLU V 122 31.40 -13.00 21.61
CA GLU V 122 32.73 -12.57 22.01
C GLU V 122 33.78 -12.78 20.92
N SER V 123 33.42 -13.48 19.83
CA SER V 123 34.30 -13.84 18.74
C SER V 123 33.49 -14.22 17.49
N CYS V 124 34.15 -14.28 16.34
CA CYS V 124 33.57 -14.70 15.06
C CYS V 124 33.25 -16.20 15.06
N PRO V 125 31.98 -16.63 14.86
CA PRO V 125 31.65 -18.04 14.62
C PRO V 125 32.24 -18.60 13.31
N PHE W 1 -39.74 0.75 9.37
CA PHE W 1 -38.68 1.82 9.42
C PHE W 1 -39.31 3.14 9.83
N THR W 2 -38.72 3.85 10.82
CA THR W 2 -39.34 4.98 11.50
C THR W 2 -38.32 6.07 11.80
N LEU W 3 -38.79 7.24 12.26
CA LEU W 3 -37.92 8.40 12.36
C LEU W 3 -36.80 8.22 13.39
N ILE W 4 -37.05 7.46 14.45
CA ILE W 4 -36.02 7.15 15.44
C ILE W 4 -34.91 6.25 14.87
N GLU W 5 -35.23 5.25 14.05
CA GLU W 5 -34.19 4.45 13.41
C GLU W 5 -33.38 5.31 12.44
N LEU W 6 -34.05 6.20 11.72
CA LEU W 6 -33.41 7.08 10.76
C LEU W 6 -32.51 8.12 11.44
N LEU W 7 -32.89 8.63 12.62
CA LEU W 7 -32.03 9.49 13.42
C LEU W 7 -30.81 8.73 13.96
N ILE W 8 -30.95 7.47 14.38
CA ILE W 8 -29.82 6.64 14.77
C ILE W 8 -28.86 6.45 13.60
N VAL W 9 -29.40 6.15 12.41
CA VAL W 9 -28.61 6.00 11.20
C VAL W 9 -27.85 7.28 10.87
N ILE W 10 -28.51 8.44 10.90
CA ILE W 10 -27.88 9.73 10.69
C ILE W 10 -26.78 10.01 11.73
N ALA W 11 -27.03 9.69 13.00
CA ALA W 11 -26.07 9.88 14.07
C ALA W 11 -24.81 9.02 13.85
N ILE W 12 -24.99 7.76 13.47
CA ILE W 12 -23.87 6.86 13.23
C ILE W 12 -23.13 7.22 11.94
N ILE W 13 -23.82 7.68 10.89
CA ILE W 13 -23.15 8.23 9.70
C ILE W 13 -22.24 9.39 10.08
N ALA W 14 -22.70 10.31 10.93
CA ALA W 14 -21.91 11.45 11.38
C ALA W 14 -20.64 11.01 12.11
N ILE W 15 -20.73 9.93 12.91
CA ILE W 15 -19.58 9.34 13.58
C ILE W 15 -18.61 8.73 12.58
N LEU W 16 -19.08 7.83 11.70
CA LEU W 16 -18.19 7.16 10.77
C LEU W 16 -17.54 8.14 9.79
N ALA W 17 -18.27 9.15 9.33
CA ALA W 17 -17.74 10.20 8.47
C ALA W 17 -16.61 11.00 9.14
N ALA W 18 -16.64 11.13 10.48
CA ALA W 18 -15.64 11.86 11.23
C ALA W 18 -14.36 11.04 11.46
N VAL W 19 -14.46 9.72 11.64
CA VAL W 19 -13.34 8.90 12.11
C VAL W 19 -12.67 8.05 11.04
N LEU W 20 -13.41 7.68 9.98
CA LEU W 20 -12.88 6.75 8.98
C LEU W 20 -12.09 7.44 7.86
N ILE W 21 -11.85 8.75 7.97
CA ILE W 21 -11.10 9.51 6.98
C ILE W 21 -9.70 9.80 7.53
N PRO W 22 -8.61 9.43 6.81
CA PRO W 22 -7.25 9.61 7.34
C PRO W 22 -6.79 11.06 7.25
N ASN W 23 -5.74 11.39 8.01
CA ASN W 23 -5.04 12.66 7.85
C ASN W 23 -4.31 12.64 6.51
N LEU W 24 -4.87 13.33 5.50
CA LEU W 24 -4.32 13.31 4.16
C LEU W 24 -3.03 14.10 4.09
N LEU W 25 -2.95 15.22 4.84
CA LEU W 25 -1.75 16.06 4.86
C LEU W 25 -0.52 15.29 5.33
N ALA W 26 -0.64 14.55 6.43
CA ALA W 26 0.45 13.79 7.02
C ALA W 26 0.94 12.69 6.07
N ALA W 27 0.02 11.99 5.41
CA ALA W 27 0.33 10.99 4.40
C ALA W 27 1.11 11.60 3.24
N ARG W 28 0.63 12.72 2.68
CA ARG W 28 1.29 13.37 1.57
C ARG W 28 2.66 13.91 1.96
N LYS W 29 2.88 14.43 3.19
CA LYS W 29 4.18 14.87 3.64
C LYS W 29 5.25 13.78 3.47
N ARG W 30 4.97 12.54 3.91
CA ARG W 30 5.92 11.44 3.84
C ARG W 30 6.16 10.98 2.40
N ALA W 31 5.14 10.98 1.55
CA ALA W 31 5.30 10.72 0.13
C ALA W 31 6.15 11.80 -0.53
N ASN W 32 5.92 13.08 -0.22
CA ASN W 32 6.69 14.20 -0.76
C ASN W 32 8.17 14.12 -0.39
N ASP W 33 8.51 13.78 0.86
CA ASP W 33 9.89 13.56 1.24
C ASP W 33 10.55 12.41 0.48
N THR W 34 9.76 11.41 0.07
CA THR W 34 10.24 10.31 -0.75
C THR W 34 10.59 10.80 -2.15
N VAL W 35 9.78 11.69 -2.73
CA VAL W 35 10.09 12.32 -4.01
C VAL W 35 11.41 13.08 -3.96
N VAL W 36 11.61 13.89 -2.92
CA VAL W 36 12.83 14.66 -2.75
C VAL W 36 14.04 13.74 -2.61
N THR W 37 13.93 12.71 -1.76
CA THR W 37 14.99 11.74 -1.56
C THR W 37 15.34 11.04 -2.87
N ALA W 38 14.33 10.57 -3.61
CA ALA W 38 14.52 9.90 -4.89
C ALA W 38 15.17 10.83 -5.92
N TYR W 39 14.75 12.10 -6.00
CA TYR W 39 15.33 13.04 -6.95
C TYR W 39 16.78 13.37 -6.62
N LEU W 40 17.13 13.53 -5.34
CA LEU W 40 18.52 13.70 -4.95
C LEU W 40 19.36 12.44 -5.22
N ASN W 41 18.84 11.24 -4.98
CA ASN W 41 19.55 10.02 -5.36
C ASN W 41 19.82 9.96 -6.87
N ASP W 42 18.89 10.42 -7.70
CA ASP W 42 19.12 10.53 -9.13
C ASP W 42 20.17 11.60 -9.45
N ALA W 43 20.06 12.79 -8.86
CA ALA W 43 21.05 13.85 -9.06
C ALA W 43 22.47 13.37 -8.71
N VAL W 44 22.60 12.54 -7.67
CA VAL W 44 23.86 11.92 -7.29
C VAL W 44 24.39 10.95 -8.36
N LYS W 45 23.55 10.11 -8.95
CA LYS W 45 23.97 9.25 -10.07
C LYS W 45 24.48 10.09 -11.23
N PHE W 46 23.79 11.18 -11.57
CA PHE W 46 24.17 12.03 -12.67
C PHE W 46 25.40 12.88 -12.38
N GLN W 47 25.64 13.29 -11.12
CA GLN W 47 26.91 13.90 -10.74
C GLN W 47 28.08 12.94 -11.00
N GLU W 48 27.94 11.65 -10.65
CA GLU W 48 28.96 10.67 -10.97
C GLU W 48 29.13 10.47 -12.49
N MET W 49 28.05 10.46 -13.26
CA MET W 49 28.19 10.36 -14.72
C MET W 49 28.86 11.61 -15.31
N TYR W 50 28.57 12.79 -14.81
CA TYR W 50 29.24 13.99 -15.26
C TYR W 50 30.73 13.96 -14.89
N GLN W 51 31.05 13.42 -13.72
CA GLN W 51 32.42 13.18 -13.28
C GLN W 51 33.16 12.21 -14.20
N ILE W 52 32.49 11.16 -14.72
CA ILE W 52 33.07 10.25 -15.70
C ILE W 52 33.51 11.00 -16.96
N ASP W 53 32.67 11.90 -17.46
CA ASP W 53 32.92 12.61 -18.71
C ASP W 53 33.87 13.81 -18.57
N ASN W 54 33.87 14.51 -17.43
CA ASN W 54 34.47 15.83 -17.31
C ASN W 54 35.54 15.93 -16.21
N ASN W 55 35.75 14.89 -15.41
CA ASN W 55 36.68 14.91 -14.28
C ASN W 55 36.39 16.04 -13.27
N SER W 56 35.13 16.46 -13.16
CA SER W 56 34.70 17.51 -12.24
C SER W 56 33.19 17.35 -12.00
N TYR W 57 32.63 17.92 -10.93
CA TYR W 57 31.18 17.93 -10.73
C TYR W 57 30.52 19.17 -11.33
N THR W 58 29.22 19.09 -11.61
CA THR W 58 28.47 20.21 -12.19
C THR W 58 28.08 21.22 -11.11
N SER W 59 27.89 22.47 -11.52
CA SER W 59 27.31 23.39 -10.56
C SER W 59 25.92 23.72 -11.07
N ASN W 60 25.64 23.36 -12.33
CA ASN W 60 24.39 23.70 -12.97
C ASN W 60 23.56 22.48 -13.35
N GLN W 61 22.26 22.52 -13.05
CA GLN W 61 21.34 21.41 -13.23
C GLN W 61 21.17 21.00 -14.70
N ALA W 62 21.31 21.94 -15.64
CA ALA W 62 21.10 21.64 -17.06
C ALA W 62 22.10 20.63 -17.62
N ALA W 63 23.31 20.59 -17.07
CA ALA W 63 24.30 19.58 -17.43
C ALA W 63 23.84 18.19 -16.99
N LEU W 64 23.31 18.07 -15.76
CA LEU W 64 22.75 16.81 -15.28
C LEU W 64 21.52 16.39 -16.12
N ILE W 65 20.65 17.32 -16.48
CA ILE W 65 19.49 17.05 -17.32
C ILE W 65 19.93 16.57 -18.70
N SER W 66 20.99 17.16 -19.26
CA SER W 66 21.48 16.68 -20.54
C SER W 66 21.86 15.20 -20.47
N LEU W 67 22.56 14.81 -19.38
CA LEU W 67 23.00 13.44 -19.19
C LEU W 67 21.85 12.46 -18.93
N GLY W 68 20.68 12.95 -18.49
CA GLY W 68 19.52 12.08 -18.31
C GLY W 68 18.70 12.30 -17.04
N LEU W 69 19.10 13.27 -16.21
CA LEU W 69 18.30 13.60 -15.00
C LEU W 69 17.03 14.34 -15.44
N LYS W 70 15.88 13.93 -14.90
CA LYS W 70 14.59 14.49 -15.35
C LYS W 70 14.34 15.89 -14.79
N SER W 71 13.30 16.56 -15.30
CA SER W 71 12.90 17.90 -14.80
C SER W 71 12.74 17.85 -13.28
N THR W 72 13.06 18.94 -12.58
CA THR W 72 12.82 18.96 -11.11
C THR W 72 11.34 18.66 -10.87
N PRO W 73 10.99 17.75 -9.94
CA PRO W 73 9.59 17.35 -9.73
C PRO W 73 8.66 18.52 -9.36
N ALA W 74 7.36 18.39 -9.66
CA ALA W 74 6.41 19.42 -9.29
C ALA W 74 6.51 19.75 -7.80
N ASN W 75 6.54 21.05 -7.47
CA ASN W 75 6.67 21.59 -6.12
C ASN W 75 8.01 21.29 -5.42
N VAL W 76 8.96 20.61 -6.07
CA VAL W 76 10.31 20.46 -5.54
C VAL W 76 11.18 21.59 -6.07
N THR W 77 11.79 22.34 -5.15
CA THR W 77 12.87 23.25 -5.48
C THR W 77 14.20 22.58 -5.18
N PHE W 78 15.05 22.48 -6.21
CA PHE W 78 16.35 21.85 -6.14
C PHE W 78 17.42 22.88 -6.51
N SER W 79 18.54 22.88 -5.78
CA SER W 79 19.68 23.72 -6.11
C SER W 79 20.99 22.97 -5.92
N ILE W 80 21.96 23.22 -6.80
CA ILE W 80 23.33 22.82 -6.56
C ILE W 80 24.01 24.04 -5.93
N VAL W 81 24.28 23.94 -4.63
CA VAL W 81 24.78 25.05 -3.84
C VAL W 81 26.22 25.37 -4.22
N SER W 82 27.04 24.32 -4.39
CA SER W 82 28.43 24.47 -4.82
C SER W 82 28.90 23.19 -5.47
N ALA W 83 29.95 23.30 -6.28
CA ALA W 83 30.63 22.14 -6.85
C ALA W 83 32.06 22.49 -7.21
N SER W 84 32.90 21.46 -7.29
CA SER W 84 34.31 21.59 -7.61
C SER W 84 34.76 20.32 -8.35
N ALA W 85 36.07 20.21 -8.61
CA ALA W 85 36.63 19.00 -9.19
C ALA W 85 36.41 17.76 -8.31
N ASN W 86 36.16 17.96 -7.01
CA ASN W 86 36.28 16.89 -6.02
C ASN W 86 35.05 16.73 -5.11
N SER W 87 34.14 17.71 -5.08
CA SER W 87 32.98 17.66 -4.20
C SER W 87 31.80 18.44 -4.78
N TYR W 88 30.60 18.20 -4.25
CA TYR W 88 29.41 19.00 -4.51
C TYR W 88 28.59 19.11 -3.24
N CYS W 89 27.73 20.13 -3.18
CA CYS W 89 26.65 20.17 -2.24
C CYS W 89 25.37 20.48 -3.02
N MET W 90 24.33 19.65 -2.85
CA MET W 90 23.02 19.87 -3.44
C MET W 90 21.97 19.92 -2.35
N ILE W 91 20.95 20.76 -2.51
CA ILE W 91 19.86 20.91 -1.56
C ILE W 91 18.55 20.75 -2.31
N ALA W 92 17.58 20.05 -1.73
CA ALA W 92 16.25 19.97 -2.33
C ALA W 92 15.18 19.85 -1.26
N GLY W 93 13.97 20.30 -1.59
CA GLY W 93 12.85 20.24 -0.67
C GLY W 93 11.55 20.43 -1.43
N HIS W 94 10.48 19.82 -0.90
CA HIS W 94 9.14 19.95 -1.47
C HIS W 94 8.36 20.93 -0.61
N SER W 95 7.63 21.89 -1.20
CA SER W 95 6.93 22.90 -0.42
C SER W 95 5.96 22.33 0.62
N GLY W 96 5.50 21.09 0.39
CA GLY W 96 4.67 20.33 1.32
C GLY W 96 5.33 19.05 1.84
N GLY W 97 6.67 19.03 1.93
CA GLY W 97 7.41 17.99 2.63
C GLY W 97 7.55 18.31 4.11
N THR W 98 8.53 17.69 4.79
CA THR W 98 8.81 18.04 6.18
C THR W 98 9.99 18.99 6.29
N VAL W 99 11.16 18.60 5.75
CA VAL W 99 12.43 19.33 5.90
C VAL W 99 13.19 19.37 4.57
N TRP W 100 14.14 20.30 4.46
CA TRP W 100 15.11 20.30 3.37
C TRP W 100 16.04 19.10 3.48
N PHE W 101 16.39 18.51 2.34
CA PHE W 101 17.37 17.44 2.24
C PHE W 101 18.62 17.98 1.58
N ALA W 102 19.76 17.43 1.99
CA ALA W 102 21.06 17.77 1.43
C ALA W 102 21.71 16.52 0.84
N ALA W 103 22.57 16.72 -0.17
CA ALA W 103 23.38 15.63 -0.71
C ALA W 103 24.81 16.11 -0.91
N THR W 104 25.78 15.29 -0.47
CA THR W 104 27.21 15.50 -0.67
C THR W 104 27.83 14.14 -0.96
N PRO W 105 29.01 14.04 -1.61
CA PRO W 105 29.57 12.75 -1.95
C PRO W 105 30.08 11.93 -0.77
N ASP W 106 30.31 12.57 0.40
CA ASP W 106 30.70 11.88 1.61
C ASP W 106 29.51 11.43 2.46
N LYS W 107 28.56 12.34 2.76
CA LYS W 107 27.43 12.03 3.63
C LYS W 107 26.28 11.34 2.91
N GLY W 108 26.31 11.27 1.58
CA GLY W 108 25.19 10.74 0.80
C GLY W 108 24.01 11.71 0.80
N VAL W 109 22.78 11.21 0.62
CA VAL W 109 21.58 12.02 0.73
C VAL W 109 21.04 11.90 2.15
N TYR W 110 20.79 13.04 2.82
CA TYR W 110 20.37 13.05 4.21
C TYR W 110 19.46 14.25 4.51
N LYS W 111 18.61 14.11 5.52
CA LYS W 111 17.67 15.16 5.87
C LYS W 111 18.33 16.15 6.84
N THR W 112 18.07 17.45 6.62
CA THR W 112 18.57 18.52 7.48
C THR W 112 17.56 18.82 8.59
N ASN W 113 17.93 19.74 9.51
CA ASN W 113 17.02 20.18 10.56
C ASN W 113 16.04 21.27 10.11
N THR W 114 16.25 21.85 8.91
CA THR W 114 15.52 23.03 8.46
C THR W 114 14.17 22.64 7.84
N ALA W 115 13.05 23.15 8.38
CA ALA W 115 11.73 22.90 7.82
C ALA W 115 11.56 23.55 6.44
N VAL W 116 10.76 22.95 5.54
CA VAL W 116 10.60 23.44 4.17
C VAL W 116 9.92 24.81 4.08
N THR W 117 9.28 25.25 5.18
CA THR W 117 8.66 26.56 5.29
C THR W 117 9.68 27.68 5.53
N SER W 118 10.86 27.33 6.09
CA SER W 118 12.01 28.21 6.20
C SER W 118 12.78 28.27 4.87
N SER W 119 13.55 29.34 4.67
CA SER W 119 14.42 29.47 3.50
C SER W 119 15.47 28.35 3.45
N GLN W 120 15.84 27.89 2.25
CA GLN W 120 16.70 26.72 2.10
C GLN W 120 18.09 26.93 2.69
N PRO W 121 18.73 25.88 3.24
CA PRO W 121 20.11 25.96 3.69
C PRO W 121 21.05 26.52 2.61
N GLU W 122 22.00 27.36 3.05
CA GLU W 122 23.03 27.92 2.18
C GLU W 122 24.22 26.97 1.98
N SER W 123 24.26 25.85 2.73
CA SER W 123 25.36 24.89 2.74
C SER W 123 24.89 23.56 3.36
N CYS W 124 25.66 22.50 3.16
CA CYS W 124 25.44 21.17 3.74
C CYS W 124 25.70 21.18 5.24
N PRO W 125 24.69 20.84 6.09
CA PRO W 125 24.92 20.60 7.52
C PRO W 125 25.83 19.39 7.82
N PHE X 1 -47.19 5.92 15.44
CA PHE X 1 -46.60 6.08 14.08
C PHE X 1 -47.71 6.36 13.06
N THR X 2 -47.53 7.39 12.23
CA THR X 2 -48.61 7.96 11.41
C THR X 2 -48.09 8.36 10.02
N LEU X 3 -49.00 8.73 9.10
CA LEU X 3 -48.63 8.90 7.71
C LEU X 3 -47.64 10.06 7.50
N ILE X 4 -47.74 11.11 8.32
CA ILE X 4 -46.80 12.22 8.25
C ILE X 4 -45.39 11.83 8.69
N GLU X 5 -45.22 10.99 9.72
CA GLU X 5 -43.90 10.52 10.08
C GLU X 5 -43.33 9.63 8.97
N LEU X 6 -44.17 8.81 8.37
CA LEU X 6 -43.77 7.91 7.31
C LEU X 6 -43.39 8.67 6.03
N LEU X 7 -44.08 9.77 5.71
CA LEU X 7 -43.69 10.65 4.61
C LEU X 7 -42.36 11.37 4.88
N ILE X 8 -42.10 11.79 6.12
CA ILE X 8 -40.80 12.34 6.50
C ILE X 8 -39.69 11.30 6.31
N VAL X 9 -39.94 10.08 6.76
CA VAL X 9 -39.01 8.98 6.60
C VAL X 9 -38.71 8.71 5.13
N ILE X 10 -39.75 8.63 4.28
CA ILE X 10 -39.59 8.46 2.83
C ILE X 10 -38.81 9.62 2.21
N ALA X 11 -39.10 10.86 2.62
CA ALA X 11 -38.40 12.04 2.12
C ALA X 11 -36.90 12.01 2.46
N ILE X 12 -36.56 11.64 3.70
CA ILE X 12 -35.18 11.57 4.15
C ILE X 12 -34.46 10.37 3.50
N ILE X 13 -35.12 9.22 3.31
CA ILE X 13 -34.56 8.12 2.53
C ILE X 13 -34.17 8.58 1.12
N ALA X 14 -35.04 9.32 0.45
CA ALA X 14 -34.77 9.84 -0.88
C ALA X 14 -33.53 10.74 -0.92
N ILE X 15 -33.34 11.56 0.13
CA ILE X 15 -32.15 12.39 0.29
C ILE X 15 -30.89 11.53 0.49
N LEU X 16 -30.90 10.63 1.47
CA LEU X 16 -29.73 9.83 1.78
C LEU X 16 -29.35 8.92 0.61
N ALA X 17 -30.33 8.34 -0.08
CA ALA X 17 -30.09 7.53 -1.28
C ALA X 17 -29.43 8.31 -2.41
N ALA X 18 -29.67 9.62 -2.49
CA ALA X 18 -29.09 10.47 -3.52
C ALA X 18 -27.64 10.88 -3.21
N VAL X 19 -27.29 11.09 -1.94
CA VAL X 19 -26.03 11.73 -1.57
C VAL X 19 -24.97 10.75 -1.03
N LEU X 20 -25.38 9.62 -0.45
CA LEU X 20 -24.44 8.73 0.22
C LEU X 20 -23.80 7.69 -0.73
N ILE X 21 -24.08 7.79 -2.04
CA ILE X 21 -23.52 6.89 -3.04
C ILE X 21 -22.39 7.60 -3.80
N PRO X 22 -21.16 7.05 -3.85
CA PRO X 22 -20.04 7.73 -4.49
C PRO X 22 -20.13 7.66 -6.02
N ASN X 23 -19.36 8.53 -6.68
CA ASN X 23 -19.15 8.43 -8.12
C ASN X 23 -18.30 7.19 -8.39
N LEU X 24 -18.93 6.10 -8.86
CA LEU X 24 -18.24 4.84 -9.06
C LEU X 24 -17.32 4.92 -10.28
N LEU X 25 -17.74 5.63 -11.32
CA LEU X 25 -16.95 5.77 -12.53
C LEU X 25 -15.59 6.43 -12.26
N ALA X 26 -15.58 7.52 -11.49
CA ALA X 26 -14.37 8.27 -11.16
C ALA X 26 -13.40 7.41 -10.33
N ALA X 27 -13.93 6.67 -9.36
CA ALA X 27 -13.14 5.74 -8.55
C ALA X 27 -12.49 4.65 -9.43
N ARG X 28 -13.28 4.01 -10.31
CA ARG X 28 -12.75 2.97 -11.18
C ARG X 28 -11.73 3.52 -12.16
N LYS X 29 -11.87 4.74 -12.70
CA LYS X 29 -10.86 5.35 -13.57
C LYS X 29 -9.48 5.35 -12.94
N ARG X 30 -9.35 5.78 -11.67
CA ARG X 30 -8.07 5.85 -10.99
C ARG X 30 -7.49 4.47 -10.67
N ALA X 31 -8.34 3.51 -10.33
CA ALA X 31 -7.91 2.13 -10.17
C ALA X 31 -7.42 1.54 -11.49
N ASN X 32 -8.13 1.79 -12.60
CA ASN X 32 -7.76 1.33 -13.93
C ASN X 32 -6.41 1.88 -14.38
N ASP X 33 -6.12 3.17 -14.16
CA ASP X 33 -4.82 3.73 -14.45
C ASP X 33 -3.71 3.08 -13.62
N THR X 34 -4.03 2.60 -12.41
CA THR X 34 -3.09 1.88 -11.57
C THR X 34 -2.76 0.52 -12.17
N VAL X 35 -3.75 -0.18 -12.73
CA VAL X 35 -3.53 -1.44 -13.45
C VAL X 35 -2.59 -1.23 -14.63
N VAL X 36 -2.82 -0.20 -15.44
CA VAL X 36 -1.99 0.10 -16.59
C VAL X 36 -0.55 0.42 -16.16
N THR X 37 -0.39 1.28 -15.15
CA THR X 37 0.91 1.63 -14.62
C THR X 37 1.64 0.39 -14.12
N ALA X 38 0.98 -0.45 -13.33
CA ALA X 38 1.55 -1.68 -12.81
C ALA X 38 1.96 -2.64 -13.92
N TYR X 39 1.13 -2.81 -14.95
CA TYR X 39 1.44 -3.70 -16.06
C TYR X 39 2.63 -3.20 -16.88
N LEU X 40 2.73 -1.90 -17.13
CA LEU X 40 3.91 -1.33 -17.78
C LEU X 40 5.16 -1.45 -16.91
N ASN X 41 5.08 -1.25 -15.59
CA ASN X 41 6.22 -1.51 -14.72
C ASN X 41 6.68 -2.97 -14.79
N ASP X 42 5.76 -3.92 -14.90
CA ASP X 42 6.13 -5.32 -15.12
C ASP X 42 6.75 -5.54 -16.49
N ALA X 43 6.15 -5.01 -17.56
CA ALA X 43 6.71 -5.10 -18.90
C ALA X 43 8.15 -4.57 -18.95
N VAL X 44 8.44 -3.49 -18.21
CA VAL X 44 9.78 -2.93 -18.07
C VAL X 44 10.75 -3.90 -17.39
N LYS X 45 10.35 -4.58 -16.31
CA LYS X 45 11.18 -5.60 -15.68
C LYS X 45 11.51 -6.72 -16.66
N PHE X 46 10.52 -7.16 -17.43
CA PHE X 46 10.71 -8.25 -18.39
C PHE X 46 11.50 -7.81 -19.62
N GLN X 47 11.42 -6.55 -20.06
CA GLN X 47 12.32 -6.04 -21.08
C GLN X 47 13.78 -6.13 -20.60
N GLU X 48 14.08 -5.76 -19.35
CA GLU X 48 15.42 -5.92 -18.80
C GLU X 48 15.83 -7.39 -18.71
N MET X 49 14.94 -8.30 -18.32
CA MET X 49 15.27 -9.72 -18.31
C MET X 49 15.54 -10.26 -19.73
N TYR X 50 14.77 -9.83 -20.72
CA TYR X 50 15.03 -10.23 -22.09
C TYR X 50 16.37 -9.68 -22.59
N GLN X 51 16.71 -8.46 -22.18
CA GLN X 51 18.01 -7.84 -22.43
C GLN X 51 19.15 -8.63 -21.80
N ILE X 52 18.98 -9.21 -20.60
CA ILE X 52 19.97 -10.08 -19.98
C ILE X 52 20.26 -11.30 -20.85
N ASP X 53 19.23 -11.92 -21.41
CA ASP X 53 19.36 -13.15 -22.18
C ASP X 53 19.79 -12.93 -23.64
N ASN X 54 19.40 -11.81 -24.26
CA ASN X 54 19.48 -11.65 -25.72
C ASN X 54 20.28 -10.43 -26.18
N ASN X 55 20.74 -9.58 -25.25
CA ASN X 55 21.45 -8.34 -25.59
C ASN X 55 20.65 -7.41 -26.52
N SER X 56 19.32 -7.47 -26.46
CA SER X 56 18.43 -6.65 -27.27
C SER X 56 17.06 -6.60 -26.58
N TYR X 57 16.20 -5.63 -26.89
CA TYR X 57 14.84 -5.60 -26.37
C TYR X 57 13.85 -6.31 -27.31
N THR X 58 12.72 -6.75 -26.77
CA THR X 58 11.70 -7.46 -27.55
C THR X 58 10.84 -6.47 -28.34
N SER X 59 10.26 -6.92 -29.45
CA SER X 59 9.28 -6.08 -30.09
C SER X 59 7.94 -6.76 -29.89
N ASN X 60 7.98 -8.03 -29.49
CA ASN X 60 6.78 -8.83 -29.37
C ASN X 60 6.50 -9.29 -27.93
N GLN X 61 5.23 -9.15 -27.51
CA GLN X 61 4.81 -9.41 -26.14
C GLN X 61 4.99 -10.88 -25.73
N ALA X 62 4.89 -11.83 -26.67
CA ALA X 62 4.98 -13.24 -26.34
C ALA X 62 6.34 -13.65 -25.78
N ALA X 63 7.42 -12.95 -26.16
CA ALA X 63 8.73 -13.16 -25.58
C ALA X 63 8.75 -12.74 -24.10
N LEU X 64 8.14 -11.58 -23.77
CA LEU X 64 8.01 -11.14 -22.39
C LEU X 64 7.15 -12.10 -21.57
N ILE X 65 6.04 -12.60 -22.15
CA ILE X 65 5.17 -13.57 -21.49
C ILE X 65 5.93 -14.88 -21.23
N SER X 66 6.76 -15.32 -22.17
CA SER X 66 7.57 -16.50 -21.92
C SER X 66 8.42 -16.35 -20.67
N LEU X 67 9.07 -15.18 -20.53
CA LEU X 67 9.95 -14.89 -19.41
C LEU X 67 9.21 -14.75 -18.08
N GLY X 68 7.90 -14.47 -18.10
CA GLY X 68 7.10 -14.42 -16.88
C GLY X 68 6.11 -13.27 -16.77
N LEU X 69 6.03 -12.43 -17.81
CA LEU X 69 5.02 -11.33 -17.80
C LEU X 69 3.63 -11.94 -18.03
N LYS X 70 2.64 -11.55 -17.24
CA LYS X 70 1.30 -12.18 -17.31
C LYS X 70 0.50 -11.69 -18.51
N SER X 71 -0.63 -12.34 -18.77
CA SER X 71 -1.54 -11.94 -19.87
C SER X 71 -1.87 -10.44 -19.74
N THR X 72 -2.04 -9.73 -20.85
CA THR X 72 -2.47 -8.31 -20.77
C THR X 72 -3.76 -8.25 -19.95
N PRO X 73 -3.88 -7.35 -18.96
CA PRO X 73 -5.05 -7.30 -18.08
C PRO X 73 -6.38 -7.09 -18.82
N ALA X 74 -7.50 -7.54 -18.25
CA ALA X 74 -8.80 -7.32 -18.87
C ALA X 74 -9.02 -5.84 -19.19
N ASN X 75 -9.49 -5.55 -20.40
CA ASN X 75 -9.73 -4.21 -20.93
C ASN X 75 -8.48 -3.35 -21.11
N VAL X 76 -7.28 -3.85 -20.83
CA VAL X 76 -6.04 -3.15 -21.16
C VAL X 76 -5.57 -3.60 -22.53
N THR X 77 -5.39 -2.62 -23.43
CA THR X 77 -4.67 -2.84 -24.68
C THR X 77 -3.24 -2.35 -24.52
N PHE X 78 -2.29 -3.27 -24.76
CA PHE X 78 -0.86 -3.02 -24.63
C PHE X 78 -0.20 -3.28 -25.99
N SER X 79 0.74 -2.43 -26.37
CA SER X 79 1.54 -2.64 -27.56
C SER X 79 3.00 -2.25 -27.33
N ILE X 80 3.91 -3.02 -27.93
CA ILE X 80 5.29 -2.58 -28.04
C ILE X 80 5.41 -1.91 -29.41
N VAL X 81 5.53 -0.58 -29.39
CA VAL X 81 5.49 0.24 -30.59
C VAL X 81 6.76 0.02 -31.42
N SER X 82 7.92 -0.02 -30.74
CA SER X 82 9.20 -0.27 -31.38
C SER X 82 10.18 -0.83 -30.36
N ALA X 83 11.22 -1.50 -30.85
CA ALA X 83 12.32 -1.94 -30.03
C ALA X 83 13.57 -2.13 -30.88
N SER X 84 14.73 -2.08 -30.21
CA SER X 84 16.03 -2.22 -30.84
C SER X 84 17.00 -2.86 -29.84
N ALA X 85 18.27 -2.95 -30.21
CA ALA X 85 19.30 -3.42 -29.29
C ALA X 85 19.43 -2.55 -28.04
N ASN X 86 18.97 -1.28 -28.11
CA ASN X 86 19.32 -0.25 -27.14
C ASN X 86 18.13 0.49 -26.53
N SER X 87 16.93 0.38 -27.12
CA SER X 87 15.77 1.11 -26.65
C SER X 87 14.47 0.35 -26.96
N TYR X 88 13.39 0.75 -26.29
CA TYR X 88 12.03 0.31 -26.62
C TYR X 88 11.07 1.47 -26.40
N CYS X 89 9.91 1.39 -27.05
CA CYS X 89 8.76 2.18 -26.68
C CYS X 89 7.57 1.24 -26.52
N MET X 90 6.89 1.30 -25.37
CA MET X 90 5.66 0.54 -25.12
C MET X 90 4.54 1.51 -24.78
N ILE X 91 3.31 1.18 -25.20
CA ILE X 91 2.13 1.99 -24.93
C ILE X 91 1.07 1.08 -24.33
N ALA X 92 0.35 1.56 -23.31
CA ALA X 92 -0.77 0.80 -22.76
C ALA X 92 -1.86 1.73 -22.25
N GLY X 93 -3.10 1.24 -22.24
CA GLY X 93 -4.23 2.02 -21.77
C GLY X 93 -5.40 1.09 -21.49
N HIS X 94 -6.24 1.50 -20.54
CA HIS X 94 -7.45 0.77 -20.18
C HIS X 94 -8.63 1.49 -20.80
N SER X 95 -9.58 0.79 -21.45
CA SER X 95 -10.69 1.44 -22.13
C SER X 95 -11.51 2.37 -21.23
N GLY X 96 -11.47 2.11 -19.91
CA GLY X 96 -12.08 2.96 -18.88
C GLY X 96 -11.07 3.59 -17.91
N GLY X 97 -9.84 3.85 -18.37
CA GLY X 97 -8.87 4.67 -17.65
C GLY X 97 -9.05 6.15 -17.98
N THR X 98 -8.00 6.96 -17.74
CA THR X 98 -8.04 8.37 -18.14
C THR X 98 -7.30 8.60 -19.46
N VAL X 99 -6.01 8.21 -19.51
CA VAL X 99 -5.13 8.49 -20.64
C VAL X 99 -4.27 7.28 -20.99
N TRP X 100 -3.70 7.27 -22.20
CA TRP X 100 -2.67 6.30 -22.56
C TRP X 100 -1.40 6.57 -21.76
N PHE X 101 -0.72 5.49 -21.36
CA PHE X 101 0.58 5.54 -20.72
C PHE X 101 1.64 5.04 -21.69
N ALA X 102 2.84 5.59 -21.57
CA ALA X 102 3.98 5.19 -22.37
C ALA X 102 5.11 4.72 -21.44
N ALA X 103 5.96 3.83 -21.95
CA ALA X 103 7.17 3.41 -21.25
C ALA X 103 8.36 3.39 -22.20
N THR X 104 9.48 3.97 -21.78
CA THR X 104 10.75 3.94 -22.49
C THR X 104 11.85 3.77 -21.45
N PRO X 105 13.06 3.29 -21.80
CA PRO X 105 14.08 3.04 -20.79
C PRO X 105 14.69 4.31 -20.19
N ASP X 106 14.53 5.47 -20.85
CA ASP X 106 14.99 6.74 -20.32
C ASP X 106 13.93 7.45 -19.45
N LYS X 107 12.69 7.59 -19.96
CA LYS X 107 11.66 8.34 -19.25
C LYS X 107 10.92 7.50 -18.21
N GLY X 108 11.15 6.18 -18.17
CA GLY X 108 10.40 5.29 -17.29
C GLY X 108 8.97 5.11 -17.78
N VAL X 109 8.02 4.79 -16.88
CA VAL X 109 6.61 4.73 -17.21
C VAL X 109 5.97 6.07 -16.87
N TYR X 110 5.25 6.67 -17.83
CA TYR X 110 4.68 7.99 -17.66
C TYR X 110 3.38 8.14 -18.45
N LYS X 111 2.51 9.04 -17.99
CA LYS X 111 1.21 9.24 -18.64
C LYS X 111 1.35 10.25 -19.78
N THR X 112 0.67 9.97 -20.90
CA THR X 112 0.64 10.85 -22.05
C THR X 112 -0.54 11.83 -21.97
N ASN X 113 -0.65 12.76 -22.94
CA ASN X 113 -1.78 13.67 -23.00
C ASN X 113 -3.02 13.07 -23.68
N THR X 114 -2.88 11.90 -24.31
CA THR X 114 -3.93 11.33 -25.16
C THR X 114 -4.95 10.55 -24.33
N ALA X 115 -6.23 10.93 -24.38
CA ALA X 115 -7.30 10.21 -23.70
C ALA X 115 -7.50 8.80 -24.27
N VAL X 116 -7.92 7.83 -23.43
CA VAL X 116 -8.07 6.44 -23.86
C VAL X 116 -9.18 6.23 -24.90
N THR X 117 -10.06 7.23 -25.06
CA THR X 117 -11.12 7.22 -26.06
C THR X 117 -10.60 7.55 -27.46
N SER X 118 -9.46 8.26 -27.54
CA SER X 118 -8.73 8.50 -28.78
C SER X 118 -7.87 7.28 -29.13
N SER X 119 -7.51 7.14 -30.42
CA SER X 119 -6.60 6.08 -30.87
C SER X 119 -5.23 6.20 -30.20
N GLN X 120 -4.57 5.07 -29.94
CA GLN X 120 -3.33 5.05 -29.15
C GLN X 120 -2.20 5.81 -29.83
N PRO X 121 -1.30 6.47 -29.08
CA PRO X 121 -0.11 7.09 -29.64
C PRO X 121 0.70 6.12 -30.50
N GLU X 122 1.22 6.64 -31.62
CA GLU X 122 2.08 5.89 -32.52
C GLU X 122 3.55 5.87 -32.07
N SER X 123 3.89 6.66 -31.04
CA SER X 123 5.25 6.83 -30.53
C SER X 123 5.21 7.42 -29.12
N CYS X 124 6.33 7.35 -28.40
CA CYS X 124 6.53 7.93 -27.07
C CYS X 124 6.57 9.46 -27.14
N PRO X 125 5.65 10.19 -26.44
CA PRO X 125 5.77 11.64 -26.27
C PRO X 125 7.01 12.08 -25.46
N PHE Y 1 -56.69 10.85 13.43
CA PHE Y 1 -56.03 9.57 13.04
C PHE Y 1 -57.03 8.42 13.15
N THR Y 2 -57.13 7.59 12.11
CA THR Y 2 -58.22 6.62 11.95
C THR Y 2 -57.71 5.29 11.37
N LEU Y 3 -58.57 4.27 11.33
CA LEU Y 3 -58.11 2.92 11.01
C LEU Y 3 -57.58 2.80 9.57
N ILE Y 4 -58.15 3.58 8.64
CA ILE Y 4 -57.67 3.60 7.26
C ILE Y 4 -56.28 4.21 7.13
N GLU Y 5 -55.96 5.29 7.87
CA GLU Y 5 -54.61 5.83 7.85
C GLU Y 5 -53.63 4.81 8.45
N LEU Y 6 -54.03 4.14 9.51
CA LEU Y 6 -53.21 3.15 10.18
C LEU Y 6 -52.97 1.91 9.31
N LEU Y 7 -53.96 1.47 8.51
CA LEU Y 7 -53.77 0.42 7.54
C LEU Y 7 -52.83 0.84 6.40
N ILE Y 8 -52.90 2.09 5.94
CA ILE Y 8 -51.94 2.61 4.96
C ILE Y 8 -50.53 2.59 5.53
N VAL Y 9 -50.37 3.04 6.77
CA VAL Y 9 -49.10 3.02 7.47
C VAL Y 9 -48.54 1.60 7.58
N ILE Y 10 -49.36 0.64 8.01
CA ILE Y 10 -48.97 -0.77 8.08
C ILE Y 10 -48.58 -1.32 6.71
N ALA Y 11 -49.34 -0.98 5.66
CA ALA Y 11 -49.05 -1.42 4.30
C ALA Y 11 -47.70 -0.89 3.80
N ILE Y 12 -47.42 0.39 4.05
CA ILE Y 12 -46.17 1.00 3.63
C ILE Y 12 -44.99 0.49 4.47
N ILE Y 13 -45.17 0.24 5.78
CA ILE Y 13 -44.15 -0.41 6.60
C ILE Y 13 -43.78 -1.78 5.99
N ALA Y 14 -44.77 -2.58 5.59
CA ALA Y 14 -44.54 -3.88 4.99
C ALA Y 14 -43.70 -3.78 3.71
N ILE Y 15 -43.95 -2.75 2.89
CA ILE Y 15 -43.17 -2.47 1.70
C ILE Y 15 -41.74 -2.08 2.05
N LEU Y 16 -41.53 -1.08 2.92
CA LEU Y 16 -40.20 -0.62 3.25
C LEU Y 16 -39.37 -1.70 3.94
N ALA Y 17 -39.99 -2.50 4.82
CA ALA Y 17 -39.33 -3.62 5.47
C ALA Y 17 -38.85 -4.69 4.48
N ALA Y 18 -39.53 -4.84 3.34
CA ALA Y 18 -39.17 -5.81 2.31
C ALA Y 18 -38.02 -5.33 1.42
N VAL Y 19 -37.92 -4.02 1.13
CA VAL Y 19 -37.03 -3.52 0.09
C VAL Y 19 -35.78 -2.82 0.62
N LEU Y 20 -35.82 -2.27 1.83
CA LEU Y 20 -34.72 -1.46 2.34
C LEU Y 20 -33.64 -2.29 3.07
N ILE Y 21 -33.76 -3.63 3.05
CA ILE Y 21 -32.80 -4.53 3.67
C ILE Y 21 -31.91 -5.15 2.59
N PRO Y 22 -30.57 -5.04 2.67
CA PRO Y 22 -29.69 -5.56 1.61
C PRO Y 22 -29.56 -7.07 1.68
N ASN Y 23 -29.07 -7.67 0.58
CA ASN Y 23 -28.66 -9.06 0.57
C ASN Y 23 -27.40 -9.19 1.42
N LEU Y 24 -27.53 -9.71 2.65
CA LEU Y 24 -26.42 -9.78 3.58
C LEU Y 24 -25.44 -10.88 3.16
N LEU Y 25 -25.95 -11.98 2.61
CA LEU Y 25 -25.11 -13.09 2.17
C LEU Y 25 -24.12 -12.66 1.07
N ALA Y 26 -24.61 -11.94 0.07
CA ALA Y 26 -23.79 -11.47 -1.05
C ALA Y 26 -22.70 -10.50 -0.59
N ALA Y 27 -23.04 -9.58 0.32
CA ALA Y 27 -22.08 -8.66 0.93
C ALA Y 27 -20.98 -9.42 1.69
N ARG Y 28 -21.36 -10.37 2.54
CA ARG Y 28 -20.40 -11.15 3.31
C ARG Y 28 -19.51 -12.01 2.42
N LYS Y 29 -20.03 -12.60 1.31
CA LYS Y 29 -19.20 -13.35 0.37
C LYS Y 29 -17.99 -12.54 -0.11
N ARG Y 30 -18.19 -11.29 -0.53
CA ARG Y 30 -17.12 -10.45 -1.05
C ARG Y 30 -16.13 -10.01 0.04
N ALA Y 31 -16.62 -9.76 1.25
CA ALA Y 31 -15.74 -9.51 2.39
C ALA Y 31 -14.92 -10.76 2.73
N ASN Y 32 -15.52 -11.94 2.73
CA ASN Y 32 -14.84 -13.20 3.00
C ASN Y 32 -13.74 -13.49 1.99
N ASP Y 33 -13.96 -13.28 0.70
CA ASP Y 33 -12.91 -13.42 -0.30
C ASP Y 33 -11.76 -12.43 -0.07
N THR Y 34 -12.04 -11.26 0.51
CA THR Y 34 -11.01 -10.29 0.85
C THR Y 34 -10.14 -10.81 2.00
N VAL Y 35 -10.74 -11.47 3.00
CA VAL Y 35 -10.00 -12.11 4.07
C VAL Y 35 -9.05 -13.18 3.52
N VAL Y 36 -9.53 -14.05 2.62
CA VAL Y 36 -8.72 -15.09 2.03
C VAL Y 36 -7.57 -14.49 1.22
N THR Y 37 -7.86 -13.49 0.39
CA THR Y 37 -6.84 -12.81 -0.40
C THR Y 37 -5.79 -12.18 0.50
N ALA Y 38 -6.20 -11.46 1.54
CA ALA Y 38 -5.30 -10.84 2.49
C ALA Y 38 -4.44 -11.87 3.23
N TYR Y 39 -5.02 -12.99 3.67
CA TYR Y 39 -4.26 -14.02 4.36
C TYR Y 39 -3.24 -14.70 3.46
N LEU Y 40 -3.58 -14.97 2.19
CA LEU Y 40 -2.61 -15.48 1.24
C LEU Y 40 -1.52 -14.46 0.92
N ASN Y 41 -1.83 -13.17 0.78
CA ASN Y 41 -0.80 -12.16 0.63
C ASN Y 41 0.16 -12.12 1.82
N ASP Y 42 -0.33 -12.32 3.05
CA ASP Y 42 0.53 -12.45 4.21
C ASP Y 42 1.36 -13.73 4.16
N ALA Y 43 0.75 -14.88 3.86
CA ALA Y 43 1.48 -16.14 3.73
C ALA Y 43 2.62 -16.03 2.70
N VAL Y 44 2.41 -15.28 1.62
CA VAL Y 44 3.43 -15.00 0.61
C VAL Y 44 4.59 -14.16 1.19
N LYS Y 45 4.32 -13.13 1.99
CA LYS Y 45 5.38 -12.37 2.65
C LYS Y 45 6.21 -13.28 3.55
N PHE Y 46 5.55 -14.16 4.31
CA PHE Y 46 6.24 -15.04 5.23
C PHE Y 46 6.97 -16.19 4.52
N GLN Y 47 6.50 -16.66 3.37
CA GLN Y 47 7.28 -17.57 2.55
C GLN Y 47 8.60 -16.91 2.11
N GLU Y 48 8.58 -15.65 1.69
CA GLU Y 48 9.81 -14.93 1.36
C GLU Y 48 10.71 -14.74 2.60
N MET Y 49 10.16 -14.45 3.78
CA MET Y 49 10.98 -14.35 4.98
C MET Y 49 11.60 -15.70 5.36
N TYR Y 50 10.86 -16.81 5.21
CA TYR Y 50 11.42 -18.12 5.47
C TYR Y 50 12.52 -18.46 4.47
N GLN Y 51 12.34 -18.04 3.21
CA GLN Y 51 13.36 -18.16 2.17
C GLN Y 51 14.62 -17.37 2.51
N ILE Y 52 14.51 -16.18 3.12
CA ILE Y 52 15.66 -15.40 3.60
C ILE Y 52 16.48 -16.20 4.61
N ASP Y 53 15.81 -16.87 5.56
CA ASP Y 53 16.48 -17.58 6.64
C ASP Y 53 16.98 -18.98 6.25
N ASN Y 54 16.29 -19.69 5.33
CA ASN Y 54 16.49 -21.12 5.13
C ASN Y 54 16.85 -21.51 3.69
N ASN Y 55 16.87 -20.56 2.74
CA ASN Y 55 17.12 -20.84 1.33
C ASN Y 55 16.17 -21.89 0.74
N SER Y 56 14.95 -21.99 1.27
CA SER Y 56 13.94 -22.92 0.80
C SER Y 56 12.57 -22.41 1.26
N TYR Y 57 11.46 -22.86 0.65
CA TYR Y 57 10.12 -22.52 1.13
C TYR Y 57 9.58 -23.55 2.13
N THR Y 58 8.63 -23.15 2.97
CA THR Y 58 8.03 -24.03 3.96
C THR Y 58 6.98 -24.95 3.33
N SER Y 59 6.75 -26.10 3.94
CA SER Y 59 5.63 -26.89 3.50
C SER Y 59 4.60 -26.85 4.60
N ASN Y 60 5.04 -26.40 5.79
CA ASN Y 60 4.20 -26.41 6.98
C ASN Y 60 3.93 -25.01 7.53
N GLN Y 61 2.65 -24.75 7.86
CA GLN Y 61 2.17 -23.45 8.29
C GLN Y 61 2.82 -22.97 9.59
N ALA Y 62 3.18 -23.89 10.49
CA ALA Y 62 3.73 -23.52 11.80
C ALA Y 62 5.06 -22.77 11.70
N ALA Y 63 5.86 -23.04 10.65
CA ALA Y 63 7.07 -22.29 10.38
C ALA Y 63 6.75 -20.84 10.01
N LEU Y 64 5.73 -20.62 9.16
CA LEU Y 64 5.28 -19.27 8.83
C LEU Y 64 4.72 -18.55 10.06
N ILE Y 65 3.96 -19.24 10.90
CA ILE Y 65 3.42 -18.67 12.13
C ILE Y 65 4.55 -18.29 13.08
N SER Y 66 5.59 -19.10 13.17
CA SER Y 66 6.73 -18.72 14.00
C SER Y 66 7.31 -17.37 13.57
N LEU Y 67 7.47 -17.19 12.26
CA LEU Y 67 8.04 -15.98 11.69
C LEU Y 67 7.13 -14.75 11.85
N GLY Y 68 5.82 -14.94 12.07
CA GLY Y 68 4.91 -13.84 12.33
C GLY Y 68 3.57 -13.87 11.60
N LEU Y 69 3.32 -14.94 10.83
CA LEU Y 69 2.00 -15.09 10.17
C LEU Y 69 0.97 -15.48 11.23
N LYS Y 70 -0.20 -14.83 11.23
CA LYS Y 70 -1.20 -15.05 12.30
C LYS Y 70 -1.97 -16.36 12.10
N SER Y 71 -2.74 -16.74 13.11
CA SER Y 71 -3.59 -17.95 13.04
C SER Y 71 -4.44 -17.91 11.76
N THR Y 72 -4.72 -19.06 11.15
CA THR Y 72 -5.64 -19.05 9.97
C THR Y 72 -6.96 -18.41 10.39
N PRO Y 73 -7.51 -17.46 9.60
CA PRO Y 73 -8.73 -16.75 10.00
C PRO Y 73 -9.94 -17.66 10.27
N ALA Y 74 -10.88 -17.21 11.10
CA ALA Y 74 -12.09 -18.00 11.35
C ALA Y 74 -12.77 -18.37 10.04
N ASN Y 75 -13.16 -19.65 9.91
CA ASN Y 75 -13.80 -20.24 8.74
C ASN Y 75 -12.93 -20.28 7.48
N VAL Y 76 -11.67 -19.84 7.53
CA VAL Y 76 -10.73 -20.03 6.42
C VAL Y 76 -9.96 -21.33 6.64
N THR Y 77 -10.03 -22.22 5.65
CA THR Y 77 -9.13 -23.36 5.58
C THR Y 77 -8.00 -23.04 4.61
N PHE Y 78 -6.76 -23.13 5.11
CA PHE Y 78 -5.55 -22.84 4.37
C PHE Y 78 -4.67 -24.08 4.36
N SER Y 79 -4.06 -24.38 3.21
CA SER Y 79 -3.09 -25.46 3.10
C SER Y 79 -1.90 -25.04 2.22
N ILE Y 80 -0.71 -25.51 2.59
CA ILE Y 80 0.42 -25.46 1.70
C ILE Y 80 0.45 -26.81 1.01
N VAL Y 81 0.10 -26.82 -0.28
CA VAL Y 81 -0.08 -28.03 -1.06
C VAL Y 81 1.28 -28.69 -1.32
N SER Y 82 2.28 -27.87 -1.69
CA SER Y 82 3.62 -28.34 -1.93
C SER Y 82 4.61 -27.19 -1.74
N ALA Y 83 5.87 -27.53 -1.50
CA ALA Y 83 6.96 -26.55 -1.46
C ALA Y 83 8.29 -27.24 -1.74
N SER Y 84 9.25 -26.43 -2.19
CA SER Y 84 10.59 -26.89 -2.54
C SER Y 84 11.58 -25.76 -2.27
N ALA Y 85 12.84 -25.97 -2.66
CA ALA Y 85 13.84 -24.91 -2.56
C ALA Y 85 13.48 -23.68 -3.40
N ASN Y 86 12.61 -23.84 -4.42
CA ASN Y 86 12.46 -22.86 -5.48
C ASN Y 86 11.02 -22.43 -5.74
N SER Y 87 10.02 -23.16 -5.22
CA SER Y 87 8.62 -22.85 -5.47
C SER Y 87 7.72 -23.30 -4.31
N TYR Y 88 6.49 -22.79 -4.28
CA TYR Y 88 5.44 -23.28 -3.39
C TYR Y 88 4.11 -23.21 -4.12
N CYS Y 89 3.15 -23.99 -3.63
CA CYS Y 89 1.75 -23.80 -3.96
C CYS Y 89 0.96 -23.76 -2.65
N MET Y 90 0.16 -22.70 -2.45
CA MET Y 90 -0.72 -22.60 -1.30
C MET Y 90 -2.15 -22.41 -1.78
N ILE Y 91 -3.11 -22.98 -1.06
CA ILE Y 91 -4.53 -22.89 -1.38
C ILE Y 91 -5.27 -22.39 -0.14
N ALA Y 92 -6.23 -21.49 -0.30
CA ALA Y 92 -7.06 -21.08 0.82
C ALA Y 92 -8.47 -20.72 0.35
N GLY Y 93 -9.44 -20.86 1.25
CA GLY Y 93 -10.82 -20.55 0.94
C GLY Y 93 -11.61 -20.39 2.23
N HIS Y 94 -12.67 -19.57 2.17
CA HIS Y 94 -13.56 -19.35 3.29
C HIS Y 94 -14.84 -20.13 3.03
N SER Y 95 -15.37 -20.87 4.01
CA SER Y 95 -16.55 -21.71 3.78
C SER Y 95 -17.75 -20.94 3.24
N GLY Y 96 -17.80 -19.62 3.47
CA GLY Y 96 -18.79 -18.70 2.93
C GLY Y 96 -18.21 -17.63 2.00
N GLY Y 97 -17.11 -17.93 1.31
CA GLY Y 97 -16.59 -17.12 0.21
C GLY Y 97 -17.24 -17.52 -1.12
N THR Y 98 -16.60 -17.17 -2.25
CA THR Y 98 -17.08 -17.61 -3.55
C THR Y 98 -16.32 -18.82 -4.05
N VAL Y 99 -14.98 -18.70 -4.16
CA VAL Y 99 -14.12 -19.72 -4.76
C VAL Y 99 -12.84 -19.92 -3.94
N TRP Y 100 -12.17 -21.05 -4.15
CA TRP Y 100 -10.82 -21.26 -3.63
C TRP Y 100 -9.83 -20.31 -4.33
N PHE Y 101 -8.88 -19.80 -3.55
CA PHE Y 101 -7.77 -19.00 -4.05
C PHE Y 101 -6.50 -19.82 -3.98
N ALA Y 102 -5.59 -19.56 -4.93
CA ALA Y 102 -4.29 -20.19 -4.98
C ALA Y 102 -3.19 -19.13 -4.92
N ALA Y 103 -2.03 -19.50 -4.41
CA ALA Y 103 -0.85 -18.64 -4.44
C ALA Y 103 0.38 -19.44 -4.86
N THR Y 104 1.15 -18.89 -5.80
CA THR Y 104 2.44 -19.43 -6.24
C THR Y 104 3.39 -18.27 -6.46
N PRO Y 105 4.72 -18.44 -6.44
CA PRO Y 105 5.62 -17.31 -6.55
C PRO Y 105 5.65 -16.68 -7.95
N ASP Y 106 5.17 -17.37 -8.98
CA ASP Y 106 5.08 -16.83 -10.33
C ASP Y 106 3.74 -16.12 -10.59
N LYS Y 107 2.61 -16.78 -10.30
CA LYS Y 107 1.29 -16.23 -10.60
C LYS Y 107 0.77 -15.26 -9.54
N GLY Y 108 1.45 -15.17 -8.38
CA GLY Y 108 0.97 -14.36 -7.26
C GLY Y 108 -0.24 -15.02 -6.60
N VAL Y 109 -1.11 -14.24 -5.95
CA VAL Y 109 -2.36 -14.74 -5.38
C VAL Y 109 -3.47 -14.52 -6.40
N TYR Y 110 -4.22 -15.58 -6.73
CA TYR Y 110 -5.25 -15.53 -7.75
C TYR Y 110 -6.40 -16.46 -7.43
N LYS Y 111 -7.59 -16.15 -7.96
CA LYS Y 111 -8.76 -16.96 -7.69
C LYS Y 111 -8.86 -18.10 -8.70
N THR Y 112 -9.25 -19.29 -8.23
CA THR Y 112 -9.45 -20.47 -9.06
C THR Y 112 -10.91 -20.55 -9.54
N ASN Y 113 -11.21 -21.55 -10.39
CA ASN Y 113 -12.57 -21.77 -10.85
C ASN Y 113 -13.42 -22.58 -9.85
N THR Y 114 -12.79 -23.17 -8.82
CA THR Y 114 -13.44 -24.13 -7.93
C THR Y 114 -14.21 -23.41 -6.82
N ALA Y 115 -15.53 -23.64 -6.72
CA ALA Y 115 -16.36 -23.07 -5.65
C ALA Y 115 -15.97 -23.62 -4.27
N VAL Y 116 -16.11 -22.83 -3.20
CA VAL Y 116 -15.70 -23.22 -1.85
C VAL Y 116 -16.51 -24.39 -1.29
N THR Y 117 -17.66 -24.68 -1.90
CA THR Y 117 -18.52 -25.81 -1.53
C THR Y 117 -17.98 -27.15 -2.06
N SER Y 118 -17.17 -27.10 -3.13
CA SER Y 118 -16.42 -28.24 -3.63
C SER Y 118 -15.15 -28.45 -2.81
N SER Y 119 -14.60 -29.68 -2.84
CA SER Y 119 -13.33 -29.98 -2.18
C SER Y 119 -12.18 -29.15 -2.78
N GLN Y 120 -11.19 -28.77 -1.95
CA GLN Y 120 -10.15 -27.84 -2.36
C GLN Y 120 -9.29 -28.40 -3.49
N PRO Y 121 -8.78 -27.54 -4.40
CA PRO Y 121 -7.83 -27.98 -5.42
C PRO Y 121 -6.63 -28.70 -4.83
N GLU Y 122 -6.20 -29.76 -5.53
CA GLU Y 122 -5.01 -30.53 -5.15
C GLU Y 122 -3.70 -29.90 -5.65
N SER Y 123 -3.80 -28.85 -6.49
CA SER Y 123 -2.67 -28.17 -7.12
C SER Y 123 -3.10 -26.80 -7.64
N CYS Y 124 -2.12 -25.94 -7.95
CA CYS Y 124 -2.32 -24.63 -8.54
C CYS Y 124 -2.82 -24.72 -9.99
N PRO Y 125 -4.02 -24.17 -10.32
CA PRO Y 125 -4.44 -24.02 -11.71
C PRO Y 125 -3.56 -23.07 -12.55
N PHE Z 1 -67.00 7.50 12.15
CA PHE Z 1 -65.88 7.24 13.11
C PHE Z 1 -66.41 7.26 14.55
N THR Z 2 -66.07 6.23 15.34
CA THR Z 2 -66.71 5.96 16.63
C THR Z 2 -65.69 5.49 17.68
N LEU Z 3 -66.11 5.37 18.93
CA LEU Z 3 -65.16 5.15 20.02
C LEU Z 3 -64.46 3.80 19.92
N ILE Z 4 -65.14 2.78 19.39
CA ILE Z 4 -64.53 1.47 19.17
C ILE Z 4 -63.45 1.50 18.09
N GLU Z 5 -63.63 2.24 16.99
CA GLU Z 5 -62.57 2.38 16.01
C GLU Z 5 -61.37 3.12 16.60
N LEU Z 6 -61.65 4.14 17.40
CA LEU Z 6 -60.61 4.93 18.04
C LEU Z 6 -59.84 4.13 19.09
N LEU Z 7 -60.50 3.24 19.84
CA LEU Z 7 -59.82 2.32 20.75
C LEU Z 7 -58.96 1.30 20.00
N ILE Z 8 -59.40 0.80 18.85
CA ILE Z 8 -58.59 -0.07 18.00
C ILE Z 8 -57.34 0.67 17.52
N VAL Z 9 -57.51 1.91 17.07
CA VAL Z 9 -56.41 2.76 16.63
C VAL Z 9 -55.40 2.98 17.76
N ILE Z 10 -55.87 3.34 18.96
CA ILE Z 10 -55.03 3.50 20.14
C ILE Z 10 -54.30 2.20 20.49
N ALA Z 11 -54.98 1.05 20.43
CA ALA Z 11 -54.39 -0.24 20.71
C ALA Z 11 -53.26 -0.59 19.73
N ILE Z 12 -53.49 -0.34 18.44
CA ILE Z 12 -52.50 -0.62 17.40
C ILE Z 12 -51.33 0.38 17.48
N ILE Z 13 -51.58 1.66 17.80
CA ILE Z 13 -50.49 2.62 18.06
C ILE Z 13 -49.60 2.11 19.19
N ALA Z 14 -50.17 1.61 20.28
CA ALA Z 14 -49.42 1.08 21.40
C ALA Z 14 -48.52 -0.09 20.99
N ILE Z 15 -49.01 -0.96 20.10
CA ILE Z 15 -48.24 -2.06 19.54
C ILE Z 15 -47.09 -1.53 18.66
N LEU Z 16 -47.38 -0.68 17.67
CA LEU Z 16 -46.34 -0.21 16.76
C LEU Z 16 -45.28 0.62 17.50
N ALA Z 17 -45.68 1.43 18.48
CA ALA Z 17 -44.75 2.20 19.30
C ALA Z 17 -43.80 1.31 20.10
N ALA Z 18 -44.24 0.10 20.47
CA ALA Z 18 -43.42 -0.84 21.23
C ALA Z 18 -42.41 -1.60 20.35
N VAL Z 19 -42.76 -1.92 19.10
CA VAL Z 19 -41.97 -2.86 18.29
C VAL Z 19 -41.14 -2.19 17.20
N LEU Z 20 -41.53 -1.00 16.72
CA LEU Z 20 -40.86 -0.39 15.57
C LEU Z 20 -39.66 0.49 15.99
N ILE Z 21 -39.28 0.49 17.27
CA ILE Z 21 -38.16 1.26 17.78
C ILE Z 21 -36.98 0.31 18.03
N PRO Z 22 -35.78 0.56 17.43
CA PRO Z 22 -34.65 -0.37 17.58
C PRO Z 22 -34.00 -0.24 18.96
N ASN Z 23 -33.20 -1.25 19.31
CA ASN Z 23 -32.32 -1.17 20.47
C ASN Z 23 -31.20 -0.18 20.15
N LEU Z 24 -31.31 1.05 20.70
CA LEU Z 24 -30.36 2.11 20.39
C LEU Z 24 -29.02 1.85 21.06
N LEU Z 25 -29.02 1.28 22.26
CA LEU Z 25 -27.79 0.98 22.99
C LEU Z 25 -26.89 0.01 22.22
N ALA Z 26 -27.46 -1.07 21.69
CA ALA Z 26 -26.75 -2.09 20.94
C ALA Z 26 -26.13 -1.53 19.66
N ALA Z 27 -26.89 -0.70 18.94
CA ALA Z 27 -26.41 -0.01 17.75
C ALA Z 27 -25.23 0.91 18.08
N ARG Z 28 -25.34 1.74 19.11
CA ARG Z 28 -24.27 2.64 19.50
C ARG Z 28 -23.03 1.89 19.98
N LYS Z 29 -23.16 0.75 20.69
CA LYS Z 29 -22.01 -0.06 21.07
C LYS Z 29 -21.11 -0.40 19.89
N ARG Z 30 -21.70 -0.89 18.78
CA ARG Z 30 -20.93 -1.29 17.60
C ARG Z 30 -20.32 -0.10 16.87
N ALA Z 31 -21.00 1.03 16.81
CA ALA Z 31 -20.44 2.25 16.29
C ALA Z 31 -19.26 2.73 17.16
N ASN Z 32 -19.40 2.70 18.48
CA ASN Z 32 -18.36 3.09 19.43
C ASN Z 32 -17.09 2.24 19.28
N ASP Z 33 -17.22 0.92 19.14
CA ASP Z 33 -16.08 0.07 18.88
C ASP Z 33 -15.38 0.40 17.55
N THR Z 34 -16.14 0.91 16.57
CA THR Z 34 -15.58 1.36 15.30
C THR Z 34 -14.74 2.61 15.50
N VAL Z 35 -15.18 3.55 16.34
CA VAL Z 35 -14.40 4.73 16.70
C VAL Z 35 -13.08 4.33 17.34
N VAL Z 36 -13.10 3.40 18.30
CA VAL Z 36 -11.90 2.94 18.98
C VAL Z 36 -10.94 2.27 17.99
N THR Z 37 -11.45 1.38 17.15
CA THR Z 37 -10.66 0.71 16.14
C THR Z 37 -10.03 1.72 15.18
N ALA Z 38 -10.80 2.68 14.69
CA ALA Z 38 -10.30 3.71 13.80
C ALA Z 38 -9.23 4.58 14.46
N TYR Z 39 -9.42 4.97 15.72
CA TYR Z 39 -8.45 5.79 16.43
C TYR Z 39 -7.14 5.03 16.67
N LEU Z 40 -7.20 3.75 17.03
CA LEU Z 40 -6.00 2.94 17.14
C LEU Z 40 -5.31 2.73 15.79
N ASN Z 41 -6.05 2.52 14.70
CA ASN Z 41 -5.43 2.46 13.38
C ASN Z 41 -4.71 3.77 13.02
N ASP Z 42 -5.25 4.93 13.41
CA ASP Z 42 -4.55 6.19 13.24
C ASP Z 42 -3.32 6.29 14.14
N ALA Z 43 -3.44 5.94 15.43
CA ALA Z 43 -2.30 5.94 16.34
C ALA Z 43 -1.16 5.06 15.80
N VAL Z 44 -1.47 3.93 15.16
CA VAL Z 44 -0.50 3.07 14.51
C VAL Z 44 0.20 3.75 13.34
N LYS Z 45 -0.52 4.48 12.47
CA LYS Z 45 0.10 5.26 11.40
C LYS Z 45 1.08 6.28 11.96
N PHE Z 46 0.68 6.97 13.04
CA PHE Z 46 1.52 7.99 13.64
C PHE Z 46 2.70 7.42 14.42
N GLN Z 47 2.57 6.23 15.01
CA GLN Z 47 3.73 5.53 15.57
C GLN Z 47 4.77 5.24 14.48
N GLU Z 48 4.36 4.80 13.29
CA GLU Z 48 5.28 4.60 12.18
C GLU Z 48 5.89 5.93 11.70
N MET Z 49 5.13 7.02 11.65
CA MET Z 49 5.70 8.31 11.29
C MET Z 49 6.70 8.81 12.33
N TYR Z 50 6.43 8.60 13.62
CA TYR Z 50 7.38 8.95 14.66
C TYR Z 50 8.64 8.12 14.56
N GLN Z 51 8.51 6.84 14.21
CA GLN Z 51 9.61 5.93 13.94
C GLN Z 51 10.46 6.40 12.75
N ILE Z 52 9.85 6.97 11.69
CA ILE Z 52 10.58 7.57 10.57
C ILE Z 52 11.49 8.69 11.04
N ASP Z 53 10.99 9.57 11.92
CA ASP Z 53 11.73 10.74 12.36
C ASP Z 53 12.74 10.45 13.48
N ASN Z 54 12.48 9.49 14.37
CA ASN Z 54 13.19 9.35 15.63
C ASN Z 54 13.86 7.98 15.84
N ASN Z 55 13.65 7.02 14.93
CA ASN Z 55 14.17 5.66 15.07
C ASN Z 55 13.74 4.97 16.39
N SER Z 56 12.57 5.35 16.93
CA SER Z 56 12.02 4.79 18.16
C SER Z 56 10.52 5.05 18.17
N TYR Z 57 9.73 4.32 18.98
CA TYR Z 57 8.32 4.62 19.15
C TYR Z 57 8.06 5.57 20.32
N THR Z 58 6.92 6.27 20.30
CA THR Z 58 6.57 7.22 21.36
C THR Z 58 6.00 6.49 22.58
N SER Z 59 6.12 7.10 23.74
CA SER Z 59 5.41 6.54 24.88
C SER Z 59 4.30 7.51 25.23
N ASN Z 60 4.40 8.73 24.68
CA ASN Z 60 3.48 9.80 25.01
C ASN Z 60 2.65 10.27 23.81
N GLN Z 61 1.34 10.43 24.02
CA GLN Z 61 0.38 10.75 22.99
C GLN Z 61 0.64 12.12 22.34
N ALA Z 62 1.20 13.09 23.08
CA ALA Z 62 1.40 14.43 22.57
C ALA Z 62 2.38 14.48 21.39
N ALA Z 63 3.34 13.55 21.33
CA ALA Z 63 4.24 13.41 20.19
C ALA Z 63 3.46 12.96 18.94
N LEU Z 64 2.55 11.99 19.09
CA LEU Z 64 1.70 11.56 17.99
C LEU Z 64 0.76 12.69 17.54
N ILE Z 65 0.19 13.44 18.47
CA ILE Z 65 -0.67 14.58 18.16
C ILE Z 65 0.12 15.66 17.40
N SER Z 66 1.37 15.90 17.79
CA SER Z 66 2.17 16.86 17.05
C SER Z 66 2.28 16.46 15.58
N LEU Z 67 2.54 15.18 15.32
CA LEU Z 67 2.70 14.65 13.98
C LEU Z 67 1.41 14.66 13.16
N GLY Z 68 0.23 14.72 13.82
CA GLY Z 68 -1.03 14.83 13.11
C GLY Z 68 -2.18 13.94 13.61
N LEU Z 69 -1.93 13.18 14.68
CA LEU Z 69 -3.01 12.36 15.29
C LEU Z 69 -3.96 13.29 16.04
N LYS Z 70 -5.26 13.13 15.84
CA LYS Z 70 -6.25 14.06 16.44
C LYS Z 70 -6.46 13.83 17.92
N SER Z 71 -7.19 14.73 18.58
CA SER Z 71 -7.53 14.59 20.01
C SER Z 71 -8.16 13.22 20.25
N THR Z 72 -7.94 12.60 21.41
CA THR Z 72 -8.63 11.32 21.71
C THR Z 72 -10.13 11.55 21.60
N PRO Z 73 -10.89 10.68 20.90
CA PRO Z 73 -12.32 10.90 20.67
C PRO Z 73 -13.15 11.04 21.96
N ALA Z 74 -14.29 11.74 21.89
CA ALA Z 74 -15.15 11.86 23.07
C ALA Z 74 -15.48 10.48 23.64
N ASN Z 75 -15.37 10.34 24.97
CA ASN Z 75 -15.61 9.12 25.73
C ASN Z 75 -14.62 7.98 25.43
N VAL Z 76 -13.63 8.17 24.57
CA VAL Z 76 -12.55 7.19 24.40
C VAL Z 76 -11.39 7.54 25.32
N THR Z 77 -11.01 6.58 26.17
CA THR Z 77 -9.76 6.65 26.91
C THR Z 77 -8.70 5.83 26.19
N PHE Z 78 -7.60 6.49 25.84
CA PHE Z 78 -6.49 5.89 25.11
C PHE Z 78 -5.23 6.03 25.97
N SER Z 79 -4.41 4.97 25.99
CA SER Z 79 -3.11 5.02 26.66
C SER Z 79 -2.06 4.28 25.83
N ILE Z 80 -0.84 4.81 25.85
CA ILE Z 80 0.31 4.06 25.38
C ILE Z 80 0.92 3.41 26.61
N VAL Z 81 0.76 2.11 26.73
CA VAL Z 81 1.12 1.34 27.91
C VAL Z 81 2.65 1.26 28.03
N SER Z 82 3.32 1.01 26.90
CA SER Z 82 4.77 0.95 26.85
C SER Z 82 5.25 1.22 25.43
N ALA Z 83 6.50 1.64 25.30
CA ALA Z 83 7.15 1.79 24.00
C ALA Z 83 8.67 1.68 24.16
N SER Z 84 9.33 1.33 23.05
CA SER Z 84 10.77 1.17 23.00
C SER Z 84 11.25 1.53 21.59
N ALA Z 85 12.54 1.32 21.33
CA ALA Z 85 13.07 1.50 19.99
C ALA Z 85 12.41 0.59 18.95
N ASN Z 86 11.78 -0.52 19.38
CA ASN Z 86 11.43 -1.63 18.51
C ASN Z 86 9.98 -2.07 18.62
N SER Z 87 9.25 -1.66 19.67
CA SER Z 87 7.88 -2.09 19.88
C SER Z 87 7.07 -1.04 20.63
N TYR Z 88 5.73 -1.17 20.60
CA TYR Z 88 4.83 -0.42 21.44
C TYR Z 88 3.66 -1.32 21.85
N CYS Z 89 3.00 -0.93 22.94
CA CYS Z 89 1.67 -1.44 23.25
C CYS Z 89 0.77 -0.24 23.52
N MET Z 90 -0.38 -0.17 22.82
CA MET Z 90 -1.39 0.87 23.06
C MET Z 90 -2.71 0.20 23.40
N ILE Z 91 -3.49 0.82 24.28
CA ILE Z 91 -4.80 0.31 24.71
C ILE Z 91 -5.81 1.44 24.52
N ALA Z 92 -7.01 1.14 24.03
CA ALA Z 92 -8.07 2.12 23.95
C ALA Z 92 -9.43 1.48 24.12
N GLY Z 93 -10.40 2.26 24.60
CA GLY Z 93 -11.75 1.77 24.82
C GLY Z 93 -12.70 2.93 24.97
N HIS Z 94 -13.96 2.72 24.58
CA HIS Z 94 -15.02 3.71 24.71
C HIS Z 94 -15.88 3.31 25.90
N SER Z 95 -16.23 4.25 26.80
CA SER Z 95 -16.99 3.90 28.00
C SER Z 95 -18.32 3.18 27.70
N GLY Z 96 -18.86 3.38 26.49
CA GLY Z 96 -20.03 2.69 25.98
C GLY Z 96 -19.76 1.80 24.75
N GLY Z 97 -18.54 1.27 24.63
CA GLY Z 97 -18.22 0.22 23.67
C GLY Z 97 -18.51 -1.17 24.24
N THR Z 98 -17.90 -2.22 23.66
CA THR Z 98 -18.03 -3.56 24.22
C THR Z 98 -16.82 -3.93 25.08
N VAL Z 99 -15.61 -3.87 24.49
CA VAL Z 99 -14.36 -4.33 25.12
C VAL Z 99 -13.22 -3.35 24.86
N TRP Z 100 -12.16 -3.44 25.66
CA TRP Z 100 -10.91 -2.75 25.38
C TRP Z 100 -10.24 -3.34 24.15
N PHE Z 101 -9.64 -2.47 23.33
CA PHE Z 101 -8.84 -2.85 22.17
C PHE Z 101 -7.38 -2.59 22.48
N ALA Z 102 -6.52 -3.43 21.91
CA ALA Z 102 -5.07 -3.30 22.03
C ALA Z 102 -4.45 -3.14 20.65
N ALA Z 103 -3.31 -2.47 20.58
CA ALA Z 103 -2.53 -2.38 19.36
C ALA Z 103 -1.05 -2.62 19.66
N THR Z 104 -0.40 -3.47 18.85
CA THR Z 104 1.03 -3.73 18.90
C THR Z 104 1.52 -3.86 17.46
N PRO Z 105 2.81 -3.67 17.14
CA PRO Z 105 3.26 -3.70 15.76
C PRO Z 105 3.24 -5.11 15.13
N ASP Z 106 3.18 -6.18 15.94
CA ASP Z 106 3.06 -7.54 15.44
C ASP Z 106 1.60 -7.98 15.25
N LYS Z 107 0.76 -7.81 16.28
CA LYS Z 107 -0.62 -8.30 16.23
C LYS Z 107 -1.57 -7.33 15.53
N GLY Z 108 -1.13 -6.10 15.22
CA GLY Z 108 -2.00 -5.08 14.67
C GLY Z 108 -2.97 -4.54 15.72
N VAL Z 109 -4.14 -4.03 15.31
CA VAL Z 109 -5.19 -3.61 16.24
C VAL Z 109 -6.16 -4.78 16.42
N TYR Z 110 -6.44 -5.16 17.67
CA TYR Z 110 -7.28 -6.31 17.97
C TYR Z 110 -8.05 -6.11 19.26
N LYS Z 111 -9.20 -6.78 19.39
CA LYS Z 111 -10.03 -6.65 20.57
C LYS Z 111 -9.59 -7.63 21.65
N THR Z 112 -9.58 -7.16 22.90
CA THR Z 112 -9.24 -7.98 24.06
C THR Z 112 -10.48 -8.65 24.65
N ASN Z 113 -10.31 -9.49 25.67
CA ASN Z 113 -11.43 -10.11 26.38
C ASN Z 113 -12.05 -9.20 27.45
N THR Z 114 -11.39 -8.09 27.79
CA THR Z 114 -11.77 -7.26 28.93
C THR Z 114 -12.87 -6.28 28.56
N ALA Z 115 -14.03 -6.33 29.24
CA ALA Z 115 -15.13 -5.39 29.03
C ALA Z 115 -14.74 -3.96 29.43
N VAL Z 116 -15.30 -2.95 28.75
CA VAL Z 116 -14.95 -1.55 29.00
C VAL Z 116 -15.36 -1.05 30.39
N THR Z 117 -16.24 -1.79 31.07
CA THR Z 117 -16.68 -1.50 32.43
C THR Z 117 -15.63 -1.91 33.47
N SER Z 118 -14.76 -2.88 33.14
CA SER Z 118 -13.59 -3.25 33.92
C SER Z 118 -12.44 -2.27 33.67
N SER Z 119 -11.50 -2.19 34.61
CA SER Z 119 -10.30 -1.37 34.46
C SER Z 119 -9.45 -1.86 33.26
N GLN Z 120 -8.79 -0.91 32.57
CA GLN Z 120 -8.10 -1.21 31.31
C GLN Z 120 -6.96 -2.21 31.50
N PRO Z 121 -6.68 -3.09 30.51
CA PRO Z 121 -5.51 -3.96 30.56
C PRO Z 121 -4.22 -3.20 30.82
N GLU Z 122 -3.35 -3.81 31.63
CA GLU Z 122 -2.02 -3.27 31.94
C GLU Z 122 -0.97 -3.62 30.87
N SER Z 123 -1.34 -4.48 29.91
CA SER Z 123 -0.46 -4.99 28.87
C SER Z 123 -1.27 -5.60 27.72
N CYS Z 124 -0.63 -5.81 26.57
CA CYS Z 124 -1.21 -6.46 25.39
C CYS Z 124 -1.47 -7.96 25.64
N PRO Z 125 -2.72 -8.46 25.55
CA PRO Z 125 -3.00 -9.89 25.54
C PRO Z 125 -2.41 -10.63 24.32
N PHE AA 1 -75.18 5.07 18.95
CA PHE AA 1 -74.17 6.17 18.82
C PHE AA 1 -74.85 7.52 19.01
N THR AA 2 -74.27 8.38 19.87
CA THR AA 2 -74.93 9.59 20.37
C THR AA 2 -73.95 10.76 20.47
N LEU AA 3 -74.46 11.97 20.75
CA LEU AA 3 -73.65 13.17 20.65
C LEU AA 3 -72.49 13.19 21.65
N ILE AA 4 -72.69 12.61 22.84
CA ILE AA 4 -71.63 12.51 23.83
C ILE AA 4 -70.50 11.57 23.40
N GLU AA 5 -70.79 10.43 22.75
CA GLU AA 5 -69.74 9.59 22.22
C GLU AA 5 -68.97 10.31 21.11
N LEU AA 6 -69.69 11.04 20.28
CA LEU AA 6 -69.10 11.77 19.18
C LEU AA 6 -68.23 12.95 19.66
N LEU AA 7 -68.62 13.63 20.74
CA LEU AA 7 -67.78 14.63 21.38
C LEU AA 7 -66.52 14.03 22.01
N ILE AA 8 -66.61 12.85 22.62
CA ILE AA 8 -65.43 12.13 23.11
C ILE AA 8 -64.48 11.79 21.97
N VAL AA 9 -65.03 11.29 20.86
CA VAL AA 9 -64.26 10.97 19.67
C VAL AA 9 -63.55 12.21 19.13
N ILE AA 10 -64.27 13.34 18.99
CA ILE AA 10 -63.68 14.60 18.56
C ILE AA 10 -62.59 15.07 19.51
N ALA AA 11 -62.81 14.96 20.82
CA ALA AA 11 -61.83 15.36 21.83
C ALA AA 11 -60.54 14.53 21.73
N ILE AA 12 -60.67 13.21 21.55
CA ILE AA 12 -59.53 12.32 21.44
C ILE AA 12 -58.82 12.51 20.09
N ILE AA 13 -59.54 12.76 18.99
CA ILE AA 13 -58.92 13.14 17.72
C ILE AA 13 -58.04 14.38 17.89
N ALA AA 14 -58.54 15.40 18.58
CA ALA AA 14 -57.79 16.63 18.82
C ALA AA 14 -56.49 16.36 19.59
N ILE AA 15 -56.52 15.44 20.56
CA ILE AA 15 -55.34 15.00 21.29
C ILE AA 15 -54.35 14.27 20.38
N LEU AA 16 -54.80 13.23 19.67
CA LEU AA 16 -53.91 12.44 18.84
C LEU AA 16 -53.30 13.28 17.70
N ALA AA 17 -54.09 14.18 17.10
CA ALA AA 17 -53.61 15.09 16.07
C ALA AA 17 -52.52 16.04 16.58
N ALA AA 18 -52.53 16.37 17.87
CA ALA AA 18 -51.53 17.25 18.47
C ALA AA 18 -50.22 16.54 18.80
N VAL AA 19 -50.26 15.25 19.20
CA VAL AA 19 -49.11 14.57 19.78
C VAL AA 19 -48.43 13.57 18.83
N LEU AA 20 -49.15 13.02 17.86
CA LEU AA 20 -48.61 11.96 17.02
C LEU AA 20 -47.86 12.49 15.78
N ILE AA 21 -47.68 13.81 15.67
CA ILE AA 21 -46.98 14.43 14.56
C ILE AA 21 -45.58 14.86 15.02
N PRO AA 22 -44.48 14.41 14.36
CA PRO AA 22 -43.13 14.73 14.81
C PRO AA 22 -42.74 16.16 14.49
N ASN AA 23 -41.68 16.65 15.16
CA ASN AA 23 -41.04 17.90 14.79
C ASN AA 23 -40.33 17.69 13.45
N LEU AA 24 -40.93 18.20 12.36
CA LEU AA 24 -40.40 17.98 11.02
C LEU AA 24 -39.14 18.81 10.80
N LEU AA 25 -39.10 20.03 11.35
CA LEU AA 25 -37.94 20.90 11.21
C LEU AA 25 -36.67 20.28 11.77
N ALA AA 26 -36.74 19.71 12.99
CA ALA AA 26 -35.62 19.10 13.67
C ALA AA 26 -35.09 17.88 12.89
N ALA AA 27 -36.00 17.04 12.37
CA ALA AA 27 -35.66 15.91 11.53
C ALA AA 27 -34.92 16.35 10.26
N ARG AA 28 -35.46 17.35 9.54
CA ARG AA 28 -34.84 17.85 8.33
C ARG AA 28 -33.48 18.49 8.60
N LYS AA 29 -33.29 19.21 9.71
CA LYS AA 29 -31.98 19.76 10.07
C LYS AA 29 -30.87 18.70 10.05
N ARG AA 30 -31.10 17.55 10.68
CA ARG AA 30 -30.11 16.48 10.77
C ARG AA 30 -29.86 15.80 9.42
N ALA AA 31 -30.90 15.63 8.61
CA ALA AA 31 -30.75 15.16 7.25
C ALA AA 31 -29.95 16.14 6.40
N ASN AA 32 -30.23 17.44 6.51
CA ASN AA 32 -29.52 18.50 5.79
C ASN AA 32 -28.03 18.54 6.13
N ASP AA 33 -27.66 18.41 7.41
CA ASP AA 33 -26.26 18.32 7.79
C ASP AA 33 -25.57 17.08 7.20
N THR AA 34 -26.32 16.00 6.97
CA THR AA 34 -25.81 14.80 6.34
C THR AA 34 -25.50 15.06 4.87
N VAL AA 35 -26.35 15.83 4.16
CA VAL AA 35 -26.10 16.24 2.79
C VAL AA 35 -24.81 17.05 2.70
N VAL AA 36 -24.62 18.03 3.59
CA VAL AA 36 -23.43 18.86 3.60
C VAL AA 36 -22.18 18.02 3.87
N THR AA 37 -22.24 17.15 4.87
CA THR AA 37 -21.13 16.26 5.20
C THR AA 37 -20.78 15.37 4.00
N ALA AA 38 -21.78 14.74 3.38
CA ALA AA 38 -21.57 13.90 2.22
C ALA AA 38 -20.98 14.67 1.04
N TYR AA 39 -21.46 15.89 0.77
CA TYR AA 39 -20.93 16.69 -0.33
C TYR AA 39 -19.48 17.12 -0.10
N LEU AA 40 -19.13 17.49 1.14
CA LEU AA 40 -17.74 17.78 1.47
C LEU AA 40 -16.85 16.53 1.39
N ASN AA 41 -17.32 15.36 1.83
CA ASN AA 41 -16.56 14.13 1.63
C ASN AA 41 -16.32 13.83 0.14
N ASP AA 42 -17.28 14.12 -0.73
CA ASP AA 42 -17.07 14.01 -2.17
C ASP AA 42 -16.08 15.05 -2.67
N ALA AA 43 -16.23 16.32 -2.29
CA ALA AA 43 -15.29 17.37 -2.68
C ALA AA 43 -13.85 17.00 -2.28
N VAL AA 44 -13.67 16.36 -1.13
CA VAL AA 44 -12.37 15.86 -0.67
C VAL AA 44 -11.81 14.76 -1.58
N LYS AA 45 -12.63 13.79 -2.03
CA LYS AA 45 -12.20 12.78 -2.99
C LYS AA 45 -11.73 13.44 -4.29
N PHE AA 46 -12.48 14.43 -4.77
CA PHE AA 46 -12.15 15.11 -6.01
C PHE AA 46 -10.95 16.05 -5.88
N GLN AA 47 -10.71 16.65 -4.71
CA GLN AA 47 -9.46 17.37 -4.47
C GLN AA 47 -8.26 16.42 -4.60
N GLU AA 48 -8.33 15.21 -4.05
CA GLU AA 48 -7.27 14.22 -4.23
C GLU AA 48 -7.13 13.79 -5.69
N MET AA 49 -8.22 13.61 -6.44
CA MET AA 49 -8.10 13.30 -7.85
C MET AA 49 -7.48 14.44 -8.66
N TYR AA 50 -7.82 15.69 -8.34
CA TYR AA 50 -7.20 16.82 -9.00
C TYR AA 50 -5.71 16.91 -8.66
N GLN AA 51 -5.35 16.58 -7.43
CA GLN AA 51 -3.96 16.47 -6.98
C GLN AA 51 -3.21 15.39 -7.75
N ILE AA 52 -3.83 14.25 -8.08
CA ILE AA 52 -3.22 13.21 -8.92
C ILE AA 52 -2.85 13.76 -10.29
N ASP AA 53 -3.73 14.54 -10.91
CA ASP AA 53 -3.52 15.04 -12.26
C ASP AA 53 -2.62 16.30 -12.34
N ASN AA 54 -2.64 17.17 -11.32
CA ASN AA 54 -2.08 18.51 -11.43
C ASN AA 54 -1.01 18.83 -10.38
N ASN AA 55 -0.75 17.93 -9.42
CA ASN AA 55 0.20 18.18 -8.33
C ASN AA 55 -0.11 19.44 -7.52
N SER AA 56 -1.39 19.83 -7.45
CA SER AA 56 -1.86 21.00 -6.70
C SER AA 56 -3.35 20.81 -6.40
N TYR AA 57 -3.92 21.53 -5.43
CA TYR AA 57 -5.36 21.51 -5.20
C TYR AA 57 -6.08 22.62 -5.98
N THR AA 58 -7.38 22.45 -6.21
CA THR AA 58 -8.18 23.42 -6.95
C THR AA 58 -8.60 24.57 -6.04
N SER AA 59 -8.85 25.74 -6.63
CA SER AA 59 -9.45 26.78 -5.83
C SER AA 59 -10.87 26.96 -6.34
N ASN AA 60 -11.14 26.40 -7.52
CA ASN AA 60 -12.42 26.58 -8.18
C ASN AA 60 -13.20 25.28 -8.35
N GLN AA 61 -14.51 25.32 -8.02
CA GLN AA 61 -15.38 24.16 -8.01
C GLN AA 61 -15.54 23.51 -9.38
N ALA AA 62 -15.47 24.29 -10.47
CA ALA AA 62 -15.70 23.77 -11.82
C ALA AA 62 -14.65 22.72 -12.23
N ALA AA 63 -13.43 22.81 -11.70
CA ALA AA 63 -12.40 21.80 -11.92
C ALA AA 63 -12.80 20.48 -11.24
N LEU AA 64 -13.32 20.53 -10.01
CA LEU AA 64 -13.82 19.35 -9.33
C LEU AA 64 -15.03 18.74 -10.05
N ILE AA 65 -15.94 19.59 -10.54
CA ILE AA 65 -17.10 19.13 -11.30
C ILE AA 65 -16.67 18.45 -12.60
N SER AA 66 -15.64 19.00 -13.27
CA SER AA 66 -15.14 18.32 -14.46
C SER AA 66 -14.71 16.90 -14.16
N LEU AA 67 -13.99 16.71 -13.05
CA LEU AA 67 -13.47 15.41 -12.65
C LEU AA 67 -14.58 14.44 -12.21
N GLY AA 68 -15.76 14.94 -11.83
CA GLY AA 68 -16.89 14.07 -11.50
C GLY AA 68 -17.69 14.46 -10.24
N LEU AA 69 -17.32 15.57 -9.60
CA LEU AA 69 -18.11 16.06 -8.44
C LEU AA 69 -19.41 16.66 -8.96
N LYS AA 70 -20.55 16.30 -8.34
CA LYS AA 70 -21.87 16.74 -8.85
C LYS AA 70 -22.17 18.20 -8.51
N SER AA 71 -23.24 18.74 -9.09
CA SER AA 71 -23.68 20.12 -8.80
C SER AA 71 -23.81 20.31 -7.29
N THR AA 72 -23.53 21.50 -6.79
CA THR AA 72 -23.75 21.75 -5.34
C THR AA 72 -25.21 21.44 -5.01
N PRO AA 73 -25.51 20.68 -3.94
CA PRO AA 73 -26.88 20.27 -3.64
C PRO AA 73 -27.87 21.44 -3.44
N ALA AA 74 -29.16 21.21 -3.68
CA ALA AA 74 -30.15 22.26 -3.47
C ALA AA 74 -30.04 22.83 -2.05
N ASN AA 75 -30.06 24.17 -1.94
CA ASN AA 75 -29.93 24.92 -0.70
C ASN AA 75 -28.57 24.79 0.01
N VAL AA 76 -27.61 24.05 -0.54
CA VAL AA 76 -26.24 24.04 -0.03
C VAL AA 76 -25.41 25.09 -0.75
N THR AA 77 -24.83 26.01 0.03
CA THR AA 77 -23.79 26.90 -0.46
C THR AA 77 -22.42 26.33 -0.09
N PHE AA 78 -21.60 26.11 -1.11
CA PHE AA 78 -20.26 25.54 -0.97
C PHE AA 78 -19.25 26.55 -1.52
N SER AA 79 -18.11 26.70 -0.83
CA SER AA 79 -17.02 27.52 -1.32
C SER AA 79 -15.67 26.85 -1.03
N ILE AA 80 -14.74 27.01 -1.97
CA ILE AA 80 -13.34 26.71 -1.69
C ILE AA 80 -12.71 28.02 -1.28
N VAL AA 81 -12.41 28.15 0.01
CA VAL AA 81 -11.94 29.39 0.61
C VAL AA 81 -10.52 29.70 0.14
N SER AA 82 -9.67 28.68 0.12
CA SER AA 82 -8.30 28.81 -0.36
C SER AA 82 -7.77 27.46 -0.80
N ALA AA 83 -6.74 27.47 -1.65
CA ALA AA 83 -6.03 26.26 -2.04
C ALA AA 83 -4.61 26.61 -2.48
N SER AA 84 -3.73 25.60 -2.40
CA SER AA 84 -2.34 25.74 -2.78
C SER AA 84 -1.84 24.39 -3.31
N ALA AA 85 -0.54 24.29 -3.58
CA ALA AA 85 0.06 23.02 -3.97
C ALA AA 85 -0.09 21.94 -2.90
N ASN AA 86 -0.33 22.33 -1.63
CA ASN AA 86 -0.15 21.44 -0.49
C ASN AA 86 -1.35 21.38 0.46
N SER AA 87 -2.31 22.33 0.35
CA SER AA 87 -3.46 22.36 1.25
C SER AA 87 -4.67 22.99 0.57
N TYR AA 88 -5.84 22.80 1.16
CA TYR AA 88 -7.07 23.50 0.80
C TYR AA 88 -7.88 23.78 2.06
N CYS AA 89 -8.77 24.76 1.97
CA CYS AA 89 -9.85 24.92 2.91
C CYS AA 89 -11.15 25.04 2.13
N MET AA 90 -12.15 24.21 2.45
CA MET AA 90 -13.48 24.29 1.86
C MET AA 90 -14.51 24.47 2.96
N ILE AA 91 -15.57 25.23 2.68
CA ILE AA 91 -16.65 25.49 3.63
C ILE AA 91 -17.96 25.17 2.93
N ALA AA 92 -18.90 24.53 3.65
CA ALA AA 92 -20.23 24.30 3.09
C ALA AA 92 -21.28 24.31 4.19
N GLY AA 93 -22.52 24.65 3.82
CA GLY AA 93 -23.61 24.70 4.76
C GLY AA 93 -24.93 24.71 4.02
N HIS AA 94 -25.97 24.17 4.66
CA HIS AA 94 -27.32 24.14 4.11
C HIS AA 94 -28.13 25.22 4.81
N SER AA 95 -28.90 26.04 4.09
CA SER AA 95 -29.63 27.14 4.71
C SER AA 95 -30.56 26.70 5.85
N GLY AA 96 -30.98 25.43 5.84
CA GLY AA 96 -31.76 24.79 6.89
C GLY AA 96 -31.03 23.64 7.59
N GLY AA 97 -29.69 23.68 7.66
CA GLY AA 97 -28.90 22.80 8.51
C GLY AA 97 -28.75 23.37 9.91
N THR AA 98 -27.74 22.90 10.66
CA THR AA 98 -27.44 23.48 11.97
C THR AA 98 -26.30 24.49 11.90
N VAL AA 99 -25.13 24.05 11.40
CA VAL AA 99 -23.90 24.84 11.39
C VAL AA 99 -23.16 24.71 10.06
N TRP AA 100 -22.24 25.64 9.79
CA TRP AA 100 -21.30 25.50 8.70
C TRP AA 100 -20.31 24.36 8.98
N PHE AA 101 -19.96 23.61 7.94
CA PHE AA 101 -18.94 22.58 7.99
C PHE AA 101 -17.71 23.06 7.23
N ALA AA 102 -16.55 22.62 7.68
CA ALA AA 102 -15.27 22.92 7.05
C ALA AA 102 -14.58 21.62 6.65
N ALA AA 103 -13.75 21.68 5.61
CA ALA AA 103 -12.91 20.56 5.23
C ALA AA 103 -11.49 21.05 4.93
N THR AA 104 -10.49 20.34 5.47
CA THR AA 104 -9.07 20.58 5.20
C THR AA 104 -8.39 19.22 5.13
N PRO AA 105 -7.22 19.07 4.48
CA PRO AA 105 -6.62 17.75 4.33
C PRO AA 105 -6.07 17.16 5.63
N ASP AA 106 -5.84 17.98 6.66
CA ASP AA 106 -5.39 17.51 7.97
C ASP AA 106 -6.56 17.16 8.90
N LYS AA 107 -7.53 18.07 9.06
CA LYS AA 107 -8.63 17.86 10.00
C LYS AA 107 -9.77 17.02 9.42
N GLY AA 108 -9.76 16.73 8.12
CA GLY AA 108 -10.86 16.04 7.47
C GLY AA 108 -12.08 16.96 7.34
N VAL AA 109 -13.30 16.39 7.27
CA VAL AA 109 -14.54 17.17 7.28
C VAL AA 109 -15.04 17.26 8.71
N TYR AA 110 -15.32 18.47 9.19
CA TYR AA 110 -15.73 18.69 10.57
C TYR AA 110 -16.68 19.88 10.68
N LYS AA 111 -17.51 19.87 11.73
CA LYS AA 111 -18.48 20.94 11.93
C LYS AA 111 -17.86 22.09 12.70
N THR AA 112 -18.17 23.33 12.29
CA THR AA 112 -17.71 24.54 12.95
C THR AA 112 -18.70 24.98 14.03
N ASN AA 113 -18.37 26.04 14.78
CA ASN AA 113 -19.27 26.61 15.77
C ASN AA 113 -20.30 27.58 15.16
N THR AA 114 -20.14 27.96 13.88
CA THR AA 114 -20.93 29.03 13.28
C THR AA 114 -22.26 28.50 12.74
N ALA AA 115 -23.39 29.04 13.23
CA ALA AA 115 -24.72 28.65 12.74
C ALA AA 115 -24.92 29.07 11.27
N VAL AA 116 -25.72 28.30 10.51
CA VAL AA 116 -25.92 28.55 9.08
C VAL AA 116 -26.66 29.87 8.79
N THR AA 117 -27.29 30.44 9.81
CA THR AA 117 -27.97 31.73 9.73
C THR AA 117 -26.99 32.91 9.76
N SER AA 118 -25.79 32.70 10.33
CA SER AA 118 -24.67 33.64 10.28
C SER AA 118 -23.93 33.51 8.95
N SER AA 119 -23.21 34.57 8.55
CA SER AA 119 -22.36 34.53 7.36
C SER AA 119 -21.27 33.47 7.48
N GLN AA 120 -20.89 32.84 6.35
CA GLN AA 120 -19.99 31.69 6.37
C GLN AA 120 -18.61 32.05 6.88
N PRO AA 121 -17.91 31.12 7.59
CA PRO AA 121 -16.53 31.33 7.99
C PRO AA 121 -15.63 31.74 6.81
N GLU AA 122 -14.72 32.67 7.09
CA GLU AA 122 -13.72 33.12 6.11
C GLU AA 122 -12.49 32.20 6.05
N SER AA 123 -12.39 31.22 6.96
CA SER AA 123 -11.26 30.32 7.10
C SER AA 123 -11.66 29.10 7.94
N CYS AA 124 -10.84 28.04 7.89
CA CYS AA 124 -11.00 26.82 8.68
C CYS AA 124 -10.72 27.07 10.16
N PRO AA 125 -11.70 26.84 11.08
CA PRO AA 125 -11.45 26.84 12.53
C PRO AA 125 -10.48 25.72 12.99
N PHE BA 1 -82.74 10.86 24.26
CA PHE BA 1 -82.18 10.81 22.88
C PHE BA 1 -83.32 10.89 21.85
N THR BA 2 -83.21 11.78 20.85
CA THR BA 2 -84.30 12.16 19.98
C THR BA 2 -83.83 12.36 18.53
N LEU BA 3 -84.76 12.54 17.59
CA LEU BA 3 -84.43 12.50 16.18
C LEU BA 3 -83.49 13.65 15.77
N ILE BA 4 -83.62 14.81 16.41
CA ILE BA 4 -82.73 15.94 16.15
C ILE BA 4 -81.29 15.68 16.61
N GLU BA 5 -81.08 15.02 17.76
CA GLU BA 5 -79.73 14.66 18.16
C GLU BA 5 -79.14 13.64 17.20
N LEU BA 6 -79.96 12.69 16.75
CA LEU BA 6 -79.54 11.66 15.83
C LEU BA 6 -79.22 12.22 14.44
N LEU BA 7 -79.96 13.23 13.96
CA LEU BA 7 -79.61 13.93 12.73
C LEU BA 7 -78.32 14.72 12.86
N ILE BA 8 -78.05 15.36 14.01
CA ILE BA 8 -76.77 16.01 14.27
C ILE BA 8 -75.63 15.00 14.23
N VAL BA 9 -75.81 13.85 14.87
CA VAL BA 9 -74.83 12.77 14.86
C VAL BA 9 -74.55 12.29 13.44
N ILE BA 10 -75.59 12.04 12.64
CA ILE BA 10 -75.46 11.65 11.25
C ILE BA 10 -74.73 12.72 10.43
N ALA BA 11 -75.06 13.99 10.64
CA ALA BA 11 -74.42 15.10 9.94
C ALA BA 11 -72.92 15.19 10.26
N ILE BA 12 -72.54 15.03 11.53
CA ILE BA 12 -71.16 15.08 11.95
C ILE BA 12 -70.41 13.83 11.48
N ILE BA 13 -71.01 12.63 11.49
CA ILE BA 13 -70.41 11.44 10.89
C ILE BA 13 -70.07 11.69 9.42
N ALA BA 14 -70.98 12.29 8.66
CA ALA BA 14 -70.75 12.59 7.25
C ALA BA 14 -69.55 13.52 7.05
N ILE BA 15 -69.37 14.50 7.95
CA ILE BA 15 -68.22 15.39 7.95
C ILE BA 15 -66.94 14.63 8.26
N LEU BA 16 -66.88 13.89 9.37
CA LEU BA 16 -65.67 13.20 9.77
C LEU BA 16 -65.28 12.12 8.75
N ALA BA 17 -66.24 11.41 8.18
CA ALA BA 17 -65.99 10.43 7.13
C ALA BA 17 -65.38 11.04 5.87
N ALA BA 18 -65.67 12.31 5.59
CA ALA BA 18 -65.14 13.01 4.42
C ALA BA 18 -63.71 13.52 4.63
N VAL BA 19 -63.34 13.94 5.85
CA VAL BA 19 -62.11 14.68 6.08
C VAL BA 19 -61.00 13.85 6.75
N LEU BA 20 -61.35 12.81 7.51
CA LEU BA 20 -60.36 12.07 8.29
C LEU BA 20 -59.70 10.93 7.50
N ILE BA 21 -60.00 10.80 6.21
CA ILE BA 21 -59.43 9.77 5.34
C ILE BA 21 -58.34 10.39 4.46
N PRO BA 22 -57.09 9.88 4.47
CA PRO BA 22 -56.00 10.50 3.70
C PRO BA 22 -56.11 10.19 2.21
N ASN BA 23 -55.39 10.97 1.40
CA ASN BA 23 -55.20 10.66 -0.01
C ASN BA 23 -54.30 9.41 -0.10
N LEU BA 24 -54.90 8.24 -0.38
CA LEU BA 24 -54.16 6.99 -0.38
C LEU BA 24 -53.27 6.90 -1.62
N LEU BA 25 -53.72 7.44 -2.76
CA LEU BA 25 -52.95 7.40 -4.00
C LEU BA 25 -51.62 8.15 -3.85
N ALA BA 26 -51.65 9.36 -3.27
CA ALA BA 26 -50.47 10.18 -3.09
C ALA BA 26 -49.45 9.52 -2.15
N ALA BA 27 -49.93 8.90 -1.06
CA ALA BA 27 -49.09 8.14 -0.14
C ALA BA 27 -48.41 6.97 -0.85
N ARG BA 28 -49.18 6.16 -1.59
CA ARG BA 28 -48.63 5.03 -2.30
C ARG BA 28 -47.63 5.45 -3.39
N LYS BA 29 -47.85 6.56 -4.10
CA LYS BA 29 -46.88 7.05 -5.08
C LYS BA 29 -45.48 7.21 -4.48
N ARG BA 30 -45.36 7.84 -3.31
CA ARG BA 30 -44.07 8.07 -2.67
C ARG BA 30 -43.43 6.78 -2.15
N ALA BA 31 -44.23 5.86 -1.64
CA ALA BA 31 -43.74 4.53 -1.27
C ALA BA 31 -43.24 3.77 -2.50
N ASN BA 32 -43.99 3.80 -3.62
CA ASN BA 32 -43.62 3.15 -4.86
C ASN BA 32 -42.30 3.67 -5.42
N ASP BA 33 -42.07 4.99 -5.43
CA ASP BA 33 -40.78 5.55 -5.83
C ASP BA 33 -39.64 5.08 -4.93
N THR BA 34 -39.91 4.79 -3.65
CA THR BA 34 -38.92 4.25 -2.73
C THR BA 34 -38.56 2.82 -3.11
N VAL BA 35 -39.52 2.01 -3.54
CA VAL BA 35 -39.27 0.67 -4.04
C VAL BA 35 -38.36 0.72 -5.26
N VAL BA 36 -38.64 1.59 -6.23
CA VAL BA 36 -37.83 1.73 -7.43
C VAL BA 36 -36.42 2.17 -7.08
N THR BA 37 -36.28 3.19 -6.23
CA THR BA 37 -34.98 3.67 -5.79
C THR BA 37 -34.18 2.56 -5.10
N ALA BA 38 -34.81 1.82 -4.18
CA ALA BA 38 -34.17 0.71 -3.48
C ALA BA 38 -33.75 -0.39 -4.44
N TYR BA 39 -34.58 -0.75 -5.41
CA TYR BA 39 -34.25 -1.79 -6.37
C TYR BA 39 -33.10 -1.39 -7.29
N LEU BA 40 -33.05 -0.14 -7.74
CA LEU BA 40 -31.91 0.36 -8.50
C LEU BA 40 -30.64 0.42 -7.64
N ASN BA 41 -30.71 0.83 -6.38
CA ASN BA 41 -29.55 0.76 -5.50
C ASN BA 41 -29.03 -0.67 -5.35
N ASP BA 42 -29.91 -1.67 -5.28
CA ASP BA 42 -29.48 -3.07 -5.28
C ASP BA 42 -28.88 -3.47 -6.62
N ALA BA 43 -29.52 -3.14 -7.75
CA ALA BA 43 -28.96 -3.43 -9.07
C ALA BA 43 -27.56 -2.85 -9.24
N VAL BA 44 -27.30 -1.67 -8.68
CA VAL BA 44 -25.99 -1.04 -8.66
C VAL BA 44 -24.96 -1.85 -7.85
N LYS BA 45 -25.32 -2.36 -6.67
CA LYS BA 45 -24.44 -3.24 -5.90
C LYS BA 45 -24.08 -4.49 -6.71
N PHE BA 46 -25.06 -5.09 -7.38
CA PHE BA 46 -24.84 -6.29 -8.16
C PHE BA 46 -24.09 -6.04 -9.46
N GLN BA 47 -24.23 -4.87 -10.09
CA GLN BA 47 -23.36 -4.49 -11.19
C GLN BA 47 -21.89 -4.44 -10.73
N GLU BA 48 -21.59 -3.87 -9.57
CA GLU BA 48 -20.24 -3.89 -9.03
C GLU BA 48 -19.77 -5.31 -8.71
N MET BA 49 -20.61 -6.18 -8.17
CA MET BA 49 -20.22 -7.57 -7.94
C MET BA 49 -19.95 -8.32 -9.25
N TYR BA 50 -20.75 -8.07 -10.29
CA TYR BA 50 -20.50 -8.68 -11.59
C TYR BA 50 -19.20 -8.17 -12.19
N GLN BA 51 -18.90 -6.89 -11.98
CA GLN BA 51 -17.63 -6.27 -12.37
C GLN BA 51 -16.44 -6.91 -11.65
N ILE BA 52 -16.58 -7.28 -10.36
CA ILE BA 52 -15.54 -8.01 -9.63
C ILE BA 52 -15.21 -9.33 -10.30
N ASP BA 53 -16.23 -10.08 -10.74
CA ASP BA 53 -16.04 -11.41 -11.30
C ASP BA 53 -15.65 -11.40 -12.80
N ASN BA 54 -16.11 -10.42 -13.58
CA ASN BA 54 -16.06 -10.49 -15.03
C ASN BA 54 -15.32 -9.33 -15.70
N ASN BA 55 -14.86 -8.32 -14.94
CA ASN BA 55 -14.21 -7.13 -15.48
C ASN BA 55 -15.06 -6.39 -16.53
N SER BA 56 -16.38 -6.50 -16.43
CA SER BA 56 -17.33 -5.85 -17.33
C SER BA 56 -18.68 -5.73 -16.63
N TYR BA 57 -19.59 -4.85 -17.08
CA TYR BA 57 -20.94 -4.81 -16.54
C TYR BA 57 -21.91 -5.69 -17.34
N THR BA 58 -23.03 -6.09 -16.71
CA THR BA 58 -24.02 -6.94 -17.35
C THR BA 58 -24.94 -6.13 -18.26
N SER BA 59 -25.50 -6.77 -19.26
CA SER BA 59 -26.53 -6.08 -20.01
C SER BA 59 -27.84 -6.76 -19.68
N ASN BA 60 -27.75 -7.96 -19.08
CA ASN BA 60 -28.91 -8.78 -18.81
C ASN BA 60 -29.16 -9.01 -17.32
N GLN BA 61 -30.41 -8.85 -16.89
CA GLN BA 61 -30.80 -8.91 -15.49
C GLN BA 61 -30.56 -10.28 -14.86
N ALA BA 62 -30.64 -11.37 -15.63
CA ALA BA 62 -30.48 -12.71 -15.09
C ALA BA 62 -29.09 -12.97 -14.49
N ALA BA 63 -28.06 -12.30 -15.01
CA ALA BA 63 -26.73 -12.36 -14.42
C ALA BA 63 -26.70 -11.70 -13.04
N LEU BA 64 -27.36 -10.55 -12.88
CA LEU BA 64 -27.48 -9.89 -11.58
C LEU BA 64 -28.29 -10.75 -10.60
N ILE BA 65 -29.38 -11.37 -11.07
CA ILE BA 65 -30.19 -12.26 -10.25
C ILE BA 65 -29.39 -13.47 -9.80
N SER BA 66 -28.54 -14.03 -10.68
CA SER BA 66 -27.70 -15.13 -10.26
C SER BA 66 -26.83 -14.73 -9.06
N LEU BA 67 -26.23 -13.55 -9.13
CA LEU BA 67 -25.34 -13.05 -8.09
C LEU BA 67 -26.07 -12.73 -6.79
N GLY BA 68 -27.39 -12.51 -6.82
CA GLY BA 68 -28.17 -12.30 -5.61
C GLY BA 68 -29.20 -11.16 -5.66
N LEU BA 69 -29.34 -10.51 -6.81
CA LEU BA 69 -30.39 -9.47 -6.96
C LEU BA 69 -31.76 -10.16 -7.06
N LYS BA 70 -32.75 -9.68 -6.32
CA LYS BA 70 -34.06 -10.37 -6.26
C LYS BA 70 -34.90 -10.10 -7.51
N SER BA 71 -36.01 -10.83 -7.64
CA SER BA 71 -36.95 -10.63 -8.76
C SER BA 71 -37.33 -9.16 -8.87
N THR BA 72 -37.56 -8.65 -10.08
CA THR BA 72 -38.04 -7.24 -10.20
C THR BA 72 -39.32 -7.10 -9.38
N PRO BA 73 -39.46 -6.05 -8.53
CA PRO BA 73 -40.62 -5.91 -7.66
C PRO BA 73 -41.97 -5.88 -8.39
N ALA BA 74 -43.06 -6.27 -7.73
CA ALA BA 74 -44.38 -6.21 -8.35
C ALA BA 74 -44.65 -4.81 -8.89
N ASN BA 75 -45.16 -4.73 -10.13
CA ASN BA 75 -45.46 -3.49 -10.85
C ASN BA 75 -44.26 -2.63 -11.20
N VAL BA 76 -43.03 -3.04 -10.86
CA VAL BA 76 -41.82 -2.35 -11.33
C VAL BA 76 -41.35 -3.00 -12.63
N THR BA 77 -41.23 -2.17 -13.67
CA THR BA 77 -40.53 -2.56 -14.89
C THR BA 77 -39.11 -2.00 -14.83
N PHE BA 78 -38.12 -2.90 -14.95
CA PHE BA 78 -36.71 -2.58 -14.89
C PHE BA 78 -36.06 -3.02 -16.20
N SER BA 79 -35.16 -2.20 -16.74
CA SER BA 79 -34.37 -2.58 -17.90
C SER BA 79 -32.92 -2.10 -17.76
N ILE BA 80 -31.99 -2.92 -18.26
CA ILE BA 80 -30.64 -2.46 -18.46
C ILE BA 80 -30.56 -2.00 -19.91
N VAL BA 81 -30.50 -0.69 -20.12
CA VAL BA 81 -30.59 -0.07 -21.43
C VAL BA 81 -29.32 -0.37 -22.24
N SER BA 82 -28.16 -0.26 -21.59
CA SER BA 82 -26.88 -0.55 -22.21
C SER BA 82 -25.86 -0.90 -21.13
N ALA BA 83 -24.80 -1.61 -21.54
CA ALA BA 83 -23.66 -1.87 -20.68
C ALA BA 83 -22.42 -2.14 -21.51
N SER BA 84 -21.25 -1.94 -20.88
CA SER BA 84 -19.96 -2.13 -21.51
C SER BA 84 -18.95 -2.57 -20.45
N ALA BA 85 -17.68 -2.66 -20.83
CA ALA BA 85 -16.62 -2.95 -19.87
C ALA BA 85 -16.51 -1.88 -18.77
N ASN BA 86 -17.03 -0.66 -19.03
CA ASN BA 86 -16.69 0.52 -18.24
C ASN BA 86 -17.90 1.30 -17.74
N SER BA 87 -19.11 1.05 -18.27
CA SER BA 87 -20.30 1.80 -17.89
C SER BA 87 -21.56 0.96 -18.05
N TYR BA 88 -22.66 1.42 -17.43
CA TYR BA 88 -24.00 0.89 -17.66
C TYR BA 88 -25.01 2.02 -17.60
N CYS BA 89 -26.17 1.79 -18.21
CA CYS BA 89 -27.35 2.59 -17.95
C CYS BA 89 -28.50 1.65 -17.62
N MET BA 90 -29.16 1.87 -16.47
CA MET BA 90 -30.34 1.11 -16.09
C MET BA 90 -31.50 2.07 -15.87
N ILE BA 91 -32.72 1.63 -16.21
CA ILE BA 91 -33.93 2.44 -16.05
C ILE BA 91 -34.95 1.59 -15.28
N ALA BA 92 -35.67 2.20 -14.34
CA ALA BA 92 -36.75 1.49 -13.66
C ALA BA 92 -37.86 2.44 -13.28
N GLY BA 93 -39.08 1.91 -13.16
CA GLY BA 93 -40.23 2.71 -12.79
C GLY BA 93 -41.36 1.80 -12.34
N HIS BA 94 -42.21 2.33 -11.45
CA HIS BA 94 -43.38 1.62 -10.95
C HIS BA 94 -44.61 2.18 -11.65
N SER BA 95 -45.52 1.35 -12.16
CA SER BA 95 -46.67 1.84 -12.92
C SER BA 95 -47.52 2.86 -12.16
N GLY BA 96 -47.44 2.84 -10.81
CA GLY BA 96 -48.07 3.80 -9.93
C GLY BA 96 -47.08 4.61 -9.09
N GLY BA 97 -45.87 4.86 -9.60
CA GLY BA 97 -44.92 5.81 -9.05
C GLY BA 97 -45.16 7.21 -9.60
N THR BA 98 -44.15 8.10 -9.51
CA THR BA 98 -44.25 9.42 -10.13
C THR BA 98 -43.55 9.46 -11.48
N VAL BA 99 -42.24 9.13 -11.50
CA VAL BA 99 -41.38 9.25 -12.69
C VAL BA 99 -40.48 8.03 -12.86
N TRP BA 100 -39.93 7.85 -14.05
CA TRP BA 100 -38.87 6.88 -14.28
C TRP BA 100 -37.59 7.31 -13.57
N PHE BA 101 -36.87 6.34 -13.02
CA PHE BA 101 -35.57 6.55 -12.41
C PHE BA 101 -34.50 5.94 -13.32
N ALA BA 102 -33.32 6.55 -13.31
CA ALA BA 102 -32.17 6.07 -14.07
C ALA BA 102 -31.02 5.79 -13.11
N ALA BA 103 -30.14 4.86 -13.47
CA ALA BA 103 -28.91 4.62 -12.74
C ALA BA 103 -27.73 4.48 -13.71
N THR BA 104 -26.63 5.16 -13.40
CA THR BA 104 -25.36 5.07 -14.13
C THR BA 104 -24.24 5.11 -13.10
N PRO BA 105 -23.02 4.63 -13.39
CA PRO BA 105 -21.98 4.58 -12.38
C PRO BA 105 -21.41 5.96 -12.00
N ASP BA 106 -21.63 6.99 -12.83
CA ASP BA 106 -21.21 8.35 -12.52
C ASP BA 106 -22.28 9.14 -11.76
N LYS BA 107 -23.53 9.15 -12.25
CA LYS BA 107 -24.59 9.96 -11.65
C LYS BA 107 -25.27 9.27 -10.47
N GLY BA 108 -24.99 7.98 -10.24
CA GLY BA 108 -25.70 7.21 -9.21
C GLY BA 108 -27.13 6.90 -9.63
N VAL BA 109 -28.04 6.70 -8.67
CA VAL BA 109 -29.46 6.53 -8.95
C VAL BA 109 -30.15 7.89 -8.82
N TYR BA 110 -30.89 8.30 -9.85
CA TYR BA 110 -31.52 9.61 -9.87
C TYR BA 110 -32.84 9.58 -10.65
N LYS BA 111 -33.74 10.51 -10.32
CA LYS BA 111 -35.04 10.55 -10.96
C LYS BA 111 -34.98 11.37 -12.25
N THR BA 112 -35.65 10.89 -13.30
CA THR BA 112 -35.74 11.57 -14.58
C THR BA 112 -36.96 12.51 -14.62
N ASN BA 113 -37.12 13.27 -15.72
CA ASN BA 113 -38.28 14.12 -15.90
C ASN BA 113 -39.51 13.37 -16.45
N THR BA 114 -39.33 12.11 -16.89
CA THR BA 114 -40.37 11.38 -17.62
C THR BA 114 -41.34 10.69 -16.66
N ALA BA 115 -42.65 11.02 -16.75
CA ALA BA 115 -43.67 10.38 -15.92
C ALA BA 115 -43.83 8.89 -16.26
N VAL BA 116 -44.19 8.05 -15.28
CA VAL BA 116 -44.29 6.60 -15.47
C VAL BA 116 -45.40 6.19 -16.44
N THR BA 117 -46.33 7.11 -16.73
CA THR BA 117 -47.40 6.90 -17.69
C THR BA 117 -46.92 7.03 -19.14
N SER BA 118 -45.81 7.76 -19.36
CA SER BA 118 -45.11 7.82 -20.64
C SER BA 118 -44.21 6.59 -20.82
N SER BA 119 -43.86 6.26 -22.06
CA SER BA 119 -42.92 5.19 -22.36
C SER BA 119 -41.54 5.47 -21.75
N GLN BA 120 -40.82 4.41 -21.32
CA GLN BA 120 -39.58 4.57 -20.58
C GLN BA 120 -38.49 5.25 -21.40
N PRO BA 121 -37.60 6.06 -20.76
CA PRO BA 121 -36.45 6.62 -21.45
C PRO BA 121 -35.62 5.56 -22.17
N GLU BA 122 -35.14 5.92 -23.36
CA GLU BA 122 -34.26 5.07 -24.16
C GLU BA 122 -32.78 5.17 -23.74
N SER BA 123 -32.46 6.13 -22.85
CA SER BA 123 -31.10 6.44 -22.41
C SER BA 123 -31.14 7.24 -21.10
N CYS BA 124 -30.00 7.33 -20.41
CA CYS BA 124 -29.81 8.12 -19.19
C CYS BA 124 -29.84 9.62 -19.51
N PRO BA 125 -30.78 10.41 -18.92
CA PRO BA 125 -30.71 11.87 -18.98
C PRO BA 125 -29.49 12.48 -18.28
N PHE CA 1 -92.47 15.01 21.71
CA PHE CA 1 -91.77 13.72 21.51
C PHE CA 1 -92.72 12.56 21.83
N THR CA 2 -92.80 11.57 20.94
CA THR CA 2 -93.84 10.54 20.95
C THR CA 2 -93.29 9.17 20.58
N LEU CA 3 -94.11 8.12 20.71
CA LEU CA 3 -93.60 6.76 20.60
C LEU CA 3 -93.10 6.43 19.19
N ILE CA 4 -93.71 7.03 18.17
CA ILE CA 4 -93.26 6.84 16.79
C ILE CA 4 -91.88 7.49 16.53
N GLU CA 5 -91.60 8.67 17.09
CA GLU CA 5 -90.27 9.26 16.96
C GLU CA 5 -89.24 8.39 17.68
N LEU CA 6 -89.61 7.87 18.84
CA LEU CA 6 -88.73 7.04 19.64
C LEU CA 6 -88.46 5.69 18.97
N LEU CA 7 -89.44 5.10 18.28
CA LEU CA 7 -89.22 3.90 17.48
C LEU CA 7 -88.32 4.17 16.28
N ILE CA 8 -88.44 5.32 15.61
CA ILE CA 8 -87.53 5.73 14.55
C ILE CA 8 -86.10 5.85 15.09
N VAL CA 9 -85.94 6.50 16.24
CA VAL CA 9 -84.65 6.64 16.89
C VAL CA 9 -84.04 5.27 17.22
N ILE CA 10 -84.81 4.37 17.81
CA ILE CA 10 -84.37 3.00 18.10
C ILE CA 10 -83.98 2.25 16.82
N ALA CA 11 -84.76 2.39 15.75
CA ALA CA 11 -84.48 1.75 14.48
C ALA CA 11 -83.16 2.25 13.87
N ILE CA 12 -82.93 3.56 13.90
CA ILE CA 12 -81.71 4.15 13.37
C ILE CA 12 -80.50 3.82 14.26
N ILE CA 13 -80.65 3.78 15.59
CA ILE CA 13 -79.58 3.29 16.47
C ILE CA 13 -79.18 1.87 16.09
N ALA CA 14 -80.13 0.98 15.84
CA ALA CA 14 -79.86 -0.40 15.45
C ALA CA 14 -79.05 -0.46 14.15
N ILE CA 15 -79.34 0.41 13.19
CA ILE CA 15 -78.59 0.53 11.94
C ILE CA 15 -77.17 1.03 12.20
N LEU CA 16 -77.01 2.16 12.89
CA LEU CA 16 -75.68 2.72 13.11
C LEU CA 16 -74.80 1.79 13.95
N ALA CA 17 -75.37 1.12 14.96
CA ALA CA 17 -74.66 0.14 15.77
C ALA CA 17 -74.15 -1.04 14.94
N ALA CA 18 -74.84 -1.41 13.85
CA ALA CA 18 -74.46 -2.51 13.00
C ALA CA 18 -73.33 -2.14 12.01
N VAL CA 19 -73.30 -0.89 11.52
CA VAL CA 19 -72.44 -0.53 10.38
C VAL CA 19 -71.21 0.29 10.78
N LEU CA 20 -71.27 1.03 11.90
CA LEU CA 20 -70.19 1.95 12.24
C LEU CA 20 -69.06 1.29 13.06
N ILE CA 21 -69.12 -0.04 13.25
CA ILE CA 21 -68.13 -0.78 13.99
C ILE CA 21 -67.23 -1.54 13.00
N PRO CA 22 -65.88 -1.37 13.03
CA PRO CA 22 -65.00 -2.01 12.06
C PRO CA 22 -64.80 -3.50 12.35
N ASN CA 23 -64.32 -4.24 11.36
CA ASN CA 23 -63.84 -5.60 11.55
C ASN CA 23 -62.56 -5.54 12.38
N LEU CA 24 -62.67 -5.85 13.69
CA LEU CA 24 -61.53 -5.74 14.59
C LEU CA 24 -60.52 -6.85 14.33
N LEU CA 25 -60.99 -8.05 13.98
CA LEU CA 25 -60.10 -9.18 13.70
C LEU CA 25 -59.16 -8.90 12.54
N ALA CA 26 -59.68 -8.36 11.43
CA ALA CA 26 -58.91 -8.04 10.24
C ALA CA 26 -57.85 -6.98 10.52
N ALA CA 27 -58.21 -5.94 11.27
CA ALA CA 27 -57.29 -4.90 11.71
C ALA CA 27 -56.15 -5.48 12.55
N ARG CA 28 -56.47 -6.29 13.55
CA ARG CA 28 -55.47 -6.90 14.42
C ARG CA 28 -54.56 -7.86 13.65
N LYS CA 29 -55.07 -8.63 12.66
CA LYS CA 29 -54.22 -9.49 11.84
C LYS CA 29 -53.06 -8.73 11.21
N ARG CA 30 -53.32 -7.56 10.59
CA ARG CA 30 -52.28 -6.78 9.93
C ARG CA 30 -51.30 -6.14 10.91
N ALA CA 31 -51.77 -5.71 12.07
CA ALA CA 31 -50.90 -5.25 13.14
C ALA CA 31 -50.01 -6.40 13.66
N ASN CA 32 -50.57 -7.58 13.87
CA ASN CA 32 -49.83 -8.76 14.32
C ASN CA 32 -48.72 -9.17 13.34
N ASP CA 33 -48.99 -9.18 12.04
CA ASP CA 33 -47.95 -9.43 11.05
C ASP CA 33 -46.83 -8.37 11.09
N THR CA 34 -47.15 -7.14 11.48
CA THR CA 34 -46.16 -6.08 11.66
C THR CA 34 -45.25 -6.39 12.85
N VAL CA 35 -45.81 -6.90 13.94
CA VAL CA 35 -45.02 -7.33 15.10
C VAL CA 35 -44.04 -8.43 14.69
N VAL CA 36 -44.50 -9.45 13.96
CA VAL CA 36 -43.65 -10.55 13.52
C VAL CA 36 -42.54 -10.03 12.60
N THR CA 37 -42.88 -9.20 11.63
CA THR CA 37 -41.91 -8.61 10.72
C THR CA 37 -40.87 -7.80 11.49
N ALA CA 38 -41.30 -6.95 12.42
CA ALA CA 38 -40.41 -6.15 13.23
C ALA CA 38 -39.49 -7.01 14.10
N TYR CA 39 -40.01 -8.07 14.72
CA TYR CA 39 -39.21 -8.95 15.55
C TYR CA 39 -38.17 -9.73 14.74
N LEU CA 40 -38.52 -10.21 13.55
CA LEU CA 40 -37.55 -10.82 12.66
C LEU CA 40 -36.50 -9.82 12.17
N ASN CA 41 -36.87 -8.59 11.83
CA ASN CA 41 -35.88 -7.57 11.50
C ASN CA 41 -34.91 -7.30 12.66
N ASP CA 42 -35.37 -7.33 13.90
CA ASP CA 42 -34.49 -7.24 15.05
C ASP CA 42 -33.60 -8.49 15.20
N ALA CA 43 -34.17 -9.69 15.09
CA ALA CA 43 -33.39 -10.92 15.14
C ALA CA 43 -32.29 -10.93 14.09
N VAL CA 44 -32.54 -10.38 12.90
CA VAL CA 44 -31.54 -10.21 11.84
C VAL CA 44 -30.41 -9.26 12.25
N LYS CA 45 -30.70 -8.12 12.89
CA LYS CA 45 -29.67 -7.21 13.40
C LYS CA 45 -28.79 -7.94 14.42
N PHE CA 46 -29.40 -8.71 15.32
CA PHE CA 46 -28.67 -9.43 16.35
C PHE CA 46 -27.89 -10.63 15.81
N GLN CA 47 -28.36 -11.29 14.76
CA GLN CA 47 -27.56 -12.29 14.07
C GLN CA 47 -26.28 -11.67 13.51
N GLU CA 48 -26.35 -10.48 12.90
CA GLU CA 48 -25.16 -9.78 12.44
C GLU CA 48 -24.25 -9.37 13.60
N MET CA 49 -24.79 -8.92 14.73
CA MET CA 49 -23.96 -8.60 15.88
C MET CA 49 -23.29 -9.84 16.47
N TYR CA 50 -23.97 -10.99 16.51
CA TYR CA 50 -23.37 -12.23 16.95
C TYR CA 50 -22.26 -12.67 15.99
N GLN CA 51 -22.47 -12.46 14.70
CA GLN CA 51 -21.48 -12.70 13.66
C GLN CA 51 -20.24 -11.82 13.85
N ILE CA 52 -20.38 -10.55 14.27
CA ILE CA 52 -19.26 -9.67 14.60
C ILE CA 52 -18.39 -10.27 15.69
N ASP CA 53 -19.01 -10.81 16.75
CA ASP CA 53 -18.30 -11.30 17.92
C ASP CA 53 -17.75 -12.73 17.74
N ASN CA 54 -18.42 -13.60 16.97
CA ASN CA 54 -18.17 -15.03 16.99
C ASN CA 54 -17.81 -15.64 15.62
N ASN CA 55 -17.85 -14.85 14.54
CA ASN CA 55 -17.61 -15.34 13.18
C ASN CA 55 -18.52 -16.51 12.78
N SER CA 56 -19.73 -16.56 13.35
CA SER CA 56 -20.72 -17.60 13.06
C SER CA 56 -22.10 -17.07 13.45
N TYR CA 57 -23.20 -17.65 12.95
CA TYR CA 57 -24.53 -17.30 13.41
C TYR CA 57 -25.01 -18.18 14.56
N THR CA 58 -25.97 -17.69 15.34
CA THR CA 58 -26.51 -18.42 16.48
C THR CA 58 -27.54 -19.46 16.02
N SER CA 59 -27.71 -20.51 16.82
CA SER CA 59 -28.81 -21.40 16.52
C SER CA 59 -29.82 -21.22 17.63
N ASN CA 60 -29.38 -20.58 18.73
CA ASN CA 60 -30.20 -20.43 19.92
C ASN CA 60 -30.53 -18.97 20.25
N GLN CA 61 -31.81 -18.71 20.56
CA GLN CA 61 -32.33 -17.38 20.78
C GLN CA 61 -31.69 -16.68 21.98
N ALA CA 62 -31.26 -17.42 23.02
CA ALA CA 62 -30.71 -16.83 24.22
C ALA CA 62 -29.42 -16.06 23.98
N ALA CA 63 -28.64 -16.46 22.97
CA ALA CA 63 -27.45 -15.73 22.56
C ALA CA 63 -27.84 -14.35 21.97
N LEU CA 64 -28.87 -14.31 21.13
CA LEU CA 64 -29.38 -13.05 20.59
C LEU CA 64 -29.97 -12.17 21.69
N ILE CA 65 -30.69 -12.74 22.66
CA ILE CA 65 -31.23 -12.01 23.80
C ILE CA 65 -30.10 -11.43 24.65
N SER CA 66 -29.01 -12.18 24.85
CA SER CA 66 -27.89 -11.63 25.58
C SER CA 66 -27.37 -10.35 24.92
N LEU CA 67 -27.24 -10.38 23.60
CA LEU CA 67 -26.72 -9.24 22.84
C LEU CA 67 -27.68 -8.05 22.83
N GLY CA 68 -28.98 -8.25 23.09
CA GLY CA 68 -29.92 -7.15 23.19
C GLY CA 68 -31.28 -7.36 22.51
N LEU CA 69 -31.50 -8.53 21.92
CA LEU CA 69 -32.83 -8.84 21.33
C LEU CA 69 -33.82 -9.10 22.46
N LYS CA 70 -35.00 -8.50 22.37
CA LYS CA 70 -35.98 -8.59 23.48
C LYS CA 70 -36.70 -9.94 23.51
N SER CA 71 -37.45 -10.18 24.59
CA SER CA 71 -38.25 -11.42 24.73
C SER CA 71 -39.11 -11.61 23.48
N THR CA 72 -39.36 -12.85 23.06
CA THR CA 72 -40.28 -13.07 21.92
C THR CA 72 -41.63 -12.43 22.26
N PRO CA 73 -42.24 -11.63 21.34
CA PRO CA 73 -43.47 -10.91 21.66
C PRO CA 73 -44.64 -11.81 22.08
N ALA CA 74 -45.59 -11.28 22.86
CA ALA CA 74 -46.75 -12.06 23.26
C ALA CA 74 -47.44 -12.67 22.04
N ASN CA 75 -47.78 -13.97 22.12
CA ASN CA 75 -48.41 -14.75 21.06
C ASN CA 75 -47.56 -14.97 19.81
N VAL CA 76 -46.32 -14.47 19.76
CA VAL CA 76 -45.39 -14.81 18.68
C VAL CA 76 -44.56 -16.02 19.09
N THR CA 77 -44.61 -17.05 18.25
CA THR CA 77 -43.67 -18.16 18.34
C THR CA 77 -42.56 -17.95 17.31
N PHE CA 78 -41.32 -17.91 17.79
CA PHE CA 78 -40.13 -17.69 16.99
C PHE CA 78 -39.20 -18.89 17.16
N SER CA 79 -38.59 -19.33 16.05
CA SER CA 79 -37.59 -20.38 16.09
C SER CA 79 -36.43 -20.07 15.14
N ILE CA 80 -35.22 -20.42 15.56
CA ILE CA 80 -34.10 -20.47 14.64
C ILE CA 80 -34.01 -21.92 14.15
N VAL CA 81 -34.39 -22.15 12.91
CA VAL CA 81 -34.53 -23.47 12.34
C VAL CA 81 -33.15 -24.11 12.14
N SER CA 82 -32.20 -23.32 11.63
CA SER CA 82 -30.84 -23.77 11.44
C SER CA 82 -29.90 -22.56 11.42
N ALA CA 83 -28.61 -22.82 11.69
CA ALA CA 83 -27.57 -21.81 11.56
C ALA CA 83 -26.22 -22.48 11.34
N SER CA 84 -25.30 -21.71 10.75
CA SER CA 84 -23.95 -22.18 10.46
C SER CA 84 -23.00 -20.98 10.52
N ALA CA 85 -21.74 -21.19 10.15
CA ALA CA 85 -20.78 -20.10 10.06
C ALA CA 85 -21.20 -19.03 9.03
N ASN CA 86 -22.08 -19.38 8.08
CA ASN CA 86 -22.29 -18.58 6.87
C ASN CA 86 -23.76 -18.26 6.58
N SER CA 87 -24.71 -18.95 7.24
CA SER CA 87 -26.13 -18.73 6.97
C SER CA 87 -26.98 -19.02 8.20
N TYR CA 88 -28.24 -18.56 8.18
CA TYR CA 88 -29.25 -18.93 9.16
C TYR CA 88 -30.60 -19.04 8.46
N CYS CA 89 -31.52 -19.77 9.08
CA CYS CA 89 -32.92 -19.69 8.76
C CYS CA 89 -33.70 -19.48 10.06
N MET CA 90 -34.53 -18.44 10.11
CA MET CA 90 -35.40 -18.17 11.25
C MET CA 90 -36.85 -18.13 10.77
N ILE CA 91 -37.78 -18.61 11.60
CA ILE CA 91 -39.20 -18.62 11.29
C ILE CA 91 -39.94 -17.97 12.46
N ALA CA 92 -40.94 -17.14 12.17
CA ALA CA 92 -41.77 -16.58 13.24
C ALA CA 92 -43.20 -16.37 12.75
N GLY CA 93 -44.15 -16.38 13.68
CA GLY CA 93 -45.55 -16.19 13.35
C GLY CA 93 -46.32 -15.86 14.62
N HIS CA 94 -47.41 -15.09 14.46
CA HIS CA 94 -48.30 -14.73 15.54
C HIS CA 94 -49.54 -15.59 15.44
N SER CA 95 -50.03 -16.19 16.53
CA SER CA 95 -51.17 -17.10 16.47
C SER CA 95 -52.42 -16.47 15.84
N GLY CA 96 -52.51 -15.13 15.86
CA GLY CA 96 -53.55 -14.35 15.20
C GLY CA 96 -53.03 -13.42 14.10
N GLY CA 97 -51.92 -13.79 13.44
CA GLY CA 97 -51.46 -13.15 12.22
C GLY CA 97 -52.12 -13.77 10.98
N THR CA 98 -51.51 -13.58 9.79
CA THR CA 98 -52.00 -14.23 8.59
C THR CA 98 -51.19 -15.49 8.27
N VAL CA 99 -49.86 -15.33 8.12
CA VAL CA 99 -48.96 -16.40 7.66
C VAL CA 99 -47.67 -16.42 8.48
N TRP CA 100 -46.94 -17.54 8.44
CA TRP CA 100 -45.59 -17.61 8.95
C TRP CA 100 -44.65 -16.75 8.11
N PHE CA 101 -43.70 -16.08 8.76
CA PHE CA 101 -42.64 -15.33 8.11
C PHE CA 101 -41.32 -16.07 8.28
N ALA CA 102 -40.46 -15.94 7.29
CA ALA CA 102 -39.12 -16.53 7.31
C ALA CA 102 -38.08 -15.43 7.18
N ALA CA 103 -36.88 -15.66 7.72
CA ALA CA 103 -35.75 -14.77 7.53
C ALA CA 103 -34.49 -15.58 7.21
N THR CA 104 -33.75 -15.16 6.18
CA THR CA 104 -32.46 -15.72 5.80
C THR CA 104 -31.56 -14.56 5.39
N PRO CA 105 -30.22 -14.68 5.40
CA PRO CA 105 -29.37 -13.55 5.09
C PRO CA 105 -29.38 -13.14 3.61
N ASP CA 106 -29.85 -14.01 2.71
CA ASP CA 106 -29.99 -13.69 1.29
C ASP CA 106 -31.36 -13.09 0.96
N LYS CA 107 -32.46 -13.74 1.38
CA LYS CA 107 -33.80 -13.30 1.02
C LYS CA 107 -34.33 -12.19 1.93
N GLY CA 108 -33.65 -11.89 3.03
CA GLY CA 108 -34.15 -10.94 4.02
C GLY CA 108 -35.32 -11.53 4.82
N VAL CA 109 -36.20 -10.68 5.34
CA VAL CA 109 -37.43 -11.13 6.01
C VAL CA 109 -38.55 -11.13 4.99
N TYR CA 110 -39.27 -12.25 4.86
CA TYR CA 110 -40.31 -12.39 3.86
C TYR CA 110 -41.43 -13.32 4.35
N LYS CA 111 -42.63 -13.14 3.80
CA LYS CA 111 -43.78 -13.94 4.22
C LYS CA 111 -43.85 -15.23 3.40
N THR CA 112 -44.16 -16.34 4.07
CA THR CA 112 -44.32 -17.64 3.44
C THR CA 112 -45.79 -17.85 3.01
N ASN CA 113 -46.06 -18.99 2.33
CA ASN CA 113 -47.42 -19.34 1.95
C ASN CA 113 -48.22 -20.01 3.08
N THR CA 114 -47.55 -20.39 4.18
CA THR CA 114 -48.16 -21.22 5.22
C THR CA 114 -48.94 -20.38 6.23
N ALA CA 115 -50.24 -20.63 6.38
CA ALA CA 115 -51.07 -19.93 7.36
C ALA CA 115 -50.64 -20.25 8.81
N VAL CA 116 -50.80 -19.29 9.74
CA VAL CA 116 -50.35 -19.46 11.12
C VAL CA 116 -51.11 -20.55 11.89
N THR CA 117 -52.26 -20.97 11.36
CA THR CA 117 -53.06 -22.06 11.91
C THR CA 117 -52.47 -23.44 11.59
N SER CA 118 -51.69 -23.54 10.51
CA SER CA 118 -50.88 -24.72 10.17
C SER CA 118 -49.60 -24.74 11.00
N SER CA 119 -49.00 -25.94 11.15
CA SER CA 119 -47.71 -26.08 11.81
C SER CA 119 -46.60 -25.32 11.07
N GLN CA 120 -45.62 -24.78 11.81
CA GLN CA 120 -44.62 -23.87 11.23
C GLN CA 120 -43.75 -24.58 10.20
N PRO CA 121 -43.30 -23.86 9.13
CA PRO CA 121 -42.35 -24.41 8.18
C PRO CA 121 -41.11 -24.99 8.86
N GLU CA 122 -40.64 -26.13 8.33
CA GLU CA 122 -39.42 -26.78 8.79
C GLU CA 122 -38.15 -26.18 8.18
N SER CA 123 -38.30 -25.29 7.19
CA SER CA 123 -37.22 -24.68 6.43
C SER CA 123 -37.70 -23.42 5.71
N CYS CA 124 -36.76 -22.58 5.24
CA CYS CA 124 -37.02 -21.38 4.46
C CYS CA 124 -37.54 -21.74 3.05
N PRO CA 125 -38.77 -21.28 2.66
CA PRO CA 125 -39.22 -21.38 1.27
C PRO CA 125 -38.40 -20.54 0.28
N PHE DA 1 -102.65 11.11 21.20
CA PHE DA 1 -101.50 11.05 22.16
C PHE DA 1 -102.01 11.27 23.58
N THR DA 2 -101.62 10.40 24.53
CA THR DA 2 -102.23 10.33 25.86
C THR DA 2 -101.17 10.06 26.94
N LEU DA 3 -101.57 10.13 28.22
CA LEU DA 3 -100.60 10.12 29.30
C LEU DA 3 -99.84 8.79 29.39
N ILE DA 4 -100.49 7.68 29.04
CA ILE DA 4 -99.83 6.38 29.03
C ILE DA 4 -98.76 6.27 27.93
N GLU DA 5 -99.00 6.83 26.73
CA GLU DA 5 -97.95 6.85 25.71
C GLU DA 5 -96.78 7.72 26.15
N LEU DA 6 -97.09 8.84 26.80
CA LEU DA 6 -96.07 9.76 27.27
C LEU DA 6 -95.26 9.18 28.43
N LEU DA 7 -95.87 8.38 29.32
CA LEU DA 7 -95.14 7.66 30.34
C LEU DA 7 -94.24 6.56 29.75
N ILE DA 8 -94.68 5.86 28.70
CA ILE DA 8 -93.85 4.90 27.98
C ILE DA 8 -92.64 5.61 27.36
N VAL DA 9 -92.87 6.75 26.73
CA VAL DA 9 -91.81 7.56 26.14
C VAL DA 9 -90.80 8.00 27.20
N ILE DA 10 -91.26 8.51 28.34
CA ILE DA 10 -90.40 8.90 29.46
C ILE DA 10 -89.61 7.70 29.99
N ALA DA 11 -90.25 6.54 30.13
CA ALA DA 11 -89.60 5.33 30.60
C ALA DA 11 -88.48 4.87 29.65
N ILE DA 12 -88.73 4.90 28.35
CA ILE DA 12 -87.74 4.51 27.35
C ILE DA 12 -86.63 5.54 27.24
N ILE DA 13 -86.92 6.85 27.36
CA ILE DA 13 -85.87 7.88 27.45
C ILE DA 13 -84.94 7.59 28.62
N ALA DA 14 -85.48 7.24 29.79
CA ALA DA 14 -84.68 6.94 30.97
C ALA DA 14 -83.74 5.75 30.72
N ILE DA 15 -84.21 4.73 29.99
CA ILE DA 15 -83.39 3.58 29.59
C ILE DA 15 -82.28 4.01 28.63
N LEU DA 16 -82.62 4.68 27.53
CA LEU DA 16 -81.63 5.05 26.52
C LEU DA 16 -80.59 6.02 27.10
N ALA DA 17 -81.00 6.96 27.94
CA ALA DA 17 -80.10 7.88 28.62
C ALA DA 17 -79.09 7.16 29.53
N ALA DA 18 -79.48 6.01 30.09
CA ALA DA 18 -78.61 5.23 30.97
C ALA DA 18 -77.59 4.39 30.21
N VAL DA 19 -77.94 3.86 29.01
CA VAL DA 19 -77.13 2.85 28.35
C VAL DA 19 -76.34 3.36 27.15
N LEU DA 20 -76.79 4.44 26.50
CA LEU DA 20 -76.15 4.89 25.26
C LEU DA 20 -74.99 5.86 25.50
N ILE DA 21 -74.59 6.09 26.76
CA ILE DA 21 -73.49 6.96 27.11
C ILE DA 21 -72.27 6.12 27.48
N PRO DA 22 -71.09 6.31 26.84
CA PRO DA 22 -69.93 5.47 27.11
C PRO DA 22 -69.25 5.83 28.44
N ASN DA 23 -68.41 4.92 28.92
CA ASN DA 23 -67.51 5.22 30.03
C ASN DA 23 -66.44 6.20 29.54
N LEU DA 24 -66.59 7.49 29.89
CA LEU DA 24 -65.70 8.53 29.39
C LEU DA 24 -64.33 8.42 30.06
N LEU DA 25 -64.29 8.05 31.35
CA LEU DA 25 -63.05 7.92 32.08
C LEU DA 25 -62.12 6.87 31.45
N ALA DA 26 -62.66 5.70 31.12
CA ALA DA 26 -61.90 4.60 30.52
C ALA DA 26 -61.34 4.98 29.16
N ALA DA 27 -62.14 5.65 28.33
CA ALA DA 27 -61.71 6.17 27.03
C ALA DA 27 -60.55 7.16 27.19
N ARG DA 28 -60.69 8.14 28.08
CA ARG DA 28 -59.65 9.13 28.30
C ARG DA 28 -58.37 8.52 28.86
N LYS DA 29 -58.44 7.50 29.74
CA LYS DA 29 -57.25 6.81 30.23
C LYS DA 29 -56.36 6.31 29.09
N ARG DA 30 -56.94 5.64 28.09
CA ARG DA 30 -56.19 5.07 26.97
C ARG DA 30 -55.62 6.17 26.05
N ALA DA 31 -56.37 7.25 25.83
CA ALA DA 31 -55.85 8.39 25.11
C ALA DA 31 -54.69 9.05 25.87
N ASN DA 32 -54.80 9.23 27.19
CA ASN DA 32 -53.77 9.81 28.03
C ASN DA 32 -52.47 8.98 27.99
N ASP DA 33 -52.54 7.66 28.06
CA ASP DA 33 -51.36 6.81 27.91
C ASP DA 33 -50.72 6.96 26.53
N THR DA 34 -51.50 7.27 25.50
CA THR DA 34 -50.98 7.54 24.17
C THR DA 34 -50.18 8.85 24.14
N VAL DA 35 -50.65 9.88 24.84
CA VAL DA 35 -49.92 11.14 24.99
C VAL DA 35 -48.56 10.89 25.65
N VAL DA 36 -48.54 10.13 26.75
CA VAL DA 36 -47.30 9.83 27.46
C VAL DA 36 -46.34 9.05 26.57
N THR DA 37 -46.84 8.01 25.90
CA THR DA 37 -46.03 7.22 24.99
C THR DA 37 -45.45 8.08 23.87
N ALA DA 38 -46.27 8.92 23.24
CA ALA DA 38 -45.83 9.83 22.19
C ALA DA 38 -44.79 10.83 22.68
N TYR DA 39 -44.97 11.41 23.88
CA TYR DA 39 -44.03 12.36 24.42
C TYR DA 39 -42.68 11.70 24.76
N LEU DA 40 -42.68 10.49 25.31
CA LEU DA 40 -41.45 9.76 25.53
C LEU DA 40 -40.77 9.36 24.22
N ASN DA 41 -41.51 8.96 23.18
CA ASN DA 41 -40.92 8.72 21.87
C ASN DA 41 -40.26 9.97 21.30
N ASP DA 42 -40.83 11.15 21.51
CA ASP DA 42 -40.20 12.40 21.13
C ASP DA 42 -38.95 12.69 21.98
N ALA DA 43 -39.03 12.55 23.30
CA ALA DA 43 -37.88 12.73 24.17
C ALA DA 43 -36.72 11.83 23.77
N VAL DA 44 -37.00 10.60 23.32
CA VAL DA 44 -36.00 9.67 22.80
C VAL DA 44 -35.34 10.19 21.50
N LYS DA 45 -36.11 10.75 20.56
CA LYS DA 45 -35.53 11.36 19.36
C LYS DA 45 -34.60 12.50 19.74
N PHE DA 46 -34.99 13.34 20.70
CA PHE DA 46 -34.19 14.48 21.11
C PHE DA 46 -32.98 14.08 21.95
N GLN DA 47 -33.04 12.99 22.73
CA GLN DA 47 -31.85 12.44 23.35
C GLN DA 47 -30.83 12.03 22.30
N GLU DA 48 -31.24 11.37 21.21
CA GLU DA 48 -30.33 11.05 20.13
C GLU DA 48 -29.78 12.30 19.43
N MET DA 49 -30.59 13.34 19.22
CA MET DA 49 -30.07 14.58 18.66
C MET DA 49 -29.08 15.28 19.59
N TYR DA 50 -29.32 15.26 20.89
CA TYR DA 50 -28.37 15.82 21.84
C TYR DA 50 -27.06 15.02 21.85
N GLN DA 51 -27.16 13.70 21.71
CA GLN DA 51 -26.03 12.80 21.56
C GLN DA 51 -25.22 13.11 20.29
N ILE DA 52 -25.86 13.48 19.17
CA ILE DA 52 -25.17 13.91 17.95
C ILE DA 52 -24.31 15.14 18.21
N ASP DA 53 -24.82 16.12 18.95
CA ASP DA 53 -24.13 17.38 19.20
C ASP DA 53 -23.09 17.32 20.33
N ASN DA 54 -23.30 16.49 21.36
CA ASN DA 54 -22.56 16.58 22.61
C ASN DA 54 -21.84 15.29 23.01
N ASN DA 55 -22.02 14.19 22.27
CA ASN DA 55 -21.45 12.89 22.61
C ASN DA 55 -21.82 12.41 24.03
N SER DA 56 -22.99 12.82 24.53
CA SER DA 56 -23.50 12.44 25.85
C SER DA 56 -25.01 12.65 25.85
N TYR DA 57 -25.76 12.02 26.78
CA TYR DA 57 -27.18 12.30 26.93
C TYR DA 57 -27.46 13.41 27.95
N THR DA 58 -28.63 14.05 27.85
CA THR DA 58 -29.01 15.13 28.75
C THR DA 58 -29.53 14.59 30.07
N SER DA 59 -29.41 15.38 31.13
CA SER DA 59 -30.08 14.98 32.35
C SER DA 59 -31.22 15.95 32.56
N ASN DA 60 -31.17 17.07 31.82
CA ASN DA 60 -32.14 18.14 32.00
C ASN DA 60 -33.01 18.39 30.76
N GLN DA 61 -34.32 18.52 30.98
CA GLN DA 61 -35.31 18.64 29.92
C GLN DA 61 -35.12 19.90 29.06
N ALA DA 62 -34.60 20.99 29.63
CA ALA DA 62 -34.45 22.24 28.91
C ALA DA 62 -33.49 22.14 27.71
N ALA DA 63 -32.49 21.26 27.79
CA ALA DA 63 -31.61 20.97 26.66
C ALA DA 63 -32.38 20.30 25.52
N LEU DA 64 -33.25 19.33 25.83
CA LEU DA 64 -34.10 18.69 24.83
C LEU DA 64 -35.09 19.70 24.23
N ILE DA 65 -35.68 20.58 25.05
CA ILE DA 65 -36.59 21.62 24.57
C ILE DA 65 -35.85 22.59 23.64
N SER DA 66 -34.61 22.94 23.96
CA SER DA 66 -33.86 23.79 23.05
C SER DA 66 -33.76 23.17 21.67
N LEU DA 67 -33.45 21.87 21.61
CA LEU DA 67 -33.29 21.15 20.36
C LEU DA 67 -34.59 20.97 19.58
N GLY DA 68 -35.75 21.09 20.25
CA GLY DA 68 -37.04 21.04 19.56
C GLY DA 68 -38.14 20.20 20.23
N LEU DA 69 -37.84 19.62 21.39
CA LEU DA 69 -38.89 18.88 22.14
C LEU DA 69 -39.86 19.88 22.76
N LYS DA 70 -41.16 19.63 22.62
CA LYS DA 70 -42.17 20.62 23.07
C LYS DA 70 -42.35 20.60 24.59
N SER DA 71 -43.10 21.58 25.11
CA SER DA 71 -43.41 21.65 26.56
C SER DA 71 -43.99 20.31 27.01
N THR DA 72 -43.72 19.90 28.26
CA THR DA 72 -44.35 18.66 28.77
C THR DA 72 -45.87 18.81 28.65
N PRO DA 73 -46.60 17.81 28.11
CA PRO DA 73 -48.04 17.94 27.89
C PRO DA 73 -48.85 18.23 29.16
N ALA DA 74 -50.02 18.87 29.00
CA ALA DA 74 -50.87 19.15 30.16
C ALA DA 74 -51.13 17.87 30.96
N ASN DA 75 -51.00 17.95 32.29
CA ASN DA 75 -51.17 16.84 33.23
C ASN DA 75 -50.14 15.71 33.11
N VAL DA 76 -49.17 15.80 32.20
CA VAL DA 76 -48.06 14.86 32.16
C VAL DA 76 -46.90 15.40 33.00
N THR DA 77 -46.47 14.60 33.97
CA THR DA 77 -45.21 14.83 34.67
C THR DA 77 -44.14 13.95 34.07
N PHE DA 78 -43.06 14.57 33.58
CA PHE DA 78 -41.93 13.92 32.95
C PHE DA 78 -40.67 14.23 33.73
N SER DA 79 -39.80 13.23 33.91
CA SER DA 79 -38.51 13.43 34.54
C SER DA 79 -37.43 12.62 33.81
N ILE DA 80 -36.23 13.19 33.71
CA ILE DA 80 -35.06 12.42 33.34
C ILE DA 80 -34.41 11.99 34.65
N VAL DA 81 -34.52 10.72 34.97
CA VAL DA 81 -34.10 10.17 36.25
C VAL DA 81 -32.58 10.17 36.35
N SER DA 82 -31.90 9.76 35.27
CA SER DA 82 -30.46 9.76 35.19
C SER DA 82 -30.02 9.82 33.73
N ALA DA 83 -28.78 10.26 33.52
CA ALA DA 83 -28.16 10.22 32.20
C ALA DA 83 -26.64 10.20 32.34
N SER DA 84 -25.98 9.70 31.28
CA SER DA 84 -24.53 9.59 31.22
C SER DA 84 -24.09 9.74 29.77
N ALA DA 85 -22.80 9.54 29.51
CA ALA DA 85 -22.29 9.53 28.15
C ALA DA 85 -22.93 8.43 27.28
N ASN DA 86 -23.50 7.38 27.91
CA ASN DA 86 -23.82 6.14 27.23
C ASN DA 86 -25.26 5.66 27.43
N SER DA 87 -25.98 6.21 28.43
CA SER DA 87 -27.33 5.77 28.73
C SER DA 87 -28.17 6.89 29.33
N TYR DA 88 -29.49 6.70 29.34
CA TYR DA 88 -30.43 7.55 30.08
C TYR DA 88 -31.54 6.69 30.64
N CYS DA 89 -32.22 7.21 31.67
CA CYS DA 89 -33.50 6.72 32.08
C CYS DA 89 -34.46 7.89 32.18
N MET DA 90 -35.61 7.82 31.51
CA MET DA 90 -36.66 8.84 31.60
C MET DA 90 -37.95 8.17 32.06
N ILE DA 91 -38.75 8.90 32.86
CA ILE DA 91 -40.02 8.42 33.38
C ILE DA 91 -41.08 9.46 33.04
N ALA DA 92 -42.27 9.04 32.63
CA ALA DA 92 -43.38 9.97 32.43
C ALA DA 92 -44.71 9.30 32.72
N GLY DA 93 -45.70 10.10 33.11
CA GLY DA 93 -47.02 9.60 33.42
C GLY DA 93 -48.02 10.74 33.41
N HIS DA 94 -49.27 10.42 33.08
CA HIS DA 94 -50.37 11.38 33.08
C HIS DA 94 -51.20 11.14 34.32
N SER DA 95 -51.58 12.19 35.07
CA SER DA 95 -52.30 12.00 36.33
C SER DA 95 -53.60 11.20 36.18
N GLY DA 96 -54.17 11.18 34.96
CA GLY DA 96 -55.32 10.38 34.59
C GLY DA 96 -55.03 9.32 33.52
N GLY DA 97 -53.79 8.82 33.45
CA GLY DA 97 -53.45 7.64 32.66
C GLY DA 97 -53.67 6.36 33.46
N THR DA 98 -53.02 5.25 33.04
CA THR DA 98 -53.09 4.01 33.81
C THR DA 98 -51.85 3.83 34.68
N VAL DA 99 -50.65 3.84 34.07
CA VAL DA 99 -49.38 3.53 34.73
C VAL DA 99 -48.28 4.51 34.30
N TRP DA 100 -47.21 4.58 35.09
CA TRP DA 100 -45.99 5.26 34.68
C TRP DA 100 -45.32 4.52 33.52
N PHE DA 101 -44.76 5.27 32.57
CA PHE DA 101 -43.97 4.73 31.47
C PHE DA 101 -42.51 5.09 31.70
N ALA DA 102 -41.63 4.22 31.25
CA ALA DA 102 -40.19 4.42 31.33
C ALA DA 102 -39.60 4.38 29.91
N ALA DA 103 -38.48 5.08 29.72
CA ALA DA 103 -37.72 5.00 28.48
C ALA DA 103 -36.23 4.86 28.79
N THR DA 104 -35.56 3.92 28.10
CA THR DA 104 -34.12 3.73 28.16
C THR DA 104 -33.65 3.39 26.74
N PRO DA 105 -32.37 3.58 26.39
CA PRO DA 105 -31.95 3.34 25.01
C PRO DA 105 -31.91 1.86 24.62
N ASP DA 106 -31.92 0.93 25.58
CA ASP DA 106 -31.99 -0.49 25.31
C ASP DA 106 -33.42 -1.02 25.22
N LYS DA 107 -34.27 -0.72 26.23
CA LYS DA 107 -35.62 -1.26 26.29
C LYS DA 107 -36.63 -0.45 25.46
N GLY DA 108 -36.24 0.72 24.96
CA GLY DA 108 -37.17 1.61 24.26
C GLY DA 108 -38.13 2.26 25.24
N VAL DA 109 -39.33 2.66 24.78
CA VAL DA 109 -40.38 3.18 25.66
C VAL DA 109 -41.30 2.03 26.04
N TYR DA 110 -41.55 1.84 27.34
CA TYR DA 110 -42.33 0.72 27.83
C TYR DA 110 -43.10 1.09 29.10
N LYS DA 111 -44.21 0.39 29.35
CA LYS DA 111 -45.03 0.69 30.51
C LYS DA 111 -44.53 -0.09 31.73
N THR DA 112 -44.51 0.57 32.89
CA THR DA 112 -44.12 -0.04 34.16
C THR DA 112 -45.34 -0.65 34.86
N ASN DA 113 -45.11 -1.32 36.01
CA ASN DA 113 -46.19 -1.86 36.82
C ASN DA 113 -46.83 -0.82 37.75
N THR DA 114 -46.21 0.37 37.89
CA THR DA 114 -46.61 1.35 38.90
C THR DA 114 -47.76 2.22 38.40
N ALA DA 115 -48.90 2.22 39.12
CA ALA DA 115 -50.04 3.07 38.78
C ALA DA 115 -49.71 4.56 38.94
N VAL DA 116 -50.32 5.44 38.12
CA VAL DA 116 -50.02 6.88 38.14
C VAL DA 116 -50.43 7.57 39.44
N THR DA 117 -51.27 6.91 40.25
CA THR DA 117 -51.69 7.39 41.55
C THR DA 117 -50.62 7.19 42.63
N SER DA 118 -49.71 6.22 42.43
CA SER DA 118 -48.52 6.02 43.23
C SER DA 118 -47.42 7.00 42.81
N SER DA 119 -46.46 7.27 43.71
CA SER DA 119 -45.30 8.08 43.39
C SER DA 119 -44.46 7.47 42.27
N GLN DA 120 -43.83 8.30 41.43
CA GLN DA 120 -43.16 7.83 40.22
C GLN DA 120 -41.98 6.93 40.54
N PRO DA 121 -41.68 5.92 39.69
CA PRO DA 121 -40.47 5.10 39.85
C PRO DA 121 -39.21 5.95 39.96
N GLU DA 122 -38.29 5.52 40.84
CA GLU DA 122 -37.00 6.14 41.03
C GLU DA 122 -35.95 5.67 40.01
N SER DA 123 -36.28 4.65 39.20
CA SER DA 123 -35.40 4.01 38.24
C SER DA 123 -36.21 3.20 37.22
N CYS DA 124 -35.58 2.83 36.10
CA CYS DA 124 -36.15 1.98 35.06
C CYS DA 124 -36.33 0.54 35.54
N PRO DA 125 -37.57 -0.01 35.55
CA PRO DA 125 -37.79 -1.45 35.79
C PRO DA 125 -37.19 -2.35 34.69
N PHE EA 1 -118.31 15.77 33.01
CA PHE EA 1 -117.77 15.53 31.63
C PHE EA 1 -118.93 15.39 30.65
N THR EA 2 -118.86 16.12 29.52
CA THR EA 2 -120.00 16.32 28.61
C THR EA 2 -119.55 16.30 27.14
N LEU EA 3 -120.51 16.29 26.20
CA LEU EA 3 -120.20 16.04 24.81
C LEU EA 3 -119.32 17.14 24.20
N ILE EA 4 -119.48 18.39 24.66
CA ILE EA 4 -118.64 19.49 24.19
C ILE EA 4 -117.19 19.36 24.66
N GLU EA 5 -116.93 18.91 25.89
CA GLU EA 5 -115.56 18.65 26.32
C GLU EA 5 -114.95 17.51 25.51
N LEU EA 6 -115.74 16.49 25.24
CA LEU EA 6 -115.28 15.33 24.49
C LEU EA 6 -115.01 15.68 23.01
N LEU EA 7 -115.80 16.58 22.41
CA LEU EA 7 -115.50 17.08 21.07
C LEU EA 7 -114.23 17.94 21.04
N ILE EA 8 -113.98 18.75 22.08
CA ILE EA 8 -112.72 19.50 22.20
C ILE EA 8 -111.54 18.53 22.28
N VAL EA 9 -111.66 17.49 23.10
CA VAL EA 9 -110.65 16.47 23.25
C VAL EA 9 -110.37 15.76 21.92
N ILE EA 10 -111.41 15.35 21.19
CA ILE EA 10 -111.28 14.75 19.87
C ILE EA 10 -110.61 15.70 18.88
N ALA EA 11 -110.99 16.98 18.89
CA ALA EA 11 -110.41 17.99 18.01
C ALA EA 11 -108.91 18.18 18.27
N ILE EA 12 -108.51 18.24 19.55
CA ILE EA 12 -107.12 18.41 19.92
C ILE EA 12 -106.31 17.13 19.65
N ILE EA 13 -106.88 15.94 19.86
CA ILE EA 13 -106.24 14.69 19.44
C ILE EA 13 -105.93 14.71 17.94
N ALA EA 14 -106.88 15.15 17.11
CA ALA EA 14 -106.69 15.23 15.67
C ALA EA 14 -105.54 16.17 15.30
N ILE EA 15 -105.38 17.28 16.02
CA ILE EA 15 -104.26 18.20 15.85
C ILE EA 15 -102.94 17.54 16.26
N LEU EA 16 -102.84 17.00 17.47
CA LEU EA 16 -101.59 16.43 17.94
C LEU EA 16 -101.17 15.22 17.10
N ALA EA 17 -102.12 14.38 16.67
CA ALA EA 17 -101.84 13.25 15.79
C ALA EA 17 -101.28 13.69 14.43
N ALA EA 18 -101.63 14.89 13.96
CA ALA EA 18 -101.15 15.41 12.68
C ALA EA 18 -99.74 16.00 12.77
N VAL EA 19 -99.37 16.61 13.90
CA VAL EA 19 -98.16 17.43 13.99
C VAL EA 19 -97.01 16.76 14.76
N LEU EA 20 -97.30 15.84 15.67
CA LEU EA 20 -96.27 15.28 16.54
C LEU EA 20 -95.57 14.05 15.93
N ILE EA 21 -95.89 13.71 14.67
CA ILE EA 21 -95.28 12.58 13.99
C ILE EA 21 -94.25 13.10 12.98
N PRO EA 22 -92.97 12.63 13.05
CA PRO EA 22 -91.92 13.16 12.17
C PRO EA 22 -92.04 12.62 10.74
N ASN EA 23 -91.37 13.28 9.79
CA ASN EA 23 -91.19 12.75 8.46
C ASN EA 23 -90.24 11.56 8.54
N LEU EA 24 -90.79 10.33 8.47
CA LEU EA 24 -90.00 9.12 8.64
C LEU EA 24 -89.12 8.87 7.42
N LEU EA 25 -89.62 9.19 6.22
CA LEU EA 25 -88.88 8.99 4.99
C LEU EA 25 -87.58 9.81 4.98
N ALA EA 26 -87.64 11.08 5.36
CA ALA EA 26 -86.49 11.97 5.39
C ALA EA 26 -85.43 11.51 6.39
N ALA EA 27 -85.86 11.07 7.58
CA ALA EA 27 -84.99 10.49 8.59
C ALA EA 27 -84.27 9.24 8.07
N ARG EA 28 -85.02 8.30 7.47
CA ARG EA 28 -84.42 7.09 6.94
C ARG EA 28 -83.48 7.36 5.78
N LYS EA 29 -83.74 8.34 4.90
CA LYS EA 29 -82.81 8.71 3.83
C LYS EA 29 -81.41 9.01 4.37
N ARG EA 30 -81.29 9.82 5.43
CA ARG EA 30 -80.00 10.21 5.98
C ARG EA 30 -79.30 9.05 6.69
N ALA EA 31 -80.06 8.17 7.36
CA ALA EA 31 -79.50 6.95 7.93
C ALA EA 31 -79.00 6.01 6.82
N ASN EA 32 -79.76 5.85 5.74
CA ASN EA 32 -79.38 5.02 4.60
C ASN EA 32 -78.09 5.49 3.93
N ASP EA 33 -77.93 6.80 3.71
CA ASP EA 33 -76.68 7.34 3.20
C ASP EA 33 -75.49 7.06 4.14
N THR EA 34 -75.74 6.98 5.45
CA THR EA 34 -74.72 6.63 6.42
C THR EA 34 -74.29 5.17 6.26
N VAL EA 35 -75.23 4.26 5.99
CA VAL EA 35 -74.92 2.87 5.70
C VAL EA 35 -74.03 2.76 4.47
N VAL EA 36 -74.38 3.46 3.38
CA VAL EA 36 -73.60 3.43 2.16
C VAL EA 36 -72.18 3.98 2.39
N THR EA 37 -72.07 5.12 3.08
CA THR EA 37 -70.79 5.71 3.40
C THR EA 37 -69.95 4.76 4.24
N ALA EA 38 -70.51 4.16 5.28
CA ALA EA 38 -69.82 3.21 6.13
C ALA EA 38 -69.37 1.97 5.35
N TYR EA 39 -70.21 1.43 4.47
CA TYR EA 39 -69.85 0.26 3.68
C TYR EA 39 -68.72 0.55 2.68
N LEU EA 40 -68.75 1.73 2.04
CA LEU EA 40 -67.63 2.13 1.19
C LEU EA 40 -66.36 2.38 1.98
N ASN EA 41 -66.42 2.98 3.17
CA ASN EA 41 -65.24 3.10 4.02
C ASN EA 41 -64.65 1.74 4.40
N ASP EA 42 -65.50 0.72 4.64
CA ASP EA 42 -65.01 -0.63 4.84
C ASP EA 42 -64.42 -1.23 3.58
N ALA EA 43 -65.09 -1.11 2.43
CA ALA EA 43 -64.55 -1.59 1.16
C ALA EA 43 -63.17 -0.98 0.86
N VAL EA 44 -62.96 0.29 1.22
CA VAL EA 44 -61.66 0.95 1.11
C VAL EA 44 -60.59 0.32 2.01
N LYS EA 45 -60.90 -0.01 3.27
CA LYS EA 45 -59.98 -0.72 4.15
C LYS EA 45 -59.57 -2.05 3.54
N PHE EA 46 -60.55 -2.79 3.00
CA PHE EA 46 -60.29 -4.09 2.42
C PHE EA 46 -59.57 -4.03 1.08
N GLN EA 47 -59.77 -2.98 0.27
CA GLN EA 47 -58.93 -2.75 -0.90
C GLN EA 47 -57.46 -2.57 -0.50
N GLU EA 48 -57.17 -1.80 0.57
CA GLU EA 48 -55.80 -1.69 1.07
C GLU EA 48 -55.27 -3.02 1.60
N MET EA 49 -56.06 -3.82 2.28
CA MET EA 49 -55.61 -5.14 2.73
C MET EA 49 -55.34 -6.07 1.55
N TYR EA 50 -56.16 -6.04 0.50
CA TYR EA 50 -55.90 -6.83 -0.69
C TYR EA 50 -54.64 -6.37 -1.39
N GLN EA 51 -54.39 -5.06 -1.40
CA GLN EA 51 -53.16 -4.47 -1.91
C GLN EA 51 -51.93 -4.94 -1.12
N ILE EA 52 -52.03 -5.10 0.21
CA ILE EA 52 -50.94 -5.67 1.03
C ILE EA 52 -50.58 -7.08 0.56
N ASP EA 53 -51.57 -7.92 0.28
CA ASP EA 53 -51.34 -9.31 -0.08
C ASP EA 53 -50.97 -9.53 -1.55
N ASN EA 54 -51.48 -8.70 -2.47
CA ASN EA 54 -51.46 -9.00 -3.90
C ASN EA 54 -50.77 -7.93 -4.76
N ASN EA 55 -50.35 -6.80 -4.18
CA ASN EA 55 -49.76 -5.69 -4.92
C ASN EA 55 -50.66 -5.16 -6.06
N SER EA 56 -51.97 -5.29 -5.91
CA SER EA 56 -52.95 -4.83 -6.89
C SER EA 56 -54.30 -4.67 -6.17
N TYR EA 57 -55.25 -3.90 -6.74
CA TYR EA 57 -56.60 -3.82 -6.18
C TYR EA 57 -57.54 -4.86 -6.80
N THR EA 58 -58.62 -5.20 -6.10
CA THR EA 58 -59.59 -6.17 -6.57
C THR EA 58 -60.56 -5.55 -7.58
N SER EA 59 -61.12 -6.38 -8.45
CA SER EA 59 -62.18 -5.85 -9.28
C SER EA 59 -63.46 -6.52 -8.82
N ASN EA 60 -63.30 -7.60 -8.04
CA ASN EA 60 -64.43 -8.42 -7.61
C ASN EA 60 -64.63 -8.40 -6.10
N GLN EA 61 -65.89 -8.23 -5.66
CA GLN EA 61 -66.26 -8.08 -4.27
C GLN EA 61 -65.94 -9.33 -3.43
N ALA EA 62 -65.98 -10.52 -4.02
CA ALA EA 62 -65.77 -11.76 -3.27
C ALA EA 62 -64.37 -11.86 -2.68
N ALA EA 63 -63.36 -11.25 -3.31
CA ALA EA 63 -62.02 -11.16 -2.77
C ALA EA 63 -62.00 -10.29 -1.50
N LEU EA 64 -62.70 -9.15 -1.51
CA LEU EA 64 -62.83 -8.31 -0.33
C LEU EA 64 -63.59 -9.02 0.79
N ILE EA 65 -64.66 -9.75 0.46
CA ILE EA 65 -65.43 -10.52 1.42
C ILE EA 65 -64.56 -11.62 2.04
N SER EA 66 -63.71 -12.27 1.24
CA SER EA 66 -62.81 -13.26 1.81
C SER EA 66 -61.94 -12.65 2.91
N LEU EA 67 -61.39 -11.46 2.63
CA LEU EA 67 -60.51 -10.77 3.57
C LEU EA 67 -61.22 -10.26 4.83
N GLY EA 68 -62.56 -10.12 4.78
CA GLY EA 68 -63.32 -9.74 5.97
C GLY EA 68 -64.40 -8.68 5.76
N LEU EA 69 -64.58 -8.21 4.52
CA LEU EA 69 -65.68 -7.26 4.23
C LEU EA 69 -67.02 -8.00 4.27
N LYS EA 70 -68.01 -7.45 4.96
CA LYS EA 70 -69.30 -8.17 5.15
C LYS EA 70 -70.17 -8.14 3.90
N SER EA 71 -71.25 -8.93 3.90
CA SER EA 71 -72.22 -8.95 2.78
C SER EA 71 -72.66 -7.52 2.46
N THR EA 72 -72.93 -7.22 1.19
CA THR EA 72 -73.47 -5.87 0.86
C THR EA 72 -74.74 -5.65 1.68
N PRO EA 73 -74.91 -4.49 2.34
CA PRO EA 73 -76.07 -4.25 3.22
C PRO EA 73 -77.42 -4.38 2.51
N ALA EA 74 -78.48 -4.71 3.26
CA ALA EA 74 -79.81 -4.79 2.66
C ALA EA 74 -80.16 -3.51 1.91
N ASN EA 75 -80.69 -3.65 0.69
CA ASN EA 75 -81.06 -2.57 -0.21
C ASN EA 75 -79.89 -1.71 -0.73
N VAL EA 76 -78.64 -2.01 -0.35
CA VAL EA 76 -77.48 -1.37 -0.96
C VAL EA 76 -76.99 -2.20 -2.14
N THR EA 77 -76.92 -1.55 -3.30
CA THR EA 77 -76.22 -2.09 -4.46
C THR EA 77 -74.84 -1.48 -4.54
N PHE EA 78 -73.81 -2.35 -4.52
CA PHE EA 78 -72.41 -1.97 -4.56
C PHE EA 78 -71.76 -2.59 -5.78
N SER EA 79 -70.90 -1.84 -6.46
CA SER EA 79 -70.13 -2.36 -7.58
C SER EA 79 -68.70 -1.81 -7.54
N ILE EA 80 -67.74 -2.66 -7.93
CA ILE EA 80 -66.40 -2.19 -8.24
C ILE EA 80 -66.38 -1.97 -9.74
N VAL EA 81 -66.37 -0.71 -10.14
CA VAL EA 81 -66.51 -0.31 -11.53
C VAL EA 81 -65.24 -0.68 -12.32
N SER EA 82 -64.08 -0.42 -11.72
CA SER EA 82 -62.79 -0.77 -12.32
C SER EA 82 -61.75 -0.89 -11.22
N ALA EA 83 -60.66 -1.62 -11.53
CA ALA EA 83 -59.50 -1.69 -10.67
C ALA EA 83 -58.26 -2.05 -11.47
N SER EA 84 -57.10 -1.70 -10.92
CA SER EA 84 -55.81 -1.95 -11.53
C SER EA 84 -54.77 -2.16 -10.44
N ALA EA 85 -53.50 -2.27 -10.83
CA ALA EA 85 -52.42 -2.35 -9.86
C ALA EA 85 -52.33 -1.12 -8.96
N ASN EA 86 -52.90 0.03 -9.38
CA ASN EA 86 -52.60 1.33 -8.81
C ASN EA 86 -53.84 2.13 -8.40
N SER EA 87 -55.04 1.75 -8.87
CA SER EA 87 -56.24 2.51 -8.58
C SER EA 87 -57.48 1.60 -8.58
N TYR EA 88 -58.58 2.11 -8.02
CA TYR EA 88 -59.90 1.49 -8.12
C TYR EA 88 -60.95 2.58 -8.23
N CYS EA 89 -62.11 2.22 -8.76
CA CYS EA 89 -63.32 3.00 -8.60
C CYS EA 89 -64.43 2.08 -8.10
N MET EA 90 -65.08 2.45 -6.99
CA MET EA 90 -66.23 1.73 -6.46
C MET EA 90 -67.42 2.66 -6.37
N ILE EA 91 -68.62 2.13 -6.61
CA ILE EA 91 -69.86 2.90 -6.54
C ILE EA 91 -70.83 2.15 -5.64
N ALA EA 92 -71.56 2.87 -4.78
CA ALA EA 92 -72.60 2.24 -3.98
C ALA EA 92 -73.75 3.20 -3.72
N GLY EA 93 -74.94 2.64 -3.49
CA GLY EA 93 -76.12 3.45 -3.24
C GLY EA 93 -77.20 2.59 -2.63
N HIS EA 94 -78.05 3.21 -1.81
CA HIS EA 94 -79.19 2.54 -1.18
C HIS EA 94 -80.44 2.94 -1.94
N SER EA 95 -81.33 2.00 -2.27
CA SER EA 95 -82.51 2.33 -3.08
C SER EA 95 -83.39 3.42 -2.47
N GLY EA 96 -83.30 3.61 -1.14
CA GLY EA 96 -83.95 4.68 -0.40
C GLY EA 96 -82.98 5.66 0.28
N GLY EA 97 -81.78 5.85 -0.30
CA GLY EA 97 -80.87 6.93 0.07
C GLY EA 97 -81.18 8.21 -0.69
N THR EA 98 -80.21 9.13 -0.77
CA THR EA 98 -80.37 10.33 -1.58
C THR EA 98 -79.68 10.18 -2.95
N VAL EA 99 -78.37 9.90 -2.95
CA VAL EA 99 -77.54 9.87 -4.15
C VAL EA 99 -76.59 8.68 -4.13
N TRP EA 100 -76.05 8.32 -5.31
CA TRP EA 100 -74.96 7.37 -5.41
C TRP EA 100 -73.69 7.97 -4.80
N PHE EA 101 -72.91 7.12 -4.12
CA PHE EA 101 -71.60 7.48 -3.58
C PHE EA 101 -70.53 6.77 -4.40
N ALA EA 102 -69.38 7.42 -4.52
CA ALA EA 102 -68.22 6.87 -5.21
C ALA EA 102 -67.04 6.79 -4.24
N ALA EA 103 -66.13 5.85 -4.49
CA ALA EA 103 -64.87 5.77 -3.75
C ALA EA 103 -63.72 5.54 -4.71
N THR EA 104 -62.63 6.29 -4.54
CA THR EA 104 -61.38 6.13 -5.27
C THR EA 104 -60.24 6.39 -4.29
N PRO EA 105 -59.01 5.91 -4.53
CA PRO EA 105 -57.95 6.07 -3.55
C PRO EA 105 -57.43 7.50 -3.40
N ASP EA 106 -57.70 8.38 -4.38
CA ASP EA 106 -57.34 9.79 -4.30
C ASP EA 106 -58.43 10.64 -3.65
N LYS EA 107 -59.69 10.54 -4.12
CA LYS EA 107 -60.77 11.38 -3.62
C LYS EA 107 -61.41 10.87 -2.33
N GLY EA 108 -61.07 9.64 -1.90
CA GLY EA 108 -61.72 9.03 -0.75
C GLY EA 108 -63.15 8.60 -1.09
N VAL EA 109 -64.03 8.52 -0.08
CA VAL EA 109 -65.45 8.24 -0.30
C VAL EA 109 -66.19 9.57 -0.37
N TYR EA 110 -66.98 9.79 -1.43
CA TYR EA 110 -67.65 11.06 -1.66
C TYR EA 110 -68.99 10.86 -2.38
N LYS EA 111 -69.91 11.79 -2.18
CA LYS EA 111 -71.23 11.68 -2.80
C LYS EA 111 -71.21 12.28 -4.20
N THR EA 112 -71.89 11.62 -5.14
CA THR EA 112 -72.03 12.08 -6.52
C THR EA 112 -73.29 12.94 -6.68
N ASN EA 113 -73.49 13.51 -7.88
CA ASN EA 113 -74.70 14.27 -8.17
C ASN EA 113 -75.90 13.40 -8.56
N THR EA 114 -75.68 12.10 -8.80
CA THR EA 114 -76.70 11.22 -9.38
C THR EA 114 -77.62 10.67 -8.29
N ALA EA 115 -78.94 10.93 -8.40
CA ALA EA 115 -79.92 10.38 -7.47
C ALA EA 115 -80.02 8.85 -7.56
N VAL EA 116 -80.33 8.17 -6.45
CA VAL EA 116 -80.38 6.71 -6.42
C VAL EA 116 -81.48 6.10 -7.27
N THR EA 117 -82.45 6.92 -7.69
CA THR EA 117 -83.54 6.52 -8.58
C THR EA 117 -83.08 6.44 -10.04
N SER EA 118 -82.02 7.16 -10.40
CA SER EA 118 -81.33 7.04 -11.69
C SER EA 118 -80.38 5.85 -11.68
N SER EA 119 -80.04 5.34 -12.88
CA SER EA 119 -79.06 4.26 -13.02
C SER EA 119 -77.68 4.69 -12.50
N GLN EA 120 -76.92 3.74 -11.92
CA GLN EA 120 -75.67 4.06 -11.23
C GLN EA 120 -74.63 4.65 -12.18
N PRO EA 121 -73.76 5.58 -11.70
CA PRO EA 121 -72.64 6.07 -12.49
C PRO EA 121 -71.78 4.94 -13.05
N GLU EA 122 -71.33 5.12 -14.30
CA GLU EA 122 -70.43 4.19 -14.97
C GLU EA 122 -68.95 4.42 -14.61
N SER EA 123 -68.66 5.51 -13.89
CA SER EA 123 -67.31 5.94 -13.53
C SER EA 123 -67.36 6.94 -12.37
N CYS EA 124 -66.22 7.18 -11.72
CA CYS EA 124 -66.04 8.16 -10.66
C CYS EA 124 -66.13 9.59 -11.20
N PRO EA 125 -67.09 10.44 -10.72
CA PRO EA 125 -67.09 11.87 -11.02
C PRO EA 125 -65.88 12.63 -10.45
N PHE FA 1 -128.26 19.09 29.99
CA PHE FA 1 -127.50 17.80 29.99
C PHE FA 1 -128.40 16.68 30.51
N THR FA 2 -128.46 15.55 29.78
CA THR FA 2 -129.46 14.51 29.99
C THR FA 2 -128.85 13.11 29.82
N LEU FA 3 -129.62 12.07 30.15
CA LEU FA 3 -129.06 10.73 30.24
C LEU FA 3 -128.56 10.19 28.89
N ILE FA 4 -129.22 10.59 27.80
CA ILE FA 4 -128.79 10.20 26.47
C ILE FA 4 -127.45 10.86 26.07
N GLU FA 5 -127.21 12.12 26.43
CA GLU FA 5 -125.90 12.73 26.17
C GLU FA 5 -124.82 12.03 27.00
N LEU FA 6 -125.15 11.70 28.24
CA LEU FA 6 -124.22 11.03 29.14
C LEU FA 6 -123.91 9.61 28.70
N LEU FA 7 -124.88 8.88 28.13
CA LEU FA 7 -124.61 7.57 27.53
C LEU FA 7 -123.75 7.67 26.27
N ILE FA 8 -123.93 8.71 25.44
CA ILE FA 8 -123.06 8.96 24.30
C ILE FA 8 -121.63 9.23 24.78
N VAL FA 9 -121.47 10.05 25.81
CA VAL FA 9 -120.18 10.36 26.40
C VAL FA 9 -119.51 9.08 26.92
N ILE FA 10 -120.23 8.25 27.67
CA ILE FA 10 -119.73 6.97 28.16
C ILE FA 10 -119.33 6.05 27.02
N ALA FA 11 -120.13 5.98 25.95
CA ALA FA 11 -119.84 5.15 24.79
C ALA FA 11 -118.56 5.60 24.08
N ILE FA 12 -118.37 6.90 23.91
CA ILE FA 12 -117.19 7.44 23.25
C ILE FA 12 -115.96 7.31 24.16
N ILE FA 13 -116.08 7.47 25.48
CA ILE FA 13 -114.99 7.18 26.41
C ILE FA 13 -114.52 5.73 26.25
N ALA FA 14 -115.45 4.78 26.17
CA ALA FA 14 -115.12 3.37 25.99
C ALA FA 14 -114.33 3.12 24.71
N ILE FA 15 -114.68 3.82 23.62
CA ILE FA 15 -113.95 3.77 22.36
C ILE FA 15 -112.55 4.36 22.50
N LEU FA 16 -112.42 5.58 23.00
CA LEU FA 16 -111.12 6.22 23.09
C LEU FA 16 -110.19 5.48 24.06
N ALA FA 17 -110.71 4.95 25.16
CA ALA FA 17 -109.95 4.15 26.11
C ALA FA 17 -109.40 2.86 25.47
N ALA FA 18 -110.09 2.31 24.47
CA ALA FA 18 -109.68 1.10 23.79
C ALA FA 18 -108.59 1.35 22.74
N VAL FA 19 -108.62 2.50 22.04
CA VAL FA 19 -107.79 2.71 20.85
C VAL FA 19 -106.59 3.63 21.08
N LEU FA 20 -106.66 4.54 22.05
CA LEU FA 20 -105.60 5.54 22.23
C LEU FA 20 -104.45 5.06 23.13
N ILE FA 21 -104.45 3.77 23.52
CA ILE FA 21 -103.40 3.19 24.36
C ILE FA 21 -102.50 2.33 23.48
N PRO FA 22 -101.16 2.56 23.45
CA PRO FA 22 -100.27 1.80 22.57
C PRO FA 22 -100.01 0.39 23.10
N ASN FA 23 -99.51 -0.48 22.21
CA ASN FA 23 -98.97 -1.77 22.62
C ASN FA 23 -97.68 -1.54 23.40
N LEU FA 24 -97.75 -1.64 24.74
CA LEU FA 24 -96.60 -1.34 25.59
C LEU FA 24 -95.55 -2.43 25.48
N LEU FA 25 -95.98 -3.70 25.34
CA LEU FA 25 -95.05 -4.82 25.23
C LEU FA 25 -94.14 -4.70 24.00
N ALA FA 26 -94.70 -4.35 22.84
CA ALA FA 26 -93.97 -4.21 21.60
C ALA FA 26 -92.94 -3.07 21.68
N ALA FA 27 -93.34 -1.94 22.27
CA ALA FA 27 -92.45 -0.81 22.51
C ALA FA 27 -91.27 -1.21 23.41
N ARG FA 28 -91.55 -1.86 24.54
CA ARG FA 28 -90.50 -2.28 25.46
C ARG FA 28 -89.57 -3.32 24.83
N LYS FA 29 -90.06 -4.25 24.01
CA LYS FA 29 -89.20 -5.20 23.30
C LYS FA 29 -88.07 -4.51 22.54
N ARG FA 30 -88.39 -3.47 21.75
CA ARG FA 30 -87.40 -2.76 20.93
C ARG FA 30 -86.43 -1.95 21.78
N ALA FA 31 -86.90 -1.34 22.88
CA ALA FA 31 -86.02 -0.69 23.83
C ALA FA 31 -85.09 -1.69 24.51
N ASN FA 32 -85.59 -2.86 24.92
CA ASN FA 32 -84.80 -3.92 25.54
C ASN FA 32 -83.69 -4.43 24.62
N ASP FA 33 -83.98 -4.66 23.33
CA ASP FA 33 -82.94 -5.02 22.37
C ASP FA 33 -81.87 -3.94 22.22
N THR FA 34 -82.23 -2.67 22.42
CA THR FA 34 -81.29 -1.56 22.40
C THR FA 34 -80.35 -1.63 23.60
N VAL FA 35 -80.86 -1.99 24.78
CA VAL FA 35 -80.04 -2.20 25.97
C VAL FA 35 -79.02 -3.31 25.72
N VAL FA 36 -79.45 -4.45 25.17
CA VAL FA 36 -78.57 -5.57 24.89
C VAL FA 36 -77.50 -5.17 23.88
N THR FA 37 -77.88 -4.51 22.79
CA THR FA 37 -76.95 -4.04 21.79
C THR FA 37 -75.93 -3.09 22.38
N ALA FA 38 -76.38 -2.11 23.18
CA ALA FA 38 -75.50 -1.16 23.84
C ALA FA 38 -74.54 -1.83 24.81
N TYR FA 39 -75.00 -2.80 25.60
CA TYR FA 39 -74.16 -3.50 26.54
C TYR FA 39 -73.11 -4.35 25.85
N LEU FA 40 -73.45 -5.03 24.75
CA LEU FA 40 -72.47 -5.75 23.96
C LEU FA 40 -71.47 -4.80 23.28
N ASN FA 41 -71.89 -3.65 22.77
CA ASN FA 41 -70.95 -2.66 22.25
C ASN FA 41 -69.97 -2.18 23.32
N ASP FA 42 -70.42 -2.03 24.58
CA ASP FA 42 -69.52 -1.72 25.68
C ASP FA 42 -68.59 -2.89 25.99
N ALA FA 43 -69.10 -4.11 26.09
CA ALA FA 43 -68.27 -5.29 26.33
C ALA FA 43 -67.18 -5.42 25.26
N VAL FA 44 -67.48 -5.08 24.01
CA VAL FA 44 -66.50 -5.05 22.91
C VAL FA 44 -65.41 -4.00 23.14
N LYS FA 45 -65.74 -2.78 23.59
CA LYS FA 45 -64.74 -1.78 23.93
C LYS FA 45 -63.81 -2.30 25.03
N PHE FA 46 -64.37 -2.93 26.05
CA PHE FA 46 -63.59 -3.44 27.16
C PHE FA 46 -62.78 -4.68 26.82
N GLN FA 47 -63.24 -5.53 25.89
CA GLN FA 47 -62.40 -6.60 25.36
C GLN FA 47 -61.16 -6.02 24.68
N GLU FA 48 -61.29 -4.95 23.87
CA GLU FA 48 -60.13 -4.28 23.29
C GLU FA 48 -59.23 -3.65 24.35
N MET FA 49 -59.78 -3.05 25.40
CA MET FA 49 -58.94 -2.52 26.48
C MET FA 49 -58.20 -3.63 27.22
N TYR FA 50 -58.84 -4.77 27.46
CA TYR FA 50 -58.17 -5.90 28.09
C TYR FA 50 -57.07 -6.45 27.20
N GLN FA 51 -57.30 -6.46 25.88
CA GLN FA 51 -56.31 -6.83 24.88
C GLN FA 51 -55.12 -5.88 24.89
N ILE FA 52 -55.31 -4.56 25.11
CA ILE FA 52 -54.21 -3.61 25.27
C ILE FA 52 -53.31 -3.98 26.43
N ASP FA 53 -53.89 -4.37 27.57
CA ASP FA 53 -53.14 -4.65 28.79
C ASP FA 53 -52.53 -6.06 28.82
N ASN FA 54 -53.18 -7.06 28.22
CA ASN FA 54 -52.87 -8.46 28.46
C ASN FA 54 -52.51 -9.27 27.20
N ASN FA 55 -52.60 -8.67 26.01
CA ASN FA 55 -52.35 -9.35 24.74
C ASN FA 55 -53.23 -10.61 24.55
N SER FA 56 -54.42 -10.63 25.15
CA SER FA 56 -55.37 -11.74 25.05
C SER FA 56 -56.76 -11.20 25.39
N TYR FA 57 -57.84 -11.89 25.00
CA TYR FA 57 -59.19 -11.52 25.43
C TYR FA 57 -59.61 -12.22 26.72
N THR FA 58 -60.59 -11.64 27.44
CA THR FA 58 -61.07 -12.21 28.69
C THR FA 58 -62.06 -13.34 28.42
N SER FA 59 -62.17 -14.26 29.38
CA SER FA 59 -63.25 -15.23 29.26
C SER FA 59 -64.24 -14.91 30.35
N ASN FA 60 -63.81 -14.09 31.32
CA ASN FA 60 -64.61 -13.78 32.48
C ASN FA 60 -65.00 -12.30 32.58
N GLN FA 61 -66.28 -12.05 32.88
CA GLN FA 61 -66.85 -10.71 32.89
C GLN FA 61 -66.23 -9.80 33.96
N ALA FA 62 -65.75 -10.36 35.08
CA ALA FA 62 -65.21 -9.56 36.17
C ALA FA 62 -63.94 -8.78 35.78
N ALA FA 63 -63.17 -9.31 34.83
CA ALA FA 63 -62.02 -8.60 34.28
C ALA FA 63 -62.47 -7.37 33.49
N LEU FA 64 -63.52 -7.50 32.67
CA LEU FA 64 -64.09 -6.37 31.95
C LEU FA 64 -64.69 -5.33 32.91
N ILE FA 65 -65.38 -5.78 33.97
CA ILE FA 65 -65.93 -4.89 34.99
C ILE FA 65 -64.81 -4.14 35.71
N SER FA 66 -63.69 -4.80 36.00
CA SER FA 66 -62.57 -4.10 36.61
C SER FA 66 -62.13 -2.93 35.75
N LEU FA 67 -62.01 -3.16 34.44
CA LEU FA 67 -61.56 -2.14 33.50
C LEU FA 67 -62.56 -1.00 33.32
N GLY FA 68 -63.84 -1.21 33.64
CA GLY FA 68 -64.84 -0.14 33.58
C GLY FA 68 -66.19 -0.51 32.97
N LEU FA 69 -66.37 -1.78 32.59
CA LEU FA 69 -67.70 -2.22 32.08
C LEU FA 69 -68.66 -2.33 33.26
N LYS FA 70 -69.87 -1.80 33.11
CA LYS FA 70 -70.82 -1.74 34.24
C LYS FA 70 -71.48 -3.10 34.50
N SER FA 71 -72.21 -3.20 35.62
CA SER FA 71 -72.94 -4.43 35.98
C SER FA 71 -73.83 -4.85 34.79
N THR FA 72 -74.03 -6.15 34.58
CA THR FA 72 -74.96 -6.59 33.52
C THR FA 72 -76.32 -5.94 33.78
N PRO FA 73 -76.98 -5.33 32.76
CA PRO FA 73 -78.24 -4.61 32.98
C PRO FA 73 -79.36 -5.49 33.57
N ALA FA 74 -80.31 -4.87 34.27
CA ALA FA 74 -81.44 -5.62 34.82
C ALA FA 74 -82.13 -6.45 33.72
N ASN FA 75 -82.41 -7.72 34.02
CA ASN FA 75 -83.02 -8.69 33.12
C ASN FA 75 -82.18 -9.07 31.90
N VAL FA 76 -80.96 -8.54 31.74
CA VAL FA 76 -80.04 -9.01 30.71
C VAL FA 76 -79.16 -10.10 31.29
N THR FA 77 -79.17 -11.27 30.63
CA THR FA 77 -78.19 -12.31 30.87
C THR FA 77 -77.11 -12.23 29.80
N PHE FA 78 -75.86 -12.06 30.24
CA PHE FA 78 -74.69 -11.92 29.39
C PHE FA 78 -73.71 -13.05 29.72
N SER FA 79 -73.11 -13.64 28.68
CA SER FA 79 -72.06 -14.63 28.87
C SER FA 79 -70.94 -14.43 27.85
N ILE FA 80 -69.69 -14.67 28.29
CA ILE FA 80 -68.59 -14.82 27.37
C ILE FA 80 -68.46 -16.31 27.12
N VAL FA 81 -68.84 -16.76 25.94
CA VAL FA 81 -68.93 -18.16 25.59
C VAL FA 81 -67.54 -18.76 25.47
N SER FA 82 -66.63 -18.04 24.81
CA SER FA 82 -65.24 -18.46 24.67
C SER FA 82 -64.36 -17.24 24.44
N ALA FA 83 -63.06 -17.39 24.72
CA ALA FA 83 -62.08 -16.38 24.39
C ALA FA 83 -60.69 -17.02 24.26
N SER FA 84 -59.82 -16.33 23.53
CA SER FA 84 -58.46 -16.78 23.29
C SER FA 84 -57.55 -15.56 23.13
N ALA FA 85 -56.29 -15.78 22.77
CA ALA FA 85 -55.37 -14.68 22.49
C ALA FA 85 -55.86 -13.80 21.32
N ASN FA 86 -56.74 -14.33 20.45
CA ASN FA 86 -57.00 -13.76 19.14
C ASN FA 86 -58.48 -13.54 18.83
N SER FA 87 -59.39 -14.13 19.61
CA SER FA 87 -60.83 -14.02 19.35
C SER FA 87 -61.65 -14.15 20.63
N TYR FA 88 -62.91 -13.74 20.57
CA TYR FA 88 -63.90 -14.00 21.61
C TYR FA 88 -65.25 -14.27 20.96
N CYS FA 89 -66.13 -14.93 21.71
CA CYS FA 89 -67.55 -14.94 21.41
C CYS FA 89 -68.30 -14.56 22.69
N MET FA 90 -69.18 -13.54 22.59
CA MET FA 90 -70.04 -13.14 23.69
C MET FA 90 -71.50 -13.23 23.25
N ILE FA 91 -72.40 -13.60 24.16
CA ILE FA 91 -73.82 -13.73 23.89
C ILE FA 91 -74.57 -12.92 24.95
N ALA FA 92 -75.60 -12.18 24.56
CA ALA FA 92 -76.44 -11.50 25.54
C ALA FA 92 -77.88 -11.42 25.05
N GLY FA 93 -78.81 -11.33 26.00
CA GLY FA 93 -80.23 -11.23 25.68
C GLY FA 93 -80.99 -10.73 26.89
N HIS FA 94 -82.12 -10.05 26.63
CA HIS FA 94 -83.00 -9.55 27.66
C HIS FA 94 -84.21 -10.47 27.74
N SER FA 95 -84.65 -10.89 28.92
CA SER FA 95 -85.76 -11.85 29.02
C SER FA 95 -87.04 -11.38 28.32
N GLY FA 96 -87.19 -10.06 28.14
CA GLY FA 96 -88.27 -9.44 27.38
C GLY FA 96 -87.80 -8.67 26.14
N GLY FA 97 -86.70 -9.10 25.53
CA GLY FA 97 -86.28 -8.64 24.20
C GLY FA 97 -86.93 -9.48 23.10
N THR FA 98 -86.35 -9.46 21.89
CA THR FA 98 -86.82 -10.32 20.81
C THR FA 98 -85.97 -11.57 20.68
N VAL FA 99 -84.65 -11.40 20.47
CA VAL FA 99 -83.72 -12.49 20.18
C VAL FA 99 -82.41 -12.33 20.95
N TRP FA 100 -81.65 -13.41 21.07
CA TRP FA 100 -80.27 -13.34 21.56
C TRP FA 100 -79.39 -12.61 20.56
N PHE FA 101 -78.46 -11.80 21.09
CA PHE FA 101 -77.45 -11.12 20.30
C PHE FA 101 -76.10 -11.78 20.56
N ALA FA 102 -75.25 -11.77 19.54
CA ALA FA 102 -73.90 -12.30 19.62
C ALA FA 102 -72.89 -11.19 19.29
N ALA FA 103 -71.69 -11.29 19.84
CA ALA FA 103 -70.59 -10.40 19.48
C ALA FA 103 -69.31 -11.20 19.27
N THR FA 104 -68.60 -10.92 18.17
CA THR FA 104 -67.29 -11.49 17.85
C THR FA 104 -66.45 -10.38 17.24
N PRO FA 105 -65.11 -10.44 17.24
CA PRO FA 105 -64.31 -9.34 16.72
C PRO FA 105 -64.36 -9.18 15.21
N ASP FA 106 -64.81 -10.20 14.46
CA ASP FA 106 -64.98 -10.11 13.02
C ASP FA 106 -66.38 -9.63 12.63
N LYS FA 107 -67.45 -10.24 13.16
CA LYS FA 107 -68.81 -9.91 12.77
C LYS FA 107 -69.37 -8.70 13.50
N GLY FA 108 -68.68 -8.20 14.54
CA GLY FA 108 -69.20 -7.12 15.37
C GLY FA 108 -70.34 -7.62 16.27
N VAL FA 109 -71.25 -6.73 16.68
CA VAL FA 109 -72.44 -7.11 17.44
C VAL FA 109 -73.59 -7.32 16.46
N TYR FA 110 -74.26 -8.47 16.53
CA TYR FA 110 -75.31 -8.82 15.58
C TYR FA 110 -76.38 -9.69 16.23
N LYS FA 111 -77.59 -9.65 15.70
CA LYS FA 111 -78.70 -10.41 16.26
C LYS FA 111 -78.73 -11.83 15.66
N THR FA 112 -78.99 -12.82 16.51
CA THR FA 112 -79.11 -14.21 16.10
C THR FA 112 -80.56 -14.55 15.73
N ASN FA 113 -80.81 -15.78 15.26
CA ASN FA 113 -82.16 -16.24 14.97
C ASN FA 113 -82.91 -16.75 16.20
N THR FA 114 -82.21 -16.94 17.34
CA THR FA 114 -82.75 -17.61 18.51
C THR FA 114 -83.55 -16.64 19.38
N ALA FA 115 -84.84 -16.92 19.62
CA ALA FA 115 -85.69 -16.10 20.50
C ALA FA 115 -85.21 -16.16 21.96
N VAL FA 116 -85.40 -15.08 22.72
CA VAL FA 116 -84.93 -15.00 24.10
C VAL FA 116 -85.62 -15.99 25.05
N THR FA 117 -86.76 -16.54 24.62
CA THR FA 117 -87.50 -17.54 25.36
C THR FA 117 -86.88 -18.94 25.26
N SER FA 118 -86.10 -19.18 24.19
CA SER FA 118 -85.26 -20.37 24.03
C SER FA 118 -83.96 -20.21 24.81
N SER FA 119 -83.30 -21.33 25.14
CA SER FA 119 -82.00 -21.32 25.79
C SER FA 119 -80.94 -20.64 24.91
N GLN FA 120 -79.97 -19.96 25.52
CA GLN FA 120 -79.02 -19.12 24.80
C GLN FA 120 -78.14 -19.94 23.86
N PRO FA 121 -77.74 -19.39 22.69
CA PRO FA 121 -76.77 -20.05 21.81
C PRO FA 121 -75.50 -20.47 22.55
N GLU FA 122 -75.00 -21.66 22.19
CA GLU FA 122 -73.74 -22.18 22.73
C GLU FA 122 -72.50 -21.65 21.99
N SER FA 123 -72.71 -20.92 20.88
CA SER FA 123 -71.66 -20.40 20.00
C SER FA 123 -72.22 -19.29 19.11
N CYS FA 124 -71.32 -18.51 18.49
CA CYS FA 124 -71.65 -17.47 17.54
C CYS FA 124 -72.17 -18.05 16.21
N PRO FA 125 -73.41 -17.73 15.78
CA PRO FA 125 -73.89 -18.05 14.44
C PRO FA 125 -73.12 -17.36 13.30
N PHE GA 1 -138.28 14.76 30.40
CA PHE GA 1 -137.12 14.90 31.32
C PHE GA 1 -137.61 15.32 32.71
N THR GA 2 -137.17 14.63 33.76
CA THR GA 2 -137.74 14.73 35.11
C THR GA 2 -136.67 14.68 36.19
N LEU GA 3 -137.05 14.94 37.45
CA LEU GA 3 -136.07 15.14 38.50
C LEU GA 3 -135.24 13.87 38.79
N ILE GA 4 -135.85 12.70 38.62
CA ILE GA 4 -135.14 11.43 38.80
C ILE GA 4 -134.08 11.20 37.71
N GLU GA 5 -134.35 11.55 36.45
CA GLU GA 5 -133.33 11.44 35.41
C GLU GA 5 -132.19 12.42 35.68
N LEU GA 6 -132.53 13.62 36.15
CA LEU GA 6 -131.55 14.64 36.45
C LEU GA 6 -130.69 14.28 37.67
N LEU GA 7 -131.25 13.61 38.69
CA LEU GA 7 -130.48 13.08 39.80
C LEU GA 7 -129.55 11.94 39.36
N ILE GA 8 -129.99 11.06 38.44
CA ILE GA 8 -129.11 10.04 37.87
C ILE GA 8 -127.95 10.69 37.12
N VAL GA 9 -128.24 11.71 36.31
CA VAL GA 9 -127.22 12.45 35.59
C VAL GA 9 -126.22 13.10 36.54
N ILE GA 10 -126.68 13.76 37.59
CA ILE GA 10 -125.81 14.35 38.61
C ILE GA 10 -124.97 13.28 39.31
N ALA GA 11 -125.55 12.13 39.64
CA ALA GA 11 -124.85 11.04 40.29
C ALA GA 11 -123.73 10.48 39.40
N ILE GA 12 -124.00 10.30 38.11
CA ILE GA 12 -123.02 9.78 37.17
C ILE GA 12 -121.94 10.84 36.87
N ILE GA 13 -122.28 12.13 36.79
CA ILE GA 13 -121.29 13.19 36.69
C ILE GA 13 -120.31 13.13 37.87
N ALA GA 14 -120.82 12.96 39.09
CA ALA GA 14 -119.99 12.87 40.29
C ALA GA 14 -119.01 11.69 40.21
N ILE GA 15 -119.45 10.56 39.66
CA ILE GA 15 -118.59 9.40 39.42
C ILE GA 15 -117.52 9.71 38.37
N LEU GA 16 -117.90 10.18 37.18
CA LEU GA 16 -116.94 10.42 36.13
C LEU GA 16 -115.93 11.52 36.51
N ALA GA 17 -116.38 12.56 37.21
CA ALA GA 17 -115.49 13.61 37.71
C ALA GA 17 -114.45 13.09 38.71
N ALA GA 18 -114.77 12.02 39.45
CA ALA GA 18 -113.86 11.43 40.42
C ALA GA 18 -112.82 10.51 39.77
N VAL GA 19 -113.16 9.80 38.69
CA VAL GA 19 -112.32 8.71 38.18
C VAL GA 19 -111.57 9.06 36.89
N LEU GA 20 -112.08 10.01 36.08
CA LEU GA 20 -111.49 10.28 34.78
C LEU GA 20 -110.35 11.32 34.83
N ILE GA 21 -109.95 11.75 36.04
CA ILE GA 21 -108.88 12.73 36.23
C ILE GA 21 -107.62 11.99 36.69
N PRO GA 22 -106.46 12.13 36.00
CA PRO GA 22 -105.26 11.38 36.37
C PRO GA 22 -104.58 11.98 37.61
N ASN GA 23 -103.69 11.18 38.22
CA ASN GA 23 -102.79 11.69 39.24
C ASN GA 23 -101.78 12.62 38.58
N LEU GA 24 -101.97 13.94 38.72
CA LEU GA 24 -101.12 14.92 38.05
C LEU GA 24 -99.74 14.97 38.69
N LEU GA 25 -99.67 14.81 40.02
CA LEU GA 25 -98.40 14.85 40.73
C LEU GA 25 -97.44 13.75 40.26
N ALA GA 26 -97.94 12.52 40.12
CA ALA GA 26 -97.15 11.37 39.70
C ALA GA 26 -96.63 11.55 38.27
N ALA GA 27 -97.46 12.06 37.37
CA ALA GA 27 -97.08 12.38 36.00
C ALA GA 27 -95.96 13.43 35.97
N ARG GA 28 -96.12 14.53 36.70
CA ARG GA 28 -95.13 15.58 36.74
C ARG GA 28 -93.81 15.12 37.36
N LYS GA 29 -93.82 14.25 38.39
CA LYS GA 29 -92.60 13.69 38.96
C LYS GA 29 -91.71 13.04 37.89
N ARG GA 30 -92.27 12.21 37.01
CA ARG GA 30 -91.52 11.51 35.98
C ARG GA 30 -91.01 12.45 34.88
N ALA GA 31 -91.80 13.46 34.53
CA ALA GA 31 -91.35 14.50 33.61
C ALA GA 31 -90.20 15.31 34.24
N ASN GA 32 -90.30 15.68 35.52
CA ASN GA 32 -89.28 16.43 36.22
C ASN GA 32 -87.95 15.67 36.30
N ASP GA 33 -87.96 14.36 36.58
CA ASP GA 33 -86.77 13.55 36.53
C ASP GA 33 -86.13 13.51 35.13
N THR GA 34 -86.94 13.63 34.08
CA THR GA 34 -86.46 13.69 32.70
C THR GA 34 -85.73 15.01 32.46
N VAL GA 35 -86.22 16.13 33.01
CA VAL GA 35 -85.54 17.41 32.94
C VAL GA 35 -84.17 17.33 33.60
N VAL GA 36 -84.09 16.76 34.81
CA VAL GA 36 -82.84 16.62 35.53
C VAL GA 36 -81.85 15.74 34.75
N THR GA 37 -82.31 14.59 34.25
CA THR GA 37 -81.49 13.69 33.46
C THR GA 37 -80.97 14.40 32.21
N ALA GA 38 -81.83 15.10 31.47
CA ALA GA 38 -81.45 15.84 30.28
C ALA GA 38 -80.44 16.94 30.59
N TYR GA 39 -80.62 17.70 31.68
CA TYR GA 39 -79.71 18.76 32.05
C TYR GA 39 -78.33 18.22 32.46
N LEU GA 40 -78.28 17.11 33.19
CA LEU GA 40 -77.01 16.46 33.49
C LEU GA 40 -76.34 15.89 32.24
N ASN GA 41 -77.08 15.30 31.30
CA ASN GA 41 -76.49 14.88 30.04
C ASN GA 41 -75.90 16.06 29.25
N ASP GA 42 -76.52 17.23 29.30
CA ASP GA 42 -75.94 18.43 28.71
C ASP GA 42 -74.70 18.89 29.47
N ALA GA 43 -74.75 18.96 30.81
CA ALA GA 43 -73.59 19.32 31.61
C ALA GA 43 -72.40 18.41 31.32
N VAL GA 44 -72.63 17.12 31.07
CA VAL GA 44 -71.61 16.16 30.68
C VAL GA 44 -71.00 16.49 29.32
N LYS GA 45 -71.79 16.86 28.30
CA LYS GA 45 -71.27 17.31 27.01
C LYS GA 45 -70.37 18.53 27.18
N PHE GA 46 -70.80 19.48 28.00
CA PHE GA 46 -70.03 20.70 28.22
C PHE GA 46 -68.80 20.49 29.08
N GLN GA 47 -68.80 19.54 30.03
CA GLN GA 47 -67.57 19.15 30.71
C GLN GA 47 -66.54 18.61 29.71
N GLU GA 48 -66.95 17.77 28.74
CA GLU GA 48 -66.04 17.32 27.69
C GLU GA 48 -65.56 18.47 26.81
N MET GA 49 -66.42 19.42 26.46
CA MET GA 49 -65.96 20.57 25.69
C MET GA 49 -64.98 21.45 26.48
N TYR GA 50 -65.20 21.64 27.77
CA TYR GA 50 -64.25 22.36 28.59
C TYR GA 50 -62.92 21.63 28.70
N GLN GA 51 -62.97 20.30 28.77
CA GLN GA 51 -61.79 19.43 28.74
C GLN GA 51 -61.03 19.58 27.43
N ILE GA 52 -61.70 19.73 26.27
CA ILE GA 52 -61.05 20.00 24.98
C ILE GA 52 -60.23 21.28 25.04
N ASP GA 53 -60.77 22.35 25.62
CA ASP GA 53 -60.13 23.65 25.65
C ASP GA 53 -59.07 23.81 26.75
N ASN GA 54 -59.23 23.15 27.90
CA ASN GA 54 -58.48 23.46 29.11
C ASN GA 54 -57.70 22.29 29.69
N ASN GA 55 -57.84 21.07 29.15
CA ASN GA 55 -57.21 19.87 29.68
C ASN GA 55 -57.55 19.60 31.15
N SER GA 56 -58.72 20.05 31.61
CA SER GA 56 -59.19 19.86 32.98
C SER GA 56 -60.71 20.00 32.98
N TYR GA 57 -61.42 19.51 34.02
CA TYR GA 57 -62.85 19.74 34.16
C TYR GA 57 -63.16 20.99 34.99
N THR GA 58 -64.34 21.56 34.82
CA THR GA 58 -64.75 22.76 35.55
C THR GA 58 -65.23 22.41 36.95
N SER GA 59 -65.13 23.36 37.86
CA SER GA 59 -65.76 23.13 39.15
C SER GA 59 -66.93 24.08 39.23
N ASN GA 60 -66.94 25.07 38.33
CA ASN GA 60 -67.95 26.12 38.36
C ASN GA 60 -68.85 26.13 37.12
N GLN GA 61 -70.17 26.25 37.34
CA GLN GA 61 -71.17 26.16 36.29
C GLN GA 61 -71.05 27.27 35.25
N ALA GA 62 -70.56 28.46 35.63
CA ALA GA 62 -70.48 29.59 34.70
C ALA GA 62 -69.54 29.34 33.52
N ALA GA 63 -68.51 28.51 33.72
CA ALA GA 63 -67.63 28.09 32.63
C ALA GA 63 -68.39 27.22 31.62
N LEU GA 64 -69.21 26.27 32.10
CA LEU GA 64 -70.06 25.46 31.24
C LEU GA 64 -71.09 26.32 30.50
N ILE GA 65 -71.71 27.28 31.19
CA ILE GA 65 -72.66 28.20 30.58
C ILE GA 65 -71.99 29.04 29.50
N SER GA 66 -70.75 29.49 29.72
CA SER GA 66 -70.05 30.22 28.68
C SER GA 66 -69.94 29.39 27.40
N LEU GA 67 -69.59 28.10 27.54
CA LEU GA 67 -69.42 27.20 26.42
C LEU GA 67 -70.73 26.86 25.71
N GLY GA 68 -71.89 27.03 26.37
CA GLY GA 68 -73.17 26.83 25.73
C GLY GA 68 -74.22 26.06 26.55
N LEU GA 69 -73.89 25.68 27.78
CA LEU GA 69 -74.88 25.03 28.66
C LEU GA 69 -75.89 26.08 29.13
N LYS GA 70 -77.18 25.76 29.06
CA LYS GA 70 -78.22 26.76 29.38
C LYS GA 70 -78.38 26.98 30.89
N SER GA 71 -79.16 28.00 31.26
CA SER GA 71 -79.45 28.29 32.68
C SER GA 71 -79.97 27.01 33.36
N THR GA 72 -79.66 26.82 34.64
CA THR GA 72 -80.23 25.64 35.37
C THR GA 72 -81.75 25.72 35.25
N PRO GA 73 -82.45 24.61 34.90
CA PRO GA 73 -83.90 24.66 34.69
C PRO GA 73 -84.70 25.12 35.91
N ALA GA 74 -85.89 25.68 35.69
CA ALA GA 74 -86.74 26.09 36.81
C ALA GA 74 -86.94 24.95 37.80
N ASN GA 75 -86.78 25.24 39.09
CA ASN GA 75 -86.89 24.29 40.21
C ASN GA 75 -85.82 23.19 40.24
N VAL GA 76 -84.86 23.18 39.30
CA VAL GA 76 -83.71 22.28 39.39
C VAL GA 76 -82.57 23.00 40.10
N THR GA 77 -82.09 22.38 41.19
CA THR GA 77 -80.83 22.76 41.81
C THR GA 77 -79.73 21.84 41.32
N PHE GA 78 -78.69 22.43 40.73
CA PHE GA 78 -77.54 21.72 40.17
C PHE GA 78 -76.28 22.20 40.87
N SER GA 79 -75.37 21.27 41.18
CA SER GA 79 -74.08 21.62 41.74
C SER GA 79 -72.98 20.74 41.13
N ILE GA 80 -71.81 21.34 40.91
CA ILE GA 80 -70.61 20.57 40.64
C ILE GA 80 -69.92 20.38 41.98
N VAL GA 81 -69.98 19.16 42.51
CA VAL GA 81 -69.51 18.85 43.85
C VAL GA 81 -67.99 18.92 43.91
N SER GA 82 -67.32 18.37 42.89
CA SER GA 82 -65.87 18.41 42.78
C SER GA 82 -65.45 18.25 41.32
N ALA GA 83 -64.25 18.70 41.01
CA ALA GA 83 -63.64 18.48 39.70
C ALA GA 83 -62.13 18.54 39.81
N SER GA 84 -61.46 17.91 38.83
CA SER GA 84 -60.01 17.85 38.76
C SER GA 84 -59.60 17.78 37.28
N ALA GA 85 -58.31 17.59 37.04
CA ALA GA 85 -57.82 17.39 35.68
C ALA GA 85 -58.43 16.15 35.01
N ASN GA 86 -58.94 15.18 35.80
CA ASN GA 86 -59.21 13.85 35.33
C ASN GA 86 -60.64 13.35 35.65
N SER GA 87 -61.36 14.02 36.55
CA SER GA 87 -62.69 13.57 36.95
C SER GA 87 -63.57 14.75 37.39
N TYR GA 88 -64.88 14.51 37.46
CA TYR GA 88 -65.83 15.42 38.08
C TYR GA 88 -66.91 14.62 38.80
N CYS GA 89 -67.58 15.27 39.74
CA CYS GA 89 -68.85 14.80 40.26
C CYS GA 89 -69.84 15.95 40.20
N MET GA 90 -71.01 15.73 39.56
CA MET GA 90 -72.09 16.70 39.52
C MET GA 90 -73.35 16.06 40.11
N ILE GA 91 -74.16 16.87 40.80
CA ILE GA 91 -75.41 16.44 41.41
C ILE GA 91 -76.51 17.37 40.96
N ALA GA 92 -77.69 16.84 40.64
CA ALA GA 92 -78.83 17.67 40.32
C ALA GA 92 -80.13 17.02 40.75
N GLY GA 93 -81.15 17.83 41.01
CA GLY GA 93 -82.45 17.34 41.43
C GLY GA 93 -83.49 18.43 41.27
N HIS GA 94 -84.73 18.00 41.01
CA HIS GA 94 -85.86 18.91 40.89
C HIS GA 94 -86.66 18.85 42.18
N SER GA 95 -87.08 19.98 42.76
CA SER GA 95 -87.77 19.97 44.05
C SER GA 95 -89.04 19.10 44.06
N GLY GA 96 -89.61 18.87 42.87
CA GLY GA 96 -90.75 17.96 42.66
C GLY GA 96 -90.43 16.77 41.76
N GLY GA 97 -89.17 16.31 41.74
CA GLY GA 97 -88.78 15.04 41.14
C GLY GA 97 -88.94 13.88 42.13
N THR GA 98 -88.26 12.75 41.88
CA THR GA 98 -88.26 11.64 42.83
C THR GA 98 -87.00 11.66 43.70
N VAL GA 99 -85.82 11.61 43.06
CA VAL GA 99 -84.53 11.47 43.74
C VAL GA 99 -83.48 12.40 43.12
N TRP GA 100 -82.40 12.65 43.87
CA TRP GA 100 -81.21 13.30 43.33
C TRP GA 100 -80.53 12.40 42.29
N PHE GA 101 -80.03 13.02 41.22
CA PHE GA 101 -79.23 12.35 40.21
C PHE GA 101 -77.78 12.80 40.34
N ALA GA 102 -76.86 11.89 40.01
CA ALA GA 102 -75.44 12.16 40.02
C ALA GA 102 -74.86 11.92 38.62
N ALA GA 103 -73.78 12.62 38.30
CA ALA GA 103 -73.04 12.38 37.07
C ALA GA 103 -71.54 12.35 37.35
N THR GA 104 -70.85 11.34 36.82
CA THR GA 104 -69.40 11.21 36.87
C THR GA 104 -68.93 10.68 35.52
N PRO GA 105 -67.67 10.85 35.09
CA PRO GA 105 -67.26 10.42 33.78
C PRO GA 105 -67.17 8.89 33.61
N ASP GA 106 -67.13 8.13 34.70
CA ASP GA 106 -67.13 6.68 34.66
C ASP GA 106 -68.56 6.09 34.70
N LYS GA 107 -69.38 6.51 35.66
CA LYS GA 107 -70.72 5.94 35.84
C LYS GA 107 -71.76 6.57 34.92
N GLY GA 108 -71.44 7.66 34.23
CA GLY GA 108 -72.42 8.39 33.42
C GLY GA 108 -73.39 9.15 34.31
N VAL GA 109 -74.61 9.42 33.82
CA VAL GA 109 -75.67 10.04 34.63
C VAL GA 109 -76.54 8.93 35.20
N TYR GA 110 -76.74 8.93 36.52
CA TYR GA 110 -77.48 7.87 37.20
C TYR GA 110 -78.23 8.40 38.41
N LYS GA 111 -79.32 7.73 38.79
CA LYS GA 111 -80.13 8.17 39.91
C LYS GA 111 -79.58 7.60 41.23
N THR GA 112 -79.58 8.44 42.27
CA THR GA 112 -79.13 8.05 43.60
C THR GA 112 -80.31 7.51 44.43
N ASN GA 113 -80.03 7.04 45.66
CA ASN GA 113 -81.08 6.60 46.57
C ASN GA 113 -81.75 7.75 47.34
N THR GA 114 -81.17 8.97 47.28
CA THR GA 114 -81.60 10.07 48.13
C THR GA 114 -82.79 10.81 47.53
N ALA GA 115 -83.92 10.88 48.26
CA ALA GA 115 -85.10 11.63 47.81
C ALA GA 115 -84.83 13.13 47.73
N VAL GA 116 -85.48 13.84 46.80
CA VAL GA 116 -85.25 15.28 46.60
C VAL GA 116 -85.66 16.15 47.78
N THR GA 117 -86.46 15.60 48.69
CA THR GA 117 -86.89 16.26 49.92
C THR GA 117 -85.78 16.28 50.99
N SER GA 118 -84.85 15.32 50.91
CA SER GA 118 -83.63 15.30 51.72
C SER GA 118 -82.58 16.24 51.12
N SER GA 119 -81.61 16.67 51.94
CA SER GA 119 -80.49 17.48 51.48
C SER GA 119 -79.65 16.72 50.45
N GLN GA 120 -79.07 17.44 49.47
CA GLN GA 120 -78.40 16.81 48.34
C GLN GA 120 -77.17 16.02 48.77
N PRO GA 121 -76.84 14.90 48.09
CA PRO GA 121 -75.60 14.17 48.34
C PRO GA 121 -74.38 15.06 48.28
N GLU GA 122 -73.44 14.81 49.21
CA GLU GA 122 -72.16 15.51 49.26
C GLU GA 122 -71.11 14.93 48.30
N SER GA 123 -71.42 13.77 47.67
CA SER GA 123 -70.52 13.03 46.80
C SER GA 123 -71.32 12.04 45.94
N CYS GA 124 -70.69 11.52 44.88
CA CYS GA 124 -71.25 10.49 44.00
C CYS GA 124 -71.36 9.15 44.71
N PRO GA 125 -72.57 8.55 44.83
CA PRO GA 125 -72.72 7.16 45.29
C PRO GA 125 -72.10 6.12 44.34
N PHE HA 1 -146.05 14.01 38.03
CA PHE HA 1 -145.14 15.07 37.50
C PHE HA 1 -145.92 16.37 37.31
N THR HA 2 -145.39 17.50 37.81
CA THR HA 2 -146.14 18.75 37.95
C THR HA 2 -145.25 19.96 37.63
N LEU HA 3 -145.86 21.15 37.55
CA LEU HA 3 -145.15 22.32 37.03
C LEU HA 3 -143.98 22.74 37.92
N ILE HA 4 -144.10 22.54 39.24
CA ILE HA 4 -143.02 22.84 40.16
C ILE HA 4 -141.81 21.89 39.99
N GLU HA 5 -142.03 20.60 39.74
CA GLU HA 5 -140.92 19.70 39.45
C GLU HA 5 -140.25 20.10 38.13
N LEU HA 6 -141.05 20.47 37.15
CA LEU HA 6 -140.54 20.86 35.84
C LEU HA 6 -139.78 22.19 35.90
N LEU HA 7 -140.19 23.15 36.74
CA LEU HA 7 -139.41 24.36 36.98
C LEU HA 7 -138.10 24.08 37.70
N ILE HA 8 -138.07 23.14 38.66
CA ILE HA 8 -136.82 22.70 39.29
C ILE HA 8 -135.88 22.09 38.26
N VAL HA 9 -136.40 21.22 37.39
CA VAL HA 9 -135.64 20.61 36.32
C VAL HA 9 -135.06 21.66 35.38
N ILE HA 10 -135.86 22.63 34.94
CA ILE HA 10 -135.41 23.74 34.11
C ILE HA 10 -134.33 24.57 34.81
N ALA HA 11 -134.51 24.85 36.10
CA ALA HA 11 -133.54 25.60 36.88
C ALA HA 11 -132.18 24.88 36.98
N ILE HA 12 -132.21 23.58 37.23
CA ILE HA 12 -131.00 22.78 37.33
C ILE HA 12 -130.35 22.59 35.97
N ILE HA 13 -131.11 22.43 34.88
CA ILE HA 13 -130.55 22.43 33.52
C ILE HA 13 -129.78 23.72 33.26
N ALA HA 14 -130.35 24.88 33.62
CA ALA HA 14 -129.69 26.17 33.43
C ALA HA 14 -128.36 26.24 34.18
N ILE HA 15 -128.29 25.67 35.39
CA ILE HA 15 -127.05 25.58 36.16
C ILE HA 15 -126.04 24.67 35.46
N LEU HA 16 -126.41 23.44 35.14
CA LEU HA 16 -125.47 22.49 34.55
C LEU HA 16 -124.98 22.97 33.17
N ALA HA 17 -125.85 23.58 32.37
CA ALA HA 17 -125.48 24.16 31.09
C ALA HA 17 -124.45 25.28 31.21
N ALA HA 18 -124.45 26.01 32.35
CA ALA HA 18 -123.52 27.11 32.59
C ALA HA 18 -122.14 26.62 33.06
N VAL HA 19 -122.07 25.53 33.84
CA VAL HA 19 -120.85 25.15 34.54
C VAL HA 19 -120.11 23.96 33.91
N LEU HA 20 -120.81 23.07 33.20
CA LEU HA 20 -120.20 21.84 32.70
C LEU HA 20 -119.54 22.01 31.33
N ILE HA 21 -119.47 23.24 30.81
CA ILE HA 21 -118.85 23.54 29.51
C ILE HA 21 -117.48 24.18 29.76
N PRO HA 22 -116.37 23.63 29.20
CA PRO HA 22 -115.03 24.17 29.48
C PRO HA 22 -114.77 25.46 28.70
N ASN HA 23 -113.75 26.21 29.13
CA ASN HA 23 -113.22 27.32 28.36
C ASN HA 23 -112.53 26.76 27.11
N LEU HA 24 -113.20 26.84 25.96
CA LEU HA 24 -112.69 26.26 24.72
C LEU HA 24 -111.51 27.06 24.19
N LEU HA 25 -111.55 28.40 24.34
CA LEU HA 25 -110.48 29.27 23.87
C LEU HA 25 -109.15 28.95 24.54
N ALA HA 26 -109.15 28.79 25.87
CA ALA HA 26 -107.95 28.49 26.64
C ALA HA 26 -107.35 27.14 26.26
N ALA HA 27 -108.19 26.11 26.08
CA ALA HA 27 -107.78 24.80 25.62
C ALA HA 27 -107.11 24.89 24.23
N ARG HA 28 -107.76 25.56 23.27
CA ARG HA 28 -107.20 25.69 21.93
C ARG HA 28 -105.91 26.49 21.92
N LYS HA 29 -105.73 27.53 22.74
CA LYS HA 29 -104.47 28.26 22.84
C LYS HA 29 -103.29 27.33 23.11
N ARG HA 30 -103.39 26.41 24.07
CA ARG HA 30 -102.31 25.50 24.44
C ARG HA 30 -102.05 24.45 23.35
N ALA HA 31 -103.09 23.97 22.69
CA ALA HA 31 -102.92 23.10 21.54
C ALA HA 31 -102.23 23.83 20.38
N ASN HA 32 -102.62 25.07 20.10
CA ASN HA 32 -102.03 25.89 19.05
C ASN HA 32 -100.54 26.15 19.29
N ASP HA 33 -100.13 26.46 20.51
CA ASP HA 33 -98.72 26.59 20.84
C ASP HA 33 -97.94 25.29 20.63
N THR HA 34 -98.60 24.14 20.79
CA THR HA 34 -98.01 22.84 20.53
C THR HA 34 -97.76 22.65 19.03
N VAL HA 35 -98.69 23.08 18.18
CA VAL HA 35 -98.50 23.07 16.74
C VAL HA 35 -97.29 23.90 16.33
N VAL HA 36 -97.17 25.12 16.86
CA VAL HA 36 -96.05 26.00 16.56
C VAL HA 36 -94.73 25.37 17.00
N THR HA 37 -94.68 24.86 18.24
CA THR HA 37 -93.49 24.19 18.76
C THR HA 37 -93.10 23.01 17.89
N ALA HA 38 -94.06 22.15 17.54
CA ALA HA 38 -93.81 20.99 16.69
C ALA HA 38 -93.32 21.40 15.30
N TYR HA 39 -93.90 22.44 14.69
CA TYR HA 39 -93.48 22.89 13.37
C TYR HA 39 -92.07 23.47 13.39
N LEU HA 40 -91.71 24.24 14.43
CA LEU HA 40 -90.35 24.71 14.57
C LEU HA 40 -89.36 23.57 14.84
N ASN HA 41 -89.71 22.56 15.65
CA ASN HA 41 -88.86 21.39 15.80
C ASN HA 41 -88.63 20.67 14.48
N ASP HA 42 -89.63 20.59 13.61
CA ASP HA 42 -89.45 20.05 12.26
C ASP HA 42 -88.56 20.95 11.40
N ALA HA 43 -88.81 22.26 11.39
CA ALA HA 43 -87.96 23.20 10.65
C ALA HA 43 -86.49 23.08 11.07
N VAL HA 44 -86.23 22.85 12.36
CA VAL HA 44 -84.88 22.61 12.88
C VAL HA 44 -84.26 21.33 12.32
N LYS HA 45 -85.00 20.21 12.24
CA LYS HA 45 -84.51 18.98 11.61
C LYS HA 45 -84.14 19.24 10.16
N PHE HA 46 -84.98 19.97 9.42
CA PHE HA 46 -84.73 20.25 8.02
C PHE HA 46 -83.62 21.26 7.80
N GLN HA 47 -83.40 22.22 8.70
CA GLN HA 47 -82.22 23.07 8.64
C GLN HA 47 -80.94 22.22 8.76
N GLU HA 48 -80.89 21.23 9.67
CA GLU HA 48 -79.76 20.32 9.75
C GLU HA 48 -79.61 19.47 8.48
N MET HA 49 -80.71 18.98 7.88
CA MET HA 49 -80.60 18.25 6.63
C MET HA 49 -80.11 19.13 5.49
N TYR HA 50 -80.53 20.38 5.42
CA TYR HA 50 -80.02 21.29 4.41
C TYR HA 50 -78.54 21.59 4.63
N GLN HA 51 -78.12 21.68 5.88
CA GLN HA 51 -76.72 21.83 6.27
C GLN HA 51 -75.90 20.61 5.83
N ILE HA 52 -76.43 19.39 5.91
CA ILE HA 52 -75.76 18.18 5.41
C ILE HA 52 -75.46 18.30 3.91
N ASP HA 53 -76.42 18.79 3.12
CA ASP HA 53 -76.30 18.86 1.68
C ASP HA 53 -75.51 20.07 1.17
N ASN HA 54 -75.57 21.22 1.87
CA ASN HA 54 -75.14 22.50 1.33
C ASN HA 54 -74.07 23.20 2.16
N ASN HA 55 -73.70 22.67 3.33
CA ASN HA 55 -72.75 23.32 4.25
C ASN HA 55 -73.16 24.74 4.64
N SER HA 56 -74.46 25.05 4.66
CA SER HA 56 -75.00 26.34 5.02
C SER HA 56 -76.46 26.16 5.44
N TYR HA 57 -77.07 27.11 6.17
CA TYR HA 57 -78.50 27.06 6.46
C TYR HA 57 -79.33 27.82 5.43
N THR HA 58 -80.61 27.48 5.32
CA THR HA 58 -81.51 28.11 4.36
C THR HA 58 -82.01 29.46 4.88
N SER HA 59 -82.37 30.36 3.97
CA SER HA 59 -83.03 31.55 4.44
C SER HA 59 -84.46 31.46 3.97
N ASN HA 60 -84.73 30.53 3.04
CA ASN HA 60 -86.03 30.40 2.42
C ASN HA 60 -86.71 29.06 2.70
N GLN HA 61 -87.99 29.11 3.07
CA GLN HA 61 -88.77 27.96 3.48
C GLN HA 61 -88.92 26.90 2.39
N ALA HA 62 -88.93 27.30 1.11
CA ALA HA 62 -89.14 26.37 0.00
C ALA HA 62 -88.03 25.32 -0.12
N ALA HA 63 -86.81 25.66 0.29
CA ALA HA 63 -85.71 24.71 0.35
C ALA HA 63 -85.97 23.64 1.42
N LEU HA 64 -86.46 24.04 2.60
CA LEU HA 64 -86.84 23.10 3.65
C LEU HA 64 -88.01 22.22 3.21
N ILE HA 65 -89.01 22.79 2.53
CA ILE HA 65 -90.15 22.04 2.00
C ILE HA 65 -89.68 21.03 0.95
N SER HA 66 -88.73 21.39 0.11
CA SER HA 66 -88.21 20.43 -0.84
C SER HA 66 -87.65 19.20 -0.14
N LEU HA 67 -86.88 19.43 0.93
CA LEU HA 67 -86.25 18.35 1.70
C LEU HA 67 -87.26 17.49 2.47
N GLY HA 68 -88.48 18.00 2.74
CA GLY HA 68 -89.51 17.21 3.38
C GLY HA 68 -90.31 17.90 4.48
N LEU HA 69 -90.02 19.18 4.74
CA LEU HA 69 -90.82 19.95 5.72
C LEU HA 69 -92.19 20.27 5.11
N LYS HA 70 -93.26 20.04 5.87
CA LYS HA 70 -94.62 20.20 5.31
C LYS HA 70 -95.04 21.67 5.20
N SER HA 71 -96.17 21.92 4.54
CA SER HA 71 -96.72 23.28 4.40
C SER HA 71 -96.83 23.92 5.79
N THR HA 72 -96.64 25.24 5.88
CA THR HA 72 -96.84 25.91 7.19
C THR HA 72 -98.26 25.61 7.67
N PRO HA 73 -98.46 25.20 8.94
CA PRO HA 73 -99.80 24.81 9.42
C PRO HA 73 -100.86 25.91 9.29
N ALA HA 74 -102.13 25.53 9.20
CA ALA HA 74 -103.21 26.52 9.13
C ALA HA 74 -103.11 27.51 10.29
N ASN HA 75 -103.23 28.81 9.98
CA ASN HA 75 -103.14 29.92 10.92
C ASN HA 75 -101.76 30.11 11.57
N VAL HA 76 -100.75 29.31 11.22
CA VAL HA 76 -99.38 29.56 11.65
C VAL HA 76 -98.67 30.40 10.59
N THR HA 77 -98.13 31.54 11.02
CA THR HA 77 -97.18 32.31 10.22
C THR HA 77 -95.78 31.99 10.68
N PHE HA 78 -94.95 31.51 9.75
CA PHE HA 78 -93.56 31.12 9.98
C PHE HA 78 -92.66 31.97 9.10
N SER HA 79 -91.53 32.42 9.65
CA SER HA 79 -90.52 33.11 8.87
C SER HA 79 -89.11 32.68 9.28
N ILE HA 80 -88.22 32.59 8.30
CA ILE HA 80 -86.80 32.50 8.58
C ILE HA 80 -86.26 33.91 8.54
N VAL HA 81 -85.95 34.46 9.71
CA VAL HA 81 -85.57 35.86 9.86
C VAL HA 81 -84.19 36.11 9.25
N SER HA 82 -83.25 35.19 9.51
CA SER HA 82 -81.91 35.27 8.95
C SER HA 82 -81.30 33.88 8.92
N ALA HA 83 -80.29 33.71 8.06
CA ALA HA 83 -79.48 32.50 8.02
C ALA HA 83 -78.11 32.79 7.43
N SER HA 84 -77.15 31.92 7.76
CA SER HA 84 -75.78 32.04 7.30
C SER HA 84 -75.19 30.63 7.19
N ALA HA 85 -73.89 30.54 6.90
CA ALA HA 85 -73.19 29.27 6.88
C ALA HA 85 -73.23 28.56 8.25
N ASN HA 86 -73.46 29.30 9.34
CA ASN HA 86 -73.18 28.84 10.70
C ASN HA 86 -74.35 28.99 11.66
N SER HA 87 -75.38 29.78 11.32
CA SER HA 87 -76.50 30.02 12.22
C SER HA 87 -77.79 30.31 11.45
N TYR HA 88 -78.93 30.23 12.14
CA TYR HA 88 -80.22 30.69 11.64
C TYR HA 88 -81.01 31.29 12.78
N CYS HA 89 -81.99 32.13 12.43
CA CYS HA 89 -83.05 32.49 13.33
C CYS HA 89 -84.38 32.27 12.62
N MET HA 90 -85.29 31.51 13.23
CA MET HA 90 -86.64 31.31 12.71
C MET HA 90 -87.65 31.75 13.76
N ILE HA 91 -88.78 32.31 13.31
CA ILE HA 91 -89.85 32.78 14.18
C ILE HA 91 -91.15 32.15 13.68
N ALA HA 92 -92.01 31.71 14.60
CA ALA HA 92 -93.33 31.22 14.22
C ALA HA 92 -94.35 31.50 15.31
N GLY HA 93 -95.62 31.61 14.92
CA GLY HA 93 -96.69 31.88 15.85
C GLY HA 93 -98.03 31.56 15.21
N HIS HA 94 -99.00 31.17 16.04
CA HIS HA 94 -100.35 30.87 15.60
C HIS HA 94 -101.23 32.06 15.97
N SER HA 95 -102.09 32.55 15.06
CA SER HA 95 -102.89 33.74 15.36
C SER HA 95 -103.76 33.61 16.61
N GLY HA 96 -104.06 32.37 17.02
CA GLY HA 96 -104.76 32.05 18.26
C GLY HA 96 -103.92 31.22 19.24
N GLY HA 97 -102.59 31.38 19.23
CA GLY HA 97 -101.71 30.86 20.27
C GLY HA 97 -101.57 31.86 21.41
N THR HA 98 -100.50 31.72 22.22
CA THR HA 98 -100.23 32.70 23.27
C THR HA 98 -99.17 33.71 22.83
N VAL HA 99 -97.97 33.23 22.43
CA VAL HA 99 -96.82 34.07 22.12
C VAL HA 99 -96.11 33.57 20.87
N TRP HA 100 -95.28 34.44 20.27
CA TRP HA 100 -94.36 34.03 19.22
C TRP HA 100 -93.27 33.11 19.80
N PHE HA 101 -92.88 32.10 19.02
CA PHE HA 101 -91.78 31.22 19.34
C PHE HA 101 -90.62 31.52 18.41
N ALA HA 102 -89.40 31.34 18.92
CA ALA HA 102 -88.18 31.51 18.16
C ALA HA 102 -87.39 30.21 18.15
N ALA HA 103 -86.59 29.99 17.10
CA ALA HA 103 -85.66 28.87 17.04
C ALA HA 103 -84.31 29.35 16.53
N THR HA 104 -83.23 28.93 17.22
CA THR HA 104 -81.85 29.17 16.82
C THR HA 104 -81.06 27.90 17.13
N PRO HA 105 -79.90 27.64 16.50
CA PRO HA 105 -79.19 26.39 16.74
C PRO HA 105 -78.55 26.28 18.12
N ASP HA 106 -78.37 27.39 18.84
CA ASP HA 106 -77.86 27.39 20.21
C ASP HA 106 -78.97 27.26 21.25
N LYS HA 107 -80.01 28.10 21.18
CA LYS HA 107 -81.06 28.13 22.20
C LYS HA 107 -82.14 27.07 21.97
N GLY HA 108 -82.14 26.38 20.82
CA GLY HA 108 -83.20 25.45 20.46
C GLY HA 108 -84.49 26.19 20.12
N VAL HA 109 -85.65 25.54 20.30
CA VAL HA 109 -86.95 26.18 20.11
C VAL HA 109 -87.43 26.68 21.48
N TYR HA 110 -87.80 27.97 21.57
CA TYR HA 110 -88.18 28.57 22.84
C TYR HA 110 -89.23 29.67 22.62
N LYS HA 111 -90.03 29.93 23.66
CA LYS HA 111 -91.09 30.93 23.56
C LYS HA 111 -90.53 32.31 23.91
N THR HA 112 -90.97 33.33 23.15
CA THR HA 112 -90.58 34.72 23.38
C THR HA 112 -91.60 35.40 24.31
N ASN HA 113 -91.32 36.67 24.67
CA ASN HA 113 -92.25 37.45 25.48
C ASN HA 113 -93.37 38.10 24.67
N THR HA 114 -93.28 38.08 23.33
CA THR HA 114 -94.16 38.84 22.46
C THR HA 114 -95.46 38.07 22.19
N ALA HA 115 -96.63 38.65 22.53
CA ALA HA 115 -97.92 38.04 22.26
C ALA HA 115 -98.20 37.94 20.75
N VAL HA 116 -98.95 36.93 20.30
CA VAL HA 116 -99.21 36.70 18.88
C VAL HA 116 -100.06 37.81 18.23
N THR HA 117 -100.72 38.63 19.06
CA THR HA 117 -101.50 39.77 18.61
C THR HA 117 -100.62 40.97 18.23
N SER HA 118 -99.40 41.05 18.77
CA SER HA 118 -98.37 41.99 18.37
C SER HA 118 -97.65 41.51 17.11
N SER HA 119 -97.03 42.43 16.38
CA SER HA 119 -96.21 42.09 15.21
C SER HA 119 -95.03 41.20 15.60
N GLN HA 120 -94.63 40.28 14.70
CA GLN HA 120 -93.64 39.25 15.03
C GLN HA 120 -92.27 39.86 15.34
N PRO HA 121 -91.48 39.25 16.26
CA PRO HA 121 -90.11 39.68 16.50
C PRO HA 121 -89.29 39.76 15.21
N GLU HA 122 -88.44 40.79 15.14
CA GLU HA 122 -87.52 40.98 14.03
C GLU HA 122 -86.21 40.19 14.18
N SER HA 123 -86.02 39.56 15.35
CA SER HA 123 -84.80 38.82 15.71
C SER HA 123 -85.08 37.90 16.90
N CYS HA 124 -84.18 36.94 17.15
CA CYS HA 124 -84.21 36.02 18.28
C CYS HA 124 -83.92 36.75 19.60
N PRO HA 125 -84.85 36.74 20.59
CA PRO HA 125 -84.55 37.22 21.95
C PRO HA 125 -83.49 36.38 22.68
N PHE IA 1 -153.92 20.63 41.64
CA PHE IA 1 -153.38 20.19 40.32
C PHE IA 1 -154.56 19.87 39.38
N THR IA 2 -154.54 20.41 38.15
CA THR IA 2 -155.70 20.42 37.25
C THR IA 2 -155.27 20.17 35.80
N LEU IA 3 -156.24 19.98 34.90
CA LEU IA 3 -155.94 19.53 33.55
C LEU IA 3 -155.11 20.55 32.75
N ILE IA 4 -155.33 21.84 33.01
CA ILE IA 4 -154.55 22.89 32.36
C ILE IA 4 -153.07 22.90 32.81
N GLU IA 5 -152.78 22.65 34.10
CA GLU IA 5 -151.39 22.53 34.52
C GLU IA 5 -150.74 21.30 33.89
N LEU IA 6 -151.50 20.21 33.81
CA LEU IA 6 -151.01 18.97 33.23
C LEU IA 6 -150.77 19.09 31.72
N LEU IA 7 -151.60 19.84 31.00
CA LEU IA 7 -151.35 20.14 29.59
C LEU IA 7 -150.13 21.03 29.40
N ILE IA 8 -149.88 22.00 30.28
CA ILE IA 8 -148.65 22.80 30.25
C ILE IA 8 -147.44 21.91 30.47
N VAL IA 9 -147.51 21.01 31.45
CA VAL IA 9 -146.44 20.06 31.73
C VAL IA 9 -146.16 19.18 30.51
N ILE IA 10 -147.19 18.60 29.89
CA ILE IA 10 -147.06 17.80 28.68
C ILE IA 10 -146.45 18.61 27.53
N ALA IA 11 -146.88 19.87 27.36
CA ALA IA 11 -146.35 20.74 26.32
C ALA IA 11 -144.86 21.03 26.51
N ILE IA 12 -144.45 21.31 27.74
CA ILE IA 12 -143.05 21.59 28.06
C ILE IA 12 -142.20 20.32 27.98
N ILE IA 13 -142.71 19.15 28.38
CA ILE IA 13 -142.03 17.87 28.16
C ILE IA 13 -141.75 17.67 26.67
N ALA IA 14 -142.73 17.93 25.80
CA ALA IA 14 -142.56 17.79 24.36
C ALA IA 14 -141.45 18.69 23.81
N ILE IA 15 -141.32 19.91 24.35
CA ILE IA 15 -140.25 20.84 24.01
C ILE IA 15 -138.90 20.31 24.48
N LEU IA 16 -138.75 19.96 25.76
CA LEU IA 16 -137.48 19.53 26.29
C LEU IA 16 -137.02 18.21 25.65
N ALA IA 17 -137.94 17.29 25.38
CA ALA IA 17 -137.64 16.04 24.68
C ALA IA 17 -137.10 16.28 23.26
N ALA IA 18 -137.51 17.37 22.60
CA ALA IA 18 -137.08 17.70 21.26
C ALA IA 18 -135.69 18.34 21.22
N VAL IA 19 -135.32 19.16 22.23
CA VAL IA 19 -134.15 20.02 22.16
C VAL IA 19 -132.96 19.53 23.00
N LEU IA 20 -133.20 18.75 24.05
CA LEU IA 20 -132.13 18.37 24.98
C LEU IA 20 -131.41 17.09 24.56
N ILE IA 21 -131.72 16.55 23.37
CA ILE IA 21 -131.08 15.34 22.85
C ILE IA 21 -130.08 15.73 21.77
N PRO IA 22 -128.79 15.34 21.86
CA PRO IA 22 -127.78 15.76 20.89
C PRO IA 22 -127.90 14.98 19.58
N ASN IA 23 -127.27 15.52 18.53
CA ASN IA 23 -127.09 14.79 17.29
C ASN IA 23 -126.09 13.66 17.53
N LEU IA 24 -126.59 12.42 17.68
CA LEU IA 24 -125.74 11.28 18.01
C LEU IA 24 -124.89 10.88 16.83
N LEU IA 25 -125.42 10.99 15.61
CA LEU IA 25 -124.67 10.62 14.41
C LEU IA 25 -123.41 11.47 14.24
N ALA IA 26 -123.52 12.79 14.41
CA ALA IA 26 -122.40 13.72 14.27
C ALA IA 26 -121.31 13.45 15.31
N ALA IA 27 -121.71 13.18 16.56
CA ALA IA 27 -120.80 12.82 17.63
C ALA IA 27 -120.04 11.53 17.29
N ARG IA 28 -120.75 10.48 16.88
CA ARG IA 28 -120.12 9.22 16.54
C ARG IA 28 -119.20 9.34 15.32
N LYS IA 29 -119.51 10.15 14.30
CA LYS IA 29 -118.63 10.39 13.17
C LYS IA 29 -117.23 10.83 13.62
N ARG IA 30 -117.12 11.80 14.52
CA ARG IA 30 -115.84 12.32 14.99
C ARG IA 30 -115.09 11.31 15.86
N ALA IA 31 -115.79 10.53 16.68
CA ALA IA 31 -115.19 9.43 17.41
C ALA IA 31 -114.66 8.35 16.46
N ASN IA 32 -115.43 7.98 15.43
CA ASN IA 32 -115.03 7.00 14.43
C ASN IA 32 -113.78 7.41 13.66
N ASP IA 33 -113.67 8.67 13.24
CA ASP IA 33 -112.44 9.17 12.63
C ASP IA 33 -111.23 9.09 13.56
N THR IA 34 -111.46 9.21 14.88
CA THR IA 34 -110.41 9.05 15.87
C THR IA 34 -109.92 7.61 15.93
N VAL IA 35 -110.83 6.64 15.84
CA VAL IA 35 -110.47 5.22 15.77
C VAL IA 35 -109.59 4.95 14.55
N VAL IA 36 -109.98 5.46 13.36
CA VAL IA 36 -109.22 5.27 12.14
C VAL IA 36 -107.83 5.90 12.26
N THR IA 37 -107.77 7.14 12.75
CA THR IA 37 -106.50 7.83 12.95
C THR IA 37 -105.60 7.05 13.91
N ALA IA 38 -106.14 6.61 15.04
CA ALA IA 38 -105.39 5.82 16.02
C ALA IA 38 -104.89 4.49 15.44
N TYR IA 39 -105.73 3.78 14.66
CA TYR IA 39 -105.32 2.53 14.07
C TYR IA 39 -104.24 2.70 13.02
N LEU IA 40 -104.31 3.75 12.18
CA LEU IA 40 -103.24 4.06 11.26
C LEU IA 40 -101.95 4.48 11.98
N ASN IA 41 -102.02 5.26 13.06
CA ASN IA 41 -100.83 5.56 13.85
C ASN IA 41 -100.19 4.29 14.42
N ASP IA 42 -100.98 3.30 14.83
CA ASP IA 42 -100.45 2.01 15.25
C ASP IA 42 -99.84 1.24 14.08
N ALA IA 43 -100.53 1.16 12.94
CA ALA IA 43 -99.99 0.51 11.75
C ALA IA 43 -98.64 1.10 11.33
N VAL IA 44 -98.48 2.43 11.49
CA VAL IA 44 -97.21 3.11 11.24
C VAL IA 44 -96.11 2.67 12.21
N LYS IA 45 -96.39 2.54 13.51
CA LYS IA 45 -95.42 2.01 14.46
C LYS IA 45 -94.98 0.60 14.07
N PHE IA 46 -95.92 -0.24 13.66
CA PHE IA 46 -95.62 -1.62 13.30
C PHE IA 46 -94.92 -1.73 11.95
N GLN IA 47 -95.17 -0.83 10.99
CA GLN IA 47 -94.37 -0.76 9.78
C GLN IA 47 -92.90 -0.46 10.11
N GLU IA 48 -92.63 0.48 11.04
CA GLU IA 48 -91.26 0.71 11.48
C GLU IA 48 -90.66 -0.48 12.20
N MET IA 49 -91.42 -1.20 13.03
CA MET IA 49 -90.90 -2.41 13.66
C MET IA 49 -90.61 -3.52 12.64
N TYR IA 50 -91.44 -3.68 11.62
CA TYR IA 50 -91.18 -4.64 10.56
C TYR IA 50 -89.93 -4.24 9.77
N GLN IA 51 -89.74 -2.95 9.55
CA GLN IA 51 -88.54 -2.40 8.92
C GLN IA 51 -87.29 -2.68 9.75
N ILE IA 52 -87.35 -2.64 11.09
CA ILE IA 52 -86.24 -3.03 11.96
C ILE IA 52 -85.82 -4.47 11.72
N ASP IA 53 -86.78 -5.38 11.59
CA ASP IA 53 -86.50 -6.81 11.46
C ASP IA 53 -86.15 -7.25 10.03
N ASN IA 54 -86.70 -6.59 8.99
CA ASN IA 54 -86.69 -7.12 7.64
C ASN IA 54 -86.06 -6.18 6.60
N ASN IA 55 -85.68 -4.95 6.98
CA ASN IA 55 -85.14 -3.94 6.07
C ASN IA 55 -86.08 -3.64 4.89
N SER IA 56 -87.39 -3.80 5.08
CA SER IA 56 -88.40 -3.54 4.07
C SER IA 56 -89.75 -3.31 4.77
N TYR IA 57 -90.74 -2.68 4.11
CA TYR IA 57 -92.08 -2.57 4.68
C TYR IA 57 -92.99 -3.72 4.25
N THR IA 58 -94.05 -3.99 5.03
CA THR IA 58 -94.98 -5.07 4.73
C THR IA 58 -95.98 -4.64 3.67
N SER IA 59 -96.52 -5.62 2.94
CA SER IA 59 -97.63 -5.27 2.07
C SER IA 59 -98.87 -5.91 2.65
N ASN IA 60 -98.65 -6.84 3.59
CA ASN IA 60 -99.73 -7.62 4.17
C ASN IA 60 -99.92 -7.38 5.67
N GLN IA 61 -101.17 -7.19 6.09
CA GLN IA 61 -101.52 -6.84 7.46
C GLN IA 61 -101.15 -7.92 8.48
N ALA IA 62 -101.14 -9.19 8.08
CA ALA IA 62 -100.87 -10.28 9.01
C ALA IA 62 -99.45 -10.24 9.59
N ALA IA 63 -98.49 -9.69 8.84
CA ALA IA 63 -97.13 -9.47 9.33
C ALA IA 63 -97.13 -8.41 10.45
N LEU IA 64 -97.87 -7.31 10.27
CA LEU IA 64 -98.02 -6.29 11.30
C LEU IA 64 -98.74 -6.86 12.54
N ILE IA 65 -99.78 -7.66 12.35
CA ILE IA 65 -100.50 -8.31 13.44
C ILE IA 65 -99.58 -9.26 14.21
N SER IA 66 -98.71 -9.99 13.51
CA SER IA 66 -97.77 -10.85 14.21
C SER IA 66 -96.90 -10.03 15.17
N LEU IA 67 -96.40 -8.88 14.70
CA LEU IA 67 -95.54 -8.02 15.49
C LEU IA 67 -96.26 -7.36 16.67
N GLY IA 68 -97.60 -7.26 16.63
CA GLY IA 68 -98.36 -6.72 17.76
C GLY IA 68 -99.49 -5.75 17.42
N LEU IA 69 -99.71 -5.50 16.12
CA LEU IA 69 -100.85 -4.64 15.71
C LEU IA 69 -102.15 -5.43 15.90
N LYS IA 70 -103.16 -4.81 16.50
CA LYS IA 70 -104.40 -5.54 16.83
C LYS IA 70 -105.29 -5.74 15.61
N SER IA 71 -106.35 -6.55 15.78
CA SER IA 71 -107.33 -6.79 14.69
C SER IA 71 -107.84 -5.45 14.16
N THR IA 72 -108.14 -5.37 12.87
CA THR IA 72 -108.74 -4.12 12.33
C THR IA 72 -110.00 -3.81 13.13
N PRO IA 73 -110.21 -2.56 13.61
CA PRO IA 73 -111.36 -2.24 14.45
C PRO IA 73 -112.72 -2.53 13.82
N ALA IA 74 -113.75 -2.78 14.63
CA ALA IA 74 -115.08 -3.00 14.08
C ALA IA 74 -115.50 -1.87 13.14
N ASN IA 75 -116.04 -2.23 11.97
CA ASN IA 75 -116.47 -1.32 10.91
C ASN IA 75 -115.35 -0.51 10.25
N VAL IA 76 -114.08 -0.71 10.63
CA VAL IA 76 -112.95 -0.11 9.92
C VAL IA 76 -112.46 -1.09 8.87
N THR IA 77 -112.43 -0.63 7.62
CA THR IA 77 -111.73 -1.34 6.55
C THR IA 77 -110.37 -0.69 6.34
N PHE IA 78 -109.32 -1.50 6.47
CA PHE IA 78 -107.93 -1.08 6.35
C PHE IA 78 -107.27 -1.87 5.22
N SER IA 79 -106.46 -1.20 4.41
CA SER IA 79 -105.68 -1.86 3.37
C SER IA 79 -104.28 -1.26 3.29
N ILE IA 80 -103.28 -2.12 3.03
CA ILE IA 80 -101.98 -1.65 2.62
C ILE IA 80 -101.99 -1.68 1.10
N VAL IA 81 -102.03 -0.49 0.50
CA VAL IA 81 -102.20 -0.33 -0.94
C VAL IA 81 -100.95 -0.77 -1.68
N SER IA 82 -99.77 -0.37 -1.16
CA SER IA 82 -98.50 -0.75 -1.72
C SER IA 82 -97.42 -0.67 -0.64
N ALA IA 83 -96.31 -1.39 -0.86
CA ALA IA 83 -95.14 -1.29 -0.02
C ALA IA 83 -93.90 -1.72 -0.79
N SER IA 84 -92.74 -1.24 -0.31
CA SER IA 84 -91.46 -1.54 -0.91
C SER IA 84 -90.38 -1.53 0.17
N ALA IA 85 -89.12 -1.65 -0.22
CA ALA IA 85 -88.02 -1.54 0.72
C ALA IA 85 -87.98 -0.18 1.42
N ASN IA 86 -88.59 0.86 0.83
CA ASN IA 86 -88.34 2.25 1.19
C ASN IA 86 -89.60 3.06 1.48
N SER IA 87 -90.79 2.57 1.11
CA SER IA 87 -92.03 3.31 1.31
C SER IA 87 -93.23 2.37 1.48
N TYR IA 88 -94.34 2.92 1.98
CA TYR IA 88 -95.63 2.25 2.00
C TYR IA 88 -96.73 3.27 1.75
N CYS IA 89 -97.88 2.77 1.31
CA CYS IA 89 -99.12 3.52 1.37
C CYS IA 89 -100.18 2.65 2.03
N MET IA 90 -100.83 3.18 3.09
CA MET IA 90 -101.93 2.49 3.75
C MET IA 90 -103.16 3.39 3.72
N ILE IA 91 -104.34 2.78 3.58
CA ILE IA 91 -105.61 3.50 3.55
C ILE IA 91 -106.54 2.87 4.60
N ALA IA 92 -107.28 3.69 5.33
CA ALA IA 92 -108.28 3.15 6.26
C ALA IA 92 -109.46 4.09 6.37
N GLY IA 93 -110.62 3.55 6.72
CA GLY IA 93 -111.83 4.33 6.87
C GLY IA 93 -112.87 3.53 7.64
N HIS IA 94 -113.74 4.25 8.37
CA HIS IA 94 -114.83 3.64 9.11
C HIS IA 94 -116.12 3.87 8.34
N SER IA 95 -116.97 2.86 8.17
CA SER IA 95 -118.17 3.00 7.35
C SER IA 95 -119.08 4.16 7.80
N GLY IA 96 -118.97 4.55 9.08
CA GLY IA 96 -119.66 5.70 9.66
C GLY IA 96 -118.71 6.81 10.14
N GLY IA 97 -117.54 6.95 9.52
CA GLY IA 97 -116.67 8.11 9.70
C GLY IA 97 -117.04 9.23 8.74
N THR IA 98 -116.11 10.17 8.50
CA THR IA 98 -116.33 11.22 7.51
C THR IA 98 -115.67 10.88 6.18
N VAL IA 99 -114.34 10.66 6.19
CA VAL IA 99 -113.53 10.46 4.99
C VAL IA 99 -112.53 9.33 5.17
N TRP IA 100 -112.00 8.81 4.05
CA TRP IA 100 -110.86 7.91 4.09
C TRP IA 100 -109.61 8.64 4.57
N PHE IA 101 -108.79 7.94 5.36
CA PHE IA 101 -107.49 8.42 5.80
C PHE IA 101 -106.40 7.63 5.07
N ALA IA 102 -105.29 8.29 4.83
CA ALA IA 102 -104.11 7.69 4.21
C ALA IA 102 -102.92 7.82 5.15
N ALA IA 103 -101.98 6.88 5.04
CA ALA IA 103 -100.71 6.96 5.75
C ALA IA 103 -99.56 6.62 4.81
N THR IA 104 -98.49 7.45 4.84
CA THR IA 104 -97.25 7.22 4.11
C THR IA 104 -96.11 7.67 5.01
N PRO IA 105 -94.86 7.20 4.83
CA PRO IA 105 -93.79 7.55 5.75
C PRO IA 105 -93.34 9.01 5.65
N ASP IA 106 -93.67 9.71 4.55
CA ASP IA 106 -93.36 11.13 4.40
C ASP IA 106 -94.47 12.04 4.93
N LYS IA 107 -95.73 11.81 4.52
CA LYS IA 107 -96.83 12.68 4.90
C LYS IA 107 -97.42 12.35 6.27
N GLY IA 108 -97.03 11.23 6.88
CA GLY IA 108 -97.63 10.77 8.13
C GLY IA 108 -99.05 10.25 7.90
N VAL IA 109 -99.91 10.30 8.92
CA VAL IA 109 -101.33 9.94 8.78
C VAL IA 109 -102.11 11.21 8.51
N TYR IA 110 -102.93 11.22 7.45
CA TYR IA 110 -103.67 12.41 7.04
C TYR IA 110 -105.00 12.04 6.39
N LYS IA 111 -105.96 12.95 6.45
CA LYS IA 111 -107.28 12.70 5.90
C LYS IA 111 -107.32 13.08 4.42
N THR IA 112 -107.97 12.24 3.61
CA THR IA 112 -108.16 12.49 2.18
C THR IA 112 -109.45 13.26 1.92
N ASN IA 113 -109.70 13.62 0.65
CA ASN IA 113 -110.94 14.28 0.26
C ASN IA 113 -112.10 13.31 0.05
N THR IA 114 -111.83 12.00 0.00
CA THR IA 114 -112.82 11.00 -0.40
C THR IA 114 -113.71 10.59 0.77
N ALA IA 115 -115.04 10.77 0.65
CA ALA IA 115 -115.99 10.35 1.68
C ALA IA 115 -116.02 8.82 1.84
N VAL IA 116 -116.29 8.32 3.05
CA VAL IA 116 -116.26 6.88 3.33
C VAL IA 116 -117.36 6.09 2.59
N THR IA 117 -118.37 6.81 2.07
CA THR IA 117 -119.45 6.23 1.28
C THR IA 117 -119.02 5.94 -0.16
N SER IA 118 -117.99 6.64 -0.66
CA SER IA 118 -117.32 6.34 -1.92
C SER IA 118 -116.33 5.19 -1.75
N SER IA 119 -115.98 4.51 -2.85
CA SER IA 119 -114.96 3.47 -2.84
C SER IA 119 -113.60 4.02 -2.42
N GLN IA 120 -112.78 3.21 -1.72
CA GLN IA 120 -111.54 3.69 -1.13
C GLN IA 120 -110.54 4.15 -2.17
N PRO IA 121 -109.71 5.18 -1.86
CA PRO IA 121 -108.61 5.58 -2.75
C PRO IA 121 -107.72 4.41 -3.15
N GLU IA 122 -107.29 4.41 -4.42
CA GLU IA 122 -106.36 3.41 -4.95
C GLU IA 122 -104.90 3.75 -4.66
N SER IA 123 -104.63 4.96 -4.13
CA SER IA 123 -103.30 5.48 -3.87
C SER IA 123 -103.37 6.66 -2.89
N CYS IA 124 -102.23 7.04 -2.31
CA CYS IA 124 -102.07 8.18 -1.42
C CYS IA 124 -102.24 9.51 -2.18
N PRO IA 125 -103.22 10.37 -1.82
CA PRO IA 125 -103.29 11.74 -2.34
C PRO IA 125 -102.09 12.63 -1.93
N PHE JA 1 -164.07 23.01 38.35
CA PHE JA 1 -163.25 21.77 38.55
C PHE JA 1 -164.09 20.71 39.25
N THR JA 2 -164.12 19.48 38.72
CA THR JA 2 -165.07 18.44 39.11
C THR JA 2 -164.41 17.06 39.16
N LEU JA 3 -165.12 16.05 39.66
CA LEU JA 3 -164.51 14.77 39.94
C LEU JA 3 -164.01 14.05 38.68
N ILE JA 4 -164.69 14.24 37.56
CA ILE JA 4 -164.27 13.67 36.29
C ILE JA 4 -162.97 14.30 35.76
N GLU JA 5 -162.77 15.61 35.91
CA GLU JA 5 -161.50 16.22 35.54
C GLU JA 5 -160.37 15.71 36.44
N LEU JA 6 -160.67 15.55 37.73
CA LEU JA 6 -159.71 15.08 38.71
C LEU JA 6 -159.34 13.61 38.49
N LEU JA 7 -160.28 12.77 38.06
CA LEU JA 7 -159.98 11.40 37.66
C LEU JA 7 -159.13 11.33 36.39
N ILE JA 8 -159.37 12.21 35.40
CA ILE JA 8 -158.51 12.32 34.22
C ILE JA 8 -157.10 12.72 34.62
N VAL JA 9 -156.96 13.70 35.50
CA VAL JA 9 -155.68 14.14 36.01
C VAL JA 9 -154.94 12.99 36.72
N ILE JA 10 -155.62 12.26 37.60
CA ILE JA 10 -155.06 11.10 38.28
C ILE JA 10 -154.63 10.01 37.28
N ALA JA 11 -155.46 9.75 36.26
CA ALA JA 11 -155.15 8.77 35.24
C ALA JA 11 -153.89 9.14 34.45
N ILE JA 12 -153.76 10.41 34.05
CA ILE JA 12 -152.62 10.88 33.30
C ILE JA 12 -151.36 10.94 34.19
N ILE JA 13 -151.47 11.31 35.47
CA ILE JA 13 -150.36 11.21 36.41
C ILE JA 13 -149.83 9.77 36.47
N ALA JA 14 -150.72 8.78 36.56
CA ALA JA 14 -150.33 7.37 36.60
C ALA JA 14 -149.56 6.96 35.35
N ILE JA 15 -149.95 7.47 34.18
CA ILE JA 15 -149.25 7.24 32.92
C ILE JA 15 -147.86 7.89 32.95
N LEU JA 16 -147.77 9.20 33.24
CA LEU JA 16 -146.50 9.89 33.21
C LEU JA 16 -145.53 9.34 34.25
N ALA JA 17 -146.01 8.98 35.44
CA ALA JA 17 -145.19 8.37 36.48
C ALA JA 17 -144.61 7.02 36.05
N ALA JA 18 -145.29 6.28 35.16
CA ALA JA 18 -144.84 5.00 34.66
C ALA JA 18 -143.78 5.12 33.57
N VAL JA 19 -143.86 6.14 32.69
CA VAL JA 19 -143.06 6.20 31.47
C VAL JA 19 -141.90 7.19 31.53
N LEU JA 20 -141.99 8.23 32.35
CA LEU JA 20 -140.98 9.29 32.34
C LEU JA 20 -139.79 9.01 33.27
N ILE JA 21 -139.74 7.81 33.87
CA ILE JA 21 -138.65 7.41 34.76
C ILE JA 21 -137.72 6.44 34.00
N PRO JA 22 -136.40 6.72 33.91
CA PRO JA 22 -135.49 5.87 33.15
C PRO JA 22 -135.16 4.57 33.88
N ASN JA 23 -134.63 3.58 33.14
CA ASN JA 23 -134.05 2.40 33.73
C ASN JA 23 -132.74 2.80 34.43
N LEU JA 24 -132.79 2.92 35.77
CA LEU JA 24 -131.65 3.39 36.54
C LEU JA 24 -130.55 2.33 36.58
N LEU JA 25 -130.92 1.05 36.65
CA LEU JA 25 -129.95 -0.04 36.70
C LEU JA 25 -129.06 -0.07 35.45
N ALA JA 26 -129.67 0.06 34.27
CA ALA JA 26 -128.95 0.03 33.00
C ALA JA 26 -127.97 1.21 32.88
N ALA JA 27 -128.41 2.40 33.29
CA ALA JA 27 -127.56 3.60 33.32
C ALA JA 27 -126.36 3.39 34.25
N ARG JA 28 -126.58 2.91 35.48
CA ARG JA 28 -125.51 2.68 36.43
C ARG JA 28 -124.55 1.60 35.95
N LYS JA 29 -125.01 0.52 35.28
CA LYS JA 29 -124.12 -0.49 34.73
C LYS JA 29 -123.03 0.12 33.83
N ARG JA 30 -123.41 1.00 32.91
CA ARG JA 30 -122.47 1.61 31.98
C ARG JA 30 -121.52 2.60 32.65
N ALA JA 31 -122.00 3.34 33.66
CA ALA JA 31 -121.13 4.18 34.47
C ALA JA 31 -120.14 3.33 35.28
N ASN JA 32 -120.59 2.21 35.88
CA ASN JA 32 -119.75 1.31 36.63
C ASN JA 32 -118.64 0.69 35.79
N ASP JA 33 -118.92 0.26 34.56
CA ASP JA 33 -117.89 -0.21 33.65
C ASP JA 33 -116.87 0.87 33.30
N THR JA 34 -117.28 2.14 33.31
CA THR JA 34 -116.38 3.27 33.08
C THR JA 34 -115.43 3.42 34.27
N VAL JA 35 -115.90 3.24 35.50
CA VAL JA 35 -115.06 3.25 36.69
C VAL JA 35 -114.00 2.16 36.60
N VAL JA 36 -114.38 0.93 36.25
CA VAL JA 36 -113.46 -0.18 36.12
C VAL JA 36 -112.42 0.09 35.04
N THR JA 37 -112.85 0.56 33.87
CA THR JA 37 -111.96 0.89 32.78
C THR JA 37 -110.96 1.97 33.20
N ALA JA 38 -111.44 3.04 33.83
CA ALA JA 38 -110.60 4.13 34.31
C ALA JA 38 -109.59 3.65 35.37
N TYR JA 39 -110.01 2.80 36.31
CA TYR JA 39 -109.12 2.29 37.33
C TYR JA 39 -108.04 1.38 36.75
N LEU JA 40 -108.37 0.52 35.79
CA LEU JA 40 -107.37 -0.27 35.10
C LEU JA 40 -106.43 0.59 34.25
N ASN JA 41 -106.91 1.63 33.57
CA ASN JA 41 -106.02 2.56 32.89
C ASN JA 41 -105.04 3.24 33.85
N ASP JA 42 -105.47 3.58 35.07
CA ASP JA 42 -104.57 4.09 36.09
C ASP JA 42 -103.59 3.03 36.56
N ALA JA 43 -104.05 1.81 36.87
CA ALA JA 43 -103.17 0.72 37.26
C ALA JA 43 -102.08 0.47 36.21
N VAL JA 44 -102.41 0.60 34.92
CA VAL JA 44 -101.47 0.49 33.82
C VAL JA 44 -100.40 1.60 33.85
N LYS JA 45 -100.78 2.86 34.11
CA LYS JA 45 -99.82 3.94 34.27
C LYS JA 45 -98.85 3.65 35.42
N PHE JA 46 -99.38 3.16 36.54
CA PHE JA 46 -98.56 2.87 37.70
C PHE JA 46 -97.70 1.62 37.53
N GLN JA 47 -98.14 0.61 36.77
CA GLN JA 47 -97.26 -0.49 36.39
C GLN JA 47 -96.05 0.03 35.60
N GLU JA 48 -96.24 0.94 34.65
CA GLU JA 48 -95.12 1.55 33.93
C GLU JA 48 -94.23 2.37 34.86
N MET JA 49 -94.79 3.12 35.81
CA MET JA 49 -93.95 3.84 36.77
C MET JA 49 -93.15 2.90 37.68
N TYR JA 50 -93.75 1.78 38.10
CA TYR JA 50 -93.02 0.80 38.89
C TYR JA 50 -91.91 0.16 38.06
N GLN JA 51 -92.17 -0.08 36.77
CA GLN JA 51 -91.18 -0.56 35.81
C GLN JA 51 -90.02 0.43 35.65
N ILE JA 52 -90.27 1.75 35.66
CA ILE JA 52 -89.21 2.76 35.64
C ILE JA 52 -88.27 2.62 36.84
N ASP JA 53 -88.82 2.40 38.03
CA ASP JA 53 -88.04 2.33 39.26
C ASP JA 53 -87.37 0.98 39.51
N ASN JA 54 -87.99 -0.14 39.08
CA ASN JA 54 -87.61 -1.48 39.54
C ASN JA 54 -87.24 -2.44 38.41
N ASN JA 55 -87.36 -2.04 37.14
CA ASN JA 55 -87.11 -2.92 35.99
C ASN JA 55 -87.93 -4.22 36.02
N SER JA 56 -89.12 -4.19 36.64
CA SER JA 56 -90.02 -5.33 36.74
C SER JA 56 -91.43 -4.80 37.02
N TYR JA 57 -92.49 -5.60 36.78
CA TYR JA 57 -93.84 -5.21 37.16
C TYR JA 57 -94.21 -5.71 38.56
N THR JA 58 -95.20 -5.07 39.19
CA THR JA 58 -95.64 -5.45 40.53
C THR JA 58 -96.58 -6.65 40.48
N SER JA 59 -96.64 -7.40 41.57
CA SER JA 59 -97.68 -8.42 41.62
C SER JA 59 -98.67 -7.98 42.67
N ASN JA 60 -98.26 -6.99 43.48
CA ASN JA 60 -99.06 -6.54 44.61
C ASN JA 60 -99.50 -5.08 44.48
N GLN JA 61 -100.78 -4.82 44.75
CA GLN JA 61 -101.42 -3.52 44.58
C GLN JA 61 -100.81 -2.44 45.47
N ALA JA 62 -100.30 -2.80 46.66
CA ALA JA 62 -99.77 -1.80 47.60
C ALA JA 62 -98.55 -1.06 47.06
N ALA JA 63 -97.76 -1.69 46.18
CA ALA JA 63 -96.66 -1.04 45.50
C ALA JA 63 -97.17 0.03 44.54
N LEU JA 64 -98.23 -0.26 43.77
CA LEU JA 64 -98.86 0.71 42.89
C LEU JA 64 -99.48 1.87 43.71
N ILE JA 65 -100.13 1.57 44.82
CA ILE JA 65 -100.71 2.59 45.70
C ILE JA 65 -99.60 3.48 46.28
N SER JA 66 -98.46 2.91 46.64
CA SER JA 66 -97.37 3.75 47.11
C SER JA 66 -96.98 4.79 46.06
N LEU JA 67 -96.87 4.36 44.80
CA LEU JA 67 -96.48 5.23 43.70
C LEU JA 67 -97.53 6.28 43.36
N GLY JA 68 -98.80 6.08 43.75
CA GLY JA 68 -99.84 7.08 43.54
C GLY JA 68 -101.19 6.58 43.04
N LEU JA 69 -101.32 5.26 42.86
CA LEU JA 69 -102.63 4.68 42.46
C LEU JA 69 -103.57 4.73 43.66
N LYS JA 70 -104.80 5.18 43.45
CA LYS JA 70 -105.74 5.37 44.58
C LYS JA 70 -106.33 4.06 45.07
N SER JA 71 -107.04 4.11 46.21
CA SER JA 71 -107.72 2.91 46.76
C SER JA 71 -108.61 2.28 45.68
N THR JA 72 -108.74 0.96 45.68
CA THR JA 72 -109.67 0.32 44.72
C THR JA 72 -111.06 0.95 44.90
N PRO JA 73 -111.76 1.36 43.82
CA PRO JA 73 -113.04 2.05 43.95
C PRO JA 73 -114.12 1.24 44.69
N ALA JA 74 -115.09 1.92 45.31
CA ALA JA 74 -116.18 1.23 46.00
C ALA JA 74 -116.84 0.22 45.06
N ASN JA 75 -117.07 -1.01 45.56
CA ASN JA 75 -117.66 -2.13 44.84
C ASN JA 75 -116.82 -2.66 43.68
N VAL JA 76 -115.63 -2.13 43.41
CA VAL JA 76 -114.71 -2.71 42.45
C VAL JA 76 -113.76 -3.66 43.16
N THR JA 77 -113.74 -4.92 42.69
CA THR JA 77 -112.71 -5.87 43.07
C THR JA 77 -111.65 -5.91 41.98
N PHE JA 78 -110.40 -5.63 42.37
CA PHE JA 78 -109.25 -5.59 41.48
C PHE JA 78 -108.22 -6.61 41.96
N SER JA 79 -107.61 -7.33 41.02
CA SER JA 79 -106.51 -8.23 41.34
C SER JA 79 -105.41 -8.17 40.27
N ILE JA 80 -104.16 -8.27 40.72
CA ILE JA 80 -103.07 -8.53 39.81
C ILE JA 80 -102.87 -10.04 39.80
N VAL JA 81 -103.26 -10.67 38.70
CA VAL JA 81 -103.30 -12.12 38.58
C VAL JA 81 -101.88 -12.68 38.53
N SER JA 82 -101.01 -12.03 37.75
CA SER JA 82 -99.61 -12.41 37.64
C SER JA 82 -98.78 -11.21 37.20
N ALA JA 83 -97.48 -11.26 37.48
CA ALA JA 83 -96.53 -10.29 36.97
C ALA JA 83 -95.13 -10.88 36.91
N SER JA 84 -94.29 -10.28 36.07
CA SER JA 84 -92.92 -10.72 35.86
C SER JA 84 -92.07 -9.49 35.50
N ALA JA 85 -90.80 -9.71 35.15
CA ALA JA 85 -89.95 -8.65 34.67
C ALA JA 85 -90.48 -7.98 33.40
N ASN JA 86 -91.35 -8.68 32.64
CA ASN JA 86 -91.66 -8.33 31.26
C ASN JA 86 -93.15 -8.22 30.96
N SER JA 87 -94.03 -8.72 31.84
CA SER JA 87 -95.47 -8.71 31.60
C SER JA 87 -96.26 -8.67 32.90
N TYR JA 88 -97.55 -8.32 32.79
CA TYR JA 88 -98.50 -8.45 33.89
C TYR JA 88 -99.86 -8.86 33.33
N CYS JA 89 -100.70 -9.43 34.18
CA CYS JA 89 -102.10 -9.55 33.93
C CYS JA 89 -102.86 -9.00 35.13
N MET JA 90 -103.78 -8.05 34.90
CA MET JA 90 -104.64 -7.51 35.95
C MET JA 90 -106.10 -7.72 35.54
N ILE JA 91 -106.96 -7.99 36.53
CA ILE JA 91 -108.39 -8.20 36.32
C ILE JA 91 -109.15 -7.26 37.25
N ALA JA 92 -110.23 -6.64 36.78
CA ALA JA 92 -111.08 -5.84 37.65
C ALA JA 92 -112.52 -5.90 37.19
N GLY JA 93 -113.45 -5.69 38.13
CA GLY JA 93 -114.86 -5.71 37.83
C GLY JA 93 -115.63 -5.06 38.96
N HIS JA 94 -116.79 -4.47 38.62
CA HIS JA 94 -117.68 -3.85 39.59
C HIS JA 94 -118.85 -4.79 39.83
N SER JA 95 -119.25 -5.03 41.07
CA SER JA 95 -120.32 -6.00 41.35
C SER JA 95 -121.63 -5.70 40.62
N GLY JA 96 -121.83 -4.43 40.22
CA GLY JA 96 -122.95 -3.99 39.41
C GLY JA 96 -122.54 -3.41 38.05
N GLY JA 97 -121.42 -3.88 37.48
CA GLY JA 97 -121.05 -3.63 36.09
C GLY JA 97 -121.68 -4.65 35.15
N THR JA 98 -121.12 -4.80 33.94
CA THR JA 98 -121.58 -5.84 33.02
C THR JA 98 -120.67 -7.07 33.07
N VAL JA 99 -119.36 -6.88 32.82
CA VAL JA 99 -118.39 -7.96 32.68
C VAL JA 99 -117.08 -7.62 33.39
N TRP JA 100 -116.26 -8.65 33.65
CA TRP JA 100 -114.89 -8.45 34.10
C TRP JA 100 -114.05 -7.84 32.97
N PHE JA 101 -113.14 -6.93 33.35
CA PHE JA 101 -112.17 -6.34 32.44
C PHE JA 101 -110.79 -6.89 32.77
N ALA JA 102 -109.96 -7.02 31.75
CA ALA JA 102 -108.59 -7.48 31.88
C ALA JA 102 -107.64 -6.39 31.35
N ALA JA 103 -106.42 -6.35 31.89
CA ALA JA 103 -105.37 -5.50 31.36
C ALA JA 103 -104.06 -6.27 31.26
N THR JA 104 -103.38 -6.14 30.11
CA THR JA 104 -102.06 -6.69 29.86
C THR JA 104 -101.27 -5.67 29.06
N PRO JA 105 -99.93 -5.68 29.04
CA PRO JA 105 -99.18 -4.65 28.35
C PRO JA 105 -99.27 -4.72 26.82
N ASP JA 106 -99.68 -5.87 26.26
CA ASP JA 106 -99.88 -6.02 24.83
C ASP JA 106 -101.31 -5.66 24.38
N LYS JA 107 -102.33 -6.22 25.04
CA LYS JA 107 -103.72 -6.01 24.63
C LYS JA 107 -104.32 -4.71 25.17
N GLY JA 108 -103.63 -4.03 26.09
CA GLY JA 108 -104.20 -2.86 26.76
C GLY JA 108 -105.28 -3.25 27.76
N VAL JA 109 -106.24 -2.35 28.03
CA VAL JA 109 -107.39 -2.65 28.88
C VAL JA 109 -108.55 -3.06 27.97
N TYR JA 110 -109.16 -4.21 28.23
CA TYR JA 110 -110.22 -4.74 27.37
C TYR JA 110 -111.23 -5.54 28.17
N LYS JA 111 -112.46 -5.63 27.67
CA LYS JA 111 -113.52 -6.34 28.38
C LYS JA 111 -113.49 -7.83 28.00
N THR JA 112 -113.71 -8.69 29.00
CA THR JA 112 -113.77 -10.13 28.81
C THR JA 112 -115.22 -10.57 28.55
N ASN JA 113 -115.41 -11.87 28.27
CA ASN JA 113 -116.75 -12.43 28.09
C ASN JA 113 -117.46 -12.77 29.41
N THR JA 114 -116.73 -12.73 30.54
CA THR JA 114 -117.23 -13.24 31.82
C THR JA 114 -118.06 -12.17 32.55
N ALA JA 115 -119.33 -12.46 32.84
CA ALA JA 115 -120.20 -11.55 33.60
C ALA JA 115 -119.71 -11.36 35.04
N VAL JA 116 -119.93 -10.18 35.63
CA VAL JA 116 -119.43 -9.86 36.97
C VAL JA 116 -120.07 -10.71 38.08
N THR JA 117 -121.19 -11.37 37.76
CA THR JA 117 -121.89 -12.28 38.67
C THR JA 117 -121.19 -13.64 38.77
N SER JA 118 -120.42 -14.01 37.74
CA SER JA 118 -119.54 -15.18 37.75
C SER JA 118 -118.23 -14.86 38.47
N SER JA 119 -117.52 -15.88 38.96
CA SER JA 119 -116.21 -15.71 39.57
C SER JA 119 -115.20 -15.14 38.57
N GLN JA 120 -114.24 -14.33 39.04
CA GLN JA 120 -113.35 -13.59 38.17
C GLN JA 120 -112.45 -14.51 37.36
N PRO JA 121 -112.08 -14.14 36.11
CA PRO JA 121 -111.10 -14.89 35.33
C PRO JA 121 -109.81 -15.13 36.10
N GLU JA 122 -109.26 -16.34 35.92
CA GLU JA 122 -107.98 -16.72 36.50
C GLU JA 122 -106.77 -16.27 35.67
N SER JA 123 -107.02 -15.74 34.46
CA SER JA 123 -106.01 -15.32 33.49
C SER JA 123 -106.63 -14.39 32.44
N CYS JA 124 -105.78 -13.69 31.69
CA CYS JA 124 -106.16 -12.81 30.58
C CYS JA 124 -106.68 -13.62 29.39
N PRO JA 125 -107.94 -13.41 28.94
CA PRO JA 125 -108.43 -13.97 27.68
C PRO JA 125 -107.69 -13.44 26.42
N PHE KA 1 -173.85 18.43 39.68
CA PHE KA 1 -172.68 18.76 40.55
C PHE KA 1 -173.17 19.38 41.86
N THR KA 2 -172.68 18.89 43.01
CA THR KA 2 -173.24 19.17 44.32
C THR KA 2 -172.15 19.34 45.37
N LEU KA 3 -172.51 19.78 46.58
CA LEU KA 3 -171.52 20.17 47.57
C LEU KA 3 -170.65 19.01 48.03
N ILE KA 4 -171.21 17.80 48.09
CA ILE KA 4 -170.44 16.61 48.43
C ILE KA 4 -169.39 16.25 47.37
N GLU KA 5 -169.70 16.37 46.07
CA GLU KA 5 -168.69 16.15 45.05
C GLU KA 5 -167.59 17.20 45.13
N LEU KA 6 -167.97 18.45 45.42
CA LEU KA 6 -167.03 19.54 45.53
C LEU KA 6 -166.13 19.41 46.76
N LEU KA 7 -166.65 18.89 47.88
CA LEU KA 7 -165.84 18.58 49.05
C LEU KA 7 -164.87 17.41 48.78
N ILE KA 8 -165.28 16.39 48.02
CA ILE KA 8 -164.37 15.33 47.60
C ILE KA 8 -163.26 15.89 46.73
N VAL KA 9 -163.60 16.75 45.78
CA VAL KA 9 -162.62 17.40 44.92
C VAL KA 9 -161.62 18.23 45.74
N ILE KA 10 -162.10 19.05 46.68
CA ILE KA 10 -161.25 19.82 47.58
C ILE KA 10 -160.35 18.91 48.42
N ALA KA 11 -160.88 17.80 48.94
CA ALA KA 11 -160.11 16.85 49.73
C ALA KA 11 -158.98 16.21 48.92
N ILE KA 12 -159.28 15.81 47.68
CA ILE KA 12 -158.28 15.19 46.82
C ILE KA 12 -157.26 16.22 46.34
N ILE KA 13 -157.66 17.48 46.05
CA ILE KA 13 -156.70 18.55 45.76
C ILE KA 13 -155.72 18.72 46.92
N ALA KA 14 -156.19 18.72 48.16
CA ALA KA 14 -155.34 18.85 49.33
C ALA KA 14 -154.32 17.72 49.42
N ILE KA 15 -154.71 16.49 49.07
CA ILE KA 15 -153.82 15.34 49.00
C ILE KA 15 -152.77 15.52 47.90
N LEU KA 16 -153.20 15.78 46.66
CA LEU KA 16 -152.26 15.90 45.55
C LEU KA 16 -151.29 17.07 45.73
N ALA KA 17 -151.76 18.19 46.26
CA ALA KA 17 -150.92 19.35 46.57
C ALA KA 17 -149.84 19.02 47.62
N ALA KA 18 -150.10 18.08 48.52
CA ALA KA 18 -149.16 17.68 49.56
C ALA KA 18 -148.08 16.71 49.04
N VAL KA 19 -148.41 15.82 48.10
CA VAL KA 19 -147.54 14.70 47.74
C VAL KA 19 -146.82 14.87 46.40
N LEU KA 20 -147.38 15.65 45.47
CA LEU KA 20 -146.82 15.75 44.11
C LEU KA 20 -145.74 16.82 43.98
N ILE KA 21 -145.33 17.45 45.09
CA ILE KA 21 -144.30 18.49 45.10
C ILE KA 21 -143.00 17.89 45.66
N PRO KA 22 -141.86 17.96 44.91
CA PRO KA 22 -140.62 17.33 45.38
C PRO KA 22 -139.94 18.13 46.48
N ASN KA 23 -139.02 17.49 47.20
CA ASN KA 23 -138.13 18.19 48.10
C ASN KA 23 -137.16 19.04 47.28
N LEU KA 24 -137.41 20.35 47.21
CA LEU KA 24 -136.62 21.25 46.38
C LEU KA 24 -135.23 21.46 46.98
N LEU KA 25 -135.13 21.51 48.31
CA LEU KA 25 -133.84 21.71 48.98
C LEU KA 25 -132.85 20.59 48.67
N ALA KA 26 -133.30 19.33 48.74
CA ALA KA 26 -132.46 18.16 48.48
C ALA KA 26 -131.97 18.13 47.03
N ALA KA 27 -132.85 18.45 46.08
CA ALA KA 27 -132.50 18.56 44.67
C ALA KA 27 -131.43 19.64 44.45
N ARG KA 28 -131.62 20.84 45.00
CA ARG KA 28 -130.67 21.92 44.85
C ARG KA 28 -129.33 21.60 45.50
N LYS KA 29 -129.29 20.92 46.66
CA LYS KA 29 -128.03 20.50 47.28
C LYS KA 29 -127.13 19.73 46.31
N ARG KA 30 -127.68 18.74 45.59
CA ARG KA 30 -126.90 17.92 44.67
C ARG KA 30 -126.47 18.69 43.42
N ALA KA 31 -127.29 19.60 42.92
CA ALA KA 31 -126.90 20.50 41.85
C ALA KA 31 -125.78 21.44 42.30
N ASN KA 32 -125.88 22.01 43.51
CA ASN KA 32 -124.87 22.90 44.07
C ASN KA 32 -123.51 22.21 44.24
N ASP KA 33 -123.47 20.96 44.72
CA ASP KA 33 -122.23 20.20 44.78
C ASP KA 33 -121.62 19.96 43.39
N THR KA 34 -122.46 19.88 42.35
CA THR KA 34 -122.00 19.75 40.97
C THR KA 34 -121.32 21.03 40.50
N VAL KA 35 -121.86 22.20 40.87
CA VAL KA 35 -121.24 23.48 40.59
C VAL KA 35 -119.85 23.56 41.23
N VAL KA 36 -119.72 23.19 42.50
CA VAL KA 36 -118.45 23.22 43.21
C VAL KA 36 -117.45 22.26 42.56
N THR KA 37 -117.87 21.04 42.26
CA THR KA 37 -117.02 20.06 41.61
C THR KA 37 -116.54 20.58 40.25
N ALA KA 38 -117.45 21.11 39.43
CA ALA KA 38 -117.12 21.67 38.13
C ALA KA 38 -116.15 22.86 38.24
N TYR KA 39 -116.35 23.75 39.19
CA TYR KA 39 -115.47 24.90 39.38
C TYR KA 39 -114.07 24.49 39.83
N LEU KA 40 -113.95 23.51 40.73
CA LEU KA 40 -112.66 22.96 41.10
C LEU KA 40 -111.99 22.23 39.93
N ASN KA 41 -112.71 21.46 39.12
CA ASN KA 41 -112.14 20.88 37.92
C ASN KA 41 -111.60 21.93 36.95
N ASP KA 42 -112.28 23.08 36.81
CA ASP KA 42 -111.75 24.19 36.04
C ASP KA 42 -110.52 24.81 36.69
N ALA KA 43 -110.56 25.09 38.00
CA ALA KA 43 -109.40 25.62 38.71
C ALA KA 43 -108.17 24.72 38.54
N VAL KA 44 -108.36 23.40 38.51
CA VAL KA 44 -107.30 22.43 38.25
C VAL KA 44 -106.72 22.56 36.83
N LYS KA 45 -107.55 22.74 35.80
CA LYS KA 45 -107.07 22.99 34.44
C LYS KA 45 -106.21 24.25 34.40
N PHE KA 46 -106.67 25.31 35.07
CA PHE KA 46 -105.95 26.58 35.07
C PHE KA 46 -104.69 26.56 35.92
N GLN KA 47 -104.64 25.77 37.00
CA GLN KA 47 -103.39 25.53 37.71
C GLN KA 47 -102.35 24.88 36.79
N GLU KA 48 -102.74 23.89 35.97
CA GLU KA 48 -101.83 23.31 35.00
C GLU KA 48 -101.41 24.31 33.93
N MET KA 49 -102.30 25.17 33.45
CA MET KA 49 -101.92 26.21 32.49
C MET KA 49 -100.96 27.23 33.11
N TYR KA 50 -101.17 27.61 34.37
CA TYR KA 50 -100.24 28.50 35.04
C TYR KA 50 -98.88 27.84 35.24
N GLN KA 51 -98.87 26.54 35.51
CA GLN KA 51 -97.66 25.73 35.60
C GLN KA 51 -96.92 25.69 34.25
N ILE KA 52 -97.62 25.64 33.11
CA ILE KA 52 -97.00 25.71 31.78
C ILE KA 52 -96.23 27.02 31.61
N ASP KA 53 -96.81 28.15 32.04
CA ASP KA 53 -96.23 29.47 31.83
C ASP KA 53 -95.15 29.83 32.87
N ASN KA 54 -95.27 29.36 34.12
CA ASN KA 54 -94.51 29.89 35.24
C ASN KA 54 -93.67 28.85 36.00
N ASN KA 55 -93.78 27.57 35.64
CA ASN KA 55 -93.08 26.48 36.35
C ASN KA 55 -93.39 26.44 37.85
N SER KA 56 -94.57 26.90 38.26
CA SER KA 56 -95.01 26.92 39.65
C SER KA 56 -96.54 27.00 39.67
N TYR KA 57 -97.20 26.66 40.78
CA TYR KA 57 -98.64 26.86 40.92
C TYR KA 57 -98.99 28.20 41.54
N THR KA 58 -100.20 28.69 41.31
CA THR KA 58 -100.65 29.97 41.85
C THR KA 58 -101.09 29.84 43.31
N SER KA 59 -101.01 30.92 44.05
CA SER KA 59 -101.61 30.87 45.37
C SER KA 59 -102.82 31.79 45.33
N ASN KA 60 -102.89 32.62 44.28
CA ASN KA 60 -103.94 33.62 44.16
C ASN KA 60 -104.86 33.39 42.96
N GLN KA 61 -106.17 33.50 43.19
CA GLN KA 61 -107.19 33.21 42.20
C GLN KA 61 -107.13 34.15 40.98
N ALA KA 62 -106.68 35.39 41.15
CA ALA KA 62 -106.67 36.37 40.06
C ALA KA 62 -105.73 35.96 38.91
N ALA KA 63 -104.67 35.22 39.21
CA ALA KA 63 -103.78 34.66 38.19
C ALA KA 63 -104.53 33.61 37.35
N LEU KA 64 -105.30 32.73 37.99
CA LEU KA 64 -106.13 31.75 37.28
C LEU KA 64 -107.21 32.44 36.45
N ILE KA 65 -107.85 33.48 36.99
CA ILE KA 65 -108.85 34.25 36.26
C ILE KA 65 -108.24 34.93 35.04
N SER KA 66 -107.01 35.46 35.17
CA SER KA 66 -106.36 36.03 34.00
C SER KA 66 -106.24 35.02 32.88
N LEU KA 67 -105.83 33.79 33.21
CA LEU KA 67 -105.63 32.73 32.24
C LEU KA 67 -106.94 32.23 31.62
N GLY KA 68 -108.10 32.46 32.28
CA GLY KA 68 -109.38 32.09 31.70
C GLY KA 68 -110.39 31.44 32.65
N LEU KA 69 -110.02 31.27 33.92
CA LEU KA 69 -110.97 30.73 34.92
C LEU KA 69 -112.01 31.80 35.24
N LYS KA 70 -113.29 31.43 35.25
CA LYS KA 70 -114.37 32.43 35.43
C LYS KA 70 -114.51 32.88 36.88
N SER KA 71 -115.33 33.91 37.11
CA SER KA 71 -115.61 34.41 38.48
C SER KA 71 -116.05 33.24 39.36
N THR KA 72 -115.72 33.26 40.65
CA THR KA 72 -116.23 32.21 41.56
C THR KA 72 -117.76 32.19 41.47
N PRO KA 73 -118.42 31.03 41.31
CA PRO KA 73 -119.87 30.97 41.13
C PRO KA 73 -120.67 31.60 42.28
N ALA KA 74 -121.89 32.07 42.00
CA ALA KA 74 -122.73 32.63 43.06
C ALA KA 74 -122.86 31.64 44.22
N ASN KA 75 -122.70 32.15 45.45
CA ASN KA 75 -122.75 31.38 46.70
C ASN KA 75 -121.63 30.35 46.89
N VAL KA 76 -120.69 30.22 45.94
CA VAL KA 76 -119.51 29.39 46.14
C VAL KA 76 -118.38 30.26 46.71
N THR KA 77 -117.86 29.83 47.87
CA THR KA 77 -116.61 30.36 48.39
C THR KA 77 -115.48 29.41 48.04
N PHE KA 78 -114.47 29.95 47.33
CA PHE KA 78 -113.31 29.20 46.86
C PHE KA 78 -112.06 29.84 47.45
N SER KA 79 -111.10 29.00 47.89
CA SER KA 79 -109.82 29.48 48.35
C SER KA 79 -108.69 28.56 47.86
N ILE KA 80 -107.55 29.17 47.53
CA ILE KA 80 -106.33 28.40 47.36
C ILE KA 80 -105.61 28.47 48.70
N VAL KA 81 -105.60 27.35 49.41
CA VAL KA 81 -105.10 27.26 50.78
C VAL KA 81 -103.58 27.40 50.79
N SER KA 82 -102.91 26.72 49.85
CA SER KA 82 -101.47 26.80 49.71
C SER KA 82 -101.07 26.43 48.29
N ALA KA 83 -99.88 26.87 47.87
CA ALA KA 83 -99.29 26.47 46.61
C ALA KA 83 -97.78 26.60 46.66
N SER KA 84 -97.10 25.85 45.79
CA SER KA 84 -95.66 25.83 45.70
C SER KA 84 -95.26 25.55 44.25
N ALA KA 85 -93.97 25.37 44.00
CA ALA KA 85 -93.49 24.98 42.68
C ALA KA 85 -94.06 23.62 42.23
N ASN KA 86 -94.51 22.78 43.18
CA ASN KA 86 -94.75 21.36 42.93
C ASN KA 86 -96.14 20.87 43.35
N SER KA 87 -96.88 21.64 44.15
CA SER KA 87 -98.18 21.22 44.65
C SER KA 87 -99.10 22.41 44.92
N TYR KA 88 -100.40 22.14 45.05
CA TYR KA 88 -101.38 23.11 45.54
C TYR KA 88 -102.41 22.39 46.40
N CYS KA 89 -103.09 23.16 47.24
CA CYS KA 89 -104.33 22.72 47.86
C CYS KA 89 -105.38 23.81 47.63
N MET KA 90 -106.54 23.44 47.07
CA MET KA 90 -107.66 24.34 46.90
C MET KA 90 -108.88 23.78 47.61
N ILE KA 91 -109.72 24.66 48.18
CA ILE KA 91 -110.92 24.27 48.89
C ILE KA 91 -112.08 25.07 48.31
N ALA KA 92 -113.25 24.45 48.10
CA ALA KA 92 -114.42 25.19 47.67
C ALA KA 92 -115.68 24.55 48.23
N GLY KA 93 -116.73 25.36 48.40
CA GLY KA 93 -118.00 24.88 48.91
C GLY KA 93 -119.09 25.89 48.60
N HIS KA 94 -120.32 25.39 48.45
CA HIS KA 94 -121.49 26.22 48.20
C HIS KA 94 -122.27 26.33 49.51
N SER KA 95 -122.71 27.53 49.92
CA SER KA 95 -123.39 27.70 51.20
C SER KA 95 -124.62 26.79 51.37
N GLY KA 96 -125.20 26.35 50.25
CA GLY KA 96 -126.31 25.38 50.21
C GLY KA 96 -125.95 24.07 49.50
N GLY KA 97 -124.68 23.66 49.54
CA GLY KA 97 -124.24 22.33 49.13
C GLY KA 97 -124.34 21.34 50.29
N THR KA 98 -123.61 20.22 50.21
CA THR KA 98 -123.55 19.27 51.32
C THR KA 98 -122.28 19.47 52.15
N VAL KA 99 -121.11 19.37 51.50
CA VAL KA 99 -119.80 19.39 52.17
C VAL KA 99 -118.80 20.25 51.40
N TRP KA 100 -117.71 20.65 52.07
CA TRP KA 100 -116.57 21.25 51.40
C TRP KA 100 -115.87 20.23 50.50
N PHE KA 101 -115.40 20.68 49.34
CA PHE KA 101 -114.60 19.90 48.43
C PHE KA 101 -113.16 20.41 48.46
N ALA KA 102 -112.22 19.50 48.26
CA ALA KA 102 -110.80 19.82 48.19
C ALA KA 102 -110.25 19.39 46.84
N ALA KA 103 -109.20 20.07 46.38
CA ALA KA 103 -108.47 19.67 45.19
C ALA KA 103 -106.96 19.74 45.44
N THR KA 104 -106.23 18.69 45.05
CA THR KA 104 -104.78 18.62 45.09
C THR KA 104 -104.32 17.90 43.84
N PRO KA 105 -103.07 18.05 43.37
CA PRO KA 105 -102.66 17.42 42.11
C PRO KA 105 -102.52 15.90 42.19
N ASP KA 106 -102.42 15.32 43.40
CA ASP KA 106 -102.37 13.88 43.59
C ASP KA 106 -103.76 13.26 43.74
N LYS KA 107 -104.60 13.79 44.65
CA LYS KA 107 -105.90 13.20 44.94
C LYS KA 107 -106.99 13.63 43.96
N GLY KA 108 -106.72 14.62 43.09
CA GLY KA 108 -107.73 15.17 42.21
C GLY KA 108 -108.73 16.03 42.99
N VAL KA 109 -109.96 16.17 42.49
CA VAL KA 109 -111.04 16.86 43.20
C VAL KA 109 -111.84 15.82 43.97
N TYR KA 110 -112.04 16.04 45.28
CA TYR KA 110 -112.71 15.07 46.13
C TYR KA 110 -113.47 15.77 47.26
N LYS KA 111 -114.52 15.10 47.76
CA LYS KA 111 -115.33 15.69 48.83
C LYS KA 111 -114.73 15.36 50.20
N THR KA 112 -114.75 16.35 51.09
CA THR KA 112 -114.27 16.20 52.46
C THR KA 112 -115.41 15.76 53.39
N ASN KA 113 -115.09 15.51 54.66
CA ASN KA 113 -116.11 15.17 55.66
C ASN KA 113 -116.81 16.40 56.26
N THR KA 114 -116.29 17.60 55.99
CA THR KA 114 -116.75 18.83 56.66
C THR KA 114 -117.98 19.42 55.98
N ALA KA 115 -119.10 19.56 56.71
CA ALA KA 115 -120.31 20.17 56.18
C ALA KA 115 -120.11 21.66 55.86
N VAL KA 116 -120.81 22.19 54.84
CA VAL KA 116 -120.64 23.57 54.40
C VAL KA 116 -121.06 24.61 55.44
N THR KA 117 -121.83 24.17 56.44
CA THR KA 117 -122.25 25.02 57.57
C THR KA 117 -121.14 25.24 58.59
N SER KA 118 -120.17 24.32 58.65
CA SER KA 118 -118.94 24.48 59.41
C SER KA 118 -117.93 25.35 58.66
N SER KA 119 -116.98 25.94 59.39
CA SER KA 119 -115.90 26.71 58.77
C SER KA 119 -115.04 25.83 57.85
N GLN KA 120 -114.51 26.40 56.76
CA GLN KA 120 -113.83 25.63 55.72
C GLN KA 120 -112.56 24.96 56.26
N PRO KA 121 -112.20 23.76 55.75
CA PRO KA 121 -110.93 23.12 56.09
C PRO KA 121 -109.74 24.05 55.87
N GLU KA 122 -108.77 23.98 56.79
CA GLU KA 122 -107.53 24.74 56.70
C GLU KA 122 -106.47 24.04 55.83
N SER KA 123 -106.74 22.79 55.40
CA SER KA 123 -105.83 21.95 54.63
C SER KA 123 -106.59 20.82 53.96
N CYS KA 124 -105.96 20.15 52.98
CA CYS KA 124 -106.48 18.98 52.28
C CYS KA 124 -106.52 17.76 53.21
N PRO KA 125 -107.72 17.14 53.45
CA PRO KA 125 -107.80 15.84 54.12
C PRO KA 125 -107.16 14.69 53.33
N PHE LA 1 -181.45 18.65 47.51
CA PHE LA 1 -180.60 19.66 46.81
C PHE LA 1 -181.45 20.87 46.42
N THR LA 2 -180.95 22.08 46.74
CA THR LA 2 -181.75 23.31 46.69
C THR LA 2 -180.93 24.48 46.17
N LEU LA 3 -181.58 25.63 45.91
CA LEU LA 3 -180.93 26.72 45.20
C LEU LA 3 -179.77 27.32 45.98
N ILE LA 4 -179.86 27.33 47.32
CA ILE LA 4 -178.77 27.81 48.17
C ILE LA 4 -177.53 26.90 48.11
N GLU LA 5 -177.70 25.57 48.07
CA GLU LA 5 -176.55 24.68 47.90
C GLU LA 5 -175.92 24.89 46.53
N LEU LA 6 -176.75 25.08 45.50
CA LEU LA 6 -176.29 25.27 44.15
C LEU LA 6 -175.57 26.62 43.97
N LEU LA 7 -176.01 27.68 44.66
CA LEU LA 7 -175.29 28.95 44.69
C LEU LA 7 -173.95 28.83 45.42
N ILE LA 8 -173.86 28.06 46.51
CA ILE LA 8 -172.59 27.77 47.18
C ILE LA 8 -171.64 27.04 46.23
N VAL LA 9 -172.14 26.03 45.53
CA VAL LA 9 -171.37 25.29 44.55
C VAL LA 9 -170.85 26.20 43.44
N ILE LA 10 -171.70 27.05 42.87
CA ILE LA 10 -171.30 28.03 41.86
C ILE LA 10 -170.25 29.01 42.40
N ALA LA 11 -170.41 29.48 43.64
CA ALA LA 11 -169.46 30.40 44.26
C ALA LA 11 -168.09 29.75 44.45
N ILE LA 12 -168.06 28.49 44.90
CA ILE LA 12 -166.80 27.77 45.10
C ILE LA 12 -166.17 27.39 43.76
N ILE LA 13 -166.95 27.02 42.73
CA ILE LA 13 -166.41 26.83 41.38
C ILE LA 13 -165.70 28.09 40.90
N ALA LA 14 -166.30 29.27 41.08
CA ALA LA 14 -165.71 30.53 40.68
C ALA LA 14 -164.37 30.79 41.38
N ILE LA 15 -164.25 30.41 42.65
CA ILE LA 15 -163.00 30.50 43.40
C ILE LA 15 -161.96 29.53 42.84
N LEU LA 16 -162.29 28.24 42.72
CA LEU LA 16 -161.32 27.25 42.27
C LEU LA 16 -160.87 27.53 40.83
N ALA LA 17 -161.77 27.96 39.96
CA ALA LA 17 -161.45 28.34 38.59
C ALA LA 17 -160.46 29.51 38.51
N ALA LA 18 -160.49 30.41 39.52
CA ALA LA 18 -159.60 31.57 39.57
C ALA LA 18 -158.20 31.22 40.07
N VAL LA 19 -158.06 30.27 41.01
CA VAL LA 19 -156.81 30.05 41.73
C VAL LA 19 -156.03 28.81 41.29
N LEU LA 20 -156.72 27.79 40.74
CA LEU LA 20 -156.05 26.52 40.43
C LEU LA 20 -155.42 26.50 39.03
N ILE LA 21 -155.41 27.63 38.32
CA ILE LA 21 -154.82 27.74 36.99
C ILE LA 21 -153.48 28.46 37.10
N PRO LA 22 -152.35 27.88 36.61
CA PRO LA 22 -151.04 28.50 36.76
C PRO LA 22 -150.85 29.67 35.78
N ASN LA 23 -149.85 30.51 36.07
CA ASN LA 23 -149.39 31.51 35.12
C ASN LA 23 -148.69 30.77 33.96
N LEU LA 24 -149.38 30.65 32.82
CA LEU LA 24 -148.86 29.90 31.69
C LEU LA 24 -147.73 30.66 31.00
N LEU LA 25 -147.82 31.99 30.94
CA LEU LA 25 -146.80 32.81 30.31
C LEU LA 25 -145.43 32.66 31.00
N ALA LA 26 -145.42 32.71 32.34
CA ALA LA 26 -144.19 32.59 33.13
C ALA LA 26 -143.54 31.22 32.94
N ALA LA 27 -144.35 30.14 32.94
CA ALA LA 27 -143.88 28.79 32.69
C ALA LA 27 -143.24 28.68 31.30
N ARG LA 28 -143.92 29.16 30.26
CA ARG LA 28 -143.41 29.10 28.90
C ARG LA 28 -142.14 29.93 28.73
N LYS LA 29 -142.00 31.10 29.38
CA LYS LA 29 -140.77 31.89 29.32
C LYS LA 29 -139.55 31.06 29.70
N ARG LA 30 -139.60 30.31 30.81
CA ARG LA 30 -138.47 29.51 31.29
C ARG LA 30 -138.18 28.31 30.38
N ALA LA 31 -139.22 27.69 29.82
CA ALA LA 31 -139.03 26.65 28.82
C ALA LA 31 -138.39 27.21 27.55
N ASN LA 32 -138.84 28.38 27.07
CA ASN LA 32 -138.29 29.04 25.90
C ASN LA 32 -136.81 29.38 26.06
N ASP LA 33 -136.39 29.91 27.21
CA ASP LA 33 -134.98 30.14 27.48
C ASP LA 33 -134.16 28.85 27.47
N THR LA 34 -134.76 27.72 27.82
CA THR LA 34 -134.12 26.41 27.76
C THR LA 34 -133.90 26.01 26.31
N VAL LA 35 -134.85 26.27 25.41
CA VAL LA 35 -134.70 26.02 23.98
C VAL LA 35 -133.52 26.83 23.43
N VAL LA 36 -133.44 28.12 23.76
CA VAL LA 36 -132.36 28.98 23.29
C VAL LA 36 -131.01 28.49 23.80
N THR LA 37 -130.92 28.17 25.09
CA THR LA 37 -129.70 27.66 25.69
C THR LA 37 -129.28 26.36 25.01
N ALA LA 38 -130.20 25.42 24.81
CA ALA LA 38 -129.93 24.15 24.16
C ALA LA 38 -129.47 24.34 22.71
N TYR LA 39 -130.09 25.25 21.96
CA TYR LA 39 -129.72 25.51 20.58
C TYR LA 39 -128.33 26.14 20.47
N LEU LA 40 -127.99 27.08 21.36
CA LEU LA 40 -126.64 27.62 21.41
C LEU LA 40 -125.61 26.57 21.84
N ASN LA 41 -125.90 25.70 22.79
CA ASN LA 41 -125.01 24.59 23.11
C ASN LA 41 -124.76 23.67 21.91
N ASP LA 42 -125.78 23.43 21.08
CA ASP LA 42 -125.59 22.68 19.84
C ASP LA 42 -124.76 23.46 18.83
N ALA LA 43 -125.06 24.75 18.61
CA ALA LA 43 -124.27 25.59 17.71
C ALA LA 43 -122.79 25.61 18.11
N VAL LA 44 -122.48 25.58 19.42
CA VAL LA 44 -121.13 25.49 19.93
C VAL LA 44 -120.47 24.15 19.57
N LYS LA 45 -121.16 23.01 19.69
CA LYS LA 45 -120.63 21.72 19.26
C LYS LA 45 -120.28 21.75 17.77
N PHE LA 46 -121.17 22.33 16.95
CA PHE LA 46 -120.96 22.38 15.52
C PHE LA 46 -119.89 23.39 15.10
N GLN LA 47 -119.70 24.49 15.84
CA GLN LA 47 -118.55 25.36 15.63
C GLN LA 47 -117.24 24.59 15.85
N GLU LA 48 -117.14 23.76 16.90
CA GLU LA 48 -115.96 22.92 17.10
C GLU LA 48 -115.81 21.89 15.98
N MET LA 49 -116.87 21.27 15.49
CA MET LA 49 -116.77 20.34 14.37
C MET LA 49 -116.32 21.05 13.08
N TYR LA 50 -116.81 22.26 12.83
CA TYR LA 50 -116.35 23.02 11.68
C TYR LA 50 -114.88 23.41 11.81
N GLN LA 51 -114.45 23.72 13.02
CA GLN LA 51 -113.05 23.97 13.36
C GLN LA 51 -112.18 22.73 13.10
N ILE LA 52 -112.66 21.51 13.38
CA ILE LA 52 -111.95 20.27 13.06
C ILE LA 52 -111.68 20.17 11.56
N ASP LA 53 -112.67 20.49 10.73
CA ASP LA 53 -112.58 20.32 9.29
C ASP LA 53 -111.85 21.48 8.58
N ASN LA 54 -111.95 22.72 9.08
CA ASN LA 54 -111.58 23.91 8.33
C ASN LA 54 -110.52 24.78 9.02
N ASN LA 55 -110.11 24.46 10.26
CA ASN LA 55 -109.18 25.27 11.03
C ASN LA 55 -109.63 26.73 11.20
N SER LA 56 -110.94 26.97 11.20
CA SER LA 56 -111.53 28.30 11.37
C SER LA 56 -112.98 28.12 11.83
N TYR LA 57 -113.62 29.15 12.42
CA TYR LA 57 -115.03 29.10 12.75
C TYR LA 57 -115.92 29.64 11.63
N THR LA 58 -117.18 29.24 11.60
CA THR LA 58 -118.12 29.68 10.58
C THR LA 58 -118.67 31.08 10.89
N SER LA 59 -119.08 31.80 9.86
CA SER LA 59 -119.79 33.03 10.16
C SER LA 59 -121.23 32.81 9.74
N ASN LA 60 -121.46 31.73 8.96
CA ASN LA 60 -122.77 31.46 8.41
C ASN LA 60 -123.38 30.16 8.92
N GLN LA 61 -124.66 30.21 9.29
CA GLN LA 61 -125.38 29.12 9.90
C GLN LA 61 -125.51 27.89 8.99
N ALA LA 62 -125.56 28.08 7.67
CA ALA LA 62 -125.75 26.98 6.73
C ALA LA 62 -124.60 25.97 6.76
N ALA LA 63 -123.38 26.41 7.08
CA ALA LA 63 -122.25 25.53 7.26
C ALA LA 63 -122.44 24.63 8.48
N LEU LA 64 -122.92 25.20 9.61
CA LEU LA 64 -123.25 24.42 10.80
C LEU LA 64 -124.39 23.44 10.53
N ILE LA 65 -125.42 23.85 9.80
CA ILE LA 65 -126.53 22.99 9.42
C ILE LA 65 -126.05 21.84 8.53
N SER LA 66 -125.12 22.11 7.61
CA SER LA 66 -124.58 21.02 6.82
C SER LA 66 -123.96 19.94 7.70
N LEU LA 67 -123.18 20.36 8.70
CA LEU LA 67 -122.50 19.45 9.62
C LEU LA 67 -123.45 18.68 10.53
N GLY LA 68 -124.69 19.18 10.74
CA GLY LA 68 -125.68 18.46 11.53
C GLY LA 68 -126.49 19.30 12.53
N LEU LA 69 -126.25 20.62 12.57
CA LEU LA 69 -127.07 21.50 13.44
C LEU LA 69 -128.45 21.65 12.82
N LYS LA 70 -129.50 21.51 13.62
CA LYS LA 70 -130.88 21.52 13.08
C LYS LA 70 -131.36 22.93 12.74
N SER LA 71 -132.51 23.02 12.07
CA SER LA 71 -133.12 24.33 11.73
C SER LA 71 -133.23 25.18 13.00
N THR LA 72 -133.09 26.51 12.88
CA THR LA 72 -133.30 27.38 14.07
C THR LA 72 -134.70 27.09 14.62
N PRO LA 73 -134.87 26.89 15.95
CA PRO LA 73 -136.18 26.52 16.51
C PRO LA 73 -137.28 27.55 16.23
N ALA LA 74 -138.54 27.11 16.23
CA ALA LA 74 -139.66 28.03 16.03
C ALA LA 74 -139.58 29.20 17.02
N ASN LA 75 -139.77 30.42 16.51
CA ASN LA 75 -139.70 31.68 17.26
C ASN LA 75 -138.32 32.02 17.84
N VAL LA 76 -137.28 31.21 17.60
CA VAL LA 76 -135.91 31.58 17.95
C VAL LA 76 -135.26 32.26 16.75
N THR LA 77 -134.76 33.48 16.99
CA THR LA 77 -133.87 34.15 16.06
C THR LA 77 -132.43 33.97 16.53
N PHE LA 78 -131.60 33.38 15.66
CA PHE LA 78 -130.21 33.08 15.93
C PHE LA 78 -129.34 33.81 14.90
N SER LA 79 -128.23 34.39 15.34
CA SER LA 79 -127.26 34.99 14.44
C SER LA 79 -125.84 34.67 14.89
N ILE LA 80 -124.95 34.47 13.91
CA ILE LA 80 -123.53 34.48 14.19
C ILE LA 80 -123.06 35.89 13.89
N VAL LA 81 -122.73 36.63 14.95
CA VAL LA 81 -122.41 38.05 14.88
C VAL LA 81 -121.07 38.25 14.20
N SER LA 82 -120.08 37.43 14.57
CA SER LA 82 -118.75 37.46 13.99
C SER LA 82 -118.07 36.11 14.16
N ALA LA 83 -117.07 35.84 13.32
CA ALA LA 83 -116.22 34.67 13.46
C ALA LA 83 -114.88 34.92 12.79
N SER LA 84 -113.88 34.15 13.24
CA SER LA 84 -112.51 34.23 12.74
C SER LA 84 -111.86 32.86 12.83
N ALA LA 85 -110.57 32.77 12.53
CA ALA LA 85 -109.82 31.54 12.70
C ALA LA 85 -109.80 31.07 14.17
N ASN LA 86 -110.05 31.97 15.13
CA ASN LA 86 -109.73 31.73 16.53
C ASN LA 86 -110.89 31.99 17.50
N SER LA 87 -111.96 32.68 17.05
CA SER LA 87 -113.07 33.01 17.92
C SER LA 87 -114.38 33.13 17.15
N TYR LA 88 -115.51 33.11 17.86
CA TYR LA 88 -116.82 33.44 17.32
C TYR LA 88 -117.62 34.18 18.38
N CYS LA 89 -118.64 34.91 17.92
CA CYS LA 89 -119.70 35.38 18.79
C CYS LA 89 -121.03 34.99 18.14
N MET LA 90 -121.90 34.31 18.89
CA MET LA 90 -123.25 33.97 18.44
C MET LA 90 -124.26 34.54 19.42
N ILE LA 91 -125.42 34.98 18.91
CA ILE LA 91 -126.50 35.53 19.72
C ILE LA 91 -127.78 34.79 19.37
N ALA LA 92 -128.60 34.46 20.37
CA ALA LA 92 -129.90 33.86 20.10
C ALA LA 92 -130.92 34.28 21.14
N GLY LA 93 -132.19 34.28 20.77
CA GLY LA 93 -133.26 34.65 21.67
C GLY LA 93 -134.59 34.17 21.12
N HIS LA 94 -135.53 33.88 22.03
CA HIS LA 94 -136.88 33.47 21.66
C HIS LA 94 -137.80 34.66 21.86
N SER LA 95 -138.70 34.98 20.91
CA SER LA 95 -139.54 36.16 21.02
C SER LA 95 -140.38 36.20 22.31
N GLY LA 96 -140.63 35.03 22.91
CA GLY LA 96 -141.29 34.88 24.20
C GLY LA 96 -140.41 34.25 25.29
N GLY LA 97 -139.08 34.46 25.21
CA GLY LA 97 -138.16 34.15 26.31
C GLY LA 97 -138.05 35.32 27.28
N THR LA 98 -136.95 35.36 28.07
CA THR LA 98 -136.71 36.50 28.95
C THR LA 98 -135.70 37.47 28.32
N VAL LA 99 -134.50 36.98 27.98
CA VAL LA 99 -133.38 37.79 27.51
C VAL LA 99 -132.67 37.14 26.34
N TRP LA 100 -131.89 37.94 25.60
CA TRP LA 100 -130.96 37.39 24.61
C TRP LA 100 -129.84 36.63 25.29
N PHE LA 101 -129.42 35.52 24.67
CA PHE LA 101 -128.27 34.74 25.11
C PHE LA 101 -127.14 34.94 24.12
N ALA LA 102 -125.91 34.88 24.62
CA ALA LA 102 -124.71 34.98 23.81
C ALA LA 102 -123.87 33.72 23.99
N ALA LA 103 -123.07 33.37 22.98
CA ALA LA 103 -122.10 32.29 23.07
C ALA LA 103 -120.77 32.73 22.46
N THR LA 104 -119.68 32.47 23.17
CA THR LA 104 -118.31 32.69 22.72
C THR LA 104 -117.46 31.52 23.22
N PRO LA 105 -116.30 31.21 22.61
CA PRO LA 105 -115.54 30.05 23.03
C PRO LA 105 -114.87 30.18 24.39
N ASP LA 106 -114.73 31.41 24.92
CA ASP LA 106 -114.19 31.64 26.26
C ASP LA 106 -115.28 31.63 27.34
N LYS LA 107 -116.35 32.41 27.15
CA LYS LA 107 -117.39 32.55 28.17
C LYS LA 107 -118.42 31.43 28.14
N GLY LA 108 -118.42 30.58 27.12
CA GLY LA 108 -119.44 29.56 26.94
C GLY LA 108 -120.77 30.18 26.51
N VAL LA 109 -121.90 29.52 26.82
CA VAL LA 109 -123.22 30.09 26.56
C VAL LA 109 -123.70 30.77 27.84
N TYR LA 110 -124.12 32.04 27.73
CA TYR LA 110 -124.51 32.83 28.89
C TYR LA 110 -125.60 33.83 28.54
N LYS LA 111 -126.40 34.22 29.54
CA LYS LA 111 -127.49 35.15 29.30
C LYS LA 111 -127.00 36.59 29.42
N THR LA 112 -127.48 37.45 28.52
CA THR LA 112 -127.16 38.88 28.51
C THR LA 112 -128.18 39.66 29.35
N ASN LA 113 -127.96 40.98 29.50
CA ASN LA 113 -128.90 41.85 30.20
C ASN LA 113 -130.07 42.31 29.31
N THR LA 114 -129.99 42.08 27.99
CA THR LA 114 -130.92 42.66 27.03
C THR LA 114 -132.19 41.80 26.92
N ALA LA 115 -133.37 42.40 27.19
CA ALA LA 115 -134.64 41.69 27.04
C ALA LA 115 -134.95 41.35 25.58
N VAL LA 116 -135.65 40.24 25.31
CA VAL LA 116 -135.93 39.80 23.95
C VAL LA 116 -136.83 40.74 23.16
N THR LA 117 -137.51 41.66 23.86
CA THR LA 117 -138.35 42.69 23.25
C THR LA 117 -137.53 43.84 22.65
N SER LA 118 -136.31 44.05 23.17
CA SER LA 118 -135.31 44.96 22.60
C SER LA 118 -134.61 44.30 21.41
N SER LA 119 -134.03 45.13 20.52
CA SER LA 119 -133.22 44.63 19.42
C SER LA 119 -132.00 43.86 19.91
N GLN LA 120 -131.57 42.82 19.16
CA GLN LA 120 -130.53 41.90 19.62
C GLN LA 120 -129.20 42.61 19.81
N PRO LA 121 -128.36 42.18 20.78
CA PRO LA 121 -127.01 42.70 20.92
C PRO LA 121 -126.21 42.60 19.63
N GLU LA 122 -125.40 43.64 19.36
CA GLU LA 122 -124.50 43.70 18.21
C GLU LA 122 -123.18 42.98 18.47
N SER LA 123 -122.92 42.55 19.72
CA SER LA 123 -121.68 41.94 20.16
C SER LA 123 -121.90 41.20 21.49
N CYS LA 124 -120.95 40.33 21.86
CA CYS LA 124 -120.93 39.60 23.13
C CYS LA 124 -120.64 40.54 24.31
N PRO LA 125 -121.56 40.66 25.31
CA PRO LA 125 -121.26 41.35 26.56
C PRO LA 125 -120.15 40.68 27.40
N PHE MA 1 -189.56 25.48 50.18
CA PHE MA 1 -189.04 24.86 48.92
C PHE MA 1 -190.21 24.34 48.08
N THR MA 2 -190.23 24.68 46.78
CA THR MA 2 -191.40 24.50 45.90
C THR MA 2 -190.99 24.05 44.50
N LEU MA 3 -191.96 23.69 43.66
CA LEU MA 3 -191.66 23.03 42.40
C LEU MA 3 -190.90 23.95 41.43
N ILE MA 4 -191.15 25.25 41.49
CA ILE MA 4 -190.43 26.21 40.67
C ILE MA 4 -188.95 26.34 41.08
N GLU MA 5 -188.63 26.31 42.37
CA GLU MA 5 -187.23 26.31 42.79
C GLU MA 5 -186.54 25.03 42.35
N LEU MA 6 -187.25 23.91 42.45
CA LEU MA 6 -186.72 22.61 42.07
C LEU MA 6 -186.51 22.50 40.55
N LEU MA 7 -187.38 23.09 39.73
CA LEU MA 7 -187.16 23.19 38.30
C LEU MA 7 -185.98 24.07 37.94
N ILE MA 8 -185.76 25.19 38.65
CA ILE MA 8 -184.57 26.01 38.47
C ILE MA 8 -183.31 25.21 38.80
N VAL MA 9 -183.33 24.48 39.91
CA VAL MA 9 -182.22 23.62 40.31
C VAL MA 9 -181.92 22.57 39.25
N ILE MA 10 -182.94 21.87 38.74
CA ILE MA 10 -182.80 20.89 37.67
C ILE MA 10 -182.24 21.54 36.40
N ALA MA 11 -182.72 22.73 36.03
CA ALA MA 11 -182.24 23.45 34.86
C ALA MA 11 -180.76 23.82 34.97
N ILE MA 12 -180.33 24.30 36.14
CA ILE MA 12 -178.95 24.68 36.37
C ILE MA 12 -178.06 23.44 36.47
N ILE MA 13 -178.52 22.33 37.08
CA ILE MA 13 -177.78 21.07 37.03
C ILE MA 13 -177.52 20.64 35.59
N ALA MA 14 -178.52 20.72 34.71
CA ALA MA 14 -178.37 20.36 33.30
C ALA MA 14 -177.30 21.21 32.61
N ILE MA 15 -177.22 22.50 32.94
CA ILE MA 15 -176.19 23.40 32.43
C ILE MA 15 -174.81 23.00 32.95
N LEU MA 16 -174.64 22.87 34.28
CA LEU MA 16 -173.33 22.57 34.84
C LEU MA 16 -172.83 21.19 34.39
N ALA MA 17 -173.71 20.20 34.29
CA ALA MA 17 -173.37 18.87 33.80
C ALA MA 17 -172.87 18.90 32.34
N ALA MA 18 -173.33 19.86 31.53
CA ALA MA 18 -172.94 19.99 30.14
C ALA MA 18 -171.57 20.67 29.98
N VAL MA 19 -171.23 21.65 30.84
CA VAL MA 19 -170.09 22.52 30.60
C VAL MA 19 -168.87 22.22 31.48
N LEU MA 20 -169.06 21.62 32.65
CA LEU MA 20 -167.97 21.43 33.60
C LEU MA 20 -167.20 20.12 33.37
N ILE MA 21 -167.50 19.38 32.29
CA ILE MA 21 -166.83 18.13 31.96
C ILE MA 21 -165.86 18.39 30.80
N PRO MA 22 -164.54 18.07 30.94
CA PRO MA 22 -163.57 18.36 29.89
C PRO MA 22 -163.69 17.39 28.72
N ASN MA 23 -163.10 17.77 27.58
CA ASN MA 23 -162.91 16.86 26.46
C ASN MA 23 -161.85 15.82 26.86
N LEU MA 24 -162.30 14.61 27.21
CA LEU MA 24 -161.41 13.56 27.71
C LEU MA 24 -160.55 13.01 26.58
N LEU MA 25 -161.10 12.90 25.37
CA LEU MA 25 -160.37 12.38 24.22
C LEU MA 25 -159.14 13.24 23.89
N ALA MA 26 -159.31 14.57 23.86
CA ALA MA 26 -158.23 15.50 23.56
C ALA MA 26 -157.11 15.44 24.60
N ALA MA 27 -157.48 15.36 25.88
CA ALA MA 27 -156.53 15.20 26.98
C ALA MA 27 -155.72 13.91 26.83
N ARG MA 28 -156.40 12.78 26.60
CA ARG MA 28 -155.73 11.51 26.44
C ARG MA 28 -154.83 11.48 25.20
N LYS MA 29 -155.20 12.10 24.08
CA LYS MA 29 -154.33 12.19 22.91
C LYS MA 29 -152.94 12.74 23.25
N ARG MA 30 -152.87 13.84 23.99
CA ARG MA 30 -151.61 14.48 24.34
C ARG MA 30 -150.79 13.65 25.34
N ALA MA 31 -151.46 12.99 26.29
CA ALA MA 31 -150.79 12.04 27.17
C ALA MA 31 -150.24 10.84 26.39
N ASN MA 32 -151.01 10.28 25.44
CA ASN MA 32 -150.59 9.17 24.60
C ASN MA 32 -149.37 9.51 23.75
N ASP MA 33 -149.30 10.69 23.15
CA ASP MA 33 -148.11 11.12 22.43
C ASP MA 33 -146.89 11.25 23.34
N THR MA 34 -147.09 11.55 24.63
CA THR MA 34 -146.02 11.60 25.61
C THR MA 34 -145.49 10.21 25.88
N VAL MA 35 -146.35 9.19 25.97
CA VAL MA 35 -145.94 7.80 26.10
C VAL MA 35 -145.07 7.37 24.93
N VAL MA 36 -145.50 7.68 23.69
CA VAL MA 36 -144.75 7.32 22.50
C VAL MA 36 -143.39 8.01 22.48
N THR MA 37 -143.36 9.31 22.77
CA THR MA 37 -142.12 10.08 22.83
C THR MA 37 -141.18 9.49 23.88
N ALA MA 38 -141.67 9.21 25.07
CA ALA MA 38 -140.88 8.62 26.15
C ALA MA 38 -140.34 7.24 25.77
N TYR MA 39 -141.15 6.38 25.15
CA TYR MA 39 -140.71 5.06 24.75
C TYR MA 39 -139.64 5.11 23.65
N LEU MA 40 -139.78 6.01 22.67
CA LEU MA 40 -138.73 6.21 21.68
C LEU MA 40 -137.46 6.79 22.30
N ASN MA 41 -137.54 7.73 23.24
CA ASN MA 41 -136.35 8.19 23.95
C ASN MA 41 -135.65 7.05 24.71
N ASP MA 42 -136.39 6.10 25.29
CA ASP MA 42 -135.80 4.92 25.89
C ASP MA 42 -135.18 4.00 24.83
N ALA MA 43 -135.89 3.71 23.73
CA ALA MA 43 -135.34 2.90 22.66
C ALA MA 43 -134.02 3.48 22.13
N VAL MA 44 -133.91 4.81 22.06
CA VAL MA 44 -132.68 5.50 21.68
C VAL MA 44 -131.55 5.26 22.68
N LYS MA 45 -131.80 5.32 23.99
CA LYS MA 45 -130.79 4.99 24.99
C LYS MA 45 -130.30 3.56 24.82
N PHE MA 46 -131.21 2.62 24.58
CA PHE MA 46 -130.86 1.23 24.43
C PHE MA 46 -130.18 0.92 23.09
N GLN MA 47 -130.48 1.64 22.01
CA GLN MA 47 -129.70 1.56 20.79
C GLN MA 47 -128.25 1.96 21.05
N GLU MA 48 -127.99 3.03 21.81
CA GLU MA 48 -126.62 3.40 22.17
C GLU MA 48 -125.97 2.34 23.06
N MET MA 49 -126.68 1.74 24.00
CA MET MA 49 -126.10 0.66 24.81
C MET MA 49 -125.79 -0.58 23.96
N TYR MA 50 -126.63 -0.93 23.00
CA TYR MA 50 -126.35 -2.03 22.10
C TYR MA 50 -125.14 -1.73 21.23
N GLN MA 51 -124.99 -0.47 20.80
CA GLN MA 51 -123.84 0.02 20.07
C GLN MA 51 -122.55 -0.08 20.90
N ILE MA 52 -122.60 0.16 22.23
CA ILE MA 52 -121.46 -0.04 23.12
C ILE MA 52 -120.98 -1.48 23.10
N ASP MA 53 -121.91 -2.45 23.14
CA ASP MA 53 -121.57 -3.86 23.23
C ASP MA 53 -121.23 -4.50 21.88
N ASN MA 54 -121.83 -4.05 20.77
CA ASN MA 54 -121.81 -4.77 19.51
C ASN MA 54 -121.24 -3.98 18.32
N ASN MA 55 -120.89 -2.70 18.50
CA ASN MA 55 -120.42 -1.83 17.42
C ASN MA 55 -121.38 -1.75 16.23
N SER MA 56 -122.68 -1.93 16.48
CA SER MA 56 -123.73 -1.87 15.45
C SER MA 56 -125.06 -1.58 16.14
N TYR MA 57 -126.08 -1.10 15.42
CA TYR MA 57 -127.42 -0.95 15.98
C TYR MA 57 -128.29 -2.20 15.77
N THR MA 58 -129.32 -2.37 16.60
CA THR MA 58 -130.21 -3.51 16.50
C THR MA 58 -131.25 -3.31 15.40
N SER MA 59 -131.76 -4.41 14.85
CA SER MA 59 -132.90 -4.23 13.96
C SER MA 59 -134.10 -4.83 14.66
N ASN MA 60 -133.83 -5.59 15.73
CA ASN MA 60 -134.88 -6.30 16.45
C ASN MA 60 -135.04 -5.84 17.90
N GLN MA 61 -136.30 -5.63 18.31
CA GLN MA 61 -136.65 -5.08 19.61
C GLN MA 61 -136.20 -5.97 20.77
N ALA MA 62 -136.16 -7.29 20.59
CA ALA MA 62 -135.82 -8.21 21.67
C ALA MA 62 -134.40 -8.02 22.20
N ALA MA 63 -133.48 -7.56 21.36
CA ALA MA 63 -132.13 -7.22 21.78
C ALA MA 63 -132.15 -6.00 22.71
N LEU MA 64 -132.94 -4.97 22.39
CA LEU MA 64 -133.11 -3.81 23.24
C LEU MA 64 -133.78 -4.19 24.57
N ILE MA 65 -134.80 -5.05 24.53
CA ILE MA 65 -135.47 -5.54 25.73
C ILE MA 65 -134.49 -6.33 26.61
N SER MA 66 -133.62 -7.13 26.02
CA SER MA 66 -132.63 -7.82 26.82
C SER MA 66 -131.78 -6.84 27.63
N LEU MA 67 -131.34 -5.77 26.97
CA LEU MA 67 -130.50 -4.75 27.60
C LEU MA 67 -131.22 -3.94 28.67
N GLY MA 68 -132.56 -3.89 28.65
CA GLY MA 68 -133.33 -3.22 29.69
C GLY MA 68 -134.49 -2.36 29.22
N LEU MA 69 -134.75 -2.33 27.91
CA LEU MA 69 -135.93 -1.58 27.39
C LEU MA 69 -137.19 -2.38 27.73
N LYS MA 70 -138.22 -1.71 28.25
CA LYS MA 70 -139.43 -2.42 28.72
C LYS MA 70 -140.33 -2.85 27.57
N SER MA 71 -141.35 -3.66 27.88
CA SER MA 71 -142.33 -4.11 26.87
C SER MA 71 -142.89 -2.89 26.14
N THR MA 72 -143.22 -3.02 24.86
CA THR MA 72 -143.88 -1.89 24.15
C THR MA 72 -145.15 -1.52 24.91
N PRO MA 73 -145.40 -0.22 25.20
CA PRO MA 73 -146.54 0.19 26.01
C PRO MA 73 -147.90 -0.24 25.44
N ALA MA 74 -148.92 -0.40 26.31
CA ALA MA 74 -150.25 -0.76 25.84
C ALA MA 74 -150.72 0.20 24.74
N ASN MA 75 -151.27 -0.36 23.66
CA ASN MA 75 -151.75 0.36 22.48
C ASN MA 75 -150.67 1.09 21.67
N VAL MA 76 -149.39 1.01 22.05
CA VAL MA 76 -148.30 1.52 21.22
C VAL MA 76 -147.78 0.40 20.33
N THR MA 77 -147.78 0.65 19.02
CA THR MA 77 -147.08 -0.17 18.06
C THR MA 77 -145.74 0.48 17.73
N PHE MA 78 -144.66 -0.26 17.97
CA PHE MA 78 -143.29 0.18 17.75
C PHE MA 78 -142.62 -0.75 16.74
N SER MA 79 -141.85 -0.18 15.81
CA SER MA 79 -141.06 -0.97 14.88
C SER MA 79 -139.68 -0.34 14.68
N ILE MA 80 -138.66 -1.19 14.53
CA ILE MA 80 -137.38 -0.75 14.02
C ILE MA 80 -137.42 -1.01 12.53
N VAL MA 81 -137.52 0.06 11.74
CA VAL MA 81 -137.72 0.00 10.30
C VAL MA 81 -136.45 -0.51 9.62
N SER MA 82 -135.29 0.01 10.04
CA SER MA 82 -134.01 -0.42 9.52
C SER MA 82 -132.92 -0.13 10.55
N ALA MA 83 -131.79 -0.83 10.42
CA ALA MA 83 -130.60 -0.55 11.21
C ALA MA 83 -129.36 -1.05 10.49
N SER MA 84 -128.21 -0.47 10.86
CA SER MA 84 -126.92 -0.80 10.28
C SER MA 84 -125.84 -0.58 11.34
N ALA MA 85 -124.58 -0.72 10.94
CA ALA MA 85 -123.47 -0.42 11.83
C ALA MA 85 -123.46 1.05 12.30
N ASN MA 86 -124.14 1.95 11.57
CA ASN MA 86 -123.94 3.38 11.70
C ASN MA 86 -125.22 4.18 11.90
N SER MA 87 -126.40 3.59 11.62
CA SER MA 87 -127.66 4.31 11.73
C SER MA 87 -128.81 3.38 12.07
N TYR MA 88 -129.95 3.95 12.50
CA TYR MA 88 -131.20 3.24 12.65
C TYR MA 88 -132.35 4.16 12.27
N CYS MA 89 -133.49 3.57 11.94
CA CYS MA 89 -134.75 4.27 11.91
C CYS MA 89 -135.76 3.48 12.73
N MET MA 90 -136.41 4.13 13.70
CA MET MA 90 -137.48 3.53 14.48
C MET MA 90 -138.75 4.36 14.33
N ILE MA 91 -139.91 3.70 14.33
CA ILE MA 91 -141.21 4.36 14.21
C ILE MA 91 -142.09 3.86 15.36
N ALA MA 92 -142.85 4.75 15.98
CA ALA MA 92 -143.81 4.34 17.00
C ALA MA 92 -145.03 5.24 17.00
N GLY MA 93 -146.17 4.71 17.44
CA GLY MA 93 -147.40 5.47 17.49
C GLY MA 93 -148.39 4.76 18.40
N HIS MA 94 -149.27 5.54 19.02
CA HIS MA 94 -150.33 5.03 19.88
C HIS MA 94 -151.63 5.08 19.11
N SER MA 95 -152.45 4.02 19.12
CA SER MA 95 -153.67 3.99 18.31
C SER MA 95 -154.62 5.16 18.60
N GLY MA 96 -154.51 5.77 19.79
CA GLY MA 96 -155.23 6.97 20.19
C GLY MA 96 -154.33 8.17 20.48
N GLY MA 97 -153.17 8.25 19.82
CA GLY MA 97 -152.35 9.45 19.80
C GLY MA 97 -152.77 10.41 18.69
N THR MA 98 -151.88 11.33 18.27
CA THR MA 98 -152.17 12.20 17.13
C THR MA 98 -151.51 11.68 15.86
N VAL MA 99 -150.17 11.51 15.88
CA VAL MA 99 -149.38 11.16 14.71
C VAL MA 99 -148.32 10.10 15.04
N TRP MA 100 -147.80 9.43 14.02
CA TRP MA 100 -146.63 8.59 14.17
C TRP MA 100 -145.39 9.43 14.49
N PHE MA 101 -144.54 8.90 15.36
CA PHE MA 101 -143.25 9.49 15.69
C PHE MA 101 -142.14 8.64 15.09
N ALA MA 102 -141.05 9.30 14.71
CA ALA MA 102 -139.87 8.65 14.17
C ALA MA 102 -138.66 8.96 15.05
N ALA MA 103 -137.68 8.06 15.07
CA ALA MA 103 -136.41 8.30 15.73
C ALA MA 103 -135.26 7.86 14.83
N THR MA 104 -134.24 8.71 14.70
CA THR MA 104 -133.00 8.42 14.00
C THR MA 104 -131.85 9.05 14.79
N PRO MA 105 -130.59 8.60 14.66
CA PRO MA 105 -129.53 9.14 15.49
C PRO MA 105 -129.13 10.57 15.15
N ASP MA 106 -129.50 11.08 13.96
CA ASP MA 106 -129.25 12.47 13.59
C ASP MA 106 -130.40 13.41 14.00
N LYS MA 107 -131.65 13.08 13.65
CA LYS MA 107 -132.78 13.95 13.91
C LYS MA 107 -133.34 13.82 15.32
N GLY MA 108 -132.89 12.83 16.10
CA GLY MA 108 -133.46 12.55 17.41
C GLY MA 108 -134.85 11.94 17.29
N VAL MA 109 -135.70 12.12 18.32
CA VAL MA 109 -137.10 11.69 18.27
C VAL MA 109 -137.95 12.88 17.82
N TYR MA 110 -138.78 12.69 16.78
CA TYR MA 110 -139.56 13.77 16.21
C TYR MA 110 -140.89 13.25 15.66
N LYS MA 111 -141.89 14.13 15.59
CA LYS MA 111 -143.21 13.74 15.11
C LYS MA 111 -143.28 13.88 13.59
N THR MA 112 -143.92 12.90 12.94
CA THR MA 112 -144.13 12.90 11.50
C THR MA 112 -145.46 13.58 11.14
N ASN MA 113 -145.74 13.73 9.84
CA ASN MA 113 -147.01 14.27 9.38
C ASN MA 113 -148.14 13.24 9.34
N THR MA 114 -147.82 11.94 9.50
CA THR MA 114 -148.77 10.85 9.29
C THR MA 114 -149.62 10.61 10.52
N ALA MA 115 -150.96 10.72 10.42
CA ALA MA 115 -151.88 10.43 11.52
C ALA MA 115 -151.84 8.95 11.91
N VAL MA 116 -152.07 8.62 13.19
CA VAL MA 116 -151.99 7.25 13.69
C VAL MA 116 -153.06 6.33 13.11
N THR MA 117 -154.12 6.91 12.51
CA THR MA 117 -155.18 6.17 11.84
C THR MA 117 -154.76 5.66 10.46
N SER MA 118 -153.76 6.31 9.83
CA SER MA 118 -153.10 5.85 8.62
C SER MA 118 -152.06 4.78 8.94
N SER MA 119 -151.71 3.95 7.95
CA SER MA 119 -150.64 2.96 8.11
C SER MA 119 -149.29 3.63 8.40
N GLN MA 120 -148.44 2.97 9.20
CA GLN MA 120 -147.21 3.58 9.69
C GLN MA 120 -146.24 3.91 8.57
N PRO MA 121 -145.44 4.99 8.69
CA PRO MA 121 -144.38 5.29 7.73
C PRO MA 121 -143.45 4.10 7.50
N GLU MA 122 -143.05 3.92 6.24
CA GLU MA 122 -142.09 2.89 5.84
C GLU MA 122 -140.63 3.33 6.05
N SER MA 123 -140.40 4.61 6.38
CA SER MA 123 -139.09 5.22 6.52
C SER MA 123 -139.20 6.53 7.31
N CYS MA 124 -138.05 7.04 7.79
CA CYS MA 124 -137.93 8.31 8.49
C CYS MA 124 -138.16 9.50 7.54
N PRO MA 125 -139.17 10.37 7.77
CA PRO MA 125 -139.31 11.64 7.04
C PRO MA 125 -138.14 12.62 7.29
N PHE NA 1 -199.85 26.88 46.71
CA PHE NA 1 -198.99 25.72 47.08
C PHE NA 1 -199.77 24.75 47.97
N THR NA 2 -199.75 23.45 47.65
CA THR NA 2 -200.65 22.45 48.21
C THR NA 2 -199.94 21.12 48.46
N LEU NA 3 -200.60 20.18 49.13
CA LEU NA 3 -199.93 18.99 49.62
C LEU NA 3 -199.43 18.10 48.47
N ILE NA 4 -200.14 18.08 47.35
CA ILE NA 4 -199.70 17.32 46.18
C ILE NA 4 -198.43 17.91 45.54
N GLU NA 5 -198.29 19.24 45.46
CA GLU NA 5 -197.05 19.83 44.97
C GLU NA 5 -195.89 19.51 45.91
N LEU NA 6 -196.17 19.55 47.22
CA LEU NA 6 -195.16 19.28 48.23
C LEU NA 6 -194.74 17.81 48.24
N LEU NA 7 -195.65 16.87 47.98
CA LEU NA 7 -195.31 15.47 47.79
C LEU NA 7 -194.48 15.23 46.53
N ILE NA 8 -194.76 15.94 45.43
CA ILE NA 8 -193.94 15.88 44.23
C ILE NA 8 -192.53 16.39 44.52
N VAL NA 9 -192.42 17.51 45.23
CA VAL NA 9 -191.14 18.08 45.64
C VAL NA 9 -190.35 17.09 46.51
N ILE NA 10 -190.99 16.48 47.51
CA ILE NA 10 -190.36 15.46 48.35
C ILE NA 10 -189.91 14.25 47.53
N ALA NA 11 -190.73 13.79 46.59
CA ALA NA 11 -190.41 12.67 45.73
C ALA NA 11 -189.18 12.96 44.85
N ILE NA 12 -189.12 14.15 44.26
CA ILE NA 12 -187.99 14.54 43.42
C ILE NA 12 -186.74 14.79 44.26
N ILE NA 13 -186.84 15.36 45.47
CA ILE NA 13 -185.71 15.45 46.39
C ILE NA 13 -185.12 14.06 46.67
N ALA NA 14 -185.96 13.06 46.93
CA ALA NA 14 -185.52 11.70 47.19
C ALA NA 14 -184.75 11.11 46.00
N ILE NA 15 -185.18 11.42 44.78
CA ILE NA 15 -184.48 11.02 43.55
C ILE NA 15 -183.13 11.71 43.45
N LEU NA 16 -183.09 13.05 43.52
CA LEU NA 16 -181.84 13.78 43.35
C LEU NA 16 -180.83 13.45 44.44
N ALA NA 17 -181.29 13.27 45.69
CA ALA NA 17 -180.43 12.85 46.79
C ALA NA 17 -179.80 11.47 46.57
N ALA NA 18 -180.46 10.59 45.83
CA ALA NA 18 -179.96 9.25 45.54
C ALA NA 18 -178.93 9.23 44.41
N VAL NA 19 -179.07 10.10 43.39
CA VAL NA 19 -178.29 9.99 42.16
C VAL NA 19 -177.16 11.01 42.03
N LEU NA 20 -177.28 12.18 42.68
CA LEU NA 20 -176.32 13.26 42.47
C LEU NA 20 -175.10 13.17 43.41
N ILE NA 21 -174.99 12.09 44.19
CA ILE NA 21 -173.88 11.87 45.11
C ILE NA 21 -172.92 10.84 44.50
N PRO NA 22 -171.60 11.15 44.34
CA PRO NA 22 -170.68 10.22 43.69
C PRO NA 22 -170.29 9.07 44.63
N ASN NA 23 -169.73 8.00 44.04
CA ASN NA 23 -169.09 6.95 44.80
C ASN NA 23 -167.80 7.51 45.40
N LEU NA 24 -167.82 7.83 46.70
CA LEU NA 24 -166.68 8.47 47.36
C LEU NA 24 -165.55 7.48 47.55
N LEU NA 25 -165.86 6.21 47.83
CA LEU NA 25 -164.86 5.18 48.03
C LEU NA 25 -163.99 4.99 46.79
N ALA NA 26 -164.61 4.89 45.61
CA ALA NA 26 -163.91 4.68 44.34
C ALA NA 26 -162.99 5.86 44.01
N ALA NA 27 -163.46 7.10 44.24
CA ALA NA 27 -162.66 8.31 44.06
C ALA NA 27 -161.44 8.30 44.98
N ARG NA 28 -161.63 8.02 46.28
CA ARG NA 28 -160.53 7.99 47.23
C ARG NA 28 -159.54 6.88 46.91
N LYS NA 29 -159.95 5.69 46.44
CA LYS NA 29 -159.04 4.63 46.03
C LYS NA 29 -158.00 5.13 45.03
N ARG NA 30 -158.41 5.84 43.98
CA ARG NA 30 -157.52 6.33 42.94
C ARG NA 30 -156.59 7.45 43.44
N ALA NA 31 -157.09 8.33 44.31
CA ALA NA 31 -156.25 9.30 44.97
C ALA NA 31 -155.21 8.64 45.87
N ASN NA 32 -155.60 7.62 46.65
CA ASN NA 32 -154.71 6.88 47.54
C ASN NA 32 -153.59 6.18 46.76
N ASP NA 33 -153.88 5.55 45.63
CA ASP NA 33 -152.85 4.97 44.79
C ASP NA 33 -151.87 6.02 44.24
N THR NA 34 -152.34 7.26 44.05
CA THR NA 34 -151.49 8.37 43.64
C THR NA 34 -150.52 8.75 44.76
N VAL NA 35 -150.98 8.75 46.01
CA VAL NA 35 -150.11 8.99 47.16
C VAL NA 35 -149.00 7.93 47.23
N VAL NA 36 -149.35 6.65 47.09
CA VAL NA 36 -148.38 5.56 47.12
C VAL NA 36 -147.36 5.71 45.98
N THR NA 37 -147.83 5.96 44.77
CA THR NA 37 -146.97 6.15 43.61
C THR NA 37 -146.02 7.32 43.84
N ALA NA 38 -146.53 8.46 44.30
CA ALA NA 38 -145.72 9.64 44.59
C ALA NA 38 -144.69 9.37 45.68
N TYR NA 39 -145.06 8.67 46.75
CA TYR NA 39 -144.12 8.37 47.82
C TYR NA 39 -143.02 7.42 47.38
N LEU NA 40 -143.33 6.40 46.57
CA LEU NA 40 -142.31 5.54 46.00
C LEU NA 40 -141.41 6.30 45.00
N ASN NA 41 -141.95 7.20 44.18
CA ASN NA 41 -141.11 8.04 43.33
C ASN NA 41 -140.14 8.90 44.15
N ASP NA 42 -140.57 9.41 45.31
CA ASP NA 42 -139.68 10.12 46.21
C ASP NA 42 -138.64 9.18 46.82
N ALA NA 43 -139.05 8.01 47.33
CA ALA NA 43 -138.11 7.03 47.88
C ALA NA 43 -137.04 6.65 46.86
N VAL NA 44 -137.40 6.57 45.58
CA VAL NA 44 -136.46 6.31 44.48
C VAL NA 44 -135.45 7.46 44.31
N LYS NA 45 -135.87 8.72 44.37
CA LYS NA 45 -134.95 9.86 44.34
C LYS NA 45 -133.96 9.79 45.49
N PHE NA 46 -134.43 9.47 46.69
CA PHE NA 46 -133.60 9.39 47.87
C PHE NA 46 -132.68 8.17 47.88
N GLN NA 47 -133.09 7.04 47.30
CA GLN NA 47 -132.18 5.92 47.08
C GLN NA 47 -131.01 6.35 46.19
N GLU NA 48 -131.25 7.10 45.11
CA GLU NA 48 -130.17 7.62 44.28
C GLU NA 48 -129.29 8.62 45.04
N MET NA 49 -129.86 9.49 45.88
CA MET NA 49 -129.04 10.38 46.70
C MET NA 49 -128.20 9.63 47.72
N TYR NA 50 -128.73 8.57 48.34
CA TYR NA 50 -127.96 7.75 49.24
C TYR NA 50 -126.84 7.03 48.51
N GLN NA 51 -127.09 6.59 47.29
CA GLN NA 51 -126.11 5.99 46.40
C GLN NA 51 -124.99 6.98 46.05
N ILE NA 52 -125.29 8.28 45.86
CA ILE NA 52 -124.28 9.32 45.65
C ILE NA 52 -123.31 9.40 46.83
N ASP NA 53 -123.84 9.35 48.06
CA ASP NA 53 -123.03 9.52 49.26
C ASP NA 53 -122.31 8.25 49.71
N ASN NA 54 -122.89 7.05 49.48
CA ASN NA 54 -122.45 5.83 50.14
C ASN NA 54 -122.05 4.71 49.17
N ASN NA 55 -122.22 4.89 47.85
CA ASN NA 55 -121.96 3.85 46.86
C ASN NA 55 -122.71 2.55 47.11
N SER NA 56 -123.89 2.63 47.75
CA SER NA 56 -124.75 1.48 48.05
C SER NA 56 -126.17 2.00 48.27
N TYR NA 57 -127.19 1.13 48.18
CA TYR NA 57 -128.55 1.52 48.52
C TYR NA 57 -128.89 1.24 49.99
N THR NA 58 -129.89 1.94 50.54
CA THR NA 58 -130.30 1.76 51.93
C THR NA 58 -131.18 0.53 52.09
N SER NA 59 -131.20 -0.04 53.29
CA SER NA 59 -132.19 -1.07 53.52
C SER NA 59 -133.18 -0.50 54.52
N ASN NA 60 -132.80 0.61 55.14
CA ASN NA 60 -133.60 1.22 56.20
C ASN NA 60 -134.10 2.62 55.85
N GLN NA 61 -135.40 2.86 56.11
CA GLN NA 61 -136.08 4.09 55.74
C GLN NA 61 -135.51 5.33 56.44
N ALA NA 62 -134.96 5.20 57.65
CA ALA NA 62 -134.46 6.33 58.41
C ALA NA 62 -133.28 7.04 57.72
N ALA NA 63 -132.48 6.30 56.96
CA ALA NA 63 -131.41 6.87 56.15
C ALA NA 63 -131.98 7.76 55.04
N LEU NA 64 -133.04 7.30 54.35
CA LEU NA 64 -133.73 8.10 53.35
C LEU NA 64 -134.38 9.35 53.97
N ILE NA 65 -135.00 9.21 55.15
CA ILE NA 65 -135.60 10.33 55.85
C ILE NA 65 -134.53 11.34 56.26
N SER NA 66 -133.36 10.89 56.68
CA SER NA 66 -132.30 11.84 56.98
C SER NA 66 -131.96 12.70 55.78
N LEU NA 67 -131.86 12.08 54.60
CA LEU NA 67 -131.52 12.77 53.36
C LEU NA 67 -132.62 13.72 52.88
N GLY NA 68 -133.87 13.53 53.32
CA GLY NA 68 -134.96 14.45 52.99
C GLY NA 68 -136.28 13.81 52.59
N LEU NA 69 -136.36 12.48 52.63
CA LEU NA 69 -137.65 11.80 52.35
C LEU NA 69 -138.58 12.00 53.55
N LYS NA 70 -139.84 12.36 53.30
CA LYS NA 70 -140.77 12.70 54.41
C LYS NA 70 -141.30 11.46 55.12
N SER NA 71 -141.98 11.66 56.25
CA SER NA 71 -142.61 10.55 57.00
C SER NA 71 -143.47 9.72 56.06
N THR NA 72 -143.56 8.41 56.27
CA THR NA 72 -144.48 7.60 55.44
C THR NA 72 -145.89 8.18 55.55
N PRO NA 73 -146.62 8.39 54.44
CA PRO NA 73 -147.93 9.05 54.48
C PRO NA 73 -148.96 8.33 55.37
N ALA NA 74 -149.96 9.07 55.89
CA ALA NA 74 -151.00 8.45 56.70
C ALA NA 74 -151.64 7.27 55.95
N ASN NA 75 -151.81 6.14 56.65
CA ASN NA 75 -152.36 4.89 56.13
C ASN NA 75 -151.52 4.21 55.04
N VAL NA 76 -150.35 4.75 54.67
CA VAL NA 76 -149.42 4.05 53.79
C VAL NA 76 -148.42 3.25 54.64
N THR NA 77 -148.36 1.95 54.38
CA THR NA 77 -147.28 1.11 54.89
C THR NA 77 -146.24 0.92 53.79
N PHE NA 78 -145.00 1.31 54.09
CA PHE NA 78 -143.87 1.26 53.18
C PHE NA 78 -142.79 0.38 53.80
N SER NA 79 -142.16 -0.47 52.98
CA SER NA 79 -141.02 -1.27 53.41
C SER NA 79 -139.95 -1.32 52.33
N ILE NA 80 -138.69 -1.31 52.76
CA ILE NA 80 -137.60 -1.67 51.87
C ILE NA 80 -137.34 -3.16 52.11
N VAL NA 81 -137.72 -3.97 51.13
CA VAL NA 81 -137.70 -5.42 51.24
C VAL NA 81 -136.26 -5.92 51.25
N SER NA 82 -135.43 -5.38 50.36
CA SER NA 82 -134.02 -5.72 50.28
C SER NA 82 -133.24 -4.58 49.64
N ALA NA 83 -131.94 -4.54 49.89
CA ALA NA 83 -131.04 -3.62 49.21
C ALA NA 83 -129.61 -4.17 49.22
N SER NA 84 -128.81 -3.67 48.27
CA SER NA 84 -127.43 -4.08 48.11
C SER NA 84 -126.64 -2.90 47.54
N ALA NA 85 -125.37 -3.13 47.21
CA ALA NA 85 -124.57 -2.11 46.54
C ALA NA 85 -125.15 -1.69 45.18
N ASN NA 86 -126.00 -2.53 44.56
CA ASN NA 86 -126.33 -2.42 43.16
C ASN NA 86 -127.84 -2.42 42.87
N SER NA 87 -128.68 -2.81 43.84
CA SER NA 87 -130.12 -2.88 43.63
C SER NA 87 -130.90 -2.66 44.92
N TYR NA 88 -132.20 -2.39 44.80
CA TYR NA 88 -133.13 -2.37 45.92
C TYR NA 88 -134.48 -2.93 45.45
N CYS NA 89 -135.28 -3.38 46.42
CA CYS NA 89 -136.69 -3.59 46.21
C CYS NA 89 -137.45 -2.88 47.33
N MET NA 90 -138.41 -2.02 46.96
CA MET NA 90 -139.27 -1.36 47.93
C MET NA 90 -140.73 -1.68 47.61
N ILE NA 91 -141.57 -1.81 48.64
CA ILE NA 91 -142.98 -2.12 48.49
C ILE NA 91 -143.77 -1.08 49.28
N ALA NA 92 -144.87 -0.58 48.73
CA ALA NA 92 -145.74 0.32 49.48
C ALA NA 92 -147.19 0.14 49.08
N GLY NA 93 -148.11 0.45 49.99
CA GLY NA 93 -149.54 0.34 49.73
C GLY NA 93 -150.32 1.13 50.75
N HIS NA 94 -151.49 1.62 50.34
CA HIS NA 94 -152.39 2.35 51.23
C HIS NA 94 -153.52 1.42 51.63
N SER NA 95 -153.89 1.35 52.91
CA SER NA 95 -154.91 0.41 53.37
C SER NA 95 -156.24 0.54 52.62
N GLY NA 96 -156.50 1.72 52.03
CA GLY NA 96 -157.65 1.99 51.18
C GLY NA 96 -157.28 2.36 49.74
N GLY NA 97 -156.16 1.83 49.23
CA GLY NA 97 -155.82 1.88 47.81
C GLY NA 97 -156.42 0.69 47.06
N THR NA 98 -155.88 0.37 45.87
CA THR NA 98 -156.30 -0.81 45.15
C THR NA 98 -155.34 -1.98 45.37
N VAL NA 99 -154.05 -1.78 45.06
CA VAL NA 99 -153.04 -2.85 45.07
C VAL NA 99 -151.73 -2.35 45.69
N TRP NA 100 -150.87 -3.29 46.11
CA TRP NA 100 -149.50 -2.97 46.48
C TRP NA 100 -148.70 -2.51 45.26
N PHE NA 101 -147.83 -1.52 45.46
CA PHE NA 101 -146.90 -1.06 44.45
C PHE NA 101 -145.49 -1.49 44.84
N ALA NA 102 -144.68 -1.75 43.83
CA ALA NA 102 -143.27 -2.12 44.00
C ALA NA 102 -142.39 -1.11 43.29
N ALA NA 103 -141.15 -0.93 43.78
CA ALA NA 103 -140.16 -0.13 43.11
C ALA NA 103 -138.82 -0.86 43.09
N THR NA 104 -138.16 -0.89 41.92
CA THR NA 104 -136.81 -1.42 41.74
C THR NA 104 -136.09 -0.51 40.77
N PRO NA 105 -134.75 -0.48 40.72
CA PRO NA 105 -134.05 0.46 39.85
C PRO NA 105 -134.16 0.13 38.36
N ASP NA 106 -134.53 -1.11 38.00
CA ASP NA 106 -134.75 -1.50 36.61
C ASP NA 106 -136.19 -1.27 36.15
N LYS NA 107 -137.19 -1.75 36.91
CA LYS NA 107 -138.58 -1.66 36.50
C LYS NA 107 -139.24 -0.32 36.85
N GLY NA 108 -138.56 0.53 37.64
CA GLY NA 108 -139.16 1.77 38.11
C GLY NA 108 -140.22 1.50 39.18
N VAL NA 109 -141.19 2.40 39.34
CA VAL NA 109 -142.32 2.19 40.23
C VAL NA 109 -143.48 1.61 39.43
N TYR NA 110 -144.05 0.49 39.88
CA TYR NA 110 -145.08 -0.21 39.15
C TYR NA 110 -146.05 -0.91 40.09
N LYS NA 111 -147.29 -1.13 39.63
CA LYS NA 111 -148.31 -1.76 40.46
C LYS NA 111 -148.23 -3.27 40.33
N THR NA 112 -148.39 -3.97 41.47
CA THR NA 112 -148.39 -5.43 41.52
C THR NA 112 -149.83 -5.97 41.35
N ASN NA 113 -149.97 -7.30 41.30
CA ASN NA 113 -151.29 -7.93 41.24
C ASN NA 113 -151.96 -8.07 42.61
N THR NA 114 -151.22 -7.84 43.70
CA THR NA 114 -151.68 -8.14 45.06
C THR NA 114 -152.54 -7.00 45.61
N ALA NA 115 -153.80 -7.29 45.98
CA ALA NA 115 -154.69 -6.30 46.60
C ALA NA 115 -154.18 -5.86 47.98
N VAL NA 116 -154.43 -4.61 48.38
CA VAL NA 116 -153.94 -4.07 49.65
C VAL NA 116 -154.52 -4.75 50.89
N THR NA 117 -155.62 -5.49 50.70
CA THR NA 117 -156.26 -6.27 51.76
C THR NA 117 -155.50 -7.57 52.07
N SER NA 118 -154.74 -8.08 51.09
CA SER NA 118 -153.81 -9.19 51.28
C SER NA 118 -152.51 -8.70 51.90
N SER NA 119 -151.76 -9.62 52.54
CA SER NA 119 -150.43 -9.30 53.08
C SER NA 119 -149.46 -8.86 51.98
N GLN NA 120 -148.54 -7.94 52.30
CA GLN NA 120 -147.69 -7.32 51.29
C GLN NA 120 -146.76 -8.33 50.62
N PRO NA 121 -146.43 -8.14 49.32
CA PRO NA 121 -145.43 -8.97 48.65
C PRO NA 121 -144.12 -9.04 49.42
N GLU NA 122 -143.52 -10.23 49.42
CA GLU NA 122 -142.22 -10.48 50.03
C GLU NA 122 -141.05 -10.11 49.10
N SER NA 123 -141.34 -9.80 47.83
CA SER NA 123 -140.36 -9.51 46.79
C SER NA 123 -141.02 -8.78 45.63
N CYS NA 124 -140.21 -8.17 44.75
CA CYS NA 124 -140.65 -7.50 43.52
C CYS NA 124 -141.15 -8.51 42.48
N PRO NA 125 -142.44 -8.43 42.04
CA PRO NA 125 -142.91 -9.20 40.89
C PRO NA 125 -142.23 -8.84 39.56
N PHE OA 1 -209.40 22.09 49.05
CA PHE OA 1 -208.23 22.60 49.84
C PHE OA 1 -208.73 23.41 51.03
N THR OA 2 -208.20 23.11 52.24
CA THR OA 2 -208.76 23.59 53.51
C THR OA 2 -207.65 23.97 54.49
N LEU OA 3 -208.02 24.57 55.63
CA LEU OA 3 -207.03 25.17 56.52
C LEU OA 3 -206.09 24.13 57.14
N ILE OA 4 -206.60 22.92 57.39
CA ILE OA 4 -205.78 21.83 57.91
C ILE OA 4 -204.73 21.34 56.89
N GLU OA 5 -205.07 21.26 55.60
CA GLU OA 5 -204.06 20.91 54.60
C GLU OA 5 -203.00 22.00 54.50
N LEU OA 6 -203.44 23.26 54.59
CA LEU OA 6 -202.54 24.39 54.50
C LEU OA 6 -201.63 24.50 55.73
N LEU OA 7 -202.10 24.14 56.92
CA LEU OA 7 -201.25 24.05 58.11
C LEU OA 7 -200.24 22.90 58.00
N ILE OA 8 -200.62 21.75 57.42
CA ILE OA 8 -199.68 20.67 57.15
C ILE OA 8 -198.60 21.13 56.18
N VAL OA 9 -198.99 21.82 55.12
CA VAL OA 9 -198.07 22.37 54.14
C VAL OA 9 -197.09 23.35 54.79
N ILE OA 10 -197.58 24.29 55.61
CA ILE OA 10 -196.75 25.22 56.35
C ILE OA 10 -195.80 24.50 57.30
N ALA OA 11 -196.28 23.47 58.01
CA ALA OA 11 -195.46 22.69 58.92
C ALA OA 11 -194.31 21.97 58.20
N ILE OA 12 -194.60 21.36 57.05
CA ILE OA 12 -193.60 20.65 56.26
C ILE OA 12 -192.63 21.64 55.60
N ILE OA 13 -193.08 22.81 55.13
CA ILE OA 13 -192.18 23.86 54.65
C ILE OA 13 -191.19 24.25 55.74
N ALA OA 14 -191.64 24.44 56.99
CA ALA OA 14 -190.78 24.79 58.11
C ALA OA 14 -189.71 23.72 58.36
N ILE OA 15 -190.05 22.44 58.21
CA ILE OA 15 -189.11 21.33 58.29
C ILE OA 15 -188.09 21.38 57.16
N LEU OA 16 -188.54 21.42 55.90
CA LEU OA 16 -187.63 21.39 54.77
C LEU OA 16 -186.72 22.61 54.75
N ALA OA 17 -187.22 23.79 55.10
CA ALA OA 17 -186.43 25.01 55.21
C ALA OA 17 -185.32 24.90 56.26
N ALA OA 18 -185.52 24.10 57.31
CA ALA OA 18 -184.54 23.92 58.37
C ALA OA 18 -183.44 22.92 57.99
N VAL OA 19 -183.75 21.88 57.21
CA VAL OA 19 -182.83 20.75 57.02
C VAL OA 19 -182.15 20.74 55.65
N LEU OA 20 -182.75 21.33 54.62
CA LEU OA 20 -182.22 21.23 53.26
C LEU OA 20 -181.19 22.31 52.93
N ILE OA 21 -180.79 23.14 53.92
CA ILE OA 21 -179.80 24.19 53.73
C ILE OA 21 -178.47 23.74 54.35
N PRO OA 22 -177.35 23.74 53.58
CA PRO OA 22 -176.07 23.24 54.11
C PRO OA 22 -175.41 24.24 55.06
N ASN OA 23 -174.45 23.76 55.85
CA ASN OA 23 -173.58 24.62 56.61
C ASN OA 23 -172.65 25.36 55.64
N LEU OA 24 -172.96 26.64 55.37
CA LEU OA 24 -172.22 27.42 54.39
C LEU OA 24 -170.84 27.78 54.92
N LEU OA 25 -170.72 28.05 56.22
CA LEU OA 25 -169.44 28.40 56.82
C LEU OA 25 -168.40 27.29 56.67
N ALA OA 26 -168.79 26.04 56.95
CA ALA OA 26 -167.92 24.89 56.86
C ALA OA 26 -167.44 24.64 55.43
N ALA OA 27 -168.35 24.77 54.46
CA ALA OA 27 -168.02 24.67 53.04
C ALA OA 27 -167.00 25.74 52.62
N ARG OA 28 -167.25 27.00 52.98
CA ARG OA 28 -166.34 28.08 52.64
C ARG OA 28 -164.98 27.93 53.31
N LYS OA 29 -164.89 27.44 54.56
CA LYS OA 29 -163.60 27.18 55.21
C LYS OA 29 -162.69 26.29 54.35
N ARG OA 30 -163.20 25.18 53.81
CA ARG OA 30 -162.41 24.25 53.02
C ARG OA 30 -162.01 24.84 51.66
N ALA OA 31 -162.90 25.62 51.03
CA ALA OA 31 -162.55 26.36 49.83
C ALA OA 31 -161.48 27.39 50.10
N ASN OA 32 -161.58 28.15 51.20
CA ASN OA 32 -160.60 29.15 51.60
C ASN OA 32 -159.21 28.55 51.83
N ASP OA 33 -159.11 27.40 52.51
CA ASP OA 33 -157.83 26.71 52.65
C ASP OA 33 -157.24 26.28 51.31
N THR OA 34 -158.09 26.00 50.32
CA THR OA 34 -157.65 25.67 48.98
C THR OA 34 -157.03 26.89 48.29
N VAL OA 35 -157.61 28.08 48.48
CA VAL OA 35 -157.04 29.32 47.98
C VAL OA 35 -155.65 29.56 48.56
N VAL OA 36 -155.50 29.39 49.89
CA VAL OA 36 -154.22 29.59 50.55
C VAL OA 36 -153.18 28.59 50.03
N THR OA 37 -153.55 27.30 49.95
CA THR OA 37 -152.67 26.27 49.43
C THR OA 37 -152.24 26.59 48.00
N ALA OA 38 -153.18 26.95 47.13
CA ALA OA 38 -152.89 27.30 45.75
C ALA OA 38 -151.97 28.52 45.65
N TYR OA 39 -152.20 29.56 46.45
CA TYR OA 39 -151.37 30.75 46.42
C TYR OA 39 -149.95 30.47 46.90
N LEU OA 40 -149.78 29.65 47.95
CA LEU OA 40 -148.44 29.23 48.37
C LEU OA 40 -147.76 28.35 47.33
N ASN OA 41 -148.47 27.44 46.66
CA ASN OA 41 -147.89 26.69 45.56
C ASN OA 41 -147.41 27.59 44.43
N ASP OA 42 -148.13 28.68 44.12
CA ASP OA 42 -147.67 29.66 43.16
C ASP OA 42 -146.46 30.43 43.68
N ALA OA 43 -146.48 30.92 44.92
CA ALA OA 43 -145.34 31.60 45.52
C ALA OA 43 -144.08 30.73 45.47
N VAL OA 44 -144.21 29.41 45.66
CA VAL OA 44 -143.12 28.46 45.52
C VAL OA 44 -142.57 28.39 44.10
N LYS OA 45 -143.41 28.37 43.06
CA LYS OA 45 -142.97 28.41 41.67
C LYS OA 45 -142.17 29.69 41.42
N PHE OA 46 -142.66 30.83 41.92
CA PHE OA 46 -142.00 32.10 41.70
C PHE OA 46 -140.72 32.26 42.52
N GLN OA 47 -140.62 31.66 43.71
CA GLN OA 47 -139.36 31.59 44.41
C GLN OA 47 -138.30 30.84 43.59
N GLU OA 48 -138.66 29.72 42.95
CA GLU OA 48 -137.74 29.03 42.06
C GLU OA 48 -137.38 29.87 40.83
N MET OA 49 -138.32 30.60 40.23
CA MET OA 49 -138.00 31.49 39.13
C MET OA 49 -137.07 32.63 39.55
N TYR OA 50 -137.27 33.20 40.74
CA TYR OA 50 -136.37 34.23 41.24
C TYR OA 50 -134.98 33.65 41.50
N GLN OA 51 -134.92 32.42 41.98
CA GLN OA 51 -133.67 31.68 42.17
C GLN OA 51 -132.95 31.45 40.84
N ILE OA 52 -133.67 31.19 39.73
CA ILE OA 52 -133.07 31.08 38.39
C ILE OA 52 -132.36 32.38 38.00
N ASP OA 53 -132.98 33.53 38.25
CA ASP OA 53 -132.45 34.82 37.84
C ASP OA 53 -131.38 35.39 38.77
N ASN OA 54 -131.46 35.12 40.09
CA ASN OA 54 -130.70 35.85 41.09
C ASN OA 54 -129.82 34.98 41.97
N ASN OA 55 -129.86 33.65 41.84
CA ASN OA 55 -129.12 32.72 42.69
C ASN OA 55 -129.39 32.91 44.20
N SER OA 56 -130.59 33.38 44.55
CA SER OA 56 -131.00 33.60 45.93
C SER OA 56 -132.54 33.63 45.96
N TYR OA 57 -133.17 33.44 47.14
CA TYR OA 57 -134.61 33.59 47.26
C TYR OA 57 -135.00 35.01 47.68
N THR OA 58 -136.25 35.41 47.40
CA THR OA 58 -136.74 36.74 47.74
C THR OA 58 -137.14 36.82 49.20
N SER OA 59 -137.11 38.03 49.77
CA SER OA 59 -137.68 38.15 51.09
C SER OA 59 -138.93 39.00 50.93
N ASN OA 60 -139.06 39.65 49.77
CA ASN OA 60 -140.14 40.58 49.52
C ASN OA 60 -141.07 40.12 48.38
N GLN OA 61 -142.38 40.21 48.62
CA GLN OA 61 -143.41 39.72 47.71
C GLN OA 61 -143.41 40.46 46.36
N ALA OA 62 -143.01 41.74 46.33
CA ALA OA 62 -143.05 42.52 45.09
C ALA OA 62 -142.12 41.98 44.01
N ALA OA 63 -141.02 41.33 44.39
CA ALA OA 63 -140.13 40.66 43.45
C ALA OA 63 -140.84 39.45 42.81
N LEU OA 64 -141.57 38.65 43.60
CA LEU OA 64 -142.36 37.55 43.07
C LEU OA 64 -143.48 38.05 42.16
N ILE OA 65 -144.16 39.14 42.54
CA ILE OA 65 -145.21 39.74 41.72
C ILE OA 65 -144.64 40.24 40.40
N SER OA 66 -143.43 40.83 40.41
CA SER OA 66 -142.83 41.24 39.15
C SER OA 66 -142.68 40.06 38.20
N LEU OA 67 -142.21 38.93 38.72
CA LEU OA 67 -141.99 37.73 37.93
C LEU OA 67 -143.28 37.09 37.42
N GLY OA 68 -144.43 37.37 38.06
CA GLY OA 68 -145.72 36.87 37.57
C GLY OA 68 -146.67 36.33 38.64
N LEU OA 69 -146.27 36.39 39.92
CA LEU OA 69 -147.19 35.97 41.01
C LEU OA 69 -148.26 37.04 41.18
N LYS OA 70 -149.53 36.62 41.27
CA LYS OA 70 -150.65 37.59 41.31
C LYS OA 70 -150.79 38.26 42.68
N SER OA 71 -151.65 39.28 42.76
CA SER OA 71 -151.92 39.98 44.04
C SER OA 71 -152.30 38.95 45.11
N THR OA 72 -151.95 39.20 46.37
CA THR OA 72 -152.40 38.27 47.44
C THR OA 72 -153.93 38.19 47.39
N PRO OA 73 -154.54 36.98 47.44
CA PRO OA 73 -155.99 36.85 47.30
C PRO OA 73 -156.80 37.61 48.35
N ALA OA 74 -158.05 37.99 48.03
CA ALA OA 74 -158.89 38.67 49.00
C ALA OA 74 -158.97 37.88 50.32
N ASN OA 75 -158.80 38.58 51.44
CA ASN OA 75 -158.81 38.03 52.79
C ASN OA 75 -157.64 37.08 53.11
N VAL OA 76 -156.71 36.84 52.18
CA VAL OA 76 -155.48 36.10 52.49
C VAL OA 76 -154.39 37.09 52.88
N THR OA 77 -153.83 36.88 54.07
CA THR OA 77 -152.60 37.53 54.48
C THR OA 77 -151.43 36.59 54.26
N PHE OA 78 -150.47 37.04 53.45
CA PHE OA 78 -149.28 36.27 53.09
C PHE OA 78 -148.04 37.05 53.54
N SER OA 79 -147.05 36.34 54.09
CA SER OA 79 -145.77 36.93 54.44
C SER OA 79 -144.62 35.99 54.08
N ILE OA 80 -143.51 36.58 53.63
CA ILE OA 80 -142.26 35.85 53.55
C ILE OA 80 -141.53 36.16 54.85
N VAL OA 81 -141.46 35.16 55.73
CA VAL OA 81 -140.94 35.31 57.07
C VAL OA 81 -139.43 35.52 57.03
N SER OA 82 -138.73 34.72 56.20
CA SER OA 82 -137.29 34.84 56.02
C SER OA 82 -136.91 34.26 54.67
N ALA OA 83 -135.74 34.67 54.16
CA ALA OA 83 -135.16 34.10 52.96
C ALA OA 83 -133.65 34.30 52.96
N SER OA 84 -132.96 33.44 52.20
CA SER OA 84 -131.51 33.47 52.08
C SER OA 84 -131.13 32.97 50.69
N ALA OA 85 -129.83 32.81 50.43
CA ALA OA 85 -129.36 32.22 49.19
C ALA OA 85 -129.88 30.79 48.98
N ASN OA 86 -130.29 30.10 50.05
CA ASN OA 86 -130.46 28.66 50.04
C ASN OA 86 -131.82 28.18 50.56
N SER OA 87 -132.58 29.05 51.25
CA SER OA 87 -133.86 28.65 51.84
C SER OA 87 -134.83 29.84 51.93
N TYR OA 88 -136.11 29.54 52.14
CA TYR OA 88 -137.12 30.52 52.48
C TYR OA 88 -138.11 29.92 53.47
N CYS OA 89 -138.81 30.77 54.20
CA CYS OA 89 -140.02 30.39 54.90
C CYS OA 89 -141.11 31.40 54.53
N MET OA 90 -142.26 30.89 54.06
CA MET OA 90 -143.42 31.72 53.77
C MET OA 90 -144.60 31.22 54.59
N ILE OA 91 -145.47 32.15 55.03
CA ILE OA 91 -146.65 31.83 55.81
C ILE OA 91 -147.85 32.49 55.15
N ALA OA 92 -148.98 31.79 55.07
CA ALA OA 92 -150.20 32.40 54.55
C ALA OA 92 -151.43 31.81 55.23
N GLY OA 93 -152.50 32.60 55.28
CA GLY OA 93 -153.74 32.16 55.90
C GLY OA 93 -154.88 33.06 55.46
N HIS OA 94 -156.09 32.49 55.42
CA HIS OA 94 -157.30 33.22 55.07
C HIS OA 94 -158.06 33.52 56.36
N SER OA 95 -158.56 34.73 56.58
CA SER OA 95 -159.21 35.08 57.83
C SER OA 95 -160.39 34.17 58.18
N GLY OA 96 -160.99 33.53 57.15
CA GLY OA 96 -162.03 32.53 57.29
C GLY OA 96 -161.64 31.13 56.79
N GLY OA 97 -160.35 30.78 56.86
CA GLY OA 97 -159.87 29.42 56.67
C GLY OA 97 -159.90 28.63 57.98
N THR OA 98 -159.13 27.53 58.06
CA THR OA 98 -159.01 26.79 59.30
C THR OA 98 -157.73 27.16 60.05
N VAL OA 99 -156.57 27.01 59.41
CA VAL OA 99 -155.26 27.18 60.03
C VAL OA 99 -154.30 27.95 59.11
N TRP OA 100 -153.23 28.50 59.68
CA TRP OA 100 -152.13 29.03 58.90
C TRP OA 100 -151.39 27.90 58.17
N PHE OA 101 -150.97 28.19 56.94
CA PHE OA 101 -150.14 27.29 56.14
C PHE OA 101 -148.74 27.87 56.06
N ALA OA 102 -147.75 26.98 55.98
CA ALA OA 102 -146.36 27.33 55.83
C ALA OA 102 -145.80 26.71 54.55
N ALA OA 103 -144.79 27.35 53.97
CA ALA OA 103 -144.06 26.79 52.84
C ALA OA 103 -142.55 26.97 53.05
N THR OA 104 -141.78 25.90 52.81
CA THR OA 104 -140.33 25.90 52.82
C THR OA 104 -139.86 24.99 51.69
N PRO OA 105 -138.62 25.12 51.18
CA PRO OA 105 -138.21 24.33 50.04
C PRO OA 105 -137.99 22.84 50.35
N ASP OA 106 -137.85 22.47 51.63
CA ASP OA 106 -137.74 21.08 52.04
C ASP OA 106 -139.10 20.43 52.33
N LYS OA 107 -139.94 21.07 53.16
CA LYS OA 107 -141.22 20.48 53.57
C LYS OA 107 -142.34 20.71 52.55
N GLY OA 108 -142.12 21.55 51.54
CA GLY OA 108 -143.18 21.92 50.59
C GLY OA 108 -144.19 22.85 51.25
N VAL OA 109 -145.45 22.86 50.76
CA VAL OA 109 -146.53 23.61 51.39
C VAL OA 109 -147.28 22.68 52.32
N TYR OA 110 -147.46 23.09 53.58
CA TYR OA 110 -148.09 22.24 54.60
C TYR OA 110 -148.85 23.07 55.61
N LYS OA 111 -149.87 22.47 56.24
CA LYS OA 111 -150.68 23.18 57.21
C LYS OA 111 -150.05 23.10 58.60
N THR OA 112 -150.10 24.22 59.33
CA THR OA 112 -149.59 24.30 60.70
C THR OA 112 -150.69 23.97 61.71
N ASN OA 113 -150.35 23.93 63.01
CA ASN OA 113 -151.34 23.73 64.06
C ASN OA 113 -152.08 25.00 64.47
N THR OA 114 -151.62 26.18 64.01
CA THR OA 114 -152.11 27.47 64.49
C THR OA 114 -153.38 27.89 63.74
N ALA OA 115 -154.49 28.10 64.47
CA ALA OA 115 -155.74 28.58 63.87
C ALA OA 115 -155.61 30.00 63.32
N VAL OA 116 -156.34 30.33 62.24
CA VAL OA 116 -156.23 31.64 61.58
C VAL OA 116 -156.69 32.80 62.46
N THR OA 117 -157.42 32.51 63.54
CA THR OA 117 -157.87 33.49 64.51
C THR OA 117 -156.75 33.92 65.47
N SER OA 118 -155.73 33.07 65.65
CA SER OA 118 -154.49 33.39 66.36
C SER OA 118 -153.54 34.17 65.45
N SER OA 119 -152.60 34.91 66.04
CA SER OA 119 -151.56 35.61 65.29
C SER OA 119 -150.68 34.63 64.52
N GLN OA 120 -150.19 35.05 63.33
CA GLN OA 120 -149.50 34.15 62.41
C GLN OA 120 -148.20 33.62 63.01
N PRO OA 121 -147.79 32.36 62.69
CA PRO OA 121 -146.49 31.84 63.10
C PRO OA 121 -145.35 32.77 62.71
N GLU OA 122 -144.36 32.89 63.61
CA GLU OA 122 -143.15 33.67 63.38
C GLU OA 122 -142.08 32.89 62.61
N SER OA 123 -142.30 31.58 62.39
CA SER OA 123 -141.36 30.66 61.75
C SER OA 123 -142.10 29.40 61.27
N CYS OA 124 -141.45 28.62 60.40
CA CYS OA 124 -141.93 27.33 59.91
C CYS OA 124 -141.91 26.26 61.01
N PRO OA 125 -143.07 25.66 61.38
CA PRO OA 125 -143.09 24.48 62.25
C PRO OA 125 -142.40 23.23 61.64
N PHE PA 1 -216.84 23.40 57.00
CA PHE PA 1 -216.04 24.31 56.12
C PHE PA 1 -216.95 25.41 55.57
N THR PA 2 -216.50 26.68 55.67
CA THR PA 2 -217.35 27.85 55.45
C THR PA 2 -216.59 28.96 54.73
N LEU PA 3 -217.28 30.02 54.31
CA LEU PA 3 -216.69 31.01 53.42
C LEU PA 3 -215.54 31.77 54.08
N ILE PA 4 -215.60 31.99 55.39
CA ILE PA 4 -214.53 32.64 56.12
C ILE PA 4 -213.26 31.78 56.19
N GLU PA 5 -213.37 30.45 56.36
CA GLU PA 5 -212.19 29.60 56.30
C GLU PA 5 -211.59 29.61 54.90
N LEU PA 6 -212.45 29.60 53.88
CA LEU PA 6 -212.02 29.59 52.50
C LEU PA 6 -211.36 30.92 52.10
N LEU PA 7 -211.83 32.06 52.62
CA LEU PA 7 -211.16 33.34 52.44
C LEU PA 7 -209.80 33.40 53.14
N ILE PA 8 -209.67 32.81 54.33
CA ILE PA 8 -208.37 32.69 55.01
C ILE PA 8 -207.41 31.85 54.17
N VAL PA 9 -207.88 30.73 53.64
CA VAL PA 9 -207.10 29.85 52.78
C VAL PA 9 -206.63 30.60 51.53
N ILE PA 10 -207.53 31.32 50.85
CA ILE PA 10 -207.19 32.13 49.69
C ILE PA 10 -206.17 33.22 50.04
N ALA PA 11 -206.33 33.89 51.18
CA ALA PA 11 -205.42 34.92 51.64
C ALA PA 11 -204.01 34.37 51.89
N ILE PA 12 -203.91 33.20 52.54
CA ILE PA 12 -202.63 32.57 52.82
C ILE PA 12 -202.00 32.01 51.55
N ILE PA 13 -202.78 31.45 50.61
CA ILE PA 13 -202.27 31.07 49.29
C ILE PA 13 -201.61 32.26 48.60
N ALA PA 14 -202.26 33.43 48.61
CA ALA PA 14 -201.73 34.64 48.00
C ALA PA 14 -200.38 35.04 48.61
N ILE PA 15 -200.23 34.89 49.92
CA ILE PA 15 -198.97 35.13 50.62
C ILE PA 15 -197.90 34.13 50.20
N LEU PA 16 -198.18 32.83 50.29
CA LEU PA 16 -197.18 31.82 49.98
C LEU PA 16 -196.76 31.87 48.50
N ALA PA 17 -197.71 32.13 47.59
CA ALA PA 17 -197.41 32.30 46.17
C ALA PA 17 -196.49 33.48 45.90
N ALA PA 18 -196.52 34.53 46.73
CA ALA PA 18 -195.68 35.71 46.59
C ALA PA 18 -194.26 35.50 47.10
N VAL PA 19 -194.07 34.71 48.18
CA VAL PA 19 -192.80 34.66 48.90
C VAL PA 19 -191.98 33.40 48.64
N LEU PA 20 -192.63 32.29 48.27
CA LEU PA 20 -191.93 31.01 48.15
C LEU PA 20 -191.31 30.78 46.77
N ILE PA 21 -191.37 31.79 45.88
CA ILE PA 21 -190.80 31.70 44.54
C ILE PA 21 -189.49 32.49 44.49
N PRO PA 22 -188.35 31.87 44.09
CA PRO PA 22 -187.06 32.56 44.10
C PRO PA 22 -186.93 33.56 42.95
N ASN PA 23 -185.97 34.48 43.08
CA ASN PA 23 -185.55 35.33 41.97
C ASN PA 23 -184.85 34.46 40.92
N LEU PA 24 -185.56 34.12 39.83
CA LEU PA 24 -185.03 33.21 38.82
C LEU PA 24 -183.94 33.90 38.00
N LEU PA 25 -184.09 35.20 37.72
CA LEU PA 25 -183.11 35.95 36.96
C LEU PA 25 -181.73 35.95 37.62
N ALA PA 26 -181.69 36.22 38.93
CA ALA PA 26 -180.45 36.28 39.70
C ALA PA 26 -179.74 34.92 39.72
N ALA PA 27 -180.51 33.83 39.91
CA ALA PA 27 -179.99 32.48 39.87
C ALA PA 27 -179.37 32.16 38.49
N ARG PA 28 -180.10 32.46 37.40
CA ARG PA 28 -179.59 32.19 36.06
C ARG PA 28 -178.37 33.05 35.74
N LYS PA 29 -178.26 34.30 36.19
CA LYS PA 29 -177.06 35.11 35.98
C LYS PA 29 -175.80 34.40 36.45
N ARG PA 30 -175.81 33.84 37.67
CA ARG PA 30 -174.64 33.17 38.24
C ARG PA 30 -174.32 31.85 37.53
N ALA PA 31 -175.33 31.10 37.10
CA ALA PA 31 -175.12 29.93 36.27
C ALA PA 31 -174.52 30.31 34.91
N ASN PA 32 -175.02 31.37 34.27
CA ASN PA 32 -174.53 31.85 32.99
C ASN PA 32 -173.06 32.28 33.06
N ASP PA 33 -172.65 32.99 34.11
CA ASP PA 33 -171.24 33.32 34.30
C ASP PA 33 -170.36 32.07 34.47
N THR PA 34 -170.92 30.99 35.02
CA THR PA 34 -170.22 29.72 35.14
C THR PA 34 -170.00 29.09 33.78
N VAL PA 35 -170.99 29.17 32.87
CA VAL PA 35 -170.84 28.71 31.49
C VAL PA 35 -169.71 29.46 30.79
N VAL PA 36 -169.68 30.79 30.91
CA VAL PA 36 -168.65 31.60 30.28
C VAL PA 36 -167.27 31.25 30.84
N THR PA 37 -167.14 31.15 32.16
CA THR PA 37 -165.89 30.78 32.81
C THR PA 37 -165.43 29.41 32.33
N ALA PA 38 -166.32 28.42 32.32
CA ALA PA 38 -165.99 27.07 31.86
C ALA PA 38 -165.58 27.05 30.38
N TYR PA 39 -166.26 27.80 29.51
CA TYR PA 39 -165.91 27.84 28.10
C TYR PA 39 -164.55 28.51 27.86
N LEU PA 40 -164.23 29.58 28.57
CA LEU PA 40 -162.91 30.18 28.51
C LEU PA 40 -161.83 29.26 29.07
N ASN PA 41 -162.07 28.53 30.16
CA ASN PA 41 -161.12 27.53 30.63
C ASN PA 41 -160.87 26.44 29.59
N ASP PA 42 -161.89 26.03 28.83
CA ASP PA 42 -161.68 25.10 27.73
C ASP PA 42 -160.91 25.74 26.58
N ALA PA 43 -161.26 26.97 26.17
CA ALA PA 43 -160.52 27.68 25.13
C ALA PA 43 -159.03 27.81 25.49
N VAL PA 44 -158.71 28.02 26.77
CA VAL PA 44 -157.33 28.05 27.27
C VAL PA 44 -156.62 26.70 27.11
N LYS PA 45 -157.27 25.57 27.42
CA LYS PA 45 -156.69 24.25 27.18
C LYS PA 45 -156.38 24.05 25.70
N PHE PA 46 -157.30 24.46 24.82
CA PHE PA 46 -157.12 24.29 23.39
C PHE PA 46 -156.10 25.26 22.81
N GLN PA 47 -155.94 26.47 23.35
CA GLN PA 47 -154.83 27.34 22.97
C GLN PA 47 -153.48 26.67 23.28
N GLU PA 48 -153.33 26.02 24.45
CA GLU PA 48 -152.12 25.26 24.75
C GLU PA 48 -151.94 24.07 23.81
N MET PA 49 -153.00 23.35 23.45
CA MET PA 49 -152.86 22.26 22.49
C MET PA 49 -152.48 22.76 21.10
N TYR PA 50 -153.01 23.90 20.65
CA TYR PA 50 -152.61 24.49 19.40
C TYR PA 50 -151.16 24.94 19.43
N GLN PA 51 -150.71 25.45 20.57
CA GLN PA 51 -149.32 25.82 20.82
C GLN PA 51 -148.40 24.59 20.75
N ILE PA 52 -148.83 23.42 21.23
CA ILE PA 52 -148.07 22.17 21.09
C ILE PA 52 -147.82 21.82 19.62
N ASP PA 53 -148.85 21.97 18.77
CA ASP PA 53 -148.77 21.58 17.37
C ASP PA 53 -148.10 22.63 16.48
N ASN PA 54 -148.24 23.93 16.77
CA ASN PA 54 -147.93 25.01 15.84
C ASN PA 54 -146.90 26.02 16.35
N ASN PA 55 -146.47 25.92 17.61
CA ASN PA 55 -145.54 26.87 18.23
C ASN PA 55 -146.06 28.33 18.18
N SER PA 56 -147.38 28.51 18.17
CA SER PA 56 -148.02 29.83 18.14
C SER PA 56 -149.46 29.67 18.66
N TYR PA 57 -150.11 30.75 19.09
CA TYR PA 57 -151.52 30.69 19.46
C TYR PA 57 -152.45 31.02 18.28
N THR PA 58 -153.70 30.58 18.36
CA THR PA 58 -154.68 30.81 17.29
C THR PA 58 -155.27 32.22 17.39
N SER PA 59 -155.73 32.75 16.27
CA SER PA 59 -156.49 33.98 16.38
C SER PA 59 -157.92 33.64 16.04
N ASN PA 60 -158.12 32.45 15.45
CA ASN PA 60 -159.43 32.04 14.98
C ASN PA 60 -159.98 30.81 15.70
N GLN PA 61 -161.26 30.88 16.09
CA GLN PA 61 -161.92 29.86 16.89
C GLN PA 61 -162.00 28.50 16.19
N ALA PA 62 -162.09 28.48 14.85
CA ALA PA 62 -162.25 27.23 14.11
C ALA PA 62 -161.06 26.29 14.26
N ALA PA 63 -159.85 26.82 14.48
CA ALA PA 63 -158.67 26.03 14.77
C ALA PA 63 -158.82 25.33 16.13
N LEU PA 64 -159.30 26.04 17.16
CA LEU PA 64 -159.57 25.46 18.47
C LEU PA 64 -160.68 24.40 18.39
N ILE PA 65 -161.74 24.66 17.61
CA ILE PA 65 -162.82 23.70 17.41
C ILE PA 65 -162.30 22.44 16.71
N SER PA 66 -161.41 22.59 15.74
CA SER PA 66 -160.83 21.41 15.11
C SER PA 66 -160.15 20.51 16.14
N LEU PA 67 -159.37 21.12 17.04
CA LEU PA 67 -158.64 20.39 18.07
C LEU PA 67 -159.54 19.76 19.12
N GLY PA 68 -160.79 20.23 19.28
CA GLY PA 68 -161.74 19.60 20.19
C GLY PA 68 -162.56 20.56 21.06
N LEU PA 69 -162.38 21.87 20.89
CA LEU PA 69 -163.21 22.84 21.63
C LEU PA 69 -164.62 22.84 21.02
N LYS PA 70 -165.65 22.81 21.86
CA LYS PA 70 -167.04 22.67 21.36
C LYS PA 70 -167.58 23.99 20.81
N SER PA 71 -168.74 23.93 20.16
CA SER PA 71 -169.41 25.15 19.63
C SER PA 71 -169.54 26.18 20.75
N THR PA 72 -169.46 27.47 20.42
CA THR PA 72 -169.68 28.51 21.46
C THR PA 72 -171.06 28.27 22.09
N PRO PA 73 -171.19 28.27 23.43
CA PRO PA 73 -172.47 27.96 24.08
C PRO PA 73 -173.63 28.87 23.67
N ALA PA 74 -174.87 28.39 23.77
CA ALA PA 74 -176.02 29.23 23.45
C ALA PA 74 -175.98 30.54 24.23
N ASN PA 75 -176.23 31.66 23.54
CA ASN PA 75 -176.20 33.02 24.08
C ASN PA 75 -174.83 33.50 24.56
N VAL PA 76 -173.76 32.71 24.44
CA VAL PA 76 -172.40 33.18 24.69
C VAL PA 76 -171.79 33.69 23.39
N THR PA 77 -171.35 34.95 23.40
CA THR PA 77 -170.50 35.49 22.36
C THR PA 77 -169.05 35.44 22.83
N PHE PA 78 -168.21 34.75 22.05
CA PHE PA 78 -166.79 34.56 22.32
C PHE PA 78 -165.99 35.14 21.16
N SER PA 79 -164.89 35.82 21.49
CA SER PA 79 -163.96 36.31 20.48
C SER PA 79 -162.51 36.13 20.94
N ILE PA 80 -161.63 35.80 19.98
CA ILE PA 80 -160.20 35.91 20.22
C ILE PA 80 -159.80 37.28 19.70
N VAL PA 81 -159.50 38.19 20.62
CA VAL PA 81 -159.24 39.58 20.31
C VAL PA 81 -157.90 39.73 19.57
N SER PA 82 -156.88 39.01 20.06
CA SER PA 82 -155.56 39.01 19.43
C SER PA 82 -154.84 37.73 19.81
N ALA PA 83 -153.84 37.37 18.99
CA ALA PA 83 -152.94 36.27 19.30
C ALA PA 83 -151.61 36.45 18.57
N SER PA 84 -150.57 35.81 19.10
CA SER PA 84 -149.23 35.86 18.56
C SER PA 84 -148.52 34.54 18.86
N ALA PA 85 -147.23 34.47 18.55
CA ALA PA 85 -146.43 33.30 18.90
C ALA PA 85 -146.37 33.07 20.42
N ASN PA 86 -146.63 34.10 21.23
CA ASN PA 86 -146.28 34.11 22.64
C ASN PA 86 -147.43 34.47 23.58
N SER PA 87 -148.53 35.04 23.06
CA SER PA 87 -149.64 35.47 23.89
C SER PA 87 -150.97 35.41 23.14
N TYR PA 88 -152.07 35.46 23.88
CA TYR PA 88 -153.42 35.65 23.32
C TYR PA 88 -154.23 36.52 24.26
N CYS PA 89 -155.28 37.13 23.73
CA CYS PA 89 -156.35 37.68 24.52
C CYS PA 89 -157.67 37.15 23.98
N MET PA 90 -158.50 36.56 24.85
CA MET PA 90 -159.84 36.10 24.49
C MET PA 90 -160.86 36.77 25.40
N ILE PA 91 -162.04 37.07 24.85
CA ILE PA 91 -163.12 37.71 25.58
C ILE PA 91 -164.39 36.88 25.38
N ALA PA 92 -165.17 36.68 26.44
CA ALA PA 92 -166.45 36.00 26.29
C ALA PA 92 -167.46 36.54 27.30
N GLY PA 93 -168.75 36.43 26.95
CA GLY PA 93 -169.81 36.90 27.82
C GLY PA 93 -171.13 36.29 27.37
N HIS PA 94 -172.04 36.11 28.33
CA HIS PA 94 -173.38 35.60 28.08
C HIS PA 94 -174.35 36.77 28.11
N SER PA 95 -175.27 36.89 27.14
CA SER PA 95 -176.16 38.05 27.08
C SER PA 95 -176.98 38.26 28.36
N GLY PA 96 -177.16 37.20 29.15
CA GLY PA 96 -177.80 37.23 30.47
C GLY PA 96 -176.87 36.82 31.62
N GLY PA 97 -175.56 37.06 31.48
CA GLY PA 97 -174.60 36.96 32.57
C GLY PA 97 -174.52 38.27 33.35
N THR PA 98 -173.42 38.49 34.10
CA THR PA 98 -173.20 39.76 34.78
C THR PA 98 -172.25 40.65 33.99
N VAL PA 99 -171.04 40.16 33.70
CA VAL PA 99 -169.96 40.94 33.08
C VAL PA 99 -169.24 40.13 32.01
N TRP PA 100 -168.51 40.82 31.13
CA TRP PA 100 -167.57 40.17 30.22
C TRP PA 100 -166.41 39.56 30.98
N PHE PA 101 -165.96 38.38 30.55
CA PHE PA 101 -164.77 37.73 31.07
C PHE PA 101 -163.66 37.80 30.03
N ALA PA 102 -162.43 37.88 30.51
CA ALA PA 102 -161.24 37.89 29.67
C ALA PA 102 -160.34 36.71 30.03
N ALA PA 103 -159.56 36.25 29.06
CA ALA PA 103 -158.55 35.23 29.30
C ALA PA 103 -157.24 35.61 28.60
N THR PA 104 -156.12 35.51 29.32
CA THR PA 104 -154.77 35.72 28.80
C THR PA 104 -153.87 34.68 29.46
N PRO PA 105 -152.71 34.31 28.88
CA PRO PA 105 -151.89 33.26 29.45
C PRO PA 105 -151.21 33.63 30.77
N ASP PA 106 -151.11 34.94 31.10
CA ASP PA 106 -150.56 35.39 32.36
C ASP PA 106 -151.63 35.53 33.46
N LYS PA 107 -152.73 36.22 33.18
CA LYS PA 107 -153.76 36.48 34.19
C LYS PA 107 -154.75 35.33 34.36
N GLY PA 108 -154.71 34.33 33.47
CA GLY PA 108 -155.70 33.25 33.50
C GLY PA 108 -157.06 33.75 33.00
N VAL PA 109 -158.16 33.11 33.43
CA VAL PA 109 -159.51 33.57 33.12
C VAL PA 109 -160.00 34.43 34.29
N TYR PA 110 -160.47 35.64 33.99
CA TYR PA 110 -160.87 36.60 35.02
C TYR PA 110 -162.01 37.48 34.53
N LYS PA 111 -162.80 37.99 35.48
CA LYS PA 111 -163.94 38.84 35.13
C LYS PA 111 -163.51 40.29 35.00
N THR PA 112 -164.04 40.98 33.98
CA THR PA 112 -163.77 42.40 33.75
C THR PA 112 -164.81 43.27 34.47
N ASN PA 113 -164.64 44.60 34.41
CA ASN PA 113 -165.61 45.54 34.98
C ASN PA 113 -166.81 45.81 34.06
N THR PA 114 -166.74 45.37 32.79
CA THR PA 114 -167.72 45.75 31.77
C THR PA 114 -168.95 44.84 31.82
N ALA PA 115 -170.14 45.41 32.03
CA ALA PA 115 -171.40 44.66 32.03
C ALA PA 115 -171.71 44.08 30.64
N VAL PA 116 -172.37 42.91 30.57
CA VAL PA 116 -172.65 42.24 29.30
C VAL PA 116 -173.61 43.01 28.39
N THR PA 117 -174.31 44.00 28.96
CA THR PA 117 -175.20 44.89 28.20
C THR PA 117 -174.44 45.96 27.43
N SER PA 118 -173.22 46.29 27.86
CA SER PA 118 -172.29 47.14 27.13
C SER PA 118 -171.56 46.33 26.05
N SER PA 119 -171.03 47.02 25.03
CA SER PA 119 -170.23 46.39 23.99
C SER PA 119 -168.96 45.75 24.57
N GLN PA 120 -168.51 44.63 23.99
CA GLN PA 120 -167.43 43.84 24.56
C GLN PA 120 -166.11 44.61 24.60
N PRO PA 121 -165.25 44.38 25.62
CA PRO PA 121 -163.91 44.96 25.65
C PRO PA 121 -163.13 44.70 24.36
N GLU PA 122 -162.37 45.70 23.92
CA GLU PA 122 -161.51 45.61 22.76
C GLU PA 122 -160.14 44.99 23.09
N SER PA 123 -159.85 44.78 24.39
CA SER PA 123 -158.58 44.29 24.89
C SER PA 123 -158.73 43.78 26.33
N CYS PA 124 -157.75 43.01 26.80
CA CYS PA 124 -157.67 42.50 28.17
C CYS PA 124 -157.41 43.62 29.18
N PRO PA 125 -158.31 43.86 30.17
CA PRO PA 125 -158.01 44.75 31.30
C PRO PA 125 -156.86 44.26 32.19
N PHE QA 1 -225.24 30.28 58.55
CA PHE QA 1 -224.71 29.49 57.40
C PHE QA 1 -225.87 28.80 56.67
N THR QA 2 -225.93 28.92 55.34
CA THR QA 2 -227.11 28.57 54.54
C THR QA 2 -226.69 27.91 53.22
N LEU QA 3 -227.67 27.38 52.47
CA LEU QA 3 -227.36 26.54 51.32
C LEU QA 3 -226.65 27.32 50.20
N ILE QA 4 -226.96 28.61 50.06
CA ILE QA 4 -226.28 29.45 49.07
C ILE QA 4 -224.80 29.70 49.43
N GLU QA 5 -224.46 29.89 50.70
CA GLU QA 5 -223.06 30.01 51.08
C GLU QA 5 -222.32 28.69 50.84
N LEU QA 6 -222.98 27.58 51.13
CA LEU QA 6 -222.41 26.26 50.95
C LEU QA 6 -222.22 25.91 49.47
N LEU QA 7 -223.13 26.33 48.58
CA LEU QA 7 -222.94 26.20 47.14
C LEU QA 7 -221.79 27.07 46.63
N ILE QA 8 -221.61 28.29 47.15
CA ILE QA 8 -220.45 29.12 46.81
C ILE QA 8 -219.17 28.43 47.23
N VAL QA 9 -219.13 27.88 48.45
CA VAL QA 9 -217.98 27.15 48.96
C VAL QA 9 -217.66 25.95 48.06
N ILE QA 10 -218.66 25.15 47.71
CA ILE QA 10 -218.49 24.01 46.80
C ILE QA 10 -217.98 24.46 45.43
N ALA QA 11 -218.51 25.56 44.89
CA ALA QA 11 -218.08 26.09 43.60
C ALA QA 11 -216.61 26.53 43.63
N ILE QA 12 -216.19 27.21 44.69
CA ILE QA 12 -214.83 27.68 44.82
C ILE QA 12 -213.88 26.50 45.10
N ILE QA 13 -214.28 25.49 45.88
CA ILE QA 13 -213.49 24.26 46.03
C ILE QA 13 -213.23 23.62 44.67
N ALA QA 14 -214.25 23.52 43.81
CA ALA QA 14 -214.11 22.95 42.48
C ALA QA 14 -213.09 23.72 41.63
N ILE QA 15 -213.06 25.05 41.74
CA ILE QA 15 -212.08 25.88 41.08
C ILE QA 15 -210.67 25.63 41.63
N LEU QA 16 -210.47 25.73 42.94
CA LEU QA 16 -209.15 25.57 43.52
C LEU QA 16 -208.59 24.15 43.30
N ALA QA 17 -209.43 23.13 43.38
CA ALA QA 17 -209.05 21.75 43.09
C ALA QA 17 -208.57 21.56 41.64
N ALA QA 18 -209.09 22.36 40.70
CA ALA QA 18 -208.72 22.27 39.29
C ALA QA 18 -207.39 22.98 38.99
N VAL QA 19 -207.07 24.10 39.68
CA VAL QA 19 -205.97 24.97 39.29
C VAL QA 19 -204.73 24.85 40.17
N LEU QA 20 -204.87 24.44 41.43
CA LEU QA 20 -203.76 24.44 42.37
C LEU QA 20 -202.94 23.15 42.34
N ILE QA 21 -203.23 22.24 41.40
CA ILE QA 21 -202.51 20.98 41.26
C ILE QA 21 -201.57 21.07 40.05
N PRO QA 22 -200.24 20.83 40.21
CA PRO QA 22 -199.29 20.99 39.10
C PRO QA 22 -199.39 19.83 38.10
N ASN QA 23 -198.84 20.06 36.91
CA ASN QA 23 -198.62 18.98 35.95
C ASN QA 23 -197.52 18.06 36.48
N LEU QA 24 -197.92 16.90 37.03
CA LEU QA 24 -196.97 15.99 37.67
C LEU QA 24 -196.10 15.29 36.63
N LEU QA 25 -196.67 14.97 35.47
CA LEU QA 25 -195.94 14.31 34.40
C LEU QA 25 -194.75 15.15 33.91
N ALA QA 26 -194.97 16.44 33.67
CA ALA QA 26 -193.94 17.35 33.20
C ALA QA 26 -192.80 17.51 34.21
N ALA QA 27 -193.15 17.63 35.49
CA ALA QA 27 -192.17 17.68 36.59
C ALA QA 27 -191.32 16.40 36.63
N ARG QA 28 -191.96 15.23 36.59
CA ARG QA 28 -191.24 13.97 36.63
C ARG QA 28 -190.36 13.78 35.39
N LYS QA 29 -190.76 14.20 34.19
CA LYS QA 29 -189.92 14.12 33.00
C LYS QA 29 -188.55 14.78 33.22
N ARG QA 30 -188.51 16.00 33.78
CA ARG QA 30 -187.27 16.73 33.99
C ARG QA 30 -186.41 16.10 35.10
N ALA QA 31 -187.03 15.57 36.15
CA ALA QA 31 -186.32 14.80 37.15
C ALA QA 31 -185.73 13.52 36.56
N ASN QA 32 -186.49 12.79 35.74
CA ASN QA 32 -186.03 11.57 35.09
C ASN QA 32 -184.83 11.81 34.16
N ASP QA 33 -184.84 12.88 33.37
CA ASP QA 33 -183.68 13.24 32.57
C ASP QA 33 -182.44 13.55 33.42
N THR QA 34 -182.64 14.06 34.65
CA THR QA 34 -181.56 14.30 35.58
C THR QA 34 -180.95 12.99 36.06
N VAL QA 35 -181.78 11.97 36.32
CA VAL QA 35 -181.31 10.64 36.67
C VAL QA 35 -180.44 10.06 35.55
N VAL QA 36 -180.90 10.14 34.30
CA VAL QA 36 -180.15 9.63 33.16
C VAL QA 36 -178.83 10.36 33.01
N THR QA 37 -178.83 11.69 33.09
CA THR QA 37 -177.63 12.50 33.00
C THR QA 37 -176.65 12.12 34.11
N ALA QA 38 -177.12 12.02 35.35
CA ALA QA 38 -176.29 11.65 36.47
C ALA QA 38 -175.70 10.24 36.31
N TYR QA 39 -176.48 9.26 35.85
CA TYR QA 39 -176.00 7.91 35.66
C TYR QA 39 -174.95 7.82 34.55
N LEU QA 40 -175.14 8.55 33.44
CA LEU QA 40 -174.11 8.63 32.41
C LEU QA 40 -172.85 9.34 32.90
N ASN QA 41 -172.95 10.42 33.68
CA ASN QA 41 -171.78 11.03 34.28
C ASN QA 41 -171.02 10.06 35.19
N ASP QA 42 -171.71 9.19 35.94
CA ASP QA 42 -171.07 8.14 36.70
C ASP QA 42 -170.42 7.10 35.80
N ALA QA 43 -171.13 6.60 34.78
CA ALA QA 43 -170.57 5.65 33.82
C ALA QA 43 -169.29 6.19 33.18
N VAL QA 44 -169.23 7.49 32.90
CA VAL QA 44 -168.04 8.16 32.39
C VAL QA 44 -166.87 8.13 33.38
N LYS QA 45 -167.10 8.39 34.68
CA LYS QA 45 -166.07 8.26 35.71
C LYS QA 45 -165.53 6.83 35.75
N PHE QA 46 -166.40 5.84 35.68
CA PHE QA 46 -166.00 4.45 35.75
C PHE QA 46 -165.33 3.97 34.47
N GLN QA 47 -165.68 4.49 33.29
CA GLN QA 47 -164.91 4.23 32.07
C GLN QA 47 -163.47 4.73 32.23
N GLU QA 48 -163.24 5.91 32.80
CA GLU QA 48 -161.89 6.39 33.07
C GLU QA 48 -161.18 5.52 34.11
N MET QA 49 -161.85 5.05 35.16
CA MET QA 49 -161.22 4.14 36.10
C MET QA 49 -160.86 2.80 35.46
N TYR QA 50 -161.72 2.26 34.59
CA TYR QA 50 -161.39 1.04 33.87
C TYR QA 50 -160.21 1.25 32.94
N GLN QA 51 -160.12 2.42 32.31
CA GLN QA 51 -159.00 2.83 31.49
C GLN QA 51 -157.70 2.91 32.30
N ILE QA 52 -157.73 3.36 33.56
CA ILE QA 52 -156.57 3.36 34.46
C ILE QA 52 -156.04 1.94 34.65
N ASP QA 53 -156.92 0.96 34.87
CA ASP QA 53 -156.53 -0.41 35.18
C ASP QA 53 -156.18 -1.24 33.94
N ASN QA 54 -156.81 -0.99 32.77
CA ASN QA 54 -156.79 -1.91 31.65
C ASN QA 54 -156.26 -1.30 30.34
N ASN QA 55 -155.98 0.01 30.31
CA ASN QA 55 -155.55 0.71 29.10
C ASN QA 55 -156.53 0.56 27.93
N SER QA 56 -157.82 0.38 28.22
CA SER QA 56 -158.88 0.23 27.23
C SER QA 56 -160.21 0.57 27.89
N TYR QA 57 -161.27 0.89 27.12
CA TYR QA 57 -162.60 1.08 27.69
C TYR QA 57 -163.42 -0.22 27.69
N THR QA 58 -164.44 -0.30 28.56
CA THR QA 58 -165.28 -1.48 28.66
C THR QA 58 -166.35 -1.49 27.57
N SER QA 59 -166.82 -2.67 27.22
CA SER QA 59 -167.97 -2.70 26.33
C SER QA 59 -169.14 -3.21 27.15
N ASN QA 60 -168.82 -3.78 28.32
CA ASN QA 60 -169.82 -4.40 29.17
C ASN QA 60 -169.99 -3.72 30.52
N GLN QA 61 -171.25 -3.50 30.92
CA GLN QA 61 -171.59 -2.75 32.13
C GLN QA 61 -171.10 -3.43 33.41
N ALA QA 62 -171.01 -4.76 33.44
CA ALA QA 62 -170.61 -5.49 34.64
C ALA QA 62 -169.19 -5.16 35.11
N ALA QA 63 -168.29 -4.81 34.18
CA ALA QA 63 -166.96 -4.34 34.51
C ALA QA 63 -167.02 -3.00 35.24
N LEU QA 64 -167.85 -2.07 34.76
CA LEU QA 64 -168.06 -0.78 35.43
C LEU QA 64 -168.70 -0.97 36.82
N ILE QA 65 -169.67 -1.88 36.93
CA ILE QA 65 -170.30 -2.19 38.22
C ILE QA 65 -169.29 -2.78 39.19
N SER QA 66 -168.39 -3.64 38.71
CA SER QA 66 -167.35 -4.15 39.60
C SER QA 66 -166.53 -3.02 40.21
N LEU QA 67 -166.15 -2.05 39.38
CA LEU QA 67 -165.33 -0.92 39.82
C LEU QA 67 -166.08 0.03 40.76
N GLY QA 68 -167.42 0.01 40.77
CA GLY QA 68 -168.20 0.82 41.71
C GLY QA 68 -169.41 1.55 41.13
N LEU QA 69 -169.68 1.37 39.83
CA LEU QA 69 -170.90 1.97 39.24
C LEU QA 69 -172.12 1.18 39.72
N LYS QA 70 -173.16 1.89 40.15
CA LYS QA 70 -174.35 1.23 40.76
C LYS QA 70 -175.25 0.58 39.70
N SER QA 71 -176.21 -0.21 40.16
CA SER QA 71 -177.20 -0.85 39.26
C SER QA 71 -177.83 0.21 38.36
N THR QA 72 -178.17 -0.14 37.12
CA THR QA 72 -178.89 0.84 36.25
C THR QA 72 -180.15 1.29 36.98
N PRO QA 73 -180.45 2.61 37.05
CA PRO QA 73 -181.61 3.09 37.82
C PRO QA 73 -182.95 2.52 37.36
N ALA QA 74 -183.94 2.47 38.26
CA ALA QA 74 -185.26 1.99 37.88
C ALA QA 74 -185.79 2.74 36.65
N ASN QA 75 -186.33 1.99 35.69
CA ASN QA 75 -186.86 2.49 34.41
C ASN QA 75 -185.82 3.13 33.48
N VAL QA 76 -184.54 3.15 33.85
CA VAL QA 76 -183.47 3.56 32.92
C VAL QA 76 -182.93 2.33 32.20
N THR QA 77 -182.97 2.38 30.87
CA THR QA 77 -182.24 1.43 30.05
C THR QA 77 -180.94 2.07 29.58
N PHE QA 78 -179.82 1.43 29.90
CA PHE QA 78 -178.48 1.88 29.59
C PHE QA 78 -177.78 0.82 28.73
N SER QA 79 -177.05 1.27 27.70
CA SER QA 79 -176.24 0.37 26.90
C SER QA 79 -174.89 1.01 26.57
N ILE QA 80 -173.84 0.19 26.53
CA ILE QA 80 -172.59 0.59 25.93
C ILE QA 80 -172.64 0.08 24.49
N VAL QA 81 -172.80 1.01 23.56
CA VAL QA 81 -173.01 0.70 22.15
C VAL QA 81 -171.74 0.14 21.54
N SER QA 82 -170.60 0.77 21.85
CA SER QA 82 -169.30 0.32 21.37
C SER QA 82 -168.21 0.81 22.30
N ALA QA 83 -167.06 0.14 22.28
CA ALA QA 83 -165.87 0.58 22.99
C ALA QA 83 -164.61 0.02 22.32
N SER QA 84 -163.50 0.70 22.57
CA SER QA 84 -162.20 0.34 22.02
C SER QA 84 -161.12 0.75 23.01
N ALA QA 85 -159.85 0.61 22.62
CA ALA QA 85 -158.74 1.10 23.42
C ALA QA 85 -158.79 2.61 23.65
N ASN QA 86 -159.51 3.35 22.79
CA ASN QA 86 -159.36 4.79 22.69
C ASN QA 86 -160.68 5.57 22.78
N SER QA 87 -161.83 4.90 22.64
CA SER QA 87 -163.13 5.58 22.66
C SER QA 87 -164.23 4.66 23.16
N TYR QA 88 -165.38 5.26 23.52
CA TYR QA 88 -166.60 4.53 23.82
C TYR QA 88 -167.80 5.34 23.31
N CYS QA 89 -168.92 4.66 23.11
CA CYS QA 89 -170.20 5.30 22.98
C CYS QA 89 -171.17 4.60 23.94
N MET QA 90 -171.83 5.38 24.81
CA MET QA 90 -172.86 4.86 25.70
C MET QA 90 -174.16 5.62 25.46
N ILE QA 91 -175.30 4.93 25.58
CA ILE QA 91 -176.62 5.50 25.38
C ILE QA 91 -177.46 5.17 26.61
N ALA QA 92 -178.25 6.12 27.10
CA ALA QA 92 -179.18 5.83 28.20
C ALA QA 92 -180.43 6.69 28.07
N GLY QA 93 -181.54 6.19 28.62
CA GLY QA 93 -182.81 6.89 28.59
C GLY QA 93 -183.75 6.31 29.62
N HIS QA 94 -184.66 7.14 30.12
CA HIS QA 94 -185.67 6.74 31.08
C HIS QA 94 -186.99 6.61 30.33
N SER QA 95 -187.76 5.53 30.52
CA SER QA 95 -188.99 5.33 29.76
C SER QA 95 -189.99 6.50 29.88
N GLY QA 96 -189.88 7.28 30.96
CA GLY QA 96 -190.64 8.51 31.18
C GLY QA 96 -189.79 9.78 31.25
N GLY QA 97 -188.64 9.79 30.56
CA GLY QA 97 -187.87 11.00 30.32
C GLY QA 97 -188.35 11.75 29.09
N THR QA 98 -187.51 12.63 28.52
CA THR QA 98 -187.85 13.29 27.26
C THR QA 98 -187.19 12.60 26.06
N VAL QA 99 -185.85 12.48 26.09
CA VAL QA 99 -185.05 11.99 24.96
C VAL QA 99 -183.95 11.03 25.44
N TRP QA 100 -183.42 10.24 24.53
CA TRP QA 100 -182.21 9.46 24.79
C TRP QA 100 -181.00 10.39 24.94
N PHE QA 101 -180.11 10.05 25.87
CA PHE QA 101 -178.85 10.74 26.08
C PHE QA 101 -177.72 9.84 25.59
N ALA QA 102 -176.66 10.46 25.09
CA ALA QA 102 -175.46 9.78 24.64
C ALA QA 102 -174.25 10.28 25.42
N ALA QA 103 -173.24 9.43 25.57
CA ALA QA 103 -171.97 9.82 26.15
C ALA QA 103 -170.81 9.29 25.30
N THR QA 104 -169.83 10.15 25.02
CA THR QA 104 -168.59 9.79 24.35
C THR QA 104 -167.46 10.58 25.01
N PRO QA 105 -166.18 10.17 24.92
CA PRO QA 105 -165.13 10.87 25.63
C PRO QA 105 -164.80 12.26 25.06
N ASP QA 106 -165.21 12.55 23.81
CA ASP QA 106 -165.02 13.86 23.21
C ASP QA 106 -166.19 14.81 23.48
N LYS QA 107 -167.43 14.38 23.23
CA LYS QA 107 -168.60 15.24 23.36
C LYS QA 107 -169.13 15.31 24.80
N GLY QA 108 -168.63 14.47 25.71
CA GLY QA 108 -169.16 14.40 27.07
C GLY QA 108 -170.54 13.72 27.08
N VAL QA 109 -171.38 14.03 28.08
CA VAL QA 109 -172.76 13.55 28.13
C VAL QA 109 -173.65 14.61 27.51
N TYR QA 110 -174.49 14.23 26.54
CA TYR QA 110 -175.33 15.17 25.82
C TYR QA 110 -176.64 14.52 25.38
N LYS QA 111 -177.68 15.34 25.20
CA LYS QA 111 -178.98 14.82 24.83
C LYS QA 111 -179.09 14.72 23.30
N THR QA 112 -179.70 13.63 22.83
CA THR QA 112 -179.93 13.39 21.40
C THR QA 112 -181.29 13.95 20.97
N ASN QA 113 -181.61 13.86 19.67
CA ASN QA 113 -182.90 14.29 19.16
C ASN QA 113 -183.99 13.21 19.32
N THR QA 114 -183.62 11.98 19.67
CA THR QA 114 -184.52 10.83 19.65
C THR QA 114 -185.34 10.76 20.94
N ALA QA 115 -186.68 10.80 20.83
CA ALA QA 115 -187.56 10.65 21.99
C ALA QA 115 -187.47 9.25 22.61
N VAL QA 116 -187.66 9.14 23.93
CA VAL QA 116 -187.52 7.87 24.64
C VAL QA 116 -188.57 6.82 24.25
N THR QA 117 -189.64 7.26 23.58
CA THR QA 117 -190.69 6.38 23.06
C THR QA 117 -190.26 5.67 21.77
N SER QA 118 -189.31 6.25 21.03
CA SER QA 118 -188.65 5.63 19.89
C SER QA 118 -187.56 4.66 20.36
N SER QA 119 -187.19 3.70 19.52
CA SER QA 119 -186.08 2.78 19.79
C SER QA 119 -184.76 3.54 19.95
N GLN QA 120 -183.87 3.05 20.83
CA GLN QA 120 -182.65 3.77 21.19
C GLN QA 120 -181.72 3.96 20.00
N PRO QA 121 -180.96 5.09 19.93
CA PRO QA 121 -179.93 5.27 18.90
C PRO QA 121 -178.96 4.09 18.85
N GLU QA 122 -178.57 3.73 17.63
CA GLU QA 122 -177.57 2.68 17.39
C GLU QA 122 -176.13 3.20 17.48
N SER QA 123 -175.95 4.53 17.59
CA SER QA 123 -174.66 5.20 17.61
C SER QA 123 -174.80 6.61 18.18
N CYS QA 124 -173.68 7.24 18.55
CA CYS QA 124 -173.60 8.62 19.04
C CYS QA 124 -173.89 9.62 17.91
N PRO QA 125 -174.93 10.48 18.02
CA PRO QA 125 -175.13 11.60 17.11
C PRO QA 125 -174.00 12.66 17.17
N PHE RA 1 -235.65 30.59 55.08
CA PHE RA 1 -234.73 29.53 55.61
C PHE RA 1 -235.46 28.69 56.65
N THR RA 2 -235.39 27.35 56.54
CA THR RA 2 -236.25 26.43 57.27
C THR RA 2 -235.47 25.18 57.72
N LEU RA 3 -236.09 24.33 58.55
CA LEU RA 3 -235.36 23.26 59.20
C LEU RA 3 -234.83 22.22 58.21
N ILE RA 4 -235.56 21.99 57.11
CA ILE RA 4 -235.11 21.08 56.07
C ILE RA 4 -233.88 21.61 55.31
N GLU RA 5 -233.79 22.91 55.02
CA GLU RA 5 -232.58 23.46 54.42
C GLU RA 5 -231.40 23.35 55.39
N LEU RA 6 -231.65 23.59 56.67
CA LEU RA 6 -230.62 23.52 57.69
C LEU RA 6 -230.14 22.08 57.92
N LEU RA 7 -231.02 21.08 57.84
CA LEU RA 7 -230.61 19.68 57.87
C LEU RA 7 -229.80 19.28 56.64
N ILE RA 8 -230.13 19.78 55.45
CA ILE RA 8 -229.31 19.57 54.25
C ILE RA 8 -227.92 20.17 54.44
N VAL RA 9 -227.86 21.40 54.97
CA VAL RA 9 -226.60 22.07 55.24
C VAL RA 9 -225.76 21.27 56.24
N ILE RA 10 -226.35 20.81 57.35
CA ILE RA 10 -225.67 19.96 58.32
C ILE RA 10 -225.18 18.65 57.70
N ALA RA 11 -225.99 18.02 56.85
CA ALA RA 11 -225.64 16.78 56.18
C ALA RA 11 -224.44 16.97 55.25
N ILE RA 12 -224.43 18.06 54.47
CA ILE RA 12 -223.34 18.35 53.55
C ILE RA 12 -222.08 18.78 54.32
N ILE RA 13 -222.19 19.53 55.42
CA ILE RA 13 -221.04 19.82 56.29
C ILE RA 13 -220.40 18.51 56.78
N ALA RA 14 -221.20 17.54 57.21
CA ALA RA 14 -220.69 16.26 57.68
C ALA RA 14 -219.91 15.52 56.58
N ILE RA 15 -220.38 15.60 55.33
CA ILE RA 15 -219.68 15.04 54.18
C ILE RA 15 -218.35 15.77 53.93
N LEU RA 16 -218.37 17.09 53.79
CA LEU RA 16 -217.16 17.84 53.47
C LEU RA 16 -216.12 17.72 54.60
N ALA RA 17 -216.54 17.72 55.86
CA ALA RA 17 -215.66 17.53 57.01
C ALA RA 17 -214.97 16.15 56.99
N ALA RA 18 -215.61 15.13 56.41
CA ALA RA 18 -215.05 13.79 56.33
C ALA RA 18 -214.04 13.63 55.19
N VAL RA 19 -214.23 14.33 54.05
CA VAL RA 19 -213.47 14.05 52.84
C VAL RA 19 -212.38 15.08 52.52
N LEU RA 20 -212.55 16.33 52.97
CA LEU RA 20 -211.63 17.40 52.59
C LEU RA 20 -210.40 17.50 53.49
N ILE RA 21 -210.23 16.57 54.44
CA ILE RA 21 -209.10 16.55 55.36
C ILE RA 21 -208.10 15.47 54.91
N PRO RA 22 -206.81 15.80 54.67
CA PRO RA 22 -205.85 14.81 54.16
C PRO RA 22 -205.40 13.84 55.26
N ASN RA 23 -204.81 12.72 54.84
CA ASN RA 23 -204.11 11.83 55.74
C ASN RA 23 -202.84 12.53 56.22
N LEU RA 24 -202.86 13.06 57.45
CA LEU RA 24 -201.74 13.83 57.98
C LEU RA 24 -200.55 12.93 58.30
N LEU RA 25 -200.82 11.71 58.78
CA LEU RA 25 -199.77 10.76 59.13
C LEU RA 25 -198.90 10.40 57.91
N ALA RA 26 -199.53 10.10 56.78
CA ALA RA 26 -198.85 9.73 55.54
C ALA RA 26 -197.98 10.87 55.02
N ALA RA 27 -198.50 12.11 55.05
CA ALA RA 27 -197.76 13.30 54.67
C ALA RA 27 -196.52 13.49 55.56
N ARG RA 28 -196.68 13.41 56.88
CA ARG RA 28 -195.57 13.58 57.80
C ARG RA 28 -194.53 12.47 57.65
N LYS RA 29 -194.91 11.21 57.38
CA LYS RA 29 -193.95 10.14 57.13
C LYS RA 29 -192.94 10.50 56.03
N ARG RA 30 -193.41 11.02 54.89
CA ARG RA 30 -192.55 11.38 53.76
C ARG RA 30 -191.67 12.58 54.07
N ALA RA 31 -192.18 13.58 54.80
CA ALA RA 31 -191.38 14.68 55.28
C ALA RA 31 -190.29 14.21 56.26
N ASN RA 32 -190.63 13.32 57.19
CA ASN RA 32 -189.71 12.76 58.16
C ASN RA 32 -188.56 12.00 57.49
N ASP RA 33 -188.85 11.17 56.48
CA ASP RA 33 -187.79 10.51 55.71
C ASP RA 33 -186.88 11.50 55.00
N THR RA 34 -187.39 12.67 54.62
CA THR RA 34 -186.60 13.73 54.02
C THR RA 34 -185.63 14.33 55.04
N VAL RA 35 -186.07 14.51 56.29
CA VAL RA 35 -185.20 14.96 57.37
C VAL RA 35 -184.05 13.97 57.58
N VAL RA 36 -184.34 12.68 57.65
CA VAL RA 36 -183.32 11.65 57.84
C VAL RA 36 -182.34 11.65 56.68
N THR RA 37 -182.83 11.67 55.44
CA THR RA 37 -181.99 11.71 54.26
C THR RA 37 -181.09 12.94 54.28
N ALA RA 38 -181.65 14.12 54.56
CA ALA RA 38 -180.89 15.36 54.63
C ALA RA 38 -179.82 15.32 55.73
N TYR RA 39 -180.15 14.78 56.91
CA TYR RA 39 -179.19 14.69 58.00
C TYR RA 39 -178.05 13.72 57.69
N LEU RA 40 -178.33 12.58 57.06
CA LEU RA 40 -177.28 11.68 56.60
C LEU RA 40 -176.43 12.30 55.49
N ASN RA 41 -177.01 13.04 54.54
CA ASN RA 41 -176.22 13.76 53.56
C ASN RA 41 -175.28 14.79 54.21
N ASP RA 42 -175.71 15.46 55.28
CA ASP RA 42 -174.84 16.33 56.04
C ASP RA 42 -173.75 15.55 56.78
N ALA RA 43 -174.11 14.47 57.48
CA ALA RA 43 -173.13 13.62 58.15
C ALA RA 43 -172.05 13.13 57.17
N VAL RA 44 -172.42 12.81 55.93
CA VAL RA 44 -171.49 12.44 54.88
C VAL RA 44 -170.53 13.57 54.51
N LYS RA 45 -171.00 14.82 54.37
CA LYS RA 45 -170.13 15.97 54.14
C LYS RA 45 -169.12 16.12 55.27
N PHE RA 46 -169.57 15.97 56.52
CA PHE RA 46 -168.70 16.13 57.67
C PHE RA 46 -167.75 14.96 57.86
N GLN RA 47 -168.12 13.73 57.48
CA GLN RA 47 -167.16 12.63 57.42
C GLN RA 47 -166.02 12.95 56.44
N GLU RA 48 -166.31 13.51 55.26
CA GLU RA 48 -165.26 13.93 54.34
C GLU RA 48 -164.41 15.07 54.92
N MET RA 49 -165.01 16.04 55.62
CA MET RA 49 -164.22 17.09 56.26
C MET RA 49 -163.33 16.54 57.38
N TYR RA 50 -163.82 15.58 58.17
CA TYR RA 50 -162.99 14.95 59.18
C TYR RA 50 -161.85 14.16 58.54
N GLN RA 51 -162.11 13.51 57.40
CA GLN RA 51 -161.11 12.83 56.61
C GLN RA 51 -160.04 13.80 56.08
N ILE RA 52 -160.39 15.03 55.70
CA ILE RA 52 -159.43 16.06 55.30
C ILE RA 52 -158.46 16.36 56.44
N ASP RA 53 -158.95 16.50 57.67
CA ASP RA 53 -158.14 16.89 58.81
C ASP RA 53 -157.36 15.73 59.45
N ASN RA 54 -157.89 14.49 59.42
CA ASN RA 54 -157.39 13.41 60.25
C ASN RA 54 -156.96 12.16 59.47
N ASN RA 55 -157.16 12.12 58.15
CA ASN RA 55 -156.86 10.95 57.32
C ASN RA 55 -157.56 9.67 57.79
N SER RA 56 -158.74 9.81 58.43
CA SER RA 56 -159.53 8.69 58.92
C SER RA 56 -160.98 9.17 59.09
N TYR RA 57 -161.96 8.28 59.16
CA TYR RA 57 -163.34 8.66 59.47
C TYR RA 57 -163.64 8.60 60.97
N THR RA 58 -164.65 9.33 61.42
CA THR RA 58 -165.03 9.37 62.83
C THR RA 58 -165.88 8.15 63.19
N SER RA 59 -165.85 7.78 64.47
CA SER RA 59 -166.79 6.76 64.89
C SER RA 59 -167.79 7.44 65.80
N ASN RA 60 -167.45 8.66 66.24
CA ASN RA 60 -168.27 9.39 67.19
C ASN RA 60 -168.83 10.69 66.64
N GLN RA 61 -170.12 10.93 66.88
CA GLN RA 61 -170.86 12.05 66.34
C GLN RA 61 -170.33 13.41 66.81
N ALA RA 62 -169.77 13.49 68.02
CA ALA RA 62 -169.30 14.76 68.58
C ALA RA 62 -168.16 15.38 67.77
N ALA RA 63 -167.34 14.56 67.11
CA ALA RA 63 -166.31 15.05 66.21
C ALA RA 63 -166.94 15.71 64.97
N LEU RA 64 -167.98 15.11 64.39
CA LEU RA 64 -168.71 15.72 63.28
C LEU RA 64 -169.41 17.01 63.71
N ILE RA 65 -170.01 17.05 64.91
CA ILE RA 65 -170.64 18.24 65.45
C ILE RA 65 -169.61 19.35 65.66
N SER RA 66 -168.42 19.01 66.13
CA SER RA 66 -167.39 20.03 66.26
C SER RA 66 -167.11 20.71 64.92
N LEU RA 67 -166.99 19.91 63.85
CA LEU RA 67 -166.71 20.41 62.51
C LEU RA 67 -167.85 21.23 61.91
N GLY RA 68 -169.08 21.06 62.40
CA GLY RA 68 -170.21 21.87 61.94
C GLY RA 68 -171.52 21.12 61.68
N LEU RA 69 -171.54 19.81 61.94
CA LEU RA 69 -172.81 19.05 61.79
C LEU RA 69 -173.72 19.40 62.97
N LYS RA 70 -174.99 19.68 62.69
CA LYS RA 70 -175.93 20.15 63.74
C LYS RA 70 -176.39 19.02 64.65
N SER RA 71 -177.07 19.37 65.75
CA SER RA 71 -177.64 18.37 66.68
C SER RA 71 -178.48 17.37 65.89
N THR RA 72 -178.52 16.10 66.33
CA THR RA 72 -179.41 15.13 65.65
C THR RA 72 -180.84 15.68 65.69
N PRO RA 73 -181.59 15.67 64.57
CA PRO RA 73 -182.94 16.27 64.54
C PRO RA 73 -183.92 15.67 65.55
N ALA RA 74 -184.93 16.44 65.96
CA ALA RA 74 -185.93 15.92 66.88
C ALA RA 74 -186.53 14.61 66.34
N ASN RA 75 -186.64 13.61 67.22
CA ASN RA 75 -187.15 12.26 66.92
C ASN RA 75 -186.30 11.44 65.94
N VAL RA 76 -185.16 11.97 65.46
CA VAL RA 76 -184.22 11.17 64.69
C VAL RA 76 -183.17 10.57 65.63
N THR RA 77 -183.06 9.24 65.58
CA THR RA 77 -181.94 8.54 66.18
C THR RA 77 -180.90 8.22 65.11
N PHE RA 78 -179.68 8.70 65.32
CA PHE RA 78 -178.56 8.55 64.41
C PHE RA 78 -177.44 7.81 65.14
N SER RA 79 -176.78 6.87 64.45
CA SER RA 79 -175.62 6.20 64.98
C SER RA 79 -174.55 6.01 63.90
N ILE RA 80 -173.28 6.14 64.30
CA ILE RA 80 -172.19 5.69 63.46
C ILE RA 80 -171.87 4.27 63.93
N VAL RA 81 -172.22 3.29 63.10
CA VAL RA 81 -172.14 1.88 63.44
C VAL RA 81 -170.68 1.45 63.50
N SER RA 82 -169.89 1.88 62.51
CA SER RA 82 -168.47 1.59 62.46
C SER RA 82 -167.75 2.64 61.63
N ALA RA 83 -166.44 2.77 61.84
CA ALA RA 83 -165.60 3.61 61.01
C ALA RA 83 -164.15 3.13 61.08
N SER RA 84 -163.39 3.48 60.05
CA SER RA 84 -161.99 3.12 59.93
C SER RA 84 -161.25 4.21 59.16
N ALA RA 85 -159.98 3.99 58.84
CA ALA RA 85 -159.22 4.91 58.01
C ALA RA 85 -159.84 5.09 56.62
N ASN RA 86 -160.66 4.13 56.16
CA ASN RA 86 -161.03 4.00 54.75
C ASN RA 86 -162.54 3.90 54.50
N SER RA 87 -163.35 3.64 55.54
CA SER RA 87 -164.78 3.47 55.36
C SER RA 87 -165.56 3.87 56.63
N TYR RA 88 -166.87 4.06 56.49
CA TYR RA 88 -167.78 4.22 57.61
C TYR RA 88 -169.10 3.54 57.26
N CYS RA 89 -169.88 3.22 58.30
CA CYS RA 89 -171.29 2.93 58.16
C CYS RA 89 -172.05 3.77 59.16
N MET RA 90 -173.05 4.54 58.70
CA MET RA 90 -173.93 5.31 59.55
C MET RA 90 -175.37 4.88 59.32
N ILE RA 91 -176.19 4.88 60.38
CA ILE RA 91 -177.60 4.50 60.30
C ILE RA 91 -178.41 5.63 60.94
N ALA RA 92 -179.55 5.98 60.33
CA ALA RA 92 -180.44 6.95 60.95
C ALA RA 92 -181.89 6.65 60.60
N GLY RA 93 -182.81 7.08 61.47
CA GLY RA 93 -184.22 6.86 61.27
C GLY RA 93 -185.03 7.78 62.17
N HIS RA 94 -186.23 8.15 61.71
CA HIS RA 94 -187.14 8.97 62.48
C HIS RA 94 -188.23 8.08 63.05
N SER RA 95 -188.59 8.20 64.33
CA SER RA 95 -189.56 7.30 64.95
C SER RA 95 -190.91 7.25 64.23
N GLY RA 96 -191.22 8.32 63.46
CA GLY RA 96 -192.39 8.41 62.60
C GLY RA 96 -192.06 8.54 61.11
N GLY RA 97 -190.92 8.00 60.67
CA GLY RA 97 -190.60 7.83 59.26
C GLY RA 97 -191.16 6.52 58.72
N THR RA 98 -190.61 6.03 57.59
CA THR RA 98 -191.00 4.72 57.07
C THR RA 98 -190.00 3.65 57.46
N VAL RA 99 -188.72 3.84 57.09
CA VAL RA 99 -187.66 2.84 57.25
C VAL RA 99 -186.37 3.47 57.76
N TRP RA 100 -185.46 2.66 58.29
CA TRP RA 100 -184.10 3.09 58.59
C TRP RA 100 -183.34 3.37 57.30
N PHE RA 101 -182.51 4.42 57.31
CA PHE RA 101 -181.61 4.75 56.23
C PHE RA 101 -180.18 4.43 56.65
N ALA RA 102 -179.36 4.05 55.67
CA ALA RA 102 -177.95 3.77 55.88
C ALA RA 102 -177.12 4.69 54.99
N ALA RA 103 -175.90 4.98 55.43
CA ALA RA 103 -174.92 5.70 54.61
C ALA RA 103 -173.56 5.04 54.69
N THR RA 104 -172.92 4.84 53.53
CA THR RA 104 -171.56 4.34 53.41
C THR RA 104 -170.88 5.11 52.28
N PRO RA 105 -169.54 5.19 52.21
CA PRO RA 105 -168.91 6.01 51.19
C PRO RA 105 -169.01 5.44 49.77
N ASP RA 106 -169.34 4.15 49.61
CA ASP RA 106 -169.56 3.54 48.32
C ASP RA 106 -171.02 3.64 47.85
N LYS RA 107 -171.98 3.24 48.69
CA LYS RA 107 -173.39 3.20 48.31
C LYS RA 107 -174.08 4.56 48.45
N GLY RA 108 -173.44 5.55 49.08
CA GLY RA 108 -174.08 6.83 49.37
C GLY RA 108 -175.11 6.70 50.48
N VAL RA 109 -176.12 7.57 50.51
CA VAL RA 109 -177.24 7.46 51.45
C VAL RA 109 -178.37 6.70 50.77
N TYR RA 110 -178.89 5.66 51.42
CA TYR RA 110 -179.91 4.80 50.82
C TYR RA 110 -180.83 4.23 51.88
N LYS RA 111 -182.07 3.89 51.49
CA LYS RA 111 -183.04 3.36 52.43
C LYS RA 111 -182.90 1.85 52.54
N THR RA 112 -183.02 1.33 53.77
CA THR RA 112 -182.96 -0.09 54.06
C THR RA 112 -184.37 -0.70 54.01
N ASN RA 113 -184.47 -2.04 54.17
CA ASN RA 113 -185.76 -2.72 54.23
C ASN RA 113 -186.40 -2.67 55.62
N THR RA 114 -185.65 -2.23 56.66
CA THR RA 114 -186.08 -2.33 58.05
C THR RA 114 -186.98 -1.16 58.44
N ALA RA 115 -188.22 -1.43 58.87
CA ALA RA 115 -189.14 -0.39 59.34
C ALA RA 115 -188.63 0.28 60.62
N VAL RA 116 -188.93 1.58 60.82
CA VAL RA 116 -188.44 2.33 61.97
C VAL RA 116 -188.98 1.83 63.32
N THR RA 117 -190.05 1.03 63.29
CA THR RA 117 -190.64 0.40 64.46
C THR RA 117 -189.83 -0.80 64.95
N SER RA 118 -189.06 -1.43 64.06
CA SER RA 118 -188.08 -2.45 64.39
C SER RA 118 -186.79 -1.83 64.91
N SER RA 119 -185.99 -2.59 65.66
CA SER RA 119 -184.68 -2.15 66.12
C SER RA 119 -183.74 -1.85 64.95
N GLN RA 120 -182.86 -0.85 65.09
CA GLN RA 120 -182.04 -0.37 63.99
C GLN RA 120 -181.08 -1.44 63.47
N PRO RA 121 -180.78 -1.45 62.16
CA PRO RA 121 -179.76 -2.33 61.59
C PRO RA 121 -178.43 -2.23 62.34
N GLU RA 122 -177.78 -3.39 62.52
CA GLU RA 122 -176.46 -3.47 63.13
C GLU RA 122 -175.32 -3.21 62.14
N SER RA 123 -175.65 -3.11 60.84
CA SER RA 123 -174.69 -2.96 59.75
C SER RA 123 -175.40 -2.45 58.49
N CYS RA 124 -174.63 -1.97 57.51
CA CYS RA 124 -175.11 -1.52 56.20
C CYS RA 124 -175.59 -2.70 55.36
N PRO RA 125 -176.88 -2.74 54.92
CA PRO RA 125 -177.33 -3.71 53.93
C PRO RA 125 -176.68 -3.54 52.54
N PHE SA 1 -244.94 26.05 58.46
CA PHE SA 1 -243.78 26.72 59.12
C PHE SA 1 -244.29 27.69 60.19
N THR SA 2 -243.73 27.61 61.41
CA THR SA 2 -244.29 28.26 62.60
C THR SA 2 -243.18 28.83 63.49
N LEU SA 3 -243.56 29.59 64.52
CA LEU SA 3 -242.58 30.36 65.28
C LEU SA 3 -241.59 29.46 66.04
N ILE SA 4 -242.05 28.29 66.49
CA ILE SA 4 -241.18 27.34 67.16
C ILE SA 4 -240.13 26.73 66.22
N GLU SA 5 -240.48 26.42 64.95
CA GLU SA 5 -239.48 25.96 64.00
C GLU SA 5 -238.47 27.06 63.71
N LEU SA 6 -238.95 28.30 63.60
CA LEU SA 6 -238.09 29.44 63.32
C LEU SA 6 -237.16 29.77 64.49
N LEU SA 7 -237.61 29.60 65.74
CA LEU SA 7 -236.74 29.72 66.90
C LEU SA 7 -235.69 28.61 66.96
N ILE SA 8 -236.03 27.37 66.59
CA ILE SA 8 -235.05 26.29 66.46
C ILE SA 8 -233.99 26.63 65.41
N VAL SA 9 -234.43 27.12 64.26
CA VAL SA 9 -233.55 27.55 63.19
C VAL SA 9 -232.60 28.65 63.66
N ILE SA 10 -233.12 29.69 64.33
CA ILE SA 10 -232.32 30.76 64.89
C ILE SA 10 -231.32 30.24 65.92
N ALA SA 11 -231.75 29.32 66.80
CA ALA SA 11 -230.88 28.72 67.81
C ALA SA 11 -229.73 27.94 67.19
N ILE SA 12 -230.00 27.15 66.14
CA ILE SA 12 -228.99 26.36 65.46
C ILE SA 12 -228.07 27.26 64.64
N ILE SA 13 -228.57 28.33 63.99
CA ILE SA 13 -227.73 29.32 63.34
C ILE SA 13 -226.73 29.91 64.33
N ALA SA 14 -227.17 30.27 65.54
CA ALA SA 14 -226.31 30.83 66.57
C ALA SA 14 -225.19 29.86 66.96
N ILE SA 15 -225.48 28.56 67.02
CA ILE SA 15 -224.50 27.52 67.26
C ILE SA 15 -223.50 27.41 66.12
N LEU SA 16 -223.97 27.24 64.88
CA LEU SA 16 -223.08 27.06 63.75
C LEU SA 16 -222.21 28.30 63.50
N ALA SA 17 -222.76 29.50 63.68
CA ALA SA 17 -222.01 30.75 63.58
C ALA SA 17 -220.88 30.85 64.61
N ALA SA 18 -221.05 30.22 65.78
CA ALA SA 18 -220.04 30.25 66.83
C ALA SA 18 -218.89 29.24 66.59
N VAL SA 19 -219.19 28.08 65.99
CA VAL SA 19 -218.23 26.97 65.96
C VAL SA 19 -217.56 26.76 64.60
N LEU SA 20 -218.20 27.17 63.50
CA LEU SA 20 -217.69 26.87 62.16
C LEU SA 20 -216.70 27.93 61.65
N ILE SA 21 -216.32 28.90 62.49
CA ILE SA 21 -215.38 29.95 62.11
C ILE SA 21 -214.02 29.66 62.77
N PRO SA 22 -212.91 29.57 61.98
CA PRO SA 22 -211.61 29.21 62.56
C PRO SA 22 -210.98 30.37 63.31
N ASN SA 23 -209.99 30.06 64.15
CA ASN SA 23 -209.13 31.06 64.76
C ASN SA 23 -208.25 31.68 63.66
N LEU SA 24 -208.62 32.89 63.20
CA LEU SA 24 -207.93 33.52 62.09
C LEU SA 24 -206.55 34.01 62.51
N LEU SA 25 -206.42 34.49 63.76
CA LEU SA 25 -205.15 34.98 64.28
C LEU SA 25 -204.07 33.89 64.28
N ALA SA 26 -204.41 32.69 64.77
CA ALA SA 26 -203.49 31.57 64.84
C ALA SA 26 -203.02 31.12 63.45
N ALA SA 27 -203.95 31.06 62.49
CA ALA SA 27 -203.64 30.75 61.10
C ALA SA 27 -202.67 31.77 60.50
N ARG SA 28 -202.95 33.07 60.66
CA ARG SA 28 -202.10 34.11 60.13
C ARG SA 28 -200.72 34.12 60.79
N LYS SA 29 -200.59 33.83 62.10
CA LYS SA 29 -199.29 33.73 62.75
C LYS SA 29 -198.35 32.76 62.03
N ARG SA 30 -198.83 31.55 61.68
CA ARG SA 30 -198.02 30.54 61.02
C ARG SA 30 -197.67 30.91 59.58
N ALA SA 31 -198.59 31.55 58.85
CA ALA SA 31 -198.30 32.10 57.55
C ALA SA 31 -197.25 33.21 57.63
N ASN SA 32 -197.37 34.12 58.60
CA ASN SA 32 -196.42 35.21 58.81
C ASN SA 32 -195.01 34.71 59.11
N ASP SA 33 -194.85 33.69 59.95
CA ASP SA 33 -193.54 33.08 60.18
C ASP SA 33 -192.96 32.45 58.91
N THR SA 34 -193.81 31.98 57.99
CA THR SA 34 -193.37 31.46 56.71
C THR SA 34 -192.82 32.58 55.83
N VAL SA 35 -193.44 33.76 55.84
CA VAL SA 35 -192.93 34.93 55.13
C VAL SA 35 -191.54 35.31 55.65
N VAL SA 36 -191.35 35.37 56.97
CA VAL SA 36 -190.08 35.71 57.56
C VAL SA 36 -189.02 34.67 57.19
N THR SA 37 -189.34 33.38 57.32
CA THR SA 37 -188.42 32.32 56.96
C THR SA 37 -188.02 32.41 55.49
N ALA SA 38 -188.99 32.60 54.59
CA ALA SA 38 -188.74 32.74 53.17
C ALA SA 38 -187.88 33.96 52.85
N TYR SA 39 -188.13 35.11 53.49
CA TYR SA 39 -187.35 36.31 53.26
C TYR SA 39 -185.91 36.15 53.74
N LEU SA 40 -185.68 35.52 54.90
CA LEU SA 40 -184.34 35.22 55.36
C LEU SA 40 -183.63 34.21 54.45
N ASN SA 41 -184.31 33.17 53.95
CA ASN SA 41 -183.72 32.28 52.98
C ASN SA 41 -183.30 33.02 51.69
N ASP SA 42 -184.07 34.01 51.25
CA ASP SA 42 -183.66 34.85 50.13
C ASP SA 42 -182.46 35.74 50.49
N ALA SA 43 -182.49 36.41 51.64
CA ALA SA 43 -181.37 37.22 52.10
C ALA SA 43 -180.07 36.41 52.16
N VAL SA 44 -180.15 35.13 52.55
CA VAL SA 44 -179.02 34.21 52.56
C VAL SA 44 -178.49 33.93 51.15
N LYS SA 45 -179.36 33.71 50.14
CA LYS SA 45 -178.93 33.55 48.75
C LYS SA 45 -178.19 34.80 48.28
N PHE SA 46 -178.71 35.98 48.60
CA PHE SA 46 -178.11 37.23 48.18
C PHE SA 46 -176.82 37.56 48.93
N GLN SA 47 -176.69 37.17 50.20
CA GLN SA 47 -175.41 37.25 50.88
C GLN SA 47 -174.34 36.43 50.16
N GLU SA 48 -174.66 35.21 49.72
CA GLU SA 48 -173.72 34.41 48.93
C GLU SA 48 -173.42 35.06 47.57
N MET SA 49 -174.40 35.65 46.90
CA MET SA 49 -174.12 36.36 45.65
C MET SA 49 -173.24 37.60 45.87
N TYR SA 50 -173.44 38.34 46.95
CA TYR SA 50 -172.58 39.46 47.27
C TYR SA 50 -171.17 38.99 47.59
N GLN SA 51 -171.04 37.85 48.26
CA GLN SA 51 -169.76 37.19 48.53
C GLN SA 51 -169.05 36.78 47.24
N ILE SA 52 -169.77 36.32 46.20
CA ILE SA 52 -169.20 36.03 44.89
C ILE SA 52 -168.54 37.27 44.28
N ASP SA 53 -169.21 38.42 44.36
CA ASP SA 53 -168.74 39.65 43.72
C ASP SA 53 -167.67 40.40 44.54
N ASN SA 54 -167.73 40.34 45.88
CA ASN SA 54 -166.97 41.26 46.74
C ASN SA 54 -166.04 40.56 47.74
N ASN SA 55 -166.04 39.23 47.81
CA ASN SA 55 -165.25 38.48 48.78
C ASN SA 55 -165.50 38.88 50.24
N SER SA 56 -166.72 39.37 50.54
CA SER SA 56 -167.12 39.79 51.88
C SER SA 56 -168.65 39.77 51.95
N TYR SA 57 -169.26 39.74 53.15
CA TYR SA 57 -170.70 39.86 53.28
C TYR SA 57 -171.15 41.31 53.47
N THR SA 58 -172.40 41.62 53.16
CA THR SA 58 -172.94 42.96 53.29
C THR SA 58 -173.34 43.26 54.73
N SER SA 59 -173.33 44.54 55.10
CA SER SA 59 -173.90 44.86 56.40
C SER SA 59 -175.17 45.61 56.13
N ASN SA 60 -175.35 46.07 54.89
CA ASN SA 60 -176.47 46.90 54.51
C ASN SA 60 -177.40 46.25 53.49
N GLN SA 61 -178.71 46.32 53.73
CA GLN SA 61 -179.73 45.66 52.93
C GLN SA 61 -179.77 46.17 51.49
N ALA SA 62 -179.43 47.43 51.23
CA ALA SA 62 -179.52 48.01 49.90
C ALA SA 62 -178.59 47.34 48.89
N ALA SA 63 -177.45 46.80 49.35
CA ALA SA 63 -176.56 46.02 48.51
C ALA SA 63 -177.23 44.71 48.08
N LEU SA 64 -177.91 44.02 49.00
CA LEU SA 64 -178.66 42.81 48.68
C LEU SA 64 -179.82 43.12 47.72
N ILE SA 65 -180.53 44.23 47.94
CA ILE SA 65 -181.61 44.65 47.05
C ILE SA 65 -181.08 44.96 45.66
N SER SA 66 -179.91 45.58 45.55
CA SER SA 66 -179.33 45.81 44.24
C SER SA 66 -179.15 44.50 43.48
N LEU SA 67 -178.64 43.48 44.16
CA LEU SA 67 -178.37 42.18 43.56
C LEU SA 67 -179.66 41.42 43.20
N GLY SA 68 -180.80 41.76 43.80
CA GLY SA 68 -182.07 41.14 43.43
C GLY SA 68 -182.99 40.74 44.59
N LEU SA 69 -182.57 41.02 45.83
CA LEU SA 69 -183.46 40.74 46.99
C LEU SA 69 -184.57 41.79 47.00
N LYS SA 70 -185.81 41.34 47.20
CA LYS SA 70 -186.98 42.27 47.11
C LYS SA 70 -187.12 43.14 48.36
N SER SA 71 -188.01 44.13 48.29
CA SER SA 71 -188.30 45.01 49.45
C SER SA 71 -188.62 44.15 50.67
N THR SA 72 -188.26 44.60 51.87
CA THR SA 72 -188.66 43.86 53.09
C THR SA 72 -190.18 43.70 53.08
N PRO SA 73 -190.74 42.50 53.33
CA PRO SA 73 -192.18 42.29 53.25
C PRO SA 73 -193.01 43.18 54.18
N ALA SA 74 -194.28 43.45 53.83
CA ALA SA 74 -195.13 44.25 54.70
C ALA SA 74 -195.16 43.68 56.12
N ASN SA 75 -195.01 44.55 57.12
CA ASN SA 75 -194.96 44.23 58.55
C ASN SA 75 -193.76 43.38 58.98
N VAL SA 76 -192.83 43.04 58.09
CA VAL SA 76 -191.58 42.40 58.48
C VAL SA 76 -190.51 43.48 58.69
N THR SA 77 -189.93 43.48 59.89
CA THR SA 77 -188.71 44.23 60.15
C THR SA 77 -187.52 43.31 60.06
N PHE SA 78 -186.58 43.66 59.18
CA PHE SA 78 -185.38 42.90 58.91
C PHE SA 78 -184.16 43.78 59.21
N SER SA 79 -183.14 43.20 59.83
CA SER SA 79 -181.88 43.89 60.06
C SER SA 79 -180.69 42.94 59.83
N ILE SA 80 -179.61 43.49 59.27
CA ILE SA 80 -178.33 42.81 59.28
C ILE SA 80 -177.60 43.34 60.50
N VAL SA 81 -177.47 42.50 61.53
CA VAL SA 81 -176.94 42.88 62.82
C VAL SA 81 -175.44 43.13 62.71
N SER SA 82 -174.74 42.24 62.01
CA SER SA 82 -173.31 42.38 61.77
C SER SA 82 -172.91 41.61 60.52
N ALA SA 83 -171.77 41.98 59.94
CA ALA SA 83 -171.18 41.25 58.83
C ALA SA 83 -169.68 41.50 58.77
N SER SA 84 -168.96 40.56 58.14
CA SER SA 84 -167.52 40.61 57.98
C SER SA 84 -167.15 39.92 56.68
N ALA SA 85 -165.85 39.77 56.43
CA ALA SA 85 -165.37 39.01 55.28
C ALA SA 85 -165.83 37.55 55.31
N ASN SA 86 -166.20 37.02 56.49
CA ASN SA 86 -166.32 35.58 56.71
C ASN SA 86 -167.65 35.16 57.33
N SER SA 87 -168.43 36.09 57.89
CA SER SA 87 -169.68 35.74 58.55
C SER SA 87 -170.69 36.89 58.48
N TYR SA 88 -171.96 36.58 58.76
CA TYR SA 88 -173.01 37.58 58.96
C TYR SA 88 -173.94 37.09 60.07
N CYS SA 89 -174.68 38.03 60.66
CA CYS SA 89 -175.85 37.73 61.43
C CYS SA 89 -176.99 38.61 60.93
N MET SA 90 -178.13 38.00 60.58
CA MET SA 90 -179.33 38.72 60.18
C MET SA 90 -180.48 38.33 61.10
N ILE SA 91 -181.37 39.26 61.40
CA ILE SA 91 -182.53 39.04 62.26
C ILE SA 91 -183.76 39.53 61.51
N ALA SA 92 -184.87 38.79 61.58
CA ALA SA 92 -186.12 39.27 61.00
C ALA SA 92 -187.31 38.75 61.79
N GLY SA 93 -188.42 39.49 61.73
CA GLY SA 93 -189.63 39.11 62.44
C GLY SA 93 -190.81 39.90 61.88
N HIS SA 94 -191.99 39.29 61.96
CA HIS SA 94 -193.24 39.91 61.53
C HIS SA 94 -193.99 40.37 62.76
N SER SA 95 -194.52 41.59 62.80
CA SER SA 95 -195.18 42.10 64.00
C SER SA 95 -196.32 41.22 64.50
N GLY SA 96 -196.90 40.40 63.61
CA GLY SA 96 -197.91 39.40 63.92
C GLY SA 96 -197.47 37.96 63.64
N GLY SA 97 -196.16 37.67 63.74
CA GLY SA 97 -195.63 36.32 63.75
C GLY SA 97 -195.62 35.74 65.17
N THR SA 98 -194.79 34.70 65.40
CA THR SA 98 -194.62 34.16 66.76
C THR SA 98 -193.35 34.70 67.41
N VAL SA 99 -192.19 34.49 66.76
CA VAL SA 99 -190.88 34.81 67.33
C VAL SA 99 -189.98 35.45 66.28
N TRP SA 100 -188.91 36.12 66.74
CA TRP SA 100 -187.84 36.57 65.86
C TRP SA 100 -187.08 35.36 65.30
N PHE SA 101 -186.68 35.47 64.02
CA PHE SA 101 -185.83 34.49 63.37
C PHE SA 101 -184.45 35.09 63.17
N ALA SA 102 -183.43 34.23 63.21
CA ALA SA 102 -182.05 34.62 62.97
C ALA SA 102 -181.50 33.82 61.80
N ALA SA 103 -180.51 34.40 61.10
CA ALA SA 103 -179.78 33.69 60.06
C ALA SA 103 -178.28 33.95 60.20
N THR SA 104 -177.48 32.89 60.13
CA THR SA 104 -176.03 32.95 60.11
C THR SA 104 -175.53 31.89 59.12
N PRO SA 105 -174.31 31.98 58.57
CA PRO SA 105 -173.89 31.02 57.56
C PRO SA 105 -173.61 29.62 58.10
N ASP SA 106 -173.43 29.46 59.42
CA ASP SA 106 -173.25 28.16 60.04
C ASP SA 106 -174.59 27.51 60.46
N LYS SA 107 -175.44 28.24 61.19
CA LYS SA 107 -176.68 27.68 61.71
C LYS SA 107 -177.83 27.70 60.70
N GLY SA 108 -177.67 28.38 59.56
CA GLY SA 108 -178.75 28.56 58.60
C GLY SA 108 -179.79 29.55 59.12
N VAL SA 109 -181.05 29.43 58.66
CA VAL SA 109 -182.15 30.23 59.18
C VAL SA 109 -182.85 29.43 60.28
N TYR SA 110 -183.03 30.03 61.45
CA TYR SA 110 -183.60 29.34 62.60
C TYR SA 110 -184.38 30.29 63.49
N LYS SA 111 -185.36 29.75 64.23
CA LYS SA 111 -186.19 30.58 65.09
C LYS SA 111 -185.53 30.75 66.46
N THR SA 112 -185.62 31.96 67.00
CA THR SA 112 -185.09 32.29 68.33
C THR SA 112 -186.17 32.08 69.41
N ASN SA 113 -185.80 32.26 70.68
CA ASN SA 113 -186.76 32.19 71.78
C ASN SA 113 -187.54 33.48 72.00
N THR SA 114 -187.14 34.59 71.33
CA THR SA 114 -187.68 35.92 71.62
C THR SA 114 -188.97 36.16 70.85
N ALA SA 115 -190.08 36.45 71.55
CA ALA SA 115 -191.35 36.77 70.92
C ALA SA 115 -191.29 38.09 70.13
N VAL SA 116 -192.05 38.22 69.04
CA VAL SA 116 -192.00 39.41 68.18
C VAL SA 116 -192.50 40.69 68.87
N THR SA 117 -193.20 40.53 70.00
CA THR SA 117 -193.67 41.65 70.82
C THR SA 117 -192.55 42.27 71.66
N SER SA 118 -191.50 41.49 71.96
CA SER SA 118 -190.27 41.97 72.58
C SER SA 118 -189.37 42.63 71.53
N SER SA 119 -188.44 43.49 71.98
CA SER SA 119 -187.45 44.10 71.11
C SER SA 119 -186.54 43.04 70.47
N GLN SA 120 -186.09 43.27 69.23
CA GLN SA 120 -185.37 42.27 68.46
C GLN SA 120 -184.04 41.89 69.11
N PRO SA 121 -183.59 40.62 68.99
CA PRO SA 121 -182.26 40.22 69.44
C PRO SA 121 -181.16 41.12 68.89
N GLU SA 122 -180.17 41.41 69.73
CA GLU SA 122 -178.99 42.19 69.36
C GLU SA 122 -177.90 41.34 68.69
N SER SA 123 -178.08 40.00 68.69
CA SER SA 123 -177.12 39.03 68.17
C SER SA 123 -177.80 37.67 67.93
N CYS SA 124 -177.14 36.79 67.18
CA CYS SA 124 -177.58 35.43 66.90
C CYS SA 124 -177.49 34.55 68.16
N PRO SA 125 -178.62 33.97 68.65
CA PRO SA 125 -178.58 32.94 69.69
C PRO SA 125 -177.86 31.64 69.28
O5 A2G TA . -45.42 31.56 -4.59
C1 A2G TA . -44.56 31.09 -3.55
C2 A2G TA . -43.34 32.00 -3.36
N2 A2G TA . -42.70 31.64 -2.12
C3 A2G TA . -43.69 33.52 -3.42
O3 A2G TA . -42.49 34.29 -3.72
C4 A2G TA . -44.82 33.87 -4.41
O4 A2G TA . -44.39 33.96 -5.78
C5 A2G TA . -45.96 32.85 -4.32
C6 A2G TA . -47.05 33.15 -5.34
O6 A2G TA . -47.95 32.05 -5.43
C7 A2G TA . -42.26 32.49 -1.21
O7 A2G TA . -41.16 32.99 -1.28
C8 A2G TA . -43.17 32.80 -0.05
O5 A2G TA . -41.58 34.44 -5.93
C1 A2G TA . -41.54 33.64 -4.73
C2 A2G TA . -40.14 33.56 -4.17
N2 A2G TA . -39.66 34.92 -4.00
C3 A2G TA . -39.32 32.82 -5.18
O3 A2G TA . -39.79 31.45 -5.21
C4 A2G TA . -39.43 33.56 -6.55
O4 A2G TA . -38.48 33.07 -7.54
C5 A2G TA . -40.91 33.79 -7.00
C6 A2G TA . -41.76 32.56 -7.34
O6 A2G TA . -43.05 33.00 -7.77
C7 A2G TA . -39.34 35.39 -2.79
O7 A2G TA . -39.00 34.65 -1.87
C8 A2G TA . -39.39 36.88 -2.64
O5 A2G UA . -61.50 20.41 -5.67
C1 A2G UA . -61.02 21.74 -5.50
C2 A2G UA . -60.66 22.26 -6.89
N2 A2G UA . -60.15 23.61 -6.81
C3 A2G UA . -61.91 22.23 -7.79
O3 A2G UA . -61.81 22.82 -9.08
C4 A2G UA . -62.50 20.83 -7.83
O4 A2G UA . -61.59 19.95 -8.47
C5 A2G UA . -62.74 20.34 -6.41
C6 A2G UA . -63.20 18.91 -6.35
O6 A2G UA . -64.48 18.76 -6.97
C7 A2G UA . -58.95 23.95 -7.30
O7 A2G UA . -58.14 23.11 -7.66
C8 A2G UA . -58.69 25.43 -7.39
O5 A2G UA . -60.54 21.40 -10.60
C1 A2G UA . -60.59 22.62 -9.83
C2 A2G UA . -60.20 23.86 -10.64
N2 A2G UA . -61.22 24.87 -10.40
C3 A2G UA . -60.02 23.73 -12.15
O3 A2G UA . -58.80 24.34 -12.62
C4 A2G UA . -60.20 22.33 -12.73
O4 A2G UA . -58.96 21.61 -12.79
C5 A2G UA . -61.17 21.53 -11.87
C6 A2G UA . -61.41 20.15 -12.46
O6 A2G UA . -60.15 19.47 -12.59
C7 A2G UA . -60.93 26.14 -10.12
O7 A2G UA . -59.86 26.64 -10.40
C8 A2G UA . -62.02 26.91 -9.43
C1 MAN UA . -57.67 24.15 -11.71
C2 MAN UA . -57.04 25.53 -11.40
C3 MAN UA . -56.27 26.07 -12.60
C4 MAN UA . -55.29 25.01 -13.12
C5 MAN UA . -56.08 23.75 -13.49
C6 MAN UA . -55.20 22.63 -14.01
O2 MAN UA . -56.07 25.44 -10.35
O3 MAN UA . -55.58 27.26 -12.28
O4 MAN UA . -54.60 25.49 -14.28
O5 MAN UA . -56.74 23.26 -12.30
O6 MAN UA . -54.40 22.15 -12.94
N1 WT8 UA . -52.55 27.70 -19.45
C4 WT8 UA . -52.40 28.20 -16.36
C5 WT8 UA . -53.02 27.04 -17.14
C6 WT8 UA . -53.61 27.45 -18.49
C7 WT8 UA . -51.28 30.08 -17.38
C8 WT8 UA . -51.33 31.36 -18.16
C10 WT8 UA . -52.46 24.96 -15.29
C13 WT8 UA . -51.42 28.90 -21.19
C1 WT8 UA . -53.59 25.95 -15.09
C11 WT8 UA . -53.81 25.12 -19.38
C12 WT8 UA . -52.57 28.77 -20.23
C2 WT8 UA . -53.10 27.11 -14.24
C3 WT8 UA . -53.14 28.41 -15.04
C9 WT8 UA . -54.56 26.40 -19.02
N4 WT8 UA . -52.42 29.43 -17.13
N9 WT8 UA . -50.16 29.66 -16.99
O11 WT8 UA . -52.73 23.84 -15.77
O12 WT8 UA . -51.31 25.32 -14.96
O13 WT8 UA . -55.23 26.90 -20.18
O14 WT8 UA . -53.45 29.62 -20.17
O3 WT8 UA . -54.49 28.77 -15.29
O5 WT8 UA . -54.05 26.42 -16.35
O5 A2G VA . 217.02 -44.44 -30.81
C1 A2G VA . 217.31 -44.59 -32.20
C2 A2G VA . 218.15 -45.84 -32.48
N2 A2G VA . 218.14 -46.06 -33.90
C3 A2G VA . 217.69 -47.09 -31.67
O3 A2G VA . 218.77 -48.05 -31.62
C4 A2G VA . 217.16 -46.78 -30.26
O4 A2G VA . 218.19 -46.57 -29.29
C5 A2G VA . 216.26 -45.54 -30.28
C6 A2G VA . 215.79 -45.18 -28.88
O6 A2G VA . 215.20 -43.88 -28.88
C7 A2G VA . 217.96 -47.25 -34.50
O7 A2G VA . 218.88 -48.01 -34.68
C8 A2G VA . 216.55 -47.60 -34.94
O5 A2G VA . 220.63 -47.82 -30.12
C1 A2G VA . 220.17 -47.46 -31.44
C2 A2G VA . 221.11 -47.97 -32.51
N2 A2G VA . 221.26 -49.40 -32.29
C3 A2G VA . 222.41 -47.25 -32.31
O3 A2G VA . 222.19 -45.86 -32.65
C4 A2G VA . 222.89 -47.48 -30.85
O4 A2G VA . 224.26 -47.02 -30.63
C5 A2G VA . 221.81 -47.11 -29.78
C6 A2G VA . 221.39 -45.64 -29.65
O6 A2G VA . 220.45 -45.52 -28.59
C7 A2G VA . 220.90 -50.28 -33.23
O7 A2G VA . 220.82 -49.99 -34.42
C8 A2G VA . 220.59 -51.66 -32.73
O5 A2G WA . 205.08 -29.20 -27.81
C1 A2G WA . 205.24 -30.59 -27.61
C2 A2G WA . 206.17 -30.76 -26.40
N2 A2G WA . 206.41 -32.17 -26.15
C3 A2G WA . 205.55 -30.10 -25.17
O3 A2G WA . 206.20 -30.28 -23.92
C4 A2G WA . 205.24 -28.63 -25.46
O4 A2G WA . 206.45 -27.91 -25.66
C5 A2G WA . 204.39 -28.55 -26.72
C6 A2G WA . 204.13 -27.12 -27.16
O6 A2G WA . 203.37 -26.42 -26.19
C7 A2G WA . 207.63 -32.69 -26.10
O7 A2G WA . 208.62 -32.07 -26.47
C8 A2G WA . 207.73 -34.08 -25.53
O5 A2G WA . 208.21 -28.93 -23.76
C1 A2G WA . 207.64 -30.23 -23.89
C2 A2G WA . 208.23 -31.25 -22.89
N2 A2G WA . 207.10 -31.93 -22.26
C3 A2G WA . 209.14 -30.74 -21.76
O3 A2G WA . 210.35 -31.51 -21.66
C4 A2G WA . 209.45 -29.24 -21.80
O4 A2G WA . 210.64 -28.94 -22.54
C5 A2G WA . 208.29 -28.47 -22.42
C6 A2G WA . 208.54 -26.97 -22.40
O6 A2G WA . 209.77 -26.69 -23.08
C7 A2G WA . 207.06 -33.24 -22.10
O7 A2G WA . 208.06 -33.94 -22.11
C8 A2G WA . 205.69 -33.82 -21.89
C1 MAN WA . 210.90 -31.95 -22.93
C2 MAN WA . 211.11 -33.48 -22.89
C3 MAN WA . 212.30 -33.85 -22.01
C4 MAN WA . 213.53 -33.02 -22.40
C5 MAN WA . 213.19 -31.53 -22.29
C6 MAN WA . 214.34 -30.63 -22.67
O2 MAN WA . 211.43 -33.99 -24.19
O3 MAN WA . 212.60 -35.23 -22.06
O4 MAN WA . 214.63 -33.33 -21.55
O5 MAN WA . 212.10 -31.24 -23.20
O6 MAN WA . 214.57 -30.75 -24.07
N1 WT8 WA . 218.68 -34.40 -17.27
C4 WT8 WA . 217.22 -35.82 -19.65
C5 WT8 WA . 217.22 -34.35 -19.25
C6 WT8 WA . 217.33 -34.16 -17.73
C7 WT8 WA . 218.47 -37.56 -18.53
C8 WT8 WA . 218.65 -38.47 -17.36
C10 WT8 WA . 217.05 -33.19 -21.81
C13 WT8 WA . 220.37 -35.32 -15.83
C1 WT8 WA . 215.85 -33.80 -21.12
C11 WT8 WA . 217.88 -31.71 -17.86
C12 WT8 WA . 218.92 -35.16 -16.20
C2 WT8 WA . 215.71 -35.26 -21.55
C3 WT8 WA . 215.92 -36.18 -20.36
C9 WT8 WA . 216.90 -32.75 -17.33
N4 WT8 WA . 217.45 -36.70 -18.53
N9 WT8 WA . 219.29 -37.63 -19.49
O11 WT8 WA . 217.20 -31.95 -21.76
O12 WT8 WA . 217.84 -33.95 -22.42
O13 WT8 WA . 216.84 -32.66 -15.90
O14 WT8 WA . 218.02 -35.66 -15.55
O3 WT8 WA . 214.83 -36.03 -19.44
O5 WT8 WA . 216.02 -33.72 -19.71
O5 A2G XA . 211.72 -0.50 -34.92
C1 A2G XA . 212.22 -1.83 -34.91
C2 A2G XA . 213.48 -1.98 -34.05
N2 A2G XA . 213.72 -3.39 -33.88
C3 A2G XA . 213.39 -1.21 -32.70
O3 A2G XA . 214.74 -0.99 -32.19
C4 A2G XA . 212.60 0.12 -32.78
O4 A2G XA . 213.38 1.21 -33.31
C5 A2G XA . 211.34 -0.04 -33.61
C6 A2G XA . 210.60 1.28 -33.75
O6 A2G XA . 209.60 1.17 -34.75
C7 A2G XA . 214.05 -3.98 -32.72
O7 A2G XA . 215.21 -4.02 -32.34
C8 A2G XA . 212.93 -4.58 -31.91
O5 A2G XA . 216.17 0.72 -33.03
C1 A2G XA . 215.80 -0.65 -33.24
C2 A2G XA . 216.98 -1.58 -33.12
N2 A2G XA . 217.60 -1.32 -31.83
C3 A2G XA . 217.90 -1.24 -34.24
O3 A2G XA . 217.24 -1.63 -35.48
C4 A2G XA . 218.25 0.28 -34.18
O4 A2G XA . 219.31 0.66 -35.09
C5 A2G XA . 216.98 1.19 -34.12
C6 A2G XA . 216.05 1.23 -35.33
O6 A2G XA . 214.99 2.16 -35.08
C7 A2G XA . 217.70 -2.27 -30.91
O7 A2G XA . 217.67 -3.46 -31.17
C8 A2G XA . 217.84 -1.78 -29.49
O5 A2G YA . 194.87 0.59 -44.85
C1 A2G YA . 195.48 0.85 -43.59
C2 A2G YA . 196.26 2.17 -43.74
N2 A2G YA . 196.95 2.49 -42.50
C3 A2G YA . 195.28 3.29 -44.11
O3 A2G YA . 195.79 4.62 -44.14
C4 A2G YA . 194.51 2.94 -45.37
O4 A2G YA . 195.40 2.87 -46.48
C5 A2G YA . 193.85 1.57 -45.18
C6 A2G YA . 193.17 1.07 -46.43
O6 A2G YA . 192.09 1.92 -46.79
C7 A2G YA . 198.25 2.70 -42.45
O7 A2G YA . 199.00 2.44 -43.39
C8 A2G YA . 198.77 3.31 -41.17
O5 A2G YA . 197.15 4.99 -46.12
C1 A2G YA . 197.11 4.83 -44.70
C2 A2G YA . 197.88 5.92 -43.93
N2 A2G YA . 197.00 6.41 -42.89
C3 A2G YA . 198.40 7.14 -44.72
O3 A2G YA . 199.79 7.42 -44.41
C4 A2G YA . 198.15 7.10 -46.23
O4 A2G YA . 199.24 6.51 -46.95
C5 A2G YA . 196.89 6.33 -46.54
C6 A2G YA . 196.60 6.34 -48.03
O6 A2G YA . 197.72 5.82 -48.74
C7 A2G YA . 197.41 6.61 -41.64
O7 A2G YA . 198.59 6.75 -41.35
C8 A2G YA . 196.32 6.66 -40.61
C1 MAN YA . 200.60 6.24 -44.24
C2 MAN YA . 201.35 6.34 -42.88
C3 MAN YA . 202.47 7.38 -42.95
C4 MAN YA . 203.37 7.12 -44.16
C5 MAN YA . 202.50 7.15 -45.43
C6 MAN YA . 203.30 6.90 -46.70
O2 MAN YA . 202.00 5.11 -42.54
O3 MAN YA . 203.23 7.39 -41.76
O4 MAN YA . 204.39 8.11 -44.24
O5 MAN YA . 201.51 6.11 -45.33
O6 MAN YA . 203.73 5.54 -46.69
N1 WT8 YA . 207.97 12.89 -44.58
C4 WT8 YA . 207.43 10.37 -42.80
C5 WT8 YA . 206.85 10.75 -44.16
C6 WT8 YA . 206.69 12.26 -44.35
C7 WT8 YA . 209.06 11.70 -41.58
C8 WT8 YA . 209.39 12.90 -40.77
C10 WT8 YA . 206.60 8.14 -45.24
C13 WT8 YA . 209.67 14.56 -44.30
C1 WT8 YA . 205.62 8.70 -44.23
C11 WT8 YA . 206.35 12.15 -46.83
C12 WT8 YA . 208.33 14.01 -43.95
C2 WT8 YA . 206.06 8.30 -42.83
C3 WT8 YA . 206.44 9.53 -42.02
C9 WT8 YA . 205.74 12.57 -45.50
N4 WT8 YA . 207.81 11.54 -42.01
N9 WT8 YA . 209.96 10.85 -41.84
O11 WT8 YA . 206.30 8.19 -46.44
O12 WT8 YA . 207.68 7.67 -44.82
O13 WT8 YA . 205.47 13.97 -45.52
O14 WT8 YA . 207.60 14.54 -43.13
O3 WT8 YA . 205.26 10.29 -41.74
O5 WT8 YA . 205.57 10.12 -44.33
O5 A2G ZA . 191.52 -6.46 -74.30
C1 A2G ZA . 192.46 -6.36 -73.23
C2 A2G ZA . 193.56 -5.34 -73.54
N2 A2G ZA . 194.27 -5.09 -72.31
C3 A2G ZA . 193.03 -4.03 -74.20
O3 A2G ZA . 194.14 -3.36 -74.89
C4 A2G ZA . 191.84 -4.24 -75.16
O4 A2G ZA . 192.23 -4.72 -76.46
C5 A2G ZA . 190.84 -5.23 -74.57
C6 A2G ZA . 189.70 -5.50 -75.54
O6 A2G ZA . 188.94 -6.62 -75.10
C7 A2G ZA . 194.64 -3.89 -71.86
O7 A2G ZA . 195.68 -3.36 -72.23
C8 A2G ZA . 193.73 -3.20 -70.88
O5 A2G ZA . 194.96 -4.07 -77.01
C1 A2G ZA . 195.12 -4.28 -75.60
C2 A2G ZA . 196.54 -3.97 -75.16
N2 A2G ZA . 196.86 -2.64 -75.61
C3 A2G ZA . 197.41 -5.00 -75.82
O3 A2G ZA . 197.11 -6.28 -75.24
C4 A2G ZA . 197.18 -4.92 -77.37
O4 A2G ZA . 198.15 -5.71 -78.12
C5 A2G ZA . 195.68 -5.06 -77.76
C6 A2G ZA . 194.96 -6.38 -77.49
O6 A2G ZA . 193.62 -6.30 -77.96
C7 A2G ZA . 197.17 -1.69 -74.74
O7 A2G ZA . 197.61 -1.91 -73.61
C8 A2G ZA . 196.94 -0.27 -75.22
O5 A2G AB . 176.82 -18.46 -69.43
C1 A2G AB . 177.14 -17.16 -69.87
C2 A2G AB . 177.40 -17.25 -71.38
N2 A2G AB . 177.76 -15.95 -71.90
C3 A2G AB . 176.15 -17.78 -72.09
O3 A2G AB . 176.14 -17.78 -73.51
C4 A2G AB . 175.72 -19.11 -71.50
O4 A2G AB . 176.72 -20.08 -71.78
C5 A2G AB . 175.58 -18.96 -69.98
C6 A2G AB . 175.28 -20.27 -69.29
O6 A2G AB . 174.03 -20.80 -69.70
C7 A2G AB . 178.90 -15.73 -72.58
O7 A2G AB . 179.79 -16.56 -72.61
C8 A2G AB . 178.99 -14.42 -73.31
O5 A2G AB . 177.52 -19.59 -74.39
C1 A2G AB . 177.36 -18.17 -74.19
C2 A2G AB . 177.58 -17.34 -75.47
N2 A2G AB . 176.46 -16.44 -75.60
C3 A2G AB . 177.73 -18.10 -76.81
O3 A2G AB . 178.86 -17.63 -77.57
C4 A2G AB . 177.70 -19.62 -76.71
O4 A2G AB . 179.02 -20.18 -76.57
C5 A2G AB . 176.86 -20.06 -75.54
C6 A2G AB . 176.76 -21.58 -75.48
O6 A2G AB . 178.08 -22.14 -75.40
C7 A2G AB . 176.61 -15.15 -75.91
O7 A2G AB . 177.61 -14.72 -76.45
C8 A2G AB . 175.46 -14.27 -75.54
C1 MAN AB . 180.03 -17.31 -76.75
C2 MAN AB . 180.50 -15.88 -77.09
C3 MAN AB . 181.18 -15.83 -78.46
C4 MAN AB . 182.26 -16.91 -78.57
C5 MAN AB . 181.61 -18.28 -78.30
C6 MAN AB . 182.59 -19.43 -78.38
O2 MAN AB . 181.50 -15.42 -76.17
O3 MAN AB . 181.72 -14.55 -78.73
O4 MAN AB . 182.85 -16.90 -79.86
O5 MAN AB . 181.05 -18.28 -76.98
O6 MAN AB . 183.48 -19.34 -77.26
N1 WT8 AB . 184.49 -16.93 -85.62
C4 WT8 AB . 184.67 -15.15 -83.05
C5 WT8 AB . 184.17 -16.58 -83.21
C6 WT8 AB . 183.50 -16.83 -84.56
C7 WT8 AB . 185.53 -13.79 -84.84
C8 WT8 AB . 185.32 -12.97 -86.08
C10 WT8 AB . 185.01 -17.60 -80.71
C13 WT8 AB . 185.44 -16.48 -87.78
C1 WT8 AB . 183.78 -16.75 -80.86
C11 WT8 AB . 183.55 -19.34 -84.37
C12 WT8 AB . 184.34 -16.29 -86.77
C2 WT8 AB . 184.16 -15.29 -80.61
C3 WT8 AB . 183.95 -14.47 -81.87
C9 WT8 AB . 182.66 -18.10 -84.53
N4 WT8 AB . 184.49 -14.36 -84.25
N9 WT8 AB . 186.70 -13.89 -84.38
O11 WT8 AB . 184.87 -18.85 -80.66
O12 WT8 AB . 186.13 -17.05 -80.64
O13 WT8 AB . 181.91 -18.22 -85.74
O14 WT8 AB . 183.36 -15.59 -87.00
O3 WT8 AB . 182.55 -14.37 -82.16
O5 WT8 AB . 183.24 -16.90 -82.16
O5 A2G BB . 180.00 -47.91 -62.22
C1 A2G BB . 180.69 -46.73 -62.64
C2 A2G BB . 181.39 -46.92 -63.98
N2 A2G BB . 181.80 -45.62 -64.46
C3 A2G BB . 180.52 -47.69 -65.02
O3 A2G BB . 181.37 -48.24 -66.07
C4 A2G BB . 179.61 -48.78 -64.42
O4 A2G BB . 180.30 -50.02 -64.15
C5 A2G BB . 178.96 -48.29 -63.12
C6 A2G BB . 178.12 -49.39 -62.48
O6 A2G BB . 177.76 -49.00 -61.17
C7 A2G BB . 181.65 -45.17 -65.70
O7 A2G BB . 182.47 -45.42 -66.57
C8 A2G BB . 180.43 -44.33 -65.99
O5 A2G BB . 182.66 -50.23 -65.73
C1 A2G BB . 182.72 -48.80 -65.57
C2 A2G BB . 183.86 -48.20 -66.35
N2 A2G BB . 183.72 -48.63 -67.73
C3 A2G BB . 185.11 -48.72 -65.74
O3 A2G BB . 185.21 -48.14 -64.41
C4 A2G BB . 185.07 -50.28 -65.74
O4 A2G BB . 186.34 -50.88 -65.38
C5 A2G BB . 183.78 -50.85 -65.08
C6 A2G BB . 183.55 -50.63 -63.59
O6 A2G BB . 182.34 -51.28 -63.20
C7 A2G BB . 183.56 -47.76 -68.71
O7 A2G BB . 183.91 -46.59 -68.63
C8 A2G BB . 182.91 -48.31 -69.96
O5 A2G CB . 170.08 -44.56 -45.65
C1 A2G CB . 169.97 -44.99 -47.00
C2 A2G CB . 170.43 -46.46 -47.04
N2 A2G CB . 170.37 -46.96 -48.39
C3 A2G CB . 169.55 -47.29 -46.11
O3 A2G CB . 169.72 -48.71 -46.12
C4 A2G CB . 169.56 -46.73 -44.70
O4 A2G CB . 170.86 -46.85 -44.15
C5 A2G CB . 169.18 -45.25 -44.76
C6 A2G CB . 169.29 -44.56 -43.42
O6 A2G CB . 168.37 -45.11 -42.49
C7 A2G CB . 171.41 -47.51 -49.01
O7 A2G CB . 172.56 -47.40 -48.56
C8 A2G CB . 171.13 -48.25 -50.28
O5 A2G CB . 171.75 -49.35 -44.95
C1 A2G CB . 171.07 -49.22 -46.21
C2 A2G CB . 171.14 -50.49 -47.08
N2 A2G CB . 169.80 -50.78 -47.53
C3 A2G CB . 171.72 -51.77 -46.46
O3 A2G CB . 172.70 -52.40 -47.32
C4 A2G CB . 172.24 -51.64 -45.02
O4 A2G CB . 173.63 -51.31 -44.97
C5 A2G CB . 171.46 -50.56 -44.28
C6 A2G CB . 171.91 -50.47 -42.84
O6 A2G CB . 173.32 -50.22 -42.79
C7 A2G CB . 169.51 -51.11 -48.79
O7 A2G CB . 170.36 -51.53 -49.56
C8 A2G CB . 168.08 -50.90 -49.20
C1 MAN CB . 173.56 -51.46 -48.01
C2 MAN CB . 173.53 -51.77 -49.54
C3 MAN CB . 174.31 -53.04 -49.84
C4 MAN CB . 175.71 -52.98 -49.22
C5 MAN CB . 175.57 -52.77 -47.71
C6 MAN CB . 176.90 -52.68 -46.99
O2 MAN CB . 174.17 -50.75 -50.29
O3 MAN CB . 174.40 -53.28 -51.24
O4 MAN CB . 176.41 -54.20 -49.47
O5 MAN CB . 174.87 -51.52 -47.48
O6 MAN CB . 177.53 -51.47 -47.38
N1 WT8 CB . 178.68 -59.70 -50.13
C4 WT8 CB . 177.88 -57.17 -51.81
C5 WT8 CB . 177.95 -57.36 -50.30
C6 WT8 CB . 177.59 -58.77 -49.85
C7 WT8 CB . 178.42 -58.89 -53.43
C8 WT8 CB . 178.08 -60.16 -54.14
C10 WT8 CB . 178.77 -54.75 -49.60
C13 WT8 CB . 179.65 -61.74 -50.93
C1 WT8 CB . 177.36 -55.07 -49.97
C11 WT8 CB . 178.51 -58.52 -47.52
C12 WT8 CB . 178.45 -60.88 -50.70
C2 WT8 CB . 177.15 -54.83 -51.45
C3 WT8 CB . 176.82 -56.13 -52.16
C9 WT8 CB . 177.27 -58.81 -48.36
N4 WT8 CB . 177.58 -58.42 -52.50
N9 WT8 CB . 179.48 -58.28 -53.74
O11 WT8 CB . 179.09 -54.67 -48.39
O12 WT8 CB . 179.60 -54.56 -50.52
O13 WT8 CB . 176.76 -60.11 -48.01
O14 WT8 CB . 177.33 -61.25 -51.01
O3 WT8 CB . 175.53 -56.59 -51.76
O5 WT8 CB . 177.07 -56.43 -49.65
O5 A2G DB . 182.55 -36.19 -19.10
C1 A2G DB . 182.83 -36.54 -20.45
C2 A2G DB . 183.71 -37.79 -20.55
N2 A2G DB . 183.70 -38.25 -21.93
C3 A2G DB . 183.32 -38.92 -19.55
O3 A2G DB . 184.44 -39.82 -19.36
C4 A2G DB . 182.78 -38.40 -18.20
O4 A2G DB . 183.83 -38.01 -17.28
C5 A2G DB . 181.85 -37.21 -18.39
C6 A2G DB . 181.38 -36.66 -17.06
O6 A2G DB . 180.74 -35.40 -17.26
C7 A2G DB . 183.55 -39.51 -22.31
O7 A2G DB . 184.51 -40.26 -22.40
C8 A2G DB . 182.16 -39.98 -22.67
O5 A2G DB . 186.30 -39.28 -17.96
C1 A2G DB . 185.81 -39.15 -19.30
C2 A2G DB . 186.75 -39.80 -20.29
N2 A2G DB . 186.97 -41.17 -19.86
C3 A2G DB . 188.02 -39.01 -20.24
O3 A2G DB . 187.75 -37.70 -20.79
C4 A2G DB . 188.54 -38.98 -18.77
O4 A2G DB . 189.89 -38.44 -18.65
C5 A2G DB . 187.46 -38.48 -17.75
C6 A2G DB . 186.99 -37.03 -17.85
O6 A2G DB . 186.05 -36.78 -16.81
C7 A2G DB . 186.63 -42.19 -20.63
O7 A2G DB . 186.52 -42.10 -21.85
C8 A2G DB . 186.38 -43.48 -19.91
O5 A2G EB . 170.07 -21.10 -18.36
C1 A2G EB . 170.29 -22.44 -17.95
C2 A2G EB . 171.25 -22.38 -16.74
N2 A2G EB . 171.54 -23.71 -16.27
C3 A2G EB . 170.61 -21.55 -15.63
O3 A2G EB . 171.27 -21.50 -14.37
C4 A2G EB . 170.23 -20.17 -16.13
O4 A2G EB . 171.42 -19.45 -16.47
C5 A2G EB . 169.37 -20.31 -17.38
C6 A2G EB . 169.06 -18.99 -18.04
O6 A2G EB . 168.27 -18.16 -17.18
C7 A2G EB . 172.78 -24.19 -16.16
O7 A2G EB . 173.74 -23.60 -16.65
C8 A2G EB . 172.94 -25.46 -15.39
O5 A2G EB . 173.25 -20.07 -14.47
C1 A2G EB . 172.72 -21.40 -14.38
C2 A2G EB . 173.36 -22.23 -13.24
N2 A2G EB . 172.27 -22.83 -12.49
C3 A2G EB . 174.26 -21.50 -12.23
O3 A2G EB . 175.50 -22.21 -12.01
C4 A2G EB . 174.51 -20.01 -12.51
O4 A2G EB . 175.68 -19.80 -13.31
C5 A2G EB . 173.32 -19.41 -13.22
C6 A2G EB . 173.51 -17.92 -13.44
O6 A2G EB . 174.72 -17.71 -14.18
C7 A2G EB . 172.28 -24.11 -12.12
O7 A2G EB . 173.30 -24.76 -12.03
C8 A2G EB . 170.93 -24.69 -11.79
C1 MAN EB . 176.04 -22.81 -13.22
C2 MAN EB . 176.33 -24.32 -12.94
C3 MAN EB . 177.54 -24.50 -12.03
C4 MAN EB . 178.74 -23.70 -12.57
C5 MAN EB . 178.34 -22.22 -12.70
C6 MAN EB . 179.45 -21.36 -13.24
O2 MAN EB . 176.65 -25.02 -14.13
O3 MAN EB . 177.88 -25.86 -11.87
O4 MAN EB . 179.85 -23.83 -11.70
O5 MAN EB . 177.22 -22.13 -13.61
O6 MAN EB . 179.66 -21.69 -14.60
N1 WT8 EB . 183.99 -24.05 -7.38
C4 WT8 EB . 182.56 -25.89 -9.48
C5 WT8 EB . 182.50 -24.37 -9.31
C6 WT8 EB . 182.62 -23.93 -7.85
C7 WT8 EB . 183.89 -27.39 -8.11
C8 WT8 EB . 184.12 -28.09 -6.81
C10 WT8 EB . 182.25 -23.65 -12.03
C13 WT8 EB . 185.74 -24.67 -5.84
C1 WT8 EB . 181.09 -24.18 -11.23
C11 WT8 EB . 183.08 -21.52 -8.37
C12 WT8 EB . 184.27 -24.62 -6.20
C2 WT8 EB . 181.01 -25.69 -11.41
C3 WT8 EB . 181.27 -26.40 -10.09
C9 WT8 EB . 182.15 -22.50 -7.67
N4 WT8 EB . 182.83 -26.58 -8.23
N9 WT8 EB . 184.69 -27.57 -9.06
O11 WT8 EB . 182.36 -22.41 -12.18
O12 WT8 EB . 183.07 -24.46 -12.52
O13 WT8 EB . 182.09 -22.19 -6.27
O14 WT8 EB . 183.40 -25.06 -5.47
O3 WT8 EB . 180.18 -26.15 -9.19
O5 WT8 EB . 181.28 -23.87 -9.84
O5 A2G FB . 175.30 6.53 -30.16
C1 A2G FB . 175.86 5.24 -29.95
C2 A2G FB . 177.13 5.29 -29.11
N2 A2G FB . 177.45 3.93 -28.70
C3 A2G FB . 177.04 6.26 -27.90
O3 A2G FB . 178.37 6.62 -27.44
C4 A2G FB . 176.20 7.52 -28.16
O4 A2G FB . 176.90 8.55 -28.89
C5 A2G FB . 174.92 7.18 -28.94
C6 A2G FB . 174.12 8.42 -29.26
O6 A2G FB . 173.11 8.11 -30.22
C7 A2G FB . 177.82 3.57 -27.48
O7 A2G FB . 178.98 3.63 -27.13
C8 A2G FB . 176.75 3.05 -26.55
O5 A2G FB . 179.73 8.22 -28.59
C1 A2G FB . 179.40 6.82 -28.57
C2 A2G FB . 180.63 5.97 -28.32
N2 A2G FB . 181.27 6.47 -27.10
C3 A2G FB . 181.52 6.17 -29.50
O3 A2G FB . 180.87 5.56 -30.64
C4 A2G FB . 181.80 7.70 -29.69
O4 A2G FB . 182.84 7.97 -30.67
C5 A2G FB . 180.50 8.55 -29.75
C6 A2G FB . 179.55 8.36 -30.94
O6 A2G FB . 178.46 9.27 -30.82
C7 A2G FB . 181.41 5.69 -26.04
O7 A2G FB . 181.44 4.47 -26.12
C8 A2G FB . 181.55 6.41 -24.73
O5 A2G GB . 158.28 5.29 -39.78
C1 A2G GB . 158.91 5.76 -38.60
C2 A2G GB . 159.61 7.08 -38.97
N2 A2G GB . 160.30 7.62 -37.82
C3 A2G GB . 158.59 8.08 -39.50
O3 A2G GB . 159.03 9.41 -39.75
C4 A2G GB . 157.81 7.49 -40.67
O4 A2G GB . 158.69 7.29 -41.76
C5 A2G GB . 157.23 6.15 -40.25
C6 A2G GB . 156.54 5.43 -41.39
O6 A2G GB . 155.41 6.16 -41.86
C7 A2G GB . 161.60 7.91 -37.83
O7 A2G GB . 162.35 7.52 -38.72
C8 A2G GB . 162.11 8.72 -36.68
O5 A2G GB . 160.34 9.52 -41.79
C1 A2G GB . 160.34 9.58 -40.36
C2 A2G GB . 161.06 10.81 -39.80
N2 A2G GB . 160.19 11.44 -38.83
C3 A2G GB . 161.52 11.91 -40.78
O3 A2G GB . 162.90 12.30 -40.56
C4 A2G GB . 161.26 11.63 -42.27
O4 A2G GB . 162.36 10.97 -42.90
C5 A2G GB . 160.03 10.75 -42.41
C6 A2G GB . 159.70 10.52 -43.89
O6 A2G GB . 160.84 9.93 -44.53
C7 A2G GB . 160.60 11.85 -37.64
O7 A2G GB . 161.77 12.07 -37.40
C8 A2G GB . 159.53 12.01 -36.61
C1 MAN GB . 163.77 11.20 -40.21
C2 MAN GB . 164.53 11.55 -38.90
C3 MAN GB . 165.59 12.60 -39.16
C4 MAN GB . 166.49 12.19 -40.34
C5 MAN GB . 165.62 11.98 -41.57
C6 MAN GB . 166.40 11.56 -42.80
O2 MAN GB . 165.23 10.42 -38.39
O3 MAN GB . 166.38 12.84 -38.00
O4 MAN GB . 167.46 13.20 -40.60
O5 MAN GB . 164.66 10.92 -41.28
O6 MAN GB . 166.88 10.24 -42.58
N1 WT8 GB . 170.82 18.01 -41.78
C4 WT8 GB . 170.42 15.80 -39.60
C5 WT8 GB . 169.80 15.92 -40.99
C6 WT8 GB . 169.57 17.37 -41.41
C7 WT8 GB . 172.00 17.37 -38.65
C8 WT8 GB . 172.30 18.70 -38.04
C10 WT8 GB . 169.65 13.17 -41.64
C13 WT8 GB . 172.45 19.77 -41.79
C1 WT8 GB . 168.67 13.83 -40.70
C11 WT8 GB . 169.20 16.84 -43.83
C12 WT8 GB . 171.13 19.23 -41.34
C2 WT8 GB . 169.15 13.68 -39.26
C3 WT8 GB . 169.48 15.04 -38.67
C9 WT8 GB . 168.60 17.45 -42.58
N4 WT8 GB . 170.75 17.08 -39.02
N9 WT8 GB . 172.93 16.53 -38.78
O11 WT8 GB . 169.33 13.00 -42.82
O12 WT8 GB . 170.77 12.81 -41.17
O13 WT8 GB . 168.26 18.82 -42.83
O14 WT8 GB . 170.40 19.86 -40.60
O3 WT8 GB . 168.27 15.79 -38.49
O5 WT8 GB . 168.56 15.22 -41.03
O5 A2G HB . 154.73 -6.50 -67.70
C1 A2G HB . 155.68 -6.19 -66.67
C2 A2G HB . 156.73 -5.19 -67.17
N2 A2G HB . 157.46 -4.71 -66.00
C3 A2G HB . 156.14 -4.04 -68.02
O3 A2G HB . 157.20 -3.42 -68.82
C4 A2G HB . 154.95 -4.44 -68.90
O4 A2G HB . 155.33 -5.10 -70.12
C5 A2G HB . 153.99 -5.36 -68.13
C6 A2G HB . 152.84 -5.82 -69.01
O6 A2G HB . 152.15 -6.89 -68.38
C7 A2G HB . 157.78 -3.44 -65.78
O7 A2G HB . 158.78 -2.94 -66.23
C8 A2G HB . 156.85 -2.65 -64.89
O5 A2G HB . 158.01 -4.44 -70.83
C1 A2G HB . 158.22 -4.42 -69.41
C2 A2G HB . 159.62 -3.99 -69.05
N2 A2G HB . 159.87 -2.72 -69.71
C3 A2G HB . 160.53 -5.06 -69.56
O3 A2G HB . 160.29 -6.26 -68.78
C4 A2G HB . 160.27 -5.25 -71.10
O4 A2G HB . 161.26 -6.10 -71.73
C5 A2G HB . 158.76 -5.50 -71.42
C6 A2G HB . 158.11 -6.79 -70.93
O6 A2G HB . 156.76 -6.84 -71.38
C7 A2G HB . 160.15 -1.62 -69.01
O7 A2G HB . 160.62 -1.66 -67.88
C8 A2G HB . 159.85 -0.33 -69.71
O5 A2G IB . 140.65 -18.15 -60.61
C1 A2G IB . 140.92 -16.92 -61.26
C2 A2G IB . 141.15 -17.24 -62.74
N2 A2G IB . 141.44 -16.02 -63.48
C3 A2G IB . 139.91 -17.92 -63.31
O3 A2G IB . 139.87 -18.16 -64.72
C4 A2G IB . 139.56 -19.16 -62.51
O4 A2G IB . 140.58 -20.13 -62.66
C5 A2G IB . 139.43 -18.78 -61.04
C6 A2G IB . 139.20 -19.97 -60.14
O6 A2G IB . 137.96 -20.60 -60.43
C7 A2G IB . 142.55 -15.87 -64.20
O7 A2G IB . 143.49 -16.66 -64.12
C8 A2G IB . 142.58 -14.70 -65.12
O5 A2G IB . 141.32 -20.02 -65.33
C1 A2G IB . 141.10 -18.60 -65.36
C2 A2G IB . 141.27 -17.98 -66.77
N2 A2G IB . 140.10 -17.15 -67.01
C3 A2G IB . 141.42 -18.93 -67.97
O3 A2G IB . 142.52 -18.55 -68.81
C4 A2G IB . 141.46 -20.42 -67.63
O4 A2G IB . 142.81 -20.90 -67.42
C5 A2G IB . 140.66 -20.71 -66.38
C6 A2G IB . 140.63 -22.19 -66.07
O6 A2G IB . 141.98 -22.68 -65.94
C7 A2G IB . 140.18 -15.93 -67.52
O7 A2G IB . 141.16 -15.55 -68.15
C8 A2G IB . 139.00 -15.04 -67.27
C1 MAN IB . 143.67 -18.07 -68.09
C2 MAN IB . 144.09 -16.67 -68.67
C3 MAN IB . 144.73 -16.83 -70.04
C4 MAN IB . 145.86 -17.87 -70.00
C5 MAN IB . 145.28 -19.20 -69.50
C6 MAN IB . 146.31 -20.30 -69.42
O2 MAN IB . 145.08 -16.04 -67.86
O3 MAN IB . 145.22 -15.58 -70.52
O4 MAN IB . 146.43 -18.03 -71.29
O5 MAN IB . 144.73 -19.00 -68.18
O6 MAN IB . 147.21 -19.99 -68.35
N1 WT8 IB . 147.97 -18.93 -77.00
C4 WT8 IB . 148.11 -16.75 -74.76
C5 WT8 IB . 147.67 -18.21 -74.68
C6 WT8 IB . 147.00 -18.71 -75.96
C7 WT8 IB . 148.89 -15.65 -76.77
C8 WT8 IB . 148.61 -15.06 -78.11
C10 WT8 IB . 148.60 -18.78 -72.07
C13 WT8 IB . 148.86 -18.78 -79.23
C1 WT8 IB . 147.34 -18.01 -72.32
C11 WT8 IB . 147.16 -21.14 -75.37
C12 WT8 IB . 147.77 -18.48 -78.25
C2 WT8 IB . 147.66 -16.52 -72.32
C3 WT8 IB . 147.39 -15.92 -73.70
C9 WT8 IB . 146.22 -19.98 -75.70
N4 WT8 IB . 147.88 -16.18 -76.07
N9 WT8 IB . 150.08 -15.64 -76.33
O11 WT8 IB . 148.52 -20.00 -71.82
O12 WT8 IB . 149.70 -18.18 -72.12
O13 WT8 IB . 145.45 -20.32 -76.86
O14 WT8 IB . 146.76 -17.87 -78.56
O3 WT8 IB . 145.99 -15.94 -73.97
O5 WT8 IB . 146.78 -18.39 -73.58
O5 A2G JB . 145.14 -45.94 -48.89
C1 A2G JB . 145.78 -44.83 -49.51
C2 A2G JB . 146.45 -45.20 -50.82
N2 A2G JB . 146.81 -43.98 -51.50
C3 A2G JB . 145.61 -46.16 -51.71
O3 A2G JB . 146.47 -46.84 -52.67
C4 A2G JB . 144.75 -47.17 -50.92
O4 A2G JB . 145.49 -48.32 -50.46
C5 A2G JB . 144.10 -46.50 -49.70
C6 A2G JB . 143.32 -47.52 -48.88
O6 A2G JB . 142.96 -46.94 -47.63
C7 A2G JB . 146.62 -43.74 -52.79
O7 A2G JB . 147.43 -44.09 -53.64
C8 A2G JB . 145.36 -43.00 -53.19
O5 A2G JB . 147.84 -48.69 -52.06
C1 A2G JB . 147.83 -47.26 -52.11
C2 A2G JB . 148.94 -46.74 -53.01
N2 A2G JB . 148.80 -47.40 -54.29
C3 A2G JB . 150.23 -47.11 -52.35
O3 A2G JB . 150.33 -46.34 -51.13
C4 A2G JB . 150.24 -48.66 -52.10
O4 A2G JB . 151.54 -49.15 -51.68
C5 A2G JB . 148.98 -49.17 -51.34
C6 A2G JB . 148.77 -48.73 -49.89
O6 A2G JB . 147.60 -49.34 -49.37
C7 A2G JB . 148.59 -46.71 -55.40
O7 A2G JB . 148.89 -45.53 -55.52
C8 A2G JB . 147.94 -47.47 -56.53
O5 A2G KB . 135.37 -40.38 -32.85
C1 A2G KB . 135.24 -41.01 -34.11
C2 A2G KB . 135.76 -42.45 -33.92
N2 A2G KB . 135.69 -43.18 -35.17
C3 A2G KB . 134.93 -43.16 -32.85
O3 A2G KB . 135.16 -44.56 -32.65
C4 A2G KB . 134.94 -42.38 -31.55
O4 A2G KB . 136.26 -42.36 -31.02
C5 A2G KB . 134.50 -40.94 -31.83
C6 A2G KB . 134.60 -40.05 -30.62
O6 A2G KB . 133.72 -40.48 -29.60
C7 A2G KB . 136.76 -43.76 -35.72
O7 A2G KB . 137.89 -43.55 -35.32
C8 A2G KB . 136.48 -44.70 -36.85
O5 A2G KB . 137.24 -44.93 -31.43
C1 A2G KB . 136.53 -45.03 -32.68
C2 A2G KB . 136.64 -46.41 -33.35
N2 A2G KB . 135.30 -46.82 -33.71
C3 A2G KB . 137.28 -47.56 -32.54
O3 A2G KB . 138.27 -48.28 -33.31
C4 A2G KB . 137.81 -47.18 -31.15
O4 A2G KB . 139.19 -46.80 -31.19
C5 A2G KB . 137.01 -46.03 -30.58
C6 A2G KB . 137.48 -45.69 -29.17
O6 A2G KB . 138.88 -45.38 -29.20
C7 A2G KB . 135.00 -47.35 -34.89
O7 A2G KB . 135.85 -47.86 -35.61
C8 A2G KB . 133.56 -47.27 -35.29
C1 MAN KB . 139.07 -47.42 -34.15
C2 MAN KB . 139.03 -47.98 -35.62
C3 MAN KB . 139.86 -49.26 -35.73
C4 MAN KB . 141.26 -49.04 -35.16
C5 MAN KB . 141.14 -48.60 -33.69
C6 MAN KB . 142.48 -48.35 -33.04
O2 MAN KB . 139.62 -47.07 -36.54
O3 MAN KB . 139.93 -49.70 -37.08
O4 MAN KB . 142.01 -50.25 -35.23
O5 MAN KB . 140.40 -47.36 -33.66
O6 MAN KB . 143.06 -47.19 -33.62
N1 WT8 KB . 144.48 -55.70 -35.06
C4 WT8 KB . 143.55 -53.52 -37.10
C5 WT8 KB . 143.66 -53.46 -35.58
C6 WT8 KB . 143.37 -54.79 -34.91
C7 WT8 KB . 144.14 -55.44 -38.45
C8 WT8 KB . 143.85 -56.82 -38.92
C10 WT8 KB . 144.39 -50.73 -35.32
C13 WT8 KB . 145.54 -57.81 -35.55
C1 WT8 KB . 142.98 -51.16 -35.60
C11 WT8 KB . 144.32 -54.13 -32.67
C12 WT8 KB . 144.29 -56.97 -35.43
C2 WT8 KB . 142.74 -51.17 -37.11
C3 WT8 KB . 142.46 -52.58 -37.60
C9 WT8 KB . 143.07 -54.60 -33.43
N4 WT8 KB . 143.31 -54.86 -37.59
N9 WT8 KB . 145.17 -54.86 -38.87
O11 WT8 KB . 144.72 -50.46 -34.14
O12 WT8 KB . 145.20 -50.66 -36.28
O13 WT8 KB . 142.63 -55.85 -32.87
O14 WT8 KB . 143.18 -57.42 -35.65
O3 WT8 KB . 141.19 -53.02 -37.09
O5 WT8 KB . 142.75 -52.47 -35.07
O5 A2G LB . 147.97 -27.42 -8.27
C1 A2G LB . 148.24 -27.98 -9.55
C2 A2G LB . 149.16 -29.19 -9.47
N2 A2G LB . 149.14 -29.85 -10.76
C3 A2G LB . 148.83 -30.15 -8.30
O3 A2G LB . 149.99 -30.97 -7.99
C4 A2G LB . 148.30 -29.45 -7.03
O4 A2G LB . 149.35 -28.87 -6.22
C5 A2G LB . 147.31 -28.34 -7.40
C6 A2G LB . 146.84 -27.60 -6.16
O6 A2G LB . 146.15 -26.41 -6.53
C7 A2G LB . 149.04 -31.17 -10.94
O7 A2G LB . 150.02 -31.89 -10.92
C8 A2G LB . 147.67 -31.74 -11.18
O5 A2G LB . 151.85 -30.14 -6.74
C1 A2G LB . 151.34 -30.25 -8.08
C2 A2G LB . 152.30 -31.01 -8.96
N2 A2G LB . 152.56 -32.28 -8.33
C3 A2G LB . 153.53 -30.18 -9.07
O3 A2G LB . 153.19 -28.98 -9.81
C4 A2G LB . 154.07 -29.89 -7.64
O4 A2G LB . 155.39 -29.29 -7.63
C5 A2G LB . 152.99 -29.28 -6.69
C6 A2G LB . 152.45 -27.88 -7.00
O6 A2G LB . 151.51 -27.49 -5.99
C7 A2G LB . 152.25 -33.43 -8.93
O7 A2G LB . 152.12 -33.54 -10.14
C8 A2G LB . 152.07 -34.60 -8.00
O5 A2G MB . 134.89 -12.88 -9.66
C1 A2G MB . 135.18 -14.13 -9.03
C2 A2G MB . 136.14 -13.85 -7.88
N2 A2G MB . 136.50 -15.07 -7.21
C3 A2G MB . 135.50 -12.88 -6.90
O3 A2G MB . 136.18 -12.60 -5.67
C4 A2G MB . 135.06 -11.60 -7.60
O4 A2G MB . 136.21 -10.90 -8.08
C5 A2G MB . 134.18 -11.97 -8.79
C6 A2G MB . 133.80 -10.78 -9.64
O6 A2G MB . 133.00 -9.86 -8.91
C7 A2G MB . 137.76 -15.47 -7.05
O7 A2G MB . 138.69 -14.93 -7.65
C8 A2G MB . 137.98 -16.60 -6.09
O5 A2G MB . 138.08 -11.12 -6.05
C1 A2G MB . 137.62 -12.45 -5.73
C2 A2G MB . 138.30 -13.05 -4.49
N2 A2G MB . 137.25 -13.57 -3.63
C3 A2G MB . 139.20 -12.14 -3.63
O3 A2G MB . 140.46 -12.77 -3.33
C4 A2G MB . 139.38 -10.71 -4.15
O4 A2G MB . 140.52 -10.59 -5.00
C5 A2G MB . 138.15 -10.28 -4.92
C6 A2G MB . 138.29 -8.83 -5.37
O6 A2G MB . 139.47 -8.70 -6.16
C7 A2G MB . 137.32 -14.77 -3.06
O7 A2G MB . 138.37 -15.36 -2.90
C8 A2G MB . 136.01 -15.35 -2.62
C1 MAN MB . 141.02 -13.53 -4.43
C2 MAN MB . 141.36 -14.96 -3.92
C3 MAN MB . 142.59 -14.94 -3.03
C4 MAN MB . 143.75 -14.20 -3.72
C5 MAN MB . 143.29 -12.78 -4.07
C6 MAN MB . 144.35 -11.96 -4.76
O2 MAN MB . 141.70 -15.83 -5.01
O3 MAN MB . 142.99 -16.25 -2.66
O4 MAN MB . 144.89 -14.14 -2.87
O5 MAN MB . 142.16 -12.87 -4.96
O6 MAN MB . 144.55 -12.50 -6.06
N1 WT8 MB . 149.10 -13.53 1.35
C4 WT8 MB . 147.71 -15.72 -0.40
C5 WT8 MB . 147.60 -14.20 -0.47
C6 WT8 MB . 147.72 -13.53 0.89
C7 WT8 MB . 149.11 -16.92 1.15
C8 WT8 MB . 149.39 -17.41 2.54
C10 WT8 MB . 147.27 -13.92 -3.27
C13 WT8 MB . 150.88 -13.82 2.91
C1 WT8 MB . 146.15 -14.37 -2.37
C11 WT8 MB . 148.07 -11.21 -0.02
C12 WT8 MB . 149.42 -13.88 2.58
C2 WT8 MB . 146.12 -15.89 -2.31
C3 WT8 MB . 146.42 -16.37 -0.90
C9 WT8 MB . 147.19 -12.11 0.85
N4 WT8 MB . 148.02 -16.19 0.93
N9 WT8 MB . 149.91 -17.23 0.23
O11 WT8 MB . 147.32 -12.73 -3.61
O12 WT8 MB . 148.11 -14.78 -3.64
O13 WT8 MB . 147.15 -11.57 2.19
O14 WT8 MB . 148.59 -14.22 3.40
O3 WT8 MB . 145.34 -16.02 -0.02
O5 WT8 MB . 146.34 -13.84 -1.05
O5 A2G NB . 138.79 12.71 -25.79
C1 A2G NB . 139.40 11.49 -25.40
C2 A2G NB . 140.68 11.72 -24.60
N2 A2G NB . 141.06 10.46 -23.99
C3 A2G NB . 140.57 12.87 -23.56
O3 A2G NB . 141.90 13.34 -23.20
C4 A2G NB . 139.67 14.03 -24.01
O4 A2G NB . 140.32 14.96 -24.90
C5 A2G NB . 138.40 13.53 -24.69
C6 A2G NB . 137.55 14.67 -25.19
O6 A2G NB . 136.54 14.18 -26.06
C7 A2G NB . 141.47 10.31 -22.74
O7 A2G NB . 142.63 10.47 -22.41
C8 A2G NB . 140.43 9.90 -21.71
O5 A2G NB . 143.17 14.80 -24.62
C1 A2G NB . 142.90 13.41 -24.36
C2 A2G NB . 144.16 12.66 -24.01
N2 A2G NB . 144.79 13.36 -22.90
C3 A2G NB . 145.02 12.69 -25.23
O3 A2G NB . 144.38 11.88 -26.24
C4 A2G NB . 145.24 14.17 -25.67
O4 A2G NB . 146.25 14.33 -26.70
C5 A2G NB . 143.90 14.97 -25.83
C6 A2G NB . 142.95 14.55 -26.95
O6 A2G NB . 141.81 15.42 -26.95
C7 A2G NB . 145.00 12.76 -21.73
O7 A2G NB . 145.06 11.54 -21.62
C8 A2G NB . 145.12 13.69 -20.56
O5 A2G OB . 121.68 9.30 -34.71
C1 A2G OB . 122.30 9.99 -33.63
C2 A2G OB . 122.95 11.25 -34.23
N2 A2G OB . 123.64 11.99 -33.19
C3 A2G OB . 121.88 12.11 -34.89
O3 A2G OB . 122.26 13.40 -35.36
C4 A2G OB . 121.11 11.31 -35.93
O4 A2G OB . 121.98 10.97 -37.00
C5 A2G OB . 120.58 10.04 -35.29
C6 A2G OB . 119.91 9.11 -36.28
O6 A2G OB . 118.75 9.73 -36.84
C7 A2G OB . 124.92 12.32 -33.27
O7 A2G OB . 125.67 11.82 -34.12
C8 A2G OB . 125.42 13.33 -32.28
O5 A2G OB . 123.54 13.23 -37.42
C1 A2G OB . 123.54 13.52 -36.02
C2 A2G OB . 124.23 14.86 -35.67
N2 A2G OB . 123.34 15.59 -34.79
C3 A2G OB . 124.63 15.80 -36.82
O3 A2G OB . 125.99 16.27 -36.70
C4 A2G OB . 124.35 15.27 -38.24
O4 A2G OB . 125.47 14.56 -38.78
C5 A2G OB . 123.16 14.34 -38.22
C6 A2G OB . 122.82 13.86 -39.62
O6 A2G OB . 123.97 13.22 -40.19
C7 A2G OB . 123.76 16.21 -33.69
O7 A2G OB . 124.93 16.51 -33.52
C8 A2G OB . 122.70 16.48 -32.67
C1 MAN OB . 126.91 15.27 -36.20
C2 MAN OB . 127.68 15.85 -34.98
C3 MAN OB . 128.70 16.89 -35.42
C4 MAN OB . 129.59 16.34 -36.54
C5 MAN OB . 128.70 15.89 -37.71
C6 MAN OB . 129.48 15.31 -38.87
O2 MAN OB . 128.43 14.84 -34.31
O3 MAN OB . 129.48 17.34 -34.34
O4 MAN OB . 130.51 17.32 -36.98
O5 MAN OB . 127.79 14.87 -37.24
O6 MAN OB . 130.02 14.06 -38.45
N1 WT8 OB . 133.65 22.01 -38.98
C4 WT8 OB . 133.38 20.16 -36.47
C5 WT8 OB . 132.73 20.04 -37.85
C6 WT8 OB . 132.43 21.39 -38.50
C7 WT8 OB . 134.91 21.91 -35.82
C8 WT8 OB . 135.17 23.34 -35.45
C10 WT8 OB . 132.69 17.21 -38.05
C13 WT8 OB . 135.21 23.80 -39.32
C1 WT8 OB . 131.69 17.98 -37.21
C11 WT8 OB . 132.06 20.46 -40.80
C12 WT8 OB . 133.93 23.29 -38.75
C2 WT8 OB . 132.20 18.08 -35.78
C3 WT8 OB . 132.48 19.52 -35.42
C9 WT8 OB . 131.45 21.25 -39.64
N4 WT8 OB . 133.67 21.53 -36.12
N9 WT8 OB . 135.88 21.11 -35.84
O11 WT8 OB . 132.36 16.84 -39.19
O12 WT8 OB . 133.82 16.97 -37.56
O13 WT8 OB . 131.05 22.54 -40.10
O14 WT8 OB . 133.17 24.00 -38.11
O3 WT8 OB . 131.25 20.25 -35.34
O5 WT8 OB . 131.52 19.29 -37.75
O5 A2G PB . 118.19 -6.92 -60.31
C1 A2G PB . 119.14 -6.42 -59.38
C2 A2G PB . 120.14 -5.47 -60.04
N2 A2G PB . 120.87 -4.79 -58.99
C3 A2G PB . 119.49 -4.48 -61.05
O3 A2G PB . 120.51 -3.97 -61.96
C4 A2G PB . 118.29 -5.07 -61.83
O4 A2G PB . 118.68 -5.89 -62.94
C5 A2G PB . 117.40 -5.88 -60.91
C6 A2G PB . 116.26 -6.53 -61.68
O6 A2G PB . 115.61 -7.50 -60.87
C7 A2G PB . 121.13 -3.48 -58.96
O7 A2G PB . 122.11 -3.03 -59.52
C8 A2G PB . 120.19 -2.59 -58.19
O5 A2G PB . 121.34 -5.25 -63.80
C1 A2G PB . 121.56 -5.00 -62.41
C2 A2G PB . 122.95 -4.47 -62.15
N2 A2G PB . 123.14 -3.32 -63.01
C3 A2G PB . 123.89 -5.57 -62.52
O3 A2G PB . 123.71 -6.64 -61.55
C4 A2G PB . 123.61 -6.02 -63.99
O4 A2G PB . 124.62 -6.91 -64.51
C5 A2G PB . 122.11 -6.37 -64.24
C6 A2G PB . 121.52 -7.60 -63.53
O6 A2G PB . 120.16 -7.77 -63.94
C7 A2G PB . 123.39 -2.12 -62.50
O7 A2G PB . 123.87 -1.95 -61.39
C8 A2G PB . 123.03 -0.96 -63.39
O5 A2G QB . 104.70 -17.81 -51.17
C1 A2G QB . 104.89 -16.68 -52.01
C2 A2G QB . 105.11 -17.22 -53.44
N2 A2G QB . 105.36 -16.13 -54.36
C3 A2G QB . 103.90 -18.03 -53.86
O3 A2G QB . 103.85 -18.49 -55.21
C4 A2G QB . 103.60 -19.14 -52.87
O4 A2G QB . 104.67 -20.09 -52.88
C5 A2G QB . 103.50 -18.54 -51.48
C6 A2G QB . 103.33 -19.59 -50.40
O6 A2G QB . 102.10 -20.30 -50.56
C7 A2G QB . 106.44 -16.06 -55.12
O7 A2G QB . 107.42 -16.79 -54.94
C8 A2G QB . 106.41 -15.04 -56.22
O5 A2G QB . 105.36 -20.37 -55.55
C1 A2G QB . 105.08 -18.98 -55.80
C2 A2G QB . 105.20 -18.59 -57.29
N2 A2G QB . 104.00 -17.85 -57.63
C3 A2G QB . 105.37 -19.72 -58.33
O3 A2G QB . 106.44 -19.43 -59.25
C4 A2G QB . 105.49 -21.13 -57.76
O4 A2G QB . 106.84 -21.51 -57.52
C5 A2G QB . 104.71 -21.24 -56.47
C6 A2G QB . 104.75 -22.66 -55.93
O6 A2G QB . 106.12 -23.07 -55.75
C7 A2G QB . 104.03 -16.73 -58.34
O7 A2G QB . 104.98 -16.42 -59.03
C8 A2G QB . 102.82 -15.85 -58.20
C1 MAN QB . 107.59 -18.79 -58.64
C2 MAN QB . 107.93 -17.50 -59.44
C3 MAN QB . 108.56 -17.85 -60.78
C4 MAN QB . 109.74 -18.82 -60.60
C5 MAN QB . 109.21 -20.08 -59.89
C6 MAN QB . 110.29 -21.12 -59.65
O2 MAN QB . 108.92 -16.71 -58.75
O3 MAN QB . 109.00 -16.67 -61.46
O4 MAN QB . 110.29 -19.17 -61.86
O5 MAN QB . 108.69 -19.69 -58.60
O6 MAN QB . 111.19 -20.61 -58.68
N1 WT8 QB . 111.78 -20.90 -67.40
C4 WT8 QB . 111.87 -18.39 -65.53
C5 WT8 QB . 111.49 -19.84 -65.21
C6 WT8 QB . 110.81 -20.54 -66.37
C7 WT8 QB . 112.57 -17.60 -67.70
C8 WT8 QB . 112.25 -17.24 -69.11
C10 WT8 QB . 112.48 -19.95 -62.56
C13 WT8 QB . 112.62 -21.09 -69.64
C1 WT8 QB . 111.18 -19.27 -62.90
C11 WT8 QB . 111.07 -22.86 -65.42
C12 WT8 QB . 111.54 -20.66 -68.69
C2 WT8 QB . 111.43 -17.79 -63.15
C3 WT8 QB . 111.12 -17.43 -64.60
C9 WT8 QB . 110.08 -21.80 -65.91
N4 WT8 QB . 111.59 -18.04 -66.90
N9 WT8 QB . 113.75 -17.48 -67.29
O11 WT8 QB . 112.44 -21.12 -62.12
O12 WT8 QB . 113.54 -19.32 -62.73
O13 WT8 QB . 109.31 -22.34 -66.99
O14 WT8 QB . 110.50 -20.14 -69.07
O3 WT8 QB . 109.71 -17.53 -64.83
O5 WT8 QB . 110.62 -19.87 -64.08
O5 A2G RB . 110.54 -43.18 -35.28
C1 A2G RB . 111.12 -42.15 -36.07
C2 A2G RB . 111.78 -42.71 -37.33
N2 A2G RB . 112.08 -41.59 -38.20
C3 A2G RB . 110.96 -43.81 -38.03
O3 A2G RB . 111.84 -44.61 -38.89
C4 A2G RB . 110.16 -44.73 -37.08
O4 A2G RB . 110.96 -45.76 -36.46
C5 A2G RB . 109.51 -43.90 -35.97
C6 A2G RB . 108.78 -44.80 -34.98
O6 A2G RB . 108.42 -44.05 -33.82
C7 A2G RB . 111.86 -41.57 -39.52
O7 A2G RB . 112.68 -42.02 -40.30
C8 A2G RB . 110.57 -40.96 -39.99
O5 A2G RB . 113.29 -46.30 -38.03
C1 A2G RB . 113.22 -44.88 -38.32
C2 A2G RB . 114.30 -44.47 -39.31
N2 A2G RB . 114.17 -45.34 -40.47
C3 A2G RB . 115.61 -44.69 -38.61
O3 A2G RB . 115.70 -43.72 -37.54
C4 A2G RB . 115.70 -46.17 -38.13
O4 A2G RB . 117.02 -46.54 -37.66
C5 A2G RB . 114.46 -46.61 -37.27
C6 A2G RB . 114.26 -45.94 -35.90
O6 A2G RB . 113.12 -46.51 -35.27
C7 A2G RB . 113.91 -44.83 -41.66
O7 A2G RB . 114.16 -43.67 -41.97
C8 A2G RB . 113.27 -45.79 -42.64
O5 A2G SB . 100.78 -35.52 -20.10
C1 A2G SB . 100.66 -36.36 -21.24
C2 A2G SB . 101.24 -37.73 -20.85
N2 A2G SB . 101.20 -38.63 -21.97
C3 A2G SB . 100.47 -38.29 -19.66
O3 A2G SB . 100.76 -39.62 -19.24
C4 A2G SB . 100.46 -37.31 -18.50
O4 A2G SB . 101.79 -37.16 -18.01
C5 A2G SB . 99.96 -35.96 -18.99
C6 A2G SB . 100.04 -34.88 -17.94
O6 A2G SB . 99.19 -35.16 -16.85
C7 A2G SB . 102.27 -39.27 -22.44
O7 A2G SB . 103.41 -38.94 -22.10
C8 A2G SB . 102.02 -40.38 -23.40
O5 A2G SB . 102.86 -39.71 -18.04
C1 A2G SB . 102.14 -40.03 -19.24
C2 A2G SB . 102.30 -41.50 -19.68
N2 A2G SB . 100.97 -42.02 -19.94
C3 A2G SB . 103.00 -42.48 -18.71
O3 A2G SB . 104.01 -43.27 -19.38
C4 A2G SB . 103.53 -41.87 -17.41
O4 A2G SB . 104.90 -41.44 -17.54
C5 A2G SB . 102.69 -40.68 -17.01
C6 A2G SB . 103.17 -40.10 -15.68
O6 A2G SB . 104.55 -39.75 -15.80
C7 A2G SB . 100.68 -42.74 -21.02
O7 A2G SB . 101.54 -43.33 -21.66
C8 A2G SB . 99.23 -42.78 -21.40
C1 MAN SB . 104.76 -42.53 -20.37
C2 MAN SB . 104.73 -43.32 -21.72
C3 MAN SB . 105.59 -44.56 -21.65
C4 MAN SB . 107.00 -44.21 -21.15
C5 MAN SB . 106.88 -43.54 -19.78
C6 MAN SB . 108.21 -43.14 -19.18
O2 MAN SB . 105.26 -42.53 -22.79
O3 MAN SB . 105.66 -45.22 -22.91
O4 MAN SB . 107.80 -45.38 -21.04
O5 MAN SB . 106.09 -42.34 -19.91
O6 MAN SB . 108.74 -42.07 -19.96
N1 WT8 SB . 110.50 -50.64 -20.07
C4 WT8 SB . 109.44 -48.84 -22.41
C5 WT8 SB . 109.57 -48.53 -20.92
C6 WT8 SB . 109.35 -49.75 -20.04
C7 WT8 SB . 110.09 -50.92 -23.44
C8 WT8 SB . 109.85 -52.38 -23.70
C10 WT8 SB . 110.20 -45.78 -21.11
C13 WT8 SB . 111.63 -52.75 -20.24
C1 WT8 SB . 108.79 -46.30 -21.29
C11 WT8 SB . 110.29 -48.71 -17.95
C12 WT8 SB . 110.36 -51.96 -20.23
C2 WT8 SB . 108.53 -46.55 -22.76
C3 WT8 SB . 108.31 -48.03 -23.02
C9 WT8 SB . 109.07 -49.34 -18.60
N4 WT8 SB . 109.25 -50.25 -22.67
N9 WT8 SB . 111.10 -50.38 -23.98
O11 WT8 SB . 110.52 -45.31 -20.00
O12 WT8 SB . 110.98 -45.83 -22.08
O13 WT8 SB . 108.68 -50.50 -17.84
O14 WT8 SB . 109.26 -52.48 -20.35
O3 WT8 SB . 107.07 -48.44 -22.42
O5 WT8 SB . 108.63 -47.52 -20.55
O5 A2G TB . 113.22 -18.35 1.80
C1 A2G TB . 113.49 -19.09 0.61
C2 A2G TB . 114.47 -20.24 0.86
N2 A2G TB . 114.45 -21.10 -0.30
C3 A2G TB . 114.19 -21.01 2.19
O3 A2G TB . 115.39 -21.73 2.60
C4 A2G TB . 113.66 -20.13 3.34
O4 A2G TB . 114.69 -19.41 4.03
C5 A2G TB . 112.62 -19.14 2.83
C6 A2G TB . 112.13 -18.23 3.94
O6 A2G TB . 111.39 -17.14 3.39
C7 A2G TB . 114.42 -22.43 -0.27
O7 A2G TB . 115.42 -23.10 -0.15
C8 A2G TB . 113.05 -23.09 -0.39
O5 A2G TB . 117.23 -20.64 3.66
C1 A2G TB . 116.71 -20.98 2.37
C2 A2G TB . 117.68 -21.83 1.58
N2 A2G TB . 118.01 -22.98 2.41
C3 A2G TB . 118.88 -20.98 1.33
O3 A2G TB . 118.48 -19.93 0.41
C4 A2G TB . 119.43 -20.45 2.68
O4 A2G TB . 120.72 -19.81 2.57
C5 A2G TB . 118.34 -19.74 3.54
C6 A2G TB . 117.74 -18.42 3.03
O6 A2G TB . 116.80 -17.93 3.99
C7 A2G TB . 117.74 -24.22 2.01
O7 A2G TB . 117.60 -24.52 0.83
C8 A2G TB . 117.62 -25.23 3.11
O5 A2G UB . 99.53 -4.74 -1.57
C1 A2G UB . 99.87 -5.85 -0.76
C2 A2G UB . 100.84 -5.35 0.31
N2 A2G UB . 101.27 -6.45 1.17
C3 A2G UB . 100.17 -4.26 1.14
O3 A2G UB . 100.87 -3.77 2.29
C4 A2G UB . 99.67 -3.14 0.25
O4 A2G UB . 100.78 -2.48 -0.36
C5 A2G UB . 98.80 -3.73 -0.84
C6 A2G UB . 98.35 -2.70 -1.86
O6 A2G UB . 97.52 -1.72 -1.26
C7 A2G UB . 102.54 -6.76 1.35
O7 A2G UB . 103.44 -6.29 0.65
C8 A2G UB . 102.84 -7.71 2.47
O5 A2G UB . 102.70 -2.31 1.65
C1 A2G UB . 102.29 -3.58 2.18
C2 A2G UB . 103.02 -3.95 3.49
N2 A2G UB . 102.02 -4.37 4.44
C3 A2G UB . 103.89 -2.88 4.17
O3 A2G UB . 105.20 -3.40 4.53
C4 A2G UB . 104.00 -1.55 3.44
O4 A2G UB . 105.13 -1.51 2.55
C5 A2G UB . 102.75 -1.29 2.63
C6 A2G UB . 102.82 0.07 1.94
O6 A2G UB . 103.99 0.13 1.12
C7 A2G UB . 102.14 -5.45 5.19
O7 A2G UB . 103.22 -5.97 5.41
C8 A2G UB . 100.86 -6.01 5.74
C1 MAN UB . 105.76 -4.31 3.55
C2 MAN UB . 106.17 -5.63 4.28
C3 MAN UB . 107.41 -5.41 5.12
C4 MAN UB . 108.53 -4.75 4.30
C5 MAN UB . 108.00 -3.42 3.75
C6 MAN UB . 109.02 -2.69 2.91
O2 MAN UB . 106.52 -6.65 3.34
O3 MAN UB . 107.87 -6.63 5.69
O4 MAN UB . 109.67 -4.52 5.11
O5 MAN UB . 106.86 -3.70 2.90
O6 MAN UB . 109.22 -3.42 1.71
N1 WT8 UB . 113.92 -3.08 9.08
C4 WT8 UB . 112.60 -5.58 7.73
C5 WT8 UB . 112.42 -4.08 7.43
C6 WT8 UB . 112.54 -3.21 8.67
C7 WT8 UB . 114.07 -6.46 9.42
C8 WT8 UB . 114.40 -6.70 10.87
C10 WT8 UB . 112.04 -4.28 4.62
C13 WT8 UB . 115.74 -3.04 10.64
C1 WT8 UB . 110.95 -4.61 5.61
C11 WT8 UB . 112.78 -1.05 7.39
C12 WT8 UB . 114.28 -3.21 10.36
C2 WT8 UB . 110.98 -6.11 5.91
C3 WT8 UB . 111.34 -6.35 7.37
C9 WT8 UB . 111.94 -1.82 8.42
N4 WT8 UB . 112.96 -5.81 9.11
N9 WT8 UB . 114.88 -6.88 8.55
O11 WT8 UB . 112.04 -3.14 4.09
O12 WT8 UB . 112.91 -5.14 4.37
O13 WT8 UB . 111.90 -1.09 9.64
O14 WT8 UB . 113.47 -3.46 11.23
O3 WT8 UB . 110.26 -5.90 8.20
O5 WT8 UB . 111.14 -3.87 6.82
O5 A2G VB . 102.14 18.08 -21.62
C1 A2G VB . 102.81 16.96 -21.05
C2 A2G VB . 104.10 17.37 -20.32
N2 A2G VB . 104.53 16.24 -19.53
C3 A2G VB . 103.94 18.67 -19.48
O3 A2G VB . 105.26 19.23 -19.22
C4 A2G VB . 103.00 19.71 -20.07
O4 A2G VB . 103.60 20.51 -21.12
C5 A2G VB . 101.73 19.05 -20.64
C6 A2G VB . 100.82 20.08 -21.30
O6 A2G VB . 99.81 19.41 -22.06
C7 A2G VB . 104.97 16.30 -18.27
O7 A2G VB . 106.12 16.55 -18.01
C8 A2G VB . 103.95 16.02 -17.18
O5 A2G VB . 106.44 20.50 -20.88
C1 A2G VB . 106.24 19.16 -20.40
C2 A2G VB . 107.54 18.53 -19.96
N2 A2G VB . 108.15 19.41 -18.99
C3 A2G VB . 108.38 18.40 -21.19
O3 A2G VB . 107.74 17.41 -22.05
C4 A2G VB . 108.53 19.80 -21.86
O4 A2G VB . 109.52 19.82 -22.93
C5 A2G VB . 107.15 20.50 -22.12
C6 A2G VB . 106.20 19.87 -23.14
O6 A2G VB . 105.03 20.68 -23.25
C7 A2G VB . 108.39 19.02 -17.76
O7 A2G VB . 108.52 17.84 -17.44
C8 A2G VB . 108.51 20.12 -16.74
O5 A2G WB . 85.04 12.67 -29.50
C1 A2G WB . 85.66 13.53 -28.56
C2 A2G WB . 86.24 14.71 -29.36
N2 A2G WB . 86.91 15.63 -28.47
C3 A2G WB . 85.12 15.42 -30.12
O3 A2G WB . 85.45 16.62 -30.80
C4 A2G WB . 84.37 14.44 -31.01
O4 A2G WB . 85.24 13.95 -32.04
C5 A2G WB . 83.91 13.25 -30.16
C6 A2G WB . 83.26 12.16 -30.98
O6 A2G WB . 82.06 12.63 -31.60
C7 A2G WB . 88.19 15.99 -28.63
O7 A2G WB . 88.93 15.40 -29.40
C8 A2G WB . 88.65 17.16 -27.82
O5 A2G WB . 86.70 16.18 -32.83
C1 A2G WB . 86.71 16.69 -31.50
C2 A2G WB . 87.35 18.08 -31.38
N2 A2G WB . 86.44 18.92 -30.62
C3 A2G WB . 87.69 18.85 -32.68
O3 A2G WB . 89.03 19.38 -32.66
C4 A2G WB . 87.41 18.09 -33.98
O4 A2G WB . 88.55 17.35 -34.44
C5 A2G WB . 86.26 17.13 -33.79
C6 A2G WB . 85.92 16.42 -35.10
O6 A2G WB . 87.09 15.75 -35.58
C7 A2G WB . 86.86 19.71 -29.64
O7 A2G WB . 88.01 20.08 -29.54
C8 A2G WB . 85.80 20.11 -28.65
C1 MAN WB . 90.00 18.51 -32.03
C2 MAN WB . 90.76 19.31 -30.93
C3 MAN WB . 91.73 20.30 -31.56
C4 MAN WB . 92.63 19.60 -32.59
C5 MAN WB . 91.73 18.96 -33.66
C6 MAN WB . 92.52 18.23 -34.72
O2 MAN WB . 91.57 18.45 -30.12
O3 MAN WB . 92.52 20.95 -30.58
O4 MAN WB . 93.50 20.55 -33.20
O5 MAN WB . 90.89 17.98 -33.01
O6 MAN WB . 93.13 17.08 -34.13
N1 WT8 WB . 96.42 24.97 -35.99
C4 WT8 WB . 96.26 23.53 -33.21
C5 WT8 WB . 95.60 23.17 -34.54
C6 WT8 WB . 95.23 24.39 -35.39
C7 WT8 WB . 97.73 25.42 -32.88
C8 WT8 WB . 97.93 26.90 -32.74
C10 WT8 WB . 95.67 20.35 -34.29
C13 WT8 WB . 97.90 26.75 -36.64
C1 WT8 WB . 94.66 21.20 -33.56
C11 WT8 WB . 94.86 23.10 -37.51
C12 WT8 WB . 96.64 26.28 -35.97
C2 WT8 WB . 95.18 21.55 -32.17
C3 WT8 WB . 95.41 23.04 -32.05
C9 WT8 WB . 94.24 24.03 -36.47
N4 WT8 WB . 96.50 24.95 -33.09
N9 WT8 WB . 98.73 24.66 -32.80
O11 WT8 WB . 95.32 19.79 -35.35
O12 WT8 WB . 96.82 20.24 -33.79
O13 WT8 WB . 93.78 25.23 -37.11
O14 WT8 WB . 95.86 27.06 -35.43
O3 WT8 WB . 94.15 23.72 -32.06
O5 WT8 WB . 94.42 22.40 -34.30
O5 A2G XB . 81.82 -7.51 -52.12
C1 A2G XB . 82.77 -6.83 -51.30
C2 A2G XB . 83.72 -5.96 -52.13
N2 A2G XB . 84.43 -5.09 -51.21
C3 A2G XB . 83.01 -5.17 -53.26
O3 A2G XB . 83.99 -4.78 -54.26
C4 A2G XB . 81.83 -5.92 -53.92
O4 A2G XB . 82.24 -6.89 -54.90
C5 A2G XB . 80.98 -6.62 -52.86
C6 A2G XB . 79.85 -7.41 -53.50
O6 A2G XB . 79.25 -8.27 -52.53
C7 A2G XB . 84.65 -3.79 -51.40
O7 A2G XB . 85.60 -3.39 -52.04
C8 A2G XB . 83.68 -2.83 -50.77
O5 A2G XB . 84.85 -6.30 -55.90
C1 A2G XB . 85.08 -5.82 -54.56
C2 A2G XB . 86.45 -5.20 -54.43
N2 A2G XB . 86.58 -4.20 -55.46
C3 A2G XB . 87.43 -6.32 -54.63
O3 A2G XB . 87.30 -7.21 -53.50
C4 A2G XB . 87.15 -6.99 -56.01
O4 A2G XB . 88.19 -7.93 -56.41
C5 A2G XB . 85.66 -7.44 -56.17
C6 A2G XB . 85.13 -8.56 -55.27
O6 A2G XB . 83.78 -8.84 -55.62
C7 A2G XB . 86.78 -2.92 -55.16
O7 A2G XB . 87.29 -2.56 -54.10
C8 A2G XB . 86.37 -1.93 -56.20
O5 A2G YB . 68.93 -17.32 -41.09
C1 A2G YB . 69.08 -16.33 -42.10
C2 A2G YB . 69.30 -17.09 -43.43
N2 A2G YB . 69.47 -16.14 -44.52
C3 A2G YB . 68.10 -18.00 -43.71
O3 A2G YB . 68.06 -18.67 -44.97
C4 A2G YB . 67.86 -18.95 -42.54
O4 A2G YB . 68.97 -19.84 -42.42
C5 A2G YB . 67.76 -18.14 -41.26
C6 A2G YB . 67.65 -19.00 -40.02
O6 A2G YB . 66.45 -19.78 -40.04
C7 A2G YB . 70.55 -16.16 -45.30
O7 A2G YB . 71.55 -16.82 -45.03
C8 A2G YB . 70.45 -15.33 -46.55
O5 A2G YB . 69.64 -20.52 -45.03
C1 A2G YB . 69.30 -19.20 -45.49
C2 A2G YB . 69.38 -19.05 -47.02
N2 A2G YB . 68.14 -18.42 -47.46
C3 A2G YB . 69.58 -20.31 -47.88
O3 A2G YB . 70.62 -20.14 -48.86
C4 A2G YB . 69.76 -21.61 -47.10
O4 A2G YB . 71.14 -21.90 -46.82
C5 A2G YB . 69.01 -21.55 -45.78
C6 A2G YB . 69.12 -22.86 -45.03
O6 A2G YB . 70.49 -23.18 -44.82
C7 A2G YB . 68.12 -17.41 -48.32
O7 A2G YB . 69.03 -17.18 -49.08
C8 A2G YB . 66.87 -16.58 -48.30
C1 MAN YB . 71.76 -19.37 -48.38
C2 MAN YB . 72.03 -18.20 -49.37
C3 MAN YB . 72.65 -18.73 -50.66
C4 MAN YB . 73.87 -19.62 -50.36
C5 MAN YB . 73.41 -20.77 -49.44
C6 MAN YB . 74.53 -21.72 -49.07
O2 MAN YB . 72.98 -17.28 -48.85
O3 MAN YB . 73.03 -17.67 -51.53
O4 MAN YB . 74.42 -20.15 -51.55
O5 MAN YB . 72.89 -20.21 -48.23
O6 MAN YB . 75.42 -21.03 -48.20
N1 WT8 YB . 75.89 -22.67 -56.79
C4 WT8 YB . 75.90 -19.89 -55.33
C5 WT8 YB . 75.59 -21.28 -54.78
C6 WT8 YB . 74.92 -22.20 -55.81
C7 WT8 YB . 76.54 -19.43 -57.61
C8 WT8 YB . 76.18 -19.31 -59.07
C10 WT8 YB . 76.63 -20.94 -52.17
C13 WT8 YB . 76.70 -23.17 -58.99
C1 WT8 YB . 75.30 -20.38 -52.58
C11 WT8 YB . 75.30 -24.31 -54.50
C12 WT8 YB . 75.62 -22.65 -58.09
C2 WT8 YB . 75.48 -18.94 -53.07
C3 WT8 YB . 75.13 -18.83 -54.55
C9 WT8 YB . 74.25 -23.39 -55.13
N4 WT8 YB . 75.59 -19.78 -56.75
N9 WT8 YB . 77.72 -19.20 -57.26
O11 WT8 YB . 76.64 -22.03 -51.55
O12 WT8 YB . 77.66 -20.31 -52.46
O13 WT8 YB . 73.49 -24.12 -56.09
O14 WT8 YB . 74.56 -22.24 -58.53
O3 WT8 YB . 73.73 -19.02 -54.72
O5 WT8 YB . 74.74 -21.17 -53.64
O5 A2G ZB . 76.04 -39.63 -21.56
C1 A2G ZB . 76.57 -38.71 -22.51
C2 A2G ZB . 77.25 -39.44 -23.68
N2 A2G ZB . 77.48 -38.45 -24.72
C3 A2G ZB . 76.45 -40.67 -24.18
O3 A2G ZB . 77.34 -41.55 -24.93
C4 A2G ZB . 75.71 -41.45 -23.08
O4 A2G ZB . 76.56 -42.34 -22.33
C5 A2G ZB . 75.03 -40.49 -22.10
C6 A2G ZB . 74.36 -41.24 -20.97
O6 A2G ZB . 73.99 -40.33 -19.93
C7 A2G ZB . 77.24 -38.65 -26.02
O7 A2G ZB . 78.05 -39.18 -26.75
C8 A2G ZB . 75.92 -38.17 -26.57
O5 A2G ZB . 78.89 -43.03 -23.85
C1 A2G ZB . 78.76 -41.69 -24.34
C2 A2G ZB . 79.79 -41.40 -25.41
N2 A2G ZB . 79.69 -42.43 -26.42
C3 A2G ZB . 81.12 -41.45 -24.73
O3 A2G ZB . 81.20 -40.32 -23.82
C4 A2G ZB . 81.28 -42.83 -24.02
O4 A2G ZB . 82.63 -43.07 -23.52
C5 A2G ZB . 80.09 -43.17 -23.07
C6 A2G ZB . 79.88 -42.30 -21.82
O6 A2G ZB . 78.77 -42.81 -21.08
C7 A2G ZB . 79.38 -42.14 -27.68
O7 A2G ZB . 79.58 -41.02 -28.17
C8 A2G ZB . 78.77 -43.25 -28.47
O5 A2G AC . 66.22 -30.04 -7.56
C1 A2G AC . 66.13 -31.05 -8.55
C2 A2G AC . 66.77 -32.32 -7.96
N2 A2G AC . 66.74 -33.39 -8.92
C3 A2G AC . 66.03 -32.72 -6.68
O3 A2G AC . 66.39 -33.95 -6.07
C4 A2G AC . 66.01 -31.57 -5.69
O4 A2G AC . 67.34 -31.29 -5.25
C5 A2G AC . 65.45 -30.32 -6.38
C6 A2G AC . 65.50 -29.09 -5.51
O6 A2G AC . 64.68 -29.24 -4.36
C7 A2G AC . 67.84 -34.05 -9.32
O7 A2G AC . 68.97 -33.64 -9.05
C8 A2G AC . 67.61 -35.31 -10.07
O5 A2G AC . 68.52 -33.77 -4.90
C1 A2G AC . 67.79 -34.31 -6.02
C2 A2G AC . 68.00 -35.82 -6.23
N2 A2G AC . 66.69 -36.41 -6.38
C3 A2G AC . 68.75 -36.60 -5.14
O3 A2G AC . 69.78 -37.45 -5.70
C4 A2G AC . 69.28 -35.78 -3.97
O4 A2G AC . 70.63 -35.32 -4.19
C5 A2G AC . 68.40 -34.57 -3.73
C6 A2G AC . 68.87 -33.78 -2.53
O6 A2G AC . 70.24 -33.38 -2.72
C7 A2G AC . 66.42 -37.31 -7.33
O7 A2G AC . 67.28 -37.96 -7.89
C8 A2G AC . 64.97 -37.47 -7.66
C1 MAN AC . 70.49 -36.86 -6.80
C2 MAN AC . 70.46 -37.84 -8.01
C3 MAN AC . 71.38 -39.03 -7.77
C4 MAN AC . 72.78 -38.54 -7.36
C5 MAN AC . 72.66 -37.67 -6.10
C6 MAN AC . 73.98 -37.13 -5.63
O2 MAN AC . 70.95 -37.22 -9.21
O3 MAN AC . 71.46 -39.86 -8.91
O4 MAN AC . 73.63 -39.66 -7.10
O5 MAN AC . 71.82 -36.54 -6.42
O6 MAN AC . 74.45 -36.18 -6.57
N1 WT8 AC . 76.56 -44.59 -5.37
C4 WT8 AC . 75.39 -43.22 -7.94
C5 WT8 AC . 75.53 -42.68 -6.52
C6 WT8 AC . 75.37 -43.75 -5.45
C7 WT8 AC . 76.10 -45.42 -8.65
C8 WT8 AC . 75.91 -46.90 -8.66
C10 WT8 AC . 76.04 -39.97 -7.15
C13 WT8 AC . 77.77 -46.66 -5.23
C1 WT8 AC . 74.66 -40.56 -7.21
C11 WT8 AC . 76.31 -42.36 -3.58
C12 WT8 AC . 76.46 -45.91 -5.32
C2 WT8 AC . 74.38 -41.06 -8.63
C3 WT8 AC . 74.22 -42.57 -8.64
C9 WT8 AC . 75.09 -43.13 -4.08
N4 WT8 AC . 75.25 -44.66 -7.96
N9 WT8 AC . 77.07 -44.93 -9.27
O11 WT8 AC . 76.37 -39.32 -6.13
O12 WT8 AC . 76.81 -40.14 -8.12
O13 WT8 AC . 74.77 -44.17 -3.14
O14 WT8 AC . 75.39 -46.49 -5.34
O3 WT8 AC . 73.00 -42.92 -7.96
O5 WT8 AC . 74.56 -41.65 -6.29
O5 A2G BC . 78.30 -9.14 11.08
C1 A2G BC . 78.57 -10.05 10.02
C2 A2G BC . 79.61 -11.10 10.42
N2 A2G BC . 79.60 -12.14 9.42
C3 A2G BC . 79.39 -11.66 11.86
O3 A2G BC . 80.62 -12.27 12.34
C4 A2G BC . 78.83 -10.64 12.87
O4 A2G BC . 79.84 -9.77 13.41
C5 A2G BC . 77.75 -9.78 12.23
C6 A2G BC . 77.25 -8.72 13.20
O6 A2G BC . 76.45 -7.76 12.50
C7 A2G BC . 79.62 -13.44 9.65
O7 A2G BC . 80.66 -14.04 9.85
C8 A2G BC . 78.29 -14.16 9.67
O5 A2G BC . 82.43 -10.95 13.19
C1 A2G BC . 81.90 -11.50 11.97
C2 A2G BC . 82.89 -12.44 11.31
N2 A2G BC . 83.29 -13.42 12.30
C3 A2G BC . 84.06 -11.60 10.90
O3 A2G BC . 83.60 -10.72 9.84
C4 A2G BC . 84.60 -10.83 12.14
O4 A2G BC . 85.87 -10.17 11.89
C5 A2G BC . 83.49 -10.03 12.91
C6 A2G BC . 82.83 -8.85 12.20
O6 A2G BC . 81.89 -8.23 13.09
C7 A2G BC . 83.06 -14.73 12.11
O7 A2G BC . 82.91 -15.21 11.00
C8 A2G BC . 82.99 -15.56 13.36
O5 A2G CC . 64.01 3.25 5.91
C1 A2G CC . 64.42 2.28 6.86
C2 A2G CC . 65.39 2.98 7.82
N2 A2G CC . 65.86 2.05 8.83
C3 A2G CC . 64.68 4.16 8.49
O3 A2G CC . 65.36 4.86 9.52
C4 A2G CC . 64.11 5.12 7.44
O4 A2G CC . 65.19 5.70 6.71
C5 A2G CC . 63.25 4.32 6.47
C6 A2G CC . 62.75 5.16 5.32
O6 A2G CC . 61.88 6.20 5.77
C7 A2G CC . 67.16 1.82 9.03
O7 A2G CC . 68.02 2.20 8.25
C8 A2G CC . 67.50 1.07 10.28
O5 A2G CC . 67.13 6.26 8.62
C1 A2G CC . 66.79 5.09 9.36
C2 A2G CC . 67.55 4.94 10.69
N2 A2G CC . 66.57 4.65 11.71
C3 A2G CC . 68.39 6.14 11.17
O3 A2G CC . 69.71 5.75 11.58
C4 A2G CC . 68.43 7.35 10.23
O4 A2G CC . 69.55 7.28 9.32
C5 A2G CC . 67.16 7.44 9.42
C6 A2G CC . 67.16 8.67 8.53
O6 A2G CC . 68.31 8.63 7.68
C7 A2G CC . 66.76 3.71 12.62
O7 A2G CC . 67.86 3.28 12.91
C8 A2G CC . 65.51 3.20 13.29
C1 MAN CC . 70.30 4.71 10.75
C2 MAN CC . 70.78 3.54 11.66
C3 MAN CC . 72.02 3.94 12.44
C4 MAN CC . 73.09 4.50 11.50
C5 MAN CC . 72.51 5.71 10.75
C6 MAN CC . 73.48 6.34 9.78
O2 MAN CC . 71.15 2.41 10.89
O3 MAN CC . 72.54 2.84 13.18
O4 MAN CC . 74.25 4.90 12.24
O5 MAN CC . 71.36 5.26 9.99
O6 MAN CC . 73.69 5.43 8.70
N1 WT8 CC . 78.50 7.12 15.83
C4 WT8 CC . 77.25 4.39 14.91
C5 WT8 CC . 77.01 5.80 14.39
C6 WT8 CC . 77.11 6.86 15.47
C7 WT8 CC . 78.79 3.84 16.70
C8 WT8 CC . 79.14 3.84 18.15
C10 WT8 CC . 76.59 5.15 11.66
C13 WT8 CC . 80.34 7.46 17.32
C1 WT8 CC . 75.53 4.94 12.71
C11 WT8 CC . 77.24 8.80 13.87
C12 WT8 CC . 78.88 7.20 17.10
C2 WT8 CC . 75.63 3.52 13.24
C3 WT8 CC . 76.01 3.53 14.72
C9 WT8 CC . 76.46 8.17 15.02
N4 WT8 CC . 77.64 4.38 16.31
N9 WT8 CC . 79.59 3.32 15.88
O11 WT8 CC . 76.53 6.18 10.95
O12 WT8 CC . 77.49 4.30 11.53
O13 WT8 CC . 76.41 9.09 16.11
O14 WT8 CC . 78.10 7.07 18.02
O3 WT8 CC . 74.93 4.06 15.48
O5 WT8 CC . 75.72 5.87 13.78
O5 A2G DC . 65.34 22.66 -17.54
C1 A2G DC . 66.06 21.68 -16.82
C2 A2G DC . 67.34 22.23 -16.20
N2 A2G DC . 67.83 21.26 -15.25
C3 A2G DC . 67.15 23.65 -15.57
O3 A2G DC . 68.44 24.30 -15.43
C4 A2G DC . 66.15 24.55 -16.31
O4 A2G DC . 66.70 25.19 -17.47
C5 A2G DC . 64.91 23.76 -16.73
C6 A2G DC . 63.95 24.62 -17.53
O6 A2G DC . 62.96 23.81 -18.14
C7 A2G DC . 68.29 21.54 -14.03
O7 A2G DC . 69.44 21.88 -13.83
C8 A2G DC . 67.31 21.40 -12.89
O5 A2G DC . 69.55 25.32 -17.29
C1 A2G DC . 69.41 24.07 -16.61
C2 A2G DC . 70.74 23.57 -16.10
N2 A2G DC . 71.34 24.63 -15.30
C3 A2G DC . 71.56 23.27 -17.31
O3 A2G DC . 70.97 22.14 -17.99
C4 A2G DC . 71.64 24.56 -18.20
O4 A2G DC . 72.61 24.45 -19.28
C5 A2G DC . 70.24 25.15 -18.54
C6 A2G DC . 69.30 24.34 -19.42
O6 A2G DC . 68.10 25.08 -19.64
C7 A2G DC . 71.61 24.44 -14.02
O7 A2G DC . 71.79 23.33 -13.53
C8 A2G DC . 71.69 25.70 -13.20
O5 A2G EC . 48.36 15.41 -24.09
C1 A2G EC . 48.95 16.43 -23.31
C2 A2G EC . 49.47 17.49 -24.30
N2 A2G EC . 50.12 18.57 -23.59
C3 A2G EC . 48.32 18.03 -25.14
O3 A2G EC . 48.58 19.12 -26.01
C4 A2G EC . 47.59 16.89 -25.85
O4 A2G EC . 48.46 16.29 -26.80
C5 A2G EC . 47.18 15.84 -24.81
C6 A2G EC . 46.58 14.60 -25.43
O6 A2G EC . 45.35 14.93 -26.09
C7 A2G EC . 51.37 18.94 -23.82
O7 A2G EC . 52.14 18.26 -24.51
C8 A2G EC . 51.80 20.24 -23.23
O5 A2G EC . 49.81 18.40 -27.98
C1 A2G EC . 49.83 19.12 -26.74
C2 A2G EC . 50.41 20.54 -26.86
N2 A2G EC . 49.49 21.44 -26.21
C3 A2G EC . 50.70 21.10 -28.26
O3 A2G EC . 52.02 21.68 -28.36
C4 A2G EC . 50.44 20.14 -29.43
O4 A2G EC . 51.59 19.37 -29.78
C5 A2G EC . 49.32 19.17 -29.06
C6 A2G EC . 48.99 18.25 -30.23
O6 A2G EC . 50.18 17.55 -30.63
C7 A2G EC . 49.88 22.40 -25.38
O7 A2G EC . 51.02 22.83 -25.36
C8 A2G EC . 48.82 22.92 -24.45
C1 MAN EC . 53.03 20.96 -27.63
C2 MAN EC . 53.78 21.95 -26.68
C3 MAN EC . 54.70 22.87 -27.48
C4 MAN EC . 55.60 22.05 -28.41
C5 MAN EC . 54.73 21.20 -29.33
C6 MAN EC . 55.53 20.35 -30.30
O2 MAN EC . 54.63 21.26 -25.77
O3 MAN EC . 55.48 23.69 -26.62
O4 MAN EC . 56.42 22.91 -29.18
O5 MAN EC . 53.92 20.31 -28.53
O6 MAN EC . 56.18 19.34 -29.55
N1 WT8 EC . 59.12 26.95 -32.70
C4 WT8 EC . 59.06 25.97 -29.73
C5 WT8 EC . 58.39 25.37 -30.97
C6 WT8 EC . 57.97 26.42 -31.98
C7 WT8 EC . 60.45 27.94 -29.73
C8 WT8 EC . 60.59 29.43 -29.83
C10 WT8 EC . 58.58 22.63 -30.27
C13 WT8 EC . 60.51 28.66 -33.65
C1 WT8 EC . 57.55 23.55 -29.67
C11 WT8 EC . 57.60 24.80 -33.86
C12 WT8 EC . 59.28 28.25 -32.89
C2 WT8 EC . 58.08 24.12 -28.36
C3 WT8 EC . 58.24 25.64 -28.48
C9 WT8 EC . 56.96 25.86 -32.97
N4 WT8 EC . 59.24 27.40 -29.84
N9 WT8 EC . 61.48 27.24 -29.55
O11 WT8 EC . 58.25 21.90 -31.23
O12 WT8 EC . 59.74 22.64 -29.79
O13 WT8 EC . 56.44 26.92 -33.79
O14 WT8 EC . 58.48 29.08 -32.47
O3 WT8 EC . 56.96 26.25 -28.57
O5 WT8 EC . 57.24 24.61 -30.58
O5 A2G FC . 45.64 -8.21 -43.16
C1 A2G FC . 46.56 -7.37 -42.48
C2 A2G FC . 47.47 -6.61 -43.45
N2 A2G FC . 48.15 -5.58 -42.70
C3 A2G FC . 46.71 -6.04 -44.68
O3 A2G FC . 47.65 -5.78 -45.76
C4 A2G FC . 45.55 -6.93 -45.18
O4 A2G FC . 45.98 -8.03 -46.01
C5 A2G FC . 44.74 -7.49 -44.01
C6 A2G FC . 43.64 -8.42 -44.48
O6 A2G FC . 43.09 -9.13 -43.39
C7 A2G FC . 48.31 -4.32 -43.09
O7 A2G FC . 49.23 -3.99 -43.82
C8 A2G FC . 47.31 -3.30 -42.60
O5 A2G FC . 48.54 -7.50 -47.14
C1 A2G FC . 48.78 -6.81 -45.91
C2 A2G FC . 50.13 -6.12 -45.91
N2 A2G FC . 50.19 -5.29 -47.09
C3 A2G FC . 51.15 -7.22 -45.95
O3 A2G FC . 51.08 -7.93 -44.69
C4 A2G FC . 50.87 -8.12 -47.20
O4 A2G FC . 51.94 -9.06 -47.46
C5 A2G FC . 49.40 -8.64 -47.26
C6 A2G FC . 48.94 -9.62 -46.17
O6 A2G FC . 47.58 -10.01 -46.45
C7 A2G FC . 50.35 -3.98 -46.99
O7 A2G FC . 50.85 -3.43 -46.00
C8 A2G FC . 49.87 -3.19 -48.17
O5 A2G GC . 33.35 -16.64 -30.43
C1 A2G GC . 33.42 -15.82 -31.59
C2 A2G GC . 33.66 -16.77 -32.78
N2 A2G GC . 33.78 -16.00 -34.00
C3 A2G GC . 32.50 -17.76 -32.89
O3 A2G GC . 32.46 -18.62 -34.02
C4 A2G GC . 32.33 -18.51 -31.58
O4 A2G GC . 33.47 -19.34 -31.34
C5 A2G GC . 32.19 -17.51 -30.43
C6 A2G GC . 32.15 -18.18 -29.08
O6 A2G GC . 30.99 -18.99 -28.95
C7 A2G GC . 34.84 -16.10 -34.81
O7 A2G GC . 35.87 -16.66 -34.46
C8 A2G GC . 34.69 -15.48 -36.17
O5 A2G GC . 34.11 -20.40 -33.83
C1 A2G GC . 33.71 -19.18 -34.48
C2 A2G GC . 33.76 -19.26 -36.02
N2 A2G GC . 32.49 -18.77 -36.52
C3 A2G GC . 34.00 -20.64 -36.67
O3 A2G GC . 35.03 -20.58 -37.69
C4 A2G GC . 34.25 -21.80 -35.69
O4 A2G GC . 35.64 -21.98 -35.41
C5 A2G GC . 33.52 -21.54 -34.39
C6 A2G GC . 33.69 -22.73 -33.44
O6 A2G GC . 35.09 -22.95 -33.22
C7 A2G GC . 32.41 -17.91 -37.53
O7 A2G GC . 33.31 -17.77 -38.35
C8 A2G GC . 31.13 -17.13 -37.62
C1 MAN GC . 36.13 -19.71 -37.36
C2 MAN GC . 36.34 -18.70 -38.54
C3 MAN GC . 36.97 -19.41 -39.74
C4 MAN GC . 38.22 -20.19 -39.32
C5 MAN GC . 37.83 -21.20 -38.23
C6 MAN GC . 39.00 -22.02 -37.74
O2 MAN GC . 37.27 -17.67 -38.18
O3 MAN GC . 37.28 -18.48 -40.77
O4 MAN GC . 38.77 -20.88 -40.44
O5 MAN GC . 37.30 -20.47 -37.10
O6 MAN GC . 39.86 -21.17 -37.01
N1 WT8 GC . 40.27 -24.14 -45.23
C4 WT8 GC . 40.18 -21.17 -44.24
C5 WT8 GC . 39.94 -22.47 -43.46
C6 WT8 GC . 39.30 -23.56 -44.32
C7 WT8 GC . 40.77 -21.05 -46.58
C8 WT8 GC . 40.38 -21.18 -48.02
C10 WT8 GC . 41.00 -21.67 -40.96
C13 WT8 GC . 41.06 -24.96 -47.34
C1 WT8 GC . 39.64 -21.24 -41.44
C11 WT8 GC . 39.78 -25.42 -42.71
C12 WT8 GC . 39.97 -24.34 -46.52
C2 WT8 GC . 39.76 -19.89 -42.14
C3 WT8 GC . 39.39 -20.03 -43.61
C9 WT8 GC . 38.69 -24.65 -43.44
N4 WT8 GC . 39.85 -21.30 -45.64
N9 WT8 GC . 41.95 -20.72 -46.29
O11 WT8 GC . 41.08 -22.64 -40.18
O12 WT8 GC . 42.01 -21.05 -41.37
O13 WT8 GC . 37.94 -25.55 -44.26
O14 WT8 GC . 38.88 -24.04 -46.99
O3 WT8 GC . 37.99 -20.30 -43.73
O5 WT8 GC . 39.10 -22.21 -42.33
O5 A2G HC . 41.67 -35.25 -7.78
C1 A2G HC . 42.13 -34.48 -8.87
C2 A2G HC . 42.82 -35.35 -9.93
N2 A2G HC . 42.99 -34.55 -11.12
C3 A2G HC . 42.07 -36.69 -10.21
O3 A2G HC . 42.99 -37.63 -10.83
C4 A2G HC . 41.38 -37.30 -8.98
O4 A2G HC . 42.28 -38.03 -8.12
C5 A2G HC . 40.68 -36.22 -8.15
C6 A2G HC . 40.06 -36.81 -6.90
O6 A2G HC . 39.68 -35.77 -6.01
C7 A2G HC . 42.75 -34.95 -12.37
O7 A2G HC . 43.57 -35.56 -13.01
C8 A2G HC . 41.40 -34.61 -12.95
O5 A2G HC . 44.61 -38.86 -9.56
C1 A2G HC . 44.42 -37.62 -10.26
C2 A2G HC . 45.42 -37.47 -11.38
N2 A2G HC . 45.34 -38.65 -12.21
C3 A2G HC . 46.76 -37.35 -10.73
O3 A2G HC . 46.80 -36.10 -10.02
C4 A2G HC . 46.99 -38.60 -9.81
O4 A2G HC . 48.35 -38.70 -9.32
C5 A2G HC . 45.82 -38.83 -8.80
C6 A2G HC . 45.60 -37.78 -7.70
O6 A2G HC . 44.53 -38.22 -6.86
C7 A2G HC . 45.00 -38.57 -13.49
O7 A2G HC . 45.15 -37.55 -14.16
C8 A2G HC . 44.43 -39.84 -14.09
O5 A2G IC . 31.70 -23.93 4.74
C1 A2G IC . 31.63 -25.09 3.92
C2 A2G IC . 32.33 -26.22 4.69
N2 A2G IC . 32.32 -27.43 3.92
C3 A2G IC . 31.63 -26.44 6.03
O3 A2G IC . 32.04 -27.54 6.83
C4 A2G IC . 31.57 -25.14 6.83
O4 A2G IC . 32.89 -24.74 7.19
C5 A2G IC . 30.96 -24.05 5.97
C6 A2G IC . 30.97 -22.69 6.62
O6 A2G IC . 30.17 -22.69 7.80
C7 A2G IC . 33.44 -28.10 3.61
O7 A2G IC . 34.55 -27.61 3.77
C8 A2G IC . 33.25 -29.48 3.06
O5 A2G IC . 34.18 -27.10 7.90
C1 A2G IC . 33.46 -27.83 6.90
C2 A2G IC . 33.73 -29.34 6.93
N2 A2G IC . 32.44 -30.01 6.91
C3 A2G IC . 34.53 -29.92 8.11
O3 A2G IC . 35.59 -30.81 7.68
C4 A2G IC . 35.05 -28.90 9.13
O4 A2G IC . 36.36 -28.43 8.81
C5 A2G IC . 34.12 -27.70 9.19
C6 A2G IC . 34.57 -26.70 10.24
O6 A2G IC . 35.92 -26.30 9.95
C7 A2G IC . 32.19 -31.05 6.12
O7 A2G IC . 33.07 -31.75 5.65
C8 A2G IC . 30.74 -31.32 5.85
C1 MAN IC . 36.25 -30.37 6.46
C2 MAN IC . 36.23 -31.54 5.44
C3 MAN IC . 37.21 -32.62 5.84
C4 MAN IC . 38.60 -32.03 6.14
C5 MAN IC . 38.47 -30.97 7.24
C6 MAN IC . 39.78 -30.32 7.60
O2 MAN IC . 36.68 -31.09 4.15
O3 MAN IC . 37.31 -33.64 4.85
O4 MAN IC . 39.50 -33.06 6.56
O5 MAN IC . 37.57 -29.94 6.77
O6 MAN IC . 40.18 -29.51 6.51
N1 WT8 IC . 42.65 -37.53 8.98
C4 WT8 IC . 41.39 -36.64 6.25
C5 WT8 IC . 41.53 -35.87 7.57
C6 WT8 IC . 41.43 -36.77 8.80
C7 WT8 IC . 42.18 -38.89 5.89
C8 WT8 IC . 42.05 -40.36 6.12
C10 WT8 IC . 41.92 -33.28 6.50
C13 WT8 IC . 43.96 -39.50 9.41
C1 WT8 IC . 40.56 -33.93 6.56
C11 WT8 IC . 42.35 -35.05 10.40
C12 WT8 IC . 42.62 -38.84 9.24
C2 WT8 IC . 40.28 -34.64 5.25
C3 WT8 IC . 40.17 -36.15 5.48
C9 WT8 IC . 41.16 -35.95 10.05
N4 WT8 IC . 41.30 -38.07 6.46
N9 WT8 IC . 43.12 -38.46 5.16
O11 WT8 IC . 42.24 -32.46 7.39
O12 WT8 IC . 42.68 -33.58 5.55
O13 WT8 IC . 40.89 -36.82 11.15
O14 WT8 IC . 41.57 -39.45 9.35
O3 WT8 IC . 38.99 -36.43 6.23
O5 WT8 IC . 40.52 -34.86 7.65
O5 A2G JC . 43.17 0.08 19.57
C1 A2G JC . 43.47 -0.96 18.66
C2 A2G JC . 44.55 -1.90 19.21
N2 A2G JC . 44.58 -3.08 18.38
C3 A2G JC . 44.38 -2.24 20.72
O3 A2G JC . 45.64 -2.70 21.26
C4 A2G JC . 43.80 -1.09 21.57
O4 A2G JC . 44.78 -0.10 21.94
C5 A2G JC . 42.66 -0.38 20.82
C6 A2G JC . 42.14 0.80 21.63
O6 A2G JC . 41.29 1.60 20.80
C7 A2G JC . 44.65 -4.33 18.82
O7 A2G JC . 45.71 -4.85 19.08
C8 A2G JC . 43.35 -5.09 18.97
O5 A2G JC . 47.41 -1.21 21.85
C1 A2G JC . 46.88 -1.96 20.75
C2 A2G JC . 47.90 -2.96 20.22
N2 A2G JC . 48.35 -3.76 21.34
C3 A2G JC . 49.01 -2.15 19.65
O3 A2G JC . 48.51 -1.46 18.48
C4 A2G JC . 49.55 -1.17 20.76
O4 A2G JC . 50.79 -0.51 20.38
C5 A2G JC . 48.43 -0.31 21.41
C6 A2G JC . 47.71 0.73 20.53
O6 A2G JC . 46.76 1.44 21.33
C7 A2G JC . 48.18 -5.07 21.37
O7 A2G JC . 48.03 -5.74 20.34
C8 A2G JC . 48.17 -5.70 22.73
O5 A2G KC . 28.30 10.95 12.84
C1 A2G KC . 28.76 10.16 13.93
C2 A2G KC . 29.72 11.05 14.75
N2 A2G KC . 30.24 10.30 15.87
C3 A2G KC . 28.97 12.29 15.23
O3 A2G KC . 29.65 13.16 16.14
C4 A2G KC . 28.36 13.04 14.05
O4 A2G KC . 29.40 13.55 13.23
C5 A2G KC . 27.50 12.07 13.25
C6 A2G KC . 26.95 12.69 11.99
O6 A2G KC . 26.05 13.76 12.29
C7 A2G KC . 31.56 10.16 16.08
O7 A2G KC . 32.39 10.44 15.23
C8 A2G KC . 31.95 9.62 17.43
O5 A2G KC . 31.34 14.47 14.97
C1 A2G KC . 31.06 13.41 15.89
C2 A2G KC . 31.85 13.51 17.21
N2 A2G KC . 30.90 13.35 18.30
C3 A2G KC . 32.64 14.81 17.49
O3 A2G KC . 33.99 14.53 17.94
C4 A2G KC . 32.62 15.85 16.37
O4 A2G KC . 33.72 15.69 15.46
C5 A2G KC . 31.33 15.76 15.59
C6 A2G KC . 31.27 16.83 14.51
O6 A2G KC . 32.40 16.71 13.65
C7 A2G KC . 31.14 12.57 19.35
O7 A2G KC . 32.27 12.22 19.67
C8 A2G KC . 29.92 12.12 20.10
C1 MAN KC . 34.60 13.40 17.25
C2 MAN KC . 35.14 12.41 18.33
C3 MAN KC . 36.38 12.97 19.01
C4 MAN KC . 37.42 13.42 17.96
C5 MAN KC . 36.77 14.46 17.05
C6 MAN KC . 37.70 14.98 15.97
O2 MAN KC . 35.56 11.18 17.74
O3 MAN KC . 36.96 12.01 19.90
O4 MAN KC . 38.56 13.97 18.60
O5 MAN KC . 35.64 13.86 16.39
O6 MAN KC . 37.93 13.92 15.05
N1 WT8 KC . 42.77 16.89 21.70
C4 WT8 KC . 41.63 14.00 21.26
C5 WT8 KC . 41.32 15.30 20.53
C6 WT8 KC . 41.39 16.53 21.42
C7 WT8 KC . 43.22 13.80 23.08
C8 WT8 KC . 43.60 14.04 24.50
C10 WT8 KC . 40.88 14.22 17.94
C13 WT8 KC . 44.63 17.53 23.09
C1 WT8 KC . 39.85 14.13 19.04
C11 WT8 KC . 41.42 18.19 19.54
C12 WT8 KC . 43.18 17.18 22.93
C2 WT8 KC . 40.02 12.82 19.79
C3 WT8 KC . 40.43 13.07 21.23
C9 WT8 KC . 40.68 17.72 20.79
N4 WT8 KC . 42.04 14.24 22.63
N9 WT8 KC . 44.03 13.19 22.33
O11 WT8 KC . 40.77 15.12 17.09
O12 WT8 KC . 41.82 13.39 17.93
O13 WT8 KC . 40.61 18.80 21.72
O14 WT8 KC . 42.41 17.17 23.89
O3 WT8 KC . 39.34 13.68 21.94
O5 WT8 KC . 40.01 15.22 19.95
O5 A2G LC . 28.48 26.44 -13.42
C1 A2G LC . 29.25 25.61 -12.57
C2 A2G LC . 30.51 26.31 -12.08
N2 A2G LC . 31.06 25.52 -11.00
C3 A2G LC . 30.27 27.79 -11.67
O3 A2G LC . 31.54 28.52 -11.67
C4 A2G LC . 29.23 28.52 -12.51
O4 A2G LC . 29.73 29.00 -13.78
C5 A2G LC . 28.01 27.63 -12.78
C6 A2G LC . 27.00 28.32 -13.68
O6 A2G LC . 26.03 27.38 -14.14
C7 A2G LC . 31.52 26.00 -9.84
O7 A2G LC . 32.66 26.41 -9.73
C8 A2G LC . 30.56 26.01 -8.67
O5 A2G LC . 32.57 29.27 -13.68
C1 A2G LC . 32.50 28.13 -12.81
C2 A2G LC . 33.86 27.76 -12.26
N2 A2G LC . 34.41 28.95 -11.66
C3 A2G LC . 34.67 27.31 -13.43
O3 A2G LC . 34.10 26.07 -13.91
C4 A2G LC . 34.68 28.45 -14.51
O4 A2G LC . 35.64 28.21 -15.58
C5 A2G LC . 33.25 28.93 -14.90
C6 A2G LC . 32.33 27.95 -15.63
O6 A2G LC . 31.10 28.61 -15.93
C7 A2G LC . 34.72 28.99 -10.36
O7 A2G LC . 34.95 27.98 -9.71
C8 A2G LC . 34.77 30.36 -9.75
O5 A2G MC . 11.70 17.60 -18.36
C1 A2G MC . 12.27 18.76 -17.77
C2 A2G MC . 12.73 19.66 -18.93
N2 A2G MC . 13.34 20.86 -18.40
C3 A2G MC . 11.53 20.02 -19.82
O3 A2G MC . 11.73 20.98 -20.85
C4 A2G MC . 10.84 18.76 -20.32
O4 A2G MC . 11.73 18.05 -21.19
C5 A2G MC . 10.50 17.87 -19.12
C6 A2G MC . 9.93 16.54 -19.53
O6 A2G MC . 8.68 16.70 -20.20
C7 A2G MC . 14.58 21.25 -18.73
O7 A2G MC . 15.35 20.50 -19.32
C8 A2G MC . 14.95 22.65 -18.35
O5 A2G MC . 12.97 20.00 -22.71
C1 A2G MC . 12.98 20.90 -21.60
C2 A2G MC . 13.50 22.31 -21.96
N2 A2G MC . 12.54 23.27 -21.44
C3 A2G MC . 13.74 22.64 -23.44
O3 A2G MC . 15.03 23.27 -23.65
C4 A2G MC . 13.49 21.50 -24.43
O4 A2G MC . 14.68 20.74 -24.69
C5 A2G MC . 12.42 20.57 -23.89
C6 A2G MC . 12.12 19.47 -24.89
O6 A2G MC . 13.32 18.76 -25.20
C7 A2G MC . 12.91 24.36 -20.78
O7 A2G MC . 14.03 24.83 -20.85
C8 A2G MC . 11.85 24.98 -19.91
C1 MAN MC . 16.09 22.70 -22.84
C2 MAN MC . 16.80 23.85 -22.08
C3 MAN MC . 17.67 24.68 -23.03
C4 MAN MC . 18.59 23.75 -23.84
C5 MAN MC . 17.74 22.74 -24.60
C6 MAN MC . 18.56 21.77 -25.43
O2 MAN MC . 17.71 23.36 -21.09
O3 MAN MC . 18.43 25.65 -22.33
O4 MAN MC . 19.38 24.51 -24.75
O5 MAN MC . 16.98 21.96 -23.64
O6 MAN MC . 19.27 20.92 -24.55
N1 WT8 MC . 21.83 28.03 -28.93
C4 WT8 MC . 21.87 27.53 -25.83
C5 WT8 MC . 21.21 26.73 -26.95
C6 WT8 MC . 20.72 27.60 -28.11
C7 WT8 MC . 23.17 29.54 -26.18
C8 WT8 MC . 23.25 31.01 -26.51
C10 WT8 MC . 21.52 24.15 -25.83
C13 WT8 MC . 23.14 29.62 -30.17
C1 WT8 MC . 20.46 25.11 -25.36
C11 WT8 MC . 20.39 25.68 -29.69
C12 WT8 MC . 21.94 29.31 -29.32
C2 WT8 MC . 20.98 25.90 -24.18
C3 WT8 MC . 21.08 27.39 -24.53
C9 WT8 MC . 19.72 26.85 -28.97
N4 WT8 MC . 21.98 28.94 -26.17
N9 WT8 MC . 24.23 28.92 -25.91
O11 WT8 MC . 21.20 23.26 -26.65
O12 WT8 MC . 22.68 24.28 -25.38
O13 WT8 MC . 19.15 27.74 -29.94
O14 WT8 MC . 21.12 30.15 -29.02
O3 WT8 MC . 19.77 27.92 -24.69
O5 WT8 MC . 20.10 25.99 -26.42
O5 A2G NC . 9.63 -8.86 -33.40
C1 A2G NC . 10.53 -7.88 -32.88
C2 A2G NC . 11.39 -7.25 -33.99
N2 A2G NC . 12.05 -6.09 -33.41
C3 A2G NC . 10.59 -6.92 -35.27
O3 A2G NC . 11.51 -6.78 -36.40
C4 A2G NC . 9.46 -7.92 -35.60
O4 A2G NC . 9.93 -9.12 -36.24
C5 A2G NC . 8.70 -8.31 -34.33
C6 A2G NC . 7.63 -9.34 -34.64
O6 A2G NC . 7.13 -9.89 -33.42
C7 A2G NC . 12.15 -4.90 -34.01
O7 A2G NC . 13.04 -4.67 -34.80
C8 A2G NC . 11.12 -3.86 -33.66
O5 A2G NC . 12.44 -8.68 -37.51
C1 A2G NC . 12.67 -7.79 -36.41
C2 A2G NC . 13.99 -7.06 -36.54
N2 A2G NC . 14.00 -6.42 -37.85
C3 A2G NC . 15.05 -8.11 -36.44
O3 A2G NC . 15.04 -8.61 -35.08
C4 A2G NC . 14.80 -9.21 -37.52
O4 A2G NC . 15.91 -10.13 -37.66
C5 A2G NC . 13.35 -9.79 -37.46
C6 A2G NC . 12.94 -10.59 -36.23
O6 A2G NC . 11.60 -11.08 -36.40
C7 A2G NC . 14.11 -5.11 -37.95
O7 A2G NC . 14.60 -4.40 -37.08
C8 A2G NC . 13.59 -4.53 -39.24
O5 A2G OC . -2.09 -15.61 -19.23
C1 A2G OC . -2.07 -14.99 -20.51
C2 A2G OC . -1.82 -16.10 -21.54
N2 A2G OC . -1.74 -15.53 -22.87
C3 A2G OC . -2.93 -17.13 -21.45
O3 A2G OC . -2.96 -18.17 -22.44
C4 A2G OC . -3.05 -17.69 -20.04
O4 A2G OC . -1.87 -18.42 -19.71
C5 A2G OC . -3.21 -16.52 -19.07
C6 A2G OC . -3.21 -16.96 -17.63
O6 A2G OC . -4.33 -17.79 -17.34
C7 A2G OC . -0.70 -15.71 -23.67
O7 A2G OC . 0.37 -16.18 -23.26
C8 A2G OC . -0.88 -15.33 -25.10
O5 A2G OC . -1.23 -19.83 -22.01
C1 A2G OC . -1.69 -18.75 -22.83
C2 A2G OC . -1.66 -19.07 -24.34
N2 A2G OC . -2.96 -18.71 -24.88
C3 A2G OC . -1.37 -20.53 -24.77
O3 A2G OC . -0.36 -20.59 -25.81
C4 A2G OC . -1.06 -21.50 -23.63
O4 A2G OC . 0.34 -21.60 -23.35
C5 A2G OC . -1.78 -21.09 -22.36
C6 A2G OC . -1.55 -22.08 -21.25
O6 A2G OC . -0.14 -22.21 -21.02
C7 A2G OC . -3.09 -18.04 -26.02
O7 A2G OC . -2.20 -17.99 -26.86
C8 A2G OC . -4.40 -17.33 -26.19
C1 MAN OC . 0.71 -19.63 -25.64
C2 MAN OC . 0.86 -18.83 -26.97
C3 MAN OC . 1.48 -19.69 -28.06
C4 MAN OC . 2.78 -20.35 -27.55
C5 MAN OC . 2.45 -21.19 -26.31
C6 MAN OC . 3.66 -21.87 -25.72
O2 MAN OC . 1.74 -17.72 -26.81
O3 MAN OC . 1.75 -18.93 -29.23
O4 MAN OC . 3.34 -21.18 -28.55
O5 MAN OC . 1.91 -20.31 -25.29
O6 MAN OC . 4.50 -20.88 -25.14
N1 WT8 OC . 4.89 -25.11 -32.80
C4 WT8 OC . 4.70 -22.01 -32.29
C5 WT8 OC . 4.52 -23.19 -31.32
C6 WT8 OC . 3.91 -24.42 -31.98
C7 WT8 OC . 5.24 -22.25 -34.63
C8 WT8 OC . 4.84 -22.62 -36.04
C10 WT8 OC . 5.59 -21.96 -28.99
C13 WT8 OC . 5.69 -26.21 -34.77
C1 WT8 OC . 4.21 -21.65 -29.50
C11 WT8 OC . 4.49 -25.98 -30.10
C12 WT8 OC . 4.59 -25.51 -34.03
C2 WT8 OC . 4.26 -20.44 -30.42
C3 WT8 OC . 3.88 -20.82 -31.84
C9 WT8 OC . 3.37 -25.38 -30.93
N4 WT8 OC . 4.36 -22.38 -33.65
N9 WT8 OC . 6.42 -21.84 -34.43
O11 WT8 OC . 5.73 -22.79 -28.07
O12 WT8 OC . 6.57 -21.39 -29.53
O13 WT8 OC . 2.64 -26.43 -31.58
O14 WT8 OC . 3.48 -25.34 -34.52
O3 WT8 OC . 2.49 -21.16 -31.88
O5 WT8 OC . 3.69 -22.78 -30.22
O5 A2G PC . 7.36 -30.05 5.89
C1 A2G PC . 7.78 -29.45 4.67
C2 A2G PC . 8.49 -30.45 3.75
N2 A2G PC . 8.61 -29.84 2.44
C3 A2G PC . 7.79 -31.84 3.71
O3 A2G PC . 8.74 -32.84 3.23
C4 A2G PC . 7.15 -32.28 5.03
O4 A2G PC . 8.09 -32.83 5.98
C5 A2G PC . 6.42 -31.11 5.70
C6 A2G PC . 5.84 -31.52 7.03
O6 A2G PC . 5.43 -30.36 7.76
C7 A2G PC . 8.36 -30.45 1.29
O7 A2G PC . 9.20 -31.12 0.72
C8 A2G PC . 6.98 -30.26 0.69
O5 A2G PC . 10.43 -33.78 4.63
C1 A2G PC . 10.17 -32.69 3.75
C2 A2G PC . 11.15 -32.67 2.59
N2 A2G PC . 11.10 -33.97 1.97
C3 A2G PC . 12.49 -32.40 3.19
O3 A2G PC . 12.48 -31.05 3.70
C4 A2G PC . 12.79 -33.48 4.29
O4 A2G PC . 14.16 -33.45 4.75
C5 A2G PC . 11.65 -33.58 5.35
C6 A2G PC . 11.40 -32.39 6.28
O6 A2G PC . 10.36 -32.73 7.19
C7 A2G PC . 10.74 -34.11 0.70
O7 A2G PC . 10.83 -33.21 -0.12
C8 A2G PC . 10.21 -35.47 0.32
O5 A2G QC . -2.87 -17.29 16.69
C1 A2G QC . -2.90 -18.57 16.06
C2 A2G QC . -2.15 -19.53 16.99
N2 A2G QC . -2.11 -20.85 16.41
C3 A2G QC . -2.81 -19.55 18.36
O3 A2G QC . -2.34 -20.51 19.31
C4 A2G QC . -2.92 -18.15 18.94
O4 A2G QC . -1.61 -17.66 19.20
C5 A2G QC . -3.59 -17.24 17.93
C6 A2G QC . -3.62 -15.79 18.37
O6 A2G QC . -4.40 -15.63 19.54
C7 A2G QC . -0.97 -21.52 16.18
O7 A2G QC . 0.12 -20.96 16.25
C8 A2G QC . -1.11 -22.98 15.87
O5 A2G QC . -0.21 -19.82 20.24
C1 A2G QC . -0.91 -20.73 19.39
C2 A2G QC . -0.58 -22.21 19.65
N2 A2G QC . -1.84 -22.92 19.77
C3 A2G QC . 0.26 -22.55 20.90
O3 A2G QC . 1.34 -23.46 20.58
C4 A2G QC . 0.75 -21.36 21.72
O4 A2G QC . 2.05 -20.91 21.30
C5 A2G QC . -0.22 -20.21 21.61
C6 A2G QC . 0.21 -19.04 22.48
O6 A2G QC . 1.52 -18.64 22.10
C7 A2G QC . -2.06 -24.08 19.16
O7 A2G QC . -1.16 -24.81 18.78
C8 A2G QC . -3.51 -24.44 18.97
C1 MAN QC . 1.97 -23.19 19.30
C2 MAN QC . 1.99 -24.50 18.47
C3 MAN QC . 3.02 -25.48 19.02
C4 MAN QC . 4.38 -24.80 19.19
C5 MAN QC . 4.22 -23.58 20.11
C6 MAN QC . 5.51 -22.83 20.34
O2 MAN QC . 2.39 -24.26 17.12
O3 MAN QC . 3.14 -26.64 18.19
O4 MAN QC . 5.34 -25.71 19.75
O5 MAN QC . 3.27 -22.68 19.51
O6 MAN QC . 5.87 -22.19 19.12
N1 WT8 QC . 8.71 -29.62 22.77
C4 WT8 QC . 7.37 -29.22 19.97
C5 WT8 QC . 7.50 -28.24 21.14
C6 WT8 QC . 7.45 -28.94 22.50
C7 WT8 QC . 8.24 -31.46 19.94
C8 WT8 QC . 8.18 -32.89 20.41
C10 WT8 QC . 7.76 -25.84 19.67
C13 WT8 QC . 10.10 -31.45 23.48
C1 WT8 QC . 6.43 -26.52 19.86
C11 WT8 QC . 8.32 -26.97 23.79
C12 WT8 QC . 8.73 -30.86 23.24
C2 WT8 QC . 6.16 -27.46 18.69
C3 WT8 QC . 6.11 -28.90 19.16
C9 WT8 QC . 7.17 -27.94 23.61
N4 WT8 QC . 7.34 -30.59 20.40
N9 WT8 QC . 9.15 -31.12 19.13
O11 WT8 QC . 8.05 -24.88 20.41
O12 WT8 QC . 8.51 -26.26 18.76
O13 WT8 QC . 6.95 -28.64 24.84
O14 WT8 QC . 7.71 -31.49 23.45
O3 WT8 QC . 4.95 -29.11 19.97
O5 WT8 QC . 6.45 -27.27 21.08
O5 A2G RC . 7.85 9.22 27.25
C1 A2G RC . 8.18 8.04 26.52
C2 A2G RC . 9.30 7.25 27.18
N2 A2G RC . 9.36 5.96 26.55
C3 A2G RC . 9.16 7.15 28.72
O3 A2G RC . 10.46 6.83 29.32
C4 A2G RC . 8.55 8.40 29.39
O4 A2G RC . 9.50 9.47 29.58
C5 A2G RC . 7.38 8.94 28.57
C6 A2G RC . 6.81 10.21 29.19
O6 A2G RC . 5.92 10.84 28.27
C7 A2G RC . 9.49 4.79 27.19
O7 A2G RC . 10.58 4.36 27.50
C8 A2G RC . 8.23 4.03 27.49
O5 A2G RC . 12.17 8.47 29.62
C1 A2G RC . 11.66 7.52 28.66
C2 A2G RC . 12.71 6.50 28.28
N2 A2G RC . 13.21 5.91 29.50
C3 A2G RC . 13.78 7.26 27.56
O3 A2G RC . 13.22 7.71 26.30
C4 A2G RC . 14.30 8.41 28.48
O4 A2G RC . 15.49 9.04 27.97
C5 A2G RC . 13.15 9.32 29.01
C6 A2G RC . 12.36 10.18 27.99
O6 A2G RC . 11.40 10.97 28.69
C7 A2G RC . 13.09 4.60 29.74
O7 A2G RC . 12.95 3.79 28.85
C8 A2G RC . 13.12 4.21 31.19
O5 A2G SC . -7.56 18.27 19.20
C1 A2G SC . -7.05 17.69 20.39
C2 A2G SC . -6.12 18.73 21.03
N2 A2G SC . -5.55 18.20 22.26
C3 A2G SC . -6.91 20.01 21.33
O3 A2G SC . -6.25 21.04 22.07
C4 A2G SC . -7.57 20.53 20.06
O4 A2G SC . -6.57 20.95 19.14
C5 A2G SC . -8.40 19.42 19.44
C6 A2G SC . -9.00 19.81 18.11
O6 A2G SC . -9.93 20.88 18.25
C7 A2G SC . -4.23 18.14 22.46
O7 A2G SC . -3.42 18.32 21.55
C8 A2G SC . -3.79 17.85 23.86
O5 A2G SC . -4.64 22.22 20.67
C1 A2G SC . -4.86 21.31 21.76
C2 A2G SC . -4.06 21.66 23.02
N2 A2G SC . -4.99 21.63 24.14
C3 A2G SC . -3.32 23.00 23.07
O3 A2G SC . -1.94 22.84 23.52
C4 A2G SC . -3.39 23.85 21.80
O4 A2G SC . -2.31 23.58 20.90
C5 A2G SC . -4.69 23.58 21.07
C6 A2G SC . -4.82 24.47 19.84
O6 A2G SC . -3.69 24.25 18.98
C7 A2G SC . -4.70 21.03 25.30
O7 A2G SC . -3.55 20.79 25.64
C8 A2G SC . -5.88 20.67 26.14
C1 MAN SC . -1.30 21.65 23.03
C2 MAN SC . -0.70 20.87 24.23
C3 MAN SC . 0.53 21.56 24.78
C4 MAN SC . 1.52 21.88 23.65
C5 MAN SC . 0.82 22.74 22.60
C6 MAN SC . 1.71 23.10 21.43
O2 MAN SC . -0.25 19.57 23.83
O3 MAN SC . 1.15 20.80 25.80
O4 MAN SC . 2.65 22.58 24.18
O5 MAN SC . -0.30 22.00 22.07
O6 MAN SC . 1.97 21.93 20.68
N1 WT8 SC . 6.79 26.12 26.67
C4 WT8 SC . 5.77 23.15 26.73
C5 WT8 SC . 5.39 24.31 25.79
C6 WT8 SC . 5.43 25.66 26.48
C7 WT8 SC . 7.38 23.31 28.51
C8 WT8 SC . 7.77 23.80 29.88
C10 WT8 SC . 4.95 22.81 23.43
C13 WT8 SC . 8.63 27.05 27.89
C1 WT8 SC . 3.94 22.86 24.55
C11 WT8 SC . 5.35 26.99 24.35
C12 WT8 SC . 7.20 26.62 27.83
C2 WT8 SC . 4.18 21.68 25.49
C3 WT8 SC . 4.60 22.19 26.86
C9 WT8 SC . 4.65 26.70 25.67
N4 WT8 SC . 6.18 23.62 28.03
N9 WT8 SC . 8.21 22.61 27.85
O11 WT8 SC . 4.79 23.56 22.44
O12 WT8 SC . 5.92 22.01 23.53
O13 WT8 SC . 4.55 27.92 26.43
O14 WT8 SC . 6.45 26.73 28.79
O3 WT8 SC . 3.49 22.85 27.49
O5 WT8 SC . 4.07 24.09 25.26
O5 A2G TC . -8.45 29.36 -9.17
C1 A2G TC . -7.65 28.72 -8.20
C2 A2G TC . -6.40 29.54 -7.85
N2 A2G TC . -5.80 28.95 -6.67
C3 A2G TC . -6.69 31.05 -7.68
O3 A2G TC . -5.45 31.81 -7.83
C4 A2G TC . -7.79 31.60 -8.61
O4 A2G TC . -7.31 31.88 -9.95
C5 A2G TC . -8.96 30.63 -8.70
C6 A2G TC . -10.01 31.13 -9.68
O6 A2G TC . -10.95 30.09 -9.96
C7 A2G TC . -5.35 29.63 -5.63
O7 A2G TC . -4.22 30.10 -5.60
C8 A2G TC . -6.28 29.79 -4.45
O5 A2G TC . -4.49 32.27 -9.97
C1 A2G TC . -4.50 31.29 -8.92
C2 A2G TC . -3.13 31.07 -8.35
N2 A2G TC . -2.60 32.36 -7.95
C3 A2G TC . -2.30 30.47 -9.45
O3 A2G TC . -2.82 29.15 -9.70
C4 A2G TC . -2.35 31.41 -10.69
O4 A2G TC . -1.41 31.04 -11.73
C5 A2G TC . -3.81 31.77 -11.12
C6 A2G TC . -4.71 30.65 -11.67
O6 A2G TC . -5.98 31.20 -12.04
C7 A2G TC . -2.28 32.61 -6.69
O7 A2G TC . -1.99 31.73 -5.88
C8 A2G TC . -2.28 34.07 -6.30
O5 A2G UC . -24.93 19.20 -12.25
C1 A2G UC . -24.41 20.46 -11.87
C2 A2G UC . -24.00 21.20 -13.16
N2 A2G UC . -23.43 22.48 -12.85
C3 A2G UC . -25.22 21.35 -14.06
O3 A2G UC . -25.07 22.14 -15.25
C4 A2G UC . -25.86 20.00 -14.34
O4 A2G UC . -24.97 19.19 -15.10
C5 A2G UC . -26.14 19.30 -13.02
C6 A2G UC . -26.67 17.90 -13.19
O6 A2G UC . -27.93 17.90 -13.85
C7 A2G UC . -22.21 22.85 -13.27
O7 A2G UC . -21.42 22.04 -13.74
C8 A2G UC . -21.88 24.31 -13.11
O5 A2G UC . -23.82 20.92 -16.95
C1 A2G UC . -23.84 22.00 -16.00
C2 A2G UC . -23.38 23.34 -16.59
N2 A2G UC . -24.37 24.34 -16.21
C3 A2G UC . -23.18 23.45 -18.12
O3 A2G UC . -21.92 24.06 -18.44
C4 A2G UC . -23.40 22.14 -18.90
O4 A2G UC . -22.18 21.40 -19.06
C5 A2G UC . -24.41 21.27 -18.20
C6 A2G UC . -24.69 20.01 -19.00
O6 A2G UC . -23.46 19.31 -19.22
C7 A2G UC . -24.03 25.54 -15.74
O7 A2G UC . -22.94 26.02 -15.91
C8 A2G UC . -25.10 26.23 -14.96
C1 MAN UC . -20.82 23.69 -17.58
C2 MAN UC . -20.15 24.98 -17.03
C3 MAN UC . -19.33 25.66 -18.12
C4 MAN UC . -18.39 24.66 -18.79
C5 MAN UC . -19.21 23.50 -19.36
C6 MAN UC . -18.36 22.44 -20.04
O2 MAN UC . -19.22 24.68 -15.98
O3 MAN UC . -18.60 26.76 -17.60
O4 MAN UC . -17.65 25.29 -19.84
O5 MAN UC . -19.91 22.86 -18.28
O6 MAN UC . -17.61 21.77 -19.05
N1 WT8 UC . -15.41 28.19 -24.57
C4 WT8 UC . -15.30 28.20 -21.43
C5 WT8 UC . -15.94 27.19 -22.39
C6 WT8 UC . -16.49 27.85 -23.66
C7 WT8 UC . -14.09 30.17 -22.13
C8 WT8 UC . -14.07 31.55 -22.70
C10 WT8 UC . -15.51 24.84 -20.88
C13 WT8 UC . -14.18 29.61 -26.08
C1 WT8 UC . -16.60 25.82 -20.55
C11 WT8 UC . -16.76 25.68 -24.92
C12 WT8 UC . -15.35 29.38 -25.17
C2 WT8 UC . -16.09 26.82 -19.52
C3 WT8 UC . -16.05 28.22 -20.11
C9 WT8 UC . -17.46 26.93 -24.38
N4 WT8 UC . -15.24 29.54 -22.00
N9 WT8 UC . -12.99 29.63 -21.79
O11 WT8 UC . -15.81 23.82 -21.55
O12 WT8 UC . -14.35 25.08 -20.48
O13 WT8 UC . -18.08 27.63 -25.45
O14 WT8 UC . -16.21 30.23 -24.98
O3 WT8 UC . -17.39 28.68 -20.33
O5 WT8 UC . -17.01 26.51 -21.73
O5 A2G VC . -26.12 -9.33 -22.85
C1 A2G VC . -25.25 -8.26 -22.51
C2 A2G VC . -24.44 -7.78 -23.72
N2 A2G VC . -23.82 -6.51 -23.36
C3 A2G VC . -25.27 -7.68 -25.02
O3 A2G VC . -24.38 -7.69 -26.17
C4 A2G VC . -26.36 -8.76 -25.17
O4 A2G VC . -25.86 -10.03 -25.62
C5 A2G VC . -27.09 -8.97 -23.84
C6 A2G VC . -28.12 -10.08 -23.95
O6 A2G VC . -28.58 -10.45 -22.65
C7 A2G VC . -23.77 -5.44 -24.14
O7 A2G VC . -22.91 -5.28 -24.97
C8 A2G VC . -24.84 -4.39 -23.93
O5 A2G VC . -23.38 -9.70 -27.00
C1 A2G VC . -23.17 -8.64 -26.05
C2 A2G VC . -21.89 -7.90 -26.33
N2 A2G VC . -21.92 -7.47 -27.71
C3 A2G VC . -20.78 -8.87 -26.08
O3 A2G VC . -20.76 -9.15 -24.66
C4 A2G VC . -21.01 -10.13 -26.97
O4 A2G VC . -19.86 -11.03 -26.98
C5 A2G VC . -22.43 -10.76 -26.79
C6 A2G VC . -22.79 -11.38 -25.43
O6 A2G VC . -24.10 -11.92 -25.50
C7 A2G VC . -21.87 -6.19 -28.04
O7 A2G VC . -21.39 -5.33 -27.30
C8 A2G VC . -22.44 -5.84 -29.39
O5 A2G WC . -37.34 -14.19 -7.53
C1 A2G WC . -37.36 -13.77 -8.90
C2 A2G WC . -37.08 -15.02 -9.74
N2 A2G WC . -37.05 -14.68 -11.15
C3 A2G WC . -38.15 -16.08 -9.47
O3 A2G WC . -38.15 -17.25 -10.28
C4 A2G WC . -38.23 -16.40 -7.99
O4 A2G WC . -37.02 -17.02 -7.57
C5 A2G WC . -38.41 -15.10 -7.21
C6 A2G WC . -38.37 -15.31 -5.71
O6 A2G WC . -39.46 -16.12 -5.28
C7 A2G WC . -36.01 -14.94 -11.94
O7 A2G WC . -34.92 -15.29 -11.48
C8 A2G WC . -36.24 -14.80 -13.41
O5 A2G WC . -36.35 -18.75 -9.63
C1 A2G WC . -36.86 -17.84 -10.61
C2 A2G WC . -36.84 -18.41 -12.04
N2 A2G WC . -38.16 -18.17 -12.61
C3 A2G WC . -36.51 -19.89 -12.24
O3 A2G WC . -35.51 -20.08 -13.27
C4 A2G WC . -36.13 -20.66 -10.97
O4 A2G WC . -34.73 -20.65 -10.71
C5 A2G WC . -36.85 -20.07 -9.78
C6 A2G WC . -36.56 -20.87 -8.51
O6 A2G WC . -35.14 -20.91 -8.30
C7 A2G WC . -38.34 -17.70 -13.83
O7 A2G WC . -37.48 -17.75 -14.69
C8 A2G WC . -39.68 -17.08 -14.09
C1 MAN WC . -34.48 -19.07 -13.30
C2 MAN WC . -34.38 -18.48 -14.74
C3 MAN WC . -33.73 -19.48 -15.68
C4 MAN WC . -32.41 -20.00 -15.10
C5 MAN WC . -32.68 -20.64 -13.74
C6 MAN WC . -31.44 -21.18 -13.07
O2 MAN WC . -33.54 -17.33 -14.76
O3 MAN WC . -33.51 -18.91 -16.97
O4 MAN WC . -31.83 -20.96 -15.98
O5 MAN WC . -33.25 -19.63 -12.86
O6 MAN WC . -30.63 -20.08 -12.69
N1 WT8 WC . -30.18 -25.45 -19.58
C4 WT8 WC . -30.49 -22.33 -19.56
C5 WT8 WC . -30.60 -23.32 -18.41
C6 WT8 WC . -31.17 -24.68 -18.85
C7 WT8 WC . -29.98 -22.91 -21.85
C8 WT8 WC . -30.39 -23.51 -23.16
C10 WT8 WC . -29.55 -21.72 -16.33
C13 WT8 WC . -29.37 -26.82 -21.37
C1 WT8 WC . -30.95 -21.55 -16.86
C11 WT8 WC . -30.49 -25.89 -16.77
C12 WT8 WC . -30.49 -26.06 -20.73
C2 WT8 WC . -30.96 -20.48 -17.96
C3 WT8 WC . -31.36 -21.10 -19.29
C9 WT8 WC . -31.66 -25.48 -17.66
N4 WT8 WC . -30.85 -22.91 -20.84
N9 WT8 WC . -28.82 -22.42 -21.74
O11 WT8 WC . -29.37 -22.39 -15.30
O12 WT8 WC . -28.61 -21.18 -16.97
O13 WT8 WC . -32.35 -26.65 -18.11
O14 WT8 WC . -31.60 -26.01 -21.21
O3 WT8 WC . -32.74 -21.50 -19.25
O5 WT8 WC . -31.43 -22.79 -17.38
O5 A2G XC . -26.91 -24.08 19.35
C1 A2G XC . -26.53 -23.66 18.04
C2 A2G XC . -25.80 -24.76 17.28
N2 A2G XC . -25.73 -24.37 15.89
C3 A2G XC . -26.44 -26.17 17.46
O3 A2G XC . -25.46 -27.20 17.13
C4 A2G XC . -27.04 -26.42 18.85
O4 A2G XC . -26.07 -26.77 19.85
C5 A2G XC . -27.81 -25.19 19.35
C6 A2G XC . -28.36 -25.40 20.75
O6 A2G XC . -28.81 -24.16 21.29
C7 A2G XC . -25.98 -25.16 14.86
O7 A2G XC . -25.11 -25.89 14.38
C8 A2G XC . -27.36 -25.12 14.26
O5 A2G XC . -23.72 -27.83 18.64
C1 A2G XC . -24.03 -26.90 17.59
C2 A2G XC . -23.06 -27.03 16.43
N2 A2G XC . -23.08 -28.42 16.02
C3 A2G XC . -21.72 -26.63 16.95
O3 A2G XC . -21.78 -25.21 17.24
C4 A2G XC . -21.37 -27.50 18.19
O4 A2G XC . -20.00 -27.35 18.62
C5 A2G XC . -22.49 -27.48 19.28
C6 A2G XC . -22.78 -26.17 20.02
O6 A2G XC . -23.78 -26.39 20.99
C7 A2G XC . -23.45 -28.77 14.79
O7 A2G XC . -23.41 -28.00 13.84
C8 A2G XC . -23.92 -30.20 14.65
O5 A2G YC . -37.50 -10.16 28.21
C1 A2G YC . -37.48 -11.52 27.80
C2 A2G YC . -36.67 -12.30 28.85
N2 A2G YC . -36.60 -13.70 28.48
C3 A2G YC . -37.32 -12.14 30.22
O3 A2G YC . -36.80 -12.90 31.30
C4 A2G YC . -37.47 -10.66 30.58
O4 A2G YC . -36.18 -10.08 30.73
C5 A2G YC . -38.20 -9.95 29.44
C6 A2G YC . -38.28 -8.46 29.65
O6 A2G YC . -39.05 -8.13 30.80
C7 A2G YC . -35.43 -14.34 28.35
O7 A2G YC . -34.36 -13.74 28.30
C8 A2G YC . -35.52 -15.83 28.27
O5 A2G YC . -34.67 -11.99 32.07
C1 A2G YC . -35.36 -13.05 31.38
C2 A2G YC . -34.96 -14.46 31.87
N2 A2G YC . -36.18 -15.18 32.12
C3 A2G YC . -34.08 -14.57 33.13
O3 A2G YC . -32.97 -15.47 32.94
C4 A2G YC . -33.63 -13.25 33.75
O4 A2G YC . -32.37 -12.81 33.24
C5 A2G YC . -34.66 -12.16 33.47
C6 A2G YC . -34.25 -10.86 34.15
O6 A2G YC . -32.96 -10.47 33.68
C7 A2G YC . -36.37 -16.44 31.71
O7 A2G YC . -35.44 -17.18 31.44
C8 A2G YC . -37.80 -16.88 31.61
C1 MAN YC . -32.38 -15.39 31.62
C2 MAN YC . -32.31 -16.81 31.01
C3 MAN YC . -31.23 -17.65 31.68
C4 MAN YC . -29.90 -16.89 31.71
C5 MAN YC . -30.10 -15.56 32.43
C6 MAN YC . -28.84 -14.73 32.51
O2 MAN YC . -31.94 -16.77 29.63
O3 MAN YC . -31.08 -18.91 31.05
O4 MAN YC . -28.90 -17.66 32.39
O5 MAN YC . -31.09 -14.79 31.72
O6 MAN YC . -28.52 -14.28 31.20
N1 WT8 YC . -25.32 -20.91 35.91
C4 WT8 YC . -26.72 -21.01 33.11
C5 WT8 YC . -26.61 -19.87 34.12
C6 WT8 YC . -26.61 -20.34 35.56
C7 WT8 YC . -25.76 -23.21 33.42
C8 WT8 YC . -25.75 -24.54 34.11
C10 WT8 YC . -26.48 -17.72 32.27
C13 WT8 YC . -23.86 -22.55 36.87
C1 WT8 YC . -27.77 -18.41 32.61
C11 WT8 YC . -25.81 -18.15 36.51
C12 WT8 YC . -25.24 -22.07 36.58
C2 WT8 YC . -28.03 -19.53 31.59
C3 WT8 YC . -28.00 -20.89 32.29
C9 WT8 YC . -26.93 -19.19 36.52
N4 WT8 YC . -26.69 -22.31 33.76
N9 WT8 YC . -24.88 -22.97 32.56
O11 WT8 YC . -26.21 -16.64 32.85
O12 WT8 YC . -25.72 -18.25 31.43
O13 WT8 YC . -27.09 -19.70 37.85
O14 WT8 YC . -26.23 -22.69 36.91
O3 WT8 YC . -29.14 -21.00 33.15
O5 WT8 YC . -27.71 -18.96 33.92
O5 A2G ZC . -27.72 18.10 34.22
C1 A2G ZC . -27.36 16.84 33.67
C2 A2G ZC . -26.18 16.20 34.43
N2 A2G ZC . -26.08 14.82 34.01
C3 A2G ZC . -26.30 16.34 35.97
O3 A2G ZC . -24.98 16.17 36.58
C4 A2G ZC . -26.95 17.66 36.45
O4 A2G ZC . -26.04 18.78 36.44
C5 A2G ZC . -28.16 18.01 35.58
C6 A2G ZC . -28.77 19.34 35.99
O6 A2G ZC . -29.69 19.77 35.01
C7 A2G ZC . -25.89 13.78 34.81
O7 A2G ZC . -24.78 13.45 35.17
C8 A2G ZC . -27.12 13.02 35.26
O5 A2G ZC . -23.34 17.89 36.58
C1 A2G ZC . -23.82 16.79 35.80
C2 A2G ZC . -22.73 15.77 35.56
N2 A2G ZC . -22.20 15.40 36.84
C3 A2G ZC . -21.71 16.44 34.70
O3 A2G ZC . -22.31 16.67 33.41
C4 A2G ZC . -21.23 17.74 35.41
O4 A2G ZC . -20.06 18.33 34.79
C5 A2G ZC . -22.40 18.68 35.82
C6 A2G ZC . -23.23 19.34 34.70
O6 A2G ZC . -24.21 20.19 35.28
C7 A2G ZC . -22.26 14.14 37.29
O7 A2G ZC . -22.37 13.18 36.54
C8 A2G ZC . -22.17 13.99 38.78
O5 A2G AD . -43.60 25.15 25.16
C1 A2G AD . -43.06 24.79 26.43
C2 A2G AD . -42.16 25.96 26.88
N2 A2G AD . -41.55 25.65 28.15
C3 A2G AD . -43.00 27.23 26.98
O3 A2G AD . -42.37 28.39 27.53
C4 A2G AD . -43.70 27.52 25.66
O4 A2G AD . -42.74 27.82 24.66
C5 A2G AD . -44.50 26.29 25.24
C6 A2G AD . -45.13 26.44 23.88
O6 A2G AD . -46.10 27.48 23.87
C7 A2G AD . -40.22 25.67 28.33
O7 A2G AD . -39.45 25.74 27.39
C8 A2G AD . -39.76 25.62 29.75
O5 A2G AD . -40.83 29.40 25.94
C1 A2G AD . -41.00 28.66 27.15
C2 A2G AD . -40.19 29.23 28.33
N2 A2G AD . -41.10 29.35 29.46
C3 A2G AD . -39.50 30.59 28.15
O3 A2G AD . -38.13 30.57 28.59
C4 A2G AD . -39.64 31.22 26.76
O4 A2G AD . -38.55 30.87 25.89
C5 A2G AD . -40.93 30.79 26.11
C6 A2G AD . -41.12 31.47 24.76
O6 A2G AD . -40.00 31.16 23.92
C7 A2G AD . -40.77 28.95 30.69
O7 A2G AD . -39.61 28.81 31.04
C8 A2G AD . -41.92 28.69 31.60
C1 MAN AD . -37.43 29.33 28.27
C2 MAN AD . -36.79 28.77 29.57
C3 MAN AD . -35.58 29.61 29.98
C4 MAN AD . -34.61 29.77 28.80
C5 MAN AD . -35.38 30.43 27.63
C6 MAN AD . -34.52 30.64 26.40
O2 MAN AD . -36.29 27.45 29.38
O3 MAN AD . -34.90 29.03 31.09
O4 MAN AD . -33.51 30.58 29.18
O5 MAN AD . -36.47 29.56 27.26
O6 MAN AD . -34.22 29.37 25.85
N1 WT8 AD . -29.48 34.63 30.99
C4 WT8 AD . -30.39 31.68 31.54
C5 WT8 AD . -30.83 32.65 30.44
C6 WT8 AD . -30.84 34.10 30.90
C7 WT8 AD . -28.75 32.17 33.23
C8 WT8 AD . -28.36 32.89 34.49
C10 WT8 AD . -31.23 30.78 28.35
C13 WT8 AD . -27.67 35.81 32.01
C1 WT8 AD . -32.22 30.97 29.47
C11 WT8 AD . -31.00 35.07 28.60
C12 WT8 AD . -29.08 35.33 32.05
C2 WT8 AD . -31.93 29.97 30.59
C3 WT8 AD . -31.51 30.70 31.86
C9 WT8 AD . -31.65 34.97 29.96
N4 WT8 AD . -29.97 32.37 32.74
N9 WT8 AD . -27.91 31.42 32.68
O11 WT8 AD . -31.44 31.35 27.27
O12 WT8 AD . -30.24 30.05 28.57
O13 WT8 AD . -31.80 36.29 30.52
O14 WT8 AD . -29.82 35.55 32.99
O3 WT8 AD . -32.63 31.41 32.39
O5 WT8 AD . -32.14 32.30 29.97
O5 A2G BD . -61.68 -9.49 -11.57
C1 A2G BD . -60.85 -8.34 -11.43
C2 A2G BD . -60.08 -8.03 -12.71
N2 A2G BD . -59.51 -6.71 -12.58
C3 A2G BD . -60.94 -8.18 -14.00
O3 A2G BD . -60.07 -8.34 -15.16
C4 A2G BD . -61.98 -9.31 -13.94
O4 A2G BD . -61.44 -10.61 -14.20
C5 A2G BD . -62.68 -9.33 -12.58
C6 A2G BD . -63.67 -10.49 -12.49
O6 A2G BD . -64.09 -10.66 -11.14
C7 A2G BD . -59.52 -5.76 -13.52
O7 A2G BD . -58.67 -5.71 -14.38
C8 A2G BD . -60.63 -4.74 -13.46
O5 A2G BD . -58.99 -10.42 -15.67
C1 A2G BD . -58.82 -9.21 -14.91
C2 A2G BD . -57.57 -8.48 -15.33
N2 A2G BD . -57.65 -8.28 -16.76
C3 A2G BD . -56.42 -9.35 -14.96
O3 A2G BD . -56.37 -9.41 -13.51
C4 A2G BD . -56.61 -10.74 -15.63
O4 A2G BD . -55.43 -11.59 -15.53
C5 A2G BD . -58.00 -11.38 -15.32
C6 A2G BD . -58.31 -11.79 -13.88
O6 A2G BD . -59.61 -12.40 -13.83
C7 A2G BD . -57.65 -7.05 -17.29
O7 A2G BD . -57.20 -6.08 -16.71
C8 A2G BD . -58.26 -6.96 -18.67
O5 A2G CD . -72.43 -12.27 4.58
C1 A2G CD . -72.50 -12.08 3.17
C2 A2G CD . -72.18 -13.43 2.52
N2 A2G CD . -72.18 -13.32 1.08
C3 A2G CD . -73.19 -14.48 2.98
O3 A2G CD . -73.16 -15.76 2.36
C4 A2G CD . -73.24 -14.55 4.50
O4 A2G CD . -71.99 -15.06 4.98
C5 A2G CD . -73.47 -13.16 5.07
C6 A2G CD . -73.39 -13.12 6.57
O6 A2G CD . -74.43 -13.88 7.15
C7 A2G CD . -71.15 -13.67 0.32
O7 A2G CD . -70.04 -13.89 0.80
C8 A2G CD . -71.41 -13.77 -1.15
O5 A2G CD . -71.29 -17.07 3.21
C1 A2G CD . -71.86 -16.34 2.11
C2 A2G CD . -71.84 -17.12 0.79
N2 A2G CD . -73.18 -17.04 0.22
C3 A2G CD . -71.44 -18.61 0.81
O3 A2G CD . -70.46 -18.93 -0.20
C4 A2G CD . -71.02 -19.16 2.19
O4 A2G CD . -69.61 -19.05 2.40
C5 A2G CD . -71.74 -18.41 3.29
C6 A2G CD . -71.39 -18.98 4.66
O6 A2G CD . -69.97 -18.95 4.84
C7 A2G CD . -73.39 -16.77 -1.07
O7 A2G CD . -72.54 -16.93 -1.92
C8 A2G CD . -74.76 -16.26 -1.39
C1 MAN CD . -69.47 -17.89 -0.40
C2 MAN CD . -69.42 -17.54 -1.91
C3 MAN CD . -68.75 -18.64 -2.71
C4 MAN CD . -67.39 -19.02 -2.09
C5 MAN CD . -67.63 -19.44 -0.63
C6 MAN CD . -66.35 -19.82 0.09
O2 MAN CD . -68.62 -16.36 -2.15
O3 MAN CD . -68.58 -18.28 -4.07
O4 MAN CD . -66.78 -20.08 -2.81
O5 MAN CD . -68.21 -18.32 0.08
O6 MAN CD . -65.57 -18.65 0.27
N1 WT8 CD . -65.02 -25.02 -5.69
C4 WT8 CD . -65.45 -21.95 -6.16
C5 WT8 CD . -65.51 -22.77 -4.87
C6 WT8 CD . -66.03 -24.18 -5.07
C7 WT8 CD . -64.96 -22.88 -8.33
C8 WT8 CD . -65.35 -23.70 -9.53
C10 WT8 CD . -64.48 -20.80 -3.09
C13 WT8 CD . -64.17 -26.63 -7.26
C1 WT8 CD . -65.91 -20.77 -3.61
C11 WT8 CD . -65.27 -25.04 -2.84
C12 WT8 CD . -65.31 -25.83 -6.71
C2 WT8 CD . -65.98 -19.90 -4.86
C3 WT8 CD . -66.36 -20.74 -6.07
C9 WT8 CD . -66.46 -24.81 -3.75
N4 WT8 CD . -65.80 -22.75 -7.32
N9 WT8 CD . -63.82 -22.33 -8.33
O11 WT8 CD . -64.27 -21.29 -1.96
O12 WT8 CD . -63.58 -20.34 -3.84
O13 WT8 CD . -67.12 -26.05 -4.00
O14 WT8 CD . -66.44 -25.89 -7.18
O3 WT8 CD . -67.72 -21.17 -5.93
O5 WT8 CD . -66.34 -22.09 -3.92
O5 A2G DD . -61.18 -17.34 32.43
C1 A2G DD . -60.84 -17.12 31.07
C2 A2G DD . -60.09 -18.31 30.47
N2 A2G DD . -60.04 -18.13 29.04
C3 A2G DD . -60.65 -19.69 30.90
O3 A2G DD . -59.64 -20.73 30.71
C4 A2G DD . -61.23 -19.73 32.33
O4 A2G DD . -60.22 -19.89 33.34
C5 A2G DD . -62.04 -18.47 32.63
C6 A2G DD . -62.55 -18.47 34.05
O6 A2G DD . -63.05 -17.18 34.39
C7 A2G DD . -60.28 -19.10 28.14
O7 A2G DD . -59.40 -19.86 27.78
C8 A2G DD . -61.67 -19.21 27.59
O5 A2G DD . -57.85 -21.04 32.26
C1 A2G DD . -58.21 -20.30 31.08
C2 A2G DD . -57.27 -20.58 29.94
N2 A2G DD . -57.22 -22.02 29.75
C3 A2G DD . -55.93 -20.04 30.35
O3 A2G DD . -56.05 -18.60 30.40
C4 A2G DD . -55.53 -20.69 31.72
O4 A2G DD . -54.16 -20.42 32.08
C5 A2G DD . -56.62 -20.54 32.81
C6 A2G DD . -56.96 -19.14 33.34
O6 A2G DD . -57.95 -19.23 34.36
C7 A2G DD . -57.60 -22.57 28.61
O7 A2G DD . -57.61 -21.97 27.54
C8 A2G DD . -58.03 -24.01 28.70
O5 A2G ED . -72.19 -2.60 39.18
C1 A2G ED . -72.13 -4.00 39.00
C2 A2G ED . -71.27 -4.56 40.14
N2 A2G ED . -71.14 -6.00 40.01
C3 A2G ED . -71.90 -4.21 41.48
O3 A2G ED . -71.33 -4.77 42.67
C4 A2G ED . -72.10 -2.70 41.61
O4 A2G ED . -70.83 -2.06 41.64
C5 A2G ED . -72.89 -2.21 40.39
C6 A2G ED . -73.03 -0.71 40.35
O6 A2G ED . -73.78 -0.24 41.47
C7 A2G ED . -69.96 -6.62 39.95
O7 A2G ED . -68.91 -5.99 39.77
C8 A2G ED . -69.98 -8.10 40.11
O5 A2G ED . -69.24 -3.67 43.23
C1 A2G ED . -69.89 -4.85 42.73
C2 A2G ED . -69.42 -6.15 43.43
N2 A2G ED . -70.62 -6.87 43.82
C3 A2G ED . -68.52 -6.02 44.68
O3 A2G ED . -67.37 -6.90 44.61
C4 A2G ED . -68.11 -4.59 45.06
O4 A2G ED . -66.88 -4.21 44.46
C5 A2G ED . -69.19 -3.61 44.64
C6 A2G ED . -68.83 -2.20 45.09
O6 A2G ED . -67.56 -1.84 44.54
C7 A2G ED . -70.75 -8.18 43.62
O7 A2G ED . -69.80 -8.92 43.45
C8 A2G ED . -72.16 -8.68 43.62
C1 MAN ED . -66.80 -7.00 43.28
C2 MAN ED . -66.69 -8.50 42.90
C3 MAN ED . -65.57 -9.18 43.68
C4 MAN ED . -64.26 -8.38 43.55
C5 MAN ED . -64.51 -6.96 44.06
C6 MAN ED . -63.29 -6.08 43.97
O2 MAN ED . -66.34 -8.68 41.52
O3 MAN ED . -65.37 -10.52 43.24
O4 MAN ED . -63.23 -8.99 44.31
O5 MAN ED . -65.54 -6.35 43.24
O6 MAN ED . -63.01 -5.83 42.60
N1 WT8 ED . -59.46 -11.50 48.24
C4 WT8 ED . -60.90 -12.10 45.52
C5 WT8 ED . -60.83 -10.80 46.32
C6 WT8 ED . -60.78 -11.03 47.83
C7 WT8 ED . -59.84 -14.18 46.16
C8 WT8 ED . -59.77 -15.38 47.05
C10 WT8 ED . -60.81 -8.97 44.16
C13 WT8 ED . -57.91 -12.90 49.42
C1 WT8 ED . -62.07 -9.65 44.63
C11 WT8 ED . -60.05 -8.69 48.39
C12 WT8 ED . -59.32 -12.53 49.07
C2 WT8 ED . -62.29 -10.92 43.82
C3 WT8 ED . -62.19 -12.15 44.71
C9 WT8 ED . -61.12 -9.76 48.59
N4 WT8 ED . -60.80 -13.27 46.36
N9 WT8 ED . -58.98 -14.04 45.25
O11 WT8 ED . -60.57 -7.81 44.55
O12 WT8 ED . -60.04 -9.61 43.39
O13 WT8 ED . -61.25 -10.05 49.99
O14 WT8 ED . -60.28 -13.13 49.53
O3 WT8 ED . -63.32 -12.18 45.61
O5 WT8 ED . -61.96 -9.97 46.02
O5 A2G FD . -63.50 26.59 40.45
C1 A2G FD . -63.09 25.28 40.10
C2 A2G FD . -61.88 24.81 40.92
N2 A2G FD . -61.73 23.39 40.72
C3 A2G FD . -61.98 25.19 42.43
O3 A2G FD . -60.65 25.17 43.02
C4 A2G FD . -62.67 26.54 42.70
O4 A2G FD . -61.82 27.68 42.50
C5 A2G FD . -63.91 26.70 41.82
C6 A2G FD . -64.57 28.06 42.04
O6 A2G FD . -65.53 28.30 41.01
C7 A2G FD . -61.48 22.49 41.68
O7 A2G FD . -60.36 22.26 42.06
C8 A2G FD . -62.67 21.77 42.26
O5 A2G FD . -59.07 26.93 42.71
C1 A2G FD . -59.53 25.70 42.12
C2 A2G FD . -58.40 24.69 42.02
N2 A2G FD . -57.83 24.55 43.35
C3 A2G FD . -57.42 25.26 41.06
O3 A2G FD . -58.05 25.26 39.75
C4 A2G FD . -56.98 26.68 41.54
O4 A2G FD . -55.86 27.21 40.80
C5 A2G FD . -58.19 27.62 41.82
C6 A2G FD . -59.06 28.06 40.64
O6 A2G FD . -60.07 28.96 41.10
C7 A2G FD . -57.83 23.38 43.98
O7 A2G FD . -57.92 22.31 43.39
C8 A2G FD . -57.72 23.47 45.48
O5 A2G GD . -79.82 31.51 30.77
C1 A2G GD . -79.23 31.38 32.06
C2 A2G GD . -78.37 32.63 32.30
N2 A2G GD . -77.73 32.55 33.59
C3 A2G GD . -79.26 33.87 32.22
O3 A2G GD . -78.68 35.12 32.57
C4 A2G GD . -80.00 33.93 30.89
O4 A2G GD . -79.07 34.10 29.83
C5 A2G GD . -80.74 32.62 30.68
C6 A2G GD . -81.40 32.53 29.33
O6 A2G GD . -82.42 33.51 29.19
C7 A2G GD . -76.40 32.65 33.74
O7 A2G GD . -75.64 32.61 32.78
C8 A2G GD . -75.92 32.85 35.13
O5 A2G GD . -77.20 35.92 30.80
C1 A2G GD . -77.32 35.39 32.12
C2 A2G GD . -76.52 36.17 33.17
N2 A2G GD . -77.41 36.42 34.29
C3 A2G GD . -75.90 37.51 32.77
O3 A2G GD . -74.51 37.61 33.17
C4 A2G GD . -76.07 37.91 31.30
O4 A2G GD . -74.99 37.46 30.48
C5 A2G GD . -77.37 37.33 30.76
C6 A2G GD . -77.60 37.78 29.32
O6 A2G GD . -76.48 37.39 28.52
C7 A2G GD . -77.05 36.25 35.56
O7 A2G GD . -75.88 36.21 35.91
C8 A2G GD . -78.17 36.09 36.54
C1 MAN GD . -73.77 36.37 33.04
C2 MAN GD . -73.08 36.04 34.40
C3 MAN GD . -71.90 36.98 34.64
C4 MAN GD . -70.97 36.99 33.42
C5 MAN GD . -71.76 37.43 32.19
C6 MAN GD . -70.93 37.48 30.93
O2 MAN GD . -72.53 34.73 34.40
O3 MAN GD . -71.18 36.61 35.81
O4 MAN GD . -69.89 37.90 33.64
O5 MAN GD . -72.83 36.48 31.98
O6 MAN GD . -70.59 36.14 30.57
N1 WT8 GD . -66.01 42.33 34.71
C4 WT8 GD . -66.77 39.46 35.74
C5 WT8 GD . -67.27 40.24 34.52
C6 WT8 GD . -67.33 41.74 34.74
C7 WT8 GD . -65.13 40.29 37.30
C8 WT8 GD . -64.75 41.21 38.42
C10 WT8 GD . -67.64 38.05 32.76
C13 WT8 GD . -64.22 43.73 35.48
C1 WT8 GD . -68.61 38.38 33.85
C11 WT8 GD . -67.57 42.33 32.31
C12 WT8 GD . -65.61 43.20 35.64
C2 WT8 GD . -68.26 37.57 35.10
C3 WT8 GD . -67.85 38.51 36.23
C9 WT8 GD . -68.21 42.42 33.69
N4 WT8 GD . -66.36 40.35 36.81
N9 WT8 GD . -64.27 39.48 36.85
O11 WT8 GD . -67.88 38.44 31.59
O12 WT8 GD . -66.60 37.40 33.05
O13 WT8 GD . -68.39 43.80 34.04
O14 WT8 GD . -66.34 43.55 36.56
O3 WT8 GD . -68.99 39.26 36.67
O5 WT8 GD . -68.58 39.77 34.14
O5 A2G HD . -82.34 33.03 0.42
C1 A2G HD . -81.45 32.77 1.49
C2 A2G HD . -80.27 33.74 1.51
N2 A2G HD . -79.60 33.60 2.78
C3 A2G HD . -80.69 35.22 1.22
O3 A2G HD . -79.52 35.97 0.78
C4 A2G HD . -81.85 35.36 0.22
O4 A2G HD . -81.44 35.24 -1.16
C5 A2G HD . -82.94 34.33 0.49
C6 A2G HD . -84.06 34.43 -0.53
O6 A2G HD . -84.91 33.29 -0.44
C7 A2G HD . -79.17 34.61 3.54
O7 A2G HD . -78.09 35.14 3.36
C8 A2G HD . -80.08 35.07 4.65
O5 A2G HD . -78.66 35.81 -1.44
C1 A2G HD . -78.56 35.21 -0.15
C2 A2G HD . -77.15 35.28 0.39
N2 A2G HD . -76.74 36.66 0.35
C3 A2G HD . -76.32 34.43 -0.50
O3 A2G HD . -76.73 33.05 -0.31
C4 A2G HD . -76.48 34.92 -1.97
O4 A2G HD . -75.54 34.32 -2.89
C5 A2G HD . -77.97 35.02 -2.42
C6 A2G HD . -78.78 33.72 -2.54
O6 A2G HD . -80.09 34.03 -3.01
C7 A2G HD . -76.40 37.32 1.45
O7 A2G HD . -76.03 36.76 2.48
C8 A2G HD . -76.51 38.82 1.37
O5 A2G ID . -97.97 21.25 1.47
C1 A2G ID . -97.55 22.59 1.42
C2 A2G ID . -97.23 22.91 -0.06
N2 A2G ID . -96.77 24.27 -0.19
C3 A2G ID . -98.49 22.69 -0.90
O3 A2G ID . -98.44 23.06 -2.27
C4 A2G ID . -99.02 21.27 -0.71
O4 A2G ID . -98.07 20.33 -1.22
C5 A2G ID . -99.21 21.02 0.78
C6 A2G ID . -99.62 19.59 1.08
O6 A2G ID . -100.89 19.29 0.51
C7 A2G ID . -95.60 24.58 -0.75
O7 A2G ID . -94.76 23.73 -1.00
C8 A2G ID . -95.39 26.03 -1.09
O5 A2G ID . -97.14 21.47 -3.58
C1 A2G ID . -97.22 22.79 -3.00
C2 A2G ID . -96.89 23.92 -4.01
N2 A2G ID . -97.95 24.91 -3.90
C3 A2G ID . -96.73 23.55 -5.49
O3 A2G ID . -95.54 24.12 -6.07
C4 A2G ID . -96.86 22.06 -5.82
O4 A2G ID . -95.59 21.39 -5.80
C5 A2G ID . -97.78 21.37 -4.83
C6 A2G ID . -97.97 19.91 -5.20
O6 A2G ID . -96.69 19.27 -5.25
C7 A2G ID . -97.70 26.21 -3.85
O7 A2G ID . -96.66 26.70 -4.22
C8 A2G ID . -98.81 27.05 -3.27
C1 MAN ID . -94.40 24.12 -5.18
C2 MAN ID . -93.82 25.56 -5.09
C3 MAN ID . -93.09 25.93 -6.38
C4 MAN ID . -92.08 24.83 -6.75
C5 MAN ID . -92.82 23.50 -6.90
C6 MAN ID . -91.90 22.35 -7.26
O2 MAN ID . -92.84 25.67 -4.06
O3 MAN ID . -92.45 27.19 -6.28
O4 MAN ID . -91.42 25.16 -7.98
O5 MAN ID . -93.43 23.18 -5.63
O6 MAN ID . -91.07 22.07 -6.15
N1 WT8 ID . -89.55 26.59 -13.49
C4 WT8 ID . -89.37 27.58 -10.52
C5 WT8 ID . -89.95 26.28 -11.08
C6 WT8 ID . -90.58 26.46 -12.47
C7 WT8 ID . -88.35 29.32 -11.85
C8 WT8 ID . -88.46 30.45 -12.82
C10 WT8 ID . -89.28 24.55 -8.94
C13 WT8 ID . -88.50 27.54 -15.41
C1 WT8 ID . -90.44 25.51 -8.87
C11 WT8 ID . -90.70 24.00 -12.98
C12 WT8 ID . -89.62 27.53 -14.42
C2 WT8 ID . -89.99 26.82 -8.23
C3 WT8 ID . -90.09 27.96 -9.23
C9 WT8 ID . -91.50 25.30 -12.80
N4 WT8 ID . -89.45 28.67 -11.47
N9 WT8 ID . -87.21 29.00 -11.42
O11 WT8 ID . -89.51 23.37 -9.24
O12 WT8 ID . -88.14 25.00 -8.70
O13 WT8 ID . -92.20 25.57 -14.02
O14 WT8 ID . -90.53 28.34 -14.47
O3 WT8 ID . -91.47 28.24 -9.51
O5 WT8 ID . -90.94 25.76 -10.19
O5 A2G JD . -97.01 -9.21 0.37
C1 A2G JD . -96.23 -8.02 0.32
C2 A2G JD . -95.49 -7.89 -1.02
N2 A2G JD . -94.97 -6.54 -1.11
C3 A2G JD . -96.36 -8.27 -2.25
O3 A2G JD . -95.49 -8.59 -3.38
C4 A2G JD . -97.36 -9.41 -1.99
O4 A2G JD . -96.77 -10.73 -2.06
C5 A2G JD . -98.03 -9.25 -0.63
C6 A2G JD . -98.97 -10.41 -0.34
O6 A2G JD . -99.36 -10.39 1.03
C7 A2G JD . -95.04 -5.76 -2.18
O7 A2G JD . -94.21 -5.81 -3.07
C8 A2G JD . -96.19 -4.78 -2.26
O5 A2G JD . -94.35 -10.67 -3.59
C1 A2G JD . -94.22 -9.35 -3.04
C2 A2G JD . -93.01 -8.65 -3.59
N2 A2G JD . -93.11 -8.68 -5.04
C3 A2G JD . -91.81 -9.41 -3.12
O3 A2G JD . -91.73 -9.23 -1.68
C4 A2G JD . -91.96 -10.90 -3.55
O4 A2G JD . -90.75 -11.67 -3.34
C5 A2G JD . -93.31 -11.53 -3.11
C6 A2G JD . -93.59 -11.72 -1.61
O6 A2G JD . -94.86 -12.35 -1.44
C7 A2G JD . -93.17 -7.56 -5.75
O7 A2G JD . -92.76 -6.49 -5.35
C8 A2G JD . -93.81 -7.71 -7.11
O5 A2G KD . -107.39 -9.80 16.99
C1 A2G KD . -107.47 -9.83 15.57
C2 A2G KD . -107.10 -11.26 15.14
N2 A2G KD . -107.15 -11.37 13.69
C3 A2G KD . -108.08 -12.25 15.78
O3 A2G KD . -107.99 -13.62 15.37
C4 A2G KD . -108.10 -12.10 17.29
O4 A2G KD . -106.81 -12.46 17.82
C5 A2G KD . -108.36 -10.63 17.64
C6 A2G KD . -108.27 -10.35 19.11
O6 A2G KD . -109.26 -11.06 19.84
C7 A2G KD . -106.10 -11.80 12.98
O7 A2G KD . -104.98 -11.91 13.47
C8 A2G KD . -106.39 -12.14 11.55
O5 A2G KD . -106.06 -14.70 16.37
C1 A2G KD . -106.67 -14.18 15.18
C2 A2G KD . -106.64 -15.17 14.00
N2 A2G KD . -107.99 -15.22 13.46
C3 A2G KD . -106.18 -16.61 14.26
O3 A2G KD . -105.21 -17.05 13.29
C4 A2G KD . -105.72 -16.91 15.69
O4 A2G KD . -104.31 -16.71 15.85
C5 A2G KD . -106.46 -16.03 16.68
C6 A2G KD . -106.06 -16.37 18.11
O6 A2G KD . -104.65 -16.24 18.25
C7 A2G KD . -108.24 -15.18 12.15
O7 A2G KD . -107.40 -15.43 11.31
C8 A2G KD . -109.64 -14.76 11.78
C1 MAN KD . -104.27 -16.02 12.90
C2 MAN KD . -104.25 -15.91 11.34
C3 MAN KD . -103.54 -17.10 10.73
C4 MAN KD . -102.17 -17.32 11.36
C5 MAN KD . -102.36 -17.51 12.88
C6 MAN KD . -101.06 -17.72 13.62
O2 MAN KD . -103.52 -14.76 10.91
O3 MAN KD . -103.41 -16.95 9.32
O4 MAN KD . -101.54 -18.46 10.81
O5 MAN KD . -102.98 -16.32 13.42
O6 MAN KD . -100.33 -16.50 13.59
N1 WT8 KD . -99.60 -23.73 8.71
C4 WT8 KD . -100.17 -20.79 7.76
C5 WT8 KD . -100.18 -21.38 9.17
C6 WT8 KD . -100.64 -22.84 9.20
C7 WT8 KD . -99.67 -22.02 5.75
C8 WT8 KD . -100.07 -23.04 4.71
C10 WT8 KD . -99.21 -19.13 10.59
C13 WT8 KD . -98.73 -25.53 7.39
C1 WT8 KD . -100.63 -19.24 10.11
C11 WT8 KD . -99.81 -23.29 11.53
C12 WT8 KD . -99.89 -24.69 7.83
C2 WT8 KD . -100.76 -18.57 8.74
C3 WT8 KD . -101.14 -19.61 7.69
C9 WT8 KD . -101.03 -23.25 10.61
N4 WT8 KD . -100.51 -21.77 6.75
N9 WT8 KD . -98.56 -21.44 5.65
O11 WT8 KD . -98.95 -19.42 11.77
O12 WT8 KD . -98.34 -18.76 9.77
O13 WT8 KD . -101.63 -24.56 10.59
O14 WT8 KD . -101.02 -24.87 7.40
O3 WT8 KD . -102.47 -20.06 7.92
O5 WT8 KD . -101.02 -20.61 10.03
O5 A2G LD . -95.48 -9.91 45.04
C1 A2G LD . -95.17 -9.91 43.65
C2 A2G LD . -94.37 -11.14 43.24
N2 A2G LD . -94.36 -11.20 41.80
C3 A2G LD . -94.88 -12.46 43.88
O3 A2G LD . -93.83 -13.47 43.84
C4 A2G LD . -95.43 -12.30 45.31
O4 A2G LD . -94.40 -12.25 46.32
C5 A2G LD . -96.28 -11.04 45.43
C6 A2G LD . -96.77 -10.83 46.85
O6 A2G LD . -97.32 -9.52 46.99
C7 A2G LD . -94.56 -12.29 41.07
O7 A2G LD . -93.66 -13.06 40.80
C8 A2G LD . -95.96 -12.54 40.56
O5 A2G LD . -92.00 -13.46 45.38
C1 A2G LD . -92.41 -12.94 44.12
C2 A2G LD . -91.47 -13.36 43.00
N2 A2G LD . -91.37 -14.80 43.05
C3 A2G LD . -90.16 -12.71 43.29
O3 A2G LD . -90.33 -11.29 43.13
C4 A2G LD . -89.70 -13.12 44.74
O4 A2G LD . -88.34 -12.74 45.03
C5 A2G LD . -90.79 -12.84 45.83
C6 A2G LD . -91.16 -11.39 46.13
O6 A2G LD . -92.13 -11.35 47.17
C7 A2G LD . -91.75 -15.55 42.01
O7 A2G LD . -91.79 -15.13 40.87
C8 A2G LD . -92.10 -16.97 42.34
O5 A2G MD . -107.00 5.27 49.63
C1 A2G MD . -106.88 3.85 49.67
C2 A2G MD . -105.98 3.51 50.86
N2 A2G MD . -105.78 2.08 50.95
C3 A2G MD . -106.61 4.05 52.14
O3 A2G MD . -105.99 3.70 53.38
C4 A2G MD . -106.86 5.54 52.02
O4 A2G MD . -105.62 6.24 51.93
C5 A2G MD . -107.69 5.81 50.76
C6 A2G MD . -107.89 7.28 50.50
O6 A2G MD . -108.64 7.89 51.53
C7 A2G MD . -104.58 1.51 50.96
O7 A2G MD . -103.56 2.14 50.67
C8 A2G MD . -104.53 0.07 51.35
O5 A2G MD . -103.93 4.96 53.72
C1 A2G MD . -104.54 3.69 53.43
C2 A2G MD . -104.01 2.54 54.32
N2 A2G MD . -105.17 1.84 54.84
C3 A2G MD . -103.10 2.90 55.50
O3 A2G MD . -101.91 2.07 55.55
C4 A2G MD . -102.75 4.39 55.66
O4 A2G MD . -101.53 4.73 54.97
C5 A2G MD . -103.86 5.24 55.11
C6 A2G MD . -103.56 6.72 55.31
O6 A2G MD . -102.31 7.04 54.69
C7 A2G MD . -105.25 0.51 54.85
O7 A2G MD . -104.27 -0.20 54.77
C8 A2G MD . -106.64 -0.03 54.97
C1 MAN MD . -101.36 1.78 54.24
C2 MAN MD . -101.19 0.24 54.10
C3 MAN MD . -100.03 -0.26 54.95
C4 MAN MD . -98.76 0.56 54.67
C5 MAN MD . -99.07 2.03 54.95
C6 MAN MD . -97.88 2.94 54.70
O2 MAN MD . -100.86 -0.13 52.76
O3 MAN MD . -99.79 -1.65 54.74
O4 MAN MD . -97.70 0.11 55.50
O5 MAN MD . -100.13 2.46 54.08
O6 MAN MD . -97.63 2.98 53.30
N1 WT8 MD . -93.77 -1.58 59.69
C4 WT8 MD . -95.22 -2.66 57.13
C5 WT8 MD . -95.19 -1.25 57.71
C6 WT8 MD . -95.10 -1.24 59.24
C7 WT8 MD . -94.05 -4.57 58.06
C8 WT8 MD . -93.92 -5.61 59.13
C10 WT8 MD . -95.28 0.21 55.29
C13 WT8 MD . -92.13 -2.72 61.04
C1 WT8 MD . -96.50 -0.44 55.89
C11 WT8 MD . -94.47 1.19 59.40
C12 WT8 MD . -93.56 -2.46 60.66
C2 WT8 MD . -96.67 -1.83 55.29
C3 WT8 MD . -96.52 -2.89 56.37
C9 WT8 MD . -95.49 0.12 59.79
N4 WT8 MD . -95.05 -3.68 58.15
N9 WT8 MD . -93.22 -4.54 57.12
O11 WT8 MD . -95.09 1.42 55.49
O12 WT8 MD . -94.49 -0.50 54.62
O13 WT8 MD . -95.57 0.05 61.22
O14 WT8 MD . -94.49 -3.02 61.24
O3 WT8 MD . -97.62 -2.82 57.28
O5 WT8 MD . -96.35 -0.53 57.31
O5 A2G ND . -99.48 34.59 46.05
C1 A2G ND . -99.02 33.25 45.91
C2 A2G ND . -97.78 32.97 46.76
N2 A2G ND . -97.57 31.54 46.78
C3 A2G ND . -97.87 33.58 48.19
O3 A2G ND . -96.53 33.70 48.75
C4 A2G ND . -98.61 34.93 48.27
O4 A2G ND . -97.81 36.06 47.87
C5 A2G ND . -99.87 34.90 47.39
C6 A2G ND . -100.58 36.25 47.41
O6 A2G ND . -101.57 36.28 46.38
C7 A2G ND . -97.27 30.82 47.87
O7 A2G ND . -96.13 30.71 48.26
C8 A2G ND . -98.42 30.16 48.59
O5 A2G ND . -95.03 35.46 48.13
C1 A2G ND . -95.44 34.13 47.76
C2 A2G ND . -94.28 33.17 47.79
N2 A2G ND . -93.68 33.26 49.10
C3 A2G ND . -93.33 33.61 46.73
O3 A2G ND . -93.98 33.38 45.45
C4 A2G ND . -92.95 35.10 46.97
O4 A2G ND . -91.86 35.56 46.14
C5 A2G ND . -94.19 36.03 47.12
C6 A2G ND . -95.10 36.24 45.91
O6 A2G ND . -96.14 37.16 46.25
C7 A2G ND . -93.62 32.21 49.92
O7 A2G ND . -93.68 31.06 49.51
C8 A2G ND . -93.49 32.53 51.37
O5 A2G OD . -116.13 37.27 36.08
C1 A2G OD . -115.53 37.36 37.36
C2 A2G OD . -114.73 38.67 37.38
N2 A2G OD . -114.05 38.83 38.65
C3 A2G OD . -115.66 39.85 37.12
O3 A2G OD . -115.12 41.17 37.26
C4 A2G OD . -116.42 39.67 35.82
O4 A2G OD . -115.51 39.70 34.73
C5 A2G OD . -117.11 38.31 35.84
C6 A2G OD . -117.79 37.97 34.54
O6 A2G OD . -118.85 38.89 34.26
C7 A2G OD . -112.74 39.00 38.75
O7 A2G OD . -111.98 38.83 37.80
C8 A2G OD . -112.22 39.44 40.09
O5 A2G OD . -113.71 41.73 35.36
C1 A2G OD . -113.78 41.40 36.75
C2 A2G OD . -113.00 42.38 37.65
N2 A2G OD . -113.89 42.78 38.73
C3 A2G OD . -112.44 43.66 37.01
O3 A2G OD . -111.04 43.87 37.37
C4 A2G OD . -112.66 43.81 35.51
O4 A2G OD . -111.57 43.28 34.74
C5 A2G OD . -113.93 43.10 35.09
C6 A2G OD . -114.20 43.31 33.61
O6 A2G OD . -113.08 42.84 32.85
C7 A2G OD . -113.49 42.81 40.00
O7 A2G OD . -112.31 42.88 40.32
C8 A2G OD . -114.59 42.76 41.01
C1 MAN OD . -110.26 42.66 37.42
C2 MAN OD . -109.54 42.58 38.79
C3 MAN OD . -108.40 43.58 38.86
C4 MAN OD . -107.48 43.44 37.63
C5 MAN OD . -108.32 43.64 36.37
C6 MAN OD . -107.52 43.52 35.09
O2 MAN OD . -108.93 41.30 38.99
O3 MAN OD . -107.65 43.44 40.06
O4 MAN OD . -106.44 44.41 37.68
O5 MAN OD . -109.35 42.63 36.33
O6 MAN OD . -107.12 42.16 34.95
N1 WT8 OD . -102.72 49.11 37.95
C4 WT8 OD . -103.36 46.41 39.43
C5 WT8 OD . -103.91 46.96 38.11
C6 WT8 OD . -104.03 48.48 38.10
C7 WT8 OD . -101.73 47.54 40.81
C8 WT8 OD . -101.37 48.64 41.76
C10 WT8 OD . -104.21 44.50 36.73
C13 WT8 OD . -100.99 50.68 38.45
C1 WT8 OD . -105.18 44.97 37.78
C11 WT8 OD . -104.33 48.67 35.61
C12 WT8 OD . -102.36 50.13 38.72
C2 WT8 OD . -104.78 44.38 39.14
C3 WT8 OD . -104.38 45.51 40.09
C9 WT8 OD . -104.95 48.95 36.97
N4 WT8 OD . -102.97 47.47 40.34
N9 WT8 OD . -100.84 46.71 40.47
O11 WT8 OD . -104.49 44.69 35.53
O12 WT8 OD . -103.15 43.96 37.10
O13 WT8 OD . -105.18 50.35 37.11
O14 WT8 OD . -103.08 50.58 39.58
O3 WT8 OD . -105.55 46.27 40.44
O5 WT8 OD . -105.19 46.39 37.84
O5 A2G PD . -119.23 33.88 5.93
C1 A2G PD . -118.31 33.82 7.02
C2 A2G PD . -117.17 34.84 6.85
N2 A2G PD . -116.48 34.92 8.11
C3 A2G PD . -117.65 36.22 6.33
O3 A2G PD . -116.53 36.95 5.76
C4 A2G PD . -118.83 36.17 5.35
O4 A2G PD . -118.44 35.83 4.00
C5 A2G PD . -119.88 35.14 5.81
C6 A2G PD . -121.02 35.03 4.81
O6 A2G PD . -121.81 33.88 5.10
C7 A2G PD . -116.08 36.05 8.70
O7 A2G PD . -115.03 36.59 8.41
C8 A2G PD . -116.99 36.65 9.74
O5 A2G PD . -115.68 36.47 3.57
C1 A2G PD . -115.55 36.08 4.95
C2 A2G PD . -114.14 36.29 5.44
N2 A2G PD . -113.77 37.66 5.16
C3 A2G PD . -113.28 35.33 4.67
O3 A2G PD . -113.63 33.99 5.08
C4 A2G PD . -113.49 35.59 3.14
O4 A2G PD . -112.53 34.88 2.30
C5 A2G PD . -114.99 35.55 2.71
C6 A2G PD . -115.75 34.23 2.82
O6 A2G PD . -117.08 34.41 2.34
C7 A2G PD . -113.46 38.50 6.13
O7 A2G PD . -113.03 38.13 7.22
C8 A2G PD . -113.63 39.97 5.82
O5 A2G QD . -134.33 21.81 9.20
C1 A2G QD . -133.96 23.15 8.92
C2 A2G QD . -133.69 23.24 7.41
N2 A2G QD . -133.28 24.58 7.05
C3 A2G QD . -134.94 22.84 6.64
O3 A2G QD . -134.93 23.00 5.22
C4 A2G QD . -135.42 21.45 7.06
O4 A2G QD . -134.45 20.48 6.67
C5 A2G QD . -135.57 21.42 8.57
C6 A2G QD . -135.91 20.05 9.11
O6 A2G QD . -137.18 19.62 8.63
C7 A2G QD . -132.14 24.84 6.41
O7 A2G QD . -131.26 23.99 6.29
C8 A2G QD . -131.99 26.22 5.85
O5 A2G QD . -133.59 21.27 4.15
C1 A2G QD . -133.71 22.66 4.52
C2 A2G QD . -133.45 23.62 3.34
N2 A2G QD . -134.55 24.57 3.31
C3 A2G QD . -133.31 23.03 1.93
O3 A2G QD . -132.14 23.54 1.24
C4 A2G QD . -133.37 21.50 1.84
O4 A2G QD . -132.08 20.89 1.94
C5 A2G QD . -134.25 20.94 2.94
C6 A2G QD . -134.39 19.43 2.83
O6 A2G QD . -133.08 18.84 2.85
C7 A2G QD . -134.36 25.88 3.16
O7 A2G QD . -133.33 26.34 2.68
C8 A2G QD . -135.49 26.74 3.62
C1 MAN QD . -130.99 23.72 2.10
C2 MAN QD . -130.46 25.18 1.94
C3 MAN QD . -129.78 25.36 0.59
C4 MAN QD . -128.72 24.27 0.37
C5 MAN QD . -129.40 22.90 0.46
C6 MAN QD . -128.45 21.74 0.26
O2 MAN QD . -129.47 25.49 2.92
O3 MAN QD . -129.19 26.65 0.48
O4 MAN QD . -128.11 24.42 -0.90
O5 MAN QD . -129.99 22.77 1.78
O6 MAN QD . -127.59 21.69 1.39
N1 WT8 QD . -126.39 25.02 -6.61
C4 WT8 QD . -126.20 26.48 -3.84
C5 WT8 QD . -126.73 25.09 -4.18
C6 WT8 QD . -127.39 25.02 -5.56
C7 WT8 QD . -125.27 28.02 -5.45
C8 WT8 QD . -125.45 28.99 -6.59
C10 WT8 QD . -125.96 23.75 -1.80
C13 WT8 QD . -125.41 25.69 -8.69
C1 WT8 QD . -127.16 24.66 -1.86
C11 WT8 QD . -127.42 22.51 -5.67
C12 WT8 QD . -126.51 25.80 -7.68
C2 WT8 QD . -126.75 26.07 -1.45
C3 WT8 QD . -126.91 27.03 -2.62
C9 WT8 QD . -128.27 23.78 -5.69
N4 WT8 QD . -126.34 27.40 -4.95
N9 WT8 QD . -124.11 27.83 -5.00
O11 WT8 QD . -126.14 22.53 -1.91
O12 WT8 QD . -124.82 24.27 -1.67
O13 WT8 QD . -129.00 23.83 -6.91
O14 WT8 QD . -127.46 26.54 -7.83
O3 WT8 QD . -128.31 27.20 -2.90
O5 WT8 QD . -127.69 24.69 -3.19
O5 A2G RD . -132.15 -8.38 12.89
C1 A2G RD . -131.42 -7.18 12.62
C2 A2G RD . -130.70 -7.24 11.27
N2 A2G RD . -130.25 -5.90 10.96
C3 A2G RD . -131.58 -7.84 10.14
O3 A2G RD . -130.72 -8.29 9.04
C4 A2G RD . -132.52 -8.96 10.59
O4 A2G RD . -131.88 -10.25 10.73
C5 A2G RD . -133.18 -8.61 11.93
C6 A2G RD . -134.07 -9.75 12.42
O6 A2G RD . -134.44 -9.51 13.78
C7 A2G RD . -130.36 -5.30 9.78
O7 A2G RD . -129.54 -5.47 8.90
C8 A2G RD . -131.55 -4.39 9.58
O5 A2G RD . -129.49 -10.34 9.14
C1 A2G RD . -129.41 -8.95 9.49
C2 A2G RD . -128.23 -8.29 8.80
N2 A2G RD . -128.35 -8.56 7.38
C3 A2G RD . -127.00 -8.93 9.36
O3 A2G RD . -126.90 -8.51 10.75
C4 A2G RD . -127.09 -10.47 9.18
O4 A2G RD . -125.85 -11.15 9.48
C5 A2G RD . -128.42 -11.07 9.74
C6 A2G RD . -128.65 -11.03 11.25
O6 A2G RD . -129.89 -11.68 11.55
C7 A2G RD . -128.48 -7.58 6.50
O7 A2G RD . -128.09 -6.43 6.72
C8 A2G RD . -129.13 -7.95 5.19
O5 A2G SD . -142.24 -6.71 29.60
C1 A2G SD . -142.34 -6.97 28.21
C2 A2G SD . -141.92 -8.44 28.01
N2 A2G SD . -141.98 -8.78 26.61
C3 A2G SD . -142.84 -9.35 28.82
O3 A2G SD . -142.71 -10.76 28.64
C4 A2G SD . -142.84 -8.96 30.29
O4 A2G SD . -141.55 -9.19 30.84
C5 A2G SD . -143.16 -7.47 30.40
C6 A2G SD . -143.06 -6.95 31.82
O6 A2G SD . -144.02 -7.58 32.66
C7 A2G SD . -140.93 -9.27 25.94
O7 A2G SD . -139.80 -9.27 26.41
C8 A2G SD . -141.22 -9.85 24.59
O5 A2G SD . -140.72 -11.60 29.75
C1 A2G SD . -141.37 -11.29 28.51
C2 A2G SD . -141.33 -12.46 27.50
N2 A2G SD . -142.67 -12.65 26.99
C3 A2G SD . -140.80 -13.82 27.96
O3 A2G SD . -139.82 -14.37 27.04
C4 A2G SD . -140.30 -13.88 29.41
O4 A2G SD . -138.90 -13.60 29.51
C5 A2G SD . -141.06 -12.88 30.26
C6 A2G SD . -140.63 -12.97 31.71
O6 A2G SD . -139.21 -12.77 31.81
C7 A2G SD . -142.95 -12.81 25.70
O7 A2G SD . -142.11 -13.17 24.90
C8 A2G SD . -144.36 -12.52 25.30
C1 MAN SD . -138.93 -13.38 26.49
C2 MAN SD . -138.94 -13.51 24.94
C3 MAN SD . -138.20 -14.77 24.49
C4 MAN SD . -136.81 -14.82 25.13
C5 MAN SD . -136.96 -14.78 26.65
C6 MAN SD . -135.64 -14.83 27.39
O2 MAN SD . -138.26 -12.43 24.30
O3 MAN SD . -138.09 -14.83 23.07
O4 MAN SD . -136.13 -16.02 24.74
O5 MAN SD . -137.62 -13.55 27.02
O6 MAN SD . -134.97 -13.60 27.16
N1 WT8 SD . -134.03 -21.47 23.45
C4 WT8 SD . -134.73 -18.74 22.08
C5 WT8 SD . -134.68 -19.11 23.57
C6 WT8 SD . -135.09 -20.56 23.83
C7 WT8 SD . -134.21 -20.27 20.28
C8 WT8 SD . -134.58 -21.44 19.42
C10 WT8 SD . -133.79 -16.63 24.58
C13 WT8 SD . -133.10 -23.44 22.43
C1 WT8 SD . -135.22 -16.86 24.16
C11 WT8 SD . -134.21 -20.61 26.18
C12 WT8 SD . -134.28 -22.58 22.75
C2 WT8 SD . -135.40 -16.43 22.70
C3 WT8 SD . -135.74 -17.63 21.84
C9 WT8 SD . -135.44 -20.76 25.30
N4 WT8 SD . -135.05 -19.88 21.24
N9 WT8 SD . -133.13 -19.67 20.06
O11 WT8 SD . -133.51 -16.71 25.79
O12 WT8 SD . -132.94 -16.36 23.70
O13 WT8 SD . -135.99 -22.07 25.49
O14 WT8 SD . -135.41 -22.86 22.39
O3 WT8 SD . -137.05 -18.10 22.17
O5 WT8 SD . -135.54 -18.24 24.30
O5 A2G TD . -129.88 -1.91 57.09
C1 A2G TD . -129.60 -2.11 55.71
C2 A2G TD . -128.74 -3.37 55.49
N2 A2G TD . -128.76 -3.66 54.07
C3 A2G TD . -129.19 -4.58 56.35
O3 A2G TD . -128.10 -5.55 56.45
C4 A2G TD . -129.73 -4.22 57.74
O4 A2G TD . -128.69 -3.96 58.71
C5 A2G TD . -130.63 -2.99 57.67
C6 A2G TD . -131.11 -2.57 59.05
O6 A2G TD . -131.70 -1.28 59.00
C7 A2G TD . -128.93 -4.87 53.53
O7 A2G TD . -128.00 -5.63 53.37
C8 A2G TD . -130.32 -5.24 53.11
O5 A2G TD . -126.25 -5.22 57.92
C1 A2G TD . -126.70 -4.93 56.59
C2 A2G TD . -125.77 -5.48 55.54
N2 A2G TD . -125.61 -6.89 55.82
C3 A2G TD . -124.48 -4.75 55.71
O3 A2G TD . -124.71 -3.37 55.31
C4 A2G TD . -123.98 -4.90 57.18
O4 A2G TD . -122.63 -4.42 57.38
C5 A2G TD . -125.06 -4.49 58.23
C6 A2G TD . -125.50 -3.02 58.30
O6 A2G TD . -126.45 -2.86 59.35
C7 A2G TD . -125.96 -7.81 54.93
O7 A2G TD . -126.05 -7.58 53.72
C8 A2G TD . -126.25 -9.18 55.49
O5 A2G UD . -141.94 13.37 59.43
C1 A2G UD . -141.76 11.98 59.70
C2 A2G UD . -140.83 11.87 60.91
N2 A2G UD . -140.58 10.48 61.22
C3 A2G UD . -141.46 12.59 62.10
O3 A2G UD . -140.81 12.47 63.37
C4 A2G UD . -141.77 14.04 61.76
O4 A2G UD . -140.57 14.74 61.52
C5 A2G UD . -142.63 14.05 60.49
C6 A2G UD . -142.90 15.46 59.99
O6 A2G UD . -143.66 16.20 60.94
C7 A2G UD . -139.35 9.97 61.30
O7 A2G UD . -138.37 10.57 60.89
C8 A2G UD . -139.24 8.61 61.92
O5 A2G UD . -138.80 13.84 63.46
C1 A2G UD . -139.36 12.52 63.39
C2 A2G UD . -138.76 11.55 64.44
N2 A2G UD . -139.88 10.90 65.10
C3 A2G UD . -137.86 12.13 65.53
O3 A2G UD . -136.64 11.36 65.68
C4 A2G UD . -137.56 13.63 65.43
O4 A2G UD . -136.38 13.89 64.67
C5 A2G UD . -138.73 14.34 64.78
C6 A2G UD . -138.48 15.85 64.74
O6 A2G UD . -137.26 16.10 64.04
C7 A2G UD . -139.91 9.58 65.32
O7 A2G UD . -138.91 8.90 65.33
C8 A2G UD . -141.28 9.01 65.55
C1 MAN UD . -136.10 10.88 64.42
C2 MAN UD . -135.86 9.35 64.52
C3 MAN UD . -134.67 9.03 65.42
C4 MAN UD . -133.44 9.85 64.99
C5 MAN UD . -133.79 11.34 65.03
C6 MAN UD . -132.65 12.23 64.61
O2 MAN UD . -135.54 8.78 63.26
O3 MAN UD . -134.37 7.64 65.43
O4 MAN UD . -132.34 9.59 65.86
O5 MAN UD . -134.90 11.58 64.12
O6 MAN UD . -132.43 12.06 63.22
N1 WT8 UD . -128.28 8.74 70.17
C4 WT8 UD . -129.73 7.20 67.85
C5 WT8 UD . -129.74 8.69 68.20
C6 WT8 UD . -129.64 8.95 69.71
C7 WT8 UD . -128.48 5.52 69.06
C8 WT8 UD . -128.29 4.67 70.27
C10 WT8 UD . -129.94 9.74 65.58
C13 WT8 UD . -126.59 7.89 71.65
C1 WT8 UD . -131.12 9.14 66.30
C11 WT8 UD . -129.10 11.40 69.47
C12 WT8 UD . -128.04 8.04 71.28
C2 WT8 UD . -131.26 7.66 65.94
C3 WT8 UD . -131.03 6.81 67.17
C9 WT8 UD . -130.07 10.37 70.05
N4 WT8 UD . -129.50 6.37 69.01
N9 WT8 UD . -127.65 5.42 68.10
O11 WT8 UD . -129.79 10.98 65.58
O12 WT8 UD . -129.13 8.96 65.01
O13 WT8 UD . -130.14 10.52 71.47
O14 WT8 UD . -128.93 7.54 71.94
O3 WT8 UD . -132.12 6.98 68.08
O5 WT8 UD . -130.95 9.29 67.71
O5 A2G VD . -135.71 42.02 51.13
C1 A2G VD . -135.19 40.68 51.19
C2 A2G VD . -133.93 40.60 52.05
N2 A2G VD . -133.66 39.19 52.29
C3 A2G VD . -134.01 41.43 53.36
O3 A2G VD . -132.67 41.69 53.86
C4 A2G VD . -134.82 42.74 53.23
O4 A2G VD . -134.07 43.82 52.65
C5 A2G VD . -136.08 42.52 52.41
C6 A2G VD . -136.85 43.82 52.22
O6 A2G VD . -137.86 43.66 51.23
C7 A2G VD . -133.31 38.68 53.47
O7 A2G VD . -132.16 38.67 53.85
C8 A2G VD . -134.41 38.09 54.31
O5 A2G VD . -131.26 43.38 52.94
C1 A2G VD . -131.63 42.00 52.79
C2 A2G VD . -130.43 41.09 52.96
N2 A2G VD . -129.80 41.42 54.22
C3 A2G VD . -129.52 41.39 51.81
O3 A2G VD . -130.16 40.94 50.60
C4 A2G VD . -129.19 42.92 51.81
O4 A2G VD . -128.13 43.28 50.89
C5 A2G VD . -130.46 43.82 51.84
C6 A2G VD . -131.40 43.79 50.61
O6 A2G VD . -132.48 44.71 50.84
C7 A2G VD . -129.69 40.52 55.19
O7 A2G VD . -129.70 39.30 54.97
C8 A2G VD . -129.55 41.07 56.58
O5 A2G WD . -152.61 42.41 41.22
C1 A2G WD . -151.99 42.72 42.47
C2 A2G WD . -151.24 44.05 42.26
N2 A2G WD . -150.56 44.43 43.47
C3 A2G WD . -152.23 45.13 41.85
O3 A2G WD . -151.75 46.47 41.75
C4 A2G WD . -153.00 44.71 40.60
O4 A2G WD . -152.10 44.61 39.49
C5 A2G WD . -153.63 43.35 40.85
C6 A2G WD . -154.32 42.78 39.62
O6 A2G WD . -155.42 43.60 39.23
C7 A2G WD . -149.24 44.68 43.51
O7 A2G WD . -148.49 44.38 42.59
C8 A2G WD . -148.74 45.34 44.76
O5 A2G WD . -150.39 46.78 39.74
C1 A2G WD . -150.43 46.68 41.17
C2 A2G WD . -149.68 47.81 41.90
N2 A2G WD . -150.55 48.34 42.91
C3 A2G WD . -149.17 49.00 41.05
O3 A2G WD . -147.80 49.32 41.35
C4 A2G WD . -149.42 48.90 39.55
O4 A2G WD . -148.33 48.30 38.85
C5 A2G WD . -150.67 48.09 39.27
C6 A2G WD . -150.98 48.04 37.78
O6 A2G WD . -149.85 47.50 37.09
C7 A2G WD . -150.14 48.60 44.16
O7 A2G WD . -148.97 48.75 44.44
C8 A2G WD . -151.23 48.67 45.19
C1 MAN WD . -146.96 48.16 41.57
C2 MAN WD . -146.21 48.33 42.92
C3 MAN WD . -145.11 49.38 42.80
C4 MAN WD . -144.20 49.08 41.59
C5 MAN WD . -145.07 49.05 40.32
C6 MAN WD . -144.28 48.75 39.07
O2 MAN WD . -145.54 47.13 43.30
O3 MAN WD . -144.33 49.46 43.99
O4 MAN WD . -143.20 50.09 41.47
O5 MAN WD . -146.05 48.00 40.48
O6 MAN WD . -143.84 47.40 39.14
N1 WT8 WD . -139.69 54.91 40.90
C4 WT8 WD . -140.19 52.46 42.80
C5 WT8 WD . -140.78 52.77 41.42
C6 WT8 WD . -140.97 54.26 41.17
C7 WT8 WD . -138.59 53.86 43.94
C8 WT8 WD . -138.26 55.11 44.70
C10 WT8 WD . -140.99 50.12 40.46
C13 WT8 WD . -138.01 56.60 41.11
C1 WT8 WD . -141.97 50.70 41.45
C11 WT8 WD . -141.31 54.03 38.70
C12 WT8 WD . -139.36 56.05 41.48
C2 WT8 WD . -141.52 50.36 42.87
C3 WT8 WD . -141.17 51.63 43.62
C9 WT8 WD . -141.92 54.51 40.01
N4 WT8 WD . -139.83 53.67 43.52
N9 WT8 WD . -137.66 53.03 43.72
O11 WT8 WD . -141.31 50.10 39.24
O12 WT8 WD . -139.91 49.67 40.88
O13 WT8 WD . -142.22 55.91 39.92
O14 WT8 WD . -140.10 56.61 42.28
O3 WT8 WD . -142.35 52.40 43.86
O5 WT8 WD . -142.05 52.12 41.28
O5 A2G XD . -156.03 34.16 12.06
C1 A2G XD . -155.09 34.32 13.12
C2 A2G XD . -154.00 35.33 12.77
N2 A2G XD . -153.29 35.65 13.98
C3 A2G XD . -154.55 36.61 12.05
O3 A2G XD . -153.47 37.26 11.34
C4 A2G XD . -155.75 36.34 11.12
O4 A2G XD . -155.37 35.82 9.83
C5 A2G XD . -156.73 35.36 11.75
C6 A2G XD . -157.88 35.05 10.81
O6 A2G XD . -158.62 33.94 11.31
C7 A2G XD . -152.93 36.87 14.38
O7 A2G XD . -151.90 37.40 13.98
C8 A2G XD . -153.85 37.59 15.33
O5 A2G XD . -152.64 36.47 9.24
C1 A2G XD . -152.46 36.32 10.66
C2 A2G XD . -151.05 36.66 11.07
N2 A2G XD . -150.76 37.99 10.57
C3 A2G XD . -150.17 35.63 10.44
O3 A2G XD . -150.46 34.37 11.08
C4 A2G XD . -150.42 35.63 8.90
O4 A2G XD . -149.44 34.83 8.17
C5 A2G XD . -151.93 35.47 8.52
C6 A2G XD . -152.62 34.15 8.85
O6 A2G XD . -153.97 34.20 8.38
C7 A2G XD . -150.45 38.98 11.39
O7 A2G XD . -150.00 38.80 12.52
C8 A2G XD . -150.69 40.36 10.85
O5 A2G YD . -170.56 22.21 17.56
C1 A2G YD . -170.25 23.50 17.07
C2 A2G YD . -170.01 23.35 15.56
N2 A2G YD . -169.67 24.63 14.98
C3 A2G YD . -171.26 22.79 14.89
O3 A2G YD . -171.28 22.72 13.46
C4 A2G YD . -171.66 21.47 15.53
O4 A2G YD . -170.66 20.49 15.28
C5 A2G YD . -171.80 21.67 17.05
C6 A2G YD . -172.08 20.39 17.79
O6 A2G YD . -173.33 19.84 17.41
C7 A2G YD . -168.54 24.83 14.28
O7 A2G YD . -167.63 24.01 14.28
C8 A2G YD . -168.47 26.11 13.50
O5 A2G YD . -169.89 20.90 12.66
C1 A2G YD . -170.06 22.31 12.79
C2 A2G YD . -169.86 23.08 11.48
N2 A2G YD . -171.00 23.97 11.32
C3 A2G YD . -169.71 22.28 10.17
O3 A2G YD . -168.59 22.72 9.38
C4 A2G YD . -169.72 20.76 10.33
O4 A2G YD . -168.40 20.22 10.48
C5 A2G YD . -170.55 20.35 11.52
C6 A2G YD . -170.63 18.84 11.65
O6 A2G YD . -169.30 18.31 11.74
C7 A2G YD . -170.86 25.24 10.95
O7 A2G YD . -169.86 25.67 10.39
C8 A2G YD . -172.02 26.13 11.30
C1 MAN YD . -167.43 23.08 10.17
C2 MAN YD . -166.97 24.52 9.77
C3 MAN YD . -166.31 24.51 8.40
C4 MAN YD . -165.21 23.44 8.33
C5 MAN YD . -165.84 22.07 8.65
C6 MAN YD . -164.85 20.94 8.62
O2 MAN YD . -165.97 25.01 10.66
O3 MAN YD . -165.77 25.78 8.07
O4 MAN YD . -164.63 23.41 7.03
O5 MAN YD . -166.39 22.13 9.98
O6 MAN YD . -163.96 21.09 9.72
N1 WT8 YD . -163.03 23.15 1.27
C4 WT8 YD . -162.86 25.04 3.76
C5 WT8 YD . -163.34 23.60 3.66
C6 WT8 YD . -164.01 23.28 2.33
C7 WT8 YD . -162.02 26.34 1.90
C8 WT8 YD . -162.26 27.10 0.63
C10 WT8 YD . -162.47 22.68 6.19
C13 WT8 YD . -162.11 23.52 -0.92
C1 WT8 YD . -163.70 23.52 6.02
C11 WT8 YD . -163.94 20.79 2.62
C12 WT8 YD . -163.20 23.74 0.08
C2 WT8 YD . -163.35 24.99 6.20
C3 WT8 YD . -163.57 25.76 4.90
C9 WT8 YD . -164.84 22.00 2.41
N4 WT8 YD . -163.06 25.77 2.52
N9 WT8 YD . -160.85 26.26 2.36
O11 WT8 YD . -162.59 21.45 6.30
O12 WT8 YD . -161.36 23.26 6.23
O13 WT8 YD . -165.60 21.84 1.21
O14 WT8 YD . -164.19 24.42 -0.16
O3 WT8 YD . -164.97 25.82 4.62
O5 WT8 YD . -164.26 23.31 4.72
O5 A2G ZD . -167.07 -6.91 25.92
C1 A2G ZD . -166.39 -5.76 25.45
C2 A2G ZD . -165.70 -6.00 24.11
N2 A2G ZD . -165.30 -4.71 23.59
C3 A2G ZD . -166.57 -6.81 23.11
O3 A2G ZD . -165.71 -7.40 22.09
C4 A2G ZD . -167.45 -7.88 23.76
O4 A2G ZD . -166.75 -9.10 24.08
C5 A2G ZD . -168.11 -7.34 25.03
C6 A2G ZD . -168.94 -8.43 25.72
O6 A2G ZD . -169.29 -7.99 27.03
C7 A2G ZD . -165.46 -4.32 22.32
O7 A2G ZD . -164.65 -4.59 21.47
C8 A2G ZD . -166.68 -3.50 22.01
O5 A2G ZD . -164.40 -9.36 22.49
C1 A2G ZD . -164.36 -7.93 22.60
C2 A2G ZD . -163.22 -7.35 21.79
N2 A2G ZD . -163.35 -7.85 20.43
C3 A2G ZD . -161.96 -7.83 22.43
O3 A2G ZD . -161.86 -7.21 23.72
C4 A2G ZD . -161.99 -9.40 22.48
O4 A2G ZD . -160.72 -9.97 22.86
C5 A2G ZD . -163.28 -9.95 23.16
C6 A2G ZD . -163.50 -9.67 24.65
O6 A2G ZD . -164.71 -10.31 25.08
C7 A2G ZD . -163.53 -7.02 19.41
O7 A2G ZD . -163.20 -5.84 19.44
C8 A2G ZD . -164.19 -7.62 18.20
O5 A2G AE . -176.96 -2.97 42.37
C1 A2G AE . -177.07 -3.46 41.05
C2 A2G AE . -176.59 -4.92 41.07
N2 A2G AE . -176.66 -5.49 39.74
C3 A2G AE . -177.47 -5.72 42.04
O3 A2G AE . -177.28 -7.14 42.08
C4 A2G AE . -177.46 -5.10 43.42
O4 A2G AE . -176.15 -5.19 43.97
C5 A2G AE . -177.84 -3.63 43.30
C6 A2G AE . -177.73 -2.88 44.61
O6 A2G AE . -178.66 -3.40 45.57
C7 A2G AE . -175.60 -6.04 39.14
O7 A2G AE . -174.47 -5.91 39.58
C8 A2G AE . -175.90 -6.84 37.90
O5 A2G AE . -175.24 -7.71 43.27
C1 A2G AE . -175.93 -7.64 42.00
C2 A2G AE . -175.84 -8.94 41.18
N2 A2G AE . -177.19 -9.27 40.75
C3 A2G AE . -175.26 -10.20 41.86
O3 A2G AE . -174.28 -10.85 41.02
C4 A2G AE . -174.74 -10.00 43.29
O4 A2G AE . -173.34 -9.66 43.32
C5 A2G AE . -175.51 -8.90 43.98
C6 A2G AE . -175.07 -8.75 45.43
O6 A2G AE . -173.66 -8.47 45.45
C7 A2G AE . -177.48 -9.64 39.52
O7 A2G AE . -176.63 -10.08 38.76
C8 A2G AE . -178.91 -9.47 39.11
C1 MAN AE . -173.43 -9.93 40.29
C2 MAN AE . -173.47 -10.31 38.79
C3 MAN AE . -172.68 -11.58 38.53
C4 MAN AE . -171.27 -11.49 39.14
C5 MAN AE . -171.41 -11.21 40.64
C6 MAN AE . -170.07 -11.09 41.35
O2 MAN AE . -172.83 -9.31 37.97
O3 MAN AE . -172.59 -11.88 37.14
O4 MAN AE . -170.55 -12.71 38.93
O5 MAN AE . -172.10 -9.96 40.82
O6 MAN AE . -169.45 -9.89 40.91
N1 WT8 AE . -168.25 -18.21 38.49
C4 WT8 AE . -169.08 -15.77 36.71
C5 WT8 AE . -169.00 -15.88 38.23
C6 WT8 AE . -169.34 -17.28 38.74
C7 WT8 AE . -168.52 -17.54 35.16
C8 WT8 AE . -168.86 -18.85 34.51
C10 WT8 AE . -168.18 -13.24 38.82
C13 WT8 AE . -167.26 -20.28 37.77
C1 WT8 AE . -169.61 -13.59 38.47
C11 WT8 AE . -168.42 -16.92 41.05
C12 WT8 AE . -168.47 -19.42 37.98
C2 WT8 AE . -169.83 -13.41 36.97
C3 WT8 AE . -170.14 -14.74 36.32
C9 WT8 AE . -169.66 -17.26 40.23
N4 WT8 AE . -169.36 -17.04 36.07
N9 WT8 AE . -167.47 -16.94 34.82
O11 WT8 AE . -167.88 -13.13 40.02
O12 WT8 AE . -167.37 -13.08 37.89
O13 WT8 AE . -170.15 -18.55 40.64
O14 WT8 AE . -169.59 -19.80 37.68
O3 WT8 AE . -171.43 -15.20 36.75
O5 WT8 AE . -169.89 -14.94 38.84
O5 A2G BE . -164.40 6.59 68.50
C1 A2G BE . -164.13 6.18 67.17
C2 A2G BE . -163.23 4.94 67.12
N2 A2G BE . -163.25 4.43 65.77
C3 A2G BE . -163.62 3.86 68.17
O3 A2G BE . -162.48 2.98 68.40
C4 A2G BE . -164.14 4.43 69.50
O4 A2G BE . -163.11 4.87 70.40
C5 A2G BE . -165.10 5.60 69.26
C6 A2G BE . -165.57 6.20 70.57
O6 A2G BE . -166.22 7.45 70.31
C7 A2G BE . -163.37 3.15 65.44
O7 A2G BE . -162.42 2.40 65.39
C8 A2G BE . -164.76 2.65 65.10
O5 A2G BE . -160.62 3.60 69.77
C1 A2G BE . -161.11 3.66 68.42
C2 A2G BE . -160.17 2.98 67.45
N2 A2G BE . -159.94 1.63 67.95
C3 A2G BE . -158.90 3.78 67.48
O3 A2G BE . -159.19 5.06 66.87
C4 A2G BE . -158.38 3.89 68.94
O4 A2G BE . -157.04 4.44 69.03
C5 A2G BE . -159.47 4.42 69.94
C6 A2G BE . -159.96 5.86 69.78
O6 A2G BE . -160.90 6.15 70.81
C7 A2G BE . -160.27 0.57 67.22
O7 A2G BE . -160.38 0.62 66.00
C8 A2G BE . -160.50 -0.69 68.01
O5 A2G CE . -177.05 21.56 68.62
C1 A2G CE . -176.81 20.24 69.10
C2 A2G CE . -175.87 20.37 70.29
N2 A2G CE . -175.55 19.06 70.82
C3 A2G CE . -176.50 21.23 71.37
O3 A2G CE . -175.83 21.34 72.63
C4 A2G CE . -176.89 22.59 70.81
O4 A2G CE . -175.72 23.31 70.43
C5 A2G CE . -177.76 22.39 69.57
C6 A2G CE . -178.09 23.67 68.86
O6 A2G CE . -178.88 24.53 69.68
C7 A2G CE . -174.30 18.61 70.95
O7 A2G CE . -173.35 19.18 70.43
C8 A2G CE . -174.12 17.37 71.77
O5 A2G CE . -173.88 22.79 72.45
C1 A2G CE . -174.39 21.46 72.61
C2 A2G CE . -173.75 20.69 73.78
N2 A2G CE . -174.83 20.11 74.56
C3 A2G CE . -172.84 21.47 74.75
O3 A2G CE . -171.59 20.79 75.00
C4 A2G CE . -172.61 22.95 74.41
O4 A2G CE . -171.45 23.14 73.60
C5 A2G CE . -173.81 23.51 73.68
C6 A2G CE . -173.63 24.99 73.39
O6 A2G CE . -172.43 25.18 72.64
C7 A2G CE . -174.80 18.85 74.99
O7 A2G CE . -173.76 18.22 75.10
C8 A2G CE . -176.13 18.27 75.33
C1 MAN CE . -171.04 20.14 73.83
C2 MAN CE . -170.75 18.65 74.17
C3 MAN CE . -169.53 18.53 75.08
C4 MAN CE . -168.34 19.31 74.49
C5 MAN CE . -168.76 20.77 74.31
C6 MAN CE . -167.66 21.64 73.73
O2 MAN CE . -170.42 17.89 73.00
O3 MAN CE . -169.17 17.17 75.29
O4 MAN CE . -167.22 19.23 75.37
O5 MAN CE . -169.88 20.82 73.39
O6 MAN CE . -167.45 21.24 72.38
N1 WT8 CE . -163.07 19.24 79.68
C4 WT8 CE . -164.48 17.30 77.67
C5 WT8 CE . -164.55 18.82 77.77
C6 WT8 CE . -164.44 19.33 79.22
C7 WT8 CE . -163.14 15.88 79.09
C8 WT8 CE . -162.90 15.24 80.42
C10 WT8 CE . -164.83 19.43 75.02
C13 WT8 CE . -161.32 18.72 81.24
C1 WT8 CE . -165.98 18.92 75.86
C11 WT8 CE . -164.01 21.72 78.58
C12 WT8 CE . -162.78 18.74 80.88
C2 WT8 CE . -166.04 17.40 75.73
C3 WT8 CE . -165.77 16.75 77.09
C9 WT8 CE . -164.93 20.76 79.33
N4 WT8 CE . -164.21 16.67 78.95
N9 WT8 CE . -162.33 15.67 78.16
O11 WT8 CE . -164.73 20.66 74.82
O12 WT8 CE . -164.00 18.60 74.57
O13 WT8 CE . -164.98 21.14 80.72
O14 WT8 CE . -163.65 18.33 81.63
O3 WT8 CE . -166.87 17.03 77.97
O5 WT8 CE . -165.79 19.29 77.22
O5 A2G DE . -172.06 48.74 55.78
C1 A2G DE . -171.50 47.46 56.04
C2 A2G DE . -170.23 47.56 56.88
N2 A2G DE . -169.89 46.23 57.33
C3 A2G DE . -170.32 48.58 58.04
O3 A2G DE . -168.98 48.97 58.47
C4 A2G DE . -171.18 49.82 57.73
O4 A2G DE . -170.49 50.83 56.96
C5 A2G DE . -172.45 49.43 56.98
C6 A2G DE . -173.27 50.66 56.60
O6 A2G DE . -174.28 50.30 55.67
C7 A2G DE . -169.51 45.91 58.56
O7 A2G DE . -168.36 46.00 58.92
C8 A2G DE . -170.58 45.43 59.52
O5 A2G DE . -167.66 50.54 57.25
C1 A2G DE . -167.96 49.14 57.34
C2 A2G DE . -166.72 48.32 57.62
N2 A2G DE . -166.10 48.87 58.81
C3 A2G DE . -165.84 48.47 56.42
O3 A2G DE . -166.50 47.80 55.32
C4 A2G DE . -165.59 49.99 56.17
O4 A2G DE . -164.55 50.23 55.18
C5 A2G DE . -166.90 50.83 56.08
C6 A2G DE . -167.85 50.58 54.90
O6 A2G DE . -168.95 51.48 54.99
C7 A2G DE . -165.93 48.12 59.90
O7 A2G DE . -165.90 46.91 59.87
C8 A2G DE . -165.80 48.91 61.18
O5 A2G EE . -189.12 46.93 46.30
C1 A2G EE . -188.50 47.47 47.46
C2 A2G EE . -187.81 48.77 47.03
N2 A2G EE . -187.11 49.36 48.15
C3 A2G EE . -188.84 49.74 46.47
O3 A2G EE . -188.42 51.06 46.15
C4 A2G EE . -189.62 49.10 45.32
O4 A2G EE . -188.74 48.85 44.23
C5 A2G EE . -190.19 47.77 45.80
C6 A2G EE . -190.87 46.99 44.70
O6 A2G EE . -192.01 47.69 44.20
C7 A2G EE . -185.82 49.66 48.13
O7 A2G EE . -185.07 49.25 47.24
C8 A2G EE . -185.31 50.53 49.24
O5 A2G EE . -187.11 51.09 44.11
C1 A2G EE . -187.12 51.22 45.54
C2 A2G EE . -186.40 52.48 46.04
N2 A2G EE . -187.29 53.13 46.99
C3 A2G EE . -185.96 53.54 45.02
O3 A2G EE . -184.58 53.95 45.21
C4 A2G EE . -186.22 53.19 43.55
O4 A2G EE . -185.12 52.52 42.93
C5 A2G EE . -187.44 52.30 43.44
C6 A2G EE . -187.77 52.00 41.97
O6 A2G EE . -186.63 51.40 41.35
C7 A2G EE . -186.86 53.59 48.16
O7 A2G EE . -185.70 53.84 48.39
C8 A2G EE . -187.93 53.79 49.19
C1 MAN EE . -183.70 52.87 45.60
C2 MAN EE . -182.94 53.28 46.89
C3 MAN EE . -181.88 54.34 46.59
C4 MAN EE . -180.99 53.88 45.42
C5 MAN EE . -181.87 53.62 44.20
C6 MAN EE . -181.08 53.16 42.99
O2 MAN EE . -182.22 52.18 47.46
O3 MAN EE . -181.10 54.63 47.73
O4 MAN EE . -180.03 54.89 45.12
O5 MAN EE . -182.81 52.57 44.53
O6 MAN EE . -180.59 51.85 43.26
N1 WT8 EE . -176.72 59.69 43.72
C4 WT8 EE . -177.09 57.56 46.00
C5 WT8 EE . -177.71 57.62 44.60
C6 WT8 EE . -177.96 59.05 44.12
C7 WT8 EE . -175.52 59.18 46.87
C8 WT8 EE . -175.23 60.55 47.41
C10 WT8 EE . -177.84 54.84 44.07
C13 WT8 EE . -175.11 61.46 43.62
C1 WT8 EE . -178.82 55.54 44.98
C11 WT8 EE . -178.34 58.42 41.72
C12 WT8 EE . -176.42 60.92 44.11
C2 WT8 EE . -178.34 55.45 46.42
C3 WT8 EE . -178.03 56.83 46.96
C9 WT8 EE . -178.94 59.07 42.96
N4 WT8 EE . -176.77 58.88 46.51
N9 WT8 EE . -174.58 58.35 46.77
O11 WT8 EE . -178.17 54.63 42.89
O12 WT8 EE . -176.73 54.52 44.54
O13 WT8 EE . -179.30 60.43 42.65
O14 WT8 EE . -177.16 61.58 44.82
O3 WT8 EE . -179.24 57.58 47.10
O5 WT8 EE . -178.95 56.91 44.59
C1 MAN FE . -38.73 31.35 -8.18
C2 MAN FE . -37.55 30.66 -7.50
C3 MAN FE . -36.18 30.93 -8.14
C4 MAN FE . -36.30 31.02 -9.66
C5 MAN FE . -37.31 32.07 -10.06
C6 MAN FE . -37.47 32.18 -11.58
O2 MAN FE . -37.94 29.36 -7.76
O3 MAN FE . -35.27 29.88 -7.79
O4 MAN FE . -35.02 31.32 -10.22
O5 MAN FE . -38.61 31.74 -9.53
O6 MAN FE . -37.96 33.49 -11.90
O5 A2G GE . -50.14 21.46 -11.34
C1 A2G GE . -50.38 22.18 -10.14
C2 A2G GE . -50.24 23.65 -10.54
N2 A2G GE . -50.35 24.54 -9.40
C3 A2G GE . -51.30 24.00 -11.60
O3 A2G GE . -51.16 25.36 -11.99
C4 A2G GE . -51.20 23.07 -12.79
O4 A2G GE . -49.99 23.33 -13.50
C5 A2G GE . -51.19 21.62 -12.31
C6 A2G GE . -50.93 20.63 -13.41
O6 A2G GE . -50.77 19.31 -12.89
C7 A2G GE . -49.45 25.49 -9.16
O7 A2G GE . -48.34 25.24 -8.69
C8 A2G GE . -49.87 26.88 -9.50
C1 MAN HE . 224.57 -45.20 -30.69
C2 MAN HE . 225.34 -45.13 -32.01
C3 MAN HE . 226.80 -45.60 -31.95
C4 MAN HE . 227.44 -45.20 -30.62
C5 MAN HE . 226.64 -45.72 -29.44
C6 MAN HE . 227.23 -45.32 -28.10
O2 MAN HE . 225.29 -43.75 -32.17
O3 MAN HE . 227.54 -45.02 -33.02
O4 MAN HE . 228.77 -45.68 -30.57
O5 MAN HE . 225.29 -45.20 -29.48
O6 MAN HE . 226.81 -46.26 -27.11
O5 A2G IE . 217.53 -31.87 -27.41
C1 A2G IE . 216.64 -32.81 -28.00
C2 A2G IE . 216.78 -34.07 -27.14
N2 A2G IE . 216.01 -35.18 -27.67
C3 A2G IE . 216.34 -33.75 -25.71
O3 A2G IE . 216.49 -34.91 -24.89
C4 A2G IE . 217.13 -32.59 -25.14
O4 A2G IE . 218.49 -32.98 -24.95
C5 A2G IE . 217.09 -31.42 -26.13
C6 A2G IE . 217.98 -30.27 -25.72
O6 A2G IE . 218.01 -29.28 -26.74
C7 A2G IE . 216.55 -36.38 -27.86
O7 A2G IE . 217.30 -36.62 -28.80
C8 A2G IE . 216.19 -37.43 -26.84
C1 MAN JE . 218.97 0.59 -36.89
C2 MAN JE . 219.82 -0.61 -37.26
C3 MAN JE . 221.34 -0.36 -37.34
C4 MAN JE . 221.62 1.02 -37.92
C5 MAN JE . 220.90 2.10 -37.11
C6 MAN JE . 221.14 3.50 -37.68
O2 MAN JE . 219.31 -0.82 -38.54
O3 MAN JE . 221.95 -1.35 -38.17
O4 MAN JE . 223.02 1.26 -37.94
O5 MAN JE . 219.49 1.88 -37.13
O6 MAN JE . 220.96 4.45 -36.61
O5 A2G KE . 207.30 2.62 -46.77
C1 A2G KE . 206.88 1.95 -45.59
C2 A2G KE . 207.34 2.86 -44.44
N2 A2G KE . 207.10 2.27 -43.15
C3 A2G KE . 206.65 4.22 -44.55
O3 A2G KE . 207.10 5.08 -43.50
C4 A2G KE . 206.89 4.85 -45.91
O4 A2G KE . 208.27 5.21 -46.01
C5 A2G KE . 206.56 3.84 -47.00
C6 A2G KE . 206.92 4.32 -48.38
O6 A2G KE . 206.73 3.29 -49.36
C7 A2G KE . 208.05 2.18 -42.22
O7 A2G KE . 208.94 1.35 -42.28
C8 A2G KE . 207.95 3.16 -41.09
C1 MAN LE . 198.09 -7.55 -77.95
C2 MAN LE . 199.36 -7.77 -77.15
C3 MAN LE . 200.67 -7.66 -77.93
C4 MAN LE . 200.51 -8.23 -79.34
C5 MAN LE . 199.36 -7.56 -80.07
C6 MAN LE . 199.16 -8.13 -81.47
O2 MAN LE . 199.12 -9.09 -76.80
O3 MAN LE . 201.70 -8.37 -77.24
O4 MAN LE . 201.73 -8.09 -80.06
O5 MAN LE . 198.14 -7.75 -79.35
O6 MAN LE . 198.52 -7.13 -82.28
O5 A2G ME . 187.84 -18.87 -75.83
C1 A2G ME . 187.54 -17.74 -75.04
C2 A2G ME . 187.49 -16.56 -76.03
N2 A2G ME . 187.31 -15.30 -75.36
C3 A2G ME . 186.38 -16.79 -77.04
O3 A2G ME . 186.35 -15.74 -77.99
C4 A2G ME . 186.55 -18.14 -77.74
O4 A2G ME . 187.71 -18.08 -78.58
C5 A2G ME . 186.74 -19.23 -76.70
C6 A2G ME . 187.09 -20.57 -77.30
O6 A2G ME . 187.40 -21.52 -76.29
C7 A2G ME . 188.10 -14.25 -75.60
O7 A2G ME . 189.24 -14.17 -75.14
C8 A2G ME . 187.52 -13.17 -76.48
C1 MAN NE . 186.92 -50.68 -63.64
C2 MAN NE . 188.07 -49.71 -63.86
C3 MAN NE . 189.35 -50.33 -64.45
C4 MAN NE . 189.58 -51.72 -63.88
C5 MAN NE . 188.38 -52.61 -64.11
C6 MAN NE . 188.56 -54.01 -63.53
O2 MAN NE . 188.28 -49.36 -62.54
O3 MAN NE . 190.48 -49.50 -64.14
O4 MAN NE . 190.74 -52.30 -64.47
O5 MAN NE . 187.21 -52.05 -63.48
O6 MAN NE . 187.71 -54.92 -64.25
O5 A2G OE . 181.23 -49.53 -49.34
C1 A2G OE . 180.44 -48.80 -50.29
C2 A2G OE . 180.10 -49.82 -51.37
N2 A2G OE . 179.41 -49.22 -52.49
C3 A2G OE . 179.28 -50.97 -50.78
O3 A2G OE . 179.00 -51.93 -51.78
C4 A2G OE . 180.02 -51.60 -49.60
O4 A2G OE . 181.17 -52.29 -50.08
C5 A2G OE . 180.46 -50.51 -48.64
C6 A2G OE . 181.33 -51.02 -47.52
O6 A2G OE . 181.83 -49.96 -46.73
C7 A2G OE . 179.79 -49.39 -53.75
O7 A2G OE . 180.75 -48.81 -54.23
C8 A2G OE . 178.97 -50.36 -54.56
C1 MAN PE . 190.13 -36.65 -19.01
C2 MAN PE . 190.89 -36.76 -20.33
C3 MAN PE . 192.36 -37.16 -20.22
C4 MAN PE . 192.99 -36.53 -18.99
C5 MAN PE . 192.23 -36.88 -17.73
C6 MAN PE . 192.83 -36.25 -16.48
O2 MAN PE . 190.78 -35.43 -20.71
O3 MAN PE . 193.06 -36.73 -21.39
O4 MAN PE . 194.35 -36.95 -18.88
O5 MAN PE . 190.87 -36.43 -17.83
O6 MAN PE . 192.45 -37.04 -15.35
O5 A2G QE . 182.63 -23.23 -17.77
C1 A2G QE . 181.76 -24.27 -18.19
C2 A2G QE . 181.96 -25.37 -17.13
N2 A2G QE . 181.23 -26.58 -17.47
C3 A2G QE . 181.53 -24.86 -15.77
O3 A2G QE . 181.73 -25.86 -14.78
C4 A2G QE . 182.28 -23.58 -15.41
O4 A2G QE . 183.65 -23.89 -15.19
C5 A2G QE . 182.17 -22.59 -16.57
C6 A2G QE . 183.02 -21.36 -16.37
O6 A2G QE . 183.02 -20.54 -17.54
C7 A2G QE . 181.81 -27.78 -17.47
O7 A2G QE . 182.56 -28.14 -18.38
C8 A2G QE . 181.50 -28.66 -16.29
C1 MAN RE . 182.47 7.59 -32.45
C2 MAN RE . 183.38 6.38 -32.63
C3 MAN RE . 184.87 6.68 -32.78
C4 MAN RE . 185.07 7.97 -33.57
C5 MAN RE . 184.33 9.13 -32.95
C6 MAN RE . 184.50 10.43 -33.72
O2 MAN RE . 182.85 5.95 -33.85
O3 MAN RE . 185.52 5.60 -33.45
O4 MAN RE . 186.47 8.25 -33.66
O5 MAN RE . 182.92 8.84 -32.89
O6 MAN RE . 184.30 11.52 -32.83
O5 A2G SE . 170.58 7.51 -42.26
C1 A2G SE . 170.21 7.01 -40.99
C2 A2G SE . 170.64 8.11 -40.01
N2 A2G SE . 170.45 7.73 -38.63
C3 A2G SE . 169.89 9.41 -40.32
O3 A2G SE . 170.32 10.44 -39.43
C4 A2G SE . 170.09 9.81 -41.77
O4 A2G SE . 171.44 10.22 -41.97
C5 A2G SE . 169.78 8.63 -42.68
C6 A2G SE . 170.11 8.89 -44.12
O6 A2G SE . 169.96 7.72 -44.91
C7 A2G SE . 171.41 7.84 -37.71
O7 A2G SE . 172.34 7.04 -37.66
C8 A2G SE . 171.29 8.99 -36.76
C1 MAN TE . 161.27 -7.89 -71.28
C2 MAN TE . 162.57 -7.93 -70.47
C3 MAN TE . 163.86 -7.90 -71.30
C4 MAN TE . 163.70 -8.70 -72.59
C5 MAN TE . 162.51 -8.20 -73.40
C6 MAN TE . 162.30 -8.99 -74.68
O2 MAN TE . 162.39 -9.18 -69.92
O3 MAN TE . 164.93 -8.45 -70.53
O4 MAN TE . 164.90 -8.62 -73.35
O5 MAN TE . 161.31 -8.31 -72.63
O6 MAN TE . 161.61 -8.16 -75.62
O5 A2G UE . 151.56 -19.13 -67.12
C1 A2G UE . 151.23 -17.90 -66.51
C2 A2G UE . 151.12 -16.91 -67.68
N2 A2G UE . 150.90 -15.55 -67.21
C3 A2G UE . 149.99 -17.34 -68.62
O3 A2G UE . 149.91 -16.44 -69.71
C4 A2G UE . 150.22 -18.76 -69.10
O4 A2G UE . 151.36 -18.80 -69.96
C5 A2G UE . 150.48 -19.67 -67.89
C6 A2G UE . 150.87 -21.07 -68.29
O6 A2G UE . 151.24 -21.84 -67.14
C7 A2G UE . 151.63 -14.53 -67.64
O7 A2G UE . 152.78 -14.33 -67.24
C8 A2G UE . 150.99 -13.63 -68.66
C1 MAN VE . 152.14 -48.64 -50.00
C2 MAN VE . 153.25 -47.69 -50.41
C3 MAN VE . 154.54 -48.34 -50.92
C4 MAN VE . 154.84 -49.62 -50.15
C5 MAN VE . 153.66 -50.58 -50.19
C6 MAN VE . 153.91 -51.87 -49.41
O2 MAN VE . 153.47 -47.12 -49.16
O3 MAN VE . 155.63 -47.44 -50.77
O4 MAN VE . 156.02 -50.24 -50.66
O5 MAN VE . 152.50 -49.97 -49.64
O6 MAN VE . 153.09 -52.91 -49.96
O5 A2G WE . 146.63 -45.45 -35.96
C1 A2G WE . 145.81 -44.91 -36.97
C2 A2G WE . 145.50 -46.11 -37.88
N2 A2G WE . 144.75 -45.71 -39.07
C3 A2G WE . 144.74 -47.17 -37.09
O3 A2G WE . 144.47 -48.30 -37.92
C4 A2G WE . 145.51 -47.59 -35.85
O4 A2G WE . 146.68 -48.30 -36.25
C5 A2G WE . 145.91 -46.33 -35.08
C6 A2G WE . 146.83 -46.64 -33.92
O6 A2G WE . 147.30 -45.44 -33.32
C7 A2G WE . 145.12 -46.07 -40.30
O7 A2G WE . 146.05 -45.53 -40.87
C8 A2G WE . 144.34 -47.19 -40.92
C1 MAN XE . 155.55 -27.56 -8.28
C2 MAN XE . 156.29 -27.87 -9.58
C3 MAN XE . 157.78 -28.18 -9.44
C4 MAN XE . 158.41 -27.35 -8.34
C5 MAN XE . 157.68 -27.52 -7.02
C6 MAN XE . 158.28 -26.68 -5.90
O2 MAN XE . 156.12 -26.61 -10.16
O3 MAN XE . 158.45 -27.93 -10.68
O4 MAN XE . 159.79 -27.69 -8.20
O5 MAN XE . 156.31 -27.14 -7.16
O6 MAN XE . 157.96 -27.28 -4.65
O5 A2G YE . 147.53 -14.42 -9.02
C1 A2G YE . 146.71 -15.55 -9.24
C2 A2G YE . 146.96 -16.46 -8.03
N2 A2G YE . 146.28 -17.73 -8.15
C3 A2G YE . 146.53 -15.74 -6.75
O3 A2G YE . 146.79 -16.56 -5.63
C4 A2G YE . 147.24 -14.39 -6.62
O4 A2G YE . 148.63 -14.62 -6.38
C5 A2G YE . 147.07 -13.61 -7.91
C6 A2G YE . 147.88 -12.34 -7.94
O6 A2G YE . 147.81 -11.71 -9.22
C7 A2G YE . 146.91 -18.89 -7.98
O7 A2G YE . 147.65 -19.36 -8.83
C8 A2G YE . 146.65 -19.58 -6.68
C1 MAN ZE . 145.87 13.65 -28.37
C2 MAN ZE . 146.82 12.47 -28.39
C3 MAN ZE . 148.30 12.80 -28.62
C4 MAN ZE . 148.44 13.95 -29.61
C5 MAN ZE . 147.66 15.17 -29.16
C6 MAN ZE . 147.76 16.33 -30.14
O2 MAN ZE . 146.30 11.83 -29.51
O3 MAN ZE . 148.97 11.64 -29.13
O4 MAN ZE . 149.82 14.27 -29.78
O5 MAN ZE . 146.27 14.84 -29.02
O6 MAN ZE . 147.52 17.56 -29.43
O5 A2G AF . 133.84 11.56 -37.79
C1 A2G AF . 133.51 11.27 -36.44
C2 A2G AF . 133.91 12.53 -35.66
N2 A2G AF . 133.76 12.35 -34.24
C3 A2G AF . 133.10 13.72 -36.15
O3 A2G AF . 133.50 14.89 -35.46
C4 A2G AF . 133.26 13.90 -37.66
O4 A2G AF . 134.59 14.32 -37.95
C5 A2G AF . 132.99 12.58 -38.36
C6 A2G AF . 133.28 12.62 -39.84
O6 A2G AF . 133.15 11.32 -40.42
C7 A2G AF . 134.72 12.63 -33.37
O7 A2G AF . 135.69 11.90 -33.21
C8 A2G AF . 134.57 13.92 -32.62
C1 MAN BF . 124.72 -8.62 -63.77
C2 MAN BF . 126.03 -8.48 -63.00
C3 MAN BF . 127.30 -8.53 -63.85
C4 MAN BF . 127.16 -9.53 -65.00
C5 MAN BF . 125.93 -9.21 -65.84
C6 MAN BF . 125.74 -10.20 -66.99
O2 MAN BF . 125.91 -9.64 -62.25
O3 MAN BF . 128.41 -8.91 -63.02
O4 MAN BF . 128.34 -9.53 -65.79
O5 MAN BF . 124.75 -9.25 -65.04
O6 MAN BF . 124.99 -9.56 -68.02
O5 A2G CF . 115.53 -19.40 -57.69
C1 A2G CF . 115.16 -18.10 -57.27
C2 A2G CF . 114.98 -17.31 -58.58
N2 A2G CF . 114.72 -15.91 -58.33
C3 A2G CF . 113.87 -17.93 -59.42
O3 A2G CF . 113.73 -17.22 -60.64
C4 A2G CF . 114.15 -19.40 -59.66
O4 A2G CF . 115.26 -19.54 -60.54
C5 A2G CF . 114.46 -20.10 -58.35
C6 A2G CF . 114.89 -21.53 -58.52
O6 A2G CF . 115.32 -22.09 -57.28
C7 A2G CF . 115.41 -14.94 -58.93
O7 A2G CF . 116.55 -14.65 -58.58
C8 A2G CF . 114.71 -14.24 -60.05
C1 MAN DF . 117.62 -45.75 -36.10
C2 MAN DF . 118.69 -44.83 -36.68
C3 MAN DF . 119.99 -45.50 -37.10
C4 MAN DF . 120.36 -46.63 -36.14
C5 MAN DF . 119.22 -47.63 -36.02
C6 MAN DF . 119.54 -48.76 -35.05
O2 MAN DF . 118.90 -44.06 -35.54
O3 MAN DF . 121.05 -44.54 -37.13
O4 MAN DF . 121.55 -47.27 -36.58
O5 MAN DF . 118.04 -46.98 -35.55
O6 MAN DF . 118.75 -49.90 -35.40
O5 A2G EF . 112.21 -40.58 -22.62
C1 A2G EF . 111.34 -40.25 -23.70
C2 A2G EF . 111.06 -41.58 -24.40
N2 A2G EF . 110.29 -41.41 -25.61
C3 A2G EF . 110.36 -42.54 -23.43
O3 A2G EF . 110.13 -43.79 -24.07
C4 A2G EF . 111.17 -42.71 -22.16
O4 A2G EF . 112.36 -43.44 -22.45
C5 A2G EF . 111.54 -41.34 -21.60
C6 A2G EF . 112.48 -41.43 -20.42
O6 A2G EF . 112.91 -40.12 -20.03
C7 A2G EF . 110.65 -41.94 -26.77
O7 A2G EF . 111.55 -41.47 -27.45
C8 A2G EF . 109.90 -43.17 -27.19
C1 MAN FF . 120.80 -18.20 1.65
C2 MAN FF . 121.53 -18.67 0.40
C3 MAN FF . 123.03 -18.91 0.55
C4 MAN FF . 123.65 -17.88 1.48
C5 MAN FF . 122.94 -17.87 2.83
C6 MAN FF . 123.51 -16.84 3.79
O2 MAN FF . 121.31 -17.54 -0.38
O3 MAN FF . 123.68 -18.83 -0.73
O4 MAN FF . 125.04 -18.14 1.65
O5 MAN FF . 121.56 -17.57 2.67
O6 MAN FF . 123.24 -17.26 5.14
O5 A2G GF . 112.23 -5.66 -0.98
C1 A2G GF . 111.45 -6.84 -1.00
C2 A2G GF . 111.76 -7.54 0.34
N2 A2G GF . 111.13 -8.84 0.42
C3 A2G GF . 111.32 -6.64 1.50
O3 A2G GF . 111.64 -7.26 2.73
C4 A2G GF . 111.98 -5.27 1.39
O4 A2G GF . 113.38 -5.39 1.64
C5 A2G GF . 111.76 -4.71 0.00
C6 A2G GF . 112.51 -3.42 -0.24
O6 A2G GF . 112.39 -3.01 -1.60
C7 A2G GF . 111.80 -9.93 0.77
O7 A2G GF . 112.56 -10.51 -0.01
C8 A2G GF . 111.61 -10.42 2.18
C1 MAN HF . 109.12 18.88 -24.47
C2 MAN HF . 110.12 17.74 -24.32
C3 MAN HF . 111.58 18.09 -24.63
C4 MAN HF . 111.67 19.07 -25.79
C5 MAN HF . 110.84 20.31 -25.52
C6 MAN HF . 110.88 21.31 -26.67
O2 MAN HF . 109.61 16.91 -25.31
O3 MAN HF . 112.31 16.89 -24.96
O4 MAN HF . 113.03 19.41 -26.03
O5 MAN HF . 109.47 19.96 -25.31
O6 MAN HF . 110.61 22.61 -26.16
O5 A2G IF . 97.04 14.86 -33.17
C1 A2G IF . 96.75 14.77 -31.78
C2 A2G IF . 97.11 16.15 -31.23
N2 A2G IF . 96.99 16.20 -29.78
C3 A2G IF . 96.25 17.22 -31.87
O3 A2G IF . 96.61 18.50 -31.39
C4 A2G IF . 96.37 17.17 -33.39
O4 A2G IF . 97.69 17.58 -33.77
C5 A2G IF . 96.14 15.74 -33.87
C6 A2G IF . 96.42 15.56 -35.34
O6 A2G IF . 96.33 14.18 -35.72
C7 A2G IF . 97.96 16.66 -29.00
O7 A2G IF . 98.96 15.99 -28.74
C8 A2G IF . 97.77 18.03 -28.44
C1 MAN JF . 88.36 -9.48 -55.42
C2 MAN JF . 89.67 -9.17 -54.71
C3 MAN JF . 90.95 -9.32 -55.56
C4 MAN JF . 90.81 -10.48 -56.53
C5 MAN JF . 89.58 -10.35 -57.39
C6 MAN JF . 89.40 -11.51 -58.36
O2 MAN JF . 89.62 -10.20 -53.78
O3 MAN JF . 92.08 -9.51 -54.72
O4 MAN JF . 91.98 -10.56 -57.35
O5 MAN JF . 88.40 -10.31 -56.57
O6 MAN JF . 88.61 -11.08 -59.47
O5 A2G KF . 79.72 -19.51 -47.51
C1 A2G KF . 79.31 -18.18 -47.29
C2 A2G KF . 79.08 -17.61 -48.70
N2 A2G KF . 78.76 -16.20 -48.68
C3 A2G KF . 77.98 -18.40 -49.41
O3 A2G KF . 77.78 -17.90 -50.72
C4 A2G KF . 78.30 -19.88 -49.44
O4 A2G KF . 79.42 -20.11 -50.30
C5 A2G KF . 78.66 -20.35 -48.02
C6 A2G KF . 79.16 -21.77 -47.98
O6 A2G KF . 79.63 -22.11 -46.68
C7 A2G KF . 79.40 -15.31 -49.43
O7 A2G KF . 80.52 -14.92 -49.17
C8 A2G KF . 78.66 -14.82 -50.64
C1 MAN LF . 83.21 -42.02 -22.12
C2 MAN LF . 84.23 -41.16 -22.86
C3 MAN LF . 85.57 -41.85 -23.20
C4 MAN LF . 85.98 -42.79 -22.08
C5 MAN LF . 84.90 -43.80 -21.78
C6 MAN LF . 85.28 -44.76 -20.65
O2 MAN LF . 84.44 -40.22 -21.87
O3 MAN LF . 86.58 -40.85 -23.40
O4 MAN LF . 87.20 -43.45 -22.44
O5 MAN LF . 83.69 -43.14 -21.39
O6 MAN LF . 84.53 -45.97 -20.81
O5 A2G MF . 77.80 -35.00 -9.50
C1 A2G MF . 76.92 -34.87 -10.60
C2 A2G MF . 76.68 -36.31 -11.08
N2 A2G MF . 75.88 -36.36 -12.27
C3 A2G MF . 76.03 -37.13 -9.96
O3 A2G MF . 75.84 -38.47 -10.39
C4 A2G MF . 76.87 -37.07 -8.69
O4 A2G MF . 78.09 -37.79 -8.90
C5 A2G MF . 77.19 -35.62 -8.36
C6 A2G MF . 78.16 -35.47 -7.21
O6 A2G MF . 78.54 -34.12 -7.03
C7 A2G MF . 76.25 -37.05 -13.35
O7 A2G MF . 77.12 -36.66 -14.11
C8 A2G MF . 75.54 -38.36 -13.56
C1 MAN NF . 85.86 -8.73 10.73
C2 MAN NF . 86.59 -9.37 9.55
C3 MAN NF . 88.11 -9.52 9.71
C4 MAN NF . 88.70 -8.33 10.46
C5 MAN NF . 88.01 -8.13 11.80
C6 MAN NF . 88.56 -6.94 12.58
O2 MAN NF . 86.31 -8.38 8.61
O3 MAN NF . 88.72 -9.61 8.42
O4 MAN NF . 90.10 -8.52 10.63
O5 MAN NF . 86.61 -7.92 11.62
O6 MAN NF . 88.32 -7.15 13.97
O5 A2G OF . 76.75 2.91 6.35
C1 A2G OF . 76.01 1.70 6.53
C2 A2G OF . 76.38 1.24 7.95
N2 A2G OF . 75.80 -0.05 8.26
C3 A2G OF . 75.93 2.29 8.96
O3 A2G OF . 76.28 1.89 10.27
C4 A2G OF . 76.52 3.65 8.63
O4 A2G OF . 77.93 3.62 8.86
C5 A2G OF . 76.25 3.98 7.17
C6 A2G OF . 76.95 5.24 6.71
O6 A2G OF . 76.80 5.42 5.31
C7 A2G OF . 76.52 -1.05 8.76
O7 A2G OF . 77.29 -1.70 8.06
C8 A2G OF . 76.37 -1.31 10.22
C1 MAN PF . 72.25 23.26 -20.64
C2 MAN PF . 73.29 22.19 -20.34
C3 MAN PF . 74.73 22.54 -20.73
C4 MAN PF . 74.76 23.33 -22.03
C5 MAN PF . 73.88 24.58 -21.95
C6 MAN PF . 73.86 25.37 -23.24
O2 MAN PF . 72.80 21.21 -21.17
O3 MAN PF . 75.49 21.35 -20.88
O4 MAN PF . 76.10 23.69 -22.36
O5 MAN PF . 72.53 24.21 -21.65
O6 MAN PF . 73.54 26.73 -22.93
O5 A2G QF . 60.21 17.45 -28.33
C1 A2G QF . 59.94 17.57 -26.93
C2 A2G QF . 60.25 19.03 -26.61
N2 A2G QF . 60.14 19.30 -25.20
C3 A2G QF . 59.33 19.95 -27.40
O3 A2G QF . 59.64 21.32 -27.13
C4 A2G QF . 59.44 19.67 -28.90
O4 A2G QF . 60.72 20.07 -29.37
C5 A2G QF . 59.26 18.17 -29.14
C6 A2G QF . 59.51 17.76 -30.57
O6 A2G QF . 59.48 16.34 -30.71
C7 A2G QF . 61.11 19.92 -24.51
O7 A2G QF . 62.14 19.34 -24.18
C8 A2G QF . 60.87 21.36 -24.19
C1 MAN RF . 52.19 -10.43 -46.25
C2 MAN RF . 53.50 -9.96 -45.63
C3 MAN RF . 54.76 -10.18 -46.48
C4 MAN RF . 54.67 -11.50 -47.24
C5 MAN RF . 53.40 -11.55 -48.09
C6 MAN RF . 53.27 -12.86 -48.86
O2 MAN RF . 53.51 -10.83 -44.54
O3 MAN RF . 55.93 -10.21 -45.62
O4 MAN RF . 55.83 -11.66 -48.06
O5 MAN RF . 52.25 -11.42 -47.26
O6 MAN RF . 52.45 -12.63 -50.00
O5 A2G SF . 44.11 -19.41 -36.67
C1 A2G SF . 43.65 -18.07 -36.65
C2 A2G SF . 43.37 -17.74 -38.12
N2 A2G SF . 43.00 -16.36 -38.31
C3 A2G SF . 42.29 -18.68 -38.67
O3 A2G SF . 42.06 -18.40 -40.05
C4 A2G SF . 42.68 -20.13 -38.47
O4 A2G SF . 43.78 -20.44 -39.31
C5 A2G SF . 43.08 -20.35 -37.02
C6 A2G SF . 43.64 -21.73 -36.76
O6 A2G SF . 44.13 -21.84 -35.42
C7 A2G SF . 43.58 -15.57 -39.22
O7 A2G SF . 44.70 -15.10 -39.04
C8 A2G SF . 42.80 -15.32 -40.47
C1 MAN TF . 48.92 -37.43 -8.12
C2 MAN TF . 49.89 -36.66 -9.00
C3 MAN TF . 51.24 -37.33 -9.26
C4 MAN TF . 51.72 -38.08 -8.03
C5 MAN TF . 50.68 -39.07 -7.54
C6 MAN TF . 51.11 -39.80 -6.28
O2 MAN TF . 50.07 -35.56 -8.18
O3 MAN TF . 52.21 -36.35 -9.64
O4 MAN TF . 52.96 -38.73 -8.29
O5 MAN TF . 49.46 -38.39 -7.22
O6 MAN TF . 50.42 -41.06 -6.22
O5 A2G UF . 43.44 -28.69 3.35
C1 A2G UF . 42.53 -28.77 2.26
C2 A2G UF . 42.34 -30.27 2.03
N2 A2G UF . 41.52 -30.55 0.87
C3 A2G UF . 41.74 -30.93 3.27
O3 A2G UF . 41.61 -32.33 3.07
C4 A2G UF . 42.60 -30.64 4.50
O4 A2G UF . 43.84 -31.32 4.38
C5 A2G UF . 42.87 -29.14 4.59
C6 A2G UF . 43.84 -28.77 5.68
O6 A2G UF . 44.17 -27.39 5.63
C7 A2G UF . 41.90 -31.39 -0.09
O7 A2G UF . 42.74 -31.08 -0.93
C8 A2G UF . 41.25 -32.74 -0.08
C1 MAN VF . 50.71 0.73 19.00
C2 MAN VF . 51.44 -0.06 17.92
C3 MAN VF . 52.97 -0.13 18.06
C4 MAN VF . 53.52 1.19 18.60
C5 MAN VF . 52.84 1.56 19.91
C6 MAN VF . 53.35 2.89 20.47
O2 MAN VF . 51.11 0.76 16.85
O3 MAN VF . 53.56 -0.41 16.79
O4 MAN VF . 54.93 1.08 18.77
O5 MAN VF . 51.43 1.70 19.72
O6 MAN VF . 53.15 2.90 21.90
O5 A2G WF . 41.05 11.17 13.05
C1 A2G WF . 40.38 9.98 13.43
C2 A2G WF . 40.77 9.77 14.90
N2 A2G WF . 40.26 8.52 15.42
C3 A2G WF . 40.29 10.95 15.75
O3 A2G WF . 40.69 10.77 17.09
C4 A2G WF . 40.82 12.26 15.19
O4 A2G WF . 42.24 12.32 15.39
C5 A2G WF . 40.52 12.34 13.70
C6 A2G WF . 41.16 13.54 13.03
O6 A2G WF . 40.98 13.49 11.62
C7 A2G WF . 41.03 7.64 16.06
O7 A2G WF . 41.81 6.90 15.44
C8 A2G WF . 40.91 7.61 17.55
C1 MAN XF . 35.29 26.80 -16.73
C2 MAN XF . 36.39 25.84 -16.28
C3 MAN XF . 37.81 26.18 -16.77
C4 MAN XF . 37.78 26.75 -18.17
C5 MAN XF . 36.85 27.96 -18.26
C6 MAN XF . 36.79 28.54 -19.66
O2 MAN XF . 35.92 24.72 -16.94
O3 MAN XF . 38.62 25.00 -16.74
O4 MAN XF . 39.10 27.10 -18.58
O5 MAN XF . 35.52 27.59 -17.88
O6 MAN XF . 36.42 29.92 -19.57
O5 A2G YF . 23.38 19.40 -23.13
C1 A2G YF . 23.13 19.72 -21.77
C2 A2G YF . 23.39 21.23 -21.69
N2 A2G YF . 23.29 21.72 -20.33
C3 A2G YF . 22.42 21.98 -22.60
O3 A2G YF . 22.68 23.38 -22.55
C4 A2G YF . 22.51 21.47 -24.04
O4 A2G YF . 23.78 21.84 -24.59
C5 A2G YF . 22.39 19.94 -24.03
C6 A2G YF . 22.64 19.33 -25.39
O6 A2G YF . 22.67 17.91 -25.31
C7 A2G YF . 24.25 22.48 -19.78
O7 A2G YF . 25.31 21.99 -19.39
C8 A2G YF . 23.95 23.94 -19.67
C1 MAN ZF . 16.24 -11.28 -36.25
C2 MAN ZF . 17.54 -10.68 -35.73
C3 MAN ZF . 18.79 -10.99 -36.57
C4 MAN ZF . 18.73 -12.40 -37.11
C5 MAN ZF . 17.46 -12.64 -37.90
C6 MAN ZF . 17.36 -14.06 -38.45
O2 MAN ZF . 17.59 -11.36 -34.53
O3 MAN ZF . 19.95 -10.83 -35.75
O4 MAN ZF . 19.88 -12.65 -37.92
O5 MAN ZF . 16.31 -12.42 -37.08
O6 MAN ZF . 16.51 -14.05 -39.61
O5 A2G AG . 8.68 -18.92 -25.19
C1 A2G AG . 8.16 -17.62 -25.37
C2 A2G AG . 7.84 -17.55 -26.87
N2 A2G AG . 7.41 -16.23 -27.27
C3 A2G AG . 6.79 -18.59 -27.24
O3 A2G AG . 6.53 -18.54 -28.63
C4 A2G AG . 7.25 -19.98 -26.82
O4 A2G AG . 8.35 -20.38 -27.62
C5 A2G AG . 7.68 -19.95 -25.36
C6 A2G AG . 8.30 -21.25 -24.89
O6 A2G AG . 8.82 -21.12 -23.58
C7 A2G AG . 7.95 -15.57 -28.30
O7 A2G AG . 9.05 -15.04 -28.22
C8 A2G AG . 7.14 -15.55 -29.56
C1 MAN BG . 14.70 -31.97 5.74
C2 MAN BG . 15.62 -31.32 4.72
C3 MAN BG . 16.99 -31.99 4.54
C4 MAN BG . 17.53 -32.49 5.87
C5 MAN BG . 16.53 -33.44 6.53
C6 MAN BG . 17.01 -33.96 7.88
O2 MAN BG . 15.76 -30.10 5.36
O3 MAN BG . 17.91 -31.03 3.99
O4 MAN BG . 18.77 -33.14 5.67
O5 MAN BG . 15.28 -32.77 6.75
O6 MAN BG . 16.37 -35.20 8.16
O5 A2G CG . 9.03 -21.76 15.80
C1 A2G CG . 8.11 -22.04 14.76
C2 A2G CG . 7.99 -23.57 14.77
N2 A2G CG . 7.16 -24.06 13.69
C3 A2G CG . 7.44 -24.03 16.11
O3 A2G CG . 7.35 -25.46 16.14
C4 A2G CG . 8.30 -23.53 17.27
O4 A2G CG . 9.57 -24.18 17.23
C5 A2G CG . 8.50 -22.02 17.10
C6 A2G CG . 9.47 -21.45 18.11
O6 A2G CG . 9.75 -20.08 17.82
C7 A2G CG . 7.55 -25.03 12.87
O7 A2G CG . 8.37 -24.83 11.97
C8 A2G CG . 6.96 -26.38 13.11
C1 MAN DG . 15.34 10.05 26.42
C2 MAN DG . 16.09 9.12 25.46
C3 MAN DG . 17.61 9.14 25.58
C4 MAN DG . 18.12 10.54 25.89
C5 MAN DG . 17.45 11.10 27.14
C6 MAN DG . 17.92 12.51 27.47
O2 MAN DG . 15.70 9.74 24.28
O3 MAN DG . 18.21 8.69 24.36
O4 MAN DG . 19.53 10.52 26.04
O5 MAN DG . 16.03 11.15 26.97
O6 MAN DG . 17.74 12.73 28.87
O5 A2G EG . 5.17 19.02 19.08
C1 A2G EG . 4.55 17.88 19.66
C2 A2G EG . 4.97 17.92 21.13
N2 A2G EG . 4.53 16.75 21.86
C3 A2G EG . 4.46 19.20 21.79
O3 A2G EG . 4.89 19.25 23.15
C4 A2G EG . 4.93 20.43 21.02
O4 A2G EG . 6.34 20.57 21.19
C5 A2G EG . 4.61 20.26 19.55
C6 A2G EG . 5.17 21.35 18.68
O6 A2G EG . 4.97 21.07 17.30
C7 A2G EG . 5.34 16.02 22.62
O7 A2G EG . 6.14 15.23 22.12
C8 A2G EG . 5.24 16.22 24.10
C1 MAN FG . -1.71 29.46 -12.63
C2 MAN FG . -0.57 28.62 -12.06
C3 MAN FG . 0.82 28.93 -12.61
C4 MAN FG . 0.75 29.27 -14.11
C5 MAN FG . -0.23 30.41 -14.37
C6 MAN FG . -0.34 30.75 -15.84
O2 MAN FG . -1.00 27.39 -12.52
O3 MAN FG . 1.69 27.81 -12.43
O4 MAN FG . 2.05 29.59 -14.59
O5 MAN FG . -1.54 30.06 -13.91
O6 MAN FG . -0.77 32.11 -15.96
O5 A2G GG . -13.41 20.66 -17.51
C1 A2G GG . -13.65 21.19 -16.22
C2 A2G GG . -13.45 22.71 -16.37
N2 A2G GG . -13.55 23.40 -15.11
C3 A2G GG . -14.46 23.26 -17.37
O3 A2G GG . -14.27 24.66 -17.55
C4 A2G GG . -14.37 22.53 -18.70
O4 A2G GG . -13.14 22.84 -19.33
C5 A2G GG . -14.43 21.02 -18.46
C6 A2G GG . -14.18 20.20 -19.70
O6 A2G GG . -14.09 18.82 -19.39
C7 A2G GG . -12.61 24.27 -14.71
O7 A2G GG . -11.54 23.90 -14.26
C8 A2G GG . -12.97 25.72 -14.83
C1 MAN HG . -19.48 -11.93 -25.42
C2 MAN HG . -18.19 -11.20 -25.03
C3 MAN HG . -16.94 -11.59 -25.83
C4 MAN HG . -16.94 -13.07 -26.14
C5 MAN HG . -18.22 -13.48 -26.86
C6 MAN HG . -18.26 -14.97 -27.18
O2 MAN HG . -18.09 -11.68 -23.73
O3 MAN HG . -15.76 -11.25 -25.08
O4 MAN HG . -15.80 -13.40 -26.93
O5 MAN HG . -19.36 -13.18 -26.06
O6 MAN HG . -19.13 -15.18 -28.31
O5 A2G IG . -26.54 -18.00 -13.12
C1 A2G IG . -27.12 -16.76 -13.50
C2 A2G IG . -27.45 -16.93 -14.99
N2 A2G IG . -27.95 -15.71 -15.58
C3 A2G IG . -28.46 -18.06 -15.17
O3 A2G IG . -28.75 -18.25 -16.54
C4 A2G IG . -27.95 -19.35 -14.54
O4 A2G IG . -26.84 -19.83 -15.29
C5 A2G IG . -27.49 -19.07 -13.11
C6 A2G IG . -26.82 -20.25 -12.46
O6 A2G IG . -26.28 -19.90 -11.19
C7 A2G IG . -27.46 -15.21 -16.72
O7 A2G IG . -26.38 -14.63 -16.75
C8 A2G IG . -28.28 -15.42 -17.94
C1 MAN JG . -19.51 -25.71 19.35
C2 MAN JG . -18.63 -25.20 18.21
C3 MAN JG . -17.24 -25.82 18.11
C4 MAN JG . -16.66 -26.10 19.49
C5 MAN JG . -17.61 -26.96 20.32
C6 MAN JG . -17.07 -27.24 21.72
O2 MAN JG . -18.53 -23.88 18.64
O3 MAN JG . -16.35 -24.94 17.40
O4 MAN JG . -15.39 -26.72 19.38
O5 MAN JG . -18.88 -26.32 20.46
O6 MAN JG . -17.66 -28.46 22.20
O5 A2G KG . -25.43 -14.25 27.78
C1 A2G KG . -26.36 -14.73 26.82
C2 A2G KG . -26.42 -16.25 27.08
N2 A2G KG . -27.24 -16.93 26.10
C3 A2G KG . -26.93 -16.52 28.49
O3 A2G KG . -26.96 -17.92 28.75
C4 A2G KG . -26.07 -15.79 29.52
O4 A2G KG . -24.77 -16.39 29.56
C5 A2G KG . -25.93 -14.33 29.13
C6 A2G KG . -24.97 -13.57 30.00
O6 A2G KG . -24.75 -12.25 29.51
C7 A2G KG . -26.81 -18.00 25.44
O7 A2G KG . -26.03 -17.92 24.51
C8 A2G KG . -27.35 -19.32 25.90
C1 MAN LG . -20.28 19.07 33.10
C2 MAN LG . -19.51 18.04 32.28
C3 MAN LG . -17.98 18.13 32.36
C4 MAN LG . -17.54 19.58 32.45
C5 MAN LG . -18.20 20.30 33.60
C6 MAN LG . -17.79 21.77 33.69
O2 MAN LG . -19.94 18.44 31.02
O3 MAN LG . -17.40 17.50 31.22
O4 MAN LG . -16.12 19.64 32.57
O5 MAN LG . -19.63 20.27 33.46
O6 MAN LG . -17.96 22.20 35.05
O5 A2G MG . -30.93 26.36 24.66
C1 A2G MG . -31.49 25.31 25.43
C2 A2G MG . -31.04 25.60 26.87
N2 A2G MG . -31.44 24.55 27.78
C3 A2G MG . -31.59 26.94 27.33
O3 A2G MG . -31.16 27.23 28.64
C4 A2G MG . -31.20 28.05 26.36
O4 A2G MG . -29.78 28.27 26.46
C5 A2G MG . -31.54 27.63 24.94
C6 A2G MG . -31.02 28.60 23.90
O6 A2G MG . -31.24 28.09 22.58
C7 A2G MG . -30.58 23.97 28.61
O7 A2G MG . -29.76 23.14 28.24
C8 A2G MG . -30.66 24.40 30.05
C1 MAN NG . -54.98 -12.21 -13.84
C2 MAN NG . -53.72 -11.38 -13.61
C3 MAN NG . -52.46 -11.84 -14.37
C4 MAN NG . -52.41 -13.36 -14.44
C5 MAN NG . -53.67 -13.92 -15.06
C6 MAN NG . -53.67 -15.44 -15.13
O2 MAN NG . -53.57 -11.64 -12.26
O3 MAN NG . -51.29 -11.35 -13.71
O4 MAN NG . -51.27 -13.77 -15.19
O5 MAN NG . -54.83 -13.54 -14.29
O6 MAN NG . -54.54 -15.87 -16.19
O5 A2G OG . -61.57 -16.50 -0.59
C1 A2G OG . -62.21 -15.36 -1.15
C2 A2G OG . -62.57 -15.79 -2.58
N2 A2G OG . -63.12 -14.69 -3.35
C3 A2G OG . -63.53 -16.97 -2.54
O3 A2G OG . -63.83 -17.38 -3.87
C4 A2G OG . -62.95 -18.11 -1.74
O4 A2G OG . -61.84 -18.67 -2.43
C5 A2G OG . -62.48 -17.59 -0.38
C6 A2G OG . -61.75 -18.63 0.43
O6 A2G OG . -61.21 -18.06 1.62
C7 A2G OG . -62.66 -14.36 -4.55
O7 A2G OG . -61.61 -13.74 -4.70
C8 A2G OG . -63.51 -14.80 -5.72
C1 MAN PG . -53.72 -18.67 32.53
C2 MAN PG . -52.88 -18.32 31.30
C3 MAN PG . -51.47 -18.89 31.27
C4 MAN PG . -50.86 -18.91 32.67
C5 MAN PG . -51.75 -19.68 33.65
C6 MAN PG . -51.19 -19.70 35.06
O2 MAN PG . -52.83 -16.94 31.52
O3 MAN PG . -50.63 -18.10 30.40
O4 MAN PG . -49.56 -19.51 32.63
O5 MAN PG . -53.04 -19.06 33.71
O6 MAN PG . -51.71 -20.85 35.73
O5 A2G QG . -59.97 -6.23 39.14
C1 A2G QG . -60.90 -6.90 38.30
C2 A2G QG . -60.89 -8.35 38.80
N2 A2G QG . -61.70 -9.22 37.97
C3 A2G QG . -61.37 -8.41 40.25
O3 A2G QG . -61.34 -9.75 40.72
C4 A2G QG . -60.52 -7.50 41.13
O4 A2G QG . -59.21 -8.05 41.23
C5 A2G QG . -60.45 -6.12 40.50
C6 A2G QG . -59.50 -5.19 41.22
O6 A2G QG . -59.36 -3.96 40.51
C7 A2G QG . -61.24 -10.37 37.47
O7 A2G QG . -60.47 -10.40 36.51
C8 A2G QG . -61.72 -11.61 38.14
C1 MAN RG . -56.13 27.66 39.03
C2 MAN RG . -55.33 26.54 38.37
C3 MAN RG . -53.81 26.70 38.40
C4 MAN RG . -53.42 28.17 38.23
C5 MAN RG . -54.10 29.04 39.28
C6 MAN RG . -53.74 30.51 39.14
O2 MAN RG . -55.80 26.73 37.07
O3 MAN RG . -53.21 25.93 37.35
O4 MAN RG . -52.00 28.30 38.32
O5 MAN RG . -55.52 28.92 39.17
O6 MAN RG . -53.91 31.15 40.40
O5 A2G SG . -67.21 33.12 29.80
C1 A2G SG . -67.72 32.18 30.73
C2 A2G SG . -67.25 32.71 32.09
N2 A2G SG . -67.59 31.80 33.17
C3 A2G SG . -67.85 34.08 32.35
O3 A2G SG . -67.40 34.59 33.59
C4 A2G SG . -67.51 35.04 31.21
O4 A2G SG . -66.12 35.32 31.25
C5 A2G SG . -67.86 34.39 29.88
C6 A2G SG . -67.41 35.20 28.69
O6 A2G SG . -67.61 34.48 27.48
C7 A2G SG . -66.69 31.39 34.07
O7 A2G SG . -65.84 30.55 33.80
C8 A2G SG . -66.77 32.04 35.41
C1 MAN TG . -75.73 32.51 -3.24
C2 MAN TG . -74.50 31.98 -2.50
C3 MAN TG . -73.16 32.20 -3.19
C4 MAN TG . -73.30 32.05 -4.71
C5 MAN TG . -74.37 32.98 -5.25
C6 MAN TG . -74.55 32.83 -6.76
O2 MAN TG . -74.84 30.64 -2.53
O3 MAN TG . -72.19 31.26 -2.70
O4 MAN TG . -72.04 32.30 -5.33
O5 MAN TG . -75.63 32.70 -4.64
O6 MAN TG . -75.09 34.06 -7.27
O5 A2G UG . -86.75 21.81 -4.54
C1 A2G UG . -87.01 22.70 -3.48
C2 A2G UG . -86.94 24.10 -4.10
N2 A2G UG . -87.06 25.15 -3.12
C3 A2G UG . -88.02 24.24 -5.17
O3 A2G UG . -87.95 25.51 -5.78
C4 A2G UG . -87.90 23.13 -6.21
O4 A2G UG . -86.71 23.33 -6.98
C5 A2G UG . -87.83 21.78 -5.50
C6 A2G UG . -87.55 20.63 -6.45
O6 A2G UG . -87.32 19.42 -5.73
C7 A2G UG . -86.19 26.16 -3.04
O7 A2G UG . -85.08 26.03 -2.56
C8 A2G UG . -86.68 27.47 -3.60
C1 MAN VG . -90.23 -11.99 -1.59
C2 MAN VG . -89.01 -11.09 -1.52
C3 MAN VG . -87.75 -11.62 -2.22
C4 MAN VG . -87.63 -13.13 -2.06
C5 MAN VG . -88.89 -13.83 -2.54
C6 MAN VG . -88.81 -15.34 -2.38
O2 MAN VG . -88.83 -11.13 -0.15
O3 MAN VG . -86.58 -10.98 -1.68
O4 MAN VG . -86.48 -13.60 -2.76
O5 MAN VG . -90.03 -13.38 -1.82
O6 MAN VG . -89.69 -15.95 -3.33
O5 A2G WG . -96.44 -14.37 12.32
C1 A2G WG . -97.14 -13.36 11.60
C2 A2G WG . -97.49 -14.03 10.27
N2 A2G WG . -98.11 -13.09 9.35
C3 A2G WG . -98.40 -15.22 10.50
O3 A2G WG . -98.72 -15.85 9.27
C4 A2G WG . -97.77 -16.21 11.47
O4 A2G WG . -96.64 -16.82 10.85
C5 A2G WG . -97.30 -15.45 12.72
C6 A2G WG . -96.52 -16.32 13.67
O6 A2G WG . -95.97 -15.55 14.74
C7 A2G WG . -97.67 -12.93 8.09
O7 A2G WG . -96.66 -12.32 7.83
C8 A2G WG . -98.52 -13.58 7.03
C1 MAN XG . -87.97 -10.93 45.18
C2 MAN XG . -87.17 -10.73 43.90
C3 MAN XG . -85.73 -11.26 43.93
C4 MAN XG . -85.10 -11.03 45.30
C5 MAN XG . -85.95 -11.66 46.40
C6 MAN XG . -85.35 -11.44 47.78
O2 MAN XG . -87.17 -9.35 43.90
O3 MAN XG . -84.94 -10.58 42.92
O4 MAN XG . -83.78 -11.57 45.31
O5 MAN XG . -87.26 -11.09 46.39
O6 MAN XG . -85.82 -12.48 48.65
O5 A2G YG . -94.63 2.15 49.89
C1 A2G YG . -95.54 1.32 49.18
C2 A2G YG . -95.47 -0.03 49.90
N2 A2G YG . -96.25 -1.05 49.23
C3 A2G YG . -95.92 0.12 51.35
O3 A2G YG . -95.82 -1.13 52.03
C4 A2G YG . -95.10 1.19 52.06
O4 A2G YG . -93.76 0.73 52.22
C5 A2G YG . -95.09 2.46 51.22
C6 A2G YG . -94.18 3.53 51.76
O6 A2G YG . -94.09 4.64 50.87
C7 A2G YG . -95.76 -2.24 48.91
O7 A2G YG . -95.00 -2.40 47.96
C8 A2G YG . -96.16 -3.38 49.79
C1 MAN ZG . -92.18 35.70 44.32
C2 MAN ZG . -91.35 34.53 43.82
C3 MAN ZG . -89.83 34.74 43.80
C4 MAN ZG . -89.50 36.18 43.39
C5 MAN ZG . -90.20 37.18 44.30
C6 MAN ZG . -89.92 38.62 43.91
O2 MAN ZG . -91.84 34.49 42.52
O3 MAN ZG . -89.22 33.84 42.87
O4 MAN ZG . -88.09 36.38 43.41
O5 MAN ZG . -91.62 36.99 44.25
O6 MAN ZG . -90.09 39.45 45.07
O5 A2G AH . -103.62 39.18 34.58
C1 A2G AH . -104.07 38.38 35.67
C2 A2G AH . -103.62 39.14 36.92
N2 A2G AH . -103.89 38.40 38.13
C3 A2G AH . -104.27 40.52 36.97
O3 A2G AH . -103.82 41.24 38.10
C4 A2G AH . -103.98 41.29 35.68
O4 A2G AH . -102.60 41.64 35.64
C5 A2G AH . -104.32 40.43 34.48
C6 A2G AH . -103.92 41.06 33.17
O6 A2G AH . -104.13 40.15 32.09
C7 A2G AH . -102.97 38.19 39.06
O7 A2G AH . -102.09 37.35 38.92
C8 A2G AH . -103.04 39.03 40.29
C1 MAN BH . -112.65 33.03 2.25
C2 MAN BH . -111.39 32.68 3.04
C3 MAN BH . -110.07 32.84 2.29
C4 MAN BH . -110.23 32.44 0.82
C5 MAN BH . -111.34 33.23 0.16
C6 MAN BH . -111.55 32.84 -1.29
O2 MAN BH . -111.67 31.34 3.22
O3 MAN BH . -109.07 32.02 2.90
O4 MAN BH . -109.00 32.64 0.14
O5 MAN BH . -112.59 32.99 0.84
O6 MAN BH . -112.15 33.94 -1.99
O5 A2G CH . -123.24 21.84 2.91
C1 A2G CH . -123.52 22.89 3.83
C2 A2G CH . -123.52 24.17 2.99
N2 A2G CH . -123.66 25.35 3.80
C3 A2G CH . -124.63 24.09 1.94
O3 A2G CH . -124.61 25.25 1.12
C4 A2G CH . -124.47 22.83 1.09
O4 A2G CH . -123.31 22.95 0.27
C5 A2G CH . -124.33 21.62 2.00
C6 A2G CH . -124.01 20.35 1.24
O6 A2G CH . -123.74 19.28 2.13
C7 A2G CH . -122.85 26.40 3.70
O7 A2G CH . -121.72 26.39 4.16
C8 A2G CH . -123.39 27.58 2.95
C1 MAN DH . -125.30 -11.18 11.25
C2 MAN DH . -124.11 -10.23 11.14
C3 MAN DH . -122.85 -10.81 10.50
C4 MAN DH . -122.66 -12.27 10.90
C5 MAN DH . -123.90 -13.09 10.55
C6 MAN DH . -123.75 -14.55 10.96
O2 MAN DH . -123.91 -10.04 12.50
O3 MAN DH . -121.70 -10.06 10.92
O4 MAN DH . -121.50 -12.81 10.27
O5 MAN DH . -125.04 -12.57 11.23
O6 MAN DH . -124.62 -15.34 10.13
O5 A2G EH . -131.19 -11.56 25.49
C1 A2G EH . -131.93 -10.70 24.63
C2 A2G EH . -132.28 -11.58 23.42
N2 A2G EH . -132.95 -10.82 22.39
C3 A2G EH . -133.15 -12.75 23.87
O3 A2G EH . -133.44 -13.58 22.75
C4 A2G EH . -132.45 -13.54 24.97
O4 A2G EH . -131.32 -14.21 24.42
C5 A2G EH . -132.00 -12.59 26.06
C6 A2G EH . -131.16 -13.27 27.12
O6 A2G EH . -130.64 -12.32 28.04
C7 A2G EH . -132.54 -10.86 21.11
O7 A2G EH . -131.56 -10.24 20.73
C8 A2G EH . -133.37 -11.69 20.19
C1 MAN FH . -122.33 -2.61 57.24
C2 MAN FH . -121.56 -2.59 55.91
C3 MAN FH . -120.10 -3.04 55.99
C4 MAN FH . -119.46 -2.58 57.30
C5 MAN FH . -120.26 -3.05 58.50
C6 MAN FH . -119.66 -2.59 59.83
O2 MAN FH . -121.62 -1.22 55.69
O3 MAN FH . -119.36 -2.50 54.89
O4 MAN FH . -118.11 -3.05 57.37
O5 MAN FH . -121.60 -2.55 58.44
O6 MAN FH . -120.08 -3.49 60.85
O5 A2G GH . -129.46 10.80 59.93
C1 A2G GH . -130.35 9.84 59.38
C2 A2G GH . -130.20 8.61 60.30
N2 A2G GH . -130.96 7.48 59.82
C3 A2G GH . -130.63 8.99 61.72
O3 A2G GH . -130.47 7.87 62.58
C4 A2G GH . -129.85 10.19 62.23
O4 A2G GH . -128.49 9.81 62.43
C5 A2G GH . -129.91 11.31 61.19
C6 A2G GH . -129.03 12.48 61.54
O6 A2G GH . -129.00 13.43 60.48
C7 A2G GH . -130.41 6.27 59.69
O7 A2G GH . -129.67 5.99 58.76
C8 A2G GH . -130.76 5.27 60.75
C1 MAN HH . -128.48 43.12 49.08
C2 MAN HH . -127.61 41.91 48.75
C3 MAN HH . -126.10 42.20 48.66
C4 MAN HH . -125.85 43.55 48.03
C5 MAN HH . -126.57 44.66 48.78
C6 MAN HH . -126.36 46.03 48.16
O2 MAN HH . -128.12 41.65 47.50
O3 MAN HH . -125.48 41.17 47.88
O4 MAN HH . -124.45 43.81 47.99
O5 MAN HH . -127.98 44.41 48.78
O6 MAN HH . -126.54 47.02 49.18
O5 A2G IH . -140.22 44.55 39.16
C1 A2G IH . -140.61 43.92 40.37
C2 A2G IH . -140.17 44.88 41.48
N2 A2G IH . -140.40 44.33 42.80
C3 A2G IH . -140.89 46.22 41.32
O3 A2G IH . -140.45 47.12 42.32
C4 A2G IH . -140.65 46.79 39.93
O4 A2G IH . -139.28 47.18 39.80
C5 A2G IH . -140.98 45.73 38.88
C6 A2G IH . -140.62 46.15 37.48
O6 A2G IH . -140.80 45.08 36.56
C7 A2G IH . -139.44 44.30 43.73
O7 A2G IH . -138.53 43.49 43.70
C8 A2G IH . -139.55 45.34 44.81
C1 MAN JH . -149.49 32.99 8.41
C2 MAN JH . -148.21 32.82 9.22
C3 MAN JH . -146.90 32.91 8.42
C4 MAN JH . -147.07 32.28 7.04
C5 MAN JH . -148.23 32.90 6.29
C6 MAN JH . -148.44 32.27 4.91
O2 MAN JH . -148.43 31.51 9.63
O3 MAN JH . -145.85 32.23 9.12
O4 MAN JH . -145.86 32.41 6.30
O5 MAN JH . -149.44 32.74 7.02
O6 MAN JH . -149.10 33.23 4.08
O5 A2G KH . -159.59 21.66 11.09
C1 A2G KH . -159.90 22.82 11.85
C2 A2G KH . -159.96 23.95 10.81
N2 A2G KH . -160.15 25.24 11.42
C3 A2G KH . -161.09 23.66 9.81
O3 A2G KH . -161.13 24.68 8.82
C4 A2G KH . -160.89 22.29 9.16
O4 A2G KH . -159.75 22.33 8.31
C5 A2G KH . -160.68 21.25 10.25
C6 A2G KH . -160.33 19.89 9.70
O6 A2G KH . -159.99 18.98 10.75
C7 A2G KH . -159.38 26.29 11.13
O7 A2G KH . -158.24 26.40 11.57
C8 A2G KH . -159.97 27.32 10.21
C1 MAN LH . -160.13 -9.69 24.60
C2 MAN LH . -158.99 -8.72 24.32
C3 MAN LH . -157.71 -9.36 23.76
C4 MAN LH . -157.46 -10.72 24.38
C5 MAN LH . -158.66 -11.64 24.20
C6 MAN LH . -158.46 -13.01 24.82
O2 MAN LH . -158.78 -8.32 25.63
O3 MAN LH . -156.59 -8.50 24.02
O4 MAN LH . -156.29 -11.31 23.81
O5 MAN LH . -159.82 -11.06 24.80
O6 MAN LH . -159.30 -13.95 24.15
O5 A2G MH . -165.78 -7.99 38.84
C1 A2G MH . -166.58 -7.31 37.88
C2 A2G MH . -166.91 -8.39 36.84
N2 A2G MH . -167.62 -7.83 35.70
C3 A2G MH . -167.72 -9.51 37.47
O3 A2G MH . -168.00 -10.52 36.52
C4 A2G MH . -166.98 -10.09 38.67
O4 A2G MH . -165.82 -10.79 38.22
C5 A2G MH . -166.55 -8.96 39.60
C6 A2G MH . -165.66 -9.42 40.73
O6 A2G MH . -165.16 -8.32 41.48
C7 A2G MH . -167.23 -8.06 34.45
O7 A2G MH . -166.27 -7.48 33.95
C8 A2G MH . -168.05 -9.06 33.68
C1 MAN NH . -156.83 6.23 68.59
C2 MAN NH . -156.08 6.06 67.27
C3 MAN NH . -154.59 5.68 67.40
C4 MAN NH . -153.95 6.37 68.60
C5 MAN NH . -154.73 6.07 69.88
C6 MAN NH . -154.12 6.76 71.09
O2 MAN NH . -156.19 7.37 66.84
O3 MAN NH . -153.89 6.06 66.20
O4 MAN NH . -152.60 5.97 68.72
O5 MAN NH . -156.09 6.50 69.76
O6 MAN NH . -154.49 6.01 72.27
O5 A2G OH . -164.48 19.59 69.27
C1 A2G OH . -165.32 18.52 68.89
C2 A2G OH . -165.12 17.48 70.00
N2 A2G OH . -165.82 16.25 69.72
C3 A2G OH . -165.55 18.04 71.35
O3 A2G OH . -165.33 17.09 72.38
C4 A2G OH . -164.80 19.35 71.64
O4 A2G OH . -163.43 19.06 71.88
C5 A2G OH . -164.93 20.28 70.44
C6 A2G OH . -164.09 21.53 70.59
O6 A2G OH . -164.11 22.30 69.38
C7 A2G OH . -165.24 15.05 69.77
O7 A2G OH . -164.49 14.66 68.88
C8 A2G OH . -165.53 14.22 70.98
C1 MAN PH . -164.93 49.77 53.42
C2 MAN PH . -164.01 48.56 53.28
C3 MAN PH . -162.52 48.88 53.11
C4 MAN PH . -162.33 50.12 52.26
C5 MAN PH . -163.09 51.32 52.84
C6 MAN PH . -162.93 52.58 52.01
O2 MAN PH . -164.53 48.08 52.09
O3 MAN PH . -161.87 47.77 52.48
O4 MAN PH . -160.94 50.43 52.16
O5 MAN PH . -164.48 51.02 52.92
O6 MAN PH . -163.15 53.72 52.86
O5 A2G QH . -176.85 49.17 43.67
C1 A2G QH . -177.21 48.73 44.96
C2 A2G QH . -176.79 49.88 45.90
N2 A2G QH . -176.98 49.53 47.29
C3 A2G QH . -177.56 51.14 45.54
O3 A2G QH . -177.15 52.21 46.38
C4 A2G QH . -177.37 51.50 44.07
O4 A2G QH . -176.02 51.90 43.85
C5 A2G QH . -177.67 50.27 43.21
C6 A2G QH . -177.35 50.48 41.76
O6 A2G QH . -177.51 49.27 41.02
C7 A2G QH . -176.01 49.69 48.19
O7 A2G QH . -175.07 48.91 48.28
C8 A2G QH . -176.14 50.88 49.10
#